data_7TZO
#
_entry.id   7TZO
#
loop_
_entity.id
_entity.type
_entity.pdbx_description
1 polymer 'Serine/threonine-protein kinase mTOR'
2 polymer 'Target of rapamycin complex subunit LST8'
3 polymer 'Rapamycin-insensitive companion of mTOR'
4 polymer 'Target of rapamycin complex 2 subunit MAPKAP1'
#
loop_
_entity_poly.entity_id
_entity_poly.type
_entity_poly.pdbx_seq_one_letter_code
_entity_poly.pdbx_strand_id
1 'polypeptide(L)'
;MVTTLSGLSGEQGPSGDMTTEEDSATHIKFSKRDEDGRELAGATMELRDSSGKTISTWISDGHVKDFYLYPGKYTFVETA
APDGYEVATPIEFTVNEDGQVTVDGEATEGDAHTGSSGSGSGTGSMLGTGPAAATTAATTSSNVSVLQQFASGLKSRNEE
TRAKAAKELQHYVTMELREMSQEESTRFYDQLNHHIFELVSSSDANERKGGILAIASLIGVEGGNATRIGRFANYLRNLL
PSNDPVVMEMASKAIGRLAMAGDTFTAEYVEFEVKRALEWLGADRNEGRRHAAVLVLRELAISVPTFFFQQVQPFFDNIF
VAVWDPKQAIREGAVAALRACLILTTQREPKEMQKPQWYRHTFEEAEKGFDETLAKEKGMNRDDRIHGALLILNELVRIS
SMEGERLREEMEEITQQQLVHDKYCKDLMGFGTKPRHITPFTSFQAVQPQQSNALVGLLGYSSHQGLMGFGTSPSPAKST
LVESRCCRDLMEEKFDQVCQWVLKCRNSKNSLIQMTILNLLPRLAAFRPSAFTDTQYLQDTMNHVLSCVKKEKERTAAFQ
ALGLLSVAVRSEFKVYLPRVLDIIRAALPPKDFAHKRQKAMQVDATVFTCISMLARAMGPGIQQDIKELLEPMLAVGLSP
ALTAVLYDLSRQIPQLKKDIQDGLLKMLSLVLMHKPLRHPGMPKGLAHQLASPGLTTLPEASDVGSITLALRTLGSFEFE
GHSLTQFVRHCADHFLNSEHKEIRMEAARTCSRLLTPSIHLISGHAHVVSQTAVQVVADVLSKLLVVGITDPDPDIRYCV
LASLDERFDAHLAQAENLQALFVALNDQVFEIRELAICTVGRLSSMNPAFVMPFLRKMLIQILTELEHSGIGRIKEQSAR
MLGHLVSNAPRLIRPYMEPILKALILKLKDPDPDPNPGVINNVLATIGELAQVSGLEMRKWVDELFIIIMDMLQDSSLLA
KRQVALWTLGQLVASTGYVVEPYRKYPTLLEVLLNFLKTEQNQGTRREAIRVLGLLGALDPYKHKVNIGMIDQSRDASAV
SLSESKSSQDSSDYSTSEMLVNMGNLPLDEFYPAVSMVALMRIFRDQSLSHHHTMVVQAITFIFKSLGLKCVQFLPQVMP
TFLNVIRVCDGAIREFLFQQLGMLVSFVKSHIRPYMDEIVTLMREFWVMNTSIQSTIILLIEQIVVALGGEFKLYLPQLI
PHMLRVFMHDNSPGRIVSIKLLAAIQLFGANLDDYLHLLLPPIVKLFDAPEAPLPSRKAALETVDRLTESLDFTDYASRI
IHPIVRTLDQSPELRSTAMDTLSSLVFQLGKKYQIFIPMVNKVLVRHRINHQRYDVLICRIVKGYTLADEEEDPLIYQHR
MLRSGQGDALASGPVETGPMKKLHVSTINLQKAWGAARRVSKDDWLEWLRRLSLELLKDSSSPSLRSCWALAQAYNPMAR
DLFNAAFVSCWSELNEDQQDELIRSIELALTSQDIAEVTQTLLNLAEFMEHSDKGPLPLRDDNGIVLLGERAAKCRAYAK
ALHYKELEFQKGPTPAILESLISINNKLQQPEAAAGVLEYAMKHFGELEIQATWYEKLHEWEDALVAYDKKMDTNKDDPE
LMLGRMRCLEALGEWGQLHQQCCEKWTLVNDETQAKMARMAAAAAWGLGQWDSMEEYTCMIPRDTHDGAFYRAVLALHQD
LFSLAQQCIDKARDLLDAELTAMAGESYSRAYGAMVSCHMLSELEEVIQYKLVPERREIIRQIWWERLQGCQRIVEDWQK
ILMVRSLVVSPHEDMRTWLKYASLCGKSGRLALAHKTLVLLLGVDPSRQLDHPLPTVHPQVTYAYMKNMWKSARKIDAFQ
HMQHFVQTMQQQAQHAIATEDQQHKQELHKLMARCFLKLGEWQLNLQGINESTIPKVLQYYSAATEHDRSWYKAWHAWAV
MNFEAVLHYKHQNQARDEKKKLRHASGANITNATTAATTAATATTTASTEGSNSESEAESTENSPTPSPLQKKVTEDLSK
TLLMYTVPAVQGFFRSISLSRGNNLQDTLRVLTLWFDYGHWPDVNEALVEGVKAIQIDTWLQVIPQLIARIDTPRPLVGR
LIHQLLTDIGRYHPQALIYPLTVASKSTTTARHNAANKILKNMCEHSNTLVQQAMMVSEELIRVAILWHEMWHEGLEEAS
RLYFGERNVKGMFEVLEPLHAMMERGPQTLKETSFNQAYGRDLMEAQEWCRKYMKSGNVKDLTQAWDLYYHVFRRISKQL
PQLTSLELQYVSPKLLMCRDLELAVPGTYDPNQPIIRIQSIAPSLQVITSKQRPRKLTLMGSNGHEFVFLLKGHEDLRQD
ERVMQLFGLVNTLLANDPTSLRKNLSIQRYAVIPLSTNSGLIGWVPHCDTLHALIRDYREKKKILLNIEHRIMLRMAPDY
DHLTLMQKVEVFEHAVNNTAGDDLAKLLWLKSPSSEVWFDRRTNYTRSLAVMSMVGYILGLGDRHPSNLMLDRLSGKILH
IDFGDCFEVAMTREKFPEKIPFRLTRMLTNAMEVTGLDGNYRITCHTVMEVLREHKDSVMAVLEAFVYDPLLNWRLMDTN
TKGNKRSRTRTDSYSAGQSVEILDGVELGEPAHKKTGTTVPESIHSFIGDGLVKPEALNKKAIQIINRVRDKLTGRDFSH
DDTLDVPTQVELLIKQATSHENLCQCYIGWCPFW
;
A,B
2 'polypeptide(L)'
;MGYPYDVPDYADLNGGGGGSTMNTSPGTVGSDPVILATAGYDHTVRFWQAHSGICTRTVQHQDSQVNALEVTPDRSMIAA
AGYQHIRMYDLNSNNPNPIISYDGVNKNIASVGFHEDGRWMYTGGEDCTARIWDLRSRNLQCQRIFQVNAPINCVCLHPN
QAELIVGDQSGAIHIWDLKTDHNEQLIPEPEVSITSAHIDPDASYMAAVNSTGNCYVWNLTGGIGDEVTQLIPKTKIPAH
TRYALQCRFSPDSTLLATCSADQTCKIWRTSNFSLMTELSIKSGNPGESSRGWMWGCAFSGDSQYIVTASSDNLARLWCV
ETGEIKREYGGHQKAVVCLAFNDSVLG
;
C,D
3 'polypeptide(L)'
;MDYKDDDDKGSTMAAIGRGRSLKNLRVRGRNDSGEENVPLDLTREPSDNLREILQNVARLQGVSNMRKLGHLNNFTKLLC
DIGHSEEKLGFHYEDIIICLRLALLNEAKEVRAAGLRALRYLIQDSSILQKVLKLKVDYLIARCIDIQQSNEVERTQALR
LVRKMITVNASLFPSSVTNSLIAVGNDGLQERDRMVRACIAIICELALQNPEVVALRGGLNTILKNVIDCQLSRINEALI
TTILHLLNHPKTRQYVRADVELERILAPYTDFHYRHSPDTAEGQLKEDREARFLASKMGIIATFRSWAGIINLCKPGNSG
IQSLIGVLCIPNMEIRRGLLEVLYDIFRLPLPVVTEEFIEALLSVDPGRFQDSWRLSDGFVAAEAKTILPHRARSRPDLM
DNYLALILSAFIRNGLLEGLVEVITNSDDHISVRATILLGELLHMANTILPHSHSHHLHCLPTLMNMAASFDIPKEKRLR
ASAALNCLKRFHEMKKRGPKPYSLHLDHIIQKAIATHQKRDQYLRVQKDIFILKDTEEALLINLRDSQVLQHKENLEWNW
NLIGTILKWPNVNLRNYKDEQLHRFVRRLLYFYKPSSKLYANLDLDFAKAKQLTVVGCQFTEFLLESEEDGQGYLEDLVK
DIVQWLNASSGMKPERSLQNNGLLTTLSQHYFLFIGTLSCHPHGVKMLEKCSVFQCLLNLCSLKNQDHLLKLTVSSLDYS
RDGLARVILSKILTAATDACRLYATKHLRVLLRANVEFFNNWGIELLVTQLHDKNKTISSEALDILDEACEDKANLHALI
QMKPALSHLGDKGLLLLLRFLSIPKGFSYLNERGYVAKQLEKWHREYNSKYVDLIEEQLNEALTTYRKPVDGDNYVRRSN
QRLQRPHVYLPIHLYGQLVHHKTGCHLLEVQNIITELCRNVRTPDLDKWEEIKKLKASLWALGNIGSSNWGLNLLQEENV
IPDILKLAKQCEVLSIRGTCVYVLGLIAKTKQGCDILKCHNWDAVRHSRKHLWPVVPDDVEQLCNELSSIPSTLSLNSES
TSSRHNSESESVPSSMFILEDDRFGSSSTSTFFLDINEDTEPTFYDRSGPIKDKNSFPFFASSKLVKNRILNSLTLPNKK
HRSSSDPKGGKLSSESKTSNRRIRTLTEPSVDFNHSDDFTPISTVQKTLQLETSFMGNKHIEDTGSTPSIGENDLKFTKN
FGTENHRENTSRERLVVESSTSSHMKIRSQSFNTDTTTSGISSMSSSPSRETVGVDATTMDTDCGSMSTVVSTKTIKTSH
YLTPQSNHLSLSKSNSVSLVPPGSSHTLPRRAQSLKAPSIATIKSLADCNFSYTSSRDAFGYATLKRLQQQRMHPSLSHS
EALASPAKDVLFTDTITMKANSFESRLTPSRFMKALSYASLDKEDLLSPINQNTLQRSSSVRSMVSSATYGGSDDYIGLA
LPVDINDIFQVKDIPYFQTKNIPPHDDRGARAFAHDAGGLPSGTGGLVKNSFHLLRQQMSLTEIMNSIHSDASLFLESTE
DTGLQEHTDDNCLYCVCIEILGFQPSNQLSAICSHSDFQDIPYSDWCEQTIHNPLEVVPSKFSGISGCSDGVSQEGSASS
TKSTELLLGVKTIPDDTPMCRILLRKEVLRLVINLSSSVSTKCHETGLLTIKEKYPQTFDDICLYSEVSHLLSHCTFRLP
CRRFIQELFQDVQFLQMHEEAEAVLATPPKQPIVDTSAES
;
E,F
4 'polypeptide(L)'
;MAFLDNPTIILAHIRQSHVTSDDTGMCEMVLIDHDVDLEKIHPPSMPGDSGSEIQGSNGETQGYVYAQSVDITSSWDFGI
RRRSNTAQRLERLRKERQNQIKCKNIQWKERNSKQSAQELKSLFEKKSLKEKPPISGKQSILSVRLEQCPLQLNNPFNEY
SKFDGKGHVGTTATKKIDVYLPLHSSQDRLLPMTVVTMASARVQDLIGLICWQYTSEGREPKLNDNVSAYCLHIAEDDGE
VDTDFPPLDSNEPIHKFGFSTLALVEKYSSPGLTSKESLFVRINAAHGFSLIQVDNTKVTMKEILLKAVKRRKGSQKVSG
PQYRLEKQSEPNVAVDLDSTLESQSAWEFCLVRENSSRADGVFEEDSQIDIATVQDMLSSHHYKSFKVSMIHRLRFTTDV
QLGISGDKVEIDPVTNQKASTKFWIKQKPISIDSDLLCACDLAEEKSPSHAIFKLTYLSNHDYKHLYFESDAATVNEIVL
KVNYILESRASTARADYFAQKQRKLNRRTSFSFQKEKKSGQQAAAGGGGYPYDVPDYA
;
G,H
#
# COMPACT_ATOMS: atom_id res chain seq x y z
N SER A 142 55.87 -3.86 25.54
CA SER A 142 56.73 -3.74 24.37
C SER A 142 57.72 -4.90 24.31
N ASN A 143 58.74 -4.78 23.46
CA ASN A 143 59.76 -5.80 23.31
C ASN A 143 61.05 -5.46 24.03
N VAL A 144 61.57 -4.24 23.85
CA VAL A 144 62.85 -3.87 24.46
C VAL A 144 62.73 -3.81 25.97
N SER A 145 61.68 -3.16 26.48
CA SER A 145 61.49 -3.08 27.93
C SER A 145 61.27 -4.46 28.53
N VAL A 146 60.48 -5.31 27.87
CA VAL A 146 60.24 -6.66 28.37
C VAL A 146 61.53 -7.48 28.30
N LEU A 147 62.33 -7.28 27.26
CA LEU A 147 63.62 -7.96 27.18
C LEU A 147 64.54 -7.55 28.32
N GLN A 148 64.57 -6.26 28.65
CA GLN A 148 65.37 -5.80 29.78
C GLN A 148 64.85 -6.40 31.09
N GLN A 149 63.52 -6.46 31.26
CA GLN A 149 62.95 -7.06 32.46
C GLN A 149 63.33 -8.53 32.57
N PHE A 150 63.26 -9.28 31.47
CA PHE A 150 63.66 -10.68 31.50
C PHE A 150 65.16 -10.83 31.80
N ALA A 151 65.98 -9.96 31.22
CA ALA A 151 67.42 -10.01 31.48
C ALA A 151 67.72 -9.74 32.95
N SER A 152 66.99 -8.80 33.57
CA SER A 152 67.12 -8.61 35.01
C SER A 152 66.61 -9.84 35.77
N GLY A 153 65.56 -10.49 35.25
CA GLY A 153 65.05 -11.70 35.88
C GLY A 153 65.96 -12.89 35.70
N LEU A 154 67.00 -12.75 34.88
CA LEU A 154 68.00 -13.83 34.74
C LEU A 154 68.67 -14.15 36.07
N LYS A 155 68.64 -13.21 37.01
CA LYS A 155 69.20 -13.44 38.34
C LYS A 155 68.47 -14.57 39.07
N ARG A 162 63.60 -12.59 43.10
CA ARG A 162 62.60 -11.65 43.58
C ARG A 162 62.23 -10.66 42.48
N ALA A 163 63.09 -10.55 41.48
CA ALA A 163 62.84 -9.64 40.36
C ALA A 163 61.80 -10.18 39.38
N LYS A 164 61.76 -11.50 39.17
CA LYS A 164 60.82 -12.07 38.21
C LYS A 164 59.39 -11.85 38.64
N ALA A 165 59.10 -12.01 39.93
CA ALA A 165 57.74 -11.78 40.42
C ALA A 165 57.33 -10.32 40.28
N ALA A 166 58.24 -9.39 40.58
CA ALA A 166 57.95 -7.98 40.41
C ALA A 166 57.70 -7.66 38.94
N LYS A 167 58.50 -8.24 38.05
CA LYS A 167 58.29 -8.04 36.62
C LYS A 167 56.93 -8.55 36.18
N GLU A 168 56.55 -9.74 36.64
CA GLU A 168 55.25 -10.29 36.28
C GLU A 168 54.11 -9.41 36.80
N LEU A 169 54.20 -8.96 38.05
CA LEU A 169 53.16 -8.12 38.61
C LEU A 169 53.04 -6.79 37.86
N GLN A 170 54.16 -6.14 37.58
CA GLN A 170 54.11 -4.88 36.86
C GLN A 170 53.58 -5.06 35.44
N HIS A 171 54.00 -6.14 34.77
CA HIS A 171 53.51 -6.41 33.41
C HIS A 171 52.01 -6.64 33.43
N TYR A 172 51.52 -7.40 34.40
CA TYR A 172 50.07 -7.61 34.51
C TYR A 172 49.36 -6.27 34.73
N VAL A 173 49.80 -5.50 35.73
CA VAL A 173 49.13 -4.25 36.07
C VAL A 173 49.11 -3.30 34.88
N THR A 174 50.19 -3.25 34.10
CA THR A 174 50.21 -2.36 32.95
C THR A 174 49.37 -2.87 31.80
N MET A 175 49.60 -4.11 31.35
CA MET A 175 49.03 -4.56 30.08
C MET A 175 47.69 -5.25 30.22
N GLU A 176 47.50 -6.11 31.23
CA GLU A 176 46.31 -6.95 31.26
C GLU A 176 45.03 -6.12 31.33
N LEU A 177 45.10 -4.92 31.90
CA LEU A 177 43.96 -4.02 31.87
C LEU A 177 43.70 -3.47 30.47
N ARG A 178 44.75 -3.15 29.73
CA ARG A 178 44.60 -2.61 28.38
C ARG A 178 45.10 -3.58 27.32
N SER A 185 52.10 -5.78 21.14
CA SER A 185 52.86 -5.38 22.31
C SER A 185 53.20 -6.58 23.18
N THR A 186 52.36 -7.61 23.12
CA THR A 186 52.59 -8.81 23.93
C THR A 186 53.41 -9.85 23.17
N ARG A 187 53.16 -10.01 21.87
CA ARG A 187 53.83 -11.05 21.10
C ARG A 187 55.30 -10.72 20.85
N PHE A 188 55.66 -9.44 20.83
CA PHE A 188 57.05 -9.05 20.63
C PHE A 188 57.94 -9.56 21.76
N TYR A 189 57.45 -9.46 23.00
CA TYR A 189 58.20 -9.98 24.14
C TYR A 189 58.40 -11.49 24.02
N ASP A 190 57.36 -12.22 23.63
CA ASP A 190 57.48 -13.66 23.47
C ASP A 190 58.47 -14.02 22.37
N GLN A 191 58.43 -13.27 21.26
CA GLN A 191 59.36 -13.54 20.17
C GLN A 191 60.80 -13.28 20.59
N LEU A 192 61.04 -12.18 21.31
CA LEU A 192 62.39 -11.89 21.79
C LEU A 192 62.86 -12.94 22.78
N ASN A 193 61.97 -13.37 23.68
CA ASN A 193 62.35 -14.40 24.65
C ASN A 193 62.68 -15.71 23.97
N HIS A 194 61.88 -16.11 22.97
CA HIS A 194 62.17 -17.34 22.24
C HIS A 194 63.48 -17.23 21.46
N HIS A 195 63.73 -16.07 20.84
CA HIS A 195 64.98 -15.88 20.11
C HIS A 195 66.18 -15.95 21.04
N ILE A 196 66.08 -15.36 22.23
CA ILE A 196 67.19 -15.45 23.18
C ILE A 196 67.36 -16.85 23.75
N PHE A 197 66.27 -17.56 24.04
CA PHE A 197 66.37 -18.88 24.65
C PHE A 197 66.79 -19.94 23.65
N GLU A 198 66.59 -19.69 22.35
CA GLU A 198 66.98 -20.67 21.35
C GLU A 198 68.48 -20.90 21.30
N LEU A 199 69.28 -19.96 21.83
CA LEU A 199 70.73 -20.08 21.80
C LEU A 199 71.22 -21.28 22.62
N GLU A 207 66.39 -14.10 31.83
CA GLU A 207 66.58 -15.32 31.05
C GLU A 207 65.50 -16.34 31.35
N ARG A 208 65.68 -17.09 32.45
CA ARG A 208 64.73 -18.14 32.79
C ARG A 208 63.58 -17.62 33.65
N LYS A 209 63.88 -17.08 34.85
CA LYS A 209 62.80 -16.69 35.76
C LYS A 209 62.03 -15.49 35.23
N GLY A 210 62.72 -14.42 34.87
CA GLY A 210 62.04 -13.23 34.38
C GLY A 210 61.32 -13.47 33.07
N GLY A 211 61.96 -14.19 32.14
CA GLY A 211 61.32 -14.51 30.89
C GLY A 211 60.10 -15.40 31.08
N ILE A 212 60.18 -16.36 32.00
CA ILE A 212 59.05 -17.23 32.29
C ILE A 212 57.90 -16.42 32.87
N LEU A 213 58.21 -15.50 33.79
CA LEU A 213 57.17 -14.64 34.36
C LEU A 213 56.52 -13.78 33.29
N ALA A 214 57.31 -13.22 32.38
CA ALA A 214 56.76 -12.41 31.29
C ALA A 214 55.89 -13.25 30.36
N ILE A 215 56.31 -14.48 30.06
CA ILE A 215 55.54 -15.33 29.16
C ILE A 215 54.22 -15.76 29.81
N ALA A 216 54.24 -16.10 31.10
CA ALA A 216 53.03 -16.52 31.79
C ALA A 216 52.08 -15.38 32.07
N SER A 217 52.60 -14.17 32.31
CA SER A 217 51.73 -13.04 32.63
C SER A 217 50.82 -12.69 31.47
N LEU A 218 51.33 -12.72 30.24
CA LEU A 218 50.54 -12.36 29.07
C LEU A 218 49.70 -13.51 28.54
N ILE A 219 49.76 -14.68 29.17
CA ILE A 219 49.07 -15.85 28.67
C ILE A 219 47.59 -15.76 29.00
N GLY A 220 46.74 -16.15 28.05
CA GLY A 220 45.31 -16.27 28.30
C GLY A 220 44.46 -15.10 27.86
N VAL A 221 44.82 -14.42 26.76
CA VAL A 221 44.08 -13.27 26.27
C VAL A 221 43.46 -13.54 24.91
N GLU A 222 44.28 -13.84 23.90
CA GLU A 222 43.77 -14.04 22.55
C GLU A 222 43.34 -15.49 22.33
N GLY A 223 44.08 -16.44 22.89
CA GLY A 223 43.80 -17.84 22.69
C GLY A 223 44.79 -18.51 21.75
N GLY A 224 46.07 -18.18 21.90
CA GLY A 224 47.08 -18.73 21.03
C GLY A 224 47.13 -20.24 21.10
N ASN A 225 46.81 -20.91 20.00
CA ASN A 225 46.79 -22.37 19.95
C ASN A 225 48.07 -22.94 19.37
N ALA A 226 48.64 -22.27 18.37
CA ALA A 226 49.85 -22.73 17.70
C ALA A 226 50.98 -21.72 17.75
N THR A 227 50.68 -20.42 17.67
CA THR A 227 51.74 -19.41 17.68
C THR A 227 52.55 -19.43 18.96
N ARG A 228 51.89 -19.50 20.11
CA ARG A 228 52.61 -19.72 21.36
C ARG A 228 53.12 -21.16 21.46
N ILE A 229 52.35 -22.12 20.94
CA ILE A 229 52.78 -23.51 20.93
C ILE A 229 54.03 -23.66 20.09
N GLY A 230 54.08 -23.01 18.93
CA GLY A 230 55.28 -23.05 18.11
C GLY A 230 56.48 -22.40 18.75
N ARG A 231 56.27 -21.30 19.48
CA ARG A 231 57.37 -20.64 20.17
C ARG A 231 57.90 -21.50 21.32
N PHE A 232 57.02 -22.19 22.04
CA PHE A 232 57.46 -23.06 23.12
C PHE A 232 57.93 -24.41 22.62
N ALA A 233 57.64 -24.77 21.37
CA ALA A 233 57.98 -26.09 20.87
C ALA A 233 59.49 -26.28 20.73
N ASN A 234 60.21 -25.23 20.33
CA ASN A 234 61.67 -25.34 20.23
C ASN A 234 62.28 -25.70 21.58
N TYR A 235 61.88 -24.99 22.64
CA TYR A 235 62.41 -25.29 23.97
C TYR A 235 61.90 -26.63 24.49
N LEU A 236 60.65 -26.99 24.18
CA LEU A 236 60.12 -28.28 24.63
C LEU A 236 60.88 -29.44 24.00
N ARG A 237 61.19 -29.36 22.71
CA ARG A 237 61.96 -30.41 22.05
C ARG A 237 63.43 -30.38 22.42
N ASN A 238 63.99 -29.21 22.69
CA ASN A 238 65.39 -29.13 23.08
C ASN A 238 65.63 -29.74 24.45
N LEU A 239 64.63 -29.65 25.34
CA LEU A 239 64.75 -30.18 26.70
C LEU A 239 64.86 -31.69 26.73
N LEU A 240 64.56 -32.37 25.62
CA LEU A 240 64.67 -33.82 25.55
C LEU A 240 66.12 -34.24 25.37
N PRO A 241 66.88 -33.55 24.51
CA PRO A 241 68.29 -33.94 24.34
C PRO A 241 69.15 -33.59 25.53
N SER A 242 68.97 -32.40 26.12
CA SER A 242 69.75 -31.94 27.26
C SER A 242 68.80 -31.67 28.43
N ASN A 243 68.90 -32.50 29.47
CA ASN A 243 68.09 -32.34 30.67
C ASN A 243 68.88 -31.55 31.70
N ASP A 244 68.20 -30.56 32.30
CA ASP A 244 68.87 -29.58 33.15
C ASP A 244 68.91 -30.03 34.61
N PRO A 245 69.47 -29.21 35.49
CA PRO A 245 69.46 -29.52 36.93
C PRO A 245 68.10 -29.32 37.55
N VAL A 246 68.02 -29.42 38.88
CA VAL A 246 66.76 -29.46 39.63
C VAL A 246 65.79 -28.35 39.22
N VAL A 247 66.31 -27.27 38.63
CA VAL A 247 65.44 -26.22 38.12
C VAL A 247 64.61 -26.68 36.94
N MET A 248 65.00 -27.79 36.30
CA MET A 248 64.30 -28.26 35.11
C MET A 248 62.87 -28.69 35.42
N GLU A 249 62.63 -29.36 36.55
CA GLU A 249 61.28 -29.78 36.88
C GLU A 249 60.33 -28.59 37.06
N MET A 250 60.73 -27.60 37.85
CA MET A 250 59.90 -26.41 38.04
C MET A 250 59.74 -25.62 36.75
N ALA A 251 60.80 -25.51 35.95
CA ALA A 251 60.70 -24.81 34.67
C ALA A 251 59.72 -25.52 33.74
N SER A 252 59.76 -26.85 33.68
CA SER A 252 58.82 -27.60 32.86
C SER A 252 57.40 -27.43 33.36
N LYS A 253 57.21 -27.43 34.68
CA LYS A 253 55.88 -27.19 35.23
C LYS A 253 55.37 -25.81 34.84
N ALA A 254 56.22 -24.78 34.93
CA ALA A 254 55.81 -23.43 34.56
C ALA A 254 55.48 -23.35 33.07
N ILE A 255 56.29 -23.96 32.22
CA ILE A 255 56.04 -23.92 30.79
C ILE A 255 54.74 -24.63 30.45
N GLY A 256 54.49 -25.79 31.06
CA GLY A 256 53.25 -26.50 30.83
C GLY A 256 52.03 -25.77 31.33
N ARG A 257 52.15 -25.08 32.47
CA ARG A 257 51.07 -24.25 32.95
C ARG A 257 50.80 -23.07 32.01
N LEU A 258 51.85 -22.44 31.50
CA LEU A 258 51.66 -21.29 30.62
C LEU A 258 51.08 -21.70 29.27
N ALA A 259 51.55 -22.80 28.69
CA ALA A 259 51.05 -23.26 27.41
C ALA A 259 49.69 -23.95 27.50
N MET A 260 49.08 -23.98 28.69
CA MET A 260 47.82 -24.66 28.91
C MET A 260 46.61 -23.74 28.76
N ALA A 261 46.70 -22.75 27.87
CA ALA A 261 45.60 -21.82 27.63
C ALA A 261 44.40 -22.46 26.95
N GLY A 262 44.48 -23.75 26.63
CA GLY A 262 43.39 -24.43 25.95
C GLY A 262 43.66 -24.74 24.50
N ASP A 263 44.88 -25.17 24.20
CA ASP A 263 45.28 -25.55 22.86
C ASP A 263 45.36 -27.06 22.73
N THR A 264 45.13 -27.55 21.51
CA THR A 264 45.20 -28.99 21.24
C THR A 264 46.59 -29.42 20.76
N PHE A 265 47.35 -28.50 20.15
CA PHE A 265 48.66 -28.84 19.62
C PHE A 265 49.70 -29.08 20.71
N THR A 266 49.40 -28.71 21.96
CA THR A 266 50.32 -28.96 23.05
C THR A 266 50.59 -30.44 23.26
N ALA A 267 49.67 -31.31 22.81
CA ALA A 267 49.90 -32.74 22.87
C ALA A 267 51.02 -33.20 21.96
N GLU A 268 51.46 -32.35 21.04
CA GLU A 268 52.52 -32.70 20.09
C GLU A 268 53.91 -32.23 20.53
N TYR A 269 53.99 -31.09 21.23
CA TYR A 269 55.29 -30.56 21.62
C TYR A 269 56.03 -31.48 22.58
N VAL A 270 55.34 -32.02 23.58
CA VAL A 270 55.98 -32.94 24.51
C VAL A 270 56.09 -34.33 23.88
N GLU A 271 55.29 -34.59 22.83
CA GLU A 271 55.36 -35.86 22.14
C GLU A 271 56.73 -36.11 21.51
N PHE A 272 57.48 -35.04 21.22
CA PHE A 272 58.85 -35.22 20.75
C PHE A 272 59.71 -35.88 21.81
N GLU A 273 59.45 -35.61 23.08
CA GLU A 273 60.14 -36.28 24.18
C GLU A 273 59.42 -37.55 24.63
N VAL A 274 58.21 -37.78 24.12
CA VAL A 274 57.43 -38.96 24.53
C VAL A 274 58.12 -40.24 24.07
N LYS A 275 58.62 -40.26 22.84
CA LYS A 275 59.29 -41.46 22.33
C LYS A 275 60.50 -41.83 23.17
N ARG A 276 61.11 -40.86 23.84
CA ARG A 276 62.23 -41.15 24.73
C ARG A 276 61.83 -42.05 25.89
N ALA A 277 60.54 -42.05 26.28
CA ALA A 277 60.07 -42.94 27.32
C ALA A 277 60.40 -44.39 27.02
N LEU A 278 60.32 -44.80 25.75
CA LEU A 278 60.83 -46.09 25.32
C LEU A 278 62.24 -45.99 24.74
N GLU A 279 62.68 -44.80 24.33
CA GLU A 279 63.99 -44.68 23.70
C GLU A 279 65.08 -44.30 24.70
N TRP A 280 64.87 -43.24 25.48
CA TRP A 280 65.85 -42.86 26.49
C TRP A 280 65.57 -43.54 27.83
N LEU A 281 64.31 -43.66 28.20
CA LEU A 281 63.92 -44.30 29.45
C LEU A 281 63.52 -45.75 29.22
N GLU A 287 72.52 -39.07 32.55
CA GLU A 287 71.73 -37.89 32.90
C GLU A 287 70.96 -37.36 31.70
N GLY A 288 71.35 -37.81 30.51
CA GLY A 288 70.70 -37.41 29.27
C GLY A 288 69.56 -38.29 28.83
N ARG A 289 69.16 -39.29 29.62
CA ARG A 289 68.09 -40.19 29.25
C ARG A 289 66.87 -40.11 30.15
N ARG A 290 67.04 -40.25 31.47
CA ARG A 290 65.89 -40.35 32.37
C ARG A 290 65.36 -38.98 32.77
N HIS A 291 66.24 -38.00 32.95
CA HIS A 291 65.83 -36.72 33.52
C HIS A 291 64.96 -35.91 32.57
N ALA A 292 65.24 -35.95 31.26
CA ALA A 292 64.42 -35.21 30.31
C ALA A 292 62.99 -35.75 30.28
N ALA A 293 62.85 -37.07 30.19
CA ALA A 293 61.52 -37.67 30.25
C ALA A 293 60.87 -37.44 31.62
N VAL A 294 61.65 -37.38 32.69
CA VAL A 294 61.10 -37.09 34.00
C VAL A 294 60.49 -35.70 34.04
N LEU A 295 61.22 -34.70 33.53
CA LEU A 295 60.69 -33.33 33.49
C LEU A 295 59.48 -33.23 32.59
N VAL A 296 59.52 -33.88 31.42
CA VAL A 296 58.38 -33.84 30.52
C VAL A 296 57.15 -34.48 31.17
N LEU A 297 57.35 -35.62 31.84
CA LEU A 297 56.25 -36.30 32.50
C LEU A 297 55.69 -35.46 33.64
N ARG A 298 56.56 -34.80 34.42
CA ARG A 298 56.09 -33.95 35.49
C ARG A 298 55.24 -32.80 34.94
N GLU A 299 55.73 -32.13 33.90
CA GLU A 299 54.97 -31.03 33.30
C GLU A 299 53.64 -31.51 32.75
N LEU A 300 53.63 -32.64 32.04
CA LEU A 300 52.39 -33.14 31.46
C LEU A 300 51.40 -33.56 32.53
N ALA A 301 51.82 -34.39 33.50
CA ALA A 301 50.92 -34.81 34.57
C ALA A 301 50.39 -33.63 35.35
N ILE A 302 51.18 -32.56 35.49
CA ILE A 302 50.64 -31.35 36.11
C ILE A 302 49.58 -30.71 35.22
N SER A 303 49.86 -30.52 33.93
CA SER A 303 48.91 -29.83 33.06
C SER A 303 48.03 -30.79 32.26
N VAL A 304 48.64 -31.58 31.38
CA VAL A 304 47.90 -32.46 30.47
C VAL A 304 48.81 -33.60 30.02
N PRO A 305 48.53 -34.85 30.40
CA PRO A 305 49.43 -35.95 30.01
C PRO A 305 49.25 -36.41 28.57
N THR A 306 48.62 -35.61 27.71
CA THR A 306 48.21 -36.05 26.39
C THR A 306 49.37 -36.63 25.58
N PHE A 307 50.56 -36.02 25.66
CA PHE A 307 51.70 -36.50 24.89
C PHE A 307 52.21 -37.85 25.38
N PHE A 308 52.28 -38.05 26.70
CA PHE A 308 52.79 -39.29 27.26
C PHE A 308 51.70 -40.34 27.48
N PHE A 309 50.43 -39.97 27.32
CA PHE A 309 49.33 -40.90 27.51
C PHE A 309 49.01 -41.69 26.25
N GLN A 310 49.88 -41.67 25.24
CA GLN A 310 49.64 -42.43 24.02
C GLN A 310 49.53 -43.93 24.30
N GLN A 311 50.10 -44.39 25.40
CA GLN A 311 49.98 -45.79 25.84
C GLN A 311 49.37 -45.77 27.24
N VAL A 312 48.04 -45.77 27.30
CA VAL A 312 47.33 -45.77 28.57
C VAL A 312 47.00 -47.18 29.05
N GLN A 313 46.61 -48.09 28.15
CA GLN A 313 46.45 -49.49 28.51
C GLN A 313 47.80 -50.03 28.95
N PRO A 314 48.88 -49.69 28.24
CA PRO A 314 50.21 -50.18 28.63
C PRO A 314 50.89 -49.28 29.65
N PHE A 315 50.15 -48.29 30.17
CA PHE A 315 50.74 -47.37 31.14
C PHE A 315 51.18 -48.08 32.41
N PHE A 316 50.33 -48.97 32.93
CA PHE A 316 50.72 -49.73 34.12
C PHE A 316 51.92 -50.64 33.85
N ASP A 317 51.92 -51.32 32.71
CA ASP A 317 53.04 -52.18 32.37
C ASP A 317 54.35 -51.40 32.25
N ASN A 318 54.29 -50.21 31.64
CA ASN A 318 55.50 -49.39 31.50
C ASN A 318 55.95 -48.82 32.83
N ILE A 319 55.01 -48.39 33.68
CA ILE A 319 55.37 -47.83 34.97
C ILE A 319 55.83 -48.91 35.93
N PHE A 320 55.55 -50.18 35.62
CA PHE A 320 56.03 -51.26 36.47
C PHE A 320 57.56 -51.32 36.53
N VAL A 321 58.24 -51.08 35.41
CA VAL A 321 59.68 -51.29 35.36
C VAL A 321 60.49 -50.11 34.81
N ALA A 322 59.87 -49.20 34.05
CA ALA A 322 60.65 -48.23 33.29
C ALA A 322 61.26 -47.14 34.16
N VAL A 323 60.75 -46.94 35.38
CA VAL A 323 61.22 -45.82 36.20
C VAL A 323 62.57 -46.06 36.85
N TRP A 324 63.17 -47.23 36.64
CA TRP A 324 64.48 -47.53 37.19
C TRP A 324 65.62 -47.10 36.28
N ASP A 325 65.41 -46.10 35.43
CA ASP A 325 66.41 -45.65 34.47
C ASP A 325 67.56 -44.95 35.18
N PRO A 326 68.70 -44.77 34.51
CA PRO A 326 69.92 -44.25 35.16
C PRO A 326 69.86 -42.77 35.55
N LYS A 327 69.26 -42.51 36.70
CA LYS A 327 69.26 -41.18 37.30
C LYS A 327 69.46 -41.33 38.80
N GLN A 328 70.10 -40.33 39.40
CA GLN A 328 70.39 -40.35 40.83
C GLN A 328 69.32 -39.65 41.67
N ALA A 329 69.05 -38.37 41.40
CA ALA A 329 67.96 -37.67 42.06
C ALA A 329 66.72 -37.58 41.18
N ILE A 330 66.88 -37.62 39.86
CA ILE A 330 65.75 -37.44 38.95
C ILE A 330 64.88 -38.70 38.89
N ARG A 331 65.45 -39.88 39.16
CA ARG A 331 64.70 -41.13 38.99
C ARG A 331 63.54 -41.23 39.97
N GLU A 332 63.73 -40.82 41.22
CA GLU A 332 62.64 -40.85 42.18
C GLU A 332 61.49 -39.96 41.75
N GLY A 333 61.80 -38.76 41.26
CA GLY A 333 60.76 -37.89 40.73
C GLY A 333 60.10 -38.42 39.48
N ALA A 334 60.87 -39.11 38.62
CA ALA A 334 60.28 -39.74 37.45
C ALA A 334 59.29 -40.83 37.85
N VAL A 335 59.63 -41.64 38.84
CA VAL A 335 58.71 -42.66 39.32
C VAL A 335 57.44 -42.02 39.84
N ALA A 336 57.57 -40.94 40.60
CA ALA A 336 56.39 -40.26 41.15
C ALA A 336 55.52 -39.67 40.04
N ALA A 337 56.13 -39.04 39.04
CA ALA A 337 55.37 -38.44 37.96
C ALA A 337 54.63 -39.50 37.15
N LEU A 338 55.32 -40.58 36.78
CA LEU A 338 54.66 -41.65 36.05
C LEU A 338 53.56 -42.29 36.87
N ARG A 339 53.78 -42.51 38.16
CA ARG A 339 52.76 -43.11 39.02
C ARG A 339 51.56 -42.20 39.14
N ALA A 340 51.77 -40.89 39.29
CA ALA A 340 50.65 -39.96 39.40
C ALA A 340 49.83 -39.94 38.12
N CYS A 341 50.50 -39.86 36.97
CA CYS A 341 49.77 -39.86 35.70
C CYS A 341 49.00 -41.16 35.51
N LEU A 342 49.62 -42.30 35.83
CA LEU A 342 48.96 -43.58 35.68
C LEU A 342 47.79 -43.74 36.63
N ILE A 343 47.92 -43.24 37.88
CA ILE A 343 46.82 -43.33 38.83
C ILE A 343 45.66 -42.47 38.38
N LEU A 344 45.94 -41.25 37.91
CA LEU A 344 44.87 -40.39 37.40
C LEU A 344 44.18 -41.01 36.20
N THR A 345 44.95 -41.63 35.29
CA THR A 345 44.37 -42.29 34.14
C THR A 345 43.53 -43.50 34.55
N THR A 346 44.02 -44.29 35.50
CA THR A 346 43.27 -45.44 36.00
C THR A 346 41.99 -45.02 36.71
N GLN A 347 41.98 -43.84 37.33
CA GLN A 347 40.73 -43.28 37.83
C GLN A 347 39.82 -42.87 36.67
N ARG A 348 40.38 -42.65 35.49
CA ARG A 348 39.60 -42.29 34.31
C ARG A 348 39.33 -43.51 33.44
N TRP A 358 48.60 -55.36 35.33
CA TRP A 358 49.49 -56.38 35.89
C TRP A 358 50.08 -55.90 37.21
N TYR A 359 49.26 -55.21 38.01
CA TYR A 359 49.72 -54.70 39.29
C TYR A 359 50.10 -55.81 40.26
N ARG A 360 49.32 -56.89 40.30
CA ARG A 360 49.65 -58.00 41.19
C ARG A 360 50.96 -58.66 40.78
N HIS A 361 51.21 -58.79 39.47
CA HIS A 361 52.48 -59.35 39.02
C HIS A 361 53.65 -58.46 39.42
N THR A 362 53.51 -57.14 39.28
CA THR A 362 54.57 -56.23 39.70
C THR A 362 54.80 -56.32 41.20
N PHE A 363 53.72 -56.42 41.98
CA PHE A 363 53.86 -56.56 43.42
C PHE A 363 54.59 -57.85 43.79
N GLU A 364 54.25 -58.96 43.13
CA GLU A 364 54.94 -60.22 43.41
C GLU A 364 56.41 -60.14 43.00
N GLU A 365 56.70 -59.50 41.87
CA GLU A 365 58.09 -59.35 41.45
C GLU A 365 58.89 -58.51 42.44
N ALA A 366 58.31 -57.41 42.91
CA ALA A 366 58.99 -56.60 43.92
C ALA A 366 59.14 -57.35 45.23
N GLU A 367 58.20 -58.25 45.53
CA GLU A 367 58.30 -59.08 46.72
C GLU A 367 59.44 -60.09 46.61
N LYS A 368 59.62 -60.68 45.43
CA LYS A 368 60.57 -61.79 45.31
C LYS A 368 61.98 -61.34 44.98
N GLY A 369 62.14 -60.48 43.97
CA GLY A 369 63.49 -60.14 43.52
C GLY A 369 64.20 -59.13 44.39
N PHE A 370 63.51 -58.58 45.39
CA PHE A 370 64.11 -57.55 46.24
C PHE A 370 65.28 -58.10 47.05
N ASP A 371 65.26 -59.39 47.36
CA ASP A 371 66.32 -60.03 48.14
C ASP A 371 66.53 -59.33 49.48
N ASP A 383 71.12 -50.31 48.24
CA ASP A 383 71.78 -49.40 47.33
C ASP A 383 70.92 -48.18 47.05
N ASP A 384 71.56 -47.06 46.70
CA ASP A 384 70.82 -45.85 46.39
C ASP A 384 69.95 -46.02 45.16
N ARG A 385 70.43 -46.80 44.17
CA ARG A 385 69.68 -47.03 42.95
C ARG A 385 68.79 -48.27 43.08
N ILE A 386 68.47 -48.59 44.33
CA ILE A 386 67.60 -49.70 44.67
C ILE A 386 66.40 -49.16 45.42
N HIS A 387 66.63 -48.16 46.28
CA HIS A 387 65.55 -47.57 47.06
C HIS A 387 64.48 -46.93 46.17
N GLY A 388 64.84 -46.58 44.93
CA GLY A 388 63.83 -46.12 44.00
C GLY A 388 62.78 -47.19 43.73
N ALA A 389 63.20 -48.45 43.67
CA ALA A 389 62.25 -49.54 43.55
C ALA A 389 61.32 -49.63 44.75
N LEU A 390 61.85 -49.43 45.96
CA LEU A 390 61.00 -49.44 47.14
C LEU A 390 60.01 -48.28 47.13
N LEU A 391 60.47 -47.10 46.70
CA LEU A 391 59.56 -45.96 46.60
C LEU A 391 58.47 -46.20 45.58
N ILE A 392 58.80 -46.82 44.44
CA ILE A 392 57.79 -47.13 43.44
C ILE A 392 56.83 -48.20 43.96
N LEU A 393 57.35 -49.19 44.67
CA LEU A 393 56.50 -50.23 45.25
C LEU A 393 55.52 -49.65 46.27
N ASN A 394 55.96 -48.71 47.11
CA ASN A 394 55.02 -48.00 47.95
C ASN A 394 54.03 -47.20 47.11
N GLU A 395 54.51 -46.54 46.05
CA GLU A 395 53.62 -45.84 45.14
C GLU A 395 52.70 -46.82 44.41
N LEU A 396 53.22 -48.00 44.07
CA LEU A 396 52.37 -49.01 43.45
C LEU A 396 51.26 -49.47 44.38
N VAL A 397 51.58 -49.69 45.65
CA VAL A 397 50.57 -50.08 46.64
C VAL A 397 49.57 -48.96 46.82
N ARG A 398 50.00 -47.71 46.81
CA ARG A 398 49.09 -46.60 46.96
C ARG A 398 48.16 -46.43 45.76
N ILE A 399 48.69 -46.58 44.55
CA ILE A 399 47.89 -46.31 43.35
C ILE A 399 47.01 -47.50 42.98
N SER A 400 47.58 -48.70 42.95
CA SER A 400 46.83 -49.87 42.50
C SER A 400 45.80 -50.34 43.51
N SER A 401 45.90 -49.88 44.76
CA SER A 401 44.96 -50.27 45.82
C SER A 401 44.23 -49.02 46.31
N MET A 402 42.90 -49.09 46.30
CA MET A 402 42.07 -48.01 46.83
C MET A 402 41.86 -48.09 48.33
N GLU A 403 42.21 -49.23 48.95
CA GLU A 403 42.06 -49.37 50.39
C GLU A 403 43.10 -48.54 51.13
N GLY A 404 44.35 -48.54 50.65
CA GLY A 404 45.40 -47.81 51.33
C GLY A 404 45.49 -46.36 50.94
N GLU A 405 44.72 -45.94 49.93
CA GLU A 405 44.77 -44.55 49.48
C GLU A 405 44.14 -43.59 50.48
N ARG A 406 43.02 -43.98 51.11
CA ARG A 406 42.31 -43.08 52.00
C ARG A 406 43.14 -42.73 53.23
N LEU A 407 43.70 -43.73 53.90
CA LEU A 407 44.52 -43.46 55.09
C LEU A 407 45.79 -42.69 54.72
N ARG A 408 46.41 -43.04 53.59
CA ARG A 408 47.61 -42.34 53.16
C ARG A 408 47.33 -40.87 52.86
N GLU A 409 46.17 -40.57 52.29
CA GLU A 409 45.81 -39.17 52.06
C GLU A 409 45.42 -38.47 53.36
N GLU A 410 44.78 -39.17 54.28
CA GLU A 410 44.31 -38.54 55.52
C GLU A 410 45.46 -38.22 56.46
N MET A 411 46.47 -39.09 56.55
CA MET A 411 47.55 -38.89 57.52
C MET A 411 48.74 -38.11 56.95
N GLU A 412 48.72 -37.80 55.64
CA GLU A 412 49.88 -37.17 55.02
C GLU A 412 49.97 -35.67 55.33
N GLU A 413 48.88 -35.04 55.75
CA GLU A 413 48.88 -33.60 55.97
C GLU A 413 49.85 -33.19 57.07
N ILE A 414 49.93 -33.96 58.15
CA ILE A 414 50.86 -33.67 59.23
C ILE A 414 51.11 -34.94 60.04
N LEU A 481 41.76 -56.82 44.89
CA LEU A 481 41.11 -57.37 46.07
C LEU A 481 41.78 -58.65 46.53
N VAL A 482 42.48 -59.31 45.61
CA VAL A 482 43.11 -60.60 45.87
C VAL A 482 44.56 -60.41 46.27
N GLU A 483 45.28 -59.55 45.53
CA GLU A 483 46.71 -59.38 45.74
C GLU A 483 47.06 -58.83 47.12
N SER A 484 46.09 -58.25 47.83
CA SER A 484 46.37 -57.69 49.15
C SER A 484 46.71 -58.77 50.17
N ARG A 485 46.37 -60.03 49.88
CA ARG A 485 46.63 -61.11 50.83
C ARG A 485 48.12 -61.44 50.92
N CYS A 486 48.79 -61.50 49.77
CA CYS A 486 50.20 -61.90 49.72
C CYS A 486 51.09 -60.76 50.24
N CYS A 487 50.96 -60.51 51.54
CA CYS A 487 51.68 -59.43 52.20
C CYS A 487 52.97 -59.89 52.88
N ARG A 488 53.21 -61.20 52.94
CA ARG A 488 54.39 -61.70 53.65
C ARG A 488 55.66 -61.51 52.83
N ASP A 489 55.60 -61.77 51.53
CA ASP A 489 56.81 -61.85 50.72
C ASP A 489 57.51 -60.50 50.60
N LEU A 490 56.78 -59.45 50.23
CA LEU A 490 57.39 -58.14 50.05
C LEU A 490 57.92 -57.60 51.36
N MET A 491 57.13 -57.72 52.43
CA MET A 491 57.57 -57.24 53.73
C MET A 491 58.81 -57.98 54.22
N GLU A 492 58.85 -59.31 54.04
CA GLU A 492 60.01 -60.08 54.48
C GLU A 492 61.25 -59.72 53.65
N GLU A 493 61.10 -59.55 52.34
CA GLU A 493 62.24 -59.17 51.51
C GLU A 493 62.77 -57.81 51.91
N LYS A 494 61.88 -56.84 52.12
CA LYS A 494 62.32 -55.51 52.55
C LYS A 494 62.96 -55.58 53.93
N PHE A 495 62.41 -56.41 54.83
CA PHE A 495 62.97 -56.53 56.17
C PHE A 495 64.39 -57.09 56.10
N ASP A 496 64.60 -58.12 55.29
CA ASP A 496 65.95 -58.67 55.13
C ASP A 496 66.90 -57.63 54.54
N GLN A 497 66.44 -56.90 53.52
CA GLN A 497 67.28 -55.89 52.90
C GLN A 497 67.68 -54.80 53.87
N VAL A 498 66.75 -54.35 54.71
CA VAL A 498 67.07 -53.32 55.70
C VAL A 498 67.96 -53.88 56.79
N CYS A 499 67.69 -55.10 57.27
CA CYS A 499 68.45 -55.68 58.36
C CYS A 499 69.89 -55.96 58.01
N GLN A 500 70.16 -56.49 56.81
CA GLN A 500 71.53 -56.91 56.51
C GLN A 500 72.31 -55.81 55.77
N TRP A 501 71.87 -55.45 54.57
CA TRP A 501 72.61 -54.50 53.74
C TRP A 501 71.72 -53.29 53.45
N VAL A 502 71.80 -52.32 54.35
CA VAL A 502 70.99 -51.11 54.23
C VAL A 502 71.68 -50.04 53.38
N LEU A 503 72.95 -49.76 53.67
CA LEU A 503 73.66 -48.66 53.03
C LEU A 503 74.89 -49.18 52.31
N LYS A 504 74.73 -50.22 51.51
CA LYS A 504 75.85 -50.81 50.77
C LYS A 504 76.45 -49.85 49.76
N CYS A 505 75.62 -49.13 49.02
CA CYS A 505 76.11 -48.20 48.00
C CYS A 505 75.28 -46.93 47.96
N SER A 511 71.70 -43.73 54.76
CA SER A 511 70.56 -44.45 55.30
C SER A 511 69.34 -44.31 54.39
N LEU A 512 69.58 -44.38 53.09
CA LEU A 512 68.47 -44.30 52.12
C LEU A 512 67.49 -45.45 52.32
N ILE A 513 68.02 -46.66 52.56
CA ILE A 513 67.16 -47.79 52.83
C ILE A 513 66.35 -47.57 54.10
N GLN A 514 66.88 -46.81 55.05
CA GLN A 514 66.11 -46.50 56.25
C GLN A 514 64.88 -45.67 55.91
N MET A 515 65.05 -44.64 55.09
CA MET A 515 63.90 -43.84 54.66
C MET A 515 62.93 -44.69 53.83
N THR A 516 63.46 -45.56 52.97
CA THR A 516 62.60 -46.43 52.18
C THR A 516 61.78 -47.37 53.08
N ILE A 517 62.42 -47.93 54.11
CA ILE A 517 61.71 -48.83 55.02
C ILE A 517 60.66 -48.07 55.82
N LEU A 518 60.99 -46.86 56.27
CA LEU A 518 60.00 -46.05 56.96
C LEU A 518 58.81 -45.72 56.07
N ASN A 519 59.06 -45.45 54.78
CA ASN A 519 57.98 -45.19 53.84
C ASN A 519 57.13 -46.43 53.59
N LEU A 520 57.76 -47.59 53.40
CA LEU A 520 57.04 -48.82 53.13
C LEU A 520 56.25 -49.32 54.34
N LEU A 521 56.77 -49.17 55.54
CA LEU A 521 56.03 -49.49 56.76
C LEU A 521 54.77 -48.63 56.80
N PRO A 522 54.88 -47.34 56.48
CA PRO A 522 53.66 -46.52 56.42
C PRO A 522 52.66 -47.02 55.41
N ARG A 523 53.13 -47.44 54.23
CA ARG A 523 52.21 -47.96 53.22
C ARG A 523 51.52 -49.24 53.67
N LEU A 524 52.29 -50.17 54.27
CA LEU A 524 51.69 -51.39 54.77
C LEU A 524 50.70 -51.11 55.91
N ALA A 525 51.06 -50.22 56.82
CA ALA A 525 50.19 -49.91 57.95
C ALA A 525 48.90 -49.23 57.51
N ALA A 526 48.98 -48.29 56.56
CA ALA A 526 47.79 -47.59 56.09
C ALA A 526 47.02 -48.38 55.05
N PHE A 527 47.60 -49.43 54.48
CA PHE A 527 46.92 -50.20 53.45
C PHE A 527 45.72 -50.96 54.00
N ARG A 528 45.93 -51.71 55.08
CA ARG A 528 44.86 -52.50 55.68
C ARG A 528 45.24 -52.82 57.12
N PRO A 529 44.46 -52.36 58.11
CA PRO A 529 44.74 -52.65 59.51
C PRO A 529 44.05 -53.92 59.99
N THR A 535 52.35 -58.26 56.00
CA THR A 535 52.00 -59.32 56.93
C THR A 535 52.95 -59.29 58.12
N GLN A 536 54.22 -59.63 57.86
CA GLN A 536 55.25 -59.49 58.88
C GLN A 536 55.74 -58.06 58.98
N TYR A 537 55.17 -57.16 58.15
CA TYR A 537 55.62 -55.78 58.11
C TYR A 537 55.46 -55.09 59.46
N LEU A 538 54.37 -55.39 60.18
CA LEU A 538 54.13 -54.72 61.47
C LEU A 538 55.23 -55.04 62.47
N GLN A 539 55.51 -56.32 62.69
CA GLN A 539 56.56 -56.71 63.62
C GLN A 539 57.93 -56.25 63.13
N ASP A 540 58.17 -56.36 61.82
CA ASP A 540 59.46 -55.94 61.27
C ASP A 540 59.69 -54.44 61.49
N THR A 541 58.67 -53.61 61.28
CA THR A 541 58.81 -52.18 61.46
C THR A 541 58.89 -51.81 62.92
N MET A 542 58.20 -52.56 63.79
CA MET A 542 58.36 -52.34 65.23
C MET A 542 59.80 -52.59 65.66
N ASN A 543 60.39 -53.69 65.18
CA ASN A 543 61.80 -53.96 65.45
C ASN A 543 62.69 -52.88 64.84
N HIS A 544 62.32 -52.40 63.65
CA HIS A 544 63.09 -51.35 62.99
C HIS A 544 63.09 -50.07 63.81
N VAL A 545 61.94 -49.69 64.36
CA VAL A 545 61.87 -48.48 65.19
C VAL A 545 62.63 -48.70 66.50
N LEU A 546 62.54 -49.90 67.07
CA LEU A 546 63.31 -50.20 68.27
C LEU A 546 64.80 -50.10 68.00
N SER A 547 65.25 -50.48 66.80
CA SER A 547 66.64 -50.35 66.43
C SER A 547 67.02 -48.90 66.14
N CYS A 548 66.14 -48.14 65.50
CA CYS A 548 66.38 -46.76 65.14
C CYS A 548 66.26 -45.81 66.30
N VAL A 549 65.75 -46.28 67.45
CA VAL A 549 65.78 -45.45 68.66
C VAL A 549 67.20 -45.06 69.01
N LYS A 550 68.16 -45.96 68.83
CA LYS A 550 69.56 -45.65 69.07
C LYS A 550 70.22 -44.93 67.89
N LYS A 551 69.54 -44.84 66.75
CA LYS A 551 70.12 -44.20 65.59
C LYS A 551 70.29 -42.70 65.80
N GLU A 552 71.41 -42.18 65.31
CA GLU A 552 71.71 -40.76 65.47
C GLU A 552 71.37 -39.99 64.20
N LYS A 553 71.11 -38.68 64.37
CA LYS A 553 70.80 -37.78 63.26
C LYS A 553 69.59 -38.25 62.46
N GLU A 554 68.70 -39.01 63.10
CA GLU A 554 67.50 -39.49 62.45
C GLU A 554 66.27 -39.43 63.35
N ARG A 555 66.37 -38.84 64.54
CA ARG A 555 65.24 -38.76 65.45
C ARG A 555 64.10 -37.91 64.90
N THR A 556 64.40 -36.95 64.02
CA THR A 556 63.33 -36.17 63.41
C THR A 556 62.40 -37.06 62.60
N ALA A 557 62.97 -37.98 61.81
CA ALA A 557 62.15 -38.95 61.10
C ALA A 557 61.65 -40.06 62.02
N ALA A 558 62.43 -40.41 63.05
CA ALA A 558 62.04 -41.48 63.95
C ALA A 558 60.75 -41.12 64.71
N PHE A 559 60.64 -39.89 65.18
CA PHE A 559 59.43 -39.47 65.89
C PHE A 559 58.22 -39.50 64.96
N GLN A 560 58.39 -39.02 63.72
CA GLN A 560 57.30 -39.06 62.76
C GLN A 560 56.87 -40.49 62.47
N ALA A 561 57.83 -41.39 62.30
CA ALA A 561 57.50 -42.80 62.06
C ALA A 561 56.78 -43.40 63.26
N LEU A 562 57.23 -43.08 64.47
CA LEU A 562 56.57 -43.60 65.67
C LEU A 562 55.14 -43.10 65.76
N GLY A 563 54.92 -41.82 65.46
CA GLY A 563 53.57 -41.27 65.48
C GLY A 563 52.66 -41.90 64.43
N LEU A 564 53.18 -42.07 63.21
CA LEU A 564 52.40 -42.71 62.17
C LEU A 564 52.06 -44.15 62.55
N LEU A 565 53.03 -44.88 63.13
CA LEU A 565 52.76 -46.25 63.56
C LEU A 565 51.72 -46.31 64.67
N SER A 566 51.81 -45.42 65.66
CA SER A 566 50.82 -45.42 66.73
C SER A 566 49.44 -45.06 66.21
N VAL A 567 49.35 -44.10 65.27
CA VAL A 567 48.06 -43.71 64.73
C VAL A 567 47.47 -44.84 63.88
N ALA A 568 48.30 -45.49 63.06
CA ALA A 568 47.79 -46.53 62.18
C ALA A 568 47.80 -47.90 62.86
N VAL A 569 48.98 -48.36 63.28
CA VAL A 569 49.13 -49.70 63.84
C VAL A 569 48.77 -49.60 65.32
N ARG A 570 47.58 -50.09 65.66
CA ARG A 570 47.13 -50.07 67.06
C ARG A 570 47.93 -51.06 67.91
N SER A 571 48.26 -52.22 67.36
CA SER A 571 48.94 -53.24 68.14
C SER A 571 50.40 -52.90 68.39
N GLU A 572 51.05 -52.21 67.45
CA GLU A 572 52.49 -51.95 67.57
C GLU A 572 52.79 -51.04 68.76
N PHE A 573 52.08 -49.92 68.88
CA PHE A 573 52.34 -48.99 69.97
C PHE A 573 51.85 -49.50 71.31
N LYS A 574 50.89 -50.43 71.32
CA LYS A 574 50.33 -50.93 72.57
C LYS A 574 51.38 -51.55 73.48
N VAL A 575 52.28 -52.36 72.92
CA VAL A 575 53.39 -52.88 73.71
C VAL A 575 54.54 -51.90 73.78
N TYR A 576 54.56 -50.87 72.94
CA TYR A 576 55.68 -49.95 72.84
C TYR A 576 55.45 -48.66 73.61
N LEU A 577 54.74 -48.73 74.73
CA LEU A 577 54.39 -47.54 75.51
C LEU A 577 55.62 -46.83 76.06
N PRO A 578 56.53 -47.54 76.72
CA PRO A 578 57.60 -46.84 77.45
C PRO A 578 58.85 -46.56 76.65
N ARG A 579 59.10 -47.27 75.55
CA ARG A 579 60.39 -47.17 74.87
C ARG A 579 60.58 -45.82 74.19
N VAL A 580 59.56 -45.33 73.47
CA VAL A 580 59.76 -44.17 72.62
C VAL A 580 59.35 -42.87 73.31
N LEU A 581 58.17 -42.84 73.93
CA LEU A 581 57.59 -41.59 74.40
C LEU A 581 58.46 -40.88 75.43
N ASP A 582 59.30 -41.62 76.15
CA ASP A 582 60.12 -41.03 77.18
C ASP A 582 61.41 -40.40 76.65
N ILE A 583 61.72 -40.60 75.36
CA ILE A 583 63.02 -40.18 74.86
C ILE A 583 63.04 -38.71 74.46
N ILE A 584 62.05 -38.25 73.69
CA ILE A 584 62.11 -36.92 73.11
C ILE A 584 61.87 -35.85 74.16
N ARG A 585 61.28 -36.22 75.31
CA ARG A 585 60.81 -35.23 76.27
C ARG A 585 61.92 -34.31 76.76
N ALA A 586 63.16 -34.77 76.83
CA ALA A 586 64.24 -33.94 77.33
C ALA A 586 64.95 -33.15 76.25
N ALA A 587 64.61 -33.34 74.97
CA ALA A 587 65.35 -32.73 73.89
C ALA A 587 64.67 -31.50 73.29
N LEU A 588 63.34 -31.52 73.19
CA LEU A 588 62.58 -30.47 72.52
C LEU A 588 62.60 -29.15 73.29
N PRO A 589 62.78 -29.18 74.61
CA PRO A 589 62.62 -27.97 75.42
C PRO A 589 63.64 -26.90 75.06
N PRO A 590 64.80 -27.28 74.52
CA PRO A 590 65.86 -26.29 74.28
C PRO A 590 65.58 -25.38 73.10
N LYS A 591 65.05 -25.95 72.01
CA LYS A 591 64.77 -25.17 70.81
C LYS A 591 63.82 -25.93 69.88
N VAL A 603 60.89 -30.14 63.53
CA VAL A 603 61.61 -30.72 64.67
C VAL A 603 60.63 -31.37 65.64
N ASP A 604 60.34 -30.66 66.72
CA ASP A 604 59.43 -31.15 67.76
C ASP A 604 57.98 -31.20 67.29
N ALA A 605 57.69 -30.64 66.12
CA ALA A 605 56.33 -30.69 65.60
C ALA A 605 55.86 -32.13 65.40
N THR A 606 56.75 -33.00 64.94
CA THR A 606 56.43 -34.41 64.81
C THR A 606 56.13 -35.08 66.14
N VAL A 607 56.86 -34.70 67.20
CA VAL A 607 56.57 -35.25 68.53
C VAL A 607 55.18 -34.84 68.98
N PHE A 608 54.84 -33.56 68.83
CA PHE A 608 53.50 -33.10 69.15
C PHE A 608 52.46 -33.74 68.25
N THR A 609 52.82 -33.98 66.98
CA THR A 609 51.93 -34.68 66.08
C THR A 609 51.62 -36.08 66.58
N CYS A 610 52.65 -36.81 67.02
CA CYS A 610 52.44 -38.14 67.58
C CYS A 610 51.59 -38.08 68.85
N ILE A 611 51.85 -37.11 69.71
CA ILE A 611 51.08 -36.98 70.95
C ILE A 611 49.61 -36.74 70.64
N SER A 612 49.32 -35.85 69.70
CA SER A 612 47.92 -35.57 69.36
C SER A 612 47.28 -36.74 68.63
N MET A 613 48.05 -37.45 67.80
CA MET A 613 47.51 -38.57 67.02
C MET A 613 47.28 -39.81 67.86
N LEU A 614 47.95 -39.93 69.01
CA LEU A 614 47.73 -41.08 69.88
C LEU A 614 46.29 -41.16 70.36
N ALA A 615 45.71 -40.03 70.77
CA ALA A 615 44.33 -40.03 71.25
C ALA A 615 43.35 -39.82 70.11
N ARG A 616 43.71 -39.00 69.13
CA ARG A 616 42.83 -38.75 67.98
C ARG A 616 43.61 -38.74 66.68
N ILE A 622 44.93 -44.61 77.92
CA ILE A 622 45.59 -43.52 77.24
C ILE A 622 44.63 -42.34 77.09
N GLN A 623 43.94 -42.01 78.17
CA GLN A 623 42.98 -40.91 78.17
C GLN A 623 43.37 -39.76 79.09
N GLN A 624 43.65 -40.04 80.37
CA GLN A 624 44.03 -38.98 81.30
C GLN A 624 45.53 -38.93 81.57
N ASP A 625 46.31 -39.76 80.89
CA ASP A 625 47.74 -39.89 81.22
C ASP A 625 48.57 -38.67 80.82
N ILE A 626 48.16 -37.95 79.77
CA ILE A 626 49.02 -36.88 79.26
C ILE A 626 48.95 -35.62 80.09
N LYS A 627 47.99 -35.52 81.02
CA LYS A 627 47.80 -34.29 81.77
C LYS A 627 49.01 -33.93 82.61
N GLU A 628 49.62 -34.91 83.27
CA GLU A 628 50.73 -34.65 84.18
C GLU A 628 51.97 -34.09 83.48
N LEU A 629 52.31 -34.63 82.31
CA LEU A 629 53.58 -34.28 81.67
C LEU A 629 53.43 -33.29 80.51
N LEU A 630 52.22 -33.11 79.98
CA LEU A 630 52.04 -32.27 78.81
C LEU A 630 52.35 -30.80 79.05
N GLU A 631 52.37 -30.36 80.30
CA GLU A 631 52.55 -28.95 80.64
C GLU A 631 53.84 -28.40 80.07
N PRO A 632 54.96 -29.10 80.22
CA PRO A 632 56.24 -28.59 79.72
C PRO A 632 56.24 -28.36 78.22
N MET A 633 55.46 -29.17 77.49
CA MET A 633 55.41 -29.03 76.03
C MET A 633 54.91 -27.64 75.62
N LEU A 634 53.84 -27.16 76.25
CA LEU A 634 53.38 -25.81 75.97
C LEU A 634 54.27 -24.77 76.67
N ALA A 635 54.86 -25.14 77.81
CA ALA A 635 55.76 -24.25 78.53
C ALA A 635 57.09 -24.03 77.82
N VAL A 636 57.34 -24.78 76.75
CA VAL A 636 58.62 -24.67 76.05
C VAL A 636 58.84 -23.25 75.52
N GLY A 637 57.82 -22.66 74.91
CA GLY A 637 57.95 -21.33 74.37
C GLY A 637 56.96 -21.02 73.25
N LEU A 638 56.91 -19.76 72.84
CA LEU A 638 55.95 -19.31 71.85
C LEU A 638 56.50 -19.54 70.44
N SER A 639 55.88 -20.45 69.70
CA SER A 639 56.19 -20.69 68.30
C SER A 639 54.88 -20.90 67.55
N PRO A 640 54.81 -20.47 66.29
CA PRO A 640 53.58 -20.66 65.52
C PRO A 640 53.18 -22.13 65.41
N ALA A 641 54.18 -22.99 65.22
CA ALA A 641 53.91 -24.42 65.19
C ALA A 641 53.45 -24.93 66.55
N LEU A 642 54.05 -24.42 67.63
CA LEU A 642 53.60 -24.79 68.97
C LEU A 642 52.16 -24.35 69.20
N THR A 643 51.82 -23.14 68.74
CA THR A 643 50.44 -22.68 68.88
C THR A 643 49.49 -23.54 68.07
N ALA A 644 49.87 -23.92 66.85
CA ALA A 644 49.02 -24.78 66.05
C ALA A 644 48.83 -26.14 66.71
N VAL A 645 49.89 -26.70 67.27
CA VAL A 645 49.80 -27.99 67.95
C VAL A 645 48.89 -27.87 69.18
N LEU A 646 49.04 -26.80 69.95
CA LEU A 646 48.20 -26.63 71.13
C LEU A 646 46.74 -26.46 70.74
N TYR A 647 46.46 -25.69 69.67
CA TYR A 647 45.09 -25.50 69.23
C TYR A 647 44.50 -26.82 68.73
N ASP A 648 45.28 -27.60 67.98
CA ASP A 648 44.80 -28.90 67.52
C ASP A 648 44.53 -29.84 68.68
N LEU A 649 45.39 -29.83 69.70
CA LEU A 649 45.17 -30.65 70.88
C LEU A 649 43.91 -30.22 71.63
N SER A 650 43.72 -28.91 71.79
CA SER A 650 42.54 -28.40 72.48
C SER A 650 41.26 -28.75 71.73
N ARG A 651 41.28 -28.65 70.40
CA ARG A 651 40.13 -29.06 69.61
C ARG A 651 39.91 -30.57 69.68
N GLN A 652 41.00 -31.33 69.78
CA GLN A 652 40.90 -32.79 69.76
C GLN A 652 40.71 -33.34 71.16
N ILE A 653 41.48 -32.86 72.13
CA ILE A 653 41.46 -33.41 73.48
C ILE A 653 41.15 -32.31 74.50
N PRO A 654 39.87 -31.99 74.74
CA PRO A 654 39.51 -31.00 75.77
C PRO A 654 39.28 -31.62 77.14
N GLN A 655 40.23 -32.43 77.60
CA GLN A 655 40.12 -33.04 78.92
C GLN A 655 40.31 -32.00 80.02
N LEU A 656 41.36 -31.19 79.90
CA LEU A 656 41.65 -30.10 80.84
C LEU A 656 41.77 -28.82 80.03
N LYS A 657 40.63 -28.18 79.77
CA LYS A 657 40.62 -26.92 79.03
C LYS A 657 41.13 -25.76 79.87
N LYS A 658 40.80 -25.73 81.16
CA LYS A 658 41.30 -24.68 82.03
C LYS A 658 42.82 -24.76 82.17
N ASP A 659 43.39 -25.96 82.14
CA ASP A 659 44.84 -26.09 82.16
C ASP A 659 45.46 -25.43 80.94
N ILE A 660 44.86 -25.60 79.76
CA ILE A 660 45.32 -24.90 78.57
C ILE A 660 45.10 -23.40 78.71
N GLN A 661 43.98 -23.01 79.32
CA GLN A 661 43.66 -21.59 79.45
C GLN A 661 44.66 -20.85 80.33
N ASP A 662 45.07 -21.46 81.44
CA ASP A 662 46.04 -20.80 82.31
C ASP A 662 47.39 -20.63 81.62
N GLY A 663 47.84 -21.67 80.91
CA GLY A 663 49.08 -21.53 80.16
C GLY A 663 49.00 -20.49 79.06
N LEU A 664 47.85 -20.44 78.38
CA LEU A 664 47.66 -19.42 77.35
C LEU A 664 47.70 -18.02 77.95
N LEU A 665 47.06 -17.83 79.09
CA LEU A 665 47.10 -16.54 79.76
C LEU A 665 48.51 -16.17 80.16
N LYS A 666 49.27 -17.12 80.72
CA LYS A 666 50.64 -16.84 81.12
C LYS A 666 51.50 -16.46 79.92
N MET A 667 51.38 -17.20 78.82
CA MET A 667 52.16 -16.90 77.63
C MET A 667 51.79 -15.55 77.05
N LEU A 668 50.48 -15.26 76.95
CA LEU A 668 50.05 -13.99 76.40
C LEU A 668 50.49 -12.82 77.27
N SER A 669 50.46 -13.00 78.60
CA SER A 669 50.97 -11.95 79.48
C SER A 669 52.46 -11.76 79.29
N LEU A 670 53.22 -12.86 79.24
CA LEU A 670 54.66 -12.75 79.02
C LEU A 670 54.98 -12.06 77.70
N VAL A 671 54.12 -12.22 76.70
CA VAL A 671 54.37 -11.62 75.40
C VAL A 671 53.96 -10.15 75.37
N LEU A 672 52.67 -9.89 75.58
CA LEU A 672 52.12 -8.56 75.33
C LEU A 672 52.01 -7.70 76.59
N MET A 673 52.02 -8.29 77.78
CA MET A 673 51.87 -7.50 79.00
C MET A 673 52.99 -6.49 79.17
N HIS A 674 54.23 -6.87 78.87
CA HIS A 674 55.35 -5.95 78.92
C HIS A 674 55.46 -5.17 77.61
N ASP A 703 59.16 -9.82 68.58
CA ASP A 703 58.21 -9.38 69.59
C ASP A 703 57.01 -8.72 68.95
N GLY A 705 57.11 -10.13 63.32
CA GLY A 705 56.99 -9.86 64.74
C GLY A 705 56.19 -10.91 65.48
N SER A 706 56.65 -11.25 66.68
CA SER A 706 55.97 -12.26 67.49
C SER A 706 54.64 -11.77 68.03
N ILE A 707 54.48 -10.47 68.25
CA ILE A 707 53.22 -9.95 68.75
C ILE A 707 52.12 -10.17 67.70
N THR A 708 52.48 -10.11 66.42
CA THR A 708 51.51 -10.45 65.38
C THR A 708 51.04 -11.89 65.55
N LEU A 709 51.96 -12.80 65.86
CA LEU A 709 51.57 -14.17 66.15
C LEU A 709 50.65 -14.25 67.35
N ALA A 710 50.96 -13.50 68.41
CA ALA A 710 50.13 -13.53 69.61
C ALA A 710 48.71 -13.07 69.31
N LEU A 711 48.58 -12.01 68.52
CA LEU A 711 47.25 -11.50 68.19
C LEU A 711 46.51 -12.44 67.24
N ARG A 712 47.24 -13.12 66.34
CA ARG A 712 46.60 -14.17 65.57
C ARG A 712 46.05 -15.27 66.49
N THR A 713 46.85 -15.71 67.45
CA THR A 713 46.36 -16.67 68.44
C THR A 713 45.19 -16.14 69.25
N LEU A 714 45.10 -14.82 69.41
CA LEU A 714 43.99 -14.25 70.15
C LEU A 714 42.65 -14.65 69.55
N GLY A 715 42.60 -14.83 68.23
CA GLY A 715 41.39 -15.24 67.55
C GLY A 715 41.14 -16.73 67.52
N SER A 716 41.89 -17.52 68.29
CA SER A 716 41.75 -18.97 68.23
C SER A 716 40.37 -19.43 68.66
N PHE A 717 40.03 -19.25 69.94
CA PHE A 717 38.72 -19.63 70.48
C PHE A 717 38.50 -18.96 71.82
N GLU A 718 37.46 -19.41 72.53
CA GLU A 718 36.91 -18.72 73.68
C GLU A 718 37.84 -18.82 74.89
N PHE A 719 37.74 -17.79 75.74
CA PHE A 719 38.40 -17.74 77.04
C PHE A 719 37.48 -17.00 78.01
N GLU A 720 37.88 -16.95 79.28
CA GLU A 720 37.20 -16.14 80.28
C GLU A 720 38.19 -15.26 81.03
N LEU A 724 39.79 -11.22 78.97
CA LEU A 724 38.79 -10.58 78.13
C LEU A 724 38.97 -9.07 78.08
N THR A 725 38.21 -8.38 78.93
CA THR A 725 38.10 -6.93 78.89
C THR A 725 39.38 -6.19 79.24
N GLN A 726 40.19 -6.74 80.14
CA GLN A 726 41.45 -6.09 80.47
C GLN A 726 42.38 -6.03 79.26
N PHE A 727 42.43 -7.12 78.49
CA PHE A 727 43.32 -7.17 77.35
C PHE A 727 42.90 -6.19 76.27
N VAL A 728 41.60 -6.11 75.98
CA VAL A 728 41.14 -5.13 74.99
C VAL A 728 41.32 -3.71 75.50
N ARG A 729 41.31 -3.50 76.82
CA ARG A 729 41.73 -2.22 77.36
C ARG A 729 43.20 -1.95 77.08
N HIS A 730 44.04 -2.97 77.12
CA HIS A 730 45.42 -2.80 76.69
C HIS A 730 45.52 -2.64 75.18
N CYS A 731 44.49 -3.02 74.43
CA CYS A 731 44.50 -2.95 72.98
C CYS A 731 44.48 -1.52 72.45
N ALA A 732 44.19 -0.53 73.29
CA ALA A 732 44.13 0.86 72.88
C ALA A 732 45.49 1.46 72.60
N ASP A 733 46.55 0.65 72.60
CA ASP A 733 47.91 1.14 72.40
C ASP A 733 48.55 0.64 71.11
N HIS A 734 48.29 -0.61 70.74
CA HIS A 734 49.12 -1.29 69.76
C HIS A 734 49.15 -0.55 68.43
N PHE A 735 48.01 -0.44 67.75
CA PHE A 735 47.97 0.23 66.47
C PHE A 735 48.30 1.72 66.57
N LEU A 736 47.93 2.38 67.66
CA LEU A 736 48.27 3.79 67.80
C LEU A 736 49.76 4.02 67.91
N ASN A 737 50.47 3.18 68.65
CA ASN A 737 51.91 3.37 68.78
C ASN A 737 52.67 2.77 67.60
N SER A 738 52.27 1.59 67.13
CA SER A 738 53.02 0.91 66.10
C SER A 738 52.76 1.54 64.74
N GLU A 739 53.83 1.85 64.02
CA GLU A 739 53.75 2.22 62.62
C GLU A 739 53.92 1.01 61.70
N HIS A 740 54.09 -0.17 62.26
CA HIS A 740 54.30 -1.38 61.49
C HIS A 740 53.02 -1.77 60.77
N LYS A 741 53.13 -2.02 59.47
CA LYS A 741 51.96 -2.40 58.69
C LYS A 741 51.30 -3.65 59.24
N GLU A 742 52.10 -4.70 59.47
CA GLU A 742 51.55 -5.96 59.95
C GLU A 742 50.93 -5.81 61.34
N ILE A 743 51.61 -5.10 62.25
CA ILE A 743 51.12 -5.01 63.62
C ILE A 743 49.76 -4.32 63.65
N ARG A 744 49.67 -3.14 63.04
CA ARG A 744 48.41 -2.42 63.00
C ARG A 744 47.34 -3.24 62.28
N MET A 745 47.70 -3.82 61.15
CA MET A 745 46.72 -4.50 60.32
C MET A 745 46.08 -5.67 61.06
N GLU A 746 46.91 -6.55 61.63
CA GLU A 746 46.37 -7.70 62.34
C GLU A 746 45.70 -7.30 63.64
N ALA A 747 46.22 -6.30 64.35
CA ALA A 747 45.57 -5.86 65.57
C ALA A 747 44.17 -5.36 65.28
N ALA A 748 44.04 -4.53 64.24
CA ALA A 748 42.73 -4.06 63.83
C ALA A 748 41.84 -5.23 63.43
N ARG A 749 42.40 -6.18 62.68
CA ARG A 749 41.65 -7.37 62.31
C ARG A 749 41.01 -8.02 63.52
N THR A 750 41.84 -8.46 64.48
CA THR A 750 41.33 -9.24 65.59
C THR A 750 40.47 -8.44 66.54
N CYS A 751 40.79 -7.16 66.77
CA CYS A 751 39.94 -6.36 67.61
C CYS A 751 38.60 -6.07 66.96
N SER A 752 38.52 -6.08 65.62
CA SER A 752 37.23 -5.96 64.98
C SER A 752 36.32 -7.13 65.30
N ARG A 753 36.86 -8.36 65.28
CA ARG A 753 36.01 -9.52 65.56
C ARG A 753 35.79 -9.73 67.05
N LEU A 754 36.65 -9.16 67.91
CA LEU A 754 36.53 -9.39 69.34
C LEU A 754 35.23 -8.89 69.95
N LEU A 755 34.43 -8.12 69.23
CA LEU A 755 33.32 -7.38 69.83
C LEU A 755 31.96 -8.06 69.62
N THR A 756 31.89 -9.38 69.73
CA THR A 756 30.63 -10.08 69.59
C THR A 756 29.52 -9.70 70.58
N PRO A 757 29.81 -9.22 71.82
CA PRO A 757 28.65 -8.98 72.71
C PRO A 757 27.75 -7.82 72.27
N SER A 758 26.51 -8.16 71.92
CA SER A 758 25.52 -7.17 71.55
C SER A 758 25.02 -6.42 72.77
N VAL A 769 24.88 -7.45 76.11
CA VAL A 769 24.07 -6.64 77.01
C VAL A 769 24.61 -6.68 78.45
N SER A 770 25.71 -5.95 78.67
CA SER A 770 26.31 -5.78 79.98
C SER A 770 26.22 -4.32 80.39
N GLN A 771 25.88 -4.07 81.65
CA GLN A 771 25.56 -2.72 82.12
C GLN A 771 26.79 -1.93 82.53
N THR A 772 27.98 -2.43 82.18
CA THR A 772 29.20 -1.65 82.31
C THR A 772 30.13 -1.74 81.11
N ALA A 773 29.93 -2.69 80.20
CA ALA A 773 30.79 -2.84 79.04
C ALA A 773 30.38 -1.93 77.89
N VAL A 774 29.27 -1.20 78.02
CA VAL A 774 28.86 -0.28 76.98
C VAL A 774 29.93 0.78 76.75
N GLN A 775 30.54 1.26 77.83
CA GLN A 775 31.58 2.28 77.67
C GLN A 775 32.75 1.76 76.85
N VAL A 776 33.22 0.55 77.15
CA VAL A 776 34.41 0.05 76.47
C VAL A 776 34.09 -0.35 75.04
N VAL A 777 32.91 -0.93 74.78
CA VAL A 777 32.56 -1.25 73.40
C VAL A 777 32.42 0.03 72.59
N ALA A 778 31.85 1.08 73.18
CA ALA A 778 31.77 2.36 72.48
C ALA A 778 33.17 2.90 72.21
N ASP A 779 34.06 2.83 73.19
CA ASP A 779 35.41 3.34 73.01
C ASP A 779 36.12 2.60 71.89
N VAL A 780 36.04 1.27 71.87
CA VAL A 780 36.72 0.57 70.81
C VAL A 780 36.11 0.92 69.46
N LEU A 781 34.79 0.77 69.29
CA LEU A 781 34.21 1.01 67.98
C LEU A 781 34.53 2.42 67.50
N SER A 782 34.62 3.37 68.43
CA SER A 782 35.06 4.71 68.06
C SER A 782 36.48 4.71 67.53
N LYS A 783 37.41 4.07 68.25
CA LYS A 783 38.80 4.09 67.81
C LYS A 783 38.99 3.34 66.49
N LEU A 784 38.32 2.20 66.33
CA LEU A 784 38.39 1.49 65.06
C LEU A 784 37.77 2.31 63.93
N LEU A 785 36.65 2.98 64.17
CA LEU A 785 36.11 3.85 63.14
C LEU A 785 37.09 4.95 62.78
N VAL A 786 37.72 5.54 63.80
CA VAL A 786 38.72 6.56 63.53
C VAL A 786 39.81 6.01 62.64
N VAL A 787 40.37 4.86 63.00
CA VAL A 787 41.46 4.30 62.22
C VAL A 787 41.00 3.93 60.83
N GLY A 788 39.75 3.45 60.70
CA GLY A 788 39.18 3.18 59.40
C GLY A 788 38.85 4.43 58.63
N ILE A 789 38.99 5.58 59.25
CA ILE A 789 38.92 6.84 58.53
C ILE A 789 40.31 7.37 58.19
N THR A 790 41.31 7.08 59.03
CA THR A 790 42.54 7.85 59.07
C THR A 790 43.80 7.08 58.67
N ASP A 791 43.73 6.16 57.74
CA ASP A 791 44.94 5.38 57.60
C ASP A 791 45.44 5.39 56.16
N PRO A 792 46.73 5.71 55.94
CA PRO A 792 47.26 5.89 54.59
C PRO A 792 47.17 4.68 53.67
N ASP A 793 47.36 3.46 54.20
CA ASP A 793 47.34 2.55 53.07
C ASP A 793 45.97 1.90 52.92
N PRO A 794 45.60 1.49 51.71
CA PRO A 794 44.26 0.93 51.49
C PRO A 794 44.03 -0.43 52.12
N ASP A 795 45.08 -1.12 52.57
CA ASP A 795 44.88 -2.45 53.15
C ASP A 795 44.03 -2.40 54.41
N ILE A 796 44.43 -1.57 55.37
CA ILE A 796 43.64 -1.45 56.59
C ILE A 796 42.28 -0.84 56.28
N ARG A 797 42.25 0.11 55.34
CA ARG A 797 40.99 0.63 54.83
C ARG A 797 40.00 -0.49 54.56
N TYR A 798 40.33 -1.34 53.60
CA TYR A 798 39.43 -2.40 53.17
C TYR A 798 39.16 -3.37 54.31
N CYS A 799 40.19 -3.71 55.07
CA CYS A 799 40.01 -4.67 56.16
C CYS A 799 38.96 -4.20 57.15
N VAL A 800 39.18 -3.05 57.77
CA VAL A 800 38.23 -2.60 58.79
C VAL A 800 36.87 -2.38 58.17
N LEU A 801 36.81 -1.77 56.98
CA LEU A 801 35.51 -1.49 56.40
C LEU A 801 34.73 -2.76 56.11
N ALA A 802 35.43 -3.85 55.82
CA ALA A 802 34.79 -5.16 55.70
C ALA A 802 34.37 -5.71 57.04
N SER A 803 35.13 -5.42 58.09
CA SER A 803 34.86 -5.99 59.39
C SER A 803 33.54 -5.52 59.99
N LEU A 804 32.89 -4.51 59.39
CA LEU A 804 31.62 -3.99 59.92
C LEU A 804 30.48 -4.81 59.34
N ASP A 805 29.90 -5.66 60.19
CA ASP A 805 28.87 -6.59 59.79
C ASP A 805 27.52 -6.13 60.37
N GLU A 806 26.49 -6.96 60.21
CA GLU A 806 25.20 -6.76 60.86
C GLU A 806 25.30 -6.84 62.37
N ARG A 807 26.28 -7.57 62.92
CA ARG A 807 26.35 -7.79 64.35
C ARG A 807 26.49 -6.50 65.14
N PHE A 808 26.91 -5.42 64.49
CA PHE A 808 27.12 -4.15 65.17
C PHE A 808 26.05 -3.13 64.85
N ASP A 809 24.94 -3.57 64.24
CA ASP A 809 24.00 -2.64 63.63
C ASP A 809 23.39 -1.69 64.66
N ALA A 810 23.21 -2.15 65.90
CA ALA A 810 22.56 -1.32 66.90
C ALA A 810 23.45 -0.20 67.42
N HIS A 811 24.77 -0.33 67.29
CA HIS A 811 25.65 0.75 67.71
C HIS A 811 26.39 1.42 66.56
N LEU A 812 26.02 1.13 65.32
CA LEU A 812 26.33 2.06 64.23
C LEU A 812 25.21 3.05 63.98
N ALA A 813 24.19 3.08 64.84
CA ALA A 813 23.05 3.95 64.67
C ALA A 813 23.20 5.28 65.39
N GLN A 814 24.32 5.50 66.07
CA GLN A 814 24.58 6.80 66.68
C GLN A 814 25.11 7.75 65.60
N ALA A 815 25.02 9.05 65.89
CA ALA A 815 25.24 10.06 64.87
C ALA A 815 26.68 10.06 64.35
N GLU A 816 27.64 10.29 65.24
CA GLU A 816 29.02 10.52 64.82
C GLU A 816 29.59 9.32 64.07
N ASN A 817 29.10 8.11 64.35
CA ASN A 817 29.56 6.94 63.62
C ASN A 817 29.30 7.09 62.13
N LEU A 818 28.02 7.19 61.76
CA LEU A 818 27.69 7.41 60.36
C LEU A 818 28.21 8.74 59.85
N GLN A 819 28.46 9.70 60.74
CA GLN A 819 29.14 10.92 60.32
C GLN A 819 30.49 10.62 59.71
N ALA A 820 31.33 9.87 60.43
CA ALA A 820 32.60 9.44 59.89
C ALA A 820 32.40 8.59 58.64
N LEU A 821 31.33 7.80 58.63
CA LEU A 821 31.06 6.97 57.46
C LEU A 821 30.84 7.81 56.20
N PHE A 822 30.09 8.91 56.32
CA PHE A 822 29.87 9.74 55.14
C PHE A 822 31.17 10.18 54.50
N VAL A 823 32.12 10.66 55.31
CA VAL A 823 33.43 11.00 54.76
C VAL A 823 34.07 9.75 54.16
N ALA A 824 33.88 8.60 54.81
CA ALA A 824 34.43 7.37 54.27
C ALA A 824 33.87 7.01 52.90
N LEU A 825 32.70 7.53 52.55
CA LEU A 825 32.09 7.17 51.26
C LEU A 825 33.00 7.49 50.09
N ASN A 826 33.66 8.64 50.11
CA ASN A 826 34.39 9.11 48.94
C ASN A 826 35.90 8.94 49.14
N ASP A 827 36.39 7.80 48.68
CA ASP A 827 37.82 7.52 48.63
C ASP A 827 38.26 7.33 47.19
N GLN A 828 39.58 7.24 46.98
CA GLN A 828 40.08 7.08 45.61
C GLN A 828 39.65 5.74 45.04
N VAL A 829 39.85 4.66 45.79
CA VAL A 829 39.75 3.33 45.24
C VAL A 829 38.31 2.83 45.30
N PHE A 830 37.89 2.18 44.22
CA PHE A 830 36.49 1.96 43.93
C PHE A 830 35.86 0.85 44.79
N GLU A 831 36.60 -0.22 45.04
CA GLU A 831 36.03 -1.32 45.82
C GLU A 831 35.69 -0.87 47.23
N ILE A 832 36.46 0.07 47.77
CA ILE A 832 36.11 0.64 49.07
C ILE A 832 34.81 1.42 48.98
N ARG A 833 34.60 2.15 47.88
CA ARG A 833 33.31 2.77 47.62
C ARG A 833 32.19 1.73 47.66
N GLU A 834 32.40 0.60 46.99
CA GLU A 834 31.39 -0.46 47.00
C GLU A 834 31.08 -0.91 48.42
N LEU A 835 32.10 -1.18 49.21
CA LEU A 835 31.86 -1.66 50.56
C LEU A 835 31.13 -0.63 51.39
N ALA A 836 31.55 0.63 51.31
CA ALA A 836 30.90 1.68 52.10
C ALA A 836 29.45 1.82 51.71
N ILE A 837 29.16 1.78 50.41
CA ILE A 837 27.77 1.98 50.01
C ILE A 837 26.93 0.78 50.43
N CYS A 838 27.49 -0.42 50.40
CA CYS A 838 26.73 -1.57 50.89
C CYS A 838 26.40 -1.41 52.37
N THR A 839 27.39 -0.98 53.16
CA THR A 839 27.15 -0.77 54.58
C THR A 839 26.07 0.27 54.81
N VAL A 840 26.16 1.40 54.11
CA VAL A 840 25.21 2.47 54.37
C VAL A 840 23.82 2.09 53.87
N GLY A 841 23.74 1.35 52.76
CA GLY A 841 22.46 0.85 52.31
C GLY A 841 21.82 -0.07 53.32
N ARG A 842 22.63 -0.92 53.95
CA ARG A 842 22.10 -1.72 55.06
C ARG A 842 21.60 -0.83 56.17
N LEU A 843 22.36 0.19 56.54
CA LEU A 843 21.96 1.10 57.61
C LEU A 843 20.75 1.94 57.26
N SER A 844 20.41 2.06 55.98
CA SER A 844 19.43 3.02 55.51
C SER A 844 18.05 2.87 56.14
N SER A 845 17.52 1.65 56.22
CA SER A 845 16.10 1.46 56.50
C SER A 845 15.69 1.85 57.92
N MET A 846 16.63 2.02 58.85
CA MET A 846 16.21 2.26 60.22
C MET A 846 16.18 3.74 60.62
N ASN A 847 17.04 4.57 60.05
CA ASN A 847 17.07 6.00 60.41
C ASN A 847 17.38 6.84 59.19
N PRO A 848 16.37 7.17 58.39
CA PRO A 848 16.61 8.01 57.21
C PRO A 848 17.13 9.38 57.55
N ALA A 849 16.80 9.88 58.74
CA ALA A 849 16.99 11.29 59.08
C ALA A 849 18.42 11.74 58.86
N PHE A 850 19.38 10.82 58.98
CA PHE A 850 20.75 11.17 58.63
C PHE A 850 21.16 10.58 57.30
N VAL A 851 20.77 9.33 57.04
CA VAL A 851 21.37 8.62 55.92
C VAL A 851 20.86 9.09 54.56
N MET A 852 19.57 9.38 54.41
CA MET A 852 19.01 9.43 53.07
C MET A 852 19.49 10.61 52.23
N PRO A 853 19.65 11.83 52.76
CA PRO A 853 19.92 12.94 51.83
C PRO A 853 21.12 12.66 50.96
N PHE A 854 22.16 12.07 51.54
CA PHE A 854 23.25 11.57 50.72
C PHE A 854 22.76 10.49 49.76
N LEU A 855 21.87 9.61 50.19
CA LEU A 855 21.41 8.56 49.29
C LEU A 855 20.85 9.18 48.01
N ARG A 856 19.97 10.16 48.17
CA ARG A 856 19.41 10.85 47.01
C ARG A 856 20.51 11.49 46.19
N LYS A 857 21.41 12.23 46.86
CA LYS A 857 22.47 12.91 46.13
C LYS A 857 23.29 11.93 45.32
N MET A 858 23.81 10.87 45.95
CA MET A 858 24.53 9.88 45.18
C MET A 858 23.71 9.37 44.01
N LEU A 859 22.57 8.72 44.26
CA LEU A 859 21.94 8.02 43.13
C LEU A 859 21.69 8.98 41.97
N ILE A 860 21.42 10.24 42.26
CA ILE A 860 21.45 11.25 41.20
C ILE A 860 22.80 11.24 40.50
N GLN A 861 23.89 11.26 41.26
CA GLN A 861 25.18 11.36 40.60
C GLN A 861 25.53 10.09 39.84
N ILE A 862 25.16 8.93 40.38
CA ILE A 862 25.38 7.68 39.66
C ILE A 862 24.62 7.67 38.33
N LEU A 863 23.36 8.09 38.31
CA LEU A 863 22.66 8.06 37.03
C LEU A 863 23.18 9.12 36.05
N THR A 864 23.48 10.32 36.56
CA THR A 864 24.12 11.33 35.73
C THR A 864 25.41 10.80 35.14
N GLU A 865 26.20 10.14 35.98
CA GLU A 865 27.38 9.40 35.56
C GLU A 865 27.05 8.45 34.43
N LEU A 866 25.97 7.69 34.58
CA LEU A 866 25.63 6.66 33.60
C LEU A 866 25.44 7.27 32.21
N GLU A 867 24.58 8.28 32.10
CA GLU A 867 24.33 8.74 30.73
C GLU A 867 25.47 9.58 30.20
N HIS A 868 26.02 10.46 31.02
CA HIS A 868 26.86 11.53 30.48
C HIS A 868 28.32 11.11 30.35
N SER A 869 28.85 10.41 31.35
CA SER A 869 30.25 10.05 31.34
C SER A 869 30.50 9.00 30.27
N GLY A 870 30.99 9.44 29.11
CA GLY A 870 31.21 8.54 28.00
C GLY A 870 32.53 7.80 28.09
N ILE A 871 32.79 7.15 29.22
CA ILE A 871 33.98 6.34 29.41
C ILE A 871 33.55 5.01 30.02
N GLY A 872 34.03 3.91 29.44
CA GLY A 872 33.55 2.60 29.84
C GLY A 872 33.81 2.26 31.29
N ARG A 873 35.00 2.58 31.81
CA ARG A 873 35.33 2.20 33.18
C ARG A 873 34.39 2.86 34.17
N ILE A 874 34.12 4.15 33.98
CA ILE A 874 33.17 4.84 34.82
C ILE A 874 31.77 4.25 34.68
N LYS A 875 31.36 3.89 33.46
CA LYS A 875 30.04 3.27 33.30
C LYS A 875 29.93 1.99 34.09
N GLU A 876 30.94 1.13 33.98
CA GLU A 876 30.95 -0.12 34.74
C GLU A 876 30.87 0.14 36.24
N GLN A 877 31.68 1.10 36.71
CA GLN A 877 31.71 1.38 38.13
C GLN A 877 30.35 1.87 38.62
N SER A 878 29.72 2.77 37.86
CA SER A 878 28.40 3.25 38.22
C SER A 878 27.38 2.11 38.24
N ALA A 879 27.45 1.21 37.26
CA ALA A 879 26.52 0.09 37.25
C ALA A 879 26.69 -0.76 38.50
N ARG A 880 27.92 -0.98 38.93
CA ARG A 880 28.13 -1.86 40.08
C ARG A 880 27.68 -1.19 41.37
N MET A 881 27.92 0.11 41.50
CA MET A 881 27.24 0.86 42.57
C MET A 881 25.74 0.62 42.54
N LEU A 882 25.14 0.74 41.36
CA LEU A 882 23.69 0.61 41.27
C LEU A 882 23.23 -0.75 41.76
N GLY A 883 23.93 -1.80 41.34
CA GLY A 883 23.57 -3.13 41.79
C GLY A 883 23.68 -3.28 43.30
N HIS A 884 24.79 -2.85 43.88
CA HIS A 884 24.94 -3.00 45.32
C HIS A 884 23.88 -2.20 46.08
N LEU A 885 23.57 -1.00 45.62
CA LEU A 885 22.59 -0.21 46.35
C LEU A 885 21.19 -0.80 46.24
N VAL A 886 20.82 -1.28 45.05
CA VAL A 886 19.52 -1.93 44.94
C VAL A 886 19.44 -3.16 45.81
N SER A 887 20.52 -3.94 45.89
CA SER A 887 20.54 -5.09 46.79
C SER A 887 20.43 -4.70 48.26
N ASN A 888 21.13 -3.65 48.69
CA ASN A 888 21.29 -3.37 50.10
C ASN A 888 20.08 -2.70 50.72
N ALA A 889 19.32 -1.92 49.96
CA ALA A 889 18.16 -1.18 50.47
C ALA A 889 16.93 -1.66 49.72
N PRO A 890 16.13 -2.49 50.34
CA PRO A 890 15.02 -3.13 49.62
C PRO A 890 13.87 -2.20 49.34
N ARG A 891 13.45 -1.42 50.34
CA ARG A 891 12.18 -0.72 50.22
C ARG A 891 12.34 0.70 49.70
N LEU A 892 13.42 1.38 50.09
CA LEU A 892 13.57 2.80 49.75
C LEU A 892 13.64 3.03 48.25
N ILE A 893 14.00 2.02 47.47
CA ILE A 893 14.29 2.21 46.06
C ILE A 893 13.09 1.92 45.18
N ARG A 894 12.04 1.29 45.72
CA ARG A 894 10.85 1.07 44.92
C ARG A 894 10.27 2.31 44.26
N PRO A 895 10.15 3.47 44.93
CA PRO A 895 9.50 4.62 44.26
C PRO A 895 10.23 5.15 43.04
N TYR A 896 11.51 4.82 42.84
CA TYR A 896 12.27 5.39 41.73
C TYR A 896 12.51 4.39 40.61
N MET A 897 11.57 3.49 40.35
CA MET A 897 11.85 2.42 39.41
C MET A 897 12.00 2.92 37.98
N GLU A 898 10.98 3.61 37.46
CA GLU A 898 10.91 3.85 36.02
C GLU A 898 12.12 4.58 35.46
N PRO A 899 12.67 5.62 36.11
CA PRO A 899 13.89 6.20 35.53
C PRO A 899 15.06 5.23 35.51
N ILE A 900 15.21 4.43 36.56
CA ILE A 900 16.29 3.45 36.58
C ILE A 900 16.16 2.49 35.41
N LEU A 901 14.98 1.89 35.25
CA LEU A 901 14.81 0.92 34.18
C LEU A 901 14.98 1.58 32.82
N LYS A 902 14.49 2.81 32.64
CA LYS A 902 14.62 3.47 31.35
C LYS A 902 16.08 3.69 31.00
N ALA A 903 16.85 4.24 31.94
CA ALA A 903 18.28 4.43 31.68
C ALA A 903 18.95 3.10 31.36
N LEU A 904 18.60 2.06 32.10
CA LEU A 904 19.35 0.82 31.98
C LEU A 904 19.05 0.15 30.64
N ILE A 905 17.78 0.11 30.24
CA ILE A 905 17.41 -0.47 28.95
C ILE A 905 17.98 0.37 27.81
N LEU A 906 18.03 1.69 27.98
CA LEU A 906 18.73 2.50 27.00
C LEU A 906 20.19 2.10 26.88
N LYS A 907 20.82 1.74 27.99
CA LYS A 907 22.19 1.23 27.90
C LYS A 907 22.26 -0.10 27.16
N LEU A 908 21.28 -0.97 27.33
CA LEU A 908 21.34 -2.24 26.62
C LEU A 908 21.26 -2.12 25.11
N LYS A 909 20.48 -1.17 24.57
CA LYS A 909 20.32 -1.04 23.14
C LYS A 909 21.37 -0.11 22.53
N ASP A 910 22.56 -0.08 23.10
CA ASP A 910 23.62 0.82 22.66
C ASP A 910 24.01 0.54 21.22
N PRO A 911 23.92 1.55 20.34
CA PRO A 911 24.36 1.41 18.95
C PRO A 911 25.87 1.59 18.80
N ASN A 916 34.56 -4.59 25.58
CA ASN A 916 33.98 -3.91 26.72
C ASN A 916 32.71 -4.58 27.26
N PRO A 917 32.79 -5.86 27.61
CA PRO A 917 31.60 -6.61 27.98
C PRO A 917 31.17 -6.47 29.43
N GLY A 918 32.06 -5.98 30.31
CA GLY A 918 31.74 -5.93 31.72
C GLY A 918 30.49 -5.11 32.00
N VAL A 919 30.32 -4.01 31.28
CA VAL A 919 29.12 -3.20 31.45
C VAL A 919 27.87 -4.01 31.18
N ILE A 920 27.92 -4.91 30.20
CA ILE A 920 26.72 -5.65 29.83
C ILE A 920 26.33 -6.66 30.90
N ASN A 921 27.29 -7.41 31.43
CA ASN A 921 26.90 -8.35 32.47
C ASN A 921 26.52 -7.61 33.76
N ASN A 922 27.15 -6.47 34.03
CA ASN A 922 26.76 -5.70 35.20
C ASN A 922 25.32 -5.19 35.07
N VAL A 923 24.99 -4.63 33.91
CA VAL A 923 23.62 -4.15 33.71
C VAL A 923 22.63 -5.29 33.79
N LEU A 924 22.97 -6.46 33.28
CA LEU A 924 22.04 -7.58 33.39
C LEU A 924 21.84 -8.00 34.84
N ALA A 925 22.91 -8.08 35.62
CA ALA A 925 22.76 -8.44 37.03
C ALA A 925 21.90 -7.42 37.76
N THR A 926 22.12 -6.14 37.49
CA THR A 926 21.31 -5.10 38.11
C THR A 926 19.84 -5.27 37.74
N ILE A 927 19.56 -5.47 36.45
CA ILE A 927 18.17 -5.59 36.03
C ILE A 927 17.51 -6.81 36.66
N GLY A 928 18.25 -7.89 36.83
CA GLY A 928 17.72 -9.02 37.57
C GLY A 928 17.36 -8.64 38.99
N GLU A 929 18.24 -7.87 39.66
CA GLU A 929 17.92 -7.46 41.02
C GLU A 929 16.67 -6.58 41.05
N LEU A 930 16.53 -5.68 40.08
CA LEU A 930 15.33 -4.85 39.99
C LEU A 930 14.08 -5.72 39.77
N ALA A 931 14.20 -6.77 38.97
CA ALA A 931 13.10 -7.71 38.89
C ALA A 931 12.80 -8.31 40.26
N GLN A 932 13.84 -8.63 41.02
CA GLN A 932 13.62 -9.18 42.36
C GLN A 932 12.84 -8.23 43.25
N VAL A 933 13.21 -6.95 43.28
CA VAL A 933 12.64 -6.05 44.27
C VAL A 933 11.17 -5.77 43.96
N SER A 934 10.82 -5.62 42.69
CA SER A 934 9.50 -5.16 42.29
C SER A 934 8.73 -6.32 41.66
N GLY A 935 7.54 -6.58 42.21
CA GLY A 935 6.62 -7.54 41.62
C GLY A 935 5.59 -6.80 40.79
N LEU A 936 5.30 -7.36 39.62
CA LEU A 936 4.29 -6.91 38.65
C LEU A 936 4.52 -5.49 38.18
N GLU A 937 5.62 -4.84 38.57
CA GLU A 937 5.85 -3.47 38.18
C GLU A 937 6.67 -3.36 36.90
N MET A 938 7.15 -4.47 36.36
CA MET A 938 7.75 -4.48 35.03
C MET A 938 6.79 -5.02 33.99
N ARG A 939 5.48 -4.95 34.23
CA ARG A 939 4.52 -5.49 33.28
C ARG A 939 4.63 -4.81 31.92
N LYS A 940 4.95 -3.52 31.89
CA LYS A 940 5.03 -2.81 30.63
C LYS A 940 6.41 -2.90 29.99
N TRP A 941 7.37 -3.59 30.60
CA TRP A 941 8.72 -3.64 30.06
C TRP A 941 9.22 -5.04 29.75
N VAL A 942 8.40 -6.08 29.92
CA VAL A 942 8.88 -7.44 29.73
C VAL A 942 9.26 -7.72 28.27
N ASP A 943 8.50 -7.18 27.32
CA ASP A 943 8.67 -7.58 25.93
C ASP A 943 10.05 -7.23 25.40
N GLU A 944 10.49 -6.00 25.66
CA GLU A 944 11.79 -5.56 25.17
C GLU A 944 12.92 -6.35 25.81
N LEU A 945 12.80 -6.64 27.11
CA LEU A 945 13.81 -7.45 27.76
C LEU A 945 13.89 -8.83 27.13
N PHE A 946 12.73 -9.45 26.88
CA PHE A 946 12.74 -10.76 26.23
C PHE A 946 13.42 -10.70 24.88
N ILE A 947 13.02 -9.74 24.04
CA ILE A 947 13.56 -9.75 22.69
C ILE A 947 15.06 -9.49 22.72
N ILE A 948 15.52 -8.54 23.53
CA ILE A 948 16.94 -8.23 23.54
C ILE A 948 17.73 -9.41 24.08
N ILE A 949 17.23 -10.06 25.14
CA ILE A 949 18.05 -11.10 25.73
C ILE A 949 18.06 -12.35 24.87
N MET A 950 16.96 -12.66 24.18
CA MET A 950 17.03 -13.71 23.18
C MET A 950 18.03 -13.35 22.09
N ASP A 951 18.06 -12.07 21.70
CA ASP A 951 19.03 -11.67 20.69
C ASP A 951 20.46 -11.95 21.13
N MET A 952 20.79 -11.70 22.40
CA MET A 952 22.12 -12.13 22.81
C MET A 952 22.22 -13.64 22.99
N LEU A 953 21.11 -14.31 23.30
CA LEU A 953 21.14 -15.76 23.44
C LEU A 953 21.09 -16.46 22.08
N GLN A 954 19.98 -16.30 21.37
CA GLN A 954 19.90 -16.85 20.03
C GLN A 954 20.98 -16.22 19.17
N ASP A 955 21.70 -17.08 18.45
CA ASP A 955 22.92 -16.67 17.75
C ASP A 955 23.86 -15.96 18.72
N SER A 956 24.26 -16.68 19.76
CA SER A 956 25.17 -16.14 20.76
C SER A 956 26.54 -15.97 20.11
N SER A 957 26.81 -14.76 19.63
CA SER A 957 28.05 -14.49 18.90
C SER A 957 29.28 -14.74 19.75
N LEU A 958 29.26 -14.35 21.01
CA LEU A 958 30.37 -14.57 21.92
C LEU A 958 29.93 -15.48 23.06
N LEU A 959 30.84 -16.37 23.46
CA LEU A 959 30.62 -17.22 24.63
C LEU A 959 30.93 -16.44 25.91
N ALA A 960 30.22 -15.31 26.05
CA ALA A 960 30.38 -14.41 27.17
C ALA A 960 29.71 -15.00 28.40
N LYS A 961 29.50 -14.16 29.41
CA LYS A 961 28.87 -14.64 30.64
C LYS A 961 27.42 -14.98 30.34
N ARG A 962 27.21 -16.16 29.77
CA ARG A 962 25.89 -16.62 29.40
C ARG A 962 25.07 -17.05 30.60
N GLN A 963 25.72 -17.61 31.62
CA GLN A 963 24.99 -18.11 32.77
C GLN A 963 24.23 -17.00 33.49
N VAL A 964 24.83 -15.81 33.60
CA VAL A 964 24.15 -14.74 34.30
C VAL A 964 22.93 -14.29 33.51
N ALA A 965 23.00 -14.31 32.18
CA ALA A 965 21.82 -13.97 31.38
C ALA A 965 20.68 -14.95 31.61
N LEU A 966 20.99 -16.23 31.64
CA LEU A 966 19.97 -17.22 31.93
C LEU A 966 19.40 -17.02 33.33
N TRP A 967 20.26 -16.71 34.29
CA TRP A 967 19.76 -16.47 35.64
C TRP A 967 18.85 -15.25 35.67
N THR A 968 19.16 -14.25 34.85
CA THR A 968 18.29 -13.09 34.73
C THR A 968 16.93 -13.49 34.18
N LEU A 969 16.90 -14.31 33.13
CA LEU A 969 15.62 -14.80 32.62
C LEU A 969 14.86 -15.52 33.71
N GLY A 970 15.51 -16.47 34.38
CA GLY A 970 14.84 -17.22 35.43
C GLY A 970 14.27 -16.34 36.50
N GLN A 971 15.03 -15.36 36.96
CA GLN A 971 14.53 -14.45 37.97
C GLN A 971 13.36 -13.61 37.48
N LEU A 972 13.42 -13.14 36.24
CA LEU A 972 12.45 -12.18 35.72
C LEU A 972 11.06 -12.78 35.57
N VAL A 973 10.94 -13.95 34.95
CA VAL A 973 9.64 -14.57 34.74
C VAL A 973 8.99 -15.02 36.03
N ALA A 974 9.74 -15.61 36.96
CA ALA A 974 9.18 -16.20 38.17
C ALA A 974 8.49 -15.18 39.05
N SER A 975 8.88 -13.92 38.97
CA SER A 975 8.24 -12.85 39.73
C SER A 975 7.20 -12.10 38.91
N THR A 976 7.41 -11.99 37.60
CA THR A 976 6.48 -11.27 36.75
C THR A 976 5.13 -11.99 36.68
N GLY A 977 5.14 -13.31 36.67
CA GLY A 977 3.92 -14.06 36.47
C GLY A 977 3.64 -14.27 35.00
N TYR A 978 4.70 -14.16 34.20
CA TYR A 978 4.61 -14.35 32.76
C TYR A 978 4.95 -15.82 32.53
N VAL A 979 3.98 -16.59 32.04
CA VAL A 979 4.02 -18.02 32.24
C VAL A 979 4.15 -18.87 30.97
N VAL A 980 3.23 -18.71 30.00
CA VAL A 980 3.16 -19.64 28.89
C VAL A 980 3.17 -18.95 27.53
N GLU A 981 2.89 -17.65 27.48
CA GLU A 981 2.84 -16.96 26.20
C GLU A 981 4.11 -17.04 25.36
N PRO A 982 5.32 -16.95 25.94
CA PRO A 982 6.52 -16.86 25.09
C PRO A 982 6.70 -18.02 24.10
N TYR A 983 6.12 -19.19 24.36
CA TYR A 983 6.33 -20.32 23.47
C TYR A 983 5.83 -20.04 22.06
N ARG A 984 4.68 -19.39 21.91
CA ARG A 984 4.31 -18.89 20.60
C ARG A 984 4.82 -17.48 20.35
N LYS A 985 4.91 -16.65 21.39
CA LYS A 985 5.45 -15.31 21.20
C LYS A 985 6.91 -15.37 20.77
N TYR A 986 7.60 -16.47 21.03
CA TYR A 986 8.95 -16.69 20.55
C TYR A 986 9.06 -18.18 20.23
N PRO A 987 8.63 -18.59 19.04
CA PRO A 987 8.52 -20.02 18.73
C PRO A 987 9.82 -20.79 18.78
N THR A 988 10.97 -20.12 18.68
CA THR A 988 12.25 -20.81 18.67
C THR A 988 12.79 -21.08 20.06
N LEU A 989 11.98 -20.87 21.09
CA LEU A 989 12.48 -20.83 22.45
C LEU A 989 12.96 -22.19 22.95
N LEU A 990 12.15 -23.23 22.78
CA LEU A 990 12.45 -24.51 23.41
C LEU A 990 13.73 -25.13 22.86
N GLU A 991 13.97 -24.98 21.57
CA GLU A 991 15.12 -25.63 20.96
C GLU A 991 16.42 -25.10 21.55
N VAL A 992 16.57 -23.78 21.60
CA VAL A 992 17.75 -23.21 22.22
C VAL A 992 17.73 -23.40 23.72
N LEU A 993 16.55 -23.59 24.31
CA LEU A 993 16.48 -23.96 25.72
C LEU A 993 17.15 -25.30 25.97
N LEU A 994 16.92 -26.27 25.09
CA LEU A 994 17.39 -27.63 25.33
C LEU A 994 18.78 -27.88 24.77
N ASN A 995 19.20 -27.11 23.76
CA ASN A 995 20.48 -27.38 23.11
C ASN A 995 21.63 -27.31 24.09
N PHE A 996 21.58 -26.39 25.05
CA PHE A 996 22.68 -26.22 25.99
C PHE A 996 22.90 -27.44 26.86
N LEU A 997 21.88 -28.27 27.05
CA LEU A 997 22.02 -29.45 27.90
C LEU A 997 23.01 -30.45 27.33
N LYS A 998 23.21 -30.46 26.01
CA LYS A 998 24.18 -31.35 25.40
C LYS A 998 25.45 -30.66 24.94
N THR A 999 25.50 -29.33 24.99
CA THR A 999 26.68 -28.58 24.57
C THR A 999 27.45 -27.99 25.74
N GLU A 1000 26.79 -27.17 26.55
CA GLU A 1000 27.44 -26.62 27.73
C GLU A 1000 27.29 -27.56 28.91
N GLN A 1001 28.33 -27.58 29.75
CA GLN A 1001 28.45 -28.56 30.81
C GLN A 1001 28.58 -27.98 32.21
N ASN A 1002 28.84 -26.68 32.34
CA ASN A 1002 29.02 -26.10 33.67
C ASN A 1002 27.77 -26.33 34.50
N GLN A 1003 27.96 -26.91 35.68
CA GLN A 1003 26.84 -27.44 36.44
C GLN A 1003 25.83 -26.35 36.80
N GLY A 1004 26.31 -25.18 37.23
CA GLY A 1004 25.39 -24.10 37.57
C GLY A 1004 24.56 -23.66 36.38
N THR A 1005 25.17 -23.59 35.20
CA THR A 1005 24.42 -23.23 34.00
C THR A 1005 23.31 -24.23 33.73
N ARG A 1006 23.61 -25.53 33.88
CA ARG A 1006 22.59 -26.54 33.63
C ARG A 1006 21.47 -26.46 34.66
N ARG A 1007 21.82 -26.24 35.93
CA ARG A 1007 20.80 -26.07 36.95
C ARG A 1007 19.91 -24.89 36.64
N GLU A 1008 20.50 -23.78 36.22
CA GLU A 1008 19.70 -22.62 35.84
C GLU A 1008 18.80 -22.92 34.66
N ALA A 1009 19.31 -23.65 33.67
CA ALA A 1009 18.50 -23.97 32.51
C ALA A 1009 17.27 -24.79 32.91
N ILE A 1010 17.50 -25.86 33.68
CA ILE A 1010 16.37 -26.68 34.08
C ILE A 1010 15.44 -25.92 35.00
N ARG A 1011 15.96 -25.01 35.81
CA ARG A 1011 15.10 -24.15 36.61
C ARG A 1011 14.20 -23.31 35.72
N VAL A 1012 14.77 -22.74 34.66
CA VAL A 1012 13.95 -21.96 33.74
C VAL A 1012 12.86 -22.83 33.14
N LEU A 1013 13.23 -24.03 32.70
CA LEU A 1013 12.24 -24.92 32.10
C LEU A 1013 11.12 -25.22 33.09
N GLY A 1014 11.48 -25.52 34.34
CA GLY A 1014 10.47 -25.80 35.34
C GLY A 1014 9.55 -24.63 35.60
N LEU A 1015 10.11 -23.44 35.77
CA LEU A 1015 9.26 -22.27 36.00
C LEU A 1015 8.33 -22.02 34.83
N LEU A 1016 8.83 -22.12 33.60
CA LEU A 1016 7.92 -22.04 32.46
C LEU A 1016 6.94 -23.19 32.55
N GLY A 1017 7.43 -24.41 32.44
CA GLY A 1017 6.69 -25.56 32.94
C GLY A 1017 5.84 -26.36 31.97
N ALA A 1018 6.37 -27.51 31.56
CA ALA A 1018 5.59 -28.64 31.05
C ALA A 1018 4.52 -28.23 30.05
N LEU A 1019 4.97 -27.75 28.90
CA LEU A 1019 4.07 -27.62 27.76
C LEU A 1019 3.80 -28.98 27.16
N ASP A 1020 2.53 -29.35 27.07
CA ASP A 1020 2.18 -30.63 26.49
C ASP A 1020 2.59 -30.67 25.02
N PRO A 1021 3.16 -31.79 24.56
CA PRO A 1021 3.79 -31.80 23.24
C PRO A 1021 2.85 -31.45 22.11
N TYR A 1022 1.54 -31.65 22.28
CA TYR A 1022 0.64 -31.34 21.19
C TYR A 1022 0.73 -29.88 20.79
N LYS A 1023 0.68 -28.97 21.76
CA LYS A 1023 0.85 -27.56 21.45
C LYS A 1023 2.24 -27.27 20.95
N HIS A 1024 3.24 -28.03 21.41
CA HIS A 1024 4.60 -27.81 20.92
C HIS A 1024 4.69 -28.08 19.43
N LYS A 1025 4.03 -29.13 18.95
CA LYS A 1025 3.96 -29.34 17.51
C LYS A 1025 3.06 -28.32 16.82
N VAL A 1026 1.95 -27.94 17.45
CA VAL A 1026 1.05 -26.96 16.83
C VAL A 1026 1.79 -25.67 16.54
N ASN A 1027 2.58 -25.20 17.50
CA ASN A 1027 3.39 -24.02 17.27
C ASN A 1027 4.67 -24.34 16.52
N ILE A 1028 4.93 -25.61 16.23
CA ILE A 1028 6.11 -26.04 15.49
C ILE A 1028 7.37 -25.63 16.23
N SER A 1052 14.82 -32.61 -6.21
CA SER A 1052 14.16 -33.40 -5.17
C SER A 1052 15.01 -34.59 -4.75
N ASP A 1053 15.06 -34.84 -3.44
CA ASP A 1053 15.82 -35.96 -2.89
C ASP A 1053 14.98 -37.23 -2.81
N TYR A 1054 13.67 -37.14 -3.04
CA TYR A 1054 12.79 -38.30 -3.03
C TYR A 1054 13.22 -39.35 -4.04
N SER A 1055 13.37 -38.94 -5.31
CA SER A 1055 13.80 -39.88 -6.34
C SER A 1055 15.22 -40.37 -6.08
N THR A 1056 16.09 -39.50 -5.58
CA THR A 1056 17.43 -39.96 -5.22
C THR A 1056 17.38 -40.98 -4.09
N SER A 1057 16.49 -40.78 -3.12
CA SER A 1057 16.33 -41.77 -2.07
C SER A 1057 15.88 -43.11 -2.63
N GLU A 1058 14.92 -43.09 -3.57
CA GLU A 1058 14.53 -44.34 -4.22
C GLU A 1058 15.67 -44.93 -5.02
N MET A 1059 16.56 -44.10 -5.55
CA MET A 1059 17.75 -44.61 -6.22
C MET A 1059 18.68 -45.30 -5.23
N LEU A 1060 18.73 -44.79 -3.99
CA LEU A 1060 19.55 -45.43 -2.97
C LEU A 1060 19.03 -46.81 -2.61
N VAL A 1061 17.77 -47.12 -2.93
CA VAL A 1061 17.22 -48.45 -2.70
C VAL A 1061 16.98 -49.21 -4.00
N ASN A 1062 17.13 -48.55 -5.16
CA ASN A 1062 16.87 -49.14 -6.47
C ASN A 1062 15.44 -49.69 -6.55
N MET A 1063 14.49 -48.76 -6.40
CA MET A 1063 13.10 -49.12 -6.55
C MET A 1063 12.81 -49.57 -7.98
N GLY A 1064 13.46 -48.94 -8.96
CA GLY A 1064 13.30 -49.30 -10.36
C GLY A 1064 13.89 -50.64 -10.74
N ASN A 1065 14.62 -51.29 -9.82
CA ASN A 1065 15.17 -52.62 -10.04
C ASN A 1065 16.14 -52.64 -11.22
N LEU A 1066 17.04 -51.67 -11.26
CA LEU A 1066 18.07 -51.63 -12.27
C LEU A 1066 19.09 -52.74 -12.01
N PRO A 1067 19.67 -53.31 -13.07
CA PRO A 1067 20.80 -54.22 -12.87
C PRO A 1067 21.99 -53.48 -12.28
N LEU A 1068 22.80 -54.23 -11.51
CA LEU A 1068 23.90 -53.64 -10.77
C LEU A 1068 24.87 -52.85 -11.65
N ASP A 1069 25.04 -53.25 -12.91
CA ASP A 1069 26.01 -52.58 -13.77
C ASP A 1069 25.67 -51.10 -13.94
N GLU A 1070 24.39 -50.80 -14.20
CA GLU A 1070 23.94 -49.43 -14.37
C GLU A 1070 23.59 -48.78 -13.04
N PHE A 1071 23.91 -49.44 -11.94
CA PHE A 1071 23.61 -48.95 -10.61
C PHE A 1071 24.79 -48.26 -9.94
N TYR A 1072 25.98 -48.85 -10.02
CA TYR A 1072 27.17 -48.19 -9.48
C TYR A 1072 27.37 -46.79 -10.02
N PRO A 1073 27.25 -46.52 -11.32
CA PRO A 1073 27.44 -45.14 -11.78
C PRO A 1073 26.53 -44.15 -11.07
N ALA A 1074 25.27 -44.51 -10.88
CA ALA A 1074 24.32 -43.56 -10.27
C ALA A 1074 24.73 -43.22 -8.86
N VAL A 1075 25.05 -44.23 -8.04
CA VAL A 1075 25.37 -43.96 -6.66
C VAL A 1075 26.70 -43.23 -6.53
N SER A 1076 27.71 -43.62 -7.32
CA SER A 1076 28.97 -42.90 -7.28
C SER A 1076 28.77 -41.45 -7.67
N MET A 1077 27.94 -41.21 -8.69
CA MET A 1077 27.66 -39.85 -9.13
C MET A 1077 26.99 -39.03 -8.03
N VAL A 1078 25.95 -39.59 -7.40
CA VAL A 1078 25.26 -38.84 -6.36
C VAL A 1078 26.20 -38.54 -5.21
N ALA A 1079 27.05 -39.50 -4.86
CA ALA A 1079 28.08 -39.25 -3.86
C ALA A 1079 28.93 -38.05 -4.24
N LEU A 1080 29.44 -38.03 -5.46
CA LEU A 1080 30.32 -36.94 -5.88
C LEU A 1080 29.59 -35.61 -5.87
N MET A 1081 28.35 -35.59 -6.37
CA MET A 1081 27.57 -34.36 -6.37
C MET A 1081 27.27 -33.88 -4.96
N ARG A 1082 27.20 -34.79 -3.99
CA ARG A 1082 26.89 -34.34 -2.65
C ARG A 1082 28.00 -33.45 -2.09
N ILE A 1083 29.25 -33.80 -2.35
CA ILE A 1083 30.34 -32.94 -1.89
C ILE A 1083 30.59 -31.80 -2.86
N PHE A 1084 30.24 -31.96 -4.13
CA PHE A 1084 30.48 -30.92 -5.12
C PHE A 1084 29.50 -29.76 -4.99
N ARG A 1085 28.28 -30.02 -4.52
CA ARG A 1085 27.29 -28.98 -4.32
C ARG A 1085 27.60 -28.10 -3.12
N ASP A 1086 28.17 -28.68 -2.07
CA ASP A 1086 28.45 -27.93 -0.85
C ASP A 1086 29.63 -27.00 -1.05
N GLN A 1087 29.38 -25.71 -0.84
CA GLN A 1087 30.41 -24.70 -0.99
C GLN A 1087 31.34 -24.60 0.22
N SER A 1088 30.96 -25.22 1.35
CA SER A 1088 31.80 -25.15 2.54
C SER A 1088 33.16 -25.80 2.29
N LEU A 1089 33.19 -26.94 1.63
CA LEU A 1089 34.43 -27.60 1.27
C LEU A 1089 34.55 -27.63 -0.24
N SER A 1090 35.06 -26.52 -0.79
CA SER A 1090 35.31 -26.39 -2.21
C SER A 1090 36.78 -26.63 -2.54
N HIS A 1091 37.44 -27.50 -1.77
CA HIS A 1091 38.88 -27.68 -1.83
C HIS A 1091 39.33 -28.72 -2.84
N HIS A 1092 38.66 -29.88 -2.88
CA HIS A 1092 39.17 -31.04 -3.59
C HIS A 1092 38.50 -31.26 -4.94
N HIS A 1093 38.16 -30.16 -5.62
CA HIS A 1093 37.27 -30.27 -6.76
C HIS A 1093 37.96 -30.82 -8.01
N THR A 1094 39.27 -30.62 -8.14
CA THR A 1094 39.96 -31.06 -9.35
C THR A 1094 39.85 -32.57 -9.52
N MET A 1095 40.14 -33.32 -8.45
CA MET A 1095 40.07 -34.77 -8.55
C MET A 1095 38.65 -35.27 -8.77
N VAL A 1096 37.64 -34.65 -8.15
CA VAL A 1096 36.29 -35.13 -8.37
C VAL A 1096 35.86 -34.87 -9.80
N VAL A 1097 36.24 -33.72 -10.37
CA VAL A 1097 35.81 -33.44 -11.74
C VAL A 1097 36.53 -34.35 -12.73
N GLN A 1098 37.83 -34.59 -12.51
CA GLN A 1098 38.51 -35.52 -13.39
C GLN A 1098 37.96 -36.93 -13.25
N ALA A 1099 37.55 -37.31 -12.04
CA ALA A 1099 36.85 -38.58 -11.89
C ALA A 1099 35.56 -38.59 -12.69
N ILE A 1100 34.83 -37.47 -12.69
CA ILE A 1100 33.58 -37.39 -13.43
C ILE A 1100 33.83 -37.62 -14.92
N THR A 1101 34.82 -36.92 -15.47
CA THR A 1101 35.06 -37.08 -16.91
C THR A 1101 35.58 -38.48 -17.21
N PHE A 1102 36.31 -39.09 -16.28
CA PHE A 1102 36.68 -40.49 -16.42
C PHE A 1102 35.44 -41.37 -16.50
N ILE A 1103 34.46 -41.12 -15.63
CA ILE A 1103 33.21 -41.87 -15.67
C ILE A 1103 32.56 -41.73 -17.02
N PHE A 1104 32.52 -40.51 -17.53
CA PHE A 1104 31.78 -40.26 -18.76
C PHE A 1104 32.47 -40.87 -19.97
N LYS A 1105 33.80 -40.90 -19.99
CA LYS A 1105 34.46 -41.64 -21.07
C LYS A 1105 34.31 -43.14 -20.87
N SER A 1106 34.17 -43.58 -19.63
CA SER A 1106 34.01 -45.01 -19.35
C SER A 1106 32.68 -45.54 -19.85
N LEU A 1107 31.59 -44.84 -19.55
CA LEU A 1107 30.27 -45.35 -19.90
C LEU A 1107 30.03 -45.26 -21.41
N GLY A 1108 30.45 -44.17 -22.02
CA GLY A 1108 30.25 -44.00 -23.45
C GLY A 1108 28.92 -43.35 -23.77
N LEU A 1109 28.19 -43.94 -24.72
CA LEU A 1109 26.95 -43.35 -25.21
C LEU A 1109 25.87 -43.28 -24.15
N LYS A 1110 25.92 -44.13 -23.12
CA LYS A 1110 24.79 -44.32 -22.21
C LYS A 1110 24.85 -43.33 -21.04
N CYS A 1111 25.82 -42.43 -21.03
CA CYS A 1111 25.93 -41.44 -19.98
C CYS A 1111 24.91 -40.31 -20.12
N VAL A 1112 24.12 -40.34 -21.20
CA VAL A 1112 23.24 -39.23 -21.51
C VAL A 1112 22.20 -38.94 -20.43
N GLN A 1113 21.65 -39.97 -19.79
CA GLN A 1113 20.60 -39.76 -18.80
C GLN A 1113 21.12 -39.00 -17.58
N PHE A 1114 22.43 -38.92 -17.42
CA PHE A 1114 23.05 -38.33 -16.24
C PHE A 1114 23.37 -36.86 -16.37
N LEU A 1115 23.22 -36.29 -17.57
CA LEU A 1115 23.45 -34.86 -17.74
C LEU A 1115 22.59 -33.98 -16.84
N PRO A 1116 21.27 -34.19 -16.74
CA PRO A 1116 20.41 -33.17 -16.10
C PRO A 1116 20.76 -32.88 -14.66
N GLN A 1117 21.22 -33.87 -13.90
CA GLN A 1117 21.55 -33.65 -12.51
C GLN A 1117 23.02 -33.38 -12.27
N VAL A 1118 23.81 -33.26 -13.32
CA VAL A 1118 25.22 -32.92 -13.11
C VAL A 1118 25.58 -31.55 -13.69
N MET A 1119 25.11 -31.22 -14.90
CA MET A 1119 25.57 -29.96 -15.49
C MET A 1119 25.14 -28.71 -14.74
N PRO A 1120 23.88 -28.58 -14.29
CA PRO A 1120 23.48 -27.33 -13.63
C PRO A 1120 24.37 -26.98 -12.44
N THR A 1121 24.67 -27.95 -11.60
CA THR A 1121 25.57 -27.70 -10.48
C THR A 1121 26.96 -27.32 -10.98
N PHE A 1122 27.42 -27.98 -12.05
CA PHE A 1122 28.73 -27.68 -12.61
C PHE A 1122 28.83 -26.21 -13.00
N LEU A 1123 27.82 -25.72 -13.71
CA LEU A 1123 27.85 -24.32 -14.15
C LEU A 1123 27.64 -23.37 -12.99
N ASN A 1124 26.83 -23.75 -11.99
CA ASN A 1124 26.71 -22.91 -10.82
C ASN A 1124 28.06 -22.76 -10.12
N VAL A 1125 28.80 -23.86 -9.99
CA VAL A 1125 30.13 -23.79 -9.40
C VAL A 1125 31.03 -22.90 -10.24
N ILE A 1126 31.04 -23.09 -11.56
CA ILE A 1126 31.88 -22.27 -12.42
C ILE A 1126 31.58 -20.79 -12.20
N ARG A 1127 30.30 -20.44 -12.12
CA ARG A 1127 29.94 -19.07 -11.81
C ARG A 1127 30.50 -18.64 -10.47
N VAL A 1128 30.42 -19.51 -9.46
CA VAL A 1128 30.90 -19.14 -8.13
C VAL A 1128 32.35 -19.52 -7.91
N CYS A 1129 32.93 -20.37 -8.75
CA CYS A 1129 34.33 -20.76 -8.57
C CYS A 1129 35.24 -19.58 -8.81
N ASP A 1130 36.51 -19.73 -8.40
CA ASP A 1130 37.43 -18.61 -8.39
C ASP A 1130 38.85 -19.13 -8.60
N GLY A 1131 39.75 -18.21 -8.90
CA GLY A 1131 41.15 -18.54 -9.02
C GLY A 1131 41.49 -19.17 -10.35
N ALA A 1132 42.81 -19.30 -10.57
CA ALA A 1132 43.34 -19.86 -11.81
C ALA A 1132 42.91 -21.30 -12.04
N ILE A 1133 42.43 -21.99 -11.02
CA ILE A 1133 41.88 -23.32 -11.20
C ILE A 1133 40.73 -23.29 -12.19
N ARG A 1134 40.01 -22.17 -12.26
CA ARG A 1134 38.95 -22.01 -13.26
C ARG A 1134 39.48 -22.33 -14.66
N GLU A 1135 40.68 -21.85 -14.98
CA GLU A 1135 41.31 -22.16 -16.26
C GLU A 1135 41.36 -23.67 -16.51
N PHE A 1136 41.79 -24.44 -15.52
CA PHE A 1136 41.72 -25.89 -15.63
C PHE A 1136 40.30 -26.35 -15.90
N LEU A 1137 39.35 -25.86 -15.09
CA LEU A 1137 37.99 -26.36 -15.12
C LEU A 1137 37.43 -26.32 -16.53
N PHE A 1138 37.58 -25.18 -17.21
CA PHE A 1138 37.02 -25.02 -18.55
C PHE A 1138 37.54 -26.09 -19.48
N GLN A 1139 38.85 -26.35 -19.44
CA GLN A 1139 39.41 -27.38 -20.30
C GLN A 1139 38.70 -28.70 -20.07
N GLN A 1140 38.49 -29.06 -18.79
CA GLN A 1140 37.77 -30.29 -18.48
C GLN A 1140 36.37 -30.25 -19.07
N LEU A 1141 35.69 -29.11 -18.91
CA LEU A 1141 34.35 -28.98 -19.48
C LEU A 1141 34.38 -29.26 -20.97
N GLY A 1142 35.45 -28.85 -21.65
CA GLY A 1142 35.56 -29.15 -23.06
C GLY A 1142 35.49 -30.63 -23.33
N MET A 1143 36.25 -31.42 -22.57
CA MET A 1143 36.16 -32.87 -22.68
C MET A 1143 34.73 -33.34 -22.58
N LEU A 1144 33.98 -32.79 -21.62
CA LEU A 1144 32.59 -33.19 -21.46
C LEU A 1144 31.82 -32.97 -22.75
N VAL A 1145 31.95 -31.78 -23.33
CA VAL A 1145 31.18 -31.48 -24.53
C VAL A 1145 31.62 -32.37 -25.67
N SER A 1146 32.85 -32.89 -25.61
CA SER A 1146 33.34 -33.77 -26.66
C SER A 1146 32.56 -35.08 -26.71
N PHE A 1147 31.81 -35.40 -25.66
CA PHE A 1147 31.34 -36.77 -25.50
C PHE A 1147 29.93 -36.97 -26.04
N VAL A 1148 28.95 -36.28 -25.46
CA VAL A 1148 27.58 -36.35 -25.92
C VAL A 1148 27.38 -35.27 -26.98
N LYS A 1149 27.23 -35.72 -28.23
CA LYS A 1149 27.29 -34.82 -29.37
C LYS A 1149 26.10 -33.88 -29.45
N SER A 1150 24.89 -34.42 -29.30
CA SER A 1150 23.69 -33.66 -29.61
C SER A 1150 22.86 -33.32 -28.38
N HIS A 1151 22.93 -34.12 -27.33
CA HIS A 1151 22.04 -33.93 -26.20
C HIS A 1151 22.53 -32.89 -25.20
N ILE A 1152 23.62 -32.19 -25.51
CA ILE A 1152 24.02 -31.06 -24.68
C ILE A 1152 23.15 -29.85 -24.91
N ARG A 1153 22.28 -29.86 -25.92
CA ARG A 1153 21.71 -28.62 -26.42
C ARG A 1153 21.02 -27.77 -25.36
N PRO A 1154 20.11 -28.30 -24.53
CA PRO A 1154 19.33 -27.39 -23.68
C PRO A 1154 20.17 -26.67 -22.66
N TYR A 1155 21.34 -27.22 -22.31
CA TYR A 1155 22.21 -26.65 -21.29
C TYR A 1155 23.21 -25.69 -21.89
N MET A 1156 23.32 -25.64 -23.20
CA MET A 1156 24.46 -24.92 -23.77
C MET A 1156 24.24 -23.41 -23.76
N ASP A 1157 22.98 -22.98 -23.80
CA ASP A 1157 22.67 -21.56 -23.83
C ASP A 1157 23.35 -20.83 -22.68
N GLU A 1158 23.14 -21.31 -21.45
CA GLU A 1158 23.79 -20.71 -20.29
C GLU A 1158 25.31 -20.68 -20.49
N ILE A 1159 25.88 -21.78 -20.99
CA ILE A 1159 27.31 -21.82 -21.30
C ILE A 1159 27.76 -20.54 -21.97
N VAL A 1160 27.01 -20.10 -22.99
CA VAL A 1160 27.45 -18.96 -23.78
C VAL A 1160 27.66 -17.74 -22.90
N THR A 1161 26.69 -17.42 -22.05
CA THR A 1161 26.84 -16.20 -21.27
C THR A 1161 27.95 -16.31 -20.23
N LEU A 1162 28.32 -17.52 -19.83
CA LEU A 1162 29.50 -17.64 -18.98
C LEU A 1162 30.77 -17.50 -19.79
N MET A 1163 30.77 -17.99 -21.03
CA MET A 1163 31.91 -17.73 -21.90
C MET A 1163 32.03 -16.25 -22.20
N ARG A 1164 30.90 -15.55 -22.25
CA ARG A 1164 30.90 -14.10 -22.32
C ARG A 1164 31.52 -13.45 -21.10
N GLU A 1165 31.16 -13.89 -19.90
CA GLU A 1165 31.48 -13.19 -18.67
C GLU A 1165 32.97 -13.20 -18.35
N PHE A 1166 33.63 -14.36 -18.40
CA PHE A 1166 35.01 -14.48 -17.97
C PHE A 1166 35.98 -14.41 -19.13
N TRP A 1167 35.62 -13.70 -20.20
CA TRP A 1167 36.50 -13.56 -21.36
C TRP A 1167 37.19 -12.20 -21.27
N VAL A 1168 38.30 -12.18 -20.55
CA VAL A 1168 39.15 -10.99 -20.50
C VAL A 1168 39.73 -10.74 -21.88
N MET A 1169 39.91 -9.46 -22.22
CA MET A 1169 40.32 -9.10 -23.57
C MET A 1169 41.74 -9.54 -23.87
N ASN A 1170 42.67 -9.26 -22.95
CA ASN A 1170 44.09 -9.62 -23.14
C ASN A 1170 44.56 -10.39 -21.93
N THR A 1171 44.50 -11.72 -22.01
CA THR A 1171 45.01 -12.60 -20.98
C THR A 1171 45.26 -13.95 -21.63
N SER A 1172 46.13 -14.75 -21.03
CA SER A 1172 46.47 -16.07 -21.55
C SER A 1172 45.26 -17.01 -21.59
N ILE A 1173 44.14 -16.61 -20.99
CA ILE A 1173 42.93 -17.43 -20.99
C ILE A 1173 42.34 -17.64 -22.38
N GLN A 1174 42.79 -16.87 -23.37
CA GLN A 1174 42.16 -16.94 -24.68
C GLN A 1174 42.55 -18.21 -25.45
N SER A 1175 43.77 -18.71 -25.24
CA SER A 1175 44.16 -19.93 -25.94
C SER A 1175 43.23 -21.08 -25.60
N THR A 1176 42.87 -21.24 -24.34
CA THR A 1176 41.95 -22.28 -23.93
C THR A 1176 40.53 -22.03 -24.42
N ILE A 1177 40.07 -20.79 -24.43
CA ILE A 1177 38.71 -20.53 -24.88
C ILE A 1177 38.59 -20.82 -26.36
N ILE A 1178 39.69 -20.63 -27.11
CA ILE A 1178 39.69 -21.01 -28.52
C ILE A 1178 39.51 -22.52 -28.66
N LEU A 1179 40.20 -23.31 -27.83
CA LEU A 1179 40.04 -24.75 -27.90
C LEU A 1179 38.62 -25.16 -27.52
N LEU A 1180 38.04 -24.49 -26.53
CA LEU A 1180 36.64 -24.68 -26.20
C LEU A 1180 35.78 -24.51 -27.44
N ILE A 1181 35.96 -23.40 -28.14
CA ILE A 1181 35.16 -23.14 -29.33
C ILE A 1181 35.38 -24.22 -30.38
N GLU A 1182 36.64 -24.65 -30.57
CA GLU A 1182 36.91 -25.66 -31.58
C GLU A 1182 36.17 -26.95 -31.27
N GLN A 1183 36.19 -27.38 -30.02
CA GLN A 1183 35.48 -28.60 -29.66
C GLN A 1183 33.97 -28.42 -29.78
N ILE A 1184 33.47 -27.24 -29.45
CA ILE A 1184 32.06 -26.95 -29.69
C ILE A 1184 31.71 -27.14 -31.16
N VAL A 1185 32.52 -26.58 -32.04
CA VAL A 1185 32.24 -26.66 -33.47
C VAL A 1185 32.27 -28.10 -33.94
N VAL A 1186 33.28 -28.85 -33.50
CA VAL A 1186 33.38 -30.24 -33.90
C VAL A 1186 32.16 -31.02 -33.40
N ALA A 1187 31.68 -30.71 -32.19
CA ALA A 1187 30.58 -31.47 -31.61
C ALA A 1187 29.26 -31.17 -32.30
N LEU A 1188 28.82 -29.90 -32.26
CA LEU A 1188 27.50 -29.58 -32.78
C LEU A 1188 27.41 -29.87 -34.28
N GLY A 1189 28.18 -29.13 -35.08
CA GLY A 1189 28.28 -29.40 -36.50
C GLY A 1189 26.97 -29.40 -37.27
N GLY A 1190 26.35 -28.23 -37.42
CA GLY A 1190 25.15 -28.13 -38.24
C GLY A 1190 24.04 -27.35 -37.58
N GLU A 1191 23.88 -27.49 -36.27
CA GLU A 1191 22.98 -26.62 -35.51
C GLU A 1191 23.74 -25.50 -34.82
N PHE A 1192 25.06 -25.44 -35.01
CA PHE A 1192 25.89 -24.43 -34.37
C PHE A 1192 25.49 -23.00 -34.72
N LYS A 1193 24.98 -22.77 -35.93
CA LYS A 1193 24.65 -21.41 -36.34
C LYS A 1193 23.62 -20.76 -35.43
N LEU A 1194 22.84 -21.57 -34.69
CA LEU A 1194 21.88 -21.02 -33.77
C LEU A 1194 22.54 -20.13 -32.71
N TYR A 1195 23.74 -20.50 -32.26
CA TYR A 1195 24.38 -19.79 -31.16
C TYR A 1195 25.53 -18.92 -31.63
N LEU A 1196 25.73 -18.81 -32.94
CA LEU A 1196 26.83 -18.05 -33.53
C LEU A 1196 26.82 -16.57 -33.15
N PRO A 1197 25.69 -15.86 -33.19
CA PRO A 1197 25.75 -14.40 -33.02
C PRO A 1197 26.38 -13.96 -31.72
N GLN A 1198 26.05 -14.63 -30.61
CA GLN A 1198 26.37 -14.10 -29.30
C GLN A 1198 27.87 -14.10 -29.02
N LEU A 1199 28.64 -14.88 -29.76
CA LEU A 1199 30.09 -14.90 -29.62
C LEU A 1199 30.79 -14.03 -30.64
N ILE A 1200 30.05 -13.33 -31.49
CA ILE A 1200 30.63 -12.53 -32.57
C ILE A 1200 31.37 -11.30 -32.05
N PRO A 1201 30.74 -10.42 -31.27
CA PRO A 1201 31.36 -9.11 -31.03
C PRO A 1201 32.75 -9.18 -30.45
N HIS A 1202 32.94 -9.96 -29.38
CA HIS A 1202 34.26 -10.07 -28.76
C HIS A 1202 35.28 -10.47 -29.81
N MET A 1203 34.97 -11.50 -30.60
CA MET A 1203 35.84 -11.95 -31.66
C MET A 1203 36.31 -10.78 -32.51
N LEU A 1204 35.37 -9.90 -32.89
CA LEU A 1204 35.72 -8.74 -33.69
C LEU A 1204 36.83 -7.94 -33.05
N ARG A 1205 36.67 -7.57 -31.78
CA ARG A 1205 37.68 -6.74 -31.15
C ARG A 1205 39.01 -7.45 -31.00
N VAL A 1206 39.02 -8.78 -31.08
CA VAL A 1206 40.29 -9.47 -31.01
C VAL A 1206 41.14 -9.14 -32.22
N PHE A 1207 40.49 -8.93 -33.37
CA PHE A 1207 41.24 -8.59 -34.58
C PHE A 1207 42.00 -7.28 -34.41
N MET A 1208 41.55 -6.41 -33.50
CA MET A 1208 42.19 -5.13 -33.28
C MET A 1208 42.96 -5.04 -31.98
N HIS A 1209 42.32 -5.31 -30.84
CA HIS A 1209 42.90 -5.01 -29.54
C HIS A 1209 43.63 -6.24 -29.01
N ASP A 1210 44.74 -6.55 -29.68
CA ASP A 1210 45.53 -7.74 -29.39
C ASP A 1210 46.99 -7.35 -29.25
N ASN A 1211 47.70 -8.01 -28.32
CA ASN A 1211 49.10 -7.71 -28.08
C ASN A 1211 49.94 -8.98 -28.11
N SER A 1212 49.53 -9.92 -28.91
CA SER A 1212 50.32 -11.15 -28.96
C SER A 1212 51.56 -10.97 -29.81
N PRO A 1213 52.70 -11.49 -29.35
CA PRO A 1213 53.91 -11.50 -30.18
C PRO A 1213 53.67 -12.29 -31.46
N GLY A 1214 53.71 -11.59 -32.59
CA GLY A 1214 53.34 -12.19 -33.85
C GLY A 1214 51.85 -12.39 -34.02
N ARG A 1215 51.03 -11.96 -33.05
CA ARG A 1215 49.59 -12.10 -33.09
C ARG A 1215 49.17 -13.56 -33.33
N ILE A 1216 49.73 -14.45 -32.51
CA ILE A 1216 49.43 -15.87 -32.64
C ILE A 1216 47.98 -16.19 -32.29
N VAL A 1217 47.36 -15.42 -31.39
CA VAL A 1217 45.97 -15.70 -31.02
C VAL A 1217 45.05 -15.43 -32.20
N SER A 1218 45.34 -14.37 -32.97
CA SER A 1218 44.56 -14.11 -34.17
C SER A 1218 44.69 -15.27 -35.15
N ILE A 1219 45.90 -15.78 -35.33
CA ILE A 1219 46.12 -16.90 -36.25
C ILE A 1219 45.36 -18.13 -35.77
N LYS A 1220 45.41 -18.40 -34.47
CA LYS A 1220 44.71 -19.55 -33.91
C LYS A 1220 43.20 -19.44 -34.13
N LEU A 1221 42.61 -18.30 -33.75
CA LEU A 1221 41.17 -18.15 -33.94
C LEU A 1221 40.81 -18.18 -35.42
N LEU A 1222 41.72 -17.72 -36.28
CA LEU A 1222 41.46 -17.74 -37.71
C LEU A 1222 41.40 -19.18 -38.22
N ALA A 1223 42.37 -19.99 -37.82
CA ALA A 1223 42.32 -21.41 -38.14
C ALA A 1223 41.04 -22.04 -37.61
N ALA A 1224 40.60 -21.63 -36.42
CA ALA A 1224 39.34 -22.13 -35.90
C ALA A 1224 38.16 -21.71 -36.78
N ILE A 1225 38.14 -20.46 -37.22
CA ILE A 1225 37.07 -19.98 -38.08
C ILE A 1225 37.02 -20.77 -39.38
N GLN A 1226 38.17 -21.32 -39.79
CA GLN A 1226 38.17 -22.14 -40.99
C GLN A 1226 37.12 -23.24 -40.97
N LEU A 1227 36.84 -23.80 -39.79
CA LEU A 1227 36.07 -25.04 -39.69
C LEU A 1227 34.57 -24.83 -39.64
N PHE A 1228 34.08 -23.59 -39.75
CA PHE A 1228 32.66 -23.37 -39.56
C PHE A 1228 31.84 -23.94 -40.70
N GLY A 1229 32.39 -23.91 -41.92
CA GLY A 1229 31.69 -24.47 -43.06
C GLY A 1229 30.35 -23.84 -43.30
N ALA A 1230 29.31 -24.67 -43.40
CA ALA A 1230 27.95 -24.22 -43.68
C ALA A 1230 27.30 -23.56 -42.48
N ASN A 1231 28.08 -23.22 -41.45
CA ASN A 1231 27.50 -22.55 -40.31
C ASN A 1231 27.31 -21.06 -40.57
N LEU A 1232 28.35 -20.37 -41.03
CA LEU A 1232 28.24 -18.95 -41.34
C LEU A 1232 27.79 -18.75 -42.80
N ASP A 1233 26.50 -18.96 -43.00
CA ASP A 1233 25.93 -18.68 -44.31
C ASP A 1233 25.47 -17.23 -44.44
N ASP A 1234 24.90 -16.68 -43.36
CA ASP A 1234 24.33 -15.34 -43.39
C ASP A 1234 25.24 -14.26 -42.79
N TYR A 1235 26.37 -14.63 -42.20
CA TYR A 1235 27.17 -13.64 -41.47
C TYR A 1235 28.44 -13.23 -42.21
N LEU A 1236 28.62 -13.69 -43.44
CA LEU A 1236 29.86 -13.41 -44.14
C LEU A 1236 30.10 -11.92 -44.25
N HIS A 1237 29.04 -11.17 -44.57
CA HIS A 1237 29.11 -9.74 -44.80
C HIS A 1237 29.74 -8.99 -43.65
N LEU A 1238 29.59 -9.48 -42.42
CA LEU A 1238 30.17 -8.83 -41.26
C LEU A 1238 31.50 -9.44 -40.86
N LEU A 1239 31.69 -10.73 -41.06
CA LEU A 1239 32.91 -11.39 -40.63
C LEU A 1239 33.98 -11.43 -41.70
N LEU A 1240 33.68 -11.05 -42.92
CA LEU A 1240 34.74 -10.91 -43.91
C LEU A 1240 35.48 -9.58 -43.77
N PRO A 1241 34.80 -8.45 -43.64
CA PRO A 1241 35.51 -7.16 -43.70
C PRO A 1241 36.64 -7.09 -42.68
N PRO A 1242 36.45 -7.60 -41.46
CA PRO A 1242 37.63 -7.76 -40.60
C PRO A 1242 38.72 -8.56 -41.25
N ILE A 1243 38.41 -9.74 -41.81
CA ILE A 1243 39.45 -10.63 -42.30
C ILE A 1243 40.24 -9.96 -43.42
N VAL A 1244 39.53 -9.36 -44.38
CA VAL A 1244 40.23 -8.64 -45.42
C VAL A 1244 41.03 -7.49 -44.81
N LYS A 1245 40.50 -6.84 -43.77
CA LYS A 1245 41.22 -5.75 -43.13
C LYS A 1245 42.56 -6.17 -42.54
N LEU A 1246 42.65 -7.35 -41.93
CA LEU A 1246 43.91 -7.79 -41.34
C LEU A 1246 45.04 -7.89 -42.34
N PHE A 1247 44.78 -8.34 -43.57
CA PHE A 1247 45.83 -8.32 -44.57
C PHE A 1247 45.81 -7.05 -45.41
N ASP A 1248 44.96 -6.07 -45.07
CA ASP A 1248 45.12 -4.73 -45.62
C ASP A 1248 46.16 -3.89 -44.91
N ALA A 1249 46.55 -4.27 -43.70
CA ALA A 1249 47.59 -3.53 -43.00
C ALA A 1249 48.96 -4.06 -43.41
N PRO A 1250 49.88 -3.22 -43.87
CA PRO A 1250 51.25 -3.68 -44.13
C PRO A 1250 52.04 -3.94 -42.86
N GLU A 1251 51.58 -3.44 -41.72
CA GLU A 1251 52.32 -3.51 -40.46
C GLU A 1251 52.25 -4.87 -39.79
N ALA A 1252 51.32 -5.73 -40.19
CA ALA A 1252 51.11 -6.98 -39.48
C ALA A 1252 52.28 -7.93 -39.74
N PRO A 1253 52.53 -8.86 -38.81
CA PRO A 1253 53.52 -9.90 -39.08
C PRO A 1253 53.13 -10.74 -40.30
N LEU A 1254 54.16 -11.10 -41.06
CA LEU A 1254 53.95 -11.80 -42.33
C LEU A 1254 53.23 -13.14 -42.16
N PRO A 1255 53.56 -13.98 -41.18
CA PRO A 1255 52.79 -15.22 -41.00
C PRO A 1255 51.30 -14.99 -40.79
N SER A 1256 50.91 -13.92 -40.09
CA SER A 1256 49.49 -13.63 -39.93
C SER A 1256 48.84 -13.38 -41.28
N ARG A 1257 49.53 -12.65 -42.16
CA ARG A 1257 48.97 -12.41 -43.49
C ARG A 1257 48.86 -13.70 -44.28
N LYS A 1258 49.87 -14.57 -44.18
CA LYS A 1258 49.77 -15.86 -44.85
C LYS A 1258 48.57 -16.64 -44.35
N ALA A 1259 48.35 -16.64 -43.04
CA ALA A 1259 47.21 -17.36 -42.47
C ALA A 1259 45.90 -16.77 -42.97
N ALA A 1260 45.80 -15.45 -43.03
CA ALA A 1260 44.57 -14.83 -43.50
C ALA A 1260 44.28 -15.23 -44.94
N LEU A 1261 45.29 -15.15 -45.80
CA LEU A 1261 45.09 -15.55 -47.19
C LEU A 1261 44.69 -17.01 -47.28
N GLU A 1262 45.36 -17.88 -46.53
CA GLU A 1262 45.01 -19.29 -46.55
C GLU A 1262 43.56 -19.52 -46.16
N THR A 1263 43.13 -18.91 -45.07
CA THR A 1263 41.77 -19.14 -44.57
C THR A 1263 40.73 -18.62 -45.54
N VAL A 1264 40.91 -17.42 -46.08
CA VAL A 1264 39.97 -16.96 -47.09
C VAL A 1264 39.99 -17.91 -48.28
N ASP A 1265 41.17 -18.42 -48.62
CA ASP A 1265 41.32 -19.27 -49.79
C ASP A 1265 40.56 -20.57 -49.66
N ARG A 1266 40.64 -21.22 -48.50
CA ARG A 1266 40.13 -22.58 -48.41
C ARG A 1266 38.63 -22.65 -48.20
N LEU A 1267 38.06 -21.80 -47.34
CA LEU A 1267 36.67 -21.98 -46.94
C LEU A 1267 35.70 -21.80 -48.09
N THR A 1268 36.15 -21.24 -49.22
CA THR A 1268 35.30 -21.10 -50.38
C THR A 1268 34.79 -22.43 -50.90
N GLU A 1269 35.46 -23.53 -50.59
CA GLU A 1269 35.00 -24.85 -50.98
C GLU A 1269 33.72 -25.27 -50.27
N SER A 1270 33.13 -24.37 -49.48
CA SER A 1270 31.87 -24.68 -48.81
C SER A 1270 30.86 -23.55 -48.86
N LEU A 1271 31.23 -22.37 -49.32
CA LEU A 1271 30.36 -21.21 -49.23
C LEU A 1271 30.11 -20.62 -50.62
N ASP A 1272 29.20 -19.65 -50.65
CA ASP A 1272 28.80 -18.95 -51.87
C ASP A 1272 29.54 -17.60 -51.86
N PHE A 1273 30.33 -17.37 -52.90
CA PHE A 1273 31.23 -16.20 -52.93
C PHE A 1273 31.15 -15.44 -54.25
N THR A 1274 29.97 -15.34 -54.86
CA THR A 1274 29.92 -14.74 -56.20
C THR A 1274 29.88 -13.22 -56.16
N ASP A 1275 28.80 -12.64 -55.62
CA ASP A 1275 28.63 -11.20 -55.70
C ASP A 1275 29.65 -10.46 -54.86
N TYR A 1276 30.32 -11.17 -53.96
CA TYR A 1276 31.37 -10.59 -53.13
C TYR A 1276 32.70 -10.62 -53.87
N ALA A 1277 32.71 -9.97 -55.02
CA ALA A 1277 33.91 -9.96 -55.86
C ALA A 1277 34.71 -8.67 -55.68
N SER A 1278 34.04 -7.53 -55.86
CA SER A 1278 34.71 -6.24 -55.75
C SER A 1278 35.46 -6.09 -54.45
N ARG A 1279 34.92 -6.61 -53.36
CA ARG A 1279 35.55 -6.41 -52.07
C ARG A 1279 36.85 -7.16 -51.92
N ILE A 1280 37.19 -8.06 -52.85
CA ILE A 1280 38.39 -8.86 -52.76
C ILE A 1280 39.35 -8.59 -53.90
N ILE A 1281 38.84 -8.38 -55.11
CA ILE A 1281 39.71 -8.19 -56.27
C ILE A 1281 40.65 -7.02 -56.03
N HIS A 1282 40.11 -5.88 -55.64
CA HIS A 1282 40.90 -4.68 -55.44
C HIS A 1282 41.91 -4.82 -54.30
N PRO A 1283 41.53 -5.35 -53.13
CA PRO A 1283 42.56 -5.54 -52.09
C PRO A 1283 43.71 -6.43 -52.53
N ILE A 1284 43.42 -7.46 -53.32
CA ILE A 1284 44.49 -8.34 -53.79
C ILE A 1284 45.45 -7.59 -54.70
N VAL A 1285 44.92 -6.82 -55.65
CA VAL A 1285 45.81 -6.08 -56.53
C VAL A 1285 46.54 -4.97 -55.81
N ARG A 1286 45.97 -4.47 -54.72
CA ARG A 1286 46.70 -3.56 -53.85
C ARG A 1286 47.88 -4.25 -53.21
N THR A 1287 47.64 -5.40 -52.57
CA THR A 1287 48.65 -6.08 -51.76
C THR A 1287 49.55 -6.98 -52.58
N LEU A 1288 49.34 -7.05 -53.89
CA LEU A 1288 50.04 -8.03 -54.69
C LEU A 1288 51.54 -7.79 -54.71
N ASP A 1289 51.97 -6.53 -54.85
CA ASP A 1289 53.37 -6.22 -55.03
C ASP A 1289 54.04 -5.68 -53.78
N GLN A 1290 53.39 -5.76 -52.62
CA GLN A 1290 53.96 -5.20 -51.40
C GLN A 1290 54.70 -6.25 -50.58
N SER A 1291 54.77 -7.48 -51.04
CA SER A 1291 55.60 -8.51 -50.39
C SER A 1291 55.97 -9.54 -51.45
N PRO A 1292 57.23 -9.57 -51.87
CA PRO A 1292 57.64 -10.49 -52.95
C PRO A 1292 57.44 -11.95 -52.60
N GLU A 1293 57.40 -12.30 -51.33
CA GLU A 1293 57.07 -13.68 -50.96
C GLU A 1293 55.58 -13.97 -51.04
N LEU A 1294 54.74 -12.99 -50.74
CA LEU A 1294 53.30 -13.18 -50.74
C LEU A 1294 52.72 -13.15 -52.13
N ARG A 1295 53.57 -13.16 -53.16
CA ARG A 1295 53.07 -13.20 -54.53
C ARG A 1295 52.35 -14.52 -54.80
N SER A 1296 53.00 -15.64 -54.46
CA SER A 1296 52.46 -16.95 -54.83
C SER A 1296 51.19 -17.29 -54.06
N THR A 1297 51.22 -17.13 -52.74
CA THR A 1297 50.03 -17.46 -51.96
C THR A 1297 48.84 -16.64 -52.41
N ALA A 1298 49.04 -15.34 -52.59
CA ALA A 1298 47.96 -14.48 -53.03
C ALA A 1298 47.47 -14.85 -54.42
N MET A 1299 48.38 -15.13 -55.35
CA MET A 1299 47.92 -15.43 -56.71
C MET A 1299 47.13 -16.72 -56.74
N ASP A 1300 47.56 -17.74 -55.99
CA ASP A 1300 46.77 -18.97 -55.99
C ASP A 1300 45.46 -18.81 -55.24
N THR A 1301 45.42 -17.95 -54.21
CA THR A 1301 44.15 -17.66 -53.56
C THR A 1301 43.17 -17.02 -54.53
N LEU A 1302 43.65 -16.04 -55.29
CA LEU A 1302 42.80 -15.42 -56.30
C LEU A 1302 42.34 -16.44 -57.33
N SER A 1303 43.27 -17.29 -57.78
CA SER A 1303 42.93 -18.30 -58.77
C SER A 1303 41.87 -19.25 -58.26
N SER A 1304 41.99 -19.70 -57.01
CA SER A 1304 40.96 -20.53 -56.43
C SER A 1304 39.63 -19.80 -56.35
N LEU A 1305 39.64 -18.52 -55.97
CA LEU A 1305 38.39 -17.79 -55.89
C LEU A 1305 37.71 -17.70 -57.25
N VAL A 1306 38.48 -17.43 -58.30
CA VAL A 1306 37.85 -17.21 -59.61
C VAL A 1306 37.25 -18.48 -60.18
N PHE A 1307 37.46 -19.63 -59.54
CA PHE A 1307 36.71 -20.81 -59.95
C PHE A 1307 35.22 -20.64 -59.71
N GLN A 1308 34.83 -20.13 -58.55
CA GLN A 1308 33.42 -19.98 -58.24
C GLN A 1308 32.74 -19.04 -59.22
N LEU A 1309 33.37 -17.91 -59.52
CA LEU A 1309 32.82 -17.01 -60.51
C LEU A 1309 33.03 -17.57 -61.91
N GLY A 1310 31.98 -17.58 -62.70
CA GLY A 1310 32.05 -18.14 -64.04
C GLY A 1310 32.57 -17.13 -65.03
N LYS A 1311 31.86 -16.96 -66.13
CA LYS A 1311 32.29 -16.01 -67.15
C LYS A 1311 32.24 -14.57 -66.68
N LYS A 1312 31.54 -14.26 -65.59
CA LYS A 1312 31.36 -12.85 -65.23
C LYS A 1312 32.68 -12.19 -64.84
N TYR A 1313 33.73 -12.96 -64.67
CA TYR A 1313 35.07 -12.42 -64.48
C TYR A 1313 35.65 -11.80 -65.74
N GLN A 1314 35.01 -11.97 -66.90
CA GLN A 1314 35.67 -11.71 -68.18
C GLN A 1314 36.19 -10.28 -68.26
N ILE A 1315 35.47 -9.33 -67.66
CA ILE A 1315 35.79 -7.93 -67.83
C ILE A 1315 36.98 -7.53 -66.97
N PHE A 1316 37.23 -8.24 -65.88
CA PHE A 1316 38.29 -7.87 -64.97
C PHE A 1316 39.68 -8.16 -65.49
N ILE A 1317 39.82 -8.91 -66.57
CA ILE A 1317 41.11 -9.47 -66.96
C ILE A 1317 42.17 -8.40 -67.24
N PRO A 1318 41.91 -7.30 -67.96
CA PRO A 1318 43.03 -6.40 -68.28
C PRO A 1318 43.56 -5.66 -67.07
N MET A 1319 42.71 -5.34 -66.10
CA MET A 1319 43.17 -4.66 -64.89
C MET A 1319 44.18 -5.50 -64.12
N VAL A 1320 43.88 -6.78 -63.92
CA VAL A 1320 44.89 -7.63 -63.30
C VAL A 1320 46.03 -7.90 -64.27
N ASN A 1321 45.73 -7.95 -65.57
CA ASN A 1321 46.72 -8.34 -66.57
C ASN A 1321 48.00 -7.55 -66.46
N LYS A 1322 47.91 -6.22 -66.41
CA LYS A 1322 49.11 -5.41 -66.33
C LYS A 1322 49.92 -5.75 -65.08
N VAL A 1323 49.25 -5.93 -63.95
CA VAL A 1323 49.97 -6.26 -62.73
C VAL A 1323 50.55 -7.67 -62.82
N LEU A 1324 49.91 -8.54 -63.60
CA LEU A 1324 50.31 -9.95 -63.66
C LEU A 1324 51.74 -10.10 -64.17
N VAL A 1325 52.09 -9.38 -65.22
CA VAL A 1325 53.42 -9.50 -65.81
C VAL A 1325 54.37 -8.39 -65.39
N ARG A 1326 53.95 -7.50 -64.50
CA ARG A 1326 54.83 -6.37 -64.19
C ARG A 1326 56.02 -6.82 -63.36
N HIS A 1327 55.98 -8.03 -62.81
CA HIS A 1327 57.17 -8.70 -62.29
C HIS A 1327 57.61 -9.86 -63.17
N ARG A 1328 57.00 -10.03 -64.34
CA ARG A 1328 57.17 -11.21 -65.19
C ARG A 1328 56.90 -12.49 -64.40
N ILE A 1329 55.85 -12.46 -63.59
CA ILE A 1329 55.41 -13.62 -62.83
C ILE A 1329 54.28 -14.30 -63.58
N ASN A 1330 54.39 -15.60 -63.78
CA ASN A 1330 53.36 -16.39 -64.45
C ASN A 1330 52.99 -17.56 -63.55
N HIS A 1331 51.72 -17.97 -63.60
CA HIS A 1331 51.23 -19.04 -62.75
C HIS A 1331 50.28 -19.93 -63.54
N GLN A 1332 50.29 -21.22 -63.20
CA GLN A 1332 49.68 -22.24 -64.05
C GLN A 1332 48.15 -22.25 -63.99
N ARG A 1333 47.58 -22.56 -62.83
CA ARG A 1333 46.13 -22.79 -62.76
C ARG A 1333 45.36 -21.56 -63.20
N TYR A 1334 45.81 -20.38 -62.77
CA TYR A 1334 45.17 -19.15 -63.19
C TYR A 1334 45.23 -19.01 -64.70
N ASP A 1335 46.37 -19.37 -65.30
CA ASP A 1335 46.49 -19.33 -66.75
C ASP A 1335 45.49 -20.27 -67.40
N VAL A 1336 45.34 -21.47 -66.84
CA VAL A 1336 44.37 -22.43 -67.37
C VAL A 1336 42.97 -21.84 -67.34
N LEU A 1337 42.62 -21.24 -66.21
CA LEU A 1337 41.28 -20.72 -66.00
C LEU A 1337 40.98 -19.58 -66.96
N ILE A 1338 41.90 -18.62 -67.06
CA ILE A 1338 41.69 -17.52 -67.99
C ILE A 1338 41.65 -18.05 -69.42
N CYS A 1339 42.44 -19.09 -69.72
CA CYS A 1339 42.43 -19.67 -71.05
C CYS A 1339 41.04 -20.19 -71.41
N ARG A 1340 40.43 -20.99 -70.53
CA ARG A 1340 39.15 -21.55 -70.96
C ARG A 1340 37.98 -20.61 -70.69
N ILE A 1341 38.19 -19.47 -70.04
CA ILE A 1341 37.13 -18.47 -70.07
C ILE A 1341 37.21 -17.58 -71.32
N VAL A 1342 38.39 -17.05 -71.65
CA VAL A 1342 38.48 -16.13 -72.77
C VAL A 1342 38.23 -16.87 -74.09
N LYS A 1343 38.67 -18.11 -74.15
CA LYS A 1343 38.57 -18.93 -75.35
C LYS A 1343 37.55 -20.02 -75.11
N GLY A 1344 36.69 -20.24 -76.10
CA GLY A 1344 35.53 -21.09 -75.90
C GLY A 1344 35.89 -22.53 -75.58
N TYR A 1345 35.40 -22.99 -74.42
CA TYR A 1345 35.46 -24.39 -74.04
C TYR A 1345 34.15 -25.12 -74.28
N THR A 1346 33.09 -24.70 -73.61
CA THR A 1346 31.74 -25.18 -73.86
C THR A 1346 30.80 -24.00 -73.57
N LEU A 1347 29.49 -24.26 -73.59
CA LEU A 1347 28.51 -23.27 -73.20
C LEU A 1347 27.68 -23.68 -72.00
N ALA A 1348 27.62 -24.99 -71.69
CA ALA A 1348 26.86 -25.44 -70.54
C ALA A 1348 27.70 -25.56 -69.28
N ASP A 1349 28.99 -25.28 -69.35
CA ASP A 1349 29.85 -25.40 -68.18
C ASP A 1349 30.18 -24.05 -67.57
N GLU A 1350 29.26 -23.09 -67.65
CA GLU A 1350 29.56 -21.72 -67.27
C GLU A 1350 28.71 -21.28 -66.08
N GLU A 1351 29.39 -20.84 -65.02
CA GLU A 1351 28.78 -20.18 -63.87
C GLU A 1351 27.64 -21.00 -63.26
N GLU A 1352 28.04 -22.11 -62.68
CA GLU A 1352 27.14 -22.87 -61.84
C GLU A 1352 27.42 -22.53 -60.38
N ASP A 1353 26.43 -22.73 -59.53
CA ASP A 1353 26.59 -22.44 -58.13
C ASP A 1353 27.69 -23.33 -57.55
N PRO A 1354 28.58 -22.78 -56.73
CA PRO A 1354 29.62 -23.64 -56.12
C PRO A 1354 29.06 -24.80 -55.35
N LEU A 1355 27.91 -24.63 -54.69
CA LEU A 1355 27.36 -25.69 -53.86
C LEU A 1355 27.00 -26.92 -54.68
N ILE A 1356 26.46 -26.74 -55.89
CA ILE A 1356 26.10 -27.92 -56.68
C ILE A 1356 27.34 -28.68 -57.11
N TYR A 1357 28.45 -27.98 -57.37
CA TYR A 1357 29.68 -28.68 -57.71
C TYR A 1357 30.27 -29.39 -56.50
N GLN A 1358 30.24 -28.76 -55.33
CA GLN A 1358 30.63 -29.48 -54.12
C GLN A 1358 29.78 -30.74 -53.97
N HIS A 1359 28.49 -30.63 -54.27
CA HIS A 1359 27.59 -31.75 -54.17
C HIS A 1359 27.97 -32.86 -55.15
N ARG A 1360 28.22 -32.49 -56.40
CA ARG A 1360 28.55 -33.47 -57.44
C ARG A 1360 29.88 -34.15 -57.18
N MET A 1361 30.87 -33.43 -56.66
CA MET A 1361 32.10 -34.08 -56.26
C MET A 1361 31.95 -34.92 -55.01
N LEU A 1362 31.01 -34.57 -54.13
CA LEU A 1362 30.72 -35.44 -53.00
C LEU A 1362 30.08 -36.74 -53.45
N ARG A 1363 29.41 -36.74 -54.61
CA ARG A 1363 28.84 -37.97 -55.14
C ARG A 1363 28.99 -38.03 -56.65
N ILE A 1388 39.35 -61.36 -2.82
CA ILE A 1388 40.19 -62.54 -2.68
C ILE A 1388 41.34 -62.28 -1.71
N ASN A 1389 41.94 -61.10 -1.81
CA ASN A 1389 43.04 -60.71 -0.94
C ASN A 1389 42.55 -60.13 0.38
N LEU A 1390 41.24 -60.14 0.61
CA LEU A 1390 40.61 -59.30 1.61
C LEU A 1390 40.36 -60.00 2.95
N GLN A 1391 40.56 -61.32 3.03
CA GLN A 1391 40.46 -62.02 4.30
C GLN A 1391 41.45 -61.55 5.33
N LYS A 1392 42.53 -60.90 4.90
CA LYS A 1392 43.57 -60.48 5.84
C LYS A 1392 43.06 -59.44 6.82
N ALA A 1393 41.92 -58.83 6.54
CA ALA A 1393 41.40 -57.72 7.32
C ALA A 1393 40.42 -58.15 8.42
N TRP A 1394 39.79 -59.32 8.33
CA TRP A 1394 38.85 -59.68 9.37
C TRP A 1394 39.49 -60.53 10.46
N GLY A 1395 40.11 -61.65 10.08
CA GLY A 1395 40.53 -62.64 11.06
C GLY A 1395 41.65 -62.20 11.97
N ALA A 1396 41.62 -60.93 12.37
CA ALA A 1396 42.48 -60.42 13.42
C ALA A 1396 41.87 -60.62 14.80
N ALA A 1397 40.56 -60.36 14.92
CA ALA A 1397 39.79 -60.63 16.14
C ALA A 1397 40.43 -59.98 17.36
N ARG A 1398 40.98 -58.78 17.15
CA ARG A 1398 41.72 -58.10 18.19
C ARG A 1398 41.32 -56.64 18.36
N ARG A 1399 40.45 -56.10 17.52
CA ARG A 1399 39.97 -54.74 17.71
C ARG A 1399 39.20 -54.66 19.01
N VAL A 1400 39.47 -53.62 19.81
CA VAL A 1400 38.96 -53.58 21.17
C VAL A 1400 37.96 -52.46 21.34
N SER A 1401 38.41 -51.22 21.19
CA SER A 1401 37.61 -50.06 21.54
C SER A 1401 36.83 -49.56 20.33
N LYS A 1402 36.05 -48.50 20.55
CA LYS A 1402 35.25 -47.93 19.48
C LYS A 1402 36.11 -47.46 18.32
N ASP A 1403 37.23 -46.79 18.61
CA ASP A 1403 38.11 -46.30 17.55
C ASP A 1403 38.71 -47.44 16.75
N ASP A 1404 39.07 -48.54 17.40
CA ASP A 1404 39.57 -49.71 16.70
C ASP A 1404 38.59 -50.13 15.60
N TRP A 1405 37.32 -50.27 15.96
CA TRP A 1405 36.35 -50.76 14.99
C TRP A 1405 36.01 -49.70 13.95
N LEU A 1406 36.03 -48.42 14.32
CA LEU A 1406 35.87 -47.39 13.30
C LEU A 1406 36.95 -47.51 12.23
N GLU A 1407 38.21 -47.56 12.64
CA GLU A 1407 39.29 -47.66 11.68
C GLU A 1407 39.22 -48.96 10.90
N TRP A 1408 38.83 -50.04 11.55
CA TRP A 1408 38.68 -51.32 10.86
C TRP A 1408 37.63 -51.22 9.76
N LEU A 1409 36.49 -50.60 10.07
CA LEU A 1409 35.47 -50.39 9.04
C LEU A 1409 35.98 -49.50 7.92
N ARG A 1410 36.73 -48.46 8.29
CA ARG A 1410 37.29 -47.55 7.29
C ARG A 1410 38.15 -48.32 6.30
N ARG A 1411 39.11 -49.11 6.82
CA ARG A 1411 39.97 -49.89 5.95
C ARG A 1411 39.21 -50.97 5.21
N LEU A 1412 38.17 -51.52 5.83
CA LEU A 1412 37.30 -52.47 5.12
C LEU A 1412 36.70 -51.83 3.89
N SER A 1413 36.12 -50.63 4.03
CA SER A 1413 35.55 -49.94 2.90
C SER A 1413 36.61 -49.62 1.86
N LEU A 1414 37.80 -49.20 2.31
CA LEU A 1414 38.88 -48.93 1.37
C LEU A 1414 39.22 -50.15 0.53
N GLU A 1415 39.40 -51.30 1.19
CA GLU A 1415 39.68 -52.53 0.45
C GLU A 1415 38.56 -52.89 -0.50
N LEU A 1416 37.32 -52.87 -0.03
CA LEU A 1416 36.19 -53.28 -0.85
C LEU A 1416 36.04 -52.38 -2.07
N LEU A 1417 36.24 -51.08 -1.88
CA LEU A 1417 36.04 -50.12 -2.96
C LEU A 1417 37.23 -50.06 -3.90
N LYS A 1418 38.42 -50.42 -3.44
CA LYS A 1418 39.60 -50.32 -4.30
C LYS A 1418 39.48 -51.25 -5.50
N ASP A 1419 39.14 -52.51 -5.27
CA ASP A 1419 39.10 -53.51 -6.33
C ASP A 1419 37.70 -54.11 -6.37
N SER A 1420 36.92 -53.72 -7.38
CA SER A 1420 35.59 -54.27 -7.60
C SER A 1420 35.29 -54.50 -9.08
N SER A 1421 36.28 -54.39 -9.94
CA SER A 1421 36.17 -54.67 -11.38
C SER A 1421 35.16 -53.78 -12.08
N SER A 1422 34.64 -52.77 -11.40
CA SER A 1422 33.77 -51.78 -12.02
C SER A 1422 34.50 -50.44 -12.01
N PRO A 1423 34.73 -49.86 -13.19
CA PRO A 1423 35.59 -48.67 -13.25
C PRO A 1423 35.11 -47.51 -12.41
N SER A 1424 33.80 -47.33 -12.29
CA SER A 1424 33.27 -46.19 -11.53
C SER A 1424 33.74 -46.26 -10.08
N LEU A 1425 33.50 -47.39 -9.43
CA LEU A 1425 33.85 -47.51 -8.04
C LEU A 1425 35.37 -47.52 -7.86
N ARG A 1426 36.09 -48.11 -8.81
CA ARG A 1426 37.55 -48.10 -8.73
C ARG A 1426 38.09 -46.69 -8.77
N SER A 1427 37.55 -45.85 -9.65
CA SER A 1427 37.96 -44.46 -9.68
C SER A 1427 37.59 -43.74 -8.39
N CYS A 1428 36.37 -43.95 -7.91
CA CYS A 1428 35.93 -43.28 -6.69
C CYS A 1428 36.75 -43.67 -5.47
N TRP A 1429 37.36 -44.87 -5.49
CA TRP A 1429 38.12 -45.32 -4.33
C TRP A 1429 39.27 -44.37 -3.99
N ALA A 1430 39.98 -43.88 -5.02
CA ALA A 1430 41.14 -43.04 -4.77
C ALA A 1430 40.76 -41.78 -4.01
N LEU A 1431 39.67 -41.12 -4.40
CA LEU A 1431 39.19 -39.99 -3.62
C LEU A 1431 38.66 -40.42 -2.26
N ALA A 1432 38.01 -41.59 -2.18
CA ALA A 1432 37.56 -42.08 -0.89
C ALA A 1432 38.71 -42.17 0.10
N GLN A 1433 39.91 -42.44 -0.40
CA GLN A 1433 41.10 -42.44 0.47
C GLN A 1433 41.30 -41.08 1.11
N ALA A 1434 40.81 -40.02 0.48
CA ALA A 1434 40.96 -38.67 1.02
C ALA A 1434 39.75 -38.22 1.82
N TYR A 1435 38.54 -38.59 1.41
CA TYR A 1435 37.33 -38.14 2.06
C TYR A 1435 36.56 -39.35 2.58
N ASN A 1436 36.22 -39.33 3.86
CA ASN A 1436 35.56 -40.45 4.52
C ASN A 1436 34.04 -40.48 4.32
N PRO A 1437 33.31 -39.38 4.54
CA PRO A 1437 31.84 -39.48 4.54
C PRO A 1437 31.26 -40.01 3.25
N MET A 1438 31.83 -39.65 2.09
CA MET A 1438 31.30 -40.17 0.83
C MET A 1438 31.44 -41.68 0.78
N ALA A 1439 32.59 -42.20 1.22
CA ALA A 1439 32.76 -43.64 1.32
C ALA A 1439 31.76 -44.25 2.29
N ARG A 1440 31.46 -43.57 3.40
CA ARG A 1440 30.44 -44.07 4.31
C ARG A 1440 29.10 -44.21 3.62
N ASP A 1441 28.74 -43.23 2.79
CA ASP A 1441 27.46 -43.30 2.10
C ASP A 1441 27.42 -44.39 1.03
N LEU A 1442 28.57 -44.95 0.66
CA LEU A 1442 28.65 -45.84 -0.50
C LEU A 1442 28.96 -47.28 -0.13
N PHE A 1443 28.87 -47.64 1.15
CA PHE A 1443 29.23 -48.98 1.57
C PHE A 1443 28.37 -50.05 0.94
N ASN A 1444 27.06 -49.81 0.85
CA ASN A 1444 26.14 -50.83 0.33
C ASN A 1444 26.51 -51.22 -1.09
N ALA A 1445 26.84 -50.24 -1.93
CA ALA A 1445 27.18 -50.54 -3.30
C ALA A 1445 28.40 -51.44 -3.39
N ALA A 1446 29.47 -51.10 -2.67
CA ALA A 1446 30.66 -51.92 -2.71
C ALA A 1446 30.38 -53.32 -2.20
N PHE A 1447 29.64 -53.43 -1.10
CA PHE A 1447 29.37 -54.74 -0.54
C PHE A 1447 28.61 -55.61 -1.53
N VAL A 1448 27.53 -55.07 -2.11
CA VAL A 1448 26.72 -55.89 -3.00
C VAL A 1448 27.48 -56.21 -4.27
N SER A 1449 28.28 -55.27 -4.77
CA SER A 1449 29.05 -55.53 -5.98
C SER A 1449 30.04 -56.66 -5.77
N CYS A 1450 30.86 -56.56 -4.72
CA CYS A 1450 31.86 -57.59 -4.50
C CYS A 1450 31.23 -58.92 -4.11
N TRP A 1451 30.10 -58.87 -3.39
CA TRP A 1451 29.46 -60.10 -2.94
C TRP A 1451 29.04 -60.98 -4.10
N SER A 1452 28.49 -60.38 -5.16
CA SER A 1452 28.04 -61.15 -6.31
C SER A 1452 29.17 -61.92 -6.97
N GLU A 1453 30.42 -61.53 -6.73
CA GLU A 1453 31.56 -62.27 -7.24
C GLU A 1453 32.18 -63.20 -6.21
N LEU A 1454 31.89 -63.00 -4.93
CA LEU A 1454 32.38 -63.90 -3.91
C LEU A 1454 31.67 -65.25 -4.04
N ASN A 1455 32.43 -66.31 -3.83
CA ASN A 1455 31.91 -67.66 -4.02
C ASN A 1455 31.45 -68.23 -2.67
N GLU A 1456 31.11 -69.52 -2.66
CA GLU A 1456 30.42 -70.11 -1.53
C GLU A 1456 31.22 -69.98 -0.24
N ASP A 1457 32.41 -70.57 -0.21
CA ASP A 1457 33.20 -70.60 1.02
C ASP A 1457 33.60 -69.20 1.47
N GLN A 1458 33.98 -68.35 0.51
CA GLN A 1458 34.36 -66.99 0.86
C GLN A 1458 33.19 -66.21 1.43
N GLN A 1459 32.00 -66.40 0.87
CA GLN A 1459 30.81 -65.79 1.46
C GLN A 1459 30.50 -66.36 2.83
N ASP A 1460 30.78 -67.65 3.06
CA ASP A 1460 30.62 -68.22 4.39
C ASP A 1460 31.53 -67.52 5.38
N GLU A 1461 32.79 -67.31 5.00
CA GLU A 1461 33.71 -66.59 5.87
C GLU A 1461 33.21 -65.17 6.13
N LEU A 1462 32.73 -64.50 5.08
CA LEU A 1462 32.23 -63.14 5.25
C LEU A 1462 31.08 -63.10 6.24
N ILE A 1463 30.11 -64.01 6.10
CA ILE A 1463 28.94 -63.95 6.97
C ILE A 1463 29.31 -64.33 8.40
N ARG A 1464 30.20 -65.31 8.59
CA ARG A 1464 30.62 -65.63 9.94
C ARG A 1464 31.30 -64.43 10.60
N SER A 1465 32.24 -63.81 9.88
CA SER A 1465 32.96 -62.67 10.44
C SER A 1465 32.02 -61.52 10.74
N ILE A 1466 31.06 -61.28 9.86
CA ILE A 1466 30.15 -60.16 10.06
C ILE A 1466 29.21 -60.44 11.22
N GLU A 1467 28.80 -61.69 11.41
CA GLU A 1467 28.00 -62.03 12.57
C GLU A 1467 28.78 -61.81 13.85
N LEU A 1468 30.05 -62.22 13.87
CA LEU A 1468 30.87 -61.97 15.05
C LEU A 1468 30.98 -60.48 15.33
N ALA A 1469 31.24 -59.69 14.29
CA ALA A 1469 31.36 -58.24 14.47
C ALA A 1469 30.05 -57.64 14.97
N LEU A 1470 28.91 -58.18 14.51
CA LEU A 1470 27.63 -57.68 14.98
C LEU A 1470 27.42 -57.99 16.45
N THR A 1471 27.47 -59.26 16.81
CA THR A 1471 27.18 -59.69 18.17
C THR A 1471 28.23 -59.23 19.17
N SER A 1472 29.41 -58.83 18.72
CA SER A 1472 30.50 -58.55 19.64
C SER A 1472 30.65 -57.08 19.95
N GLN A 1473 30.06 -56.20 19.14
CA GLN A 1473 30.22 -54.77 19.29
C GLN A 1473 28.88 -54.11 19.59
N ASP A 1474 28.95 -52.91 20.16
CA ASP A 1474 27.75 -52.23 20.65
C ASP A 1474 27.73 -50.74 20.30
N ILE A 1475 28.72 -50.24 19.56
CA ILE A 1475 28.70 -48.84 19.19
C ILE A 1475 27.55 -48.56 18.23
N ALA A 1476 26.90 -47.41 18.44
CA ALA A 1476 25.69 -47.10 17.69
C ALA A 1476 25.94 -47.01 16.19
N GLU A 1477 27.02 -46.35 15.79
CA GLU A 1477 27.24 -46.09 14.37
C GLU A 1477 27.43 -47.38 13.59
N VAL A 1478 28.21 -48.31 14.13
CA VAL A 1478 28.50 -49.53 13.39
C VAL A 1478 27.27 -50.43 13.33
N THR A 1479 26.51 -50.49 14.42
CA THR A 1479 25.26 -51.23 14.40
C THR A 1479 24.32 -50.65 13.37
N GLN A 1480 24.22 -49.33 13.30
CA GLN A 1480 23.40 -48.71 12.27
C GLN A 1480 23.89 -49.07 10.88
N THR A 1481 25.21 -49.06 10.67
CA THR A 1481 25.76 -49.40 9.37
C THR A 1481 25.35 -50.81 8.97
N LEU A 1482 25.49 -51.76 9.89
CA LEU A 1482 25.12 -53.14 9.59
C LEU A 1482 23.63 -53.27 9.33
N LEU A 1483 22.81 -52.56 10.12
CA LEU A 1483 21.36 -52.64 9.92
C LEU A 1483 20.97 -52.09 8.55
N ASN A 1484 21.53 -50.94 8.17
CA ASN A 1484 21.25 -50.40 6.85
C ASN A 1484 21.70 -51.35 5.76
N LEU A 1485 22.87 -51.95 5.93
CA LEU A 1485 23.35 -52.92 4.95
C LEU A 1485 22.34 -54.05 4.77
N ALA A 1486 21.89 -54.64 5.87
CA ALA A 1486 20.96 -55.76 5.78
C ALA A 1486 19.65 -55.32 5.13
N GLU A 1487 19.09 -54.19 5.57
CA GLU A 1487 17.80 -53.79 5.05
C GLU A 1487 17.89 -53.41 3.57
N PHE A 1488 19.04 -52.94 3.12
CA PHE A 1488 19.20 -52.70 1.69
C PHE A 1488 19.31 -54.00 0.93
N MET A 1489 19.92 -55.03 1.53
CA MET A 1489 19.90 -56.34 0.87
C MET A 1489 18.50 -56.89 0.73
N GLU A 1490 17.68 -56.75 1.78
CA GLU A 1490 16.39 -57.42 1.73
C GLU A 1490 15.41 -56.81 0.74
N HIS A 1491 15.68 -55.60 0.25
CA HIS A 1491 14.89 -55.05 -0.86
C HIS A 1491 15.45 -55.42 -2.22
N SER A 1492 16.62 -56.04 -2.30
CA SER A 1492 17.15 -56.44 -3.58
C SER A 1492 16.43 -57.68 -4.09
N ASP A 1493 16.82 -58.14 -5.28
CA ASP A 1493 16.22 -59.34 -5.84
C ASP A 1493 16.93 -60.61 -5.41
N LYS A 1494 18.19 -60.52 -4.98
CA LYS A 1494 18.95 -61.69 -4.57
C LYS A 1494 18.61 -62.17 -3.17
N GLY A 1495 17.55 -61.65 -2.57
CA GLY A 1495 17.10 -62.14 -1.30
C GLY A 1495 17.89 -61.59 -0.13
N PRO A 1496 17.38 -61.77 1.08
CA PRO A 1496 18.11 -61.32 2.26
C PRO A 1496 19.38 -62.13 2.44
N LEU A 1497 20.35 -61.49 3.08
CA LEU A 1497 21.62 -62.16 3.32
C LEU A 1497 21.41 -63.28 4.34
N PRO A 1498 21.75 -64.53 3.99
CA PRO A 1498 21.49 -65.64 4.91
C PRO A 1498 22.42 -65.59 6.11
N LEU A 1499 21.85 -65.44 7.30
CA LEU A 1499 22.60 -65.51 8.53
C LEU A 1499 22.57 -66.95 9.05
N ARG A 1500 22.97 -67.14 10.30
CA ARG A 1500 23.07 -68.48 10.87
C ARG A 1500 21.70 -69.16 10.91
N ASP A 1501 20.67 -68.43 11.32
CA ASP A 1501 19.39 -69.03 11.68
C ASP A 1501 18.27 -68.06 11.36
N ASP A 1502 17.43 -68.41 10.38
CA ASP A 1502 16.33 -67.56 9.95
C ASP A 1502 16.80 -66.14 9.71
N ASN A 1503 17.85 -66.02 8.90
CA ASN A 1503 18.45 -64.74 8.54
C ASN A 1503 18.85 -63.94 9.77
N GLY A 1504 19.04 -64.61 10.90
CA GLY A 1504 19.41 -63.94 12.13
C GLY A 1504 18.39 -62.93 12.61
N ILE A 1505 17.13 -63.09 12.18
CA ILE A 1505 16.13 -62.09 12.51
C ILE A 1505 15.95 -61.95 14.02
N VAL A 1506 16.12 -63.03 14.78
CA VAL A 1506 16.05 -62.89 16.23
C VAL A 1506 17.26 -62.12 16.75
N LEU A 1507 18.46 -62.40 16.23
CA LEU A 1507 19.65 -61.71 16.70
C LEU A 1507 19.60 -60.23 16.35
N LEU A 1508 19.29 -59.93 15.09
CA LEU A 1508 19.31 -58.55 14.63
C LEU A 1508 18.33 -57.70 15.43
N GLY A 1509 17.10 -58.18 15.61
CA GLY A 1509 16.15 -57.48 16.45
C GLY A 1509 16.70 -57.26 17.85
N GLU A 1510 17.39 -58.26 18.38
CA GLU A 1510 18.09 -58.11 19.64
C GLU A 1510 18.97 -56.89 19.66
N ARG A 1511 19.77 -56.66 18.62
CA ARG A 1511 20.61 -55.48 18.56
C ARG A 1511 19.81 -54.21 18.33
N ALA A 1512 18.63 -54.31 17.70
CA ALA A 1512 17.88 -53.13 17.30
C ALA A 1512 17.42 -52.28 18.46
N ALA A 1513 16.93 -52.89 19.54
CA ALA A 1513 16.39 -52.12 20.64
C ALA A 1513 17.46 -51.24 21.28
N LYS A 1514 18.69 -51.72 21.33
CA LYS A 1514 19.74 -51.00 22.03
C LYS A 1514 20.28 -49.82 21.23
N CYS A 1515 20.10 -49.80 19.92
CA CYS A 1515 20.51 -48.67 19.11
C CYS A 1515 19.39 -47.67 18.87
N ARG A 1516 18.22 -47.89 19.50
CA ARG A 1516 17.13 -46.93 19.56
C ARG A 1516 16.50 -46.66 18.20
N ALA A 1517 16.67 -47.60 17.28
CA ALA A 1517 16.00 -47.55 15.97
C ALA A 1517 14.88 -48.58 16.04
N TYR A 1518 13.65 -48.09 16.20
CA TYR A 1518 12.58 -48.96 16.68
C TYR A 1518 11.65 -49.46 15.59
N ALA A 1519 11.50 -48.73 14.48
CA ALA A 1519 10.66 -49.24 13.40
C ALA A 1519 11.20 -50.56 12.88
N LYS A 1520 12.52 -50.65 12.71
CA LYS A 1520 13.15 -51.90 12.32
C LYS A 1520 12.83 -52.99 13.33
N ALA A 1521 12.84 -52.64 14.62
CA ALA A 1521 12.51 -53.63 15.65
C ALA A 1521 11.09 -54.14 15.48
N LEU A 1522 10.13 -53.24 15.24
CA LEU A 1522 8.76 -53.68 15.06
C LEU A 1522 8.62 -54.59 13.85
N HIS A 1523 9.25 -54.21 12.73
CA HIS A 1523 9.14 -55.01 11.52
C HIS A 1523 9.76 -56.39 11.72
N TYR A 1524 10.89 -56.44 12.42
CA TYR A 1524 11.50 -57.72 12.76
C TYR A 1524 10.56 -58.57 13.60
N LYS A 1525 9.94 -57.97 14.60
CA LYS A 1525 8.99 -58.72 15.41
C LYS A 1525 7.81 -59.20 14.59
N GLU A 1526 7.43 -58.43 13.57
CA GLU A 1526 6.40 -58.91 12.64
C GLU A 1526 6.85 -60.19 11.96
N LEU A 1527 8.06 -60.17 11.39
CA LEU A 1527 8.59 -61.35 10.75
C LEU A 1527 8.62 -62.53 11.70
N GLU A 1528 8.97 -62.29 12.96
CA GLU A 1528 8.92 -63.34 13.96
C GLU A 1528 7.50 -63.83 14.16
N PHE A 1529 6.52 -62.93 14.21
CA PHE A 1529 5.18 -63.33 14.57
C PHE A 1529 4.52 -64.19 13.51
N GLN A 1530 4.72 -63.89 12.21
CA GLN A 1530 3.90 -64.60 11.23
C GLN A 1530 4.05 -66.11 11.34
N LYS A 1531 5.20 -66.59 11.82
CA LYS A 1531 5.43 -68.03 11.89
C LYS A 1531 4.56 -68.68 12.95
N GLY A 1532 4.75 -68.30 14.21
CA GLY A 1532 4.03 -68.91 15.31
C GLY A 1532 3.85 -67.98 16.49
N PRO A 1533 2.61 -67.90 16.99
CA PRO A 1533 2.34 -67.01 18.13
C PRO A 1533 2.82 -67.65 19.43
N THR A 1534 3.61 -66.88 20.18
CA THR A 1534 4.08 -67.28 21.50
C THR A 1534 3.89 -66.10 22.45
N PRO A 1535 3.75 -66.37 23.75
CA PRO A 1535 3.57 -65.26 24.70
C PRO A 1535 4.72 -64.28 24.71
N ALA A 1536 5.96 -64.74 24.58
CA ALA A 1536 7.10 -63.85 24.70
C ALA A 1536 7.09 -62.79 23.60
N ILE A 1537 6.85 -63.20 22.36
CA ILE A 1537 6.80 -62.23 21.28
C ILE A 1537 5.64 -61.28 21.46
N LEU A 1538 4.52 -61.76 22.00
CA LEU A 1538 3.40 -60.88 22.26
C LEU A 1538 3.78 -59.79 23.26
N GLU A 1539 4.47 -60.16 24.33
CA GLU A 1539 4.89 -59.15 25.30
C GLU A 1539 5.92 -58.21 24.68
N SER A 1540 6.78 -58.74 23.82
CA SER A 1540 7.71 -57.89 23.10
C SER A 1540 6.98 -56.86 22.24
N LEU A 1541 5.92 -57.29 21.56
CA LEU A 1541 5.09 -56.36 20.79
C LEU A 1541 4.49 -55.30 21.69
N ILE A 1542 3.96 -55.72 22.84
CA ILE A 1542 3.36 -54.78 23.77
C ILE A 1542 4.37 -53.71 24.16
N SER A 1543 5.56 -54.15 24.58
CA SER A 1543 6.57 -53.20 25.00
C SER A 1543 7.02 -52.29 23.88
N ILE A 1544 7.22 -52.83 22.67
CA ILE A 1544 7.74 -52.03 21.59
C ILE A 1544 6.71 -51.02 21.10
N ASN A 1545 5.43 -51.41 21.06
CA ASN A 1545 4.37 -50.44 20.77
C ASN A 1545 4.29 -49.36 21.83
N ASN A 1546 4.41 -49.74 23.11
CA ASN A 1546 4.35 -48.73 24.17
C ASN A 1546 5.41 -47.67 23.96
N LYS A 1547 6.66 -48.07 23.78
CA LYS A 1547 7.71 -47.11 23.48
C LYS A 1547 7.53 -46.47 22.10
N LEU A 1548 6.68 -47.04 21.25
CA LEU A 1548 6.38 -46.45 19.97
C LEU A 1548 5.13 -45.56 20.03
N GLN A 1549 4.63 -45.31 21.24
CA GLN A 1549 3.58 -44.30 21.46
C GLN A 1549 2.29 -44.65 20.74
N GLN A 1550 1.98 -45.94 20.66
CA GLN A 1550 0.81 -46.42 19.93
C GLN A 1550 0.03 -47.36 20.83
N PRO A 1551 -0.80 -46.83 21.71
CA PRO A 1551 -1.56 -47.68 22.63
C PRO A 1551 -2.53 -48.62 21.94
N GLU A 1552 -3.07 -48.20 20.80
CA GLU A 1552 -4.12 -48.98 20.16
C GLU A 1552 -3.58 -50.32 19.64
N ALA A 1553 -2.35 -50.31 19.14
CA ALA A 1553 -1.72 -51.57 18.77
C ALA A 1553 -1.61 -52.49 19.97
N ALA A 1554 -1.27 -51.94 21.13
CA ALA A 1554 -1.21 -52.75 22.33
C ALA A 1554 -2.57 -53.31 22.70
N ALA A 1555 -3.64 -52.50 22.59
CA ALA A 1555 -4.97 -53.00 22.90
C ALA A 1555 -5.37 -54.14 21.96
N GLY A 1556 -5.05 -53.99 20.67
CA GLY A 1556 -5.32 -55.06 19.73
C GLY A 1556 -4.55 -56.32 20.04
N VAL A 1557 -3.27 -56.20 20.37
CA VAL A 1557 -2.50 -57.37 20.79
C VAL A 1557 -3.15 -58.03 21.98
N LEU A 1558 -3.62 -57.22 22.94
CA LEU A 1558 -4.28 -57.79 24.11
C LEU A 1558 -5.52 -58.58 23.72
N GLU A 1559 -6.35 -58.00 22.86
CA GLU A 1559 -7.57 -58.70 22.43
C GLU A 1559 -7.24 -60.01 21.74
N TYR A 1560 -6.27 -59.98 20.82
CA TYR A 1560 -5.86 -61.20 20.13
C TYR A 1560 -5.37 -62.24 21.12
N ALA A 1561 -4.60 -61.81 22.12
CA ALA A 1561 -4.11 -62.74 23.12
C ALA A 1561 -5.25 -63.39 23.90
N MET A 1562 -6.26 -62.61 24.29
CA MET A 1562 -7.38 -63.26 24.97
C MET A 1562 -8.14 -64.24 24.08
N LYS A 1563 -8.38 -63.90 22.82
CA LYS A 1563 -9.28 -64.76 22.06
C LYS A 1563 -8.59 -65.75 21.14
N HIS A 1564 -7.25 -65.78 21.11
CA HIS A 1564 -6.54 -66.75 20.29
C HIS A 1564 -5.61 -67.65 21.08
N PHE A 1565 -5.08 -67.19 22.21
CA PHE A 1565 -4.51 -68.09 23.20
C PHE A 1565 -5.56 -68.52 24.21
N GLY A 1566 -6.17 -67.57 24.91
CA GLY A 1566 -7.32 -67.86 25.75
C GLY A 1566 -7.13 -68.89 26.83
N GLU A 1567 -6.00 -68.83 27.53
CA GLU A 1567 -5.77 -69.73 28.66
C GLU A 1567 -5.55 -68.98 29.96
N LEU A 1568 -5.70 -67.65 29.95
CA LEU A 1568 -5.49 -66.83 31.14
C LEU A 1568 -4.08 -67.00 31.68
N GLU A 1569 -3.13 -67.21 30.77
CA GLU A 1569 -1.71 -67.14 31.11
C GLU A 1569 -1.26 -65.69 31.30
N ILE A 1570 -2.14 -64.73 31.04
CA ILE A 1570 -1.79 -63.33 31.09
C ILE A 1570 -1.33 -62.98 32.51
N GLN A 1571 -0.05 -62.66 32.65
CA GLN A 1571 0.46 -62.13 33.90
C GLN A 1571 0.23 -60.64 33.96
N ALA A 1572 -0.14 -60.18 35.16
CA ALA A 1572 -0.69 -58.84 35.32
C ALA A 1572 0.27 -57.74 34.86
N THR A 1573 1.57 -58.03 34.79
CA THR A 1573 2.50 -57.03 34.28
C THR A 1573 2.12 -56.59 32.86
N TRP A 1574 1.43 -57.45 32.13
CA TRP A 1574 0.88 -57.05 30.85
C TRP A 1574 -0.08 -55.88 31.01
N TYR A 1575 -1.06 -56.00 31.90
CA TYR A 1575 -1.93 -54.86 32.16
C TYR A 1575 -1.15 -53.69 32.71
N GLU A 1576 -0.13 -53.96 33.52
CA GLU A 1576 0.73 -52.91 34.03
C GLU A 1576 1.26 -52.03 32.91
N LYS A 1577 1.82 -52.66 31.88
CA LYS A 1577 2.32 -51.88 30.74
C LYS A 1577 1.19 -51.23 29.97
N LEU A 1578 0.03 -51.86 29.94
CA LEU A 1578 -1.13 -51.33 29.23
C LEU A 1578 -1.87 -50.25 30.01
N HIS A 1579 -1.46 -49.97 31.24
CA HIS A 1579 -2.11 -48.98 32.08
C HIS A 1579 -3.58 -49.30 32.30
N GLU A 1580 -3.91 -50.59 32.36
CA GLU A 1580 -5.25 -51.04 32.76
C GLU A 1580 -5.19 -51.46 34.22
N TRP A 1581 -5.17 -50.46 35.09
CA TRP A 1581 -4.87 -50.70 36.50
C TRP A 1581 -5.96 -51.52 37.18
N GLU A 1582 -7.23 -51.30 36.79
CA GLU A 1582 -8.32 -52.06 37.38
C GLU A 1582 -8.17 -53.55 37.09
N ASP A 1583 -7.83 -53.88 35.84
CA ASP A 1583 -7.61 -55.27 35.48
C ASP A 1583 -6.46 -55.85 36.29
N ALA A 1584 -5.38 -55.09 36.48
CA ALA A 1584 -4.27 -55.56 37.30
C ALA A 1584 -4.68 -55.80 38.73
N LEU A 1585 -5.50 -54.92 39.29
CA LEU A 1585 -6.01 -55.13 40.65
C LEU A 1585 -6.77 -56.44 40.73
N VAL A 1586 -7.71 -56.67 39.82
CA VAL A 1586 -8.48 -57.90 39.85
C VAL A 1586 -7.57 -59.10 39.65
N ALA A 1587 -6.58 -58.97 38.76
CA ALA A 1587 -5.67 -60.07 38.47
C ALA A 1587 -4.87 -60.46 39.70
N TYR A 1588 -4.37 -59.47 40.43
CA TYR A 1588 -3.62 -59.78 41.64
C TYR A 1588 -4.54 -60.30 42.74
N ASP A 1589 -5.78 -59.82 42.80
CA ASP A 1589 -6.74 -60.42 43.72
C ASP A 1589 -6.90 -61.91 43.46
N LYS A 1590 -7.13 -62.29 42.20
CA LYS A 1590 -7.21 -63.71 41.87
C LYS A 1590 -5.91 -64.43 42.16
N LYS A 1591 -4.79 -63.85 41.75
CA LYS A 1591 -3.50 -64.49 41.89
C LYS A 1591 -3.15 -64.77 43.35
N MET A 1592 -3.59 -63.89 44.25
CA MET A 1592 -3.27 -64.04 45.65
C MET A 1592 -4.38 -64.73 46.42
N ASP A 1593 -5.53 -64.96 45.77
CA ASP A 1593 -6.53 -65.85 46.33
C ASP A 1593 -5.95 -67.23 46.60
N THR A 1594 -4.91 -67.62 45.86
CA THR A 1594 -4.25 -68.89 46.12
C THR A 1594 -3.58 -68.89 47.50
N ASN A 1595 -2.70 -67.92 47.75
CA ASN A 1595 -1.92 -67.87 48.99
C ASN A 1595 -1.05 -66.64 48.99
N LYS A 1596 -0.48 -66.32 50.15
CA LYS A 1596 0.56 -65.31 50.25
C LYS A 1596 1.88 -65.93 49.84
N ASP A 1597 2.64 -65.25 48.99
CA ASP A 1597 3.85 -65.80 48.42
C ASP A 1597 4.99 -64.79 48.44
N ASP A 1598 6.04 -65.10 47.67
CA ASP A 1598 7.30 -64.40 47.69
C ASP A 1598 7.17 -62.97 47.17
N PRO A 1599 8.25 -62.16 47.25
CA PRO A 1599 8.22 -60.81 46.67
C PRO A 1599 8.00 -60.81 45.16
N GLU A 1600 7.97 -59.61 44.57
CA GLU A 1600 7.56 -59.33 43.20
C GLU A 1600 6.07 -59.61 43.02
N LEU A 1601 5.39 -59.98 44.08
CA LEU A 1601 4.01 -60.44 44.02
C LEU A 1601 3.08 -59.58 44.86
N MET A 1602 3.62 -58.91 45.88
CA MET A 1602 2.90 -57.86 46.59
C MET A 1602 3.15 -56.50 45.96
N LEU A 1603 4.37 -56.27 45.50
CA LEU A 1603 4.75 -54.96 44.96
C LEU A 1603 3.80 -54.54 43.86
N GLY A 1604 3.34 -55.50 43.06
CA GLY A 1604 2.45 -55.16 41.97
C GLY A 1604 1.17 -54.50 42.44
N ARG A 1605 0.53 -55.06 43.48
CA ARG A 1605 -0.76 -54.48 43.82
C ARG A 1605 -0.60 -53.31 44.80
N MET A 1606 0.55 -53.21 45.49
CA MET A 1606 0.81 -51.89 46.07
C MET A 1606 0.87 -50.84 44.97
N ARG A 1607 1.54 -51.15 43.86
CA ARG A 1607 1.64 -50.17 42.77
C ARG A 1607 0.27 -49.86 42.17
N CYS A 1608 -0.58 -50.87 42.00
CA CYS A 1608 -1.88 -50.55 41.38
C CYS A 1608 -2.71 -49.70 42.33
N LEU A 1609 -2.67 -50.00 43.63
CA LEU A 1609 -3.38 -49.14 44.56
C LEU A 1609 -2.79 -47.75 44.61
N GLU A 1610 -1.49 -47.63 44.39
CA GLU A 1610 -0.87 -46.32 44.24
C GLU A 1610 -1.47 -45.57 43.06
N ALA A 1611 -1.29 -46.12 41.85
CA ALA A 1611 -1.75 -45.45 40.65
C ALA A 1611 -3.24 -45.15 40.68
N LEU A 1612 -4.04 -46.01 41.29
CA LEU A 1612 -5.45 -45.70 41.46
C LEU A 1612 -5.66 -44.49 42.33
N GLY A 1613 -4.78 -44.26 43.30
CA GLY A 1613 -4.85 -43.10 44.15
C GLY A 1613 -5.49 -43.32 45.51
N GLU A 1614 -5.83 -44.54 45.88
CA GLU A 1614 -6.37 -44.83 47.20
C GLU A 1614 -5.20 -45.04 48.14
N TRP A 1615 -5.12 -44.21 49.18
CA TRP A 1615 -3.97 -44.25 50.07
C TRP A 1615 -4.23 -45.04 51.34
N GLY A 1616 -5.44 -44.98 51.89
CA GLY A 1616 -5.72 -45.59 53.17
C GLY A 1616 -5.54 -47.10 53.18
N GLN A 1617 -6.12 -47.78 52.17
CA GLN A 1617 -5.91 -49.21 52.05
C GLN A 1617 -4.45 -49.53 51.78
N LEU A 1618 -3.77 -48.65 51.06
CA LEU A 1618 -2.36 -48.85 50.77
C LEU A 1618 -1.54 -48.85 52.04
N HIS A 1619 -1.78 -47.89 52.93
CA HIS A 1619 -1.08 -47.84 54.20
C HIS A 1619 -1.49 -49.00 55.10
N GLN A 1620 -2.76 -49.39 55.07
CA GLN A 1620 -3.20 -50.58 55.79
C GLN A 1620 -2.36 -51.78 55.40
N GLN A 1621 -2.19 -51.99 54.09
CA GLN A 1621 -1.32 -53.06 53.63
C GLN A 1621 0.11 -52.86 54.09
N CYS A 1622 0.63 -51.64 53.98
CA CYS A 1622 2.04 -51.41 54.27
C CYS A 1622 2.38 -51.72 55.73
N CYS A 1623 1.53 -51.27 56.66
CA CYS A 1623 1.83 -51.48 58.08
C CYS A 1623 1.82 -52.97 58.43
N GLU A 1624 0.87 -53.72 57.87
CA GLU A 1624 0.74 -55.14 58.18
C GLU A 1624 1.96 -55.95 57.75
N LYS A 1625 2.77 -55.45 56.82
CA LYS A 1625 3.81 -56.26 56.24
C LYS A 1625 5.19 -55.61 56.25
N TRP A 1626 5.29 -54.34 56.67
CA TRP A 1626 6.58 -53.67 56.57
C TRP A 1626 7.65 -54.39 57.37
N THR A 1627 7.27 -55.02 58.48
CA THR A 1627 8.24 -55.66 59.35
C THR A 1627 8.68 -57.01 58.78
N LEU A 1628 7.74 -57.93 58.59
CA LEU A 1628 8.08 -59.28 58.19
C LEU A 1628 8.41 -59.36 56.70
N VAL A 1629 9.37 -58.54 56.27
CA VAL A 1629 9.88 -58.55 54.91
C VAL A 1629 11.32 -58.06 54.95
N ASN A 1630 12.10 -58.46 53.95
CA ASN A 1630 13.52 -58.18 53.95
C ASN A 1630 13.78 -56.68 53.76
N ASP A 1631 15.06 -56.31 53.75
CA ASP A 1631 15.45 -54.91 53.75
C ASP A 1631 15.49 -54.32 52.34
N GLU A 1632 16.18 -54.98 51.41
CA GLU A 1632 16.23 -54.53 50.04
C GLU A 1632 14.84 -54.48 49.41
N THR A 1633 13.89 -55.22 49.96
CA THR A 1633 12.49 -55.12 49.61
C THR A 1633 11.80 -53.96 50.31
N GLN A 1634 12.08 -53.75 51.60
CA GLN A 1634 11.65 -52.51 52.24
C GLN A 1634 12.15 -51.31 51.46
N ALA A 1635 13.35 -51.42 50.89
CA ALA A 1635 13.83 -50.37 49.99
C ALA A 1635 12.92 -50.19 48.80
N LYS A 1636 12.44 -51.28 48.20
CA LYS A 1636 11.53 -51.18 47.08
C LYS A 1636 10.20 -50.55 47.45
N MET A 1637 9.66 -50.85 48.63
CA MET A 1637 8.38 -50.29 49.03
C MET A 1637 8.51 -48.97 49.78
N ALA A 1638 9.72 -48.46 49.97
CA ALA A 1638 9.90 -47.22 50.72
C ALA A 1638 9.22 -46.03 50.04
N ARG A 1639 9.39 -45.89 48.73
CA ARG A 1639 8.81 -44.75 48.04
C ARG A 1639 7.29 -44.76 48.14
N MET A 1640 6.70 -45.95 47.96
CA MET A 1640 5.26 -46.10 48.15
C MET A 1640 4.86 -45.75 49.58
N ALA A 1641 5.63 -46.21 50.56
CA ALA A 1641 5.28 -45.91 51.94
C ALA A 1641 5.25 -44.41 52.17
N ALA A 1642 6.25 -43.72 51.64
CA ALA A 1642 6.30 -42.26 51.78
C ALA A 1642 5.10 -41.62 51.10
N ALA A 1643 4.77 -42.05 49.89
CA ALA A 1643 3.67 -41.43 49.16
C ALA A 1643 2.35 -41.61 49.87
N ALA A 1644 2.06 -42.84 50.31
CA ALA A 1644 0.82 -43.09 51.02
C ALA A 1644 0.77 -42.33 52.34
N ALA A 1645 1.90 -42.27 53.04
CA ALA A 1645 1.95 -41.55 54.30
C ALA A 1645 1.66 -40.07 54.11
N TRP A 1646 2.24 -39.46 53.08
CA TRP A 1646 1.87 -38.10 52.74
C TRP A 1646 0.39 -37.99 52.42
N GLY A 1647 -0.14 -38.98 51.71
CA GLY A 1647 -1.57 -38.99 51.43
C GLY A 1647 -2.40 -38.94 52.69
N LEU A 1648 -1.98 -39.65 53.73
CA LEU A 1648 -2.70 -39.61 55.01
C LEU A 1648 -2.18 -38.54 55.95
N GLY A 1649 -1.12 -37.83 55.58
CA GLY A 1649 -0.59 -36.79 56.43
C GLY A 1649 0.00 -37.25 57.75
N GLN A 1650 0.76 -38.34 57.75
CA GLN A 1650 1.48 -38.77 58.95
C GLN A 1650 2.96 -38.57 58.70
N TRP A 1651 3.44 -37.35 58.93
CA TRP A 1651 4.85 -37.05 58.74
C TRP A 1651 5.72 -37.81 59.75
N ASP A 1652 5.16 -38.13 60.92
CA ASP A 1652 5.88 -39.01 61.84
C ASP A 1652 6.20 -40.33 61.18
N SER A 1653 5.25 -40.87 60.41
CA SER A 1653 5.53 -42.06 59.62
C SER A 1653 6.40 -41.75 58.41
N MET A 1654 6.23 -40.58 57.80
CA MET A 1654 7.03 -40.24 56.62
C MET A 1654 8.51 -40.20 56.95
N GLU A 1655 8.88 -39.61 58.08
CA GLU A 1655 10.29 -39.46 58.41
C GLU A 1655 10.93 -40.81 58.68
N GLU A 1656 10.23 -41.71 59.35
CA GLU A 1656 10.80 -43.03 59.57
C GLU A 1656 10.83 -43.85 58.29
N TYR A 1657 9.91 -43.60 57.36
CA TYR A 1657 9.98 -44.29 56.08
C TYR A 1657 11.15 -43.79 55.25
N THR A 1658 11.38 -42.48 55.24
CA THR A 1658 12.30 -41.89 54.27
C THR A 1658 13.75 -42.16 54.61
N CYS A 1659 14.04 -42.54 55.85
CA CYS A 1659 15.44 -42.68 56.25
C CYS A 1659 16.11 -43.90 55.60
N MET A 1660 15.36 -44.74 54.90
CA MET A 1660 15.95 -45.85 54.16
C MET A 1660 16.27 -45.52 52.71
N ILE A 1661 15.59 -44.55 52.11
CA ILE A 1661 15.70 -44.35 50.67
C ILE A 1661 17.12 -43.91 50.32
N PRO A 1662 17.74 -44.52 49.31
CA PRO A 1662 19.12 -44.14 48.97
C PRO A 1662 19.19 -42.70 48.50
N ARG A 1663 20.33 -42.06 48.77
CA ARG A 1663 20.52 -40.65 48.48
C ARG A 1663 20.71 -40.37 46.99
N ASP A 1664 21.29 -41.29 46.23
CA ASP A 1664 21.50 -41.08 44.80
C ASP A 1664 20.21 -41.04 44.01
N THR A 1665 19.10 -41.46 44.61
CA THR A 1665 17.82 -41.51 43.93
C THR A 1665 17.18 -40.13 43.92
N HIS A 1666 16.65 -39.77 42.75
CA HIS A 1666 15.96 -38.50 42.59
C HIS A 1666 14.80 -38.38 43.56
N ASP A 1667 13.91 -39.38 43.57
CA ASP A 1667 12.73 -39.30 44.44
C ASP A 1667 13.13 -39.26 45.91
N GLY A 1668 14.23 -39.91 46.28
CA GLY A 1668 14.68 -39.83 47.66
C GLY A 1668 15.02 -38.41 48.07
N ALA A 1669 15.79 -37.72 47.23
CA ALA A 1669 16.12 -36.32 47.52
C ALA A 1669 14.86 -35.47 47.57
N PHE A 1670 13.94 -35.68 46.63
CA PHE A 1670 12.72 -34.88 46.60
C PHE A 1670 11.89 -35.08 47.87
N TYR A 1671 11.75 -36.33 48.30
CA TYR A 1671 10.95 -36.60 49.49
C TYR A 1671 11.63 -36.08 50.75
N ARG A 1672 12.95 -36.18 50.83
CA ARG A 1672 13.65 -35.57 51.95
C ARG A 1672 13.43 -34.06 51.97
N ALA A 1673 13.47 -33.44 50.79
CA ALA A 1673 13.26 -32.00 50.72
C ALA A 1673 11.87 -31.62 51.18
N VAL A 1674 10.84 -32.36 50.74
CA VAL A 1674 9.49 -31.99 51.16
C VAL A 1674 9.32 -32.23 52.65
N LEU A 1675 9.91 -33.31 53.18
CA LEU A 1675 9.83 -33.55 54.62
C LEU A 1675 10.44 -32.38 55.40
N ALA A 1676 11.65 -31.97 55.02
CA ALA A 1676 12.28 -30.87 55.72
C ALA A 1676 11.50 -29.57 55.59
N LEU A 1677 11.00 -29.28 54.38
CA LEU A 1677 10.23 -28.06 54.18
C LEU A 1677 8.96 -28.05 55.02
N HIS A 1678 8.38 -29.22 55.27
CA HIS A 1678 7.17 -29.25 56.10
C HIS A 1678 7.48 -28.81 57.52
N GLN A 1679 8.71 -29.05 57.99
CA GLN A 1679 9.09 -28.74 59.35
C GLN A 1679 9.88 -27.43 59.46
N ASP A 1680 9.90 -26.65 58.37
CA ASP A 1680 10.40 -25.28 58.39
C ASP A 1680 11.88 -25.21 58.75
N LEU A 1681 12.69 -25.84 57.91
CA LEU A 1681 14.15 -25.71 57.94
C LEU A 1681 14.53 -25.12 56.58
N PHE A 1682 14.47 -23.80 56.49
CA PHE A 1682 14.52 -23.15 55.18
C PHE A 1682 15.94 -22.89 54.70
N SER A 1683 16.91 -23.65 55.17
CA SER A 1683 18.28 -23.50 54.70
C SER A 1683 18.75 -24.71 53.89
N LEU A 1684 18.62 -25.91 54.45
CA LEU A 1684 19.09 -27.11 53.76
C LEU A 1684 18.28 -27.37 52.51
N ALA A 1685 17.02 -26.95 52.50
CA ALA A 1685 16.12 -27.31 51.42
C ALA A 1685 16.63 -26.86 50.06
N GLN A 1686 17.28 -25.69 50.00
CA GLN A 1686 17.70 -25.17 48.71
C GLN A 1686 18.79 -26.01 48.07
N GLN A 1687 19.84 -26.35 48.82
CA GLN A 1687 20.86 -27.20 48.20
C GLN A 1687 20.38 -28.63 48.04
N CYS A 1688 19.42 -29.06 48.87
CA CYS A 1688 18.77 -30.34 48.62
C CYS A 1688 18.12 -30.37 47.24
N ILE A 1689 17.29 -29.36 46.96
CA ILE A 1689 16.69 -29.24 45.64
C ILE A 1689 17.77 -29.10 44.58
N ASP A 1690 18.88 -28.45 44.91
CA ASP A 1690 19.96 -28.29 43.95
C ASP A 1690 20.53 -29.64 43.51
N LYS A 1691 20.84 -30.54 44.45
CA LYS A 1691 21.34 -31.84 44.03
C LYS A 1691 20.26 -32.67 43.35
N ALA A 1692 19.01 -32.56 43.81
CA ALA A 1692 17.93 -33.23 43.11
C ALA A 1692 17.88 -32.77 41.66
N ARG A 1693 18.20 -31.51 41.40
CA ARG A 1693 18.12 -30.96 40.06
C ARG A 1693 19.04 -31.70 39.10
N ASP A 1694 20.32 -31.84 39.43
CA ASP A 1694 21.20 -32.49 38.47
C ASP A 1694 21.03 -34.01 38.47
N LEU A 1695 20.60 -34.59 39.60
CA LEU A 1695 20.27 -36.01 39.55
C LEU A 1695 19.12 -36.27 38.60
N LEU A 1696 18.19 -35.33 38.46
CA LEU A 1696 17.20 -35.45 37.39
C LEU A 1696 17.80 -35.11 36.03
N ASP A 1697 18.71 -34.14 35.99
CA ASP A 1697 19.36 -33.74 34.74
C ASP A 1697 19.98 -34.92 34.03
N ALA A 1698 20.56 -35.86 34.79
CA ALA A 1698 21.18 -37.03 34.18
C ALA A 1698 20.24 -37.70 33.18
N GLU A 1699 19.11 -38.20 33.68
CA GLU A 1699 18.15 -38.88 32.82
C GLU A 1699 17.44 -37.91 31.88
N LEU A 1700 17.37 -36.63 32.24
CA LEU A 1700 16.74 -35.66 31.36
C LEU A 1700 17.54 -35.52 30.06
N THR A 1701 18.84 -35.28 30.18
CA THR A 1701 19.67 -35.18 28.99
C THR A 1701 19.85 -36.54 28.31
N ALA A 1702 19.82 -37.64 29.06
CA ALA A 1702 19.87 -38.95 28.42
C ALA A 1702 18.59 -39.25 27.65
N MET A 1703 17.49 -38.58 28.01
CA MET A 1703 16.19 -38.82 27.41
C MET A 1703 15.84 -37.80 26.34
N ALA A 1704 16.37 -36.58 26.44
CA ALA A 1704 15.96 -35.49 25.57
C ALA A 1704 16.40 -35.67 24.12
N GLY A 1705 17.44 -36.47 23.88
CA GLY A 1705 18.02 -36.55 22.54
C GLY A 1705 17.08 -37.02 21.46
N GLU A 1706 16.04 -37.77 21.83
CA GLU A 1706 15.19 -38.39 20.82
C GLU A 1706 14.04 -37.50 20.39
N SER A 1707 13.15 -37.15 21.31
CA SER A 1707 12.01 -36.31 20.94
C SER A 1707 11.44 -35.65 22.19
N TYR A 1708 10.67 -34.59 21.96
CA TYR A 1708 10.08 -33.83 23.06
C TYR A 1708 9.09 -34.67 23.83
N SER A 1709 8.13 -35.28 23.13
CA SER A 1709 7.11 -36.08 23.78
C SER A 1709 7.70 -37.19 24.61
N ARG A 1710 8.86 -37.70 24.21
CA ARG A 1710 9.53 -38.73 24.98
C ARG A 1710 10.07 -38.18 26.30
N ALA A 1711 10.56 -36.95 26.32
CA ALA A 1711 11.09 -36.34 27.52
C ALA A 1711 10.03 -35.61 28.33
N TYR A 1712 8.78 -35.62 27.88
CA TYR A 1712 7.71 -34.99 28.64
C TYR A 1712 7.59 -35.58 30.05
N GLY A 1713 7.82 -36.88 30.17
CA GLY A 1713 7.74 -37.54 31.47
C GLY A 1713 8.75 -37.05 32.48
N ALA A 1714 9.92 -36.62 32.01
CA ALA A 1714 10.87 -35.99 32.90
C ALA A 1714 10.61 -34.50 33.07
N MET A 1715 10.04 -33.86 32.04
CA MET A 1715 9.73 -32.44 32.19
C MET A 1715 8.65 -32.20 33.23
N VAL A 1716 7.67 -33.10 33.33
CA VAL A 1716 6.68 -32.92 34.38
C VAL A 1716 7.35 -32.97 35.74
N SER A 1717 8.34 -33.84 35.93
CA SER A 1717 9.07 -33.88 37.18
C SER A 1717 9.87 -32.61 37.41
N CYS A 1718 10.50 -32.07 36.37
CA CYS A 1718 11.26 -30.83 36.54
C CYS A 1718 10.35 -29.68 36.93
N HIS A 1719 9.21 -29.56 36.26
CA HIS A 1719 8.21 -28.56 36.64
C HIS A 1719 7.74 -28.77 38.07
N MET A 1720 7.55 -30.02 38.46
CA MET A 1720 7.22 -30.30 39.85
C MET A 1720 8.28 -29.78 40.80
N LEU A 1721 9.54 -30.04 40.47
CA LEU A 1721 10.62 -29.74 41.39
C LEU A 1721 10.79 -28.24 41.55
N SER A 1722 10.82 -27.50 40.46
CA SER A 1722 11.12 -26.08 40.54
C SER A 1722 10.04 -25.28 41.25
N GLU A 1723 8.80 -25.77 41.31
CA GLU A 1723 7.71 -25.01 41.89
C GLU A 1723 7.85 -24.86 43.41
N LEU A 1724 8.65 -25.69 44.07
CA LEU A 1724 8.76 -25.64 45.52
C LEU A 1724 9.34 -24.32 46.00
N GLU A 1725 10.17 -23.67 45.18
CA GLU A 1725 10.65 -22.34 45.53
C GLU A 1725 9.49 -21.38 45.73
N GLU A 1726 8.48 -21.47 44.87
CA GLU A 1726 7.28 -20.68 45.06
C GLU A 1726 6.57 -21.05 46.36
N VAL A 1727 6.66 -22.32 46.77
CA VAL A 1727 6.10 -22.69 48.07
C VAL A 1727 6.84 -21.96 49.18
N ILE A 1728 8.16 -21.89 49.11
CA ILE A 1728 8.92 -21.13 50.09
C ILE A 1728 8.45 -19.69 50.11
N GLN A 1729 8.35 -19.06 48.94
CA GLN A 1729 7.93 -17.67 48.89
C GLN A 1729 6.55 -17.48 49.49
N TYR A 1730 5.63 -18.40 49.22
CA TYR A 1730 4.30 -18.30 49.82
C TYR A 1730 4.37 -18.44 51.32
N LYS A 1731 5.24 -19.31 51.80
CA LYS A 1731 5.42 -19.49 53.23
C LYS A 1731 5.94 -18.25 53.93
N LEU A 1732 6.85 -17.51 53.32
CA LEU A 1732 7.52 -16.43 54.03
C LEU A 1732 6.80 -15.09 53.93
N VAL A 1733 6.67 -14.53 52.72
CA VAL A 1733 6.20 -13.16 52.55
C VAL A 1733 4.71 -13.21 52.24
N PRO A 1734 3.84 -12.73 53.14
CA PRO A 1734 2.40 -12.84 52.88
C PRO A 1734 1.87 -11.84 51.86
N GLU A 1735 2.71 -11.04 51.22
CA GLU A 1735 2.23 -10.08 50.24
C GLU A 1735 2.05 -10.68 48.86
N ARG A 1736 2.96 -11.56 48.45
CA ARG A 1736 2.96 -12.12 47.11
C ARG A 1736 1.84 -13.13 46.89
N ARG A 1737 1.05 -13.42 47.93
CA ARG A 1737 0.24 -14.63 47.94
C ARG A 1737 -0.73 -14.70 46.78
N GLU A 1738 -1.45 -13.61 46.52
CA GLU A 1738 -2.48 -13.66 45.48
C GLU A 1738 -1.87 -13.80 44.10
N ILE A 1739 -0.74 -13.13 43.88
CA ILE A 1739 -0.09 -13.20 42.57
C ILE A 1739 0.34 -14.62 42.25
N ILE A 1740 1.03 -15.27 43.20
CA ILE A 1740 1.47 -16.64 42.97
C ILE A 1740 0.29 -17.58 42.90
N ARG A 1741 -0.77 -17.31 43.66
CA ARG A 1741 -1.97 -18.13 43.54
C ARG A 1741 -2.56 -18.07 42.14
N GLN A 1742 -2.62 -16.88 41.54
CA GLN A 1742 -3.09 -16.77 40.17
C GLN A 1742 -2.16 -17.47 39.18
N ILE A 1743 -0.85 -17.25 39.33
CA ILE A 1743 0.07 -17.80 38.35
C ILE A 1743 0.17 -19.30 38.46
N TRP A 1744 -0.13 -19.89 39.62
CA TRP A 1744 -0.22 -21.34 39.69
C TRP A 1744 -1.29 -21.86 38.76
N TRP A 1745 -2.47 -21.25 38.82
CA TRP A 1745 -3.56 -21.66 37.94
C TRP A 1745 -3.16 -21.52 36.48
N GLU A 1746 -2.58 -20.37 36.12
CA GLU A 1746 -2.21 -20.20 34.73
C GLU A 1746 -1.14 -21.18 34.29
N ARG A 1747 -0.14 -21.47 35.13
CA ARG A 1747 0.86 -22.45 34.76
C ARG A 1747 0.29 -23.84 34.66
N LEU A 1748 -0.74 -24.16 35.44
CA LEU A 1748 -1.35 -25.48 35.34
C LEU A 1748 -2.25 -25.62 34.13
N GLN A 1749 -2.78 -24.53 33.60
CA GLN A 1749 -3.67 -24.64 32.44
C GLN A 1749 -3.02 -25.20 31.19
N GLY A 1750 -1.73 -25.53 31.22
CA GLY A 1750 -1.05 -25.89 29.99
C GLY A 1750 -0.52 -27.31 29.88
N CYS A 1751 -0.68 -28.10 30.93
CA CYS A 1751 -0.11 -29.45 30.90
C CYS A 1751 -1.09 -30.43 30.26
N GLN A 1752 -0.69 -31.69 30.21
CA GLN A 1752 -1.55 -32.72 29.66
C GLN A 1752 -2.81 -32.81 30.52
N ARG A 1753 -3.94 -33.11 29.91
CA ARG A 1753 -5.16 -33.27 30.69
C ARG A 1753 -5.28 -34.74 31.06
N ILE A 1754 -4.39 -35.15 31.97
CA ILE A 1754 -4.35 -36.51 32.48
C ILE A 1754 -4.40 -36.44 34.00
N VAL A 1755 -5.40 -37.09 34.59
CA VAL A 1755 -5.61 -37.00 36.03
C VAL A 1755 -4.42 -37.54 36.81
N GLU A 1756 -3.65 -38.45 36.20
CA GLU A 1756 -2.60 -39.12 36.95
C GLU A 1756 -1.54 -38.15 37.44
N ASP A 1757 -1.18 -37.16 36.62
CA ASP A 1757 -0.18 -36.17 37.03
C ASP A 1757 -0.79 -35.01 37.80
N TRP A 1758 -1.97 -34.56 37.38
CA TRP A 1758 -2.69 -33.54 38.13
C TRP A 1758 -2.84 -33.93 39.59
N GLN A 1759 -3.00 -35.23 39.84
CA GLN A 1759 -3.05 -35.73 41.21
C GLN A 1759 -1.87 -35.20 42.02
N LYS A 1760 -0.65 -35.53 41.60
CA LYS A 1760 0.50 -35.14 42.42
C LYS A 1760 0.74 -33.64 42.36
N ILE A 1761 0.40 -32.98 41.25
CA ILE A 1761 0.57 -31.53 41.24
C ILE A 1761 -0.28 -30.89 42.32
N LEU A 1762 -1.56 -31.23 42.37
CA LEU A 1762 -2.42 -30.68 43.41
C LEU A 1762 -1.99 -31.16 44.79
N MET A 1763 -1.45 -32.37 44.89
CA MET A 1763 -1.08 -32.87 46.20
C MET A 1763 0.11 -32.10 46.75
N VAL A 1764 1.05 -31.71 45.90
CA VAL A 1764 2.09 -30.79 46.34
C VAL A 1764 1.50 -29.42 46.66
N ARG A 1765 0.70 -28.86 45.76
CA ARG A 1765 0.22 -27.50 45.92
C ARG A 1765 -0.66 -27.33 47.16
N SER A 1766 -1.32 -28.40 47.60
CA SER A 1766 -2.16 -28.34 48.78
C SER A 1766 -1.36 -28.30 50.07
N LEU A 1767 -0.05 -28.54 49.99
CA LEU A 1767 0.79 -28.48 51.18
C LEU A 1767 0.65 -27.14 51.88
N VAL A 1768 0.45 -26.07 51.12
CA VAL A 1768 0.25 -24.76 51.72
C VAL A 1768 -1.15 -24.20 51.47
N VAL A 1769 -1.99 -24.86 50.69
CA VAL A 1769 -3.28 -24.32 50.30
C VAL A 1769 -4.37 -25.29 50.76
N SER A 1770 -5.35 -24.78 51.48
CA SER A 1770 -6.49 -25.58 51.86
C SER A 1770 -7.36 -25.86 50.65
N PRO A 1771 -8.00 -27.02 50.61
CA PRO A 1771 -8.95 -27.30 49.51
C PRO A 1771 -10.09 -26.30 49.45
N HIS A 1772 -10.47 -25.70 50.57
CA HIS A 1772 -11.62 -24.81 50.57
C HIS A 1772 -11.31 -23.39 50.14
N GLU A 1773 -10.06 -23.05 49.89
CA GLU A 1773 -9.73 -21.70 49.46
C GLU A 1773 -9.43 -21.58 47.97
N ASP A 1774 -9.12 -22.68 47.30
CA ASP A 1774 -8.94 -22.68 45.84
C ASP A 1774 -9.88 -23.76 45.32
N MET A 1775 -11.12 -23.37 45.08
CA MET A 1775 -12.15 -24.30 44.62
C MET A 1775 -12.21 -24.43 43.10
N ARG A 1776 -11.83 -23.38 42.35
CA ARG A 1776 -11.94 -23.46 40.91
C ARG A 1776 -11.06 -24.55 40.32
N THR A 1777 -9.83 -24.68 40.81
CA THR A 1777 -8.96 -25.76 40.36
C THR A 1777 -9.56 -27.13 40.58
N TRP A 1778 -10.08 -27.36 41.78
CA TRP A 1778 -10.61 -28.68 42.10
C TRP A 1778 -11.84 -29.02 41.30
N LEU A 1779 -12.67 -28.03 40.96
CA LEU A 1779 -13.82 -28.32 40.11
C LEU A 1779 -13.39 -28.85 38.76
N LYS A 1780 -12.42 -28.21 38.13
CA LYS A 1780 -11.94 -28.69 36.83
C LYS A 1780 -11.25 -30.04 36.98
N TYR A 1781 -10.54 -30.25 38.10
CA TYR A 1781 -9.96 -31.56 38.34
C TYR A 1781 -11.04 -32.63 38.41
N ALA A 1782 -12.13 -32.35 39.12
CA ALA A 1782 -13.22 -33.31 39.24
C ALA A 1782 -13.89 -33.55 37.89
N SER A 1783 -14.08 -32.49 37.11
CA SER A 1783 -14.68 -32.67 35.79
C SER A 1783 -13.80 -33.54 34.91
N LEU A 1784 -12.49 -33.30 34.94
CA LEU A 1784 -11.57 -34.12 34.16
C LEU A 1784 -11.61 -35.57 34.60
N CYS A 1785 -11.67 -35.79 35.92
CA CYS A 1785 -11.80 -37.15 36.42
C CYS A 1785 -13.09 -37.79 35.93
N GLY A 1786 -14.18 -37.02 35.91
CA GLY A 1786 -15.44 -37.55 35.38
C GLY A 1786 -15.34 -37.92 33.92
N LYS A 1787 -14.66 -37.10 33.13
CA LYS A 1787 -14.49 -37.41 31.71
C LYS A 1787 -13.71 -38.70 31.52
N SER A 1788 -12.64 -38.90 32.30
CA SER A 1788 -11.88 -40.14 32.24
C SER A 1788 -12.65 -41.33 32.80
N GLY A 1789 -13.78 -41.09 33.44
CA GLY A 1789 -14.65 -42.16 33.88
C GLY A 1789 -14.43 -42.66 35.28
N ARG A 1790 -13.31 -42.33 35.93
CA ARG A 1790 -13.03 -42.83 37.27
C ARG A 1790 -13.90 -42.05 38.25
N LEU A 1791 -15.20 -42.17 38.05
CA LEU A 1791 -16.17 -41.27 38.69
C LEU A 1791 -16.17 -41.38 40.21
N ALA A 1792 -15.73 -42.51 40.74
CA ALA A 1792 -15.71 -42.67 42.20
C ALA A 1792 -14.80 -41.64 42.85
N LEU A 1793 -13.62 -41.41 42.26
CA LEU A 1793 -12.72 -40.40 42.81
C LEU A 1793 -13.35 -39.02 42.74
N ALA A 1794 -14.05 -38.72 41.65
CA ALA A 1794 -14.73 -37.43 41.55
C ALA A 1794 -15.77 -37.29 42.66
N HIS A 1795 -16.55 -38.33 42.91
CA HIS A 1795 -17.57 -38.25 43.94
C HIS A 1795 -16.94 -38.05 45.31
N LYS A 1796 -15.84 -38.77 45.58
CA LYS A 1796 -15.14 -38.59 46.84
C LYS A 1796 -14.63 -37.16 47.00
N THR A 1797 -14.05 -36.60 45.94
CA THR A 1797 -13.54 -35.23 46.02
C THR A 1797 -14.67 -34.24 46.27
N LEU A 1798 -15.81 -34.43 45.60
CA LEU A 1798 -16.94 -33.54 45.82
C LEU A 1798 -17.45 -33.62 47.26
N VAL A 1799 -17.61 -34.83 47.80
CA VAL A 1799 -18.12 -34.88 49.17
C VAL A 1799 -17.08 -34.36 50.15
N LEU A 1800 -15.79 -34.51 49.84
CA LEU A 1800 -14.76 -33.98 50.72
C LEU A 1800 -14.78 -32.47 50.74
N LEU A 1801 -14.80 -31.83 49.57
CA LEU A 1801 -14.85 -30.37 49.54
C LEU A 1801 -16.15 -29.83 50.10
N LEU A 1802 -17.28 -30.43 49.73
CA LEU A 1802 -18.56 -29.95 50.22
C LEU A 1802 -18.69 -30.19 51.72
N GLY A 1803 -18.24 -31.36 52.18
CA GLY A 1803 -18.25 -31.71 53.60
C GLY A 1803 -19.41 -32.58 54.01
N VAL A 1804 -20.47 -32.65 53.21
CA VAL A 1804 -21.66 -33.44 53.55
C VAL A 1804 -21.96 -34.37 52.38
N ASP A 1805 -22.46 -35.57 52.70
CA ASP A 1805 -22.70 -36.58 51.67
C ASP A 1805 -24.19 -36.90 51.62
N PRO A 1806 -24.96 -36.31 50.69
CA PRO A 1806 -26.38 -36.65 50.58
C PRO A 1806 -26.65 -38.07 50.12
N SER A 1807 -25.66 -38.79 49.60
CA SER A 1807 -25.88 -40.17 49.19
C SER A 1807 -26.29 -41.07 50.33
N ARG A 1808 -26.04 -40.66 51.58
CA ARG A 1808 -26.54 -41.38 52.74
C ARG A 1808 -27.78 -40.72 53.32
N GLN A 1809 -27.89 -39.41 53.22
CA GLN A 1809 -29.04 -38.64 53.67
C GLN A 1809 -29.82 -38.20 52.44
N LEU A 1810 -30.70 -39.08 51.97
CA LEU A 1810 -31.34 -38.90 50.67
C LEU A 1810 -32.37 -37.78 50.64
N ASP A 1811 -33.02 -37.48 51.76
CA ASP A 1811 -34.17 -36.60 51.75
C ASP A 1811 -33.81 -35.12 51.77
N HIS A 1812 -32.88 -34.71 52.61
CA HIS A 1812 -32.63 -33.30 52.81
C HIS A 1812 -32.06 -32.66 51.56
N PRO A 1813 -32.36 -31.39 51.30
CA PRO A 1813 -31.84 -30.73 50.11
C PRO A 1813 -30.33 -30.52 50.21
N LEU A 1814 -29.77 -30.10 49.10
CA LEU A 1814 -28.36 -29.80 49.00
C LEU A 1814 -28.03 -28.53 49.80
N PRO A 1815 -26.77 -28.39 50.23
CA PRO A 1815 -26.39 -27.14 50.92
C PRO A 1815 -26.38 -25.98 49.93
N THR A 1816 -27.35 -25.09 50.09
CA THR A 1816 -27.62 -24.08 49.08
C THR A 1816 -26.45 -23.10 48.93
N VAL A 1817 -25.58 -23.01 49.93
CA VAL A 1817 -24.41 -22.16 49.79
C VAL A 1817 -23.44 -22.76 48.78
N HIS A 1818 -22.57 -21.89 48.24
CA HIS A 1818 -21.54 -22.27 47.27
C HIS A 1818 -22.17 -22.87 46.02
N PRO A 1819 -22.83 -22.06 45.20
CA PRO A 1819 -23.63 -22.63 44.10
C PRO A 1819 -22.82 -23.46 43.12
N GLN A 1820 -21.52 -23.18 42.99
CA GLN A 1820 -20.73 -23.82 41.95
C GLN A 1820 -20.52 -25.30 42.24
N VAL A 1821 -20.10 -25.61 43.46
CA VAL A 1821 -19.81 -27.00 43.80
C VAL A 1821 -21.09 -27.83 43.77
N THR A 1822 -22.20 -27.27 44.23
CA THR A 1822 -23.44 -28.02 44.15
C THR A 1822 -23.88 -28.21 42.71
N TYR A 1823 -23.65 -27.20 41.85
CA TYR A 1823 -23.96 -27.37 40.43
C TYR A 1823 -23.15 -28.52 39.85
N ALA A 1824 -21.87 -28.58 40.20
CA ALA A 1824 -21.02 -29.68 39.72
C ALA A 1824 -21.50 -31.03 40.23
N TYR A 1825 -21.83 -31.13 41.52
CA TYR A 1825 -22.35 -32.38 42.06
C TYR A 1825 -23.63 -32.79 41.36
N MET A 1826 -24.50 -31.82 41.08
CA MET A 1826 -25.75 -32.11 40.41
C MET A 1826 -25.53 -32.65 39.00
N LYS A 1827 -24.66 -32.00 38.23
CA LYS A 1827 -24.34 -32.52 36.90
C LYS A 1827 -23.78 -33.93 37.01
N ASN A 1828 -22.89 -34.14 37.98
CA ASN A 1828 -22.27 -35.46 38.11
C ASN A 1828 -23.30 -36.52 38.46
N MET A 1829 -24.25 -36.21 39.34
CA MET A 1829 -25.22 -37.21 39.74
C MET A 1829 -26.26 -37.45 38.66
N TRP A 1830 -26.57 -36.43 37.86
CA TRP A 1830 -27.33 -36.67 36.63
C TRP A 1830 -26.62 -37.67 35.74
N LYS A 1831 -25.33 -37.43 35.47
CA LYS A 1831 -24.62 -38.29 34.52
C LYS A 1831 -24.48 -39.70 35.05
N SER A 1832 -24.07 -39.86 36.30
CA SER A 1832 -23.64 -41.15 36.81
C SER A 1832 -24.73 -42.21 36.85
N ALA A 1833 -25.67 -42.08 37.78
CA ALA A 1833 -26.72 -43.07 37.93
C ALA A 1833 -28.13 -42.48 37.86
N ARG A 1834 -28.44 -41.51 38.70
CA ARG A 1834 -29.82 -41.11 38.97
C ARG A 1834 -30.22 -40.05 37.96
N LYS A 1835 -31.37 -40.27 37.33
CA LYS A 1835 -31.82 -39.40 36.25
C LYS A 1835 -33.18 -38.76 36.52
N ILE A 1836 -33.71 -38.87 37.73
CA ILE A 1836 -35.03 -38.38 38.05
C ILE A 1836 -35.00 -37.30 39.12
N ASP A 1837 -34.55 -37.65 40.33
CA ASP A 1837 -34.58 -36.70 41.44
C ASP A 1837 -33.68 -35.49 41.16
N ALA A 1838 -32.74 -35.64 40.24
CA ALA A 1838 -31.95 -34.51 39.75
C ALA A 1838 -32.85 -33.37 39.30
N PHE A 1839 -33.94 -33.69 38.60
CA PHE A 1839 -34.83 -32.66 38.09
C PHE A 1839 -35.41 -31.82 39.21
N GLN A 1840 -35.90 -32.48 40.26
CA GLN A 1840 -36.46 -31.77 41.40
C GLN A 1840 -35.39 -30.96 42.13
N HIS A 1841 -34.19 -31.52 42.26
CA HIS A 1841 -33.12 -30.74 42.86
C HIS A 1841 -32.84 -29.49 42.07
N MET A 1842 -32.86 -29.58 40.74
CA MET A 1842 -32.72 -28.40 39.91
C MET A 1842 -33.81 -27.39 40.14
N GLN A 1843 -35.05 -27.86 40.21
CA GLN A 1843 -36.17 -26.95 40.47
C GLN A 1843 -35.93 -26.19 41.76
N HIS A 1844 -35.58 -26.92 42.81
CA HIS A 1844 -35.37 -26.31 44.12
C HIS A 1844 -34.18 -25.36 44.10
N PHE A 1845 -33.09 -25.77 43.46
CA PHE A 1845 -31.90 -24.93 43.46
C PHE A 1845 -32.14 -23.64 42.70
N VAL A 1846 -32.89 -23.71 41.61
CA VAL A 1846 -33.25 -22.50 40.89
C VAL A 1846 -34.09 -21.59 41.77
N GLN A 1847 -35.14 -22.14 42.37
CA GLN A 1847 -36.02 -21.28 43.16
C GLN A 1847 -35.33 -20.77 44.41
N THR A 1848 -34.17 -21.34 44.76
CA THR A 1848 -33.37 -20.73 45.81
C THR A 1848 -32.37 -19.71 45.29
N MET A 1849 -31.76 -19.92 44.13
CA MET A 1849 -30.83 -18.97 43.54
C MET A 1849 -31.49 -17.68 43.08
N GLN A 1850 -32.57 -17.77 42.29
CA GLN A 1850 -33.26 -16.54 41.92
C GLN A 1850 -33.89 -15.86 43.12
N GLN A 1851 -34.08 -16.59 44.21
CA GLN A 1851 -34.53 -16.02 45.46
C GLN A 1851 -33.55 -15.01 46.06
N GLN A 1852 -32.27 -15.08 45.69
CA GLN A 1852 -31.24 -14.33 46.42
C GLN A 1852 -31.29 -12.83 46.18
N ALA A 1853 -31.02 -12.38 44.95
CA ALA A 1853 -30.91 -10.95 44.71
C ALA A 1853 -32.26 -10.26 44.72
N GLN A 1854 -33.33 -10.97 44.35
CA GLN A 1854 -34.66 -10.40 44.40
C GLN A 1854 -35.10 -10.15 45.84
N HIS A 1855 -34.76 -11.07 46.75
CA HIS A 1855 -35.04 -10.87 48.17
C HIS A 1855 -33.92 -10.14 48.89
N ALA A 1856 -32.72 -10.10 48.32
CA ALA A 1856 -31.62 -9.30 48.84
C ALA A 1856 -31.24 -8.31 47.75
N ILE A 1857 -31.95 -7.18 47.72
CA ILE A 1857 -31.70 -6.14 46.72
C ILE A 1857 -30.58 -5.27 47.28
N ALA A 1858 -29.34 -5.64 46.96
CA ALA A 1858 -28.17 -4.91 47.39
C ALA A 1858 -28.04 -3.65 46.54
N THR A 1859 -27.84 -2.51 47.20
CA THR A 1859 -27.68 -1.24 46.51
C THR A 1859 -26.29 -1.05 45.91
N GLU A 1860 -25.31 -1.85 46.32
CA GLU A 1860 -23.94 -1.70 45.86
C GLU A 1860 -23.40 -2.95 45.17
N ASP A 1861 -23.75 -4.14 45.67
CA ASP A 1861 -23.18 -5.36 45.13
C ASP A 1861 -23.75 -5.68 43.75
N GLN A 1862 -23.25 -5.01 42.72
CA GLN A 1862 -23.67 -5.27 41.35
C GLN A 1862 -22.72 -6.22 40.62
N GLN A 1863 -21.49 -6.36 41.10
CA GLN A 1863 -20.49 -7.25 40.52
C GLN A 1863 -20.63 -8.67 41.02
N HIS A 1864 -21.56 -8.93 41.92
CA HIS A 1864 -21.80 -10.26 42.46
C HIS A 1864 -23.02 -10.94 41.85
N LYS A 1865 -23.96 -10.18 41.30
CA LYS A 1865 -25.19 -10.77 40.80
C LYS A 1865 -25.07 -11.19 39.34
N GLN A 1866 -24.09 -10.64 38.62
CA GLN A 1866 -23.95 -10.99 37.22
C GLN A 1866 -23.52 -12.45 37.03
N GLU A 1867 -22.56 -12.90 37.84
CA GLU A 1867 -22.21 -14.31 37.83
C GLU A 1867 -23.41 -15.17 38.21
N LEU A 1868 -24.24 -14.68 39.13
CA LEU A 1868 -25.47 -15.39 39.45
C LEU A 1868 -26.35 -15.53 38.21
N HIS A 1869 -26.51 -14.45 37.45
CA HIS A 1869 -27.31 -14.51 36.24
C HIS A 1869 -26.76 -15.53 35.27
N LYS A 1870 -25.45 -15.52 35.05
CA LYS A 1870 -24.86 -16.43 34.08
C LYS A 1870 -25.00 -17.88 34.53
N LEU A 1871 -24.76 -18.14 35.82
CA LEU A 1871 -24.85 -19.50 36.34
C LEU A 1871 -26.29 -20.01 36.24
N MET A 1872 -27.25 -19.16 36.58
CA MET A 1872 -28.63 -19.61 36.57
C MET A 1872 -29.18 -19.70 35.15
N ALA A 1873 -28.62 -18.96 34.19
CA ALA A 1873 -28.92 -19.24 32.79
C ALA A 1873 -28.42 -20.62 32.40
N ARG A 1874 -27.19 -20.95 32.80
CA ARG A 1874 -26.67 -22.30 32.54
C ARG A 1874 -27.62 -23.36 33.08
N CYS A 1875 -28.05 -23.19 34.33
CA CYS A 1875 -28.90 -24.21 34.93
C CYS A 1875 -30.28 -24.26 34.28
N PHE A 1876 -30.82 -23.11 33.85
CA PHE A 1876 -32.09 -23.15 33.13
C PHE A 1876 -31.97 -23.96 31.85
N LEU A 1877 -30.88 -23.75 31.10
CA LEU A 1877 -30.72 -24.50 29.85
C LEU A 1877 -30.60 -25.99 30.12
N LYS A 1878 -29.81 -26.35 31.15
CA LYS A 1878 -29.69 -27.75 31.51
C LYS A 1878 -31.06 -28.33 31.91
N LEU A 1879 -31.84 -27.55 32.65
CA LEU A 1879 -33.19 -27.94 33.01
C LEU A 1879 -34.02 -28.27 31.78
N GLY A 1880 -34.02 -27.37 30.81
CA GLY A 1880 -34.85 -27.57 29.64
C GLY A 1880 -34.46 -28.82 28.88
N GLU A 1881 -33.17 -29.00 28.64
CA GLU A 1881 -32.75 -30.13 27.83
C GLU A 1881 -32.92 -31.46 28.58
N TRP A 1882 -32.79 -31.43 29.91
CA TRP A 1882 -33.17 -32.60 30.72
C TRP A 1882 -34.65 -32.90 30.62
N GLN A 1883 -35.52 -31.90 30.70
CA GLN A 1883 -36.95 -32.16 30.61
C GLN A 1883 -37.29 -32.77 29.26
N LEU A 1884 -36.68 -32.26 28.19
CA LEU A 1884 -36.93 -32.81 26.87
C LEU A 1884 -36.41 -34.24 26.75
N ASN A 1885 -35.23 -34.51 27.30
CA ASN A 1885 -34.74 -35.89 27.31
C ASN A 1885 -35.61 -36.78 28.16
N LEU A 1886 -36.38 -36.19 29.09
CA LEU A 1886 -37.20 -36.96 30.01
C LEU A 1886 -38.55 -37.36 29.42
N GLN A 1887 -39.29 -36.39 28.86
CA GLN A 1887 -40.65 -36.68 28.41
C GLN A 1887 -40.85 -36.53 26.91
N GLY A 1888 -39.86 -36.07 26.17
CA GLY A 1888 -40.15 -35.89 24.77
C GLY A 1888 -41.02 -34.67 24.53
N ILE A 1889 -41.94 -34.82 23.57
CA ILE A 1889 -42.68 -33.69 23.01
C ILE A 1889 -44.16 -33.90 23.23
N ASN A 1890 -44.83 -32.83 23.67
CA ASN A 1890 -46.29 -32.75 23.77
C ASN A 1890 -46.68 -31.28 23.87
N GLU A 1891 -47.97 -31.00 23.73
CA GLU A 1891 -48.45 -29.64 23.94
C GLU A 1891 -48.25 -29.18 25.37
N SER A 1892 -48.01 -30.10 26.31
CA SER A 1892 -47.81 -29.77 27.70
C SER A 1892 -46.39 -29.31 28.02
N THR A 1893 -45.38 -30.04 27.57
CA THR A 1893 -44.00 -29.67 27.83
C THR A 1893 -43.53 -28.49 27.00
N ILE A 1894 -44.17 -28.22 25.86
CA ILE A 1894 -43.71 -27.16 24.98
C ILE A 1894 -43.70 -25.79 25.66
N PRO A 1895 -44.79 -25.33 26.28
CA PRO A 1895 -44.73 -24.00 26.93
C PRO A 1895 -43.71 -23.94 28.04
N LYS A 1896 -43.54 -25.02 28.80
CA LYS A 1896 -42.61 -24.98 29.94
C LYS A 1896 -41.18 -24.82 29.47
N VAL A 1897 -40.76 -25.63 28.48
CA VAL A 1897 -39.40 -25.48 27.97
C VAL A 1897 -39.26 -24.16 27.24
N LEU A 1898 -40.31 -23.70 26.57
CA LEU A 1898 -40.26 -22.40 25.91
C LEU A 1898 -39.93 -21.30 26.91
N GLN A 1899 -40.68 -21.24 28.02
CA GLN A 1899 -40.42 -20.21 29.02
C GLN A 1899 -39.10 -20.43 29.73
N TYR A 1900 -38.70 -21.69 29.96
CA TYR A 1900 -37.37 -21.93 30.50
C TYR A 1900 -36.29 -21.30 29.63
N TYR A 1901 -36.31 -21.61 28.34
CA TYR A 1901 -35.26 -21.13 27.46
C TYR A 1901 -35.34 -19.61 27.29
N SER A 1902 -36.55 -19.07 27.22
CA SER A 1902 -36.68 -17.62 27.14
C SER A 1902 -36.09 -16.95 28.36
N ALA A 1903 -36.32 -17.54 29.54
CA ALA A 1903 -35.69 -17.04 30.74
C ALA A 1903 -34.18 -17.09 30.62
N ALA A 1904 -33.64 -18.19 30.09
CA ALA A 1904 -32.20 -18.29 29.94
C ALA A 1904 -31.65 -17.19 29.04
N THR A 1905 -32.31 -16.95 27.91
CA THR A 1905 -31.90 -15.86 27.04
C THR A 1905 -31.95 -14.52 27.75
N GLU A 1906 -33.05 -14.25 28.45
CA GLU A 1906 -33.16 -12.99 29.16
C GLU A 1906 -32.17 -12.92 30.31
N HIS A 1907 -31.56 -14.06 30.67
CA HIS A 1907 -30.64 -14.04 31.79
C HIS A 1907 -29.20 -13.88 31.32
N ASP A 1908 -28.91 -14.24 30.07
CA ASP A 1908 -27.58 -14.02 29.51
C ASP A 1908 -27.57 -12.97 28.39
N ARG A 1909 -28.37 -13.16 27.34
CA ARG A 1909 -28.50 -12.27 26.19
C ARG A 1909 -27.24 -12.18 25.33
N SER A 1910 -26.15 -12.85 25.72
CA SER A 1910 -24.90 -12.76 24.97
C SER A 1910 -24.28 -14.14 24.80
N TRP A 1911 -25.11 -15.17 24.70
CA TRP A 1911 -24.67 -16.55 24.79
C TRP A 1911 -25.23 -17.33 23.61
N TYR A 1912 -24.37 -17.61 22.64
CA TYR A 1912 -24.73 -18.40 21.46
C TYR A 1912 -25.66 -19.56 21.78
N LYS A 1913 -25.29 -20.37 22.77
CA LYS A 1913 -25.98 -21.64 22.98
C LYS A 1913 -27.44 -21.43 23.34
N ALA A 1914 -27.73 -20.40 24.13
CA ALA A 1914 -29.11 -20.18 24.55
C ALA A 1914 -30.02 -19.85 23.36
N TRP A 1915 -29.62 -18.87 22.55
CA TRP A 1915 -30.39 -18.56 21.35
C TRP A 1915 -30.50 -19.78 20.46
N HIS A 1916 -29.41 -20.53 20.33
CA HIS A 1916 -29.42 -21.72 19.51
C HIS A 1916 -30.49 -22.70 19.95
N ALA A 1917 -30.51 -23.02 21.24
CA ALA A 1917 -31.49 -23.96 21.75
C ALA A 1917 -32.91 -23.44 21.57
N TRP A 1918 -33.11 -22.15 21.85
CA TRP A 1918 -34.45 -21.58 21.72
C TRP A 1918 -34.97 -21.70 20.29
N ALA A 1919 -34.15 -21.31 19.31
CA ALA A 1919 -34.58 -21.37 17.93
C ALA A 1919 -34.80 -22.81 17.48
N VAL A 1920 -33.91 -23.72 17.89
CA VAL A 1920 -34.07 -25.11 17.50
C VAL A 1920 -35.37 -25.67 18.05
N MET A 1921 -35.68 -25.37 19.31
CA MET A 1921 -36.92 -25.86 19.89
C MET A 1921 -38.14 -25.28 19.18
N ASN A 1922 -38.10 -24.00 18.85
CA ASN A 1922 -39.21 -23.41 18.11
C ASN A 1922 -39.43 -24.14 16.79
N PHE A 1923 -38.35 -24.35 16.03
CA PHE A 1923 -38.48 -25.01 14.74
C PHE A 1923 -38.98 -26.44 14.91
N GLU A 1924 -38.51 -27.13 15.94
CA GLU A 1924 -38.95 -28.51 16.17
C GLU A 1924 -40.44 -28.56 16.49
N ALA A 1925 -40.92 -27.60 17.29
CA ALA A 1925 -42.34 -27.54 17.57
C ALA A 1925 -43.14 -27.28 16.29
N VAL A 1926 -42.62 -26.41 15.43
CA VAL A 1926 -43.28 -26.18 14.14
C VAL A 1926 -43.36 -27.47 13.35
N LEU A 1927 -42.26 -28.24 13.33
CA LEU A 1927 -42.25 -29.50 12.61
C LEU A 1927 -43.29 -30.46 13.18
N HIS A 1928 -43.37 -30.54 14.51
CA HIS A 1928 -44.40 -31.37 15.13
C HIS A 1928 -45.80 -30.96 14.70
N TYR A 1929 -46.11 -29.67 14.82
CA TYR A 1929 -47.46 -29.21 14.50
C TYR A 1929 -47.79 -29.41 13.05
N LYS A 1930 -46.80 -29.34 12.16
CA LYS A 1930 -47.05 -29.69 10.76
C LYS A 1930 -47.28 -31.18 10.61
N HIS A 1931 -46.56 -31.98 11.40
CA HIS A 1931 -46.64 -33.43 11.26
C HIS A 1931 -47.89 -34.02 11.90
N GLN A 1932 -48.59 -33.25 12.73
CA GLN A 1932 -49.74 -33.83 13.42
C GLN A 1932 -51.04 -33.59 12.67
N ASN A 1933 -51.13 -32.46 11.96
CA ASN A 1933 -52.40 -31.95 11.47
C ASN A 1933 -52.97 -32.73 10.29
N GLN A 1934 -52.22 -33.63 9.69
CA GLN A 1934 -52.65 -34.31 8.48
C GLN A 1934 -53.35 -35.63 8.74
N ALA A 1935 -53.53 -36.03 9.99
CA ALA A 1935 -54.22 -37.28 10.30
C ALA A 1935 -55.73 -37.09 10.19
N LEU A 1998 -55.80 -22.95 10.13
CA LEU A 1998 -55.27 -22.62 11.44
C LEU A 1998 -53.75 -22.48 11.39
N SER A 1999 -53.27 -21.86 10.31
CA SER A 1999 -51.85 -21.67 10.09
C SER A 1999 -51.25 -20.58 10.96
N LYS A 2000 -52.03 -20.00 11.85
CA LYS A 2000 -51.60 -18.86 12.64
C LYS A 2000 -50.87 -19.26 13.92
N THR A 2001 -51.42 -20.21 14.68
CA THR A 2001 -50.63 -20.81 15.75
C THR A 2001 -49.33 -21.40 15.20
N LEU A 2002 -49.41 -22.05 14.05
CA LEU A 2002 -48.21 -22.43 13.33
C LEU A 2002 -47.32 -21.21 13.11
N LEU A 2003 -47.91 -20.13 12.57
CA LEU A 2003 -47.14 -18.94 12.24
C LEU A 2003 -46.52 -18.31 13.48
N MET A 2004 -47.28 -18.23 14.57
CA MET A 2004 -46.74 -17.62 15.78
C MET A 2004 -45.66 -18.48 16.40
N TYR A 2005 -45.66 -19.77 16.10
CA TYR A 2005 -44.51 -20.59 16.46
C TYR A 2005 -43.32 -20.39 15.53
N THR A 2006 -43.57 -20.20 14.23
CA THR A 2006 -42.48 -20.07 13.27
C THR A 2006 -41.70 -18.76 13.42
N VAL A 2007 -42.38 -17.63 13.52
CA VAL A 2007 -41.69 -16.34 13.48
C VAL A 2007 -40.60 -16.21 14.55
N PRO A 2008 -40.88 -16.53 15.82
CA PRO A 2008 -39.80 -16.46 16.81
C PRO A 2008 -38.63 -17.35 16.49
N ALA A 2009 -38.88 -18.51 15.86
CA ALA A 2009 -37.76 -19.34 15.43
C ALA A 2009 -36.86 -18.57 14.49
N VAL A 2010 -37.45 -17.91 13.49
CA VAL A 2010 -36.66 -17.19 12.49
C VAL A 2010 -35.87 -16.08 13.15
N GLN A 2011 -36.50 -15.35 14.05
CA GLN A 2011 -35.80 -14.30 14.78
C GLN A 2011 -34.62 -14.89 15.53
N GLY A 2012 -34.81 -16.06 16.13
CA GLY A 2012 -33.71 -16.71 16.81
C GLY A 2012 -32.57 -17.11 15.88
N PHE A 2013 -32.90 -17.62 14.70
CA PHE A 2013 -31.85 -18.02 13.76
C PHE A 2013 -31.01 -16.82 13.37
N PHE A 2014 -31.67 -15.72 13.00
CA PHE A 2014 -30.97 -14.47 12.72
C PHE A 2014 -30.13 -14.00 13.89
N ARG A 2015 -30.67 -14.05 15.10
CA ARG A 2015 -29.88 -13.63 16.25
C ARG A 2015 -28.65 -14.52 16.40
N SER A 2016 -28.83 -15.81 16.23
CA SER A 2016 -27.76 -16.78 16.44
C SER A 2016 -26.60 -16.60 15.48
N ILE A 2017 -26.87 -16.46 14.18
CA ILE A 2017 -25.76 -16.25 13.26
C ILE A 2017 -25.03 -14.96 13.57
N SER A 2018 -25.76 -13.96 14.06
CA SER A 2018 -25.10 -12.72 14.44
C SER A 2018 -24.12 -12.93 15.58
N LEU A 2019 -24.21 -14.03 16.31
CA LEU A 2019 -23.25 -14.32 17.36
C LEU A 2019 -22.22 -15.37 16.96
N SER A 2020 -22.52 -16.19 15.95
CA SER A 2020 -21.65 -17.31 15.64
C SER A 2020 -20.33 -16.85 15.04
N ARG A 2021 -20.40 -16.24 13.86
CA ARG A 2021 -19.33 -15.44 13.27
C ARG A 2021 -18.13 -16.24 12.76
N GLY A 2022 -18.06 -17.54 13.02
CA GLY A 2022 -16.95 -18.27 12.45
C GLY A 2022 -17.28 -19.45 11.55
N ASN A 2023 -18.31 -20.21 11.91
CA ASN A 2023 -18.73 -21.38 11.13
C ASN A 2023 -20.14 -21.75 11.56
N ASN A 2024 -21.11 -21.46 10.69
CA ASN A 2024 -22.51 -21.46 11.10
C ASN A 2024 -23.39 -22.01 9.99
N LEU A 2025 -22.85 -22.90 9.16
CA LEU A 2025 -23.58 -23.37 7.99
C LEU A 2025 -24.95 -23.92 8.36
N GLN A 2026 -25.04 -24.60 9.51
CA GLN A 2026 -26.28 -25.28 9.88
C GLN A 2026 -27.43 -24.29 10.04
N ASP A 2027 -27.19 -23.21 10.78
CA ASP A 2027 -28.26 -22.28 11.08
C ASP A 2027 -28.71 -21.59 9.80
N THR A 2028 -27.75 -21.29 8.92
CA THR A 2028 -28.07 -20.72 7.62
C THR A 2028 -28.93 -21.66 6.80
N LEU A 2029 -28.61 -22.95 6.82
CA LEU A 2029 -29.42 -23.90 6.09
C LEU A 2029 -30.85 -23.91 6.59
N ARG A 2030 -31.03 -23.87 7.91
CA ARG A 2030 -32.39 -23.87 8.44
C ARG A 2030 -33.14 -22.59 8.08
N VAL A 2031 -32.48 -21.44 8.13
CA VAL A 2031 -33.21 -20.24 7.73
C VAL A 2031 -33.55 -20.30 6.25
N LEU A 2032 -32.67 -20.86 5.44
CA LEU A 2032 -32.98 -20.99 4.01
C LEU A 2032 -34.18 -21.89 3.79
N THR A 2033 -34.27 -23.01 4.52
CA THR A 2033 -35.41 -23.88 4.28
C THR A 2033 -36.70 -23.27 4.79
N LEU A 2034 -36.68 -22.53 5.90
CA LEU A 2034 -37.89 -21.84 6.33
C LEU A 2034 -38.29 -20.77 5.33
N TRP A 2035 -37.31 -20.03 4.81
CA TRP A 2035 -37.54 -19.11 3.71
C TRP A 2035 -38.25 -19.79 2.56
N PHE A 2036 -37.75 -20.94 2.13
CA PHE A 2036 -38.33 -21.62 1.00
C PHE A 2036 -39.72 -22.17 1.31
N ASP A 2037 -39.96 -22.53 2.57
CA ASP A 2037 -41.21 -23.19 2.91
C ASP A 2037 -42.35 -22.20 3.11
N TYR A 2038 -42.17 -21.18 3.95
CA TYR A 2038 -43.25 -20.25 4.24
C TYR A 2038 -42.88 -18.81 3.91
N GLY A 2039 -42.01 -18.59 2.94
CA GLY A 2039 -41.67 -17.23 2.57
C GLY A 2039 -42.79 -16.45 1.93
N HIS A 2040 -43.86 -17.11 1.53
CA HIS A 2040 -45.00 -16.42 0.95
C HIS A 2040 -45.81 -15.65 1.99
N TRP A 2041 -45.74 -16.04 3.25
CA TRP A 2041 -46.54 -15.39 4.27
C TRP A 2041 -46.06 -13.96 4.49
N PRO A 2042 -46.97 -12.99 4.54
CA PRO A 2042 -46.55 -11.60 4.79
C PRO A 2042 -45.77 -11.44 6.08
N ASP A 2043 -46.16 -12.16 7.14
CA ASP A 2043 -45.51 -12.07 8.43
C ASP A 2043 -44.10 -12.66 8.42
N VAL A 2044 -43.88 -13.70 7.62
CA VAL A 2044 -42.54 -14.22 7.42
C VAL A 2044 -41.68 -13.17 6.71
N ASN A 2045 -42.30 -12.42 5.79
CA ASN A 2045 -41.55 -11.56 4.88
C ASN A 2045 -40.72 -10.54 5.64
N GLU A 2046 -41.31 -9.84 6.61
CA GLU A 2046 -40.52 -8.85 7.32
C GLU A 2046 -39.34 -9.51 8.01
N ALA A 2047 -39.63 -10.42 8.95
CA ALA A 2047 -38.54 -11.02 9.73
C ALA A 2047 -37.38 -11.41 8.84
N LEU A 2048 -37.68 -12.03 7.70
CA LEU A 2048 -36.62 -12.36 6.75
C LEU A 2048 -35.92 -11.12 6.22
N VAL A 2049 -36.68 -10.07 5.88
CA VAL A 2049 -36.02 -8.93 5.24
C VAL A 2049 -35.14 -8.17 6.23
N GLU A 2050 -35.56 -8.02 7.48
CA GLU A 2050 -34.62 -7.41 8.43
C GLU A 2050 -33.41 -8.32 8.65
N GLY A 2051 -33.63 -9.63 8.75
CA GLY A 2051 -32.51 -10.51 9.00
C GLY A 2051 -31.47 -10.48 7.89
N VAL A 2052 -31.91 -10.44 6.64
CA VAL A 2052 -30.96 -10.50 5.54
C VAL A 2052 -30.10 -9.24 5.48
N LYS A 2053 -30.71 -8.07 5.62
CA LYS A 2053 -29.91 -6.85 5.55
C LYS A 2053 -29.12 -6.61 6.82
N ALA A 2054 -29.55 -7.17 7.94
CA ALA A 2054 -28.83 -6.97 9.20
C ALA A 2054 -27.47 -7.64 9.17
N ILE A 2055 -27.42 -8.88 8.70
CA ILE A 2055 -26.24 -9.72 8.83
C ILE A 2055 -25.16 -9.29 7.85
N GLN A 2056 -23.95 -9.82 8.03
CA GLN A 2056 -22.86 -9.56 7.12
C GLN A 2056 -23.13 -10.25 5.78
N ILE A 2057 -22.19 -10.08 4.84
CA ILE A 2057 -22.39 -10.57 3.48
C ILE A 2057 -21.68 -11.87 3.19
N ASP A 2058 -20.43 -12.02 3.60
CA ASP A 2058 -19.65 -13.20 3.26
C ASP A 2058 -20.30 -14.49 3.75
N THR A 2059 -21.19 -14.40 4.73
CA THR A 2059 -21.86 -15.58 5.27
C THR A 2059 -22.59 -16.38 4.21
N TRP A 2060 -23.02 -15.74 3.12
CA TRP A 2060 -23.74 -16.45 2.08
C TRP A 2060 -22.83 -17.27 1.17
N LEU A 2061 -21.52 -17.08 1.25
CA LEU A 2061 -20.61 -17.87 0.44
C LEU A 2061 -20.78 -19.36 0.67
N GLN A 2062 -21.15 -19.77 1.87
CA GLN A 2062 -21.31 -21.19 2.12
C GLN A 2062 -22.59 -21.76 1.56
N VAL A 2063 -23.46 -20.94 0.97
CA VAL A 2063 -24.72 -21.47 0.45
C VAL A 2063 -25.00 -20.98 -0.96
N ILE A 2064 -24.00 -20.43 -1.65
CA ILE A 2064 -24.23 -19.92 -3.00
C ILE A 2064 -24.86 -20.95 -3.91
N PRO A 2065 -24.37 -22.20 -4.01
CA PRO A 2065 -25.05 -23.15 -4.89
C PRO A 2065 -26.48 -23.40 -4.49
N GLN A 2066 -26.74 -23.60 -3.19
CA GLN A 2066 -28.07 -23.97 -2.74
C GLN A 2066 -29.12 -22.97 -3.18
N LEU A 2067 -28.82 -21.67 -3.15
CA LEU A 2067 -29.77 -20.67 -3.59
C LEU A 2067 -30.08 -20.83 -5.07
N ILE A 2068 -29.05 -21.02 -5.90
CA ILE A 2068 -29.25 -20.96 -7.34
C ILE A 2068 -30.17 -22.07 -7.82
N ALA A 2069 -30.18 -23.21 -7.15
CA ALA A 2069 -31.06 -24.29 -7.54
C ALA A 2069 -32.53 -23.95 -7.36
N ARG A 2070 -32.85 -22.92 -6.57
CA ARG A 2070 -34.24 -22.56 -6.29
C ARG A 2070 -34.58 -21.21 -6.92
N ILE A 2071 -33.73 -20.71 -7.82
CA ILE A 2071 -34.00 -19.44 -8.45
C ILE A 2071 -35.31 -19.50 -9.23
N ASP A 2072 -35.69 -20.67 -9.72
CA ASP A 2072 -36.93 -20.85 -10.47
C ASP A 2072 -38.10 -21.11 -9.55
N THR A 2073 -38.27 -20.25 -8.56
CA THR A 2073 -39.39 -20.41 -7.64
C THR A 2073 -40.70 -20.03 -8.33
N PRO A 2074 -41.81 -20.63 -7.91
CA PRO A 2074 -43.13 -20.19 -8.41
C PRO A 2074 -43.79 -19.08 -7.61
N ARG A 2075 -43.10 -18.48 -6.63
CA ARG A 2075 -43.70 -17.40 -5.86
C ARG A 2075 -42.95 -16.09 -6.10
N PRO A 2076 -43.64 -15.04 -6.53
CA PRO A 2076 -42.95 -13.79 -6.86
C PRO A 2076 -42.16 -13.18 -5.72
N LEU A 2077 -42.68 -13.29 -4.50
CA LEU A 2077 -42.03 -12.62 -3.36
C LEU A 2077 -40.67 -13.23 -3.05
N VAL A 2078 -40.62 -14.55 -2.86
CA VAL A 2078 -39.36 -15.20 -2.52
C VAL A 2078 -38.36 -15.00 -3.64
N GLY A 2079 -38.82 -15.12 -4.88
CA GLY A 2079 -37.93 -14.88 -6.01
C GLY A 2079 -37.37 -13.47 -6.02
N ARG A 2080 -38.21 -12.49 -5.70
CA ARG A 2080 -37.74 -11.11 -5.65
C ARG A 2080 -36.65 -10.96 -4.61
N LEU A 2081 -36.87 -11.52 -3.42
CA LEU A 2081 -35.83 -11.46 -2.39
C LEU A 2081 -34.56 -12.14 -2.87
N ILE A 2082 -34.69 -13.27 -3.55
CA ILE A 2082 -33.54 -13.95 -4.10
C ILE A 2082 -32.79 -13.05 -5.07
N HIS A 2083 -33.54 -12.36 -5.94
CA HIS A 2083 -32.90 -11.47 -6.90
C HIS A 2083 -32.09 -10.40 -6.21
N GLN A 2084 -32.67 -9.72 -5.23
CA GLN A 2084 -31.90 -8.69 -4.54
C GLN A 2084 -30.66 -9.28 -3.87
N LEU A 2085 -30.82 -10.42 -3.20
CA LEU A 2085 -29.68 -10.97 -2.48
C LEU A 2085 -28.56 -11.35 -3.45
N LEU A 2086 -28.91 -12.01 -4.55
CA LEU A 2086 -27.87 -12.43 -5.49
C LEU A 2086 -27.23 -11.22 -6.16
N THR A 2087 -28.01 -10.21 -6.52
CA THR A 2087 -27.43 -9.00 -7.07
C THR A 2087 -26.40 -8.41 -6.13
N ASP A 2088 -26.75 -8.33 -4.85
CA ASP A 2088 -25.82 -7.76 -3.88
C ASP A 2088 -24.57 -8.61 -3.77
N ILE A 2089 -24.74 -9.93 -3.71
CA ILE A 2089 -23.58 -10.81 -3.64
C ILE A 2089 -22.66 -10.57 -4.83
N GLY A 2090 -23.23 -10.52 -6.03
CA GLY A 2090 -22.43 -10.34 -7.22
C GLY A 2090 -21.71 -9.01 -7.25
N ARG A 2091 -22.43 -7.92 -6.95
CA ARG A 2091 -21.78 -6.62 -7.00
C ARG A 2091 -20.67 -6.52 -5.97
N TYR A 2092 -20.81 -7.21 -4.84
CA TYR A 2092 -19.69 -7.25 -3.91
C TYR A 2092 -18.68 -8.32 -4.28
N HIS A 2093 -19.16 -9.54 -4.54
CA HIS A 2093 -18.30 -10.66 -4.93
C HIS A 2093 -18.79 -11.22 -6.25
N PRO A 2094 -18.23 -10.79 -7.36
CA PRO A 2094 -18.64 -11.34 -8.66
C PRO A 2094 -18.13 -12.75 -8.92
N GLN A 2095 -16.85 -13.01 -8.66
CA GLN A 2095 -16.23 -14.25 -9.09
C GLN A 2095 -16.88 -15.48 -8.47
N ALA A 2096 -17.18 -15.44 -7.17
CA ALA A 2096 -17.78 -16.59 -6.52
C ALA A 2096 -19.20 -16.88 -7.01
N LEU A 2097 -19.66 -16.17 -8.02
CA LEU A 2097 -21.00 -16.34 -8.53
C LEU A 2097 -21.06 -16.64 -10.02
N ILE A 2098 -20.02 -16.29 -10.78
CA ILE A 2098 -20.13 -16.29 -12.23
C ILE A 2098 -20.37 -17.68 -12.80
N TYR A 2099 -19.65 -18.69 -12.30
CA TYR A 2099 -19.70 -20.01 -12.95
C TYR A 2099 -21.10 -20.61 -12.91
N PRO A 2100 -21.74 -20.81 -11.76
CA PRO A 2100 -23.09 -21.39 -11.78
C PRO A 2100 -24.09 -20.51 -12.48
N LEU A 2101 -23.87 -19.20 -12.53
CA LEU A 2101 -24.79 -18.33 -13.26
C LEU A 2101 -24.71 -18.61 -14.76
N THR A 2102 -23.50 -18.66 -15.31
CA THR A 2102 -23.40 -19.00 -16.73
C THR A 2102 -23.86 -20.42 -16.98
N VAL A 2103 -23.82 -21.29 -15.97
CA VAL A 2103 -24.44 -22.60 -16.09
C VAL A 2103 -25.95 -22.44 -16.27
N ALA A 2104 -26.58 -21.67 -15.38
CA ALA A 2104 -28.02 -21.50 -15.45
C ALA A 2104 -28.46 -20.81 -16.73
N SER A 2105 -27.60 -19.97 -17.30
CA SER A 2105 -27.96 -19.27 -18.53
C SER A 2105 -28.24 -20.26 -19.65
N LYS A 2106 -27.39 -21.27 -19.82
CA LYS A 2106 -27.56 -22.27 -20.86
C LYS A 2106 -28.38 -23.45 -20.36
N SER A 2107 -29.52 -23.17 -19.75
CA SER A 2107 -30.46 -24.20 -19.34
C SER A 2107 -31.47 -24.43 -20.46
N THR A 2108 -32.43 -25.30 -20.20
CA THR A 2108 -33.43 -25.63 -21.20
C THR A 2108 -34.82 -25.13 -20.86
N THR A 2109 -35.18 -25.12 -19.58
CA THR A 2109 -36.49 -24.63 -19.18
C THR A 2109 -36.56 -23.11 -19.31
N THR A 2110 -37.79 -22.61 -19.42
CA THR A 2110 -37.98 -21.20 -19.75
C THR A 2110 -37.63 -20.30 -18.58
N ALA A 2111 -38.34 -20.47 -17.45
CA ALA A 2111 -38.18 -19.55 -16.32
C ALA A 2111 -36.75 -19.51 -15.83
N ARG A 2112 -36.13 -20.68 -15.70
CA ARG A 2112 -34.73 -20.75 -15.31
C ARG A 2112 -33.88 -19.81 -16.16
N HIS A 2113 -33.87 -20.04 -17.47
CA HIS A 2113 -32.93 -19.33 -18.31
C HIS A 2113 -33.27 -17.85 -18.41
N ASN A 2114 -34.57 -17.51 -18.43
CA ASN A 2114 -34.89 -16.09 -18.55
C ASN A 2114 -34.58 -15.31 -17.28
N ALA A 2115 -34.84 -15.88 -16.11
CA ALA A 2115 -34.40 -15.23 -14.89
C ALA A 2115 -32.88 -15.11 -14.86
N ALA A 2116 -32.20 -16.15 -15.36
CA ALA A 2116 -30.74 -16.10 -15.44
C ALA A 2116 -30.28 -14.95 -16.35
N ASN A 2117 -30.95 -14.78 -17.48
CA ASN A 2117 -30.61 -13.66 -18.36
C ASN A 2117 -30.84 -12.33 -17.68
N LYS A 2118 -31.95 -12.19 -16.94
CA LYS A 2118 -32.22 -10.93 -16.25
C LYS A 2118 -31.11 -10.61 -15.25
N ILE A 2119 -30.79 -11.56 -14.38
CA ILE A 2119 -29.74 -11.31 -13.40
C ILE A 2119 -28.40 -11.04 -14.08
N LEU A 2120 -28.03 -11.86 -15.07
CA LEU A 2120 -26.74 -11.69 -15.71
C LEU A 2120 -26.64 -10.34 -16.41
N LYS A 2121 -27.71 -9.90 -17.07
CA LYS A 2121 -27.71 -8.59 -17.69
C LYS A 2121 -27.65 -7.46 -16.66
N ASN A 2122 -28.27 -7.64 -15.50
CA ASN A 2122 -28.08 -6.67 -14.44
C ASN A 2122 -26.65 -6.66 -13.92
N MET A 2123 -25.91 -7.75 -14.10
CA MET A 2123 -24.56 -7.83 -13.56
C MET A 2123 -23.52 -7.05 -14.37
N CYS A 2124 -23.65 -6.98 -15.68
CA CYS A 2124 -22.55 -6.51 -16.52
C CYS A 2124 -22.25 -5.03 -16.37
N GLU A 2125 -23.16 -4.24 -15.79
CA GLU A 2125 -23.04 -2.79 -15.85
C GLU A 2125 -21.75 -2.32 -15.18
N HIS A 2126 -21.46 -2.85 -14.00
CA HIS A 2126 -20.22 -2.51 -13.31
C HIS A 2126 -19.05 -3.39 -13.70
N SER A 2127 -19.32 -4.61 -14.13
CA SER A 2127 -18.27 -5.52 -14.60
C SER A 2127 -18.85 -6.33 -15.74
N ASN A 2128 -18.51 -5.95 -16.97
CA ASN A 2128 -19.04 -6.58 -18.17
C ASN A 2128 -18.04 -7.50 -18.85
N THR A 2129 -16.82 -7.01 -19.11
CA THR A 2129 -15.85 -7.80 -19.85
C THR A 2129 -15.62 -9.17 -19.22
N LEU A 2130 -15.67 -9.25 -17.89
CA LEU A 2130 -15.57 -10.55 -17.24
C LEU A 2130 -16.71 -11.46 -17.67
N VAL A 2131 -17.93 -10.93 -17.74
CA VAL A 2131 -19.06 -11.74 -18.14
C VAL A 2131 -18.88 -12.27 -19.55
N GLN A 2132 -18.47 -11.41 -20.48
CA GLN A 2132 -18.26 -11.86 -21.86
C GLN A 2132 -17.19 -12.93 -21.91
N GLN A 2133 -16.09 -12.72 -21.21
CA GLN A 2133 -14.98 -13.66 -21.25
C GLN A 2133 -15.39 -15.02 -20.70
N ALA A 2134 -16.08 -15.02 -19.56
CA ALA A 2134 -16.54 -16.26 -18.96
C ALA A 2134 -17.56 -16.96 -19.84
N MET A 2135 -18.49 -16.20 -20.42
CA MET A 2135 -19.49 -16.82 -21.28
C MET A 2135 -18.82 -17.48 -22.47
N MET A 2136 -17.86 -16.80 -23.09
CA MET A 2136 -17.14 -17.38 -24.22
C MET A 2136 -16.43 -18.66 -23.80
N VAL A 2137 -15.67 -18.61 -22.70
CA VAL A 2137 -14.87 -19.77 -22.31
C VAL A 2137 -15.76 -20.96 -21.98
N SER A 2138 -16.82 -20.72 -21.21
CA SER A 2138 -17.70 -21.82 -20.81
C SER A 2138 -18.42 -22.40 -22.02
N GLU A 2139 -19.00 -21.55 -22.86
CA GLU A 2139 -19.71 -22.06 -24.03
C GLU A 2139 -18.77 -22.67 -25.05
N GLU A 2140 -17.46 -22.41 -24.93
CA GLU A 2140 -16.55 -23.02 -25.89
C GLU A 2140 -16.00 -24.36 -25.41
N LEU A 2141 -15.35 -24.39 -24.24
CA LEU A 2141 -14.73 -25.64 -23.80
C LEU A 2141 -15.75 -26.73 -23.55
N ILE A 2142 -17.03 -26.40 -23.44
CA ILE A 2142 -18.05 -27.43 -23.45
C ILE A 2142 -18.07 -28.18 -24.77
N ARG A 2143 -17.80 -27.50 -25.88
CA ARG A 2143 -17.78 -28.19 -27.17
C ARG A 2143 -16.65 -29.21 -27.23
N VAL A 2144 -15.50 -28.92 -26.60
CA VAL A 2144 -14.43 -29.89 -26.51
C VAL A 2144 -14.85 -31.12 -25.75
N ALA A 2145 -15.77 -30.99 -24.80
CA ALA A 2145 -16.18 -32.14 -24.00
C ALA A 2145 -16.82 -33.21 -24.87
N ILE A 2146 -17.98 -32.92 -25.43
CA ILE A 2146 -18.70 -33.86 -26.27
C ILE A 2146 -18.58 -33.37 -27.70
N LEU A 2147 -17.70 -34.00 -28.46
CA LEU A 2147 -17.51 -33.61 -29.84
C LEU A 2147 -18.74 -34.02 -30.64
N TRP A 2148 -18.90 -33.44 -31.84
CA TRP A 2148 -20.13 -33.63 -32.60
C TRP A 2148 -20.47 -35.10 -32.78
N HIS A 2149 -19.53 -35.89 -33.28
CA HIS A 2149 -19.89 -37.25 -33.66
C HIS A 2149 -20.14 -38.13 -32.44
N GLU A 2150 -19.44 -37.89 -31.33
CA GLU A 2150 -19.76 -38.63 -30.11
C GLU A 2150 -21.16 -38.31 -29.61
N MET A 2151 -21.54 -37.04 -29.68
CA MET A 2151 -22.89 -36.66 -29.31
C MET A 2151 -23.92 -37.36 -30.20
N TRP A 2152 -23.65 -37.39 -31.50
CA TRP A 2152 -24.58 -38.08 -32.39
C TRP A 2152 -24.65 -39.56 -32.06
N HIS A 2153 -23.49 -40.16 -31.78
CA HIS A 2153 -23.42 -41.55 -31.36
C HIS A 2153 -24.29 -41.80 -30.14
N GLU A 2154 -24.17 -40.95 -29.13
CA GLU A 2154 -24.98 -41.10 -27.93
C GLU A 2154 -26.46 -40.98 -28.24
N GLY A 2155 -26.82 -40.00 -29.05
CA GLY A 2155 -28.23 -39.81 -29.37
C GLY A 2155 -28.82 -41.04 -30.03
N LEU A 2156 -28.14 -41.58 -31.03
CA LEU A 2156 -28.72 -42.73 -31.74
C LEU A 2156 -28.62 -44.01 -30.91
N GLU A 2157 -27.54 -44.15 -30.14
CA GLU A 2157 -27.47 -45.27 -29.21
C GLU A 2157 -28.68 -45.28 -28.30
N GLU A 2158 -29.10 -44.12 -27.82
CA GLU A 2158 -30.32 -44.07 -27.01
C GLU A 2158 -31.56 -44.33 -27.84
N ALA A 2159 -31.67 -43.68 -28.99
CA ALA A 2159 -32.91 -43.72 -29.77
C ALA A 2159 -33.22 -45.12 -30.26
N SER A 2160 -32.21 -45.90 -30.62
CA SER A 2160 -32.46 -47.26 -31.09
C SER A 2160 -33.15 -48.08 -30.02
N ARG A 2161 -32.59 -48.08 -28.82
CA ARG A 2161 -33.20 -48.81 -27.72
C ARG A 2161 -34.57 -48.25 -27.41
N LEU A 2162 -34.73 -46.93 -27.45
CA LEU A 2162 -36.02 -46.32 -27.22
C LEU A 2162 -37.07 -46.88 -28.17
N TYR A 2163 -36.77 -46.86 -29.47
CA TYR A 2163 -37.76 -47.27 -30.46
C TYR A 2163 -38.04 -48.76 -30.36
N PHE A 2164 -37.02 -49.58 -30.19
CA PHE A 2164 -37.22 -51.02 -30.13
C PHE A 2164 -37.78 -51.50 -28.80
N GLY A 2165 -37.82 -50.65 -27.78
CA GLY A 2165 -38.38 -51.08 -26.52
C GLY A 2165 -39.72 -50.45 -26.21
N GLU A 2166 -40.02 -49.32 -26.87
CA GLU A 2166 -41.19 -48.55 -26.51
C GLU A 2166 -42.10 -48.25 -27.70
N ARG A 2167 -41.64 -48.45 -28.94
CA ARG A 2167 -42.48 -48.30 -30.13
C ARG A 2167 -43.02 -46.88 -30.25
N ASN A 2168 -42.34 -45.92 -29.63
CA ASN A 2168 -42.82 -44.53 -29.57
C ASN A 2168 -42.02 -43.71 -30.58
N VAL A 2169 -42.70 -43.29 -31.64
CA VAL A 2169 -42.07 -42.38 -32.59
C VAL A 2169 -41.79 -41.03 -31.94
N LYS A 2170 -42.71 -40.57 -31.09
CA LYS A 2170 -42.57 -39.26 -30.46
C LYS A 2170 -41.34 -39.17 -29.57
N GLY A 2171 -41.09 -40.19 -28.75
CA GLY A 2171 -39.96 -40.15 -27.84
C GLY A 2171 -38.66 -39.97 -28.59
N MET A 2172 -38.47 -40.77 -29.64
CA MET A 2172 -37.25 -40.66 -30.41
C MET A 2172 -37.22 -39.36 -31.22
N PHE A 2173 -38.38 -38.81 -31.57
CA PHE A 2173 -38.42 -37.47 -32.14
C PHE A 2173 -37.82 -36.45 -31.18
N GLU A 2174 -38.26 -36.45 -29.92
CA GLU A 2174 -37.63 -35.51 -29.00
C GLU A 2174 -36.17 -35.87 -28.76
N VAL A 2175 -35.82 -37.15 -28.86
CA VAL A 2175 -34.44 -37.56 -28.63
C VAL A 2175 -33.51 -36.94 -29.66
N LEU A 2176 -33.86 -37.06 -30.94
CA LEU A 2176 -32.93 -36.68 -32.00
C LEU A 2176 -33.34 -35.41 -32.73
N GLU A 2177 -34.31 -34.66 -32.22
CA GLU A 2177 -34.60 -33.38 -32.87
C GLU A 2177 -33.53 -32.34 -32.53
N PRO A 2178 -33.14 -32.15 -31.27
CA PRO A 2178 -32.17 -31.08 -30.96
C PRO A 2178 -30.86 -31.23 -31.70
N LEU A 2179 -30.46 -32.47 -32.02
CA LEU A 2179 -29.23 -32.65 -32.77
C LEU A 2179 -29.33 -31.97 -34.14
N HIS A 2180 -30.44 -32.18 -34.85
CA HIS A 2180 -30.65 -31.43 -36.08
C HIS A 2180 -30.79 -29.94 -35.82
N ALA A 2181 -31.49 -29.58 -34.75
CA ALA A 2181 -31.66 -28.16 -34.43
C ALA A 2181 -30.31 -27.45 -34.34
N MET A 2182 -29.35 -28.08 -33.67
CA MET A 2182 -28.01 -27.53 -33.59
C MET A 2182 -27.26 -27.70 -34.90
N MET A 2183 -27.57 -28.74 -35.67
CA MET A 2183 -26.92 -28.96 -36.94
C MET A 2183 -27.16 -27.84 -37.94
N GLU A 2184 -28.39 -27.40 -38.09
CA GLU A 2184 -28.78 -26.52 -39.18
C GLU A 2184 -28.30 -25.09 -39.01
N ARG A 2185 -27.77 -24.73 -37.84
CA ARG A 2185 -27.19 -23.40 -37.68
C ARG A 2185 -25.81 -23.30 -38.30
N GLY A 2186 -25.25 -24.41 -38.75
CA GLY A 2186 -24.02 -24.39 -39.49
C GLY A 2186 -22.80 -24.71 -38.65
N PRO A 2187 -21.84 -25.40 -39.25
CA PRO A 2187 -20.58 -25.67 -38.55
C PRO A 2187 -19.80 -24.39 -38.32
N GLN A 2188 -18.92 -24.42 -37.33
CA GLN A 2188 -18.14 -23.25 -36.98
C GLN A 2188 -16.63 -23.49 -36.99
N THR A 2189 -16.20 -24.74 -36.95
CA THR A 2189 -14.78 -25.06 -36.95
C THR A 2189 -14.48 -26.15 -37.95
N LEU A 2190 -13.18 -26.43 -38.11
CA LEU A 2190 -12.74 -27.40 -39.10
C LEU A 2190 -13.24 -28.80 -38.80
N LYS A 2191 -13.18 -29.24 -37.55
CA LYS A 2191 -13.62 -30.59 -37.23
C LYS A 2191 -15.10 -30.78 -37.53
N GLU A 2192 -15.93 -29.84 -37.06
CA GLU A 2192 -17.36 -29.94 -37.34
C GLU A 2192 -17.63 -29.85 -38.83
N THR A 2193 -16.86 -29.00 -39.53
CA THR A 2193 -17.04 -28.88 -40.98
C THR A 2193 -16.72 -30.20 -41.67
N SER A 2194 -15.66 -30.88 -41.24
CA SER A 2194 -15.31 -32.17 -41.82
C SER A 2194 -16.39 -33.20 -41.54
N PHE A 2195 -16.91 -33.22 -40.32
CA PHE A 2195 -18.04 -34.09 -40.01
C PHE A 2195 -19.19 -33.84 -40.97
N ASN A 2196 -19.53 -32.57 -41.17
CA ASN A 2196 -20.59 -32.24 -42.12
C ASN A 2196 -20.26 -32.79 -43.49
N GLN A 2197 -19.06 -32.50 -43.98
CA GLN A 2197 -18.64 -32.98 -45.29
C GLN A 2197 -18.82 -34.48 -45.41
N ALA A 2198 -18.56 -35.21 -44.34
CA ALA A 2198 -18.68 -36.66 -44.40
C ALA A 2198 -20.13 -37.10 -44.45
N TYR A 2199 -21.00 -36.52 -43.61
CA TYR A 2199 -22.23 -37.20 -43.25
C TYR A 2199 -23.51 -36.41 -43.56
N GLY A 2200 -23.41 -35.11 -43.81
CA GLY A 2200 -24.59 -34.26 -43.78
C GLY A 2200 -25.69 -34.67 -44.73
N ARG A 2201 -25.32 -35.17 -45.91
CA ARG A 2201 -26.35 -35.60 -46.86
C ARG A 2201 -27.23 -36.69 -46.26
N ASP A 2202 -26.60 -37.76 -45.77
CA ASP A 2202 -27.33 -38.84 -45.12
C ASP A 2202 -28.14 -38.30 -43.96
N LEU A 2203 -27.50 -37.47 -43.15
CA LEU A 2203 -28.11 -36.95 -41.94
C LEU A 2203 -29.34 -36.09 -42.22
N MET A 2204 -29.41 -35.44 -43.37
CA MET A 2204 -30.57 -34.62 -43.63
C MET A 2204 -31.64 -35.38 -44.41
N GLU A 2205 -31.24 -36.31 -45.27
CA GLU A 2205 -32.24 -37.13 -45.95
C GLU A 2205 -32.98 -38.04 -44.98
N ALA A 2206 -32.29 -38.57 -43.97
CA ALA A 2206 -33.02 -39.33 -42.97
C ALA A 2206 -34.06 -38.46 -42.29
N GLN A 2207 -33.71 -37.20 -42.04
CA GLN A 2207 -34.66 -36.27 -41.43
C GLN A 2207 -35.87 -36.02 -42.32
N GLU A 2208 -35.63 -35.83 -43.62
CA GLU A 2208 -36.78 -35.61 -44.49
C GLU A 2208 -37.65 -36.85 -44.53
N TRP A 2209 -37.05 -38.03 -44.47
CA TRP A 2209 -37.85 -39.25 -44.43
C TRP A 2209 -38.69 -39.34 -43.16
N CYS A 2210 -38.12 -38.99 -42.01
CA CYS A 2210 -38.91 -39.11 -40.80
C CYS A 2210 -40.03 -38.08 -40.78
N ARG A 2211 -39.79 -36.89 -41.32
CA ARG A 2211 -40.90 -35.95 -41.46
C ARG A 2211 -41.97 -36.49 -42.40
N LYS A 2212 -41.55 -37.06 -43.54
CA LYS A 2212 -42.49 -37.69 -44.45
C LYS A 2212 -43.32 -38.74 -43.75
N TYR A 2213 -42.69 -39.51 -42.86
CA TYR A 2213 -43.45 -40.42 -42.02
C TYR A 2213 -44.47 -39.68 -41.16
N MET A 2214 -44.00 -38.77 -40.31
CA MET A 2214 -44.90 -38.27 -39.27
C MET A 2214 -46.05 -37.50 -39.87
N LYS A 2215 -45.95 -37.10 -41.13
CA LYS A 2215 -47.13 -36.57 -41.80
C LYS A 2215 -48.21 -37.64 -41.95
N SER A 2216 -47.85 -38.81 -42.47
CA SER A 2216 -48.80 -39.90 -42.68
C SER A 2216 -48.22 -41.19 -42.11
N GLY A 2217 -48.85 -41.70 -41.06
CA GLY A 2217 -48.34 -42.87 -40.37
C GLY A 2217 -48.42 -44.17 -41.14
N ASN A 2218 -47.26 -44.67 -41.57
CA ASN A 2218 -47.12 -45.99 -42.17
C ASN A 2218 -45.64 -46.34 -42.19
N VAL A 2219 -45.28 -47.47 -41.58
CA VAL A 2219 -43.88 -47.78 -41.32
C VAL A 2219 -43.07 -47.83 -42.61
N LYS A 2220 -43.76 -47.88 -43.73
CA LYS A 2220 -43.13 -47.89 -45.05
C LYS A 2220 -42.21 -46.70 -45.23
N ASP A 2221 -42.45 -45.61 -44.51
CA ASP A 2221 -41.50 -44.51 -44.51
C ASP A 2221 -40.36 -44.68 -43.52
N LEU A 2222 -40.67 -44.78 -42.22
CA LEU A 2222 -39.59 -44.68 -41.25
C LEU A 2222 -38.63 -45.85 -41.32
N THR A 2223 -39.01 -46.95 -41.97
CA THR A 2223 -38.05 -48.03 -42.14
C THR A 2223 -36.78 -47.53 -42.82
N GLN A 2224 -36.92 -46.67 -43.83
CA GLN A 2224 -35.76 -46.17 -44.55
C GLN A 2224 -34.93 -45.25 -43.68
N ALA A 2225 -35.58 -44.32 -42.98
CA ALA A 2225 -34.84 -43.41 -42.12
C ALA A 2225 -34.06 -44.19 -41.07
N TRP A 2226 -34.68 -45.20 -40.47
CA TRP A 2226 -33.98 -46.01 -39.49
C TRP A 2226 -32.80 -46.75 -40.10
N ASP A 2227 -32.97 -47.31 -41.29
CA ASP A 2227 -31.86 -48.02 -41.91
C ASP A 2227 -30.69 -47.08 -42.16
N LEU A 2228 -30.97 -45.87 -42.65
CA LEU A 2228 -29.90 -44.92 -42.88
C LEU A 2228 -29.23 -44.51 -41.57
N TYR A 2229 -30.03 -44.27 -40.53
CA TYR A 2229 -29.45 -43.93 -39.24
C TYR A 2229 -28.52 -45.04 -38.75
N TYR A 2230 -28.96 -46.29 -38.88
CA TYR A 2230 -28.16 -47.40 -38.40
C TYR A 2230 -26.88 -47.56 -39.22
N HIS A 2231 -26.97 -47.31 -40.53
CA HIS A 2231 -25.75 -47.29 -41.35
C HIS A 2231 -24.77 -46.24 -40.83
N VAL A 2232 -25.29 -45.04 -40.53
CA VAL A 2232 -24.43 -44.01 -39.97
C VAL A 2232 -23.79 -44.50 -38.69
N PHE A 2233 -24.58 -45.19 -37.85
CA PHE A 2233 -24.03 -45.66 -36.59
C PHE A 2233 -22.90 -46.66 -36.82
N ARG A 2234 -23.08 -47.60 -37.75
CA ARG A 2234 -22.00 -48.55 -38.01
C ARG A 2234 -20.77 -47.84 -38.53
N ARG A 2235 -20.94 -46.88 -39.44
CA ARG A 2235 -19.80 -46.12 -39.91
C ARG A 2235 -19.06 -45.46 -38.77
N ILE A 2236 -19.78 -44.74 -37.92
CA ILE A 2236 -19.13 -43.97 -36.87
C ILE A 2236 -18.45 -44.88 -35.86
N SER A 2237 -19.08 -46.00 -35.52
CA SER A 2237 -18.60 -46.80 -34.41
C SER A 2237 -17.27 -47.46 -34.71
N LYS A 2238 -16.86 -47.49 -35.98
CA LYS A 2238 -15.64 -48.20 -36.34
C LYS A 2238 -14.38 -47.43 -35.96
N GLN A 2239 -14.49 -46.16 -35.61
CA GLN A 2239 -13.31 -45.32 -35.44
C GLN A 2239 -13.16 -44.76 -34.04
N LEU A 2240 -14.19 -44.85 -33.22
CA LEU A 2240 -14.14 -44.30 -31.86
C LEU A 2240 -12.90 -44.76 -31.10
N PRO A 2241 -12.53 -46.05 -31.13
CA PRO A 2241 -11.32 -46.46 -30.40
C PRO A 2241 -10.05 -45.76 -30.86
N GLN A 2242 -9.94 -45.41 -32.14
CA GLN A 2242 -8.73 -44.77 -32.61
C GLN A 2242 -8.52 -43.37 -32.03
N LEU A 2243 -9.58 -42.73 -31.55
CA LEU A 2243 -9.49 -41.36 -31.04
C LEU A 2243 -8.54 -41.34 -29.85
N THR A 2244 -7.42 -40.66 -29.99
CA THR A 2244 -6.40 -40.68 -28.95
C THR A 2244 -5.88 -39.31 -28.55
N SER A 2245 -5.87 -38.33 -29.44
CA SER A 2245 -5.29 -37.04 -29.12
C SER A 2245 -6.05 -35.95 -29.85
N LEU A 2246 -6.12 -34.77 -29.25
CA LEU A 2246 -6.79 -33.63 -29.86
C LEU A 2246 -5.82 -32.46 -29.85
N GLU A 2247 -5.82 -31.67 -30.92
CA GLU A 2247 -5.09 -30.42 -30.93
C GLU A 2247 -6.07 -29.27 -31.08
N LEU A 2248 -5.93 -28.26 -30.23
CA LEU A 2248 -6.89 -27.17 -30.16
C LEU A 2248 -7.07 -26.47 -31.49
N GLN A 2249 -6.01 -26.43 -32.31
CA GLN A 2249 -6.09 -25.73 -33.58
C GLN A 2249 -7.15 -26.32 -34.48
N TYR A 2250 -7.44 -27.61 -34.33
CA TYR A 2250 -8.41 -28.27 -35.18
C TYR A 2250 -9.81 -28.30 -34.59
N VAL A 2251 -9.94 -28.15 -33.27
CA VAL A 2251 -11.21 -28.37 -32.59
C VAL A 2251 -11.91 -27.06 -32.25
N SER A 2252 -11.17 -26.11 -31.67
CA SER A 2252 -11.74 -24.82 -31.31
C SER A 2252 -10.70 -23.73 -31.53
N PRO A 2253 -10.84 -22.95 -32.60
CA PRO A 2253 -9.82 -21.95 -32.93
C PRO A 2253 -9.75 -20.80 -31.94
N LYS A 2254 -10.77 -20.60 -31.11
CA LYS A 2254 -10.81 -19.42 -30.27
C LYS A 2254 -10.07 -19.59 -28.95
N LEU A 2255 -9.91 -20.82 -28.46
CA LEU A 2255 -9.37 -20.99 -27.13
C LEU A 2255 -7.87 -20.68 -27.07
N LEU A 2256 -7.08 -21.21 -27.99
CA LEU A 2256 -5.63 -21.07 -27.91
C LEU A 2256 -5.15 -19.65 -28.10
N MET A 2257 -6.02 -18.75 -28.58
CA MET A 2257 -5.65 -17.37 -28.85
C MET A 2257 -6.13 -16.43 -27.75
N CYS A 2258 -6.17 -16.90 -26.50
CA CYS A 2258 -6.53 -16.02 -25.40
C CYS A 2258 -5.30 -15.34 -24.82
N ARG A 2259 -4.34 -16.12 -24.32
CA ARG A 2259 -3.04 -15.65 -23.87
C ARG A 2259 -3.13 -14.77 -22.63
N ASP A 2260 -4.34 -14.43 -22.20
CA ASP A 2260 -4.63 -13.81 -20.92
C ASP A 2260 -6.14 -13.62 -20.85
N LEU A 2261 -6.65 -13.40 -19.65
CA LEU A 2261 -8.09 -13.29 -19.51
C LEU A 2261 -8.34 -12.63 -18.16
N GLU A 2262 -9.60 -12.53 -17.77
CA GLU A 2262 -9.92 -12.00 -16.44
C GLU A 2262 -10.51 -13.05 -15.50
N LEU A 2263 -10.62 -14.30 -15.92
CA LEU A 2263 -11.16 -15.32 -15.04
C LEU A 2263 -10.08 -15.86 -14.11
N ALA A 2264 -10.48 -16.09 -12.86
CA ALA A 2264 -9.65 -16.87 -11.97
C ALA A 2264 -9.66 -18.33 -12.40
N VAL A 2265 -8.63 -19.07 -12.00
CA VAL A 2265 -8.60 -20.49 -12.33
C VAL A 2265 -9.85 -21.15 -11.75
N PRO A 2266 -10.68 -21.78 -12.57
CA PRO A 2266 -11.98 -22.23 -12.08
C PRO A 2266 -11.84 -23.21 -10.93
N GLY A 2267 -12.70 -23.06 -9.94
CA GLY A 2267 -12.73 -23.95 -8.80
C GLY A 2267 -11.84 -23.54 -7.65
N THR A 2268 -10.83 -22.71 -7.87
CA THR A 2268 -9.95 -22.24 -6.81
C THR A 2268 -10.13 -20.73 -6.69
N TYR A 2269 -10.89 -20.31 -5.69
CA TYR A 2269 -11.19 -18.90 -5.48
C TYR A 2269 -11.61 -18.72 -4.04
N ASP A 2270 -10.81 -17.97 -3.27
CA ASP A 2270 -11.03 -17.79 -1.85
C ASP A 2270 -11.22 -16.31 -1.54
N PRO A 2271 -12.23 -15.96 -0.74
CA PRO A 2271 -12.50 -14.56 -0.45
C PRO A 2271 -11.36 -13.87 0.29
N ASN A 2272 -10.50 -14.65 0.92
CA ASN A 2272 -9.43 -14.11 1.75
C ASN A 2272 -8.08 -14.11 1.06
N GLN A 2273 -8.02 -14.38 -0.24
CA GLN A 2273 -6.75 -14.43 -0.93
C GLN A 2273 -6.90 -13.77 -2.30
N PRO A 2274 -5.89 -13.04 -2.76
CA PRO A 2274 -5.94 -12.48 -4.11
C PRO A 2274 -6.05 -13.56 -5.16
N ILE A 2275 -6.81 -13.26 -6.20
CA ILE A 2275 -7.12 -14.23 -7.24
C ILE A 2275 -5.89 -14.53 -8.07
N ILE A 2276 -5.90 -15.70 -8.71
CA ILE A 2276 -4.88 -16.08 -9.69
C ILE A 2276 -5.58 -16.24 -11.03
N ARG A 2277 -5.21 -15.40 -11.98
CA ARG A 2277 -5.88 -15.38 -13.26
C ARG A 2277 -5.31 -16.45 -14.16
N ILE A 2278 -6.15 -16.98 -15.05
CA ILE A 2278 -5.68 -17.97 -16.01
C ILE A 2278 -4.84 -17.26 -17.05
N GLN A 2279 -3.62 -17.75 -17.27
CA GLN A 2279 -2.70 -17.03 -18.15
C GLN A 2279 -2.75 -17.59 -19.57
N SER A 2280 -2.72 -18.91 -19.71
CA SER A 2280 -2.73 -19.51 -21.04
C SER A 2280 -3.23 -20.95 -20.97
N ILE A 2281 -3.57 -21.47 -22.14
CA ILE A 2281 -4.07 -22.83 -22.30
C ILE A 2281 -3.15 -23.56 -23.26
N ALA A 2282 -2.69 -24.74 -22.86
CA ALA A 2282 -1.80 -25.50 -23.71
C ALA A 2282 -2.54 -25.98 -24.96
N PRO A 2283 -1.86 -26.19 -26.08
CA PRO A 2283 -2.53 -26.56 -27.33
C PRO A 2283 -2.75 -28.05 -27.51
N SER A 2284 -2.48 -28.87 -26.51
CA SER A 2284 -2.57 -30.32 -26.67
C SER A 2284 -3.55 -30.88 -25.65
N LEU A 2285 -4.43 -31.77 -26.10
CA LEU A 2285 -5.36 -32.46 -25.22
C LEU A 2285 -5.16 -33.96 -25.34
N GLN A 2286 -4.90 -34.60 -24.22
CA GLN A 2286 -4.70 -36.03 -24.14
C GLN A 2286 -5.99 -36.69 -23.68
N VAL A 2287 -6.40 -37.73 -24.39
CA VAL A 2287 -7.64 -38.43 -24.07
C VAL A 2287 -7.30 -39.76 -23.39
N ILE A 2288 -7.86 -39.96 -22.21
CA ILE A 2288 -7.67 -41.21 -21.49
C ILE A 2288 -8.70 -42.21 -21.98
N THR A 2289 -8.24 -43.38 -22.41
CA THR A 2289 -9.12 -44.39 -23.00
C THR A 2289 -9.97 -45.02 -21.90
N SER A 2290 -11.27 -45.05 -22.14
CA SER A 2290 -12.23 -45.66 -21.23
C SER A 2290 -13.56 -45.76 -21.95
N LYS A 2291 -14.61 -46.12 -21.21
CA LYS A 2291 -15.95 -46.04 -21.75
C LYS A 2291 -16.49 -44.62 -21.74
N GLN A 2292 -15.86 -43.71 -20.99
CA GLN A 2292 -16.34 -42.35 -20.88
C GLN A 2292 -15.41 -41.34 -21.54
N ARG A 2293 -14.18 -41.70 -21.83
CA ARG A 2293 -13.19 -40.86 -22.49
C ARG A 2293 -13.12 -39.47 -21.87
N PRO A 2294 -12.66 -39.34 -20.63
CA PRO A 2294 -12.41 -38.01 -20.07
C PRO A 2294 -11.20 -37.39 -20.75
N ARG A 2295 -11.15 -36.06 -20.76
CA ARG A 2295 -9.98 -35.38 -21.30
C ARG A 2295 -9.10 -34.84 -20.20
N LYS A 2296 -7.80 -34.81 -20.47
CA LYS A 2296 -6.78 -34.30 -19.55
C LYS A 2296 -6.43 -32.89 -19.98
N LEU A 2297 -7.17 -31.91 -19.46
CA LEU A 2297 -6.92 -30.51 -19.79
C LEU A 2297 -5.89 -29.93 -18.85
N THR A 2298 -5.08 -29.00 -19.36
CA THR A 2298 -4.06 -28.33 -18.55
C THR A 2298 -4.13 -26.83 -18.80
N LEU A 2299 -4.12 -26.05 -17.72
CA LEU A 2299 -4.04 -24.60 -17.80
C LEU A 2299 -2.78 -24.11 -17.11
N MET A 2300 -2.34 -22.91 -17.48
CA MET A 2300 -1.23 -22.28 -16.78
C MET A 2300 -1.71 -20.91 -16.29
N GLY A 2301 -1.62 -20.69 -14.99
CA GLY A 2301 -2.16 -19.49 -14.37
C GLY A 2301 -1.17 -18.36 -14.28
N SER A 2302 -1.57 -17.33 -13.55
CA SER A 2302 -0.79 -16.10 -13.46
C SER A 2302 0.59 -16.31 -12.88
N ASN A 2303 0.71 -16.98 -11.74
CA ASN A 2303 1.97 -17.10 -11.03
C ASN A 2303 2.83 -18.24 -11.54
N GLY A 2304 2.63 -18.69 -12.77
CA GLY A 2304 3.46 -19.72 -13.34
C GLY A 2304 3.29 -21.09 -12.74
N HIS A 2305 2.11 -21.42 -12.23
CA HIS A 2305 1.86 -22.71 -11.63
C HIS A 2305 0.76 -23.43 -12.41
N GLU A 2306 1.06 -24.64 -12.85
CA GLU A 2306 0.16 -25.42 -13.69
C GLU A 2306 -1.09 -25.80 -12.91
N PHE A 2307 -2.16 -26.05 -13.64
CA PHE A 2307 -3.39 -26.61 -13.08
C PHE A 2307 -3.87 -27.67 -14.04
N VAL A 2308 -3.65 -28.93 -13.68
CA VAL A 2308 -4.10 -30.06 -14.48
C VAL A 2308 -5.51 -30.39 -14.03
N PHE A 2309 -6.37 -30.72 -14.98
CA PHE A 2309 -7.74 -31.07 -14.67
C PHE A 2309 -8.13 -32.31 -15.45
N LEU A 2310 -9.33 -32.80 -15.17
CA LEU A 2310 -9.89 -33.95 -15.87
C LEU A 2310 -11.27 -33.52 -16.35
N LEU A 2311 -11.45 -33.47 -17.66
CA LEU A 2311 -12.68 -32.94 -18.23
C LEU A 2311 -13.62 -34.10 -18.51
N LYS A 2312 -14.76 -34.12 -17.83
CA LYS A 2312 -15.67 -35.24 -17.90
C LYS A 2312 -16.93 -34.83 -18.65
N GLY A 2313 -17.40 -35.72 -19.52
CA GLY A 2313 -18.70 -35.59 -20.14
C GLY A 2313 -19.57 -36.78 -19.80
N HIS A 2314 -20.77 -36.79 -20.37
CA HIS A 2314 -21.70 -37.92 -20.27
C HIS A 2314 -22.17 -38.18 -18.85
N GLU A 2315 -21.97 -37.23 -17.93
CA GLU A 2315 -22.32 -37.50 -16.55
C GLU A 2315 -22.88 -36.26 -15.87
N ASP A 2316 -23.52 -36.49 -14.74
CA ASP A 2316 -23.88 -35.44 -13.80
C ASP A 2316 -22.76 -35.30 -12.78
N LEU A 2317 -22.53 -34.08 -12.31
CA LEU A 2317 -21.57 -33.84 -11.25
C LEU A 2317 -22.16 -33.02 -10.11
N ARG A 2318 -23.40 -32.57 -10.25
CA ARG A 2318 -24.04 -31.77 -9.21
C ARG A 2318 -24.14 -32.50 -7.88
N GLN A 2319 -24.50 -33.78 -7.87
CA GLN A 2319 -24.48 -34.56 -6.63
C GLN A 2319 -23.11 -34.52 -5.98
N ASP A 2320 -22.06 -34.53 -6.79
CA ASP A 2320 -20.71 -34.56 -6.24
C ASP A 2320 -20.38 -33.27 -5.50
N GLU A 2321 -20.87 -32.13 -5.98
CA GLU A 2321 -20.65 -30.89 -5.25
C GLU A 2321 -21.24 -30.96 -3.85
N ARG A 2322 -22.47 -31.43 -3.74
CA ARG A 2322 -23.13 -31.48 -2.45
C ARG A 2322 -22.44 -32.46 -1.51
N VAL A 2323 -22.06 -33.63 -2.03
CA VAL A 2323 -21.39 -34.58 -1.14
C VAL A 2323 -20.02 -34.07 -0.73
N MET A 2324 -19.32 -33.35 -1.61
CA MET A 2324 -18.03 -32.78 -1.23
C MET A 2324 -18.20 -31.73 -0.14
N GLN A 2325 -19.26 -30.92 -0.25
CA GLN A 2325 -19.56 -29.98 0.82
C GLN A 2325 -19.83 -30.69 2.14
N LEU A 2326 -20.60 -31.78 2.08
CA LEU A 2326 -20.89 -32.53 3.30
C LEU A 2326 -19.61 -33.07 3.92
N PHE A 2327 -18.71 -33.61 3.08
CA PHE A 2327 -17.45 -34.11 3.61
C PHE A 2327 -16.63 -33.00 4.23
N GLY A 2328 -16.60 -31.83 3.59
CA GLY A 2328 -15.95 -30.69 4.21
C GLY A 2328 -16.54 -30.36 5.57
N LEU A 2329 -17.88 -30.45 5.67
CA LEU A 2329 -18.53 -30.23 6.95
C LEU A 2329 -18.02 -31.19 8.01
N VAL A 2330 -18.03 -32.49 7.68
CA VAL A 2330 -17.59 -33.48 8.65
C VAL A 2330 -16.13 -33.25 9.02
N ASN A 2331 -15.32 -32.80 8.05
CA ASN A 2331 -13.94 -32.47 8.36
C ASN A 2331 -13.88 -31.34 9.37
N THR A 2332 -14.74 -30.32 9.20
CA THR A 2332 -14.80 -29.26 10.21
C THR A 2332 -15.19 -29.79 11.57
N LEU A 2333 -16.17 -30.69 11.62
CA LEU A 2333 -16.55 -31.32 12.88
C LEU A 2333 -15.37 -31.99 13.56
N LEU A 2334 -14.62 -32.80 12.80
CA LEU A 2334 -13.44 -33.44 13.36
C LEU A 2334 -12.37 -32.44 13.75
N ALA A 2335 -12.39 -31.24 13.16
CA ALA A 2335 -11.33 -30.28 13.42
C ALA A 2335 -11.33 -29.76 14.85
N ASN A 2336 -12.51 -29.61 15.46
CA ASN A 2336 -12.63 -28.86 16.71
C ASN A 2336 -12.76 -29.75 17.93
N ASP A 2337 -12.24 -30.98 17.89
CA ASP A 2337 -12.35 -31.88 19.01
C ASP A 2337 -10.98 -32.33 19.47
N PRO A 2338 -10.68 -32.28 20.77
CA PRO A 2338 -9.29 -32.51 21.21
C PRO A 2338 -8.84 -33.94 21.05
N THR A 2339 -9.66 -34.92 21.45
CA THR A 2339 -9.24 -36.30 21.39
C THR A 2339 -8.99 -36.78 19.95
N SER A 2340 -9.81 -36.34 19.00
CA SER A 2340 -9.57 -36.69 17.61
C SER A 2340 -8.44 -35.90 16.98
N LEU A 2341 -8.36 -34.60 17.23
CA LEU A 2341 -7.43 -33.74 16.51
C LEU A 2341 -5.98 -34.17 16.71
N ARG A 2342 -5.64 -34.63 17.91
CA ARG A 2342 -4.31 -35.18 18.12
C ARG A 2342 -4.02 -36.37 17.23
N LYS A 2343 -5.06 -37.06 16.76
CA LYS A 2343 -4.88 -38.25 15.94
C LYS A 2343 -4.97 -37.95 14.45
N ASN A 2344 -5.17 -36.69 14.06
CA ASN A 2344 -5.02 -36.26 12.68
C ASN A 2344 -5.95 -37.02 11.74
N LEU A 2345 -7.26 -36.84 11.93
CA LEU A 2345 -8.25 -37.46 11.06
C LEU A 2345 -8.86 -36.40 10.15
N SER A 2346 -8.90 -36.71 8.86
CA SER A 2346 -9.48 -35.81 7.87
C SER A 2346 -9.79 -36.62 6.62
N ILE A 2347 -10.59 -36.03 5.74
CA ILE A 2347 -10.83 -36.58 4.42
C ILE A 2347 -10.18 -35.67 3.39
N GLN A 2348 -9.27 -36.22 2.62
CA GLN A 2348 -8.66 -35.48 1.53
C GLN A 2348 -9.72 -35.26 0.45
N ARG A 2349 -9.74 -34.07 -0.14
CA ARG A 2349 -10.77 -33.69 -1.09
C ARG A 2349 -10.11 -33.20 -2.38
N TYR A 2350 -10.94 -32.95 -3.39
CA TYR A 2350 -10.45 -32.43 -4.65
C TYR A 2350 -11.47 -31.46 -5.23
N ALA A 2351 -10.99 -30.64 -6.16
CA ALA A 2351 -11.83 -29.60 -6.75
C ALA A 2351 -12.85 -30.21 -7.70
N VAL A 2352 -14.09 -29.73 -7.60
CA VAL A 2352 -15.20 -30.17 -8.44
C VAL A 2352 -15.91 -28.92 -8.94
N ILE A 2353 -16.10 -28.81 -10.25
CA ILE A 2353 -16.86 -27.72 -10.83
C ILE A 2353 -17.76 -28.27 -11.93
N PRO A 2354 -19.08 -28.15 -11.77
CA PRO A 2354 -19.97 -28.54 -12.86
C PRO A 2354 -20.05 -27.44 -13.91
N LEU A 2355 -19.83 -27.84 -15.16
CA LEU A 2355 -19.85 -26.90 -16.27
C LEU A 2355 -21.19 -26.82 -16.97
N SER A 2356 -21.91 -27.92 -17.09
CA SER A 2356 -23.23 -27.89 -17.69
C SER A 2356 -24.02 -29.08 -17.18
N THR A 2357 -25.22 -29.28 -17.72
CA THR A 2357 -26.11 -30.31 -17.23
C THR A 2357 -25.50 -31.70 -17.36
N ASN A 2358 -24.56 -31.88 -18.28
CA ASN A 2358 -24.04 -33.23 -18.51
C ASN A 2358 -22.54 -33.23 -18.72
N SER A 2359 -21.83 -32.28 -18.12
CA SER A 2359 -20.37 -32.31 -18.17
C SER A 2359 -19.80 -31.34 -17.16
N GLY A 2360 -18.53 -31.55 -16.84
CA GLY A 2360 -17.87 -30.72 -15.86
C GLY A 2360 -16.39 -30.98 -15.81
N LEU A 2361 -15.77 -30.49 -14.73
CA LEU A 2361 -14.32 -30.55 -14.58
C LEU A 2361 -14.00 -30.98 -13.17
N ILE A 2362 -13.11 -31.97 -13.04
CA ILE A 2362 -12.70 -32.51 -11.75
C ILE A 2362 -11.20 -32.33 -11.59
N GLY A 2363 -10.78 -31.91 -10.40
CA GLY A 2363 -9.36 -31.70 -10.17
C GLY A 2363 -8.58 -33.00 -10.32
N TRP A 2364 -7.30 -32.86 -10.66
CA TRP A 2364 -6.41 -34.00 -10.77
C TRP A 2364 -5.51 -34.05 -9.55
N VAL A 2365 -5.63 -35.13 -8.79
CA VAL A 2365 -4.81 -35.34 -7.60
C VAL A 2365 -3.45 -35.84 -8.05
N PRO A 2366 -2.36 -35.23 -7.64
CA PRO A 2366 -1.03 -35.68 -8.04
C PRO A 2366 -0.60 -36.90 -7.23
N HIS A 2367 0.29 -37.69 -7.84
CA HIS A 2367 0.96 -38.83 -7.23
C HIS A 2367 0.01 -39.96 -6.86
N CYS A 2368 -1.29 -39.80 -7.06
CA CYS A 2368 -2.26 -40.80 -6.65
C CYS A 2368 -2.21 -41.96 -7.61
N ASP A 2369 -2.74 -43.10 -7.17
CA ASP A 2369 -2.65 -44.32 -7.95
C ASP A 2369 -3.85 -45.20 -7.68
N THR A 2370 -4.48 -45.70 -8.74
CA THR A 2370 -5.59 -46.61 -8.56
C THR A 2370 -5.11 -47.96 -8.04
N LEU A 2371 -5.83 -48.47 -7.05
CA LEU A 2371 -5.46 -49.74 -6.44
C LEU A 2371 -5.33 -50.85 -7.47
N HIS A 2372 -6.19 -50.82 -8.49
CA HIS A 2372 -6.19 -51.90 -9.48
C HIS A 2372 -4.83 -52.02 -10.16
N ALA A 2373 -4.24 -50.90 -10.55
CA ALA A 2373 -2.93 -50.93 -11.19
C ALA A 2373 -1.85 -51.45 -10.26
N LEU A 2374 -1.90 -51.13 -8.97
CA LEU A 2374 -0.92 -51.59 -8.01
C LEU A 2374 -0.86 -53.10 -7.94
N ILE A 2375 -2.01 -53.74 -7.69
CA ILE A 2375 -2.03 -55.19 -7.66
C ILE A 2375 -1.66 -55.75 -9.02
N ARG A 2376 -2.15 -55.12 -10.10
CA ARG A 2376 -1.78 -55.58 -11.43
C ARG A 2376 -0.28 -55.55 -11.62
N ASP A 2377 0.35 -54.43 -11.28
CA ASP A 2377 1.78 -54.29 -11.50
C ASP A 2377 2.56 -55.27 -10.66
N TYR A 2378 2.23 -55.40 -9.38
CA TYR A 2378 2.98 -56.33 -8.54
C TYR A 2378 2.83 -57.75 -9.03
N ARG A 2379 1.63 -58.15 -9.46
CA ARG A 2379 1.45 -59.52 -9.90
C ARG A 2379 2.15 -59.78 -11.22
N GLU A 2380 2.11 -58.85 -12.17
CA GLU A 2380 2.83 -59.09 -13.42
C GLU A 2380 4.33 -59.10 -13.20
N LYS A 2381 4.82 -58.32 -12.24
CA LYS A 2381 6.25 -58.33 -11.95
C LYS A 2381 6.73 -59.70 -11.49
N LYS A 2382 5.94 -60.38 -10.66
CA LYS A 2382 6.32 -61.69 -10.18
C LYS A 2382 5.89 -62.80 -11.12
N LYS A 2383 5.51 -62.46 -12.35
CA LYS A 2383 5.09 -63.43 -13.35
C LYS A 2383 3.94 -64.30 -12.85
N ILE A 2384 2.94 -63.67 -12.26
CA ILE A 2384 1.78 -64.38 -11.71
C ILE A 2384 0.54 -63.93 -12.47
N LEU A 2385 -0.33 -64.87 -12.78
CA LEU A 2385 -1.52 -64.54 -13.55
C LEU A 2385 -2.43 -63.60 -12.76
N LEU A 2386 -3.15 -62.76 -13.49
CA LEU A 2386 -3.94 -61.72 -12.85
C LEU A 2386 -5.12 -62.29 -12.07
N ASN A 2387 -6.00 -63.01 -12.75
CA ASN A 2387 -7.28 -63.43 -12.20
C ASN A 2387 -7.28 -64.88 -11.74
N ILE A 2388 -6.19 -65.28 -11.08
CA ILE A 2388 -6.02 -66.68 -10.68
C ILE A 2388 -7.22 -67.17 -9.88
N GLU A 2389 -7.67 -66.37 -8.93
CA GLU A 2389 -8.83 -66.76 -8.14
C GLU A 2389 -10.00 -67.12 -9.06
N HIS A 2390 -10.32 -66.23 -10.00
CA HIS A 2390 -11.44 -66.47 -10.89
C HIS A 2390 -11.23 -67.71 -11.74
N ARG A 2391 -10.00 -67.93 -12.21
CA ARG A 2391 -9.71 -69.14 -12.98
C ARG A 2391 -9.95 -70.39 -12.17
N ILE A 2392 -9.48 -70.42 -10.92
CA ILE A 2392 -9.73 -71.58 -10.06
C ILE A 2392 -11.22 -71.77 -9.86
N MET A 2393 -11.92 -70.66 -9.60
CA MET A 2393 -13.35 -70.70 -9.32
C MET A 2393 -14.11 -71.27 -10.50
N LEU A 2394 -13.73 -70.90 -11.72
CA LEU A 2394 -14.36 -71.48 -12.90
C LEU A 2394 -13.94 -72.92 -13.12
N ARG A 2395 -12.68 -73.25 -12.84
CA ARG A 2395 -12.21 -74.61 -13.08
C ARG A 2395 -12.97 -75.62 -12.24
N MET A 2396 -13.19 -75.33 -10.96
CA MET A 2396 -13.89 -76.34 -10.17
C MET A 2396 -15.37 -76.35 -10.51
N ALA A 2397 -15.91 -75.21 -10.94
CA ALA A 2397 -17.32 -75.14 -11.33
C ALA A 2397 -17.50 -74.16 -12.48
N PRO A 2398 -17.96 -74.63 -13.64
CA PRO A 2398 -18.25 -73.70 -14.73
C PRO A 2398 -19.47 -72.84 -14.47
N ASP A 2399 -20.57 -73.43 -14.01
CA ASP A 2399 -21.79 -72.67 -13.75
C ASP A 2399 -21.70 -72.00 -12.39
N TYR A 2400 -20.60 -71.25 -12.21
CA TYR A 2400 -20.36 -70.58 -10.95
C TYR A 2400 -21.46 -69.58 -10.62
N ASP A 2401 -22.00 -68.95 -11.64
CA ASP A 2401 -22.93 -67.84 -11.49
C ASP A 2401 -24.39 -68.26 -11.28
N HIS A 2402 -24.69 -69.55 -11.21
CA HIS A 2402 -26.05 -70.02 -10.99
C HIS A 2402 -26.21 -70.86 -9.73
N LEU A 2403 -25.15 -71.10 -8.98
CA LEU A 2403 -25.24 -72.00 -7.85
C LEU A 2403 -26.14 -71.42 -6.75
N THR A 2404 -26.40 -72.24 -5.73
CA THR A 2404 -27.12 -71.76 -4.56
C THR A 2404 -26.10 -71.20 -3.58
N LEU A 2405 -26.57 -70.36 -2.66
CA LEU A 2405 -25.67 -69.52 -1.88
C LEU A 2405 -24.70 -70.37 -1.06
N MET A 2406 -25.15 -71.49 -0.51
CA MET A 2406 -24.24 -72.32 0.26
C MET A 2406 -23.17 -72.95 -0.63
N GLN A 2407 -23.54 -73.34 -1.85
CA GLN A 2407 -22.56 -73.85 -2.78
C GLN A 2407 -21.56 -72.77 -3.15
N LYS A 2408 -22.07 -71.56 -3.41
CA LYS A 2408 -21.18 -70.43 -3.62
C LYS A 2408 -20.24 -70.23 -2.44
N VAL A 2409 -20.74 -70.44 -1.22
CA VAL A 2409 -19.90 -70.27 -0.04
C VAL A 2409 -18.79 -71.31 -0.02
N GLU A 2410 -19.15 -72.58 -0.25
CA GLU A 2410 -18.15 -73.63 -0.21
C GLU A 2410 -17.05 -73.35 -1.23
N VAL A 2411 -17.44 -73.08 -2.47
CA VAL A 2411 -16.44 -72.79 -3.49
C VAL A 2411 -15.68 -71.52 -3.17
N PHE A 2412 -16.34 -70.52 -2.60
CA PHE A 2412 -15.69 -69.24 -2.34
C PHE A 2412 -14.58 -69.43 -1.34
N GLU A 2413 -14.88 -70.14 -0.24
CA GLU A 2413 -13.85 -70.43 0.74
C GLU A 2413 -12.75 -71.29 0.13
N HIS A 2414 -13.14 -72.34 -0.61
CA HIS A 2414 -12.14 -73.21 -1.21
C HIS A 2414 -11.20 -72.43 -2.13
N ALA A 2415 -11.71 -71.39 -2.78
CA ALA A 2415 -10.84 -70.59 -3.62
C ALA A 2415 -9.94 -69.71 -2.77
N VAL A 2416 -10.52 -68.94 -1.85
CA VAL A 2416 -9.72 -67.98 -1.11
C VAL A 2416 -8.62 -68.64 -0.30
N ASN A 2417 -8.94 -69.72 0.41
CA ASN A 2417 -7.92 -70.36 1.24
C ASN A 2417 -6.84 -71.04 0.41
N ASN A 2418 -7.08 -71.25 -0.88
CA ASN A 2418 -6.11 -71.88 -1.75
C ASN A 2418 -5.02 -70.92 -2.21
N THR A 2419 -5.22 -69.62 -2.04
CA THR A 2419 -4.24 -68.62 -2.45
C THR A 2419 -3.96 -67.69 -1.29
N ALA A 2420 -2.71 -67.65 -0.85
CA ALA A 2420 -2.32 -66.82 0.29
C ALA A 2420 -2.33 -65.36 -0.14
N GLY A 2421 -3.38 -64.64 0.24
CA GLY A 2421 -3.50 -63.24 -0.12
C GLY A 2421 -2.77 -62.33 0.83
N ASP A 2422 -1.58 -61.88 0.43
CA ASP A 2422 -0.77 -60.98 1.23
C ASP A 2422 -0.10 -59.93 0.35
N ASP A 2423 -0.66 -59.70 -0.84
CA ASP A 2423 0.03 -58.91 -1.84
C ASP A 2423 0.27 -57.48 -1.37
N LEU A 2424 -0.75 -56.86 -0.76
CA LEU A 2424 -0.66 -55.43 -0.50
C LEU A 2424 0.47 -55.11 0.47
N ALA A 2425 0.62 -55.89 1.52
CA ALA A 2425 1.63 -55.58 2.54
C ALA A 2425 3.04 -55.65 1.94
N LYS A 2426 3.34 -56.74 1.24
CA LYS A 2426 4.65 -56.85 0.61
C LYS A 2426 4.86 -55.76 -0.42
N LEU A 2427 3.82 -55.47 -1.21
CA LEU A 2427 3.89 -54.39 -2.17
C LEU A 2427 4.28 -53.08 -1.50
N LEU A 2428 3.56 -52.71 -0.46
CA LEU A 2428 3.80 -51.44 0.22
C LEU A 2428 5.19 -51.41 0.84
N TRP A 2429 5.59 -52.47 1.53
CA TRP A 2429 6.88 -52.45 2.18
C TRP A 2429 8.03 -52.42 1.18
N LEU A 2430 7.90 -53.13 0.07
CA LEU A 2430 8.92 -53.02 -0.97
C LEU A 2430 8.96 -51.63 -1.56
N LYS A 2431 7.84 -50.91 -1.54
CA LYS A 2431 7.77 -49.56 -2.06
C LYS A 2431 8.06 -48.50 -0.99
N SER A 2432 8.86 -48.83 0.01
CA SER A 2432 9.16 -47.80 1.00
C SER A 2432 10.64 -47.46 0.99
N PRO A 2433 10.98 -46.18 1.20
CA PRO A 2433 12.40 -45.82 1.28
C PRO A 2433 13.06 -46.30 2.56
N SER A 2434 12.41 -46.10 3.71
CA SER A 2434 12.95 -46.53 4.99
C SER A 2434 11.80 -47.09 5.82
N SER A 2435 12.16 -47.85 6.86
CA SER A 2435 11.15 -48.54 7.66
C SER A 2435 10.29 -47.58 8.47
N GLU A 2436 10.87 -46.51 8.99
CA GLU A 2436 10.12 -45.62 9.87
C GLU A 2436 8.98 -44.93 9.12
N VAL A 2437 9.27 -44.36 7.95
CA VAL A 2437 8.21 -43.75 7.17
C VAL A 2437 7.23 -44.82 6.70
N TRP A 2438 7.71 -46.04 6.52
CA TRP A 2438 6.80 -47.13 6.20
C TRP A 2438 5.77 -47.32 7.29
N PHE A 2439 6.22 -47.36 8.55
CA PHE A 2439 5.29 -47.51 9.65
C PHE A 2439 4.35 -46.32 9.73
N ASP A 2440 4.89 -45.12 9.52
CA ASP A 2440 4.05 -43.92 9.58
C ASP A 2440 2.96 -43.98 8.51
N ARG A 2441 3.34 -44.39 7.30
CA ARG A 2441 2.36 -44.50 6.22
C ARG A 2441 1.32 -45.58 6.54
N ARG A 2442 1.75 -46.69 7.13
CA ARG A 2442 0.78 -47.71 7.50
C ARG A 2442 -0.22 -47.17 8.50
N THR A 2443 0.27 -46.43 9.48
CA THR A 2443 -0.61 -45.80 10.45
C THR A 2443 -1.62 -44.91 9.74
N ASN A 2444 -1.12 -44.05 8.86
CA ASN A 2444 -1.99 -43.12 8.16
C ASN A 2444 -3.04 -43.87 7.35
N TYR A 2445 -2.62 -44.93 6.67
CA TYR A 2445 -3.54 -45.69 5.84
C TYR A 2445 -4.64 -46.29 6.68
N THR A 2446 -4.27 -46.90 7.80
CA THR A 2446 -5.28 -47.47 8.68
C THR A 2446 -6.29 -46.41 9.11
N ARG A 2447 -5.78 -45.31 9.66
CA ARG A 2447 -6.66 -44.30 10.21
C ARG A 2447 -7.55 -43.68 9.15
N SER A 2448 -7.00 -43.34 8.00
CA SER A 2448 -7.79 -42.80 6.92
C SER A 2448 -8.84 -43.79 6.42
N LEU A 2449 -8.49 -45.06 6.28
CA LEU A 2449 -9.48 -46.03 5.81
C LEU A 2449 -10.66 -46.11 6.77
N ALA A 2450 -10.38 -46.11 8.07
CA ALA A 2450 -11.47 -46.28 9.02
C ALA A 2450 -12.53 -45.18 8.90
N VAL A 2451 -12.09 -43.93 8.92
CA VAL A 2451 -13.02 -42.82 8.93
C VAL A 2451 -13.84 -42.79 7.64
N MET A 2452 -13.18 -43.03 6.51
CA MET A 2452 -13.92 -43.07 5.27
C MET A 2452 -14.92 -44.20 5.26
N SER A 2453 -14.57 -45.35 5.86
CA SER A 2453 -15.52 -46.45 5.95
C SER A 2453 -16.77 -46.02 6.71
N MET A 2454 -16.58 -45.42 7.87
CA MET A 2454 -17.75 -45.02 8.65
C MET A 2454 -18.59 -43.98 7.93
N VAL A 2455 -17.95 -42.98 7.33
CA VAL A 2455 -18.72 -41.93 6.67
C VAL A 2455 -19.45 -42.50 5.46
N GLY A 2456 -18.79 -43.38 4.71
CA GLY A 2456 -19.47 -44.03 3.62
C GLY A 2456 -20.67 -44.82 4.08
N TYR A 2457 -20.55 -45.52 5.21
CA TYR A 2457 -21.71 -46.23 5.74
C TYR A 2457 -22.83 -45.26 6.07
N ILE A 2458 -22.49 -44.14 6.71
CA ILE A 2458 -23.54 -43.25 7.18
C ILE A 2458 -24.19 -42.55 6.00
N LEU A 2459 -23.48 -42.47 4.87
CA LEU A 2459 -24.06 -41.85 3.69
C LEU A 2459 -24.92 -42.83 2.89
N GLY A 2460 -24.39 -44.01 2.61
CA GLY A 2460 -25.07 -44.94 1.71
C GLY A 2460 -24.28 -45.13 0.43
N LEU A 2461 -22.98 -44.86 0.50
CA LEU A 2461 -22.12 -45.03 -0.65
C LEU A 2461 -22.02 -46.49 -1.05
N GLY A 2462 -21.92 -46.74 -2.36
CA GLY A 2462 -21.78 -48.08 -2.88
C GLY A 2462 -20.72 -48.14 -3.97
N ASP A 2463 -20.67 -49.30 -4.62
CA ASP A 2463 -19.77 -49.53 -5.75
C ASP A 2463 -18.33 -49.21 -5.37
N ARG A 2464 -17.80 -49.99 -4.45
CA ARG A 2464 -16.41 -49.82 -4.02
C ARG A 2464 -15.50 -50.87 -4.69
N HIS A 2465 -15.53 -50.88 -6.01
CA HIS A 2465 -14.64 -51.80 -6.71
C HIS A 2465 -13.25 -51.21 -6.81
N PRO A 2466 -12.22 -52.05 -6.86
CA PRO A 2466 -10.83 -51.55 -6.73
C PRO A 2466 -10.39 -50.61 -7.81
N SER A 2467 -11.27 -50.21 -8.73
CA SER A 2467 -10.92 -49.14 -9.65
C SER A 2467 -11.44 -47.78 -9.19
N ASN A 2468 -12.27 -47.73 -8.15
CA ASN A 2468 -12.81 -46.48 -7.65
C ASN A 2468 -12.04 -45.92 -6.48
N LEU A 2469 -10.98 -46.59 -6.04
CA LEU A 2469 -10.21 -46.17 -4.88
C LEU A 2469 -8.81 -45.82 -5.33
N MET A 2470 -8.19 -44.84 -4.67
CA MET A 2470 -6.81 -44.51 -4.97
C MET A 2470 -6.01 -44.33 -3.69
N LEU A 2471 -4.70 -44.52 -3.83
CA LEU A 2471 -3.75 -44.38 -2.75
C LEU A 2471 -2.76 -43.29 -3.11
N ASP A 2472 -2.33 -42.53 -2.10
CA ASP A 2472 -1.20 -41.62 -2.28
C ASP A 2472 0.09 -42.39 -2.04
N ARG A 2473 0.92 -42.53 -3.06
CA ARG A 2473 2.21 -43.18 -2.87
C ARG A 2473 3.12 -42.38 -1.96
N LEU A 2474 2.77 -41.11 -1.68
CA LEU A 2474 3.58 -40.26 -0.83
C LEU A 2474 3.18 -40.32 0.64
N SER A 2475 1.92 -40.10 0.96
CA SER A 2475 1.47 -40.13 2.34
C SER A 2475 0.75 -41.42 2.72
N GLY A 2476 0.37 -42.25 1.75
CA GLY A 2476 -0.33 -43.48 2.06
C GLY A 2476 -1.79 -43.31 2.40
N LYS A 2477 -2.32 -42.11 2.33
CA LYS A 2477 -3.73 -41.91 2.64
C LYS A 2477 -4.59 -42.54 1.56
N ILE A 2478 -5.86 -42.76 1.90
CA ILE A 2478 -6.82 -43.41 1.00
C ILE A 2478 -7.73 -42.34 0.44
N LEU A 2479 -8.19 -42.53 -0.79
CA LEU A 2479 -8.96 -41.52 -1.51
C LEU A 2479 -10.11 -42.17 -2.24
N HIS A 2480 -11.29 -41.54 -2.15
CA HIS A 2480 -12.51 -42.04 -2.76
C HIS A 2480 -12.98 -41.14 -3.89
N ILE A 2481 -13.54 -41.74 -4.93
CA ILE A 2481 -14.15 -41.05 -6.06
C ILE A 2481 -15.41 -41.81 -6.46
N ASP A 2482 -16.04 -41.33 -7.55
CA ASP A 2482 -17.22 -41.96 -8.12
C ASP A 2482 -18.39 -41.95 -7.14
N PHE A 2483 -18.79 -40.74 -6.77
CA PHE A 2483 -19.86 -40.55 -5.80
C PHE A 2483 -21.20 -40.40 -6.52
N GLY A 2484 -21.55 -41.44 -7.28
CA GLY A 2484 -22.79 -41.41 -8.03
C GLY A 2484 -23.86 -42.28 -7.44
N ASP A 2485 -23.46 -43.39 -6.81
CA ASP A 2485 -24.38 -44.37 -6.25
C ASP A 2485 -24.52 -44.06 -4.76
N CYS A 2486 -25.51 -43.24 -4.42
CA CYS A 2486 -25.66 -42.72 -3.08
C CYS A 2486 -27.04 -43.05 -2.53
N PHE A 2487 -27.15 -43.02 -1.20
CA PHE A 2487 -28.38 -43.34 -0.47
C PHE A 2487 -28.85 -44.76 -0.73
N GLU A 2488 -27.95 -45.73 -0.52
CA GLU A 2488 -28.31 -47.15 -0.44
C GLU A 2488 -29.13 -47.60 -1.64
N VAL A 2489 -28.95 -46.94 -2.77
CA VAL A 2489 -29.65 -47.35 -3.98
C VAL A 2489 -29.18 -48.73 -4.43
N ALA A 2490 -27.85 -48.95 -4.40
CA ALA A 2490 -27.30 -50.20 -4.90
C ALA A 2490 -27.70 -51.41 -4.08
N MET A 2491 -28.06 -51.22 -2.81
CA MET A 2491 -28.53 -52.36 -2.03
C MET A 2491 -30.02 -52.60 -2.24
N THR A 2492 -30.68 -51.75 -3.02
CA THR A 2492 -32.08 -51.94 -3.38
C THR A 2492 -32.27 -52.22 -4.86
N ARG A 2493 -31.19 -52.20 -5.64
CA ARG A 2493 -31.33 -52.54 -7.05
C ARG A 2493 -31.64 -54.03 -7.19
N GLU A 2494 -31.95 -54.44 -8.42
CA GLU A 2494 -32.47 -55.78 -8.60
C GLU A 2494 -31.38 -56.78 -8.95
N LYS A 2495 -30.68 -56.56 -10.06
CA LYS A 2495 -29.61 -57.46 -10.49
C LYS A 2495 -28.40 -57.21 -9.60
N PHE A 2496 -27.85 -58.30 -9.05
CA PHE A 2496 -26.69 -58.23 -8.17
C PHE A 2496 -26.87 -57.21 -7.07
N PRO A 2497 -27.84 -57.38 -6.17
CA PRO A 2497 -28.01 -56.42 -5.08
C PRO A 2497 -27.05 -56.71 -3.94
N GLU A 2498 -26.11 -55.79 -3.74
CA GLU A 2498 -25.07 -55.97 -2.73
C GLU A 2498 -25.67 -55.92 -1.34
N LYS A 2499 -25.13 -56.75 -0.45
CA LYS A 2499 -25.55 -56.84 0.94
C LYS A 2499 -24.38 -56.57 1.88
N ILE A 2500 -23.61 -55.52 1.62
CA ILE A 2500 -22.48 -55.19 2.47
C ILE A 2500 -22.51 -53.70 2.77
N PRO A 2501 -22.14 -53.27 3.97
CA PRO A 2501 -22.08 -51.82 4.23
C PRO A 2501 -20.93 -51.13 3.53
N PHE A 2502 -19.73 -51.68 3.56
CA PHE A 2502 -18.57 -51.04 2.97
C PHE A 2502 -17.49 -52.08 2.72
N ARG A 2503 -16.47 -51.70 1.96
CA ARG A 2503 -15.46 -52.64 1.51
C ARG A 2503 -14.47 -52.91 2.63
N LEU A 2504 -14.34 -54.17 3.01
CA LEU A 2504 -13.29 -54.64 3.91
C LEU A 2504 -13.05 -56.10 3.54
N THR A 2505 -12.05 -56.35 2.70
CA THR A 2505 -11.70 -57.69 2.32
C THR A 2505 -10.37 -58.06 2.95
N ARG A 2506 -9.93 -59.29 2.71
CA ARG A 2506 -8.71 -59.75 3.34
C ARG A 2506 -7.51 -58.91 2.93
N MET A 2507 -7.44 -58.50 1.66
CA MET A 2507 -6.31 -57.71 1.20
C MET A 2507 -6.21 -56.39 1.94
N LEU A 2508 -7.34 -55.75 2.21
CA LEU A 2508 -7.34 -54.60 3.11
C LEU A 2508 -7.13 -55.03 4.55
N THR A 2509 -7.65 -56.19 4.95
CA THR A 2509 -7.51 -56.66 6.31
C THR A 2509 -6.07 -56.96 6.66
N ASN A 2510 -5.46 -57.92 5.97
CA ASN A 2510 -4.13 -58.41 6.33
C ASN A 2510 -3.05 -57.36 6.23
N ALA A 2511 -3.14 -56.43 5.30
CA ALA A 2511 -2.06 -55.48 5.05
C ALA A 2511 -2.06 -54.33 6.04
N MET A 2512 -3.07 -54.23 6.89
CA MET A 2512 -3.24 -53.08 7.76
C MET A 2512 -2.45 -53.18 9.05
N GLU A 2513 -2.53 -54.31 9.76
CA GLU A 2513 -1.83 -54.51 11.01
C GLU A 2513 -1.81 -56.00 11.29
N VAL A 2514 -0.77 -56.45 11.99
CA VAL A 2514 -0.57 -57.86 12.21
C VAL A 2514 -1.71 -58.51 13.00
N THR A 2515 -2.23 -57.84 14.01
CA THR A 2515 -3.28 -58.44 14.83
C THR A 2515 -4.54 -58.70 14.03
N GLY A 2516 -4.84 -57.82 13.09
CA GLY A 2516 -6.10 -57.89 12.38
C GLY A 2516 -6.74 -56.51 12.38
N LEU A 2517 -8.08 -56.53 12.42
CA LEU A 2517 -8.85 -55.31 12.39
C LEU A 2517 -9.27 -54.84 13.77
N ASP A 2518 -8.77 -55.49 14.82
CA ASP A 2518 -9.12 -55.11 16.18
C ASP A 2518 -8.08 -54.21 16.83
N GLY A 2519 -7.16 -53.65 16.05
CA GLY A 2519 -6.19 -52.72 16.59
C GLY A 2519 -6.66 -51.29 16.45
N ASN A 2520 -5.95 -50.50 15.62
CA ASN A 2520 -6.31 -49.11 15.42
C ASN A 2520 -7.72 -48.96 14.89
N TYR A 2521 -8.14 -49.88 14.03
CA TYR A 2521 -9.38 -49.71 13.29
C TYR A 2521 -10.58 -49.56 14.22
N ARG A 2522 -10.72 -50.50 15.16
CA ARG A 2522 -11.88 -50.49 16.03
C ARG A 2522 -11.92 -49.26 16.92
N ILE A 2523 -10.77 -48.87 17.47
CA ILE A 2523 -10.75 -47.72 18.37
C ILE A 2523 -11.11 -46.44 17.62
N THR A 2524 -10.53 -46.25 16.43
CA THR A 2524 -10.87 -45.08 15.64
C THR A 2524 -12.33 -45.10 15.23
N CYS A 2525 -12.87 -46.27 14.92
CA CYS A 2525 -14.29 -46.37 14.63
C CYS A 2525 -15.13 -45.90 15.81
N HIS A 2526 -14.78 -46.37 17.02
CA HIS A 2526 -15.47 -45.89 18.21
C HIS A 2526 -15.46 -44.38 18.29
N THR A 2527 -14.28 -43.77 18.16
CA THR A 2527 -14.17 -42.33 18.31
C THR A 2527 -15.01 -41.60 17.27
N VAL A 2528 -14.90 -42.02 16.01
CA VAL A 2528 -15.59 -41.31 14.94
C VAL A 2528 -17.08 -41.44 15.07
N MET A 2529 -17.57 -42.65 15.39
CA MET A 2529 -19.00 -42.81 15.56
C MET A 2529 -19.54 -41.96 16.70
N GLU A 2530 -18.81 -41.89 17.81
CA GLU A 2530 -19.25 -41.03 18.90
C GLU A 2530 -19.35 -39.58 18.45
N VAL A 2531 -18.27 -39.07 17.84
CA VAL A 2531 -18.23 -37.67 17.44
C VAL A 2531 -19.38 -37.37 16.48
N LEU A 2532 -19.65 -38.26 15.54
CA LEU A 2532 -20.78 -38.04 14.64
C LEU A 2532 -22.10 -38.06 15.40
N ARG A 2533 -22.29 -39.01 16.32
CA ARG A 2533 -23.58 -39.13 16.97
C ARG A 2533 -23.90 -37.90 17.82
N GLU A 2534 -22.88 -37.20 18.28
CA GLU A 2534 -23.13 -36.08 19.19
C GLU A 2534 -23.48 -34.76 18.49
N HIS A 2535 -23.07 -34.54 17.24
CA HIS A 2535 -23.70 -33.48 16.45
C HIS A 2535 -24.69 -33.98 15.41
N LYS A 2536 -25.59 -34.87 15.80
CA LYS A 2536 -26.56 -35.39 14.83
C LYS A 2536 -27.31 -34.29 14.09
N ASP A 2537 -27.60 -33.17 14.76
CA ASP A 2537 -28.42 -32.14 14.14
C ASP A 2537 -27.75 -31.57 12.89
N SER A 2538 -26.45 -31.33 12.94
CA SER A 2538 -25.79 -30.66 11.83
C SER A 2538 -25.80 -31.51 10.57
N VAL A 2539 -25.27 -32.73 10.65
CA VAL A 2539 -25.25 -33.59 9.49
C VAL A 2539 -26.67 -33.91 9.05
N MET A 2540 -27.60 -34.08 10.00
CA MET A 2540 -28.98 -34.35 9.63
C MET A 2540 -29.55 -33.21 8.79
N ALA A 2541 -29.31 -31.97 9.21
CA ALA A 2541 -29.80 -30.83 8.46
C ALA A 2541 -29.16 -30.74 7.08
N VAL A 2542 -27.85 -30.96 6.99
CA VAL A 2542 -27.18 -30.85 5.70
C VAL A 2542 -27.69 -31.89 4.73
N LEU A 2543 -27.81 -33.15 5.17
CA LEU A 2543 -28.38 -34.16 4.29
C LEU A 2543 -29.83 -33.86 3.95
N GLU A 2544 -30.57 -33.23 4.87
CA GLU A 2544 -31.96 -32.96 4.56
C GLU A 2544 -32.07 -31.91 3.48
N ALA A 2545 -31.19 -30.91 3.52
CA ALA A 2545 -31.09 -29.97 2.41
C ALA A 2545 -30.70 -30.69 1.13
N PHE A 2546 -29.80 -31.67 1.24
CA PHE A 2546 -29.43 -32.46 0.08
C PHE A 2546 -30.64 -33.11 -0.58
N VAL A 2547 -31.42 -33.85 0.19
CA VAL A 2547 -32.42 -34.74 -0.41
C VAL A 2547 -33.55 -33.96 -1.05
N TYR A 2548 -33.98 -32.87 -0.42
CA TYR A 2548 -35.24 -32.24 -0.76
C TYR A 2548 -35.21 -31.49 -2.09
N ASP A 2549 -34.05 -31.35 -2.71
CA ASP A 2549 -33.96 -30.61 -3.96
C ASP A 2549 -34.81 -31.28 -5.03
N PRO A 2550 -35.73 -30.56 -5.68
CA PRO A 2550 -36.63 -31.22 -6.64
C PRO A 2550 -35.94 -31.67 -7.91
N LEU A 2551 -34.74 -31.18 -8.19
CA LEU A 2551 -34.04 -31.48 -9.43
C LEU A 2551 -32.95 -32.53 -9.26
N LEU A 2552 -32.80 -33.12 -8.08
CA LEU A 2552 -31.84 -34.18 -7.88
C LEU A 2552 -32.45 -35.53 -7.53
N ASN A 2553 -33.77 -35.65 -7.48
CA ASN A 2553 -34.42 -36.90 -7.10
C ASN A 2553 -34.74 -37.78 -8.29
N TRP A 2554 -34.30 -37.38 -9.49
CA TRP A 2554 -34.56 -38.16 -10.68
C TRP A 2554 -33.97 -39.56 -10.61
N ARG A 2555 -32.76 -39.70 -10.08
CA ARG A 2555 -32.12 -40.99 -10.01
C ARG A 2555 -32.77 -41.93 -9.01
N LEU A 2556 -33.36 -41.38 -7.94
CA LEU A 2556 -33.79 -42.20 -6.81
C LEU A 2556 -35.30 -42.31 -6.68
N MET A 2557 -36.06 -41.83 -7.65
CA MET A 2557 -37.52 -41.83 -7.55
C MET A 2557 -38.16 -42.53 -8.74
N ASP A 2558 -37.55 -43.61 -9.20
CA ASP A 2558 -38.05 -44.33 -10.37
C ASP A 2558 -38.18 -45.82 -10.09
N ALA A 2617 -46.78 -39.52 -0.44
CA ALA A 2617 -46.95 -38.95 -1.78
C ALA A 2617 -45.69 -39.16 -2.60
N LEU A 2618 -45.40 -38.22 -3.50
CA LEU A 2618 -44.17 -38.32 -4.28
C LEU A 2618 -42.93 -38.17 -3.41
N ASN A 2619 -43.07 -37.58 -2.23
CA ASN A 2619 -41.96 -37.44 -1.29
C ASN A 2619 -41.91 -38.59 -0.28
N LYS A 2620 -42.80 -39.57 -0.40
CA LYS A 2620 -42.83 -40.69 0.52
C LYS A 2620 -41.52 -41.45 0.56
N LYS A 2621 -41.00 -41.86 -0.60
CA LYS A 2621 -39.72 -42.55 -0.61
C LYS A 2621 -38.63 -41.68 0.00
N ALA A 2622 -38.63 -40.39 -0.33
CA ALA A 2622 -37.70 -39.49 0.35
C ALA A 2622 -37.84 -39.62 1.85
N ILE A 2623 -39.06 -39.52 2.36
CA ILE A 2623 -39.27 -39.67 3.79
C ILE A 2623 -38.69 -40.99 4.26
N GLN A 2624 -38.95 -42.06 3.51
CA GLN A 2624 -38.53 -43.39 3.94
C GLN A 2624 -37.02 -43.57 3.99
N ILE A 2625 -36.24 -42.79 3.24
CA ILE A 2625 -34.80 -42.89 3.43
C ILE A 2625 -34.39 -42.06 4.63
N ILE A 2626 -35.04 -40.91 4.78
CA ILE A 2626 -34.65 -39.93 5.78
C ILE A 2626 -34.72 -40.56 7.15
N ASN A 2627 -35.84 -41.23 7.45
CA ASN A 2627 -35.99 -41.92 8.71
C ASN A 2627 -34.84 -42.88 8.94
N ARG A 2628 -34.52 -43.70 7.93
CA ARG A 2628 -33.40 -44.62 8.05
C ARG A 2628 -32.14 -43.90 8.48
N VAL A 2629 -31.86 -42.75 7.88
CA VAL A 2629 -30.66 -42.01 8.23
C VAL A 2629 -30.65 -41.71 9.73
N ARG A 2630 -31.77 -41.24 10.26
CA ARG A 2630 -31.83 -40.95 11.68
C ARG A 2630 -31.61 -42.20 12.52
N ASP A 2631 -32.14 -43.34 12.07
CA ASP A 2631 -31.88 -44.58 12.78
C ASP A 2631 -30.40 -44.91 12.76
N LYS A 2632 -29.72 -44.60 11.64
CA LYS A 2632 -28.28 -44.82 11.59
C LYS A 2632 -27.55 -43.95 12.60
N LEU A 2633 -28.13 -42.82 12.97
CA LEU A 2633 -27.56 -41.98 14.02
C LEU A 2633 -28.08 -42.33 15.41
N THR A 2634 -29.13 -43.13 15.48
CA THR A 2634 -29.77 -43.40 16.76
C THR A 2634 -29.47 -44.80 17.30
N GLY A 2635 -28.85 -45.67 16.51
CA GLY A 2635 -28.56 -47.01 16.97
C GLY A 2635 -29.73 -47.95 16.87
N ARG A 2636 -30.72 -47.63 16.04
CA ARG A 2636 -31.94 -48.41 15.93
C ARG A 2636 -32.09 -49.08 14.57
N ASP A 2637 -30.98 -49.22 13.84
CA ASP A 2637 -31.03 -49.81 12.51
C ASP A 2637 -31.53 -51.26 12.49
N PHE A 2638 -30.95 -52.14 13.31
CA PHE A 2638 -31.33 -53.55 13.25
C PHE A 2638 -32.77 -53.76 13.70
N SER A 2639 -33.21 -52.99 14.68
CA SER A 2639 -34.61 -52.93 15.07
C SER A 2639 -34.79 -51.69 15.92
N HIS A 2640 -35.74 -50.83 15.55
CA HIS A 2640 -35.88 -49.57 16.24
C HIS A 2640 -36.68 -49.68 17.53
N ASP A 2641 -36.78 -50.87 18.10
CA ASP A 2641 -37.38 -51.07 19.41
C ASP A 2641 -36.35 -51.14 20.53
N ASP A 2642 -35.08 -50.98 20.22
CA ASP A 2642 -34.02 -50.96 21.22
C ASP A 2642 -32.88 -50.11 20.69
N THR A 2643 -32.03 -49.63 21.60
CA THR A 2643 -30.96 -48.71 21.28
C THR A 2643 -29.64 -49.22 21.86
N LEU A 2644 -28.77 -49.70 20.99
CA LEU A 2644 -27.48 -50.20 21.43
C LEU A 2644 -26.52 -49.06 21.69
N ASP A 2645 -25.35 -49.39 22.21
CA ASP A 2645 -24.30 -48.41 22.40
C ASP A 2645 -23.43 -48.38 21.15
N VAL A 2646 -22.40 -47.54 21.16
CA VAL A 2646 -21.48 -47.44 20.03
C VAL A 2646 -20.80 -48.78 19.77
N PRO A 2647 -20.21 -49.45 20.77
CA PRO A 2647 -19.50 -50.70 20.47
C PRO A 2647 -20.38 -51.79 19.88
N THR A 2648 -21.65 -51.88 20.30
CA THR A 2648 -22.49 -52.93 19.76
C THR A 2648 -22.80 -52.72 18.29
N GLN A 2649 -23.20 -51.50 17.93
CA GLN A 2649 -23.41 -51.18 16.51
C GLN A 2649 -22.14 -51.40 15.72
N VAL A 2650 -21.01 -50.94 16.26
CA VAL A 2650 -19.75 -51.11 15.57
C VAL A 2650 -19.47 -52.57 15.30
N GLU A 2651 -19.59 -53.42 16.32
CA GLU A 2651 -19.25 -54.82 16.14
C GLU A 2651 -20.22 -55.53 15.22
N LEU A 2652 -21.50 -55.19 15.30
CA LEU A 2652 -22.46 -55.81 14.39
C LEU A 2652 -22.17 -55.42 12.95
N LEU A 2653 -21.83 -54.15 12.71
CA LEU A 2653 -21.45 -53.75 11.36
C LEU A 2653 -20.20 -54.49 10.89
N ILE A 2654 -19.21 -54.62 11.78
CA ILE A 2654 -17.99 -55.33 11.39
C ILE A 2654 -18.31 -56.77 11.02
N LYS A 2655 -19.11 -57.46 11.84
CA LYS A 2655 -19.46 -58.83 11.51
C LYS A 2655 -20.21 -58.90 10.20
N GLN A 2656 -21.13 -57.96 9.96
CA GLN A 2656 -21.83 -57.92 8.69
C GLN A 2656 -20.86 -57.79 7.52
N ALA A 2657 -19.83 -56.96 7.68
CA ALA A 2657 -18.95 -56.65 6.56
C ALA A 2657 -18.13 -57.84 6.11
N THR A 2658 -17.61 -58.64 7.04
CA THR A 2658 -16.65 -59.69 6.69
C THR A 2658 -17.28 -61.08 6.74
N SER A 2659 -18.59 -61.17 6.63
CA SER A 2659 -19.29 -62.45 6.65
C SER A 2659 -19.22 -63.08 5.26
N HIS A 2660 -18.70 -64.31 5.22
CA HIS A 2660 -18.47 -64.96 3.93
C HIS A 2660 -19.75 -65.14 3.15
N GLU A 2661 -20.83 -65.56 3.80
CA GLU A 2661 -22.08 -65.85 3.11
C GLU A 2661 -22.62 -64.63 2.38
N ASN A 2662 -22.26 -63.43 2.82
CA ASN A 2662 -22.67 -62.22 2.12
C ASN A 2662 -21.72 -61.86 0.99
N LEU A 2663 -20.42 -62.11 1.18
CA LEU A 2663 -19.45 -61.74 0.14
C LEU A 2663 -19.67 -62.53 -1.15
N CYS A 2664 -20.29 -63.70 -1.06
CA CYS A 2664 -20.49 -64.52 -2.25
C CYS A 2664 -21.49 -63.90 -3.21
N GLN A 2665 -22.52 -63.22 -2.70
CA GLN A 2665 -23.61 -62.74 -3.54
C GLN A 2665 -23.23 -61.55 -4.40
N CYS A 2666 -22.07 -60.95 -4.18
CA CYS A 2666 -21.75 -59.71 -4.86
C CYS A 2666 -21.46 -59.96 -6.34
N TYR A 2667 -21.49 -58.88 -7.10
CA TYR A 2667 -21.16 -58.94 -8.51
C TYR A 2667 -19.71 -59.41 -8.69
N ILE A 2668 -19.48 -60.20 -9.74
CA ILE A 2668 -18.17 -60.81 -9.91
C ILE A 2668 -17.08 -59.78 -10.16
N GLY A 2669 -17.35 -58.75 -10.98
CA GLY A 2669 -16.36 -57.73 -11.23
C GLY A 2669 -16.02 -56.89 -10.02
N TRP A 2670 -16.86 -56.96 -8.98
CA TRP A 2670 -16.60 -56.24 -7.74
C TRP A 2670 -15.35 -56.76 -7.04
N CYS A 2671 -14.84 -57.91 -7.46
CA CYS A 2671 -13.63 -58.52 -6.93
C CYS A 2671 -13.73 -58.82 -5.44
N PRO A 2672 -14.72 -59.61 -5.00
CA PRO A 2672 -14.75 -60.03 -3.59
C PRO A 2672 -13.58 -60.91 -3.21
N PHE A 2673 -12.90 -61.53 -4.17
CA PHE A 2673 -11.77 -62.39 -3.90
C PHE A 2673 -10.51 -61.63 -3.52
N TRP A 2674 -10.50 -60.32 -3.67
CA TRP A 2674 -9.31 -59.52 -3.39
C TRP A 2674 -9.30 -59.02 -1.96
N SER B 142 52.52 5.73 -31.41
CA SER B 142 52.16 7.05 -31.92
C SER B 142 52.04 8.06 -30.78
N ASN B 143 52.87 7.91 -29.75
CA ASN B 143 52.94 8.84 -28.64
C ASN B 143 54.17 9.73 -28.70
N VAL B 144 55.36 9.15 -28.77
CA VAL B 144 56.57 9.93 -28.99
C VAL B 144 56.90 9.99 -30.48
N SER B 145 56.34 9.07 -31.27
CA SER B 145 56.53 9.13 -32.71
C SER B 145 55.95 10.41 -33.30
N VAL B 146 54.86 10.90 -32.71
CA VAL B 146 54.31 12.19 -33.13
C VAL B 146 55.32 13.30 -32.88
N LEU B 147 55.98 13.27 -31.71
CA LEU B 147 57.01 14.25 -31.43
C LEU B 147 58.16 14.15 -32.42
N GLN B 148 58.57 12.92 -32.75
CA GLN B 148 59.65 12.74 -33.72
C GLN B 148 59.27 13.28 -35.08
N GLN B 149 58.04 13.01 -35.54
CA GLN B 149 57.59 13.53 -36.82
C GLN B 149 57.51 15.05 -36.81
N PHE B 150 57.03 15.64 -35.72
CA PHE B 150 56.97 17.09 -35.63
C PHE B 150 58.36 17.71 -35.66
N ALA B 151 59.31 17.12 -34.94
CA ALA B 151 60.68 17.61 -34.95
C ALA B 151 61.30 17.48 -36.35
N SER B 152 61.03 16.38 -37.04
CA SER B 152 61.52 16.21 -38.40
C SER B 152 60.92 17.23 -39.35
N GLY B 153 59.62 17.54 -39.20
CA GLY B 153 58.97 18.46 -40.11
C GLY B 153 59.14 19.92 -39.77
N LEU B 154 59.66 20.23 -38.58
CA LEU B 154 59.81 21.63 -38.17
C LEU B 154 60.72 22.41 -39.13
N LYS B 155 61.87 21.84 -39.47
CA LYS B 155 62.82 22.51 -40.35
C LYS B 155 62.41 22.38 -41.81
N ARG B 162 54.21 21.85 -52.77
CA ARG B 162 54.16 20.61 -53.53
C ARG B 162 53.88 19.42 -52.62
N ALA B 163 54.95 18.87 -52.03
CA ALA B 163 54.83 17.66 -51.22
C ALA B 163 54.69 17.93 -49.73
N LYS B 164 55.30 19.02 -49.23
CA LYS B 164 55.37 19.22 -47.79
C LYS B 164 54.00 19.45 -47.18
N ALA B 165 53.33 20.54 -47.58
CA ALA B 165 52.04 20.87 -46.98
C ALA B 165 50.97 19.83 -47.28
N ALA B 166 50.94 19.32 -48.51
CA ALA B 166 49.95 18.29 -48.85
C ALA B 166 50.17 17.02 -48.03
N LYS B 167 51.43 16.60 -47.88
CA LYS B 167 51.72 15.43 -47.07
C LYS B 167 51.33 15.66 -45.62
N GLU B 168 51.62 16.85 -45.09
CA GLU B 168 51.23 17.15 -43.71
C GLU B 168 49.72 17.08 -43.53
N LEU B 169 48.97 17.69 -44.45
CA LEU B 169 47.52 17.67 -44.36
C LEU B 169 46.98 16.25 -44.47
N GLN B 170 47.52 15.46 -45.39
CA GLN B 170 47.04 14.09 -45.56
C GLN B 170 47.32 13.26 -44.31
N HIS B 171 48.52 13.38 -43.74
CA HIS B 171 48.84 12.63 -42.53
C HIS B 171 47.93 13.05 -41.37
N TYR B 172 47.70 14.36 -41.22
CA TYR B 172 46.83 14.81 -40.15
C TYR B 172 45.41 14.30 -40.33
N VAL B 173 44.90 14.33 -41.56
CA VAL B 173 43.55 13.84 -41.83
C VAL B 173 43.45 12.35 -41.55
N THR B 174 44.47 11.58 -41.96
CA THR B 174 44.45 10.14 -41.71
C THR B 174 44.50 9.83 -40.23
N MET B 175 45.32 10.54 -39.47
CA MET B 175 45.49 10.24 -38.05
C MET B 175 44.32 10.74 -37.20
N GLU B 176 43.72 11.88 -37.53
CA GLU B 176 42.75 12.51 -36.63
C GLU B 176 41.52 11.65 -36.41
N LEU B 177 40.90 11.16 -37.49
CA LEU B 177 39.67 10.39 -37.34
C LEU B 177 39.89 9.07 -36.61
N ARG B 178 41.13 8.59 -36.58
CA ARG B 178 41.44 7.36 -35.86
C ARG B 178 41.37 7.59 -34.35
N SER B 185 46.70 8.91 -26.42
CA SER B 185 46.53 9.53 -27.72
C SER B 185 46.76 11.04 -27.64
N THR B 186 46.61 11.58 -26.43
CA THR B 186 46.84 13.01 -26.25
C THR B 186 48.31 13.38 -26.42
N ARG B 187 49.18 12.38 -26.43
CA ARG B 187 50.61 12.62 -26.55
C ARG B 187 50.96 13.35 -27.85
N PHE B 188 50.22 13.10 -28.94
CA PHE B 188 50.49 13.80 -30.18
C PHE B 188 50.27 15.30 -30.04
N TYR B 189 49.11 15.72 -29.54
CA TYR B 189 48.84 17.14 -29.36
C TYR B 189 49.78 17.76 -28.34
N ASP B 190 50.06 17.04 -27.25
CA ASP B 190 50.97 17.56 -26.23
C ASP B 190 52.36 17.78 -26.79
N GLN B 191 52.89 16.80 -27.55
CA GLN B 191 54.21 16.94 -28.14
C GLN B 191 54.24 18.06 -29.17
N LEU B 192 53.17 18.20 -29.96
CA LEU B 192 53.12 19.29 -30.93
C LEU B 192 53.16 20.64 -30.21
N ASN B 193 52.37 20.79 -29.14
CA ASN B 193 52.36 22.05 -28.40
C ASN B 193 53.72 22.32 -27.76
N HIS B 194 54.34 21.29 -27.18
CA HIS B 194 55.64 21.48 -26.54
C HIS B 194 56.72 21.86 -27.54
N HIS B 195 56.72 21.23 -28.72
CA HIS B 195 57.71 21.59 -29.74
C HIS B 195 57.43 22.97 -30.33
N ILE B 196 56.17 23.36 -30.46
CA ILE B 196 55.85 24.68 -30.98
C ILE B 196 56.24 25.77 -29.99
N PHE B 197 56.00 25.55 -28.69
CA PHE B 197 56.35 26.55 -27.68
C PHE B 197 57.81 26.47 -27.26
N GLU B 198 58.53 25.42 -27.64
CA GLU B 198 59.95 25.33 -27.31
C GLU B 198 60.79 26.27 -28.18
N LEU B 199 60.42 26.43 -29.44
CA LEU B 199 61.15 27.30 -30.34
C LEU B 199 60.31 28.50 -30.76
N GLU B 207 60.91 25.44 -38.12
CA GLU B 207 59.72 25.67 -37.33
C GLU B 207 58.53 26.03 -38.22
N ARG B 208 58.79 26.12 -39.53
CA ARG B 208 57.75 26.54 -40.46
C ARG B 208 56.85 25.40 -40.90
N LYS B 209 57.41 24.37 -41.54
CA LYS B 209 56.58 23.27 -42.04
C LYS B 209 55.99 22.45 -40.90
N GLY B 210 56.80 22.15 -39.87
CA GLY B 210 56.28 21.42 -38.73
C GLY B 210 55.22 22.18 -37.97
N GLY B 211 55.43 23.49 -37.78
CA GLY B 211 54.42 24.30 -37.13
C GLY B 211 53.15 24.40 -37.95
N ILE B 212 53.28 24.51 -39.26
CA ILE B 212 52.11 24.54 -40.14
C ILE B 212 51.34 23.23 -40.05
N LEU B 213 52.06 22.11 -40.04
CA LEU B 213 51.40 20.81 -39.90
C LEU B 213 50.70 20.69 -38.56
N ALA B 214 51.36 21.12 -37.47
CA ALA B 214 50.77 21.05 -36.15
C ALA B 214 49.52 21.92 -36.03
N ILE B 215 49.54 23.11 -36.62
CA ILE B 215 48.35 23.96 -36.62
C ILE B 215 47.25 23.34 -37.46
N ALA B 216 47.58 22.87 -38.68
CA ALA B 216 46.59 22.29 -39.57
C ALA B 216 45.97 21.03 -39.00
N SER B 217 46.68 20.35 -38.10
CA SER B 217 46.06 19.25 -37.36
C SER B 217 44.88 19.74 -36.54
N LEU B 218 44.99 20.92 -35.94
CA LEU B 218 43.88 21.50 -35.21
C LEU B 218 43.09 22.51 -36.03
N ILE B 219 43.74 23.23 -36.94
CA ILE B 219 43.08 24.27 -37.72
C ILE B 219 42.40 23.62 -38.93
N GLY B 220 41.13 23.97 -39.14
CA GLY B 220 40.37 23.47 -40.26
C GLY B 220 39.74 22.12 -40.03
N VAL B 221 40.11 21.40 -38.98
CA VAL B 221 39.50 20.11 -38.67
C VAL B 221 39.04 20.07 -37.22
N GLU B 222 39.97 20.31 -36.30
CA GLU B 222 39.68 20.08 -34.88
C GLU B 222 39.10 21.31 -34.20
N GLY B 223 39.79 22.45 -34.30
CA GLY B 223 39.37 23.63 -33.59
C GLY B 223 40.06 23.79 -32.25
N GLY B 224 41.39 23.74 -32.27
CA GLY B 224 42.18 23.82 -31.06
C GLY B 224 42.05 25.12 -30.30
N ASN B 225 41.57 25.05 -29.06
CA ASN B 225 41.41 26.23 -28.22
C ASN B 225 42.47 26.27 -27.11
N ALA B 226 42.86 25.11 -26.60
CA ALA B 226 43.81 25.01 -25.51
C ALA B 226 45.10 24.31 -25.89
N THR B 227 45.07 23.39 -26.86
CA THR B 227 46.25 22.60 -27.16
C THR B 227 47.31 23.41 -27.90
N ARG B 228 46.96 23.95 -29.08
CA ARG B 228 47.96 24.67 -29.87
C ARG B 228 47.93 26.16 -29.62
N ILE B 229 46.79 26.70 -29.17
CA ILE B 229 46.68 28.13 -28.93
C ILE B 229 47.61 28.56 -27.80
N GLY B 230 47.70 27.77 -26.73
CA GLY B 230 48.59 28.08 -25.64
C GLY B 230 50.05 28.15 -26.05
N ARG B 231 50.49 27.27 -26.94
CA ARG B 231 51.87 27.30 -27.43
C ARG B 231 52.10 28.40 -28.44
N PHE B 232 51.10 28.73 -29.27
CA PHE B 232 51.27 29.77 -30.28
C PHE B 232 51.08 31.17 -29.71
N ALA B 233 50.54 31.29 -28.49
CA ALA B 233 50.31 32.61 -27.92
C ALA B 233 51.61 33.38 -27.68
N ASN B 234 52.68 32.67 -27.28
CA ASN B 234 53.94 33.35 -27.05
C ASN B 234 54.47 34.01 -28.31
N TYR B 235 54.45 33.28 -29.44
CA TYR B 235 54.91 33.85 -30.70
C TYR B 235 53.91 34.87 -31.25
N LEU B 236 52.63 34.73 -30.90
CA LEU B 236 51.64 35.71 -31.37
C LEU B 236 51.82 37.05 -30.68
N ARG B 237 52.07 37.04 -29.37
CA ARG B 237 52.17 38.29 -28.61
C ARG B 237 53.59 38.84 -28.52
N ASN B 238 54.61 38.03 -28.84
CA ASN B 238 55.99 38.50 -28.71
C ASN B 238 56.49 39.12 -30.01
N LEU B 239 55.68 39.08 -31.06
CA LEU B 239 56.13 39.42 -32.40
C LEU B 239 56.29 40.93 -32.64
N LEU B 240 56.25 41.74 -31.60
CA LEU B 240 56.42 43.18 -31.79
C LEU B 240 57.89 43.52 -32.01
N PRO B 241 58.78 43.14 -31.09
CA PRO B 241 60.19 43.54 -31.26
C PRO B 241 60.97 42.61 -32.18
N SER B 242 60.68 41.32 -32.17
CA SER B 242 61.43 40.33 -32.94
C SER B 242 60.49 39.60 -33.88
N ASN B 243 61.01 39.15 -35.02
CA ASN B 243 60.19 38.61 -36.10
C ASN B 243 60.27 37.08 -36.12
N ASP B 244 59.16 36.47 -36.52
CA ASP B 244 58.99 35.02 -36.65
C ASP B 244 59.37 34.54 -38.05
N PRO B 245 59.25 33.24 -38.34
CA PRO B 245 59.74 32.71 -39.62
C PRO B 245 58.90 33.11 -40.82
N VAL B 246 59.30 32.62 -42.00
CA VAL B 246 58.70 33.01 -43.28
C VAL B 246 57.27 32.53 -43.40
N VAL B 247 56.91 31.50 -42.64
CA VAL B 247 55.56 30.94 -42.70
C VAL B 247 54.53 31.89 -42.09
N MET B 248 54.96 33.09 -41.68
CA MET B 248 54.13 34.01 -40.90
C MET B 248 52.76 34.25 -41.53
N GLU B 249 52.69 34.38 -42.86
CA GLU B 249 51.40 34.67 -43.49
C GLU B 249 50.40 33.52 -43.28
N MET B 250 50.81 32.29 -43.60
CA MET B 250 49.93 31.15 -43.41
C MET B 250 49.63 30.92 -41.94
N ALA B 251 50.63 31.09 -41.06
CA ALA B 251 50.39 30.91 -39.64
C ALA B 251 49.39 31.92 -39.10
N SER B 252 49.50 33.18 -39.53
CA SER B 252 48.55 34.21 -39.11
C SER B 252 47.16 33.91 -39.64
N LYS B 253 47.05 33.48 -40.89
CA LYS B 253 45.75 33.12 -41.44
C LYS B 253 45.12 31.97 -40.66
N ALA B 254 45.91 30.95 -40.34
CA ALA B 254 45.38 29.82 -39.57
C ALA B 254 44.98 30.23 -38.16
N ILE B 255 45.78 31.07 -37.51
CA ILE B 255 45.45 31.53 -36.16
C ILE B 255 44.16 32.33 -36.19
N GLY B 256 44.01 33.22 -37.18
CA GLY B 256 42.77 33.98 -37.30
C GLY B 256 41.57 33.11 -37.58
N ARG B 257 41.72 32.10 -38.45
CA ARG B 257 40.61 31.19 -38.73
C ARG B 257 40.21 30.39 -37.50
N LEU B 258 41.18 29.88 -36.74
CA LEU B 258 40.87 29.14 -35.53
C LEU B 258 40.45 30.05 -34.38
N ALA B 259 40.62 31.36 -34.53
CA ALA B 259 40.23 32.30 -33.49
C ALA B 259 38.71 32.43 -33.36
N MET B 260 37.95 31.84 -34.28
CA MET B 260 36.49 31.87 -34.22
C MET B 260 35.93 30.84 -33.23
N ALA B 261 36.81 30.05 -32.61
CA ALA B 261 36.35 29.07 -31.63
C ALA B 261 35.97 29.72 -30.31
N GLY B 262 36.59 30.85 -29.98
CA GLY B 262 36.30 31.52 -28.72
C GLY B 262 37.24 31.20 -27.58
N ASP B 263 38.54 31.37 -27.80
CA ASP B 263 39.56 31.18 -26.78
C ASP B 263 39.72 32.47 -25.97
N THR B 264 40.43 32.37 -24.84
CA THR B 264 40.51 33.47 -23.90
C THR B 264 41.41 34.61 -24.38
N PHE B 265 42.57 34.28 -24.93
CA PHE B 265 43.58 35.28 -25.28
C PHE B 265 43.42 35.83 -26.69
N THR B 266 42.36 35.46 -27.39
CA THR B 266 42.22 35.81 -28.79
C THR B 266 42.24 37.32 -29.00
N ALA B 267 41.57 38.08 -28.14
CA ALA B 267 41.53 39.53 -28.27
C ALA B 267 42.69 40.22 -27.56
N GLU B 268 43.60 39.46 -26.93
CA GLU B 268 44.67 40.04 -26.12
C GLU B 268 45.99 40.15 -26.86
N TYR B 269 46.43 39.07 -27.53
CA TYR B 269 47.75 39.06 -28.14
C TYR B 269 47.89 40.12 -29.22
N VAL B 270 46.88 40.29 -30.06
CA VAL B 270 46.92 41.33 -31.09
C VAL B 270 46.94 42.72 -30.46
N GLU B 271 46.12 42.92 -29.42
CA GLU B 271 46.13 44.19 -28.72
C GLU B 271 47.49 44.50 -28.11
N PHE B 272 48.23 43.46 -27.70
CA PHE B 272 49.59 43.66 -27.25
C PHE B 272 50.51 44.09 -28.38
N GLU B 273 50.25 43.65 -29.61
CA GLU B 273 51.04 44.05 -30.76
C GLU B 273 50.49 45.30 -31.45
N VAL B 274 49.21 45.60 -31.27
CA VAL B 274 48.61 46.75 -31.95
C VAL B 274 49.18 48.06 -31.43
N LYS B 275 49.34 48.20 -30.10
CA LYS B 275 49.86 49.43 -29.54
C LYS B 275 51.28 49.71 -30.01
N ARG B 276 52.10 48.67 -30.11
CA ARG B 276 53.47 48.83 -30.61
C ARG B 276 53.49 49.14 -32.10
N ALA B 277 52.35 49.02 -32.79
CA ALA B 277 52.32 49.26 -34.23
C ALA B 277 52.74 50.67 -34.58
N LEU B 278 52.28 51.66 -33.82
CA LEU B 278 52.70 53.03 -34.04
C LEU B 278 54.11 53.29 -33.53
N GLU B 279 54.66 52.40 -32.71
CA GLU B 279 55.97 52.64 -32.12
C GLU B 279 57.10 52.27 -33.09
N TRP B 280 57.18 50.99 -33.47
CA TRP B 280 58.26 50.53 -34.33
C TRP B 280 58.21 51.19 -35.71
N LEU B 281 57.02 51.37 -36.26
CA LEU B 281 56.87 52.01 -37.56
C LEU B 281 57.00 53.53 -37.43
N GLU B 287 62.10 46.91 -41.63
CA GLU B 287 62.16 47.51 -40.30
C GLU B 287 61.54 46.59 -39.26
N GLY B 288 61.46 47.07 -38.02
CA GLY B 288 60.89 46.30 -36.94
C GLY B 288 59.39 46.19 -36.94
N ARG B 289 58.71 46.92 -37.81
CA ARG B 289 57.26 46.84 -37.93
C ARG B 289 56.78 46.43 -39.32
N ARG B 290 57.67 46.44 -40.32
CA ARG B 290 57.26 46.15 -41.68
C ARG B 290 56.76 44.71 -41.84
N HIS B 291 57.48 43.74 -41.26
CA HIS B 291 57.10 42.35 -41.46
C HIS B 291 56.24 41.80 -40.33
N ALA B 292 56.76 41.76 -39.11
CA ALA B 292 56.07 41.08 -38.02
C ALA B 292 54.80 41.83 -37.60
N ALA B 293 54.90 43.15 -37.42
CA ALA B 293 53.74 43.93 -37.03
C ALA B 293 52.67 43.90 -38.11
N VAL B 294 53.07 43.91 -39.38
CA VAL B 294 52.09 43.87 -40.46
C VAL B 294 51.40 42.52 -40.51
N LEU B 295 52.15 41.43 -40.31
CA LEU B 295 51.52 40.12 -40.25
C LEU B 295 50.55 40.03 -39.08
N VAL B 296 50.93 40.59 -37.93
CA VAL B 296 50.04 40.61 -36.77
C VAL B 296 48.79 41.42 -37.08
N LEU B 297 48.94 42.57 -37.75
CA LEU B 297 47.80 43.40 -38.09
C LEU B 297 46.85 42.68 -39.05
N ARG B 298 47.40 41.97 -40.04
CA ARG B 298 46.56 41.20 -40.95
C ARG B 298 45.81 40.10 -40.20
N GLU B 299 46.50 39.41 -39.30
CA GLU B 299 45.84 38.37 -38.51
C GLU B 299 44.72 38.96 -37.66
N LEU B 300 44.96 40.13 -37.05
CA LEU B 300 43.93 40.76 -36.23
C LEU B 300 42.74 41.23 -37.07
N ALA B 301 43.01 41.82 -38.24
CA ALA B 301 41.92 42.21 -39.13
C ALA B 301 41.10 41.01 -39.54
N ILE B 302 41.74 39.85 -39.70
CA ILE B 302 40.98 38.62 -39.88
C ILE B 302 40.20 38.24 -38.63
N SER B 303 40.76 38.49 -37.44
CA SER B 303 40.15 38.01 -36.19
C SER B 303 39.30 39.07 -35.49
N VAL B 304 39.90 40.17 -35.07
CA VAL B 304 39.23 41.11 -34.17
C VAL B 304 39.83 42.50 -34.26
N PRO B 305 39.16 43.46 -34.89
CA PRO B 305 39.69 44.84 -34.91
C PRO B 305 39.08 45.76 -33.87
N THR B 306 38.41 45.22 -32.83
CA THR B 306 37.66 46.05 -31.90
C THR B 306 38.55 47.04 -31.15
N PHE B 307 39.64 46.55 -30.55
CA PHE B 307 40.49 47.39 -29.72
C PHE B 307 41.12 48.54 -30.50
N PHE B 308 41.59 48.28 -31.72
CA PHE B 308 42.16 49.35 -32.54
C PHE B 308 41.09 50.17 -33.24
N PHE B 309 39.85 49.70 -33.27
CA PHE B 309 38.76 50.42 -33.92
C PHE B 309 38.33 51.66 -33.16
N GLN B 310 38.72 51.77 -31.88
CA GLN B 310 38.46 53.01 -31.14
C GLN B 310 39.33 54.14 -31.67
N GLN B 311 40.39 53.80 -32.41
CA GLN B 311 41.30 54.79 -33.02
C GLN B 311 41.20 54.62 -34.53
N VAL B 312 40.23 55.31 -35.14
CA VAL B 312 40.06 55.28 -36.59
C VAL B 312 40.56 56.56 -37.24
N GLN B 313 40.42 57.71 -36.60
CA GLN B 313 40.96 58.96 -37.11
C GLN B 313 42.48 58.86 -37.23
N PRO B 314 43.15 58.30 -36.22
CA PRO B 314 44.62 58.25 -36.25
C PRO B 314 45.18 57.24 -37.23
N PHE B 315 44.36 56.27 -37.63
CA PHE B 315 44.84 55.22 -38.55
C PHE B 315 45.21 55.80 -39.91
N PHE B 316 44.39 56.71 -40.43
CA PHE B 316 44.66 57.28 -41.75
C PHE B 316 45.96 58.05 -41.78
N ASP B 317 46.28 58.77 -40.70
CA ASP B 317 47.56 59.47 -40.63
C ASP B 317 48.73 58.51 -40.38
N ASN B 318 48.56 57.52 -39.51
CA ASN B 318 49.69 56.69 -39.11
C ASN B 318 50.09 55.68 -40.19
N ILE B 319 49.13 55.00 -40.81
CA ILE B 319 49.46 53.90 -41.70
C ILE B 319 50.17 54.36 -42.97
N PHE B 320 49.71 55.45 -43.59
CA PHE B 320 50.27 55.88 -44.86
C PHE B 320 51.52 56.76 -44.70
N VAL B 321 51.80 57.25 -43.50
CA VAL B 321 52.94 58.13 -43.28
C VAL B 321 54.00 57.42 -42.44
N ALA B 322 53.67 56.22 -41.96
CA ALA B 322 54.64 55.44 -41.17
C ALA B 322 55.77 54.88 -42.03
N VAL B 323 55.78 55.22 -43.33
CA VAL B 323 56.79 54.70 -44.25
C VAL B 323 58.07 55.54 -44.25
N TRP B 324 58.24 56.44 -43.27
CA TRP B 324 59.48 57.21 -43.17
C TRP B 324 60.71 56.34 -43.01
N ASP B 325 60.55 55.12 -42.50
CA ASP B 325 61.64 54.16 -42.46
C ASP B 325 61.90 53.60 -43.85
N PRO B 326 63.07 53.03 -44.08
CA PRO B 326 63.39 52.53 -45.44
C PRO B 326 62.65 51.23 -45.80
N LYS B 327 61.36 51.37 -46.10
CA LYS B 327 60.53 50.25 -46.51
C LYS B 327 59.65 50.67 -47.67
N GLN B 328 59.44 49.74 -48.59
CA GLN B 328 58.63 50.00 -49.78
C GLN B 328 57.42 49.07 -49.91
N ALA B 329 57.61 47.76 -49.71
CA ALA B 329 56.55 46.80 -50.00
C ALA B 329 55.64 46.55 -48.80
N ILE B 330 56.19 46.39 -47.60
CA ILE B 330 55.38 45.94 -46.47
C ILE B 330 54.54 47.05 -45.86
N ARG B 331 54.95 48.32 -46.01
CA ARG B 331 54.15 49.42 -45.50
C ARG B 331 52.79 49.47 -46.21
N GLU B 332 52.78 49.25 -47.52
CA GLU B 332 51.53 49.19 -48.25
C GLU B 332 50.66 48.03 -47.76
N GLY B 333 51.26 46.88 -47.46
CA GLY B 333 50.47 45.77 -46.95
C GLY B 333 49.86 46.05 -45.60
N ALA B 334 50.64 46.66 -44.70
CA ALA B 334 50.09 47.03 -43.38
C ALA B 334 48.97 48.05 -43.52
N VAL B 335 49.16 49.06 -44.37
CA VAL B 335 48.12 50.05 -44.58
C VAL B 335 46.87 49.40 -45.16
N ALA B 336 47.04 48.47 -46.10
CA ALA B 336 45.90 47.80 -46.69
C ALA B 336 45.15 46.96 -45.67
N ALA B 337 45.88 46.25 -44.80
CA ALA B 337 45.21 45.46 -43.76
C ALA B 337 44.42 46.36 -42.80
N LEU B 338 45.04 47.46 -42.35
CA LEU B 338 44.35 48.37 -41.47
C LEU B 338 43.11 48.97 -42.13
N ARG B 339 43.23 49.39 -43.39
CA ARG B 339 42.09 49.96 -44.09
C ARG B 339 40.99 48.93 -44.32
N ALA B 340 41.36 47.70 -44.66
CA ALA B 340 40.36 46.66 -44.88
C ALA B 340 39.59 46.36 -43.61
N CYS B 341 40.26 46.31 -42.46
CA CYS B 341 39.52 46.15 -41.22
C CYS B 341 38.66 47.37 -40.91
N LEU B 342 39.23 48.57 -41.05
CA LEU B 342 38.56 49.79 -40.61
C LEU B 342 37.34 50.12 -41.44
N ILE B 343 37.41 49.94 -42.77
CA ILE B 343 36.26 50.26 -43.61
C ILE B 343 35.08 49.34 -43.28
N LEU B 344 35.33 48.03 -43.23
CA LEU B 344 34.28 47.08 -42.91
C LEU B 344 33.73 47.27 -41.51
N THR B 345 34.55 47.76 -40.57
CA THR B 345 34.04 47.98 -39.22
C THR B 345 33.23 49.27 -39.13
N THR B 346 33.80 50.40 -39.56
CA THR B 346 33.20 51.70 -39.35
C THR B 346 32.42 52.20 -40.56
N GLN B 347 32.02 51.32 -41.48
CA GLN B 347 31.19 51.75 -42.61
C GLN B 347 29.88 52.36 -42.15
N ARG B 348 29.45 52.05 -40.93
CA ARG B 348 28.21 52.60 -40.36
C ARG B 348 28.32 54.12 -40.19
N TRP B 358 36.64 63.48 -40.53
CA TRP B 358 36.76 62.70 -41.75
C TRP B 358 38.18 62.19 -41.95
N TYR B 359 38.31 61.03 -42.59
CA TYR B 359 39.63 60.46 -42.84
C TYR B 359 40.41 61.25 -43.88
N ARG B 360 39.73 62.11 -44.65
CA ARG B 360 40.39 62.84 -45.72
C ARG B 360 41.50 63.75 -45.19
N HIS B 361 41.25 64.43 -44.08
CA HIS B 361 42.26 65.34 -43.52
C HIS B 361 43.50 64.58 -43.08
N THR B 362 43.31 63.46 -42.36
CA THR B 362 44.46 62.68 -41.92
C THR B 362 45.23 62.10 -43.10
N PHE B 363 44.51 61.61 -44.11
CA PHE B 363 45.18 61.08 -45.31
C PHE B 363 45.95 62.18 -46.03
N GLU B 364 45.37 63.37 -46.14
CA GLU B 364 46.07 64.48 -46.78
C GLU B 364 47.33 64.87 -46.01
N GLU B 365 47.24 64.90 -44.68
CA GLU B 365 48.42 65.20 -43.87
C GLU B 365 49.50 64.16 -44.10
N ALA B 366 49.13 62.87 -44.10
CA ALA B 366 50.10 61.81 -44.32
C ALA B 366 50.76 61.94 -45.70
N GLU B 367 49.95 62.20 -46.73
CA GLU B 367 50.50 62.31 -48.07
C GLU B 367 51.41 63.52 -48.22
N LYS B 368 51.01 64.67 -47.69
CA LYS B 368 51.84 65.87 -47.80
C LYS B 368 53.15 65.72 -47.04
N GLY B 369 53.10 65.12 -45.84
CA GLY B 369 54.32 64.90 -45.10
C GLY B 369 55.22 63.82 -45.67
N PHE B 370 54.63 62.86 -46.39
CA PHE B 370 55.42 61.79 -46.99
C PHE B 370 56.29 62.27 -48.14
N ASP B 371 55.98 63.43 -48.72
CA ASP B 371 56.75 63.95 -49.84
C ASP B 371 58.08 64.56 -49.35
N ASP B 383 57.02 61.86 -54.03
CA ASP B 383 58.16 60.96 -53.88
C ASP B 383 57.72 59.51 -53.98
N ASP B 384 58.57 58.60 -53.49
CA ASP B 384 58.26 57.17 -53.55
C ASP B 384 57.06 56.82 -52.67
N ARG B 385 56.99 57.38 -51.47
CA ARG B 385 55.88 57.08 -50.56
C ARG B 385 54.71 58.03 -50.78
N ILE B 386 54.30 58.18 -52.04
CA ILE B 386 53.17 59.01 -52.40
C ILE B 386 52.10 58.10 -53.00
N HIS B 387 52.53 57.12 -53.78
CA HIS B 387 51.59 56.13 -54.33
C HIS B 387 50.93 55.33 -53.23
N GLY B 388 51.64 55.06 -52.13
CA GLY B 388 51.02 54.39 -51.00
C GLY B 388 49.91 55.22 -50.38
N ALA B 389 50.14 56.52 -50.21
CA ALA B 389 49.10 57.40 -49.71
C ALA B 389 47.93 57.49 -50.68
N LEU B 390 48.21 57.52 -51.99
CA LEU B 390 47.15 57.55 -52.98
C LEU B 390 46.29 56.29 -52.91
N LEU B 391 46.94 55.13 -52.76
CA LEU B 391 46.20 53.89 -52.61
C LEU B 391 45.40 53.86 -51.31
N ILE B 392 45.96 54.40 -50.22
CA ILE B 392 45.24 54.45 -48.96
C ILE B 392 44.00 55.31 -49.07
N LEU B 393 44.11 56.48 -49.72
CA LEU B 393 42.94 57.32 -49.95
C LEU B 393 41.94 56.67 -50.88
N ASN B 394 42.40 55.99 -51.93
CA ASN B 394 41.50 55.28 -52.82
C ASN B 394 40.78 54.14 -52.10
N GLU B 395 41.39 53.60 -51.04
CA GLU B 395 40.71 52.60 -50.24
C GLU B 395 39.44 53.17 -49.63
N LEU B 396 39.51 54.36 -49.03
CA LEU B 396 38.31 54.99 -48.51
C LEU B 396 37.38 55.44 -49.64
N VAL B 397 37.95 55.87 -50.76
CA VAL B 397 37.13 56.26 -51.91
C VAL B 397 36.27 55.10 -52.37
N ARG B 398 36.84 53.88 -52.42
CA ARG B 398 36.07 52.70 -52.76
C ARG B 398 35.19 52.24 -51.61
N ILE B 399 35.58 52.54 -50.37
CA ILE B 399 34.72 52.21 -49.24
C ILE B 399 33.40 52.97 -49.35
N SER B 400 33.46 54.25 -49.70
CA SER B 400 32.24 55.01 -49.96
C SER B 400 31.54 54.58 -51.24
N SER B 401 32.28 54.36 -52.32
CA SER B 401 31.73 53.94 -53.61
C SER B 401 32.79 53.14 -54.35
N MET B 402 32.62 51.82 -54.41
CA MET B 402 33.60 50.93 -55.01
C MET B 402 33.44 50.76 -56.51
N GLU B 403 32.87 51.77 -57.20
CA GLU B 403 32.52 51.62 -58.61
C GLU B 403 33.73 51.30 -59.49
N GLY B 404 34.92 51.75 -59.11
CA GLY B 404 36.06 51.65 -60.00
C GLY B 404 36.67 50.26 -60.08
N GLU B 405 36.52 49.45 -59.03
CA GLU B 405 37.27 48.20 -58.93
C GLU B 405 36.44 46.95 -59.17
N ARG B 406 35.12 47.09 -59.34
CA ARG B 406 34.26 45.90 -59.46
C ARG B 406 34.56 45.11 -60.73
N LEU B 407 34.68 45.78 -61.88
CA LEU B 407 34.96 45.08 -63.13
C LEU B 407 36.32 44.41 -63.08
N ARG B 408 37.33 45.09 -62.52
CA ARG B 408 38.65 44.50 -62.40
C ARG B 408 38.63 43.27 -61.48
N GLU B 409 37.93 43.36 -60.35
CA GLU B 409 37.85 42.22 -59.44
C GLU B 409 37.14 41.03 -60.08
N GLU B 410 36.06 41.29 -60.83
CA GLU B 410 35.41 40.20 -61.56
C GLU B 410 36.31 39.63 -62.65
N MET B 411 37.15 40.47 -63.25
CA MET B 411 38.07 40.03 -64.29
C MET B 411 39.20 39.17 -63.76
N GLU B 412 39.36 39.07 -62.44
CA GLU B 412 40.43 38.25 -61.87
C GLU B 412 40.14 36.76 -62.00
N GLU B 413 38.87 36.39 -62.16
CA GLU B 413 38.51 34.98 -62.29
C GLU B 413 38.94 34.38 -63.62
N ILE B 414 39.18 35.21 -64.63
CA ILE B 414 39.56 34.72 -65.94
C ILE B 414 40.98 34.17 -65.91
N LEU B 481 31.06 67.41 -54.65
CA LEU B 481 32.14 66.58 -54.11
C LEU B 481 32.27 66.77 -52.60
N VAL B 482 31.82 65.77 -51.84
CA VAL B 482 31.87 65.87 -50.38
C VAL B 482 33.21 65.35 -49.86
N GLU B 483 33.61 64.14 -50.28
CA GLU B 483 34.84 63.54 -49.79
C GLU B 483 36.09 64.15 -50.42
N SER B 484 35.99 64.66 -51.65
CA SER B 484 37.16 65.21 -52.33
C SER B 484 37.58 66.57 -51.79
N ARG B 485 36.79 67.15 -50.87
CA ARG B 485 37.09 68.48 -50.37
C ARG B 485 38.42 68.53 -49.63
N CYS B 486 38.59 67.66 -48.63
CA CYS B 486 39.79 67.69 -47.79
C CYS B 486 40.85 66.73 -48.34
N CYS B 487 40.70 66.42 -49.62
CA CYS B 487 41.62 65.54 -50.34
C CYS B 487 42.11 66.15 -51.64
N ARG B 488 41.61 67.34 -51.99
CA ARG B 488 41.92 67.94 -53.29
C ARG B 488 43.41 68.24 -53.42
N ASP B 489 44.14 68.31 -52.30
CA ASP B 489 45.59 68.50 -52.38
C ASP B 489 46.27 67.28 -52.99
N LEU B 490 45.91 66.08 -52.52
CA LEU B 490 46.43 64.87 -53.13
C LEU B 490 45.97 64.75 -54.57
N MET B 491 44.75 65.22 -54.87
CA MET B 491 44.28 65.22 -56.24
C MET B 491 45.13 66.14 -57.12
N GLU B 492 45.50 67.31 -56.60
CA GLU B 492 46.38 68.21 -57.34
C GLU B 492 47.75 67.59 -57.55
N GLU B 493 48.27 66.90 -56.53
CA GLU B 493 49.54 66.20 -56.68
C GLU B 493 49.46 65.13 -57.76
N LYS B 494 48.36 64.37 -57.79
CA LYS B 494 48.18 63.36 -58.82
C LYS B 494 48.06 63.98 -60.19
N PHE B 495 47.36 65.12 -60.30
CA PHE B 495 47.26 65.80 -61.59
C PHE B 495 48.62 66.30 -62.05
N ASP B 496 49.42 66.83 -61.13
CA ASP B 496 50.77 67.27 -61.47
C ASP B 496 51.63 66.10 -61.93
N GLN B 497 51.52 64.96 -61.26
CA GLN B 497 52.26 63.78 -61.70
C GLN B 497 51.80 63.30 -63.07
N VAL B 498 50.50 63.34 -63.33
CA VAL B 498 49.99 62.91 -64.63
C VAL B 498 50.46 63.84 -65.74
N CYS B 499 50.47 65.15 -65.49
CA CYS B 499 50.86 66.09 -66.53
C CYS B 499 52.37 66.21 -66.69
N GLN B 500 53.06 66.66 -65.65
CA GLN B 500 54.51 66.90 -65.78
C GLN B 500 55.32 65.73 -65.24
N TRP B 501 55.14 65.38 -63.97
CA TRP B 501 56.02 64.42 -63.29
C TRP B 501 55.59 63.01 -63.62
N VAL B 502 55.81 62.62 -64.87
CA VAL B 502 55.42 61.29 -65.35
C VAL B 502 56.63 60.37 -65.49
N LEU B 503 57.81 60.93 -65.72
CA LEU B 503 59.01 60.17 -66.03
C LEU B 503 60.09 60.38 -64.98
N LYS B 504 59.72 60.27 -63.70
CA LYS B 504 60.67 60.43 -62.62
C LYS B 504 61.74 59.34 -62.65
N CYS B 505 61.33 58.09 -62.52
CA CYS B 505 62.24 56.93 -62.52
C CYS B 505 63.35 57.09 -61.49
N SER B 511 58.46 51.56 -63.68
CA SER B 511 58.90 51.47 -62.29
C SER B 511 57.84 52.05 -61.35
N LEU B 512 58.29 52.82 -60.35
CA LEU B 512 57.37 53.38 -59.37
C LEU B 512 56.42 54.39 -60.03
N ILE B 513 56.91 55.13 -61.02
CA ILE B 513 56.06 56.11 -61.70
C ILE B 513 54.92 55.41 -62.43
N GLN B 514 55.22 54.32 -63.14
CA GLN B 514 54.18 53.60 -63.86
C GLN B 514 53.13 53.04 -62.91
N MET B 515 53.56 52.48 -61.78
CA MET B 515 52.61 51.94 -60.80
C MET B 515 51.77 53.05 -60.18
N THR B 516 52.38 54.19 -59.89
CA THR B 516 51.62 55.32 -59.36
C THR B 516 50.58 55.81 -60.35
N ILE B 517 50.96 55.90 -61.64
CA ILE B 517 50.01 56.33 -62.65
C ILE B 517 48.89 55.31 -62.82
N LEU B 518 49.23 54.01 -62.74
CA LEU B 518 48.21 52.98 -62.81
C LEU B 518 47.24 53.05 -61.65
N ASN B 519 47.74 53.26 -60.43
CA ASN B 519 46.87 53.43 -59.28
C ASN B 519 46.02 54.68 -59.39
N LEU B 520 46.55 55.73 -60.02
CA LEU B 520 45.80 56.94 -60.26
C LEU B 520 44.71 56.78 -61.32
N LEU B 521 44.93 55.90 -62.30
CA LEU B 521 43.96 55.68 -63.36
C LEU B 521 42.62 55.26 -62.78
N PRO B 522 42.58 54.28 -61.87
CA PRO B 522 41.32 53.99 -61.18
C PRO B 522 40.78 55.19 -60.42
N ARG B 523 41.66 55.96 -59.77
CA ARG B 523 41.23 57.18 -59.12
C ARG B 523 40.72 58.20 -60.13
N LEU B 524 41.38 58.31 -61.28
CA LEU B 524 40.91 59.24 -62.32
C LEU B 524 39.53 58.84 -62.81
N ALA B 525 39.26 57.55 -62.94
CA ALA B 525 37.95 57.10 -63.39
C ALA B 525 36.89 57.29 -62.31
N ALA B 526 37.25 57.05 -61.04
CA ALA B 526 36.26 57.12 -59.97
C ALA B 526 36.03 58.53 -59.45
N PHE B 527 36.91 59.48 -59.80
CA PHE B 527 36.85 60.80 -59.16
C PHE B 527 35.85 61.72 -59.84
N ARG B 528 36.09 62.08 -61.10
CA ARG B 528 35.31 63.14 -61.72
C ARG B 528 35.28 63.00 -63.23
N PRO B 529 34.10 63.10 -63.86
CA PRO B 529 33.90 63.04 -65.32
C PRO B 529 34.46 64.25 -66.03
N THR B 535 37.52 68.16 -68.99
CA THR B 535 37.99 66.80 -68.75
C THR B 535 39.52 66.74 -68.76
N GLN B 536 40.14 67.62 -67.97
CA GLN B 536 41.59 67.67 -67.89
C GLN B 536 42.17 66.37 -67.36
N TYR B 537 41.57 65.81 -66.30
CA TYR B 537 42.02 64.52 -65.80
C TYR B 537 41.84 63.43 -66.83
N LEU B 538 40.72 63.44 -67.56
CA LEU B 538 40.52 62.47 -68.63
C LEU B 538 41.56 62.64 -69.72
N GLN B 539 41.89 63.87 -70.08
CA GLN B 539 42.92 64.11 -71.09
C GLN B 539 44.27 63.58 -70.64
N ASP B 540 44.64 63.83 -69.38
CA ASP B 540 45.91 63.34 -68.86
C ASP B 540 45.96 61.83 -68.84
N THR B 541 44.87 61.18 -68.38
CA THR B 541 44.84 59.73 -68.34
C THR B 541 44.90 59.15 -69.74
N MET B 542 44.21 59.76 -70.70
CA MET B 542 44.26 59.28 -72.08
C MET B 542 45.65 59.42 -72.67
N ASN B 543 46.32 60.55 -72.40
CA ASN B 543 47.68 60.74 -72.90
C ASN B 543 48.63 59.72 -72.29
N HIS B 544 48.48 59.44 -70.98
CA HIS B 544 49.29 58.43 -70.35
C HIS B 544 49.04 57.04 -70.94
N VAL B 545 47.78 56.69 -71.18
CA VAL B 545 47.46 55.40 -71.79
C VAL B 545 48.05 55.32 -73.19
N LEU B 546 48.03 56.42 -73.94
CA LEU B 546 48.69 56.46 -75.24
C LEU B 546 50.19 56.23 -75.12
N SER B 547 50.81 56.83 -74.10
CA SER B 547 52.23 56.59 -73.86
C SER B 547 52.49 55.21 -73.25
N CYS B 548 51.51 54.66 -72.54
CA CYS B 548 51.66 53.36 -71.90
C CYS B 548 51.47 52.20 -72.87
N VAL B 549 50.89 52.44 -74.05
CA VAL B 549 50.67 51.34 -74.99
C VAL B 549 51.97 50.85 -75.60
N LYS B 550 52.79 51.75 -76.15
CA LYS B 550 54.03 51.33 -76.79
C LYS B 550 55.11 51.00 -75.77
N LYS B 551 54.99 51.48 -74.54
CA LYS B 551 56.02 51.28 -73.54
C LYS B 551 56.09 49.81 -73.12
N GLU B 552 57.32 49.36 -72.89
CA GLU B 552 57.55 48.00 -72.41
C GLU B 552 57.28 47.93 -70.91
N LYS B 553 57.05 46.71 -70.44
CA LYS B 553 56.74 46.42 -69.03
C LYS B 553 55.46 47.11 -68.57
N GLU B 554 54.62 47.54 -69.50
CA GLU B 554 53.34 48.16 -69.16
C GLU B 554 52.20 47.73 -70.06
N ARG B 555 52.41 46.75 -70.95
CA ARG B 555 51.36 46.33 -71.88
C ARG B 555 50.14 45.79 -71.15
N THR B 556 50.34 44.97 -70.11
CA THR B 556 49.21 44.51 -69.30
C THR B 556 48.53 45.68 -68.60
N ALA B 557 49.32 46.59 -68.02
CA ALA B 557 48.76 47.78 -67.40
C ALA B 557 48.05 48.66 -68.42
N ALA B 558 48.63 48.81 -69.62
CA ALA B 558 47.99 49.59 -70.66
C ALA B 558 46.65 48.97 -71.07
N PHE B 559 46.59 47.64 -71.19
CA PHE B 559 45.34 46.98 -71.53
C PHE B 559 44.30 47.16 -70.42
N GLN B 560 44.73 47.04 -69.16
CA GLN B 560 43.80 47.24 -68.04
C GLN B 560 43.25 48.66 -68.04
N ALA B 561 44.12 49.64 -68.26
CA ALA B 561 43.67 51.03 -68.33
C ALA B 561 42.75 51.26 -69.51
N LEU B 562 43.04 50.63 -70.65
CA LEU B 562 42.17 50.75 -71.81
C LEU B 562 40.79 50.19 -71.53
N GLY B 563 40.72 49.04 -70.87
CA GLY B 563 39.44 48.48 -70.48
C GLY B 563 38.67 49.37 -69.52
N LEU B 564 39.36 49.91 -68.51
CA LEU B 564 38.70 50.82 -67.58
C LEU B 564 38.18 52.07 -68.28
N LEU B 565 38.99 52.64 -69.18
CA LEU B 565 38.56 53.83 -69.91
C LEU B 565 37.37 53.53 -70.81
N SER B 566 37.41 52.41 -71.55
CA SER B 566 36.27 52.04 -72.38
C SER B 566 35.03 51.82 -71.54
N VAL B 567 35.20 51.32 -70.30
CA VAL B 567 34.07 51.29 -69.37
C VAL B 567 33.59 52.70 -69.07
N ALA B 568 34.51 53.65 -68.92
CA ALA B 568 34.12 55.02 -68.58
C ALA B 568 33.96 55.90 -69.82
N VAL B 569 35.04 56.11 -70.56
CA VAL B 569 35.05 57.03 -71.69
C VAL B 569 35.30 56.24 -72.97
N ARG B 570 34.30 56.17 -73.82
CA ARG B 570 34.40 55.39 -75.06
C ARG B 570 34.49 56.29 -76.29
N SER B 571 33.56 57.24 -76.42
CA SER B 571 33.52 58.09 -77.60
C SER B 571 34.80 58.89 -77.77
N GLU B 572 35.31 59.47 -76.69
CA GLU B 572 36.60 60.14 -76.78
C GLU B 572 37.72 59.15 -77.11
N PHE B 573 37.66 57.95 -76.54
CA PHE B 573 38.66 56.92 -76.79
C PHE B 573 38.38 56.10 -78.03
N LYS B 574 37.27 56.37 -78.74
CA LYS B 574 36.87 55.56 -79.88
C LYS B 574 37.93 55.52 -80.97
N VAL B 575 38.83 56.49 -81.01
CA VAL B 575 39.91 56.47 -82.00
C VAL B 575 40.86 55.30 -81.76
N TYR B 576 41.13 54.94 -80.51
CA TYR B 576 42.09 53.90 -80.19
C TYR B 576 41.42 52.58 -79.83
N LEU B 577 40.13 52.43 -80.09
CA LEU B 577 39.45 51.17 -79.81
C LEU B 577 39.82 50.15 -80.88
N PRO B 578 39.61 50.45 -82.16
CA PRO B 578 40.00 49.50 -83.21
C PRO B 578 41.45 49.67 -83.60
N ARG B 579 42.00 50.86 -83.37
CA ARG B 579 43.40 51.13 -83.71
C ARG B 579 44.34 50.23 -82.91
N VAL B 580 44.08 50.06 -81.61
CA VAL B 580 44.88 49.14 -80.81
C VAL B 580 44.73 47.72 -81.32
N LEU B 581 43.50 47.32 -81.63
CA LEU B 581 43.26 46.00 -82.22
C LEU B 581 43.99 45.82 -83.55
N ASP B 582 44.13 46.90 -84.33
CA ASP B 582 44.95 46.85 -85.53
C ASP B 582 46.44 46.90 -85.22
N ILE B 583 46.82 47.50 -84.08
CA ILE B 583 48.23 47.64 -83.76
C ILE B 583 48.76 46.50 -82.88
N ILE B 584 47.99 46.08 -81.87
CA ILE B 584 48.50 45.09 -80.94
C ILE B 584 48.32 43.68 -81.48
N ARG B 585 47.60 43.53 -82.60
CA ARG B 585 47.26 42.20 -83.12
C ARG B 585 48.50 41.37 -83.41
N ALA B 586 49.61 42.00 -83.74
CA ALA B 586 50.83 41.28 -84.09
C ALA B 586 51.60 40.77 -82.87
N ALA B 587 51.20 41.17 -81.66
CA ALA B 587 51.93 40.79 -80.46
C ALA B 587 51.37 39.55 -79.78
N LEU B 588 50.06 39.36 -79.83
CA LEU B 588 49.37 38.28 -79.13
C LEU B 588 49.80 36.90 -79.61
N PRO B 589 49.92 36.68 -80.91
CA PRO B 589 50.14 35.33 -81.43
C PRO B 589 51.48 34.76 -81.00
N PRO B 590 52.43 35.61 -80.62
CA PRO B 590 53.78 35.10 -80.29
C PRO B 590 53.82 34.30 -78.99
N LYS B 591 52.85 34.48 -78.11
CA LYS B 591 52.86 33.81 -76.80
C LYS B 591 52.84 32.29 -76.93
N VAL B 603 53.32 36.07 -73.79
CA VAL B 603 52.89 37.46 -73.93
C VAL B 603 51.38 37.53 -74.04
N ASP B 604 50.70 36.48 -73.56
CA ASP B 604 49.25 36.40 -73.60
C ASP B 604 48.59 36.91 -72.33
N ALA B 605 49.36 37.36 -71.34
CA ALA B 605 48.77 37.89 -70.12
C ALA B 605 47.93 39.12 -70.38
N THR B 606 48.42 40.04 -71.21
CA THR B 606 47.64 41.21 -71.59
C THR B 606 46.56 40.87 -72.59
N VAL B 607 46.67 39.74 -73.28
CA VAL B 607 45.62 39.33 -74.21
C VAL B 607 44.32 39.07 -73.46
N PHE B 608 44.39 38.52 -72.25
CA PHE B 608 43.19 38.30 -71.46
C PHE B 608 42.49 39.62 -71.14
N THR B 609 43.26 40.62 -70.70
CA THR B 609 42.66 41.92 -70.42
C THR B 609 42.12 42.58 -71.67
N CYS B 610 42.82 42.42 -72.80
CA CYS B 610 42.34 42.99 -74.06
C CYS B 610 41.02 42.37 -74.47
N ILE B 611 40.89 41.04 -74.35
CA ILE B 611 39.63 40.38 -74.66
C ILE B 611 38.55 40.80 -73.67
N SER B 612 38.93 41.00 -72.40
CA SER B 612 37.95 41.47 -71.41
C SER B 612 37.42 42.85 -71.78
N MET B 613 38.30 43.76 -72.20
CA MET B 613 37.86 45.06 -72.69
C MET B 613 37.00 44.93 -73.94
N LEU B 614 37.36 44.04 -74.86
CA LEU B 614 36.51 43.75 -76.00
C LEU B 614 35.16 43.20 -75.58
N ALA B 615 35.12 42.35 -74.55
CA ALA B 615 33.85 41.92 -73.99
C ALA B 615 33.21 43.03 -73.16
N ARG B 616 33.99 44.01 -72.73
CA ARG B 616 33.47 45.13 -71.95
C ARG B 616 32.90 46.21 -72.87
N ILE B 622 29.10 49.70 -82.40
CA ILE B 622 29.82 48.75 -81.55
C ILE B 622 29.01 47.48 -81.39
N GLN B 623 28.38 47.04 -82.48
CA GLN B 623 27.58 45.82 -82.44
C GLN B 623 28.06 44.82 -83.48
N GLN B 624 28.43 45.30 -84.67
CA GLN B 624 28.89 44.42 -85.73
C GLN B 624 30.39 44.51 -85.99
N ASP B 625 31.07 45.48 -85.38
CA ASP B 625 32.47 45.74 -85.68
C ASP B 625 33.41 44.65 -85.20
N ILE B 626 32.99 43.78 -84.29
CA ILE B 626 33.91 42.78 -83.76
C ILE B 626 34.03 41.58 -84.69
N LYS B 627 33.15 41.46 -85.68
CA LYS B 627 33.15 40.27 -86.54
C LYS B 627 34.45 40.15 -87.33
N GLU B 628 34.95 41.25 -87.89
CA GLU B 628 36.16 41.21 -88.70
C GLU B 628 37.38 40.78 -87.90
N LEU B 629 37.56 41.32 -86.69
CA LEU B 629 38.72 40.99 -85.87
C LEU B 629 38.56 39.71 -85.08
N LEU B 630 37.35 39.15 -85.01
CA LEU B 630 37.12 37.94 -84.25
C LEU B 630 37.89 36.74 -84.81
N GLU B 631 38.04 36.65 -86.13
CA GLU B 631 38.66 35.50 -86.75
C GLU B 631 40.09 35.32 -86.25
N PRO B 632 40.91 36.36 -86.28
CA PRO B 632 42.26 36.25 -85.70
C PRO B 632 42.22 35.94 -84.23
N MET B 633 41.19 36.46 -83.53
CA MET B 633 41.06 36.20 -82.11
C MET B 633 40.87 34.72 -81.82
N LEU B 634 40.04 34.03 -82.60
CA LEU B 634 39.88 32.59 -82.44
C LEU B 634 41.09 31.82 -82.97
N ALA B 635 41.75 32.33 -84.01
CA ALA B 635 42.93 31.68 -84.56
C ALA B 635 44.17 31.91 -83.73
N VAL B 636 44.08 32.71 -82.66
CA VAL B 636 45.24 32.99 -81.82
C VAL B 636 45.80 31.70 -81.23
N GLY B 637 44.94 30.89 -80.63
CA GLY B 637 45.37 29.65 -80.02
C GLY B 637 44.47 29.26 -78.87
N LEU B 638 44.64 28.02 -78.44
CA LEU B 638 43.80 27.44 -77.39
C LEU B 638 44.51 27.57 -76.05
N SER B 639 43.98 28.44 -75.20
CA SER B 639 44.49 28.58 -73.84
C SER B 639 43.31 28.62 -72.86
N PRO B 640 43.51 28.20 -71.62
CA PRO B 640 42.38 28.25 -70.66
C PRO B 640 41.82 29.65 -70.49
N ALA B 641 42.68 30.67 -70.43
CA ALA B 641 42.19 32.04 -70.35
C ALA B 641 41.53 32.45 -71.66
N LEU B 642 42.12 32.06 -72.80
CA LEU B 642 41.49 32.35 -74.07
C LEU B 642 40.14 31.65 -74.19
N THR B 643 40.06 30.40 -73.73
CA THR B 643 38.80 29.68 -73.75
C THR B 643 37.76 30.37 -72.87
N ALA B 644 38.17 30.80 -71.67
CA ALA B 644 37.23 31.49 -70.78
C ALA B 644 36.75 32.79 -71.40
N VAL B 645 37.65 33.56 -72.01
CA VAL B 645 37.27 34.81 -72.64
C VAL B 645 36.31 34.57 -73.79
N LEU B 646 36.61 33.57 -74.63
CA LEU B 646 35.74 33.26 -75.75
C LEU B 646 34.36 32.81 -75.28
N TYR B 647 34.32 31.98 -74.23
CA TYR B 647 33.04 31.52 -73.70
C TYR B 647 32.23 32.67 -73.11
N ASP B 648 32.90 33.57 -72.37
CA ASP B 648 32.20 34.72 -71.83
C ASP B 648 31.68 35.63 -72.93
N LEU B 649 32.46 35.83 -73.99
CA LEU B 649 31.99 36.63 -75.12
C LEU B 649 30.82 35.97 -75.83
N SER B 650 30.88 34.66 -76.05
CA SER B 650 29.79 33.95 -76.69
C SER B 650 28.51 34.01 -75.86
N ARG B 651 28.64 33.90 -74.54
CA ARG B 651 27.50 34.13 -73.66
C ARG B 651 27.03 35.58 -73.74
N GLN B 652 27.95 36.51 -74.00
CA GLN B 652 27.60 37.92 -74.03
C GLN B 652 27.19 38.40 -75.41
N ILE B 653 27.92 37.98 -76.45
CA ILE B 653 27.70 38.50 -77.80
C ILE B 653 27.44 37.34 -78.77
N PRO B 654 26.19 36.87 -78.90
CA PRO B 654 25.87 35.84 -79.89
C PRO B 654 25.48 36.41 -81.26
N GLN B 655 26.29 37.35 -81.76
CA GLN B 655 26.04 37.90 -83.09
C GLN B 655 26.26 36.84 -84.16
N LEU B 656 27.42 36.18 -84.13
CA LEU B 656 27.72 35.04 -84.99
C LEU B 656 28.13 33.88 -84.09
N LYS B 657 27.14 33.15 -83.58
CA LYS B 657 27.39 31.98 -82.76
C LYS B 657 27.85 30.78 -83.59
N LYS B 658 27.38 30.67 -84.83
CA LYS B 658 27.85 29.59 -85.70
C LYS B 658 29.34 29.72 -85.98
N ASP B 659 29.84 30.95 -86.14
CA ASP B 659 31.27 31.14 -86.32
C ASP B 659 32.06 30.66 -85.11
N ILE B 660 31.55 30.95 -83.90
CA ILE B 660 32.21 30.48 -82.70
C ILE B 660 32.20 28.96 -82.65
N GLN B 661 31.08 28.33 -83.01
CA GLN B 661 31.02 26.87 -83.03
C GLN B 661 32.00 26.29 -84.04
N ASP B 662 32.11 26.91 -85.22
CA ASP B 662 33.05 26.41 -86.23
C ASP B 662 34.48 26.54 -85.76
N GLY B 663 34.83 27.68 -85.15
CA GLY B 663 36.17 27.84 -84.62
C GLY B 663 36.49 26.83 -83.52
N LEU B 664 35.53 26.61 -82.62
CA LEU B 664 35.73 25.62 -81.57
C LEU B 664 35.89 24.23 -82.15
N LEU B 665 35.10 23.90 -83.17
CA LEU B 665 35.23 22.59 -83.81
C LEU B 665 36.60 22.44 -84.46
N LYS B 666 37.07 23.47 -85.14
CA LYS B 666 38.40 23.40 -85.76
C LYS B 666 39.49 23.22 -84.71
N MET B 667 39.42 23.97 -83.61
CA MET B 667 40.42 23.84 -82.57
C MET B 667 40.39 22.45 -81.93
N LEU B 668 39.19 21.96 -81.61
CA LEU B 668 39.07 20.66 -80.95
C LEU B 668 39.50 19.54 -81.89
N SER B 669 39.23 19.68 -83.19
CA SER B 669 39.70 18.69 -84.16
C SER B 669 41.22 18.72 -84.27
N LEU B 670 41.80 19.92 -84.29
CA LEU B 670 43.26 20.01 -84.29
C LEU B 670 43.85 19.39 -83.05
N VAL B 671 43.13 19.45 -81.93
CA VAL B 671 43.64 18.89 -80.68
C VAL B 671 43.53 17.37 -80.66
N LEU B 672 42.33 16.85 -80.94
CA LEU B 672 42.04 15.45 -80.67
C LEU B 672 42.14 14.54 -81.89
N MET B 673 42.03 15.08 -83.10
CA MET B 673 42.04 14.24 -84.30
C MET B 673 43.45 13.80 -84.64
N HIS B 674 44.38 14.74 -84.80
CA HIS B 674 45.76 14.42 -85.14
C HIS B 674 46.68 15.59 -84.83
N ASP B 703 50.45 17.66 -74.52
CA ASP B 703 49.24 16.95 -74.91
C ASP B 703 48.31 16.78 -73.72
N VAL B 704 48.90 16.57 -72.55
CA VAL B 704 48.15 16.34 -71.33
C VAL B 704 47.25 17.53 -70.97
N GLY B 705 47.79 18.74 -71.02
CA GLY B 705 46.95 19.91 -70.85
C GLY B 705 45.98 20.09 -71.99
N SER B 706 46.42 19.80 -73.21
CA SER B 706 45.55 19.97 -74.37
C SER B 706 44.31 19.10 -74.29
N ILE B 707 44.48 17.80 -74.03
CA ILE B 707 43.35 16.89 -74.01
C ILE B 707 42.40 17.25 -72.86
N THR B 708 42.95 17.51 -71.68
CA THR B 708 42.11 17.86 -70.53
C THR B 708 41.32 19.13 -70.80
N LEU B 709 41.99 20.16 -71.31
CA LEU B 709 41.28 21.42 -71.59
C LEU B 709 40.21 21.22 -72.66
N ALA B 710 40.53 20.48 -73.71
CA ALA B 710 39.56 20.26 -74.78
C ALA B 710 38.33 19.52 -74.29
N LEU B 711 38.54 18.45 -73.51
CA LEU B 711 37.40 17.70 -72.99
C LEU B 711 36.58 18.53 -72.02
N ARG B 712 37.25 19.28 -71.14
CA ARG B 712 36.52 20.14 -70.21
C ARG B 712 35.70 21.19 -70.94
N THR B 713 36.28 21.82 -71.97
CA THR B 713 35.53 22.78 -72.75
C THR B 713 34.37 22.14 -73.48
N LEU B 714 34.58 20.96 -74.06
CA LEU B 714 33.50 20.27 -74.76
C LEU B 714 32.35 19.97 -73.82
N GLY B 715 32.65 19.57 -72.60
CA GLY B 715 31.59 19.36 -71.62
C GLY B 715 31.09 20.66 -71.03
N SER B 716 31.78 21.76 -71.30
CA SER B 716 31.50 23.01 -70.60
C SER B 716 30.44 23.84 -71.34
N PHE B 717 30.72 24.23 -72.57
CA PHE B 717 29.89 25.18 -73.29
C PHE B 717 28.80 24.45 -74.07
N GLU B 718 27.83 25.24 -74.54
CA GLU B 718 26.69 24.72 -75.28
C GLU B 718 26.91 24.84 -76.78
N PHE B 719 26.27 23.94 -77.52
CA PHE B 719 26.38 23.91 -78.98
C PHE B 719 25.13 23.22 -79.53
N GLU B 720 25.20 22.82 -80.80
CA GLU B 720 24.09 22.12 -81.44
C GLU B 720 24.60 21.17 -82.52
N LEU B 724 29.13 16.69 -83.30
CA LEU B 724 29.10 16.34 -81.87
C LEU B 724 28.83 14.85 -81.71
N THR B 725 27.99 14.30 -82.58
CA THR B 725 27.55 12.92 -82.47
C THR B 725 28.65 11.92 -82.76
N GLN B 726 29.71 12.32 -83.47
CA GLN B 726 30.82 11.41 -83.73
C GLN B 726 31.90 11.52 -82.68
N PHE B 727 31.96 12.65 -81.96
CA PHE B 727 33.03 12.85 -80.99
C PHE B 727 32.97 11.83 -79.86
N VAL B 728 31.76 11.55 -79.35
CA VAL B 728 31.64 10.56 -78.28
C VAL B 728 31.94 9.17 -78.82
N ARG B 729 31.50 8.87 -80.05
CA ARG B 729 31.87 7.61 -80.68
C ARG B 729 33.37 7.52 -80.91
N HIS B 730 34.04 8.67 -81.09
CA HIS B 730 35.49 8.71 -81.15
C HIS B 730 36.12 8.58 -79.77
N CYS B 731 35.36 8.89 -78.72
CA CYS B 731 35.89 8.98 -77.36
C CYS B 731 36.32 7.64 -76.81
N ALA B 732 35.88 6.53 -77.42
CA ALA B 732 36.29 5.20 -76.96
C ALA B 732 37.79 5.00 -77.01
N ASP B 733 38.51 5.78 -77.81
CA ASP B 733 39.95 5.66 -77.91
C ASP B 733 40.67 6.03 -76.62
N HIS B 734 40.11 6.93 -75.81
CA HIS B 734 40.91 7.57 -74.79
C HIS B 734 41.05 6.71 -73.54
N PHE B 735 39.96 6.55 -72.80
CA PHE B 735 40.05 6.02 -71.44
C PHE B 735 40.23 4.51 -71.40
N LEU B 736 39.80 3.79 -72.42
CA LEU B 736 40.02 2.36 -72.49
C LEU B 736 41.52 2.05 -72.43
N ASN B 737 42.34 2.93 -72.99
CA ASN B 737 43.78 2.75 -72.98
C ASN B 737 44.52 3.83 -72.19
N SER B 738 43.84 4.91 -71.80
CA SER B 738 44.50 5.98 -71.06
C SER B 738 44.91 5.52 -69.67
N GLU B 739 46.15 5.84 -69.31
CA GLU B 739 46.66 5.61 -67.97
C GLU B 739 46.74 6.89 -67.15
N HIS B 740 46.45 8.04 -67.76
CA HIS B 740 46.43 9.30 -67.04
C HIS B 740 45.05 9.49 -66.43
N LYS B 741 45.01 9.63 -65.11
CA LYS B 741 43.74 9.60 -64.38
C LYS B 741 42.81 10.74 -64.78
N GLU B 742 43.34 11.96 -64.86
CA GLU B 742 42.48 13.13 -65.02
C GLU B 742 41.75 13.12 -66.36
N ILE B 743 42.44 12.75 -67.44
CA ILE B 743 41.77 12.75 -68.75
C ILE B 743 40.67 11.70 -68.78
N ARG B 744 40.92 10.52 -68.21
CA ARG B 744 39.86 9.53 -68.12
C ARG B 744 38.67 10.07 -67.35
N MET B 745 38.93 10.71 -66.19
CA MET B 745 37.84 11.20 -65.37
C MET B 745 37.01 12.23 -66.11
N GLU B 746 37.67 13.19 -66.76
CA GLU B 746 36.91 14.25 -67.42
C GLU B 746 36.22 13.75 -68.67
N ALA B 747 36.82 12.79 -69.38
CA ALA B 747 36.12 12.16 -70.49
C ALA B 747 34.87 11.47 -70.00
N ALA B 748 34.95 10.80 -68.85
CA ALA B 748 33.77 10.21 -68.25
C ALA B 748 32.72 11.27 -67.96
N ARG B 749 33.15 12.41 -67.40
CA ARG B 749 32.21 13.47 -67.10
C ARG B 749 31.48 13.94 -68.36
N THR B 750 32.23 14.28 -69.41
CA THR B 750 31.60 14.84 -70.59
C THR B 750 30.72 13.81 -71.30
N CYS B 751 31.16 12.55 -71.33
CA CYS B 751 30.34 11.55 -71.99
C CYS B 751 29.06 11.25 -71.22
N SER B 752 29.13 11.21 -69.89
CA SER B 752 27.92 11.05 -69.11
C SER B 752 26.98 12.24 -69.32
N ARG B 753 27.54 13.45 -69.38
CA ARG B 753 26.70 14.63 -69.46
C ARG B 753 26.04 14.79 -70.83
N LEU B 754 26.80 14.61 -71.91
CA LEU B 754 26.42 15.17 -73.19
C LEU B 754 25.20 14.51 -73.83
N LEU B 755 24.95 13.23 -73.53
CA LEU B 755 23.95 12.47 -74.27
C LEU B 755 22.61 12.40 -73.55
N THR B 756 22.18 13.49 -72.92
CA THR B 756 20.93 13.46 -72.18
C THR B 756 19.66 13.27 -73.01
N PRO B 757 19.54 13.75 -74.26
CA PRO B 757 18.19 13.65 -74.87
C PRO B 757 17.86 12.23 -75.30
N SER B 758 17.42 11.44 -74.33
CA SER B 758 17.10 10.04 -74.55
C SER B 758 15.82 9.66 -73.82
N VAL B 769 13.73 11.95 -78.97
CA VAL B 769 13.83 10.51 -79.13
C VAL B 769 13.56 10.12 -80.57
N SER B 770 14.59 9.61 -81.25
CA SER B 770 14.49 9.23 -82.65
C SER B 770 15.08 7.83 -82.83
N GLN B 771 14.56 7.12 -83.83
CA GLN B 771 14.77 5.67 -83.94
C GLN B 771 16.00 5.34 -84.79
N THR B 772 17.12 6.01 -84.50
CA THR B 772 18.38 5.68 -85.15
C THR B 772 19.59 5.64 -84.22
N ALA B 773 19.59 6.40 -83.12
CA ALA B 773 20.80 6.65 -82.34
C ALA B 773 20.89 5.85 -81.05
N VAL B 774 19.97 4.92 -80.81
CA VAL B 774 20.01 4.15 -79.58
C VAL B 774 21.27 3.29 -79.52
N GLN B 775 21.83 2.94 -80.67
CA GLN B 775 23.02 2.10 -80.72
C GLN B 775 24.19 2.76 -79.98
N VAL B 776 24.50 4.01 -80.33
CA VAL B 776 25.68 4.65 -79.76
C VAL B 776 25.50 4.88 -78.26
N VAL B 777 24.30 5.28 -77.83
CA VAL B 777 24.09 5.50 -76.41
C VAL B 777 24.17 4.19 -75.65
N ALA B 778 23.66 3.10 -76.22
CA ALA B 778 23.78 1.81 -75.56
C ALA B 778 25.24 1.39 -75.41
N ASP B 779 26.02 1.54 -76.48
CA ASP B 779 27.43 1.15 -76.41
C ASP B 779 28.18 1.99 -75.39
N VAL B 780 27.95 3.31 -75.38
CA VAL B 780 28.67 4.14 -74.44
C VAL B 780 28.23 3.84 -73.02
N LEU B 781 26.95 3.53 -72.81
CA LEU B 781 26.50 3.11 -71.48
C LEU B 781 27.27 1.89 -71.02
N SER B 782 27.36 0.88 -71.88
CA SER B 782 28.14 -0.30 -71.53
C SER B 782 29.56 0.09 -71.14
N LYS B 783 30.17 0.95 -71.96
CA LYS B 783 31.57 1.30 -71.72
C LYS B 783 31.76 2.00 -70.39
N LEU B 784 30.98 3.04 -70.09
CA LEU B 784 31.28 3.74 -68.86
C LEU B 784 30.79 2.96 -67.65
N LEU B 785 29.74 2.15 -67.78
CA LEU B 785 29.37 1.29 -66.67
C LEU B 785 30.51 0.36 -66.31
N VAL B 786 31.09 -0.32 -67.30
CA VAL B 786 32.16 -1.25 -66.95
C VAL B 786 33.37 -0.50 -66.42
N VAL B 787 33.72 0.65 -67.01
CA VAL B 787 34.84 1.41 -66.47
C VAL B 787 34.61 1.84 -65.03
N GLY B 788 33.42 2.36 -64.73
CA GLY B 788 33.09 2.69 -63.35
C GLY B 788 33.05 1.50 -62.42
N ILE B 789 32.80 0.32 -62.97
CA ILE B 789 32.88 -0.89 -62.15
C ILE B 789 34.33 -1.18 -61.79
N THR B 790 35.25 -1.02 -62.74
CA THR B 790 36.49 -1.76 -62.69
C THR B 790 37.73 -0.97 -62.24
N ASP B 791 37.88 0.28 -62.63
CA ASP B 791 39.19 0.93 -62.54
C ASP B 791 39.66 1.00 -61.09
N PRO B 792 40.97 0.95 -60.82
CA PRO B 792 41.43 0.82 -59.42
C PRO B 792 41.10 1.97 -58.48
N ASP B 793 41.45 3.21 -58.83
CA ASP B 793 41.33 4.26 -57.81
C ASP B 793 39.86 4.53 -57.49
N PRO B 794 39.51 4.63 -56.20
CA PRO B 794 38.11 4.85 -55.83
C PRO B 794 37.53 6.19 -56.27
N ASP B 795 38.37 7.18 -56.55
CA ASP B 795 37.85 8.49 -56.94
C ASP B 795 37.05 8.40 -58.24
N ILE B 796 37.57 7.66 -59.23
CA ILE B 796 36.82 7.49 -60.46
C ILE B 796 35.54 6.71 -60.19
N ARG B 797 35.60 5.68 -59.35
CA ARG B 797 34.39 4.99 -58.92
C ARG B 797 33.32 5.99 -58.50
N TYR B 798 33.62 6.77 -57.46
CA TYR B 798 32.64 7.70 -56.90
C TYR B 798 32.19 8.69 -57.95
N CYS B 799 33.13 9.23 -58.72
CA CYS B 799 32.81 10.33 -59.61
C CYS B 799 31.88 9.86 -60.74
N VAL B 800 32.12 8.67 -61.29
CA VAL B 800 31.21 8.18 -62.30
C VAL B 800 29.88 7.79 -61.70
N LEU B 801 29.88 7.14 -60.53
CA LEU B 801 28.62 6.80 -59.89
C LEU B 801 27.75 8.03 -59.64
N ALA B 802 28.36 9.15 -59.27
CA ALA B 802 27.60 10.39 -59.15
C ALA B 802 26.91 10.74 -60.45
N SER B 803 27.58 10.54 -61.58
CA SER B 803 26.98 10.86 -62.87
C SER B 803 25.81 9.95 -63.21
N LEU B 804 25.71 8.79 -62.57
CA LEU B 804 24.62 7.86 -62.84
C LEU B 804 23.41 8.23 -61.98
N ASP B 805 22.76 9.31 -62.39
CA ASP B 805 21.57 9.79 -61.70
C ASP B 805 20.32 9.41 -62.49
N GLU B 806 19.17 9.94 -62.09
CA GLU B 806 17.90 9.58 -62.70
C GLU B 806 17.83 9.98 -64.16
N ARG B 807 18.70 10.87 -64.63
CA ARG B 807 18.60 11.38 -65.98
C ARG B 807 18.57 10.28 -67.03
N PHE B 808 18.95 9.05 -66.67
CA PHE B 808 18.84 7.90 -67.55
C PHE B 808 18.07 6.76 -66.89
N ASP B 809 17.16 7.12 -65.97
CA ASP B 809 16.51 6.11 -65.12
C ASP B 809 15.71 5.10 -65.94
N ALA B 810 14.91 5.56 -66.90
CA ALA B 810 14.03 4.65 -67.62
C ALA B 810 14.78 3.77 -68.61
N HIS B 811 16.06 4.04 -68.84
CA HIS B 811 16.84 3.24 -69.79
C HIS B 811 17.87 2.35 -69.13
N LEU B 812 18.10 2.50 -67.82
CA LEU B 812 19.01 1.61 -67.12
C LEU B 812 18.42 0.24 -66.85
N ALA B 813 17.16 0.02 -67.20
CA ALA B 813 16.45 -1.19 -66.81
C ALA B 813 16.84 -2.42 -67.62
N GLN B 814 17.93 -2.36 -68.38
CA GLN B 814 18.44 -3.57 -69.02
C GLN B 814 19.02 -4.49 -67.96
N ALA B 815 18.93 -5.79 -68.19
CA ALA B 815 19.34 -6.77 -67.20
C ALA B 815 20.83 -6.68 -66.89
N GLU B 816 21.64 -6.49 -67.93
CA GLU B 816 23.09 -6.43 -67.73
C GLU B 816 23.47 -5.25 -66.84
N ASN B 817 22.83 -4.10 -67.05
CA ASN B 817 23.08 -2.96 -66.19
C ASN B 817 22.79 -3.31 -64.74
N LEU B 818 21.67 -3.98 -64.51
CA LEU B 818 21.29 -4.33 -63.14
C LEU B 818 22.27 -5.30 -62.52
N GLN B 819 22.74 -6.29 -63.28
CA GLN B 819 23.70 -7.22 -62.68
C GLN B 819 25.03 -6.54 -62.39
N ALA B 820 25.46 -5.62 -63.26
CA ALA B 820 26.66 -4.84 -62.96
C ALA B 820 26.46 -4.01 -61.71
N LEU B 821 25.27 -3.45 -61.55
CA LEU B 821 24.98 -2.67 -60.35
C LEU B 821 25.00 -3.53 -59.10
N PHE B 822 24.41 -4.74 -59.15
CA PHE B 822 24.49 -5.63 -58.00
C PHE B 822 25.94 -5.95 -57.67
N VAL B 823 26.77 -6.16 -58.69
CA VAL B 823 28.19 -6.38 -58.42
C VAL B 823 28.78 -5.19 -57.70
N ALA B 824 28.47 -3.98 -58.17
CA ALA B 824 29.00 -2.78 -57.54
C ALA B 824 28.44 -2.54 -56.15
N LEU B 825 27.30 -3.15 -55.82
CA LEU B 825 26.56 -2.75 -54.64
C LEU B 825 27.37 -2.98 -53.37
N ASN B 826 28.29 -3.93 -53.39
CA ASN B 826 29.08 -4.22 -52.20
C ASN B 826 30.57 -4.08 -52.54
N ASP B 827 31.20 -3.08 -51.91
CA ASP B 827 32.61 -2.76 -51.98
C ASP B 827 33.07 -2.39 -50.57
N GLN B 828 34.26 -1.82 -50.44
CA GLN B 828 34.80 -1.52 -49.12
C GLN B 828 34.55 -0.07 -48.70
N VAL B 829 34.61 0.85 -49.65
CA VAL B 829 34.49 2.27 -49.30
C VAL B 829 33.03 2.69 -49.34
N PHE B 830 32.71 3.67 -48.49
CA PHE B 830 31.32 3.82 -48.04
C PHE B 830 30.55 4.90 -48.79
N GLU B 831 31.23 5.92 -49.32
CA GLU B 831 30.54 6.85 -50.17
C GLU B 831 29.88 6.13 -51.34
N ILE B 832 30.57 5.11 -51.87
CA ILE B 832 29.99 4.28 -52.91
C ILE B 832 28.82 3.47 -52.36
N ARG B 833 28.94 2.99 -51.12
CA ARG B 833 27.78 2.35 -50.48
C ARG B 833 26.56 3.23 -50.60
N GLU B 834 26.64 4.45 -50.07
CA GLU B 834 25.47 5.32 -50.07
C GLU B 834 24.98 5.58 -51.48
N LEU B 835 25.88 5.89 -52.42
CA LEU B 835 25.42 6.29 -53.74
C LEU B 835 24.76 5.13 -54.46
N ALA B 836 25.40 3.96 -54.44
CA ALA B 836 24.82 2.81 -55.12
C ALA B 836 23.50 2.40 -54.51
N ILE B 837 23.40 2.43 -53.18
CA ILE B 837 22.14 1.99 -52.60
C ILE B 837 21.05 3.00 -52.94
N CYS B 838 21.36 4.29 -52.98
CA CYS B 838 20.37 5.26 -53.44
C CYS B 838 19.95 4.97 -54.86
N THR B 839 20.92 4.69 -55.75
CA THR B 839 20.59 4.42 -57.14
C THR B 839 19.64 3.25 -57.26
N VAL B 840 19.96 2.14 -56.59
CA VAL B 840 19.12 0.95 -56.73
C VAL B 840 17.76 1.18 -56.08
N GLY B 841 17.72 1.89 -54.95
CA GLY B 841 16.44 2.19 -54.33
C GLY B 841 15.54 3.00 -55.22
N ARG B 842 16.10 4.00 -55.90
CA ARG B 842 15.33 4.68 -56.94
C ARG B 842 14.91 3.70 -58.02
N LEU B 843 15.79 2.80 -58.41
CA LEU B 843 15.53 1.83 -59.46
C LEU B 843 14.51 0.79 -59.07
N SER B 844 14.12 0.72 -57.80
CA SER B 844 13.36 -0.43 -57.32
C SER B 844 12.02 -0.57 -58.02
N SER B 845 11.14 0.41 -57.88
CA SER B 845 9.72 0.18 -58.10
C SER B 845 9.34 -0.09 -59.54
N MET B 846 10.21 0.18 -60.52
CA MET B 846 9.80 -0.05 -61.89
C MET B 846 10.09 -1.47 -62.37
N ASN B 847 10.99 -2.19 -61.70
CA ASN B 847 11.26 -3.58 -62.04
C ASN B 847 11.62 -4.39 -60.80
N PRO B 848 10.63 -4.92 -60.11
CA PRO B 848 10.91 -5.70 -58.89
C PRO B 848 11.65 -6.99 -59.21
N ALA B 849 11.37 -7.52 -60.40
CA ALA B 849 11.70 -8.90 -60.72
C ALA B 849 13.16 -9.21 -60.45
N PHE B 850 14.06 -8.26 -60.74
CA PHE B 850 15.46 -8.50 -60.45
C PHE B 850 15.82 -8.07 -59.03
N VAL B 851 15.52 -6.82 -58.69
CA VAL B 851 16.09 -6.23 -57.49
C VAL B 851 15.55 -6.83 -56.19
N MET B 852 14.26 -7.17 -56.12
CA MET B 852 13.62 -7.43 -54.85
C MET B 852 14.33 -8.48 -54.00
N PRO B 853 14.70 -9.64 -54.55
CA PRO B 853 15.35 -10.64 -53.70
C PRO B 853 16.63 -10.12 -53.08
N PHE B 854 17.46 -9.48 -53.89
CA PHE B 854 18.72 -8.95 -53.35
C PHE B 854 18.44 -7.87 -52.33
N LEU B 855 17.42 -7.06 -52.56
CA LEU B 855 17.02 -6.04 -51.59
C LEU B 855 16.65 -6.66 -50.25
N ARG B 856 15.87 -7.75 -50.28
CA ARG B 856 15.46 -8.38 -49.03
C ARG B 856 16.67 -8.92 -48.28
N LYS B 857 17.57 -9.59 -49.00
CA LYS B 857 18.78 -10.05 -48.32
C LYS B 857 19.51 -8.87 -47.68
N MET B 858 19.69 -7.79 -48.43
CA MET B 858 20.34 -6.62 -47.87
C MET B 858 19.65 -6.19 -46.58
N LEU B 859 18.37 -5.87 -46.65
CA LEU B 859 17.65 -5.36 -45.49
C LEU B 859 17.87 -6.24 -44.27
N ILE B 860 17.76 -7.57 -44.44
CA ILE B 860 18.08 -8.48 -43.35
C ILE B 860 19.51 -8.23 -42.86
N GLN B 861 20.44 -8.05 -43.79
CA GLN B 861 21.83 -7.96 -43.40
C GLN B 861 22.08 -6.70 -42.58
N ILE B 862 21.55 -5.57 -43.04
CA ILE B 862 21.67 -4.32 -42.30
C ILE B 862 21.05 -4.44 -40.91
N LEU B 863 19.89 -5.09 -40.80
CA LEU B 863 19.36 -5.30 -39.46
C LEU B 863 20.35 -6.06 -38.58
N THR B 864 20.95 -7.11 -39.14
CA THR B 864 21.89 -7.91 -38.38
C THR B 864 23.08 -7.08 -37.90
N GLU B 865 23.67 -6.24 -38.76
CA GLU B 865 24.73 -5.39 -38.20
C GLU B 865 24.18 -4.45 -37.15
N LEU B 866 23.05 -3.78 -37.42
CA LEU B 866 22.57 -2.77 -36.48
C LEU B 866 22.41 -3.34 -35.09
N GLU B 867 22.07 -4.62 -34.97
CA GLU B 867 21.82 -5.13 -33.63
C GLU B 867 22.98 -5.92 -33.05
N HIS B 868 23.66 -6.80 -33.81
CA HIS B 868 24.79 -7.51 -33.22
C HIS B 868 26.16 -6.86 -33.39
N SER B 869 26.29 -5.74 -34.07
CA SER B 869 27.61 -5.14 -34.21
C SER B 869 27.99 -4.43 -32.92
N GLY B 870 29.10 -4.86 -32.32
CA GLY B 870 29.59 -4.24 -31.11
C GLY B 870 30.54 -3.10 -31.43
N ILE B 871 30.38 -2.51 -32.59
CA ILE B 871 31.22 -1.40 -33.04
C ILE B 871 30.32 -0.27 -33.49
N GLY B 872 30.56 0.93 -32.96
CA GLY B 872 29.72 2.07 -33.30
C GLY B 872 29.79 2.45 -34.77
N ARG B 873 30.97 2.31 -35.38
CA ARG B 873 31.14 2.68 -36.77
C ARG B 873 30.15 1.94 -37.66
N ILE B 874 30.09 0.61 -37.50
CA ILE B 874 29.18 -0.19 -38.30
C ILE B 874 27.74 0.21 -38.02
N LYS B 875 27.42 0.52 -36.76
CA LYS B 875 26.05 0.89 -36.42
C LYS B 875 25.63 2.16 -37.14
N GLU B 876 26.47 3.19 -37.09
CA GLU B 876 26.15 4.44 -37.79
C GLU B 876 26.06 4.21 -39.30
N GLN B 877 26.97 3.40 -39.83
CA GLN B 877 26.97 3.14 -41.27
C GLN B 877 25.69 2.46 -41.71
N SER B 878 25.25 1.46 -40.93
CA SER B 878 23.96 0.81 -41.20
C SER B 878 22.81 1.79 -41.09
N ALA B 879 22.88 2.71 -40.12
CA ALA B 879 21.81 3.71 -40.00
C ALA B 879 21.71 4.55 -41.26
N ARG B 880 22.85 5.00 -41.79
CA ARG B 880 22.83 5.82 -42.99
C ARG B 880 22.35 5.03 -44.21
N MET B 881 22.78 3.77 -44.31
CA MET B 881 22.11 2.83 -45.21
C MET B 881 20.60 2.91 -45.09
N LEU B 882 20.07 2.76 -43.88
CA LEU B 882 18.63 2.72 -43.69
C LEU B 882 18.00 4.02 -44.16
N GLY B 883 18.63 5.15 -43.85
CA GLY B 883 18.09 6.42 -44.25
C GLY B 883 17.96 6.55 -45.76
N HIS B 884 19.02 6.22 -46.49
CA HIS B 884 18.93 6.33 -47.94
C HIS B 884 17.97 5.29 -48.52
N LEU B 885 17.86 4.12 -47.88
CA LEU B 885 16.82 3.18 -48.27
C LEU B 885 15.44 3.80 -48.17
N VAL B 886 15.11 4.35 -47.01
CA VAL B 886 13.77 4.88 -46.81
C VAL B 886 13.52 6.03 -47.76
N SER B 887 14.54 6.84 -48.02
CA SER B 887 14.38 7.94 -48.97
C SER B 887 14.11 7.44 -50.38
N ASN B 888 14.84 6.42 -50.83
CA ASN B 888 14.79 6.03 -52.24
C ASN B 888 13.65 5.06 -52.55
N ALA B 889 13.10 4.38 -51.54
CA ALA B 889 12.05 3.38 -51.73
C ALA B 889 10.79 3.85 -51.02
N PRO B 890 9.85 4.46 -51.75
CA PRO B 890 8.67 5.00 -51.08
C PRO B 890 7.70 3.93 -50.63
N ARG B 891 7.39 2.97 -51.48
CA ARG B 891 6.33 2.02 -51.18
C ARG B 891 6.85 0.69 -50.66
N LEU B 892 8.06 0.30 -51.02
CA LEU B 892 8.54 -1.03 -50.68
C LEU B 892 8.77 -1.19 -49.18
N ILE B 893 9.26 -0.14 -48.52
CA ILE B 893 9.60 -0.26 -47.11
C ILE B 893 8.37 -0.32 -46.21
N ARG B 894 7.20 0.01 -46.73
CA ARG B 894 6.03 0.16 -45.88
C ARG B 894 5.68 -1.10 -45.09
N PRO B 895 5.66 -2.29 -45.70
CA PRO B 895 5.28 -3.49 -44.93
C PRO B 895 6.22 -3.86 -43.79
N TYR B 896 7.47 -3.42 -43.81
CA TYR B 896 8.45 -3.83 -42.81
C TYR B 896 8.68 -2.76 -41.76
N MET B 897 7.70 -1.90 -41.54
CA MET B 897 7.91 -0.78 -40.62
C MET B 897 8.10 -1.27 -39.19
N GLU B 898 7.32 -2.25 -38.76
CA GLU B 898 7.29 -2.60 -37.33
C GLU B 898 8.66 -2.99 -36.81
N PRO B 899 9.37 -3.96 -37.39
CA PRO B 899 10.69 -4.30 -36.85
C PRO B 899 11.66 -3.14 -36.94
N ILE B 900 11.62 -2.37 -38.03
CA ILE B 900 12.50 -1.22 -38.15
C ILE B 900 12.32 -0.30 -36.96
N LEU B 901 11.10 0.20 -36.76
CA LEU B 901 10.88 1.19 -35.72
C LEU B 901 11.20 0.62 -34.35
N LYS B 902 10.83 -0.63 -34.09
CA LYS B 902 11.05 -1.14 -32.74
C LYS B 902 12.54 -1.32 -32.46
N ALA B 903 13.29 -1.82 -33.45
CA ALA B 903 14.74 -1.92 -33.27
C ALA B 903 15.36 -0.56 -33.02
N LEU B 904 14.97 0.44 -33.83
CA LEU B 904 15.59 1.75 -33.67
C LEU B 904 15.25 2.39 -32.33
N ILE B 905 13.98 2.30 -31.90
CA ILE B 905 13.61 2.91 -30.63
C ILE B 905 14.28 2.20 -29.48
N LEU B 906 14.41 0.88 -29.53
CA LEU B 906 15.19 0.22 -28.50
C LEU B 906 16.64 0.65 -28.55
N LYS B 907 17.14 1.01 -29.73
CA LYS B 907 18.50 1.51 -29.83
C LYS B 907 18.66 2.87 -29.16
N LEU B 908 17.65 3.75 -29.28
CA LEU B 908 17.78 5.07 -28.68
C LEU B 908 17.83 5.03 -27.16
N LYS B 909 17.18 4.06 -26.52
CA LYS B 909 17.16 3.99 -25.06
C LYS B 909 18.32 3.15 -24.55
N ASP B 910 19.43 3.18 -25.29
CA ASP B 910 20.60 2.39 -24.93
C ASP B 910 21.15 2.83 -23.58
N PRO B 911 21.33 1.88 -22.65
CA PRO B 911 21.96 2.16 -21.37
C PRO B 911 23.48 2.26 -21.48
N ASN B 916 30.63 7.88 -29.84
CA ASN B 916 30.24 8.96 -30.75
C ASN B 916 28.72 9.08 -30.84
N PRO B 917 28.19 10.26 -30.53
CA PRO B 917 26.75 10.49 -30.60
C PRO B 917 26.21 10.66 -32.01
N GLY B 918 27.07 10.65 -33.03
CA GLY B 918 26.59 10.72 -34.40
C GLY B 918 25.66 9.60 -34.75
N VAL B 919 25.80 8.44 -34.08
CA VAL B 919 24.83 7.38 -34.24
C VAL B 919 23.45 7.88 -33.86
N ILE B 920 23.35 8.67 -32.77
CA ILE B 920 22.06 9.22 -32.37
C ILE B 920 21.55 10.19 -33.41
N ASN B 921 22.44 11.01 -33.97
CA ASN B 921 22.05 11.93 -35.02
C ASN B 921 21.43 11.18 -36.20
N ASN B 922 22.10 10.13 -36.67
CA ASN B 922 21.61 9.44 -37.85
C ASN B 922 20.34 8.65 -37.55
N VAL B 923 20.25 8.02 -36.38
CA VAL B 923 19.01 7.32 -36.06
C VAL B 923 17.85 8.31 -36.00
N LEU B 924 18.08 9.51 -35.47
CA LEU B 924 17.01 10.49 -35.46
C LEU B 924 16.61 10.92 -36.86
N ALA B 925 17.58 11.16 -37.74
CA ALA B 925 17.25 11.55 -39.11
C ALA B 925 16.43 10.45 -39.78
N THR B 926 16.88 9.21 -39.65
CA THR B 926 16.16 8.10 -40.25
C THR B 926 14.76 7.96 -39.67
N ILE B 927 14.61 8.07 -38.35
CA ILE B 927 13.31 7.84 -37.75
C ILE B 927 12.34 8.95 -38.15
N GLY B 928 12.84 10.17 -38.33
CA GLY B 928 12.02 11.21 -38.90
C GLY B 928 11.57 10.86 -40.32
N GLU B 929 12.48 10.31 -41.12
CA GLU B 929 12.07 9.92 -42.47
C GLU B 929 11.02 8.81 -42.43
N LEU B 930 11.18 7.85 -41.52
CA LEU B 930 10.16 6.82 -41.34
C LEU B 930 8.82 7.43 -40.97
N ALA B 931 8.84 8.45 -40.12
CA ALA B 931 7.61 9.20 -39.87
C ALA B 931 7.06 9.79 -41.15
N GLN B 932 7.94 10.32 -42.00
CA GLN B 932 7.49 10.93 -43.26
C GLN B 932 6.75 9.92 -44.12
N VAL B 933 7.32 8.73 -44.30
CA VAL B 933 6.71 7.78 -45.21
C VAL B 933 5.40 7.23 -44.64
N SER B 934 5.31 7.14 -43.32
CA SER B 934 4.22 6.45 -42.65
C SER B 934 3.28 7.46 -42.02
N GLY B 935 2.06 7.54 -42.54
CA GLY B 935 1.03 8.38 -41.96
C GLY B 935 0.05 7.54 -41.16
N LEU B 936 -0.18 7.97 -39.92
CA LEU B 936 -1.09 7.38 -38.94
C LEU B 936 -0.73 5.96 -38.54
N GLU B 937 0.38 5.41 -39.01
CA GLU B 937 0.76 4.07 -38.60
C GLU B 937 1.76 4.06 -37.46
N MET B 938 2.15 5.22 -36.93
CA MET B 938 3.00 5.29 -35.75
C MET B 938 2.22 5.61 -34.49
N ARG B 939 0.90 5.38 -34.48
CA ARG B 939 0.08 5.79 -33.35
C ARG B 939 0.53 5.14 -32.05
N LYS B 940 0.93 3.88 -32.11
CA LYS B 940 1.27 3.14 -30.90
C LYS B 940 2.70 3.38 -30.44
N TRP B 941 3.42 4.32 -31.05
CA TRP B 941 4.79 4.60 -30.65
C TRP B 941 5.07 6.07 -30.41
N VAL B 942 4.08 6.95 -30.54
CA VAL B 942 4.32 8.38 -30.38
C VAL B 942 4.77 8.73 -28.97
N ASP B 943 4.27 8.02 -27.95
CA ASP B 943 4.50 8.44 -26.57
C ASP B 943 5.96 8.35 -26.18
N GLU B 944 6.58 7.18 -26.42
CA GLU B 944 7.98 7.02 -26.05
C GLU B 944 8.86 7.94 -26.88
N LEU B 945 8.50 8.14 -28.15
CA LEU B 945 9.25 9.10 -28.95
C LEU B 945 9.20 10.48 -28.34
N PHE B 946 8.01 10.94 -27.93
CA PHE B 946 7.93 12.27 -27.34
C PHE B 946 8.77 12.35 -26.08
N ILE B 947 8.65 11.35 -25.19
CA ILE B 947 9.37 11.46 -23.93
C ILE B 947 10.87 11.49 -24.17
N ILE B 948 11.37 10.64 -25.07
CA ILE B 948 12.80 10.59 -25.30
C ILE B 948 13.28 11.86 -25.98
N ILE B 949 12.51 12.38 -26.93
CA ILE B 949 12.93 13.59 -27.62
C ILE B 949 12.97 14.78 -26.69
N MET B 950 11.94 15.00 -25.89
CA MET B 950 11.98 16.16 -25.00
C MET B 950 12.98 15.97 -23.87
N ASP B 951 13.25 14.72 -23.47
CA ASP B 951 14.36 14.49 -22.56
C ASP B 951 15.68 14.91 -23.20
N MET B 952 15.85 14.62 -24.48
CA MET B 952 17.03 15.10 -25.19
C MET B 952 17.04 16.62 -25.27
N LEU B 953 15.87 17.23 -25.45
CA LEU B 953 15.79 18.68 -25.59
C LEU B 953 15.87 19.37 -24.23
N GLN B 954 14.89 19.10 -23.36
CA GLN B 954 14.90 19.68 -22.03
C GLN B 954 16.14 19.19 -21.28
N ASP B 955 16.82 20.14 -20.64
CA ASP B 955 18.10 19.87 -20.00
C ASP B 955 19.06 19.19 -20.98
N SER B 956 19.19 19.79 -22.16
CA SER B 956 20.07 19.26 -23.18
C SER B 956 21.50 19.37 -22.67
N SER B 957 22.08 18.23 -22.29
CA SER B 957 23.43 18.20 -21.73
C SER B 957 24.46 18.71 -22.72
N LEU B 958 24.33 18.35 -24.00
CA LEU B 958 25.24 18.81 -25.03
C LEU B 958 24.47 19.64 -26.05
N LEU B 959 25.11 20.70 -26.52
CA LEU B 959 24.58 21.52 -27.62
C LEU B 959 24.87 20.83 -28.95
N ALA B 960 24.37 19.61 -29.06
CA ALA B 960 24.58 18.75 -30.22
C ALA B 960 23.72 19.23 -31.38
N LYS B 961 23.58 18.37 -32.38
CA LYS B 961 22.83 18.77 -33.57
C LYS B 961 21.36 18.90 -33.20
N ARG B 962 21.01 20.05 -32.65
CA ARG B 962 19.65 20.33 -32.21
C ARG B 962 18.71 20.54 -33.38
N GLN B 963 19.14 21.28 -34.41
CA GLN B 963 18.23 21.66 -35.47
C GLN B 963 17.60 20.43 -36.13
N VAL B 964 18.40 19.39 -36.35
CA VAL B 964 17.81 18.16 -36.88
C VAL B 964 16.89 17.53 -35.84
N ALA B 965 17.26 17.58 -34.57
CA ALA B 965 16.39 17.01 -33.54
C ALA B 965 15.06 17.73 -33.49
N LEU B 966 15.08 19.06 -33.56
CA LEU B 966 13.84 19.81 -33.62
C LEU B 966 13.06 19.47 -34.88
N TRP B 967 13.76 19.30 -36.00
CA TRP B 967 13.06 18.97 -37.24
C TRP B 967 12.33 17.63 -37.12
N THR B 968 12.99 16.64 -36.53
CA THR B 968 12.31 15.37 -36.27
C THR B 968 11.11 15.57 -35.36
N LEU B 969 11.30 16.25 -34.22
CA LEU B 969 10.20 16.39 -33.29
C LEU B 969 9.01 17.07 -33.94
N GLY B 970 9.26 18.09 -34.75
CA GLY B 970 8.18 18.71 -35.52
C GLY B 970 7.58 17.78 -36.55
N GLN B 971 8.39 16.92 -37.15
CA GLN B 971 7.90 16.10 -38.26
C GLN B 971 6.77 15.17 -37.85
N LEU B 972 6.87 14.54 -36.69
CA LEU B 972 5.91 13.54 -36.27
C LEU B 972 4.50 14.09 -36.13
N VAL B 973 4.32 15.21 -35.44
CA VAL B 973 2.99 15.74 -35.22
C VAL B 973 2.29 16.12 -36.52
N ALA B 974 2.99 16.72 -37.48
CA ALA B 974 2.40 17.07 -38.75
C ALA B 974 1.97 15.86 -39.55
N SER B 975 2.46 14.68 -39.20
CA SER B 975 2.07 13.44 -39.86
C SER B 975 1.08 12.63 -39.03
N THR B 976 1.36 12.46 -37.74
CA THR B 976 0.48 11.68 -36.88
C THR B 976 -0.89 12.33 -36.71
N GLY B 977 -0.94 13.66 -36.80
CA GLY B 977 -2.17 14.36 -36.48
C GLY B 977 -2.33 14.51 -34.99
N TYR B 978 -1.21 14.47 -34.27
CA TYR B 978 -1.17 14.61 -32.82
C TYR B 978 -0.98 16.10 -32.58
N VAL B 979 -1.98 16.75 -31.99
CA VAL B 979 -2.10 18.19 -32.18
C VAL B 979 -2.02 19.04 -30.90
N VAL B 980 -2.79 18.71 -29.87
CA VAL B 980 -2.94 19.62 -28.74
C VAL B 980 -2.69 18.96 -27.38
N GLU B 981 -2.76 17.64 -27.28
CA GLU B 981 -2.54 16.99 -25.99
C GLU B 981 -1.19 17.31 -25.34
N PRO B 982 -0.06 17.39 -26.07
CA PRO B 982 1.23 17.56 -25.39
C PRO B 982 1.30 18.79 -24.50
N TYR B 983 0.60 19.88 -24.83
CA TYR B 983 0.75 21.09 -24.04
C TYR B 983 0.29 20.90 -22.60
N ARG B 984 -0.71 20.05 -22.36
CA ARG B 984 -1.04 19.73 -20.99
C ARG B 984 -0.34 18.48 -20.49
N LYS B 985 -0.27 17.41 -21.29
CA LYS B 985 0.34 16.21 -20.75
C LYS B 985 1.85 16.32 -20.70
N TYR B 986 2.43 17.35 -21.29
CA TYR B 986 3.83 17.71 -21.09
C TYR B 986 3.86 19.21 -20.84
N PRO B 987 3.51 19.63 -19.63
CA PRO B 987 3.26 21.05 -19.37
C PRO B 987 4.44 21.98 -19.64
N THR B 988 5.66 21.50 -19.55
CA THR B 988 6.84 22.35 -19.71
C THR B 988 7.20 22.58 -21.17
N LEU B 989 6.41 22.04 -22.10
CA LEU B 989 6.78 22.05 -23.50
C LEU B 989 6.87 23.47 -24.06
N LEU B 990 5.84 24.28 -23.86
CA LEU B 990 5.76 25.56 -24.56
C LEU B 990 6.85 26.53 -24.12
N GLU B 991 7.14 26.57 -22.82
CA GLU B 991 8.12 27.54 -22.34
C GLU B 991 9.51 27.25 -22.90
N VAL B 992 9.92 25.98 -22.86
CA VAL B 992 11.21 25.63 -23.44
C VAL B 992 11.17 25.75 -24.95
N LEU B 993 10.00 25.62 -25.56
CA LEU B 993 9.88 25.93 -26.98
C LEU B 993 10.23 27.39 -27.25
N LEU B 994 9.70 28.29 -26.43
CA LEU B 994 9.93 29.72 -26.64
C LEU B 994 11.33 30.16 -26.26
N ASN B 995 11.94 29.48 -25.28
CA ASN B 995 13.22 29.93 -24.74
C ASN B 995 14.30 30.05 -25.80
N PHE B 996 14.35 29.13 -26.75
CA PHE B 996 15.38 29.18 -27.78
C PHE B 996 15.34 30.45 -28.60
N LEU B 997 14.16 31.07 -28.74
CA LEU B 997 14.02 32.24 -29.59
C LEU B 997 14.91 33.39 -29.14
N LYS B 998 15.03 33.62 -27.84
CA LYS B 998 15.92 34.65 -27.33
C LYS B 998 17.35 34.17 -27.13
N THR B 999 17.58 32.86 -27.12
CA THR B 999 18.92 32.34 -26.87
C THR B 999 19.61 31.87 -28.16
N GLU B 1000 18.98 30.94 -28.88
CA GLU B 1000 19.59 30.43 -30.09
C GLU B 1000 19.33 31.37 -31.26
N GLN B 1001 20.34 31.50 -32.12
CA GLN B 1001 20.36 32.55 -33.13
C GLN B 1001 20.25 32.06 -34.57
N ASN B 1002 20.60 30.81 -34.86
CA ASN B 1002 20.66 30.37 -36.25
C ASN B 1002 19.28 30.43 -36.89
N GLN B 1003 19.22 30.99 -38.09
CA GLN B 1003 17.95 31.24 -38.75
C GLN B 1003 17.18 29.95 -39.01
N GLY B 1004 17.87 28.90 -39.43
CA GLY B 1004 17.20 27.63 -39.66
C GLY B 1004 16.56 27.08 -38.40
N THR B 1005 17.29 27.14 -37.29
CA THR B 1005 16.73 26.68 -36.02
C THR B 1005 15.50 27.50 -35.66
N ARG B 1006 15.55 28.81 -35.85
CA ARG B 1006 14.41 29.65 -35.57
C ARG B 1006 13.20 29.29 -36.42
N ARG B 1007 13.42 29.09 -37.71
CA ARG B 1007 12.27 28.79 -38.57
C ARG B 1007 11.72 27.41 -38.25
N GLU B 1008 12.58 26.48 -37.86
CA GLU B 1008 12.09 25.18 -37.40
C GLU B 1008 11.25 25.33 -36.14
N ALA B 1009 11.70 26.15 -35.20
CA ALA B 1009 10.94 26.33 -33.97
C ALA B 1009 9.57 26.92 -34.25
N ILE B 1010 9.53 27.98 -35.07
CA ILE B 1010 8.24 28.58 -35.37
C ILE B 1010 7.38 27.65 -36.20
N ARG B 1011 7.98 26.79 -37.03
CA ARG B 1011 7.22 25.75 -37.69
C ARG B 1011 6.55 24.85 -36.67
N VAL B 1012 7.30 24.42 -35.66
CA VAL B 1012 6.72 23.57 -34.62
C VAL B 1012 5.56 24.29 -33.97
N LEU B 1013 5.77 25.55 -33.59
CA LEU B 1013 4.71 26.30 -32.92
C LEU B 1013 3.47 26.40 -33.79
N GLY B 1014 3.65 26.73 -35.06
CA GLY B 1014 2.51 26.82 -35.96
C GLY B 1014 1.78 25.51 -36.09
N LEU B 1015 2.51 24.41 -36.23
CA LEU B 1015 1.85 23.11 -36.33
C LEU B 1015 1.06 22.79 -35.08
N LEU B 1016 1.65 23.05 -33.90
CA LEU B 1016 0.87 22.94 -32.68
C LEU B 1016 -0.30 23.91 -32.70
N GLY B 1017 0.00 25.21 -32.71
CA GLY B 1017 -0.97 26.18 -33.15
C GLY B 1017 -1.77 26.91 -32.08
N ALA B 1018 -1.33 28.11 -31.75
CA ALA B 1018 -2.16 29.15 -31.12
C ALA B 1018 -3.02 28.60 -29.98
N LEU B 1019 -2.35 28.12 -28.94
CA LEU B 1019 -3.06 27.84 -27.69
C LEU B 1019 -3.40 29.14 -27.00
N ASP B 1020 -4.68 29.40 -26.82
CA ASP B 1020 -5.11 30.64 -26.20
C ASP B 1020 -4.60 30.74 -24.77
N PRO B 1021 -4.21 31.93 -24.32
CA PRO B 1021 -3.48 32.04 -23.05
C PRO B 1021 -4.22 31.49 -21.86
N TYR B 1022 -5.55 31.47 -21.90
CA TYR B 1022 -6.28 30.99 -20.74
C TYR B 1022 -5.91 29.55 -20.40
N LYS B 1023 -5.89 28.69 -21.42
CA LYS B 1023 -5.49 27.31 -21.18
C LYS B 1023 -4.02 27.22 -20.78
N HIS B 1024 -3.18 28.11 -21.30
CA HIS B 1024 -1.78 28.10 -20.93
C HIS B 1024 -1.61 28.39 -19.45
N LYS B 1025 -2.41 29.30 -18.91
CA LYS B 1025 -2.41 29.53 -17.47
C LYS B 1025 -3.06 28.39 -16.70
N VAL B 1026 -4.12 27.80 -17.25
CA VAL B 1026 -4.78 26.68 -16.57
C VAL B 1026 -3.79 25.55 -16.35
N ASN B 1027 -3.02 25.21 -17.38
CA ASN B 1027 -1.96 24.24 -17.22
C ASN B 1027 -0.69 24.87 -16.66
N ILE B 1028 -0.72 26.17 -16.37
CA ILE B 1028 0.42 26.89 -15.82
C ILE B 1028 1.59 26.87 -16.80
N SER B 1052 13.62 36.19 4.06
CA SER B 1052 13.98 37.33 3.23
C SER B 1052 13.09 37.42 2.00
N ASP B 1053 12.22 36.41 1.84
CA ASP B 1053 11.30 36.34 0.72
C ASP B 1053 10.04 37.17 0.95
N TYR B 1054 9.83 37.65 2.17
CA TYR B 1054 8.76 38.59 2.46
C TYR B 1054 9.27 39.90 3.03
N SER B 1055 10.55 39.94 3.42
CA SER B 1055 11.11 41.14 4.01
C SER B 1055 11.14 42.30 3.03
N THR B 1056 11.09 42.01 1.72
CA THR B 1056 11.14 43.07 0.73
C THR B 1056 9.97 44.03 0.85
N SER B 1057 8.76 43.49 1.06
CA SER B 1057 7.55 44.31 1.06
C SER B 1057 7.60 45.41 2.11
N GLU B 1058 8.09 45.09 3.31
CA GLU B 1058 8.22 46.12 4.33
C GLU B 1058 9.51 46.92 4.18
N MET B 1059 10.64 46.23 4.01
CA MET B 1059 11.94 46.87 4.12
C MET B 1059 12.25 47.79 2.94
N LEU B 1060 11.96 47.34 1.71
CA LEU B 1060 12.34 48.13 0.55
C LEU B 1060 11.56 49.43 0.45
N VAL B 1061 10.50 49.58 1.24
CA VAL B 1061 9.70 50.80 1.24
C VAL B 1061 9.65 51.45 2.62
N ASN B 1062 10.13 50.79 3.66
CA ASN B 1062 9.95 51.24 5.04
C ASN B 1062 8.48 51.53 5.32
N MET B 1063 7.65 50.49 5.17
CA MET B 1063 6.23 50.64 5.40
C MET B 1063 5.93 51.02 6.84
N GLY B 1064 6.67 50.46 7.79
CA GLY B 1064 6.49 50.73 9.21
C GLY B 1064 6.87 52.12 9.66
N ASN B 1065 7.22 53.02 8.73
CA ASN B 1065 7.55 54.41 9.05
C ASN B 1065 8.72 54.49 10.02
N LEU B 1066 9.74 53.66 9.78
CA LEU B 1066 10.91 53.67 10.64
C LEU B 1066 11.76 54.90 10.33
N PRO B 1067 12.29 55.58 11.35
CA PRO B 1067 13.24 56.67 11.08
C PRO B 1067 14.50 56.16 10.40
N LEU B 1068 15.16 57.09 9.72
CA LEU B 1068 16.22 56.73 8.78
C LEU B 1068 17.42 56.07 9.45
N ASP B 1069 17.81 56.55 10.64
CA ASP B 1069 19.13 56.16 11.16
C ASP B 1069 19.23 54.66 11.39
N GLU B 1070 18.22 54.04 11.97
CA GLU B 1070 18.25 52.59 12.19
C GLU B 1070 17.87 51.85 10.91
N PHE B 1071 17.37 52.57 9.92
CA PHE B 1071 16.94 51.97 8.67
C PHE B 1071 18.10 51.55 7.79
N TYR B 1072 19.21 52.27 7.82
CA TYR B 1072 20.38 51.86 7.05
C TYR B 1072 20.90 50.49 7.46
N PRO B 1073 21.06 50.19 8.76
CA PRO B 1073 21.53 48.84 9.11
C PRO B 1073 20.66 47.73 8.54
N ALA B 1074 19.34 47.91 8.55
CA ALA B 1074 18.47 46.84 8.07
C ALA B 1074 18.70 46.54 6.59
N VAL B 1075 18.79 47.58 5.77
CA VAL B 1075 18.96 47.36 4.34
C VAL B 1075 20.35 46.81 4.04
N SER B 1076 21.38 47.34 4.71
CA SER B 1076 22.71 46.76 4.53
C SER B 1076 22.72 45.31 4.94
N MET B 1077 22.01 44.98 6.01
CA MET B 1077 21.96 43.61 6.51
C MET B 1077 21.32 42.68 5.49
N VAL B 1078 20.17 43.06 4.96
CA VAL B 1078 19.50 42.21 3.97
C VAL B 1078 20.38 42.08 2.73
N ALA B 1079 21.04 43.17 2.32
CA ALA B 1079 21.96 43.08 1.20
C ALA B 1079 23.02 42.03 1.44
N LEU B 1080 23.66 42.07 2.60
CA LEU B 1080 24.71 41.10 2.90
C LEU B 1080 24.16 39.68 2.95
N MET B 1081 23.00 39.50 3.59
CA MET B 1081 22.45 38.15 3.71
C MET B 1081 22.02 37.60 2.37
N ARG B 1082 21.78 38.47 1.40
CA ARG B 1082 21.46 37.96 0.06
C ARG B 1082 22.62 37.21 -0.55
N ILE B 1083 23.83 37.76 -0.46
CA ILE B 1083 24.97 37.06 -1.05
C ILE B 1083 25.46 35.97 -0.11
N PHE B 1084 25.22 36.12 1.19
CA PHE B 1084 25.78 35.17 2.12
C PHE B 1084 25.03 33.84 2.13
N ARG B 1085 23.77 33.82 1.70
CA ARG B 1085 23.04 32.56 1.53
C ARG B 1085 23.52 31.78 0.31
N ASP B 1086 23.76 32.44 -0.81
CA ASP B 1086 24.04 31.75 -2.05
C ASP B 1086 25.40 31.08 -2.01
N GLN B 1087 25.40 29.77 -2.26
CA GLN B 1087 26.64 28.99 -2.26
C GLN B 1087 27.44 29.15 -3.54
N SER B 1088 26.84 29.69 -4.60
CA SER B 1088 27.56 29.84 -5.86
C SER B 1088 28.79 30.71 -5.69
N LEU B 1089 28.64 31.88 -5.07
CA LEU B 1089 29.78 32.71 -4.73
C LEU B 1089 30.00 32.62 -3.22
N SER B 1090 30.65 31.53 -2.82
CA SER B 1090 31.08 31.34 -1.44
C SER B 1090 32.50 31.83 -1.23
N HIS B 1091 32.95 32.75 -2.07
CA HIS B 1091 34.34 33.17 -2.14
C HIS B 1091 34.64 34.38 -1.27
N HIS B 1092 33.79 35.40 -1.29
CA HIS B 1092 34.08 36.67 -0.64
C HIS B 1092 33.56 36.72 0.79
N HIS B 1093 33.33 35.57 1.41
CA HIS B 1093 32.61 35.54 2.68
C HIS B 1093 33.40 36.17 3.82
N THR B 1094 34.72 36.21 3.69
CA THR B 1094 35.57 36.61 4.82
C THR B 1094 35.33 38.06 5.21
N MET B 1095 35.51 38.99 4.27
CA MET B 1095 35.26 40.38 4.62
C MET B 1095 33.78 40.64 4.80
N VAL B 1096 32.91 39.79 4.28
CA VAL B 1096 31.49 39.91 4.57
C VAL B 1096 31.25 39.74 6.07
N VAL B 1097 31.79 38.66 6.65
CA VAL B 1097 31.56 38.45 8.06
C VAL B 1097 32.32 39.49 8.88
N GLN B 1098 33.48 39.95 8.38
CA GLN B 1098 34.15 41.05 9.05
C GLN B 1098 33.25 42.27 9.14
N ALA B 1099 32.59 42.61 8.02
CA ALA B 1099 31.67 43.73 8.03
C ALA B 1099 30.52 43.50 8.99
N ILE B 1100 29.98 42.27 9.01
CA ILE B 1100 28.81 42.04 9.85
C ILE B 1100 29.17 42.15 11.32
N THR B 1101 30.36 41.68 11.71
CA THR B 1101 30.75 41.81 13.11
C THR B 1101 31.06 43.27 13.44
N PHE B 1102 31.60 44.02 12.49
CA PHE B 1102 31.77 45.45 12.74
C PHE B 1102 30.43 46.14 12.92
N ILE B 1103 29.42 45.72 12.16
CA ILE B 1103 28.09 46.31 12.32
C ILE B 1103 27.56 46.05 13.72
N PHE B 1104 27.61 44.79 14.14
CA PHE B 1104 27.12 44.46 15.48
C PHE B 1104 27.97 45.12 16.56
N LYS B 1105 29.19 45.52 16.23
CA LYS B 1105 29.95 46.37 17.15
C LYS B 1105 29.38 47.77 17.18
N SER B 1106 29.10 48.34 16.01
CA SER B 1106 28.66 49.72 15.92
C SER B 1106 27.32 49.93 16.60
N LEU B 1107 26.40 48.98 16.46
CA LEU B 1107 25.06 49.18 17.02
C LEU B 1107 25.10 49.25 18.54
N GLY B 1108 25.76 48.29 19.18
CA GLY B 1108 25.73 48.22 20.62
C GLY B 1108 24.71 47.23 21.13
N LEU B 1109 23.78 47.66 21.97
CA LEU B 1109 22.72 46.79 22.45
C LEU B 1109 21.48 46.82 21.58
N LYS B 1110 21.46 47.67 20.55
CA LYS B 1110 20.30 47.82 19.69
C LYS B 1110 20.29 46.83 18.55
N CYS B 1111 21.29 45.97 18.45
CA CYS B 1111 21.39 45.01 17.36
C CYS B 1111 20.58 43.75 17.61
N VAL B 1112 19.92 43.66 18.76
CA VAL B 1112 19.26 42.42 19.15
C VAL B 1112 18.17 42.00 18.18
N GLN B 1113 17.41 42.95 17.62
CA GLN B 1113 16.30 42.60 16.75
C GLN B 1113 16.75 41.88 15.49
N PHE B 1114 18.01 42.04 15.10
CA PHE B 1114 18.53 41.49 13.86
C PHE B 1114 19.05 40.06 14.01
N LEU B 1115 19.04 39.53 15.22
CA LEU B 1115 19.53 38.17 15.45
C LEU B 1115 18.77 37.12 14.63
N PRO B 1116 17.43 37.09 14.64
CA PRO B 1116 16.72 36.02 13.90
C PRO B 1116 16.98 36.03 12.42
N GLN B 1117 17.09 37.21 11.82
CA GLN B 1117 17.30 37.28 10.38
C GLN B 1117 18.73 37.00 9.99
N VAL B 1118 19.62 36.77 10.97
CA VAL B 1118 21.02 36.58 10.69
C VAL B 1118 21.48 35.17 11.02
N MET B 1119 21.46 34.77 12.29
CA MET B 1119 22.32 33.64 12.62
C MET B 1119 22.01 32.29 11.97
N PRO B 1120 20.75 31.92 11.73
CA PRO B 1120 20.52 30.60 11.12
C PRO B 1120 21.30 30.41 9.84
N THR B 1121 21.39 31.45 9.01
CA THR B 1121 22.25 31.38 7.84
C THR B 1121 23.71 31.21 8.23
N PHE B 1122 24.15 31.92 9.27
CA PHE B 1122 25.53 31.80 9.72
C PHE B 1122 25.86 30.37 10.09
N LEU B 1123 24.98 29.74 10.87
CA LEU B 1123 25.22 28.38 11.30
C LEU B 1123 25.10 27.39 10.15
N ASN B 1124 24.20 27.64 9.20
CA ASN B 1124 24.13 26.78 8.03
C ASN B 1124 25.42 26.84 7.24
N VAL B 1125 25.98 28.04 7.06
CA VAL B 1125 27.23 28.16 6.32
C VAL B 1125 28.37 27.48 7.06
N ILE B 1126 28.51 27.76 8.36
CA ILE B 1126 29.59 27.14 9.12
C ILE B 1126 29.43 25.62 9.11
N ARG B 1127 28.19 25.13 8.98
CA ARG B 1127 28.01 23.70 8.74
C ARG B 1127 28.58 23.31 7.39
N VAL B 1128 28.23 24.05 6.33
CA VAL B 1128 28.62 23.64 4.99
C VAL B 1128 29.98 24.18 4.56
N CYS B 1129 30.59 25.06 5.35
CA CYS B 1129 31.88 25.59 4.95
C CYS B 1129 32.96 24.52 5.11
N ASP B 1130 34.13 24.80 4.56
CA ASP B 1130 35.28 23.91 4.68
C ASP B 1130 36.55 24.73 4.57
N GLY B 1131 37.66 24.11 4.92
CA GLY B 1131 38.94 24.79 4.89
C GLY B 1131 39.21 25.59 6.15
N ALA B 1132 40.35 26.29 6.10
CA ALA B 1132 40.84 27.05 7.25
C ALA B 1132 39.91 28.18 7.68
N ILE B 1133 38.97 28.58 6.82
CA ILE B 1133 38.04 29.64 7.20
C ILE B 1133 37.23 29.27 8.43
N ARG B 1134 36.97 27.97 8.63
CA ARG B 1134 36.13 27.55 9.74
C ARG B 1134 36.71 27.98 11.08
N GLU B 1135 38.04 27.92 11.21
CA GLU B 1135 38.70 28.47 12.39
C GLU B 1135 38.44 29.97 12.54
N PHE B 1136 38.62 30.73 11.45
CA PHE B 1136 38.35 32.16 11.49
C PHE B 1136 36.89 32.44 11.80
N LEU B 1137 36.00 31.67 11.18
CA LEU B 1137 34.57 31.82 11.44
C LEU B 1137 34.26 31.57 12.91
N PHE B 1138 34.97 30.64 13.53
CA PHE B 1138 34.75 30.37 14.94
C PHE B 1138 35.11 31.56 15.80
N GLN B 1139 36.26 32.18 15.53
CA GLN B 1139 36.65 33.35 16.31
C GLN B 1139 35.67 34.49 16.10
N GLN B 1140 35.22 34.69 14.85
CA GLN B 1140 34.26 35.74 14.59
C GLN B 1140 32.96 35.51 15.35
N LEU B 1141 32.45 34.28 15.28
CA LEU B 1141 31.24 33.95 16.04
C LEU B 1141 31.48 34.14 17.52
N GLY B 1142 32.70 33.91 17.97
CA GLY B 1142 33.03 34.18 19.36
C GLY B 1142 32.87 35.66 19.70
N MET B 1143 33.35 36.54 18.83
CA MET B 1143 33.11 37.96 19.01
C MET B 1143 31.62 38.25 19.08
N LEU B 1144 30.86 37.72 18.12
CA LEU B 1144 29.42 37.97 18.05
C LEU B 1144 28.74 37.58 19.35
N VAL B 1145 28.99 36.36 19.82
CA VAL B 1145 28.46 35.93 21.11
C VAL B 1145 28.91 36.85 22.22
N SER B 1146 30.17 37.29 22.20
CA SER B 1146 30.65 38.21 23.21
C SER B 1146 29.84 39.48 23.27
N PHE B 1147 29.20 39.88 22.17
CA PHE B 1147 28.54 41.18 22.19
C PHE B 1147 27.14 41.18 22.78
N VAL B 1148 26.20 40.45 22.20
CA VAL B 1148 24.86 40.35 22.77
C VAL B 1148 24.89 39.28 23.86
N LYS B 1149 24.59 39.68 25.09
CA LYS B 1149 24.84 38.83 26.24
C LYS B 1149 23.76 37.77 26.43
N SER B 1150 22.54 38.20 26.70
CA SER B 1150 21.52 37.32 27.24
C SER B 1150 20.60 36.70 26.21
N HIS B 1151 20.40 37.34 25.06
CA HIS B 1151 19.36 36.93 24.14
C HIS B 1151 19.82 35.85 23.16
N ILE B 1152 21.04 35.35 23.30
CA ILE B 1152 21.51 34.32 22.37
C ILE B 1152 21.00 32.94 22.70
N ARG B 1153 20.65 32.67 23.96
CA ARG B 1153 20.44 31.28 24.37
C ARG B 1153 19.33 30.57 23.60
N PRO B 1154 18.20 31.20 23.24
CA PRO B 1154 17.24 30.49 22.39
C PRO B 1154 17.83 29.97 21.09
N TYR B 1155 19.08 30.35 20.78
CA TYR B 1155 19.77 29.92 19.58
C TYR B 1155 21.00 29.06 19.88
N MET B 1156 21.46 29.04 21.12
CA MET B 1156 22.79 28.51 21.38
C MET B 1156 22.82 26.99 21.25
N ASP B 1157 21.65 26.36 21.35
CA ASP B 1157 21.55 24.90 21.39
C ASP B 1157 22.38 24.23 20.31
N GLU B 1158 22.03 24.46 19.04
CA GLU B 1158 22.69 23.74 17.95
C GLU B 1158 24.17 24.06 17.91
N ILE B 1159 24.56 25.24 18.41
CA ILE B 1159 25.98 25.58 18.44
C ILE B 1159 26.76 24.50 19.17
N VAL B 1160 26.24 24.05 20.31
CA VAL B 1160 26.87 22.95 21.02
C VAL B 1160 26.99 21.74 20.10
N THR B 1161 25.89 21.36 19.45
CA THR B 1161 25.92 20.27 18.50
C THR B 1161 26.94 20.52 17.39
N LEU B 1162 27.03 21.75 16.89
CA LEU B 1162 28.08 22.06 15.94
C LEU B 1162 29.45 21.90 16.55
N MET B 1163 29.65 22.41 17.75
CA MET B 1163 30.96 22.36 18.36
C MET B 1163 31.32 20.94 18.76
N ARG B 1164 30.33 20.06 18.87
CA ARG B 1164 30.58 18.62 18.92
C ARG B 1164 31.22 18.09 17.66
N GLU B 1165 30.77 18.53 16.50
CA GLU B 1165 31.12 17.89 15.24
C GLU B 1165 32.54 18.19 14.77
N PHE B 1166 32.91 19.46 14.64
CA PHE B 1166 34.22 19.84 14.16
C PHE B 1166 35.24 19.97 15.28
N TRP B 1167 35.02 19.29 16.40
CA TRP B 1167 36.04 19.22 17.45
C TRP B 1167 36.75 17.88 17.37
N VAL B 1168 37.66 17.79 16.40
CA VAL B 1168 38.52 16.62 16.33
C VAL B 1168 39.44 16.60 17.55
N MET B 1169 39.71 15.38 18.04
CA MET B 1169 40.31 15.20 19.36
C MET B 1169 41.67 15.88 19.46
N ASN B 1170 42.55 15.68 18.49
CA ASN B 1170 43.94 16.13 18.62
C ASN B 1170 44.41 16.80 17.34
N THR B 1171 44.33 18.13 17.31
CA THR B 1171 45.03 18.96 16.35
C THR B 1171 45.12 20.37 16.92
N SER B 1172 45.51 21.32 16.08
CA SER B 1172 45.75 22.69 16.50
C SER B 1172 44.47 23.47 16.76
N ILE B 1173 43.31 22.96 16.33
CA ILE B 1173 42.09 23.75 16.40
C ILE B 1173 41.58 23.94 17.82
N GLN B 1174 42.05 23.14 18.77
CA GLN B 1174 41.53 23.20 20.13
C GLN B 1174 41.80 24.54 20.79
N SER B 1175 42.91 25.20 20.43
CA SER B 1175 43.27 26.45 21.07
C SER B 1175 42.25 27.54 20.80
N THR B 1176 41.43 27.38 19.76
CA THR B 1176 40.35 28.32 19.51
C THR B 1176 39.04 27.88 20.16
N ILE B 1177 38.77 26.58 20.17
CA ILE B 1177 37.55 26.10 20.82
C ILE B 1177 37.58 26.42 22.30
N ILE B 1178 38.77 26.33 22.91
CA ILE B 1178 38.88 26.64 24.32
C ILE B 1178 38.55 28.10 24.58
N LEU B 1179 39.01 29.01 23.70
CA LEU B 1179 38.70 30.42 23.88
C LEU B 1179 37.22 30.69 23.64
N LEU B 1180 36.61 29.96 22.69
CA LEU B 1180 35.17 30.04 22.50
C LEU B 1180 34.44 29.72 23.79
N ILE B 1181 34.85 28.64 24.46
CA ILE B 1181 34.24 28.30 25.73
C ILE B 1181 34.45 29.40 26.75
N GLU B 1182 35.67 29.96 26.79
CA GLU B 1182 35.95 31.07 27.70
C GLU B 1182 34.94 32.20 27.48
N GLN B 1183 34.76 32.59 26.23
CA GLN B 1183 33.82 33.67 25.92
C GLN B 1183 32.39 33.34 26.31
N ILE B 1184 31.92 32.13 25.99
CA ILE B 1184 30.53 31.83 26.28
C ILE B 1184 30.29 31.79 27.79
N VAL B 1185 31.28 31.32 28.54
CA VAL B 1185 31.19 31.36 29.99
C VAL B 1185 31.13 32.79 30.49
N VAL B 1186 32.00 33.66 29.98
CA VAL B 1186 31.96 35.05 30.41
C VAL B 1186 30.62 35.68 30.06
N ALA B 1187 30.05 35.31 28.93
CA ALA B 1187 28.82 35.94 28.45
C ALA B 1187 27.62 35.50 29.28
N LEU B 1188 27.30 34.20 29.27
CA LEU B 1188 26.09 33.75 29.94
C LEU B 1188 26.16 34.03 31.44
N GLY B 1189 27.22 33.57 32.09
CA GLY B 1189 27.49 33.91 33.48
C GLY B 1189 26.37 33.61 34.45
N GLY B 1190 26.08 32.33 34.71
CA GLY B 1190 25.12 31.91 35.71
C GLY B 1190 24.09 30.92 35.21
N GLU B 1191 23.62 31.09 33.99
CA GLU B 1191 22.72 30.13 33.37
C GLU B 1191 23.46 29.11 32.52
N PHE B 1192 24.80 29.21 32.48
CA PHE B 1192 25.60 28.34 31.64
C PHE B 1192 25.48 26.87 31.99
N LYS B 1193 25.15 26.55 33.25
CA LYS B 1193 25.12 25.15 33.67
C LYS B 1193 24.12 24.33 32.87
N LEU B 1194 23.14 24.97 32.25
CA LEU B 1194 22.15 24.24 31.47
C LEU B 1194 22.80 23.47 30.32
N TYR B 1195 23.88 24.00 29.76
CA TYR B 1195 24.52 23.40 28.59
C TYR B 1195 25.80 22.67 28.95
N LEU B 1196 26.14 22.62 30.22
CA LEU B 1196 27.41 22.07 30.70
C LEU B 1196 27.64 20.61 30.34
N PRO B 1197 26.65 19.71 30.53
CA PRO B 1197 26.97 18.28 30.38
C PRO B 1197 27.51 17.90 29.02
N GLN B 1198 27.03 18.55 27.97
CA GLN B 1198 27.39 18.14 26.61
C GLN B 1198 28.87 18.32 26.33
N LEU B 1199 29.58 19.10 27.14
CA LEU B 1199 31.00 19.28 26.96
C LEU B 1199 31.83 18.51 27.97
N ILE B 1200 31.18 17.71 28.82
CA ILE B 1200 31.91 16.87 29.75
C ILE B 1200 32.72 15.82 29.00
N PRO B 1201 32.11 14.98 28.15
CA PRO B 1201 32.85 13.82 27.64
C PRO B 1201 34.13 14.17 26.93
N HIS B 1202 34.04 14.97 25.86
CA HIS B 1202 35.23 15.34 25.10
C HIS B 1202 36.30 15.92 26.02
N MET B 1203 35.87 16.79 26.94
CA MET B 1203 36.80 17.41 27.88
C MET B 1203 37.56 16.35 28.66
N LEU B 1204 36.89 15.30 29.12
CA LEU B 1204 37.58 14.21 29.79
C LEU B 1204 38.62 13.58 28.86
N ARG B 1205 38.24 13.34 27.61
CA ARG B 1205 39.20 12.79 26.66
C ARG B 1205 40.42 13.68 26.47
N VAL B 1206 40.28 14.98 26.76
CA VAL B 1206 41.44 15.86 26.68
C VAL B 1206 42.50 15.45 27.70
N PHE B 1207 42.09 15.03 28.89
CA PHE B 1207 43.01 14.85 29.99
C PHE B 1207 44.00 13.72 29.75
N MET B 1208 43.71 12.80 28.83
CA MET B 1208 44.61 11.71 28.52
C MET B 1208 45.20 11.78 27.12
N HIS B 1209 44.36 11.83 26.09
CA HIS B 1209 44.83 11.68 24.72
C HIS B 1209 45.22 13.04 24.14
N ASP B 1210 46.33 13.55 24.65
CA ASP B 1210 46.89 14.82 24.19
C ASP B 1210 48.41 14.68 24.11
N ASN B 1211 48.97 15.11 22.99
CA ASN B 1211 50.41 15.08 22.76
C ASN B 1211 51.00 16.49 22.74
N SER B 1212 50.44 17.34 23.55
CA SER B 1212 50.90 18.72 23.65
C SER B 1212 52.30 18.77 24.26
N PRO B 1213 53.20 19.51 23.64
CA PRO B 1213 54.51 19.75 24.26
C PRO B 1213 54.37 20.50 25.57
N GLY B 1214 54.75 19.86 26.67
CA GLY B 1214 54.53 20.43 27.98
C GLY B 1214 53.10 20.39 28.46
N ARG B 1215 52.20 19.76 27.69
CA ARG B 1215 50.78 19.64 28.04
C ARG B 1215 50.15 21.02 28.26
N ILE B 1216 50.48 21.95 27.37
CA ILE B 1216 49.94 23.31 27.46
C ILE B 1216 48.45 23.34 27.17
N VAL B 1217 47.95 22.49 26.28
CA VAL B 1217 46.53 22.48 25.96
C VAL B 1217 45.72 22.10 27.19
N SER B 1218 46.18 21.11 27.95
CA SER B 1218 45.50 20.76 29.19
C SER B 1218 45.55 21.93 30.18
N ILE B 1219 46.65 22.68 30.19
CA ILE B 1219 46.74 23.84 31.08
C ILE B 1219 45.72 24.90 30.67
N LYS B 1220 45.58 25.15 29.37
CA LYS B 1220 44.57 26.08 28.89
C LYS B 1220 43.16 25.59 29.23
N LEU B 1221 42.92 24.29 29.05
CA LEU B 1221 41.65 23.71 29.49
C LEU B 1221 41.41 24.01 30.95
N LEU B 1222 42.42 23.81 31.78
CA LEU B 1222 42.30 24.07 33.20
C LEU B 1222 41.95 25.53 33.47
N ALA B 1223 42.69 26.44 32.83
CA ALA B 1223 42.44 27.86 33.03
C ALA B 1223 41.02 28.23 32.63
N ALA B 1224 40.51 27.65 31.54
CA ALA B 1224 39.13 27.89 31.15
C ALA B 1224 38.14 27.28 32.14
N ILE B 1225 38.43 26.09 32.65
CA ILE B 1225 37.60 25.51 33.69
C ILE B 1225 37.55 26.47 34.86
N GLN B 1226 38.57 27.32 34.98
CA GLN B 1226 38.65 28.14 36.18
C GLN B 1226 37.46 29.07 36.40
N LEU B 1227 36.76 29.50 35.36
CA LEU B 1227 35.82 30.60 35.55
C LEU B 1227 34.37 30.16 35.72
N PHE B 1228 34.10 28.86 35.85
CA PHE B 1228 32.73 28.40 35.94
C PHE B 1228 32.06 28.86 37.23
N GLY B 1229 32.79 28.85 38.34
CA GLY B 1229 32.22 29.26 39.60
C GLY B 1229 31.01 28.45 39.99
N ALA B 1230 29.87 29.12 40.18
CA ALA B 1230 28.63 28.47 40.58
C ALA B 1230 27.98 27.69 39.44
N ASN B 1231 28.67 27.53 38.33
CA ASN B 1231 28.12 26.73 37.24
C ASN B 1231 28.24 25.24 37.50
N LEU B 1232 29.39 24.78 37.98
CA LEU B 1232 29.59 23.36 38.27
C LEU B 1232 29.26 23.05 39.72
N ASP B 1233 27.97 23.09 40.01
CA ASP B 1233 27.49 22.77 41.36
C ASP B 1233 27.21 21.28 41.53
N ASP B 1234 26.69 20.63 40.50
CA ASP B 1234 26.23 19.25 40.60
C ASP B 1234 27.18 18.25 39.98
N TYR B 1235 28.31 18.69 39.41
CA TYR B 1235 29.16 17.83 38.59
C TYR B 1235 30.53 17.64 39.20
N LEU B 1236 30.75 18.20 40.39
CA LEU B 1236 32.09 18.22 40.96
C LEU B 1236 32.60 16.83 41.26
N HIS B 1237 31.72 15.87 41.56
CA HIS B 1237 32.11 14.49 41.80
C HIS B 1237 32.66 13.81 40.56
N LEU B 1238 32.27 14.27 39.38
CA LEU B 1238 32.69 13.63 38.14
C LEU B 1238 33.81 14.40 37.46
N LEU B 1239 34.08 15.63 37.90
CA LEU B 1239 35.12 16.43 37.29
C LEU B 1239 36.37 16.57 38.14
N LEU B 1240 36.24 16.52 39.45
CA LEU B 1240 37.38 16.40 40.34
C LEU B 1240 38.24 15.18 40.00
N PRO B 1241 37.67 14.02 39.69
CA PRO B 1241 38.50 12.82 39.49
C PRO B 1241 39.63 13.03 38.51
N PRO B 1242 39.38 13.57 37.30
CA PRO B 1242 40.52 13.78 36.41
C PRO B 1242 41.54 14.74 36.98
N ILE B 1243 41.12 15.79 37.68
CA ILE B 1243 42.10 16.76 38.17
C ILE B 1243 43.07 16.11 39.13
N VAL B 1244 42.57 15.40 40.14
CA VAL B 1244 43.49 14.68 41.01
C VAL B 1244 44.25 13.61 40.26
N LYS B 1245 43.67 13.06 39.19
CA LYS B 1245 44.40 12.12 38.36
C LYS B 1245 45.56 12.76 37.61
N LEU B 1246 45.55 14.07 37.45
CA LEU B 1246 46.64 14.75 36.73
C LEU B 1246 47.79 15.21 37.62
N PHE B 1247 47.65 15.26 38.95
CA PHE B 1247 48.78 15.69 39.74
C PHE B 1247 49.38 14.59 40.61
N ASP B 1248 48.72 13.45 40.74
CA ASP B 1248 49.30 12.32 41.45
C ASP B 1248 50.33 11.57 40.62
N ALA B 1249 50.23 11.62 39.30
CA ALA B 1249 51.18 10.93 38.44
C ALA B 1249 52.50 11.69 38.42
N PRO B 1250 53.63 11.03 38.66
CA PRO B 1250 54.92 11.75 38.66
C PRO B 1250 55.45 12.07 37.27
N GLU B 1251 54.89 11.48 36.21
CA GLU B 1251 55.43 11.61 34.87
C GLU B 1251 55.10 12.93 34.20
N ALA B 1252 54.08 13.64 34.66
CA ALA B 1252 53.62 14.81 33.95
C ALA B 1252 54.63 15.94 34.02
N PRO B 1253 54.65 16.83 33.03
CA PRO B 1253 55.48 18.04 33.13
C PRO B 1253 55.10 18.87 34.34
N LEU B 1254 56.10 19.49 34.93
CA LEU B 1254 55.95 20.24 36.18
C LEU B 1254 54.90 21.35 36.09
N PRO B 1255 54.91 22.20 35.05
CA PRO B 1255 53.91 23.28 35.00
C PRO B 1255 52.47 22.77 34.99
N SER B 1256 52.21 21.63 34.35
CA SER B 1256 50.84 21.10 34.34
C SER B 1256 50.37 20.74 35.73
N ARG B 1257 51.22 20.05 36.50
CA ARG B 1257 50.88 19.73 37.87
C ARG B 1257 50.70 20.99 38.70
N LYS B 1258 51.58 21.96 38.50
CA LYS B 1258 51.42 23.25 39.16
C LYS B 1258 50.04 23.82 38.89
N ALA B 1259 49.66 23.90 37.61
CA ALA B 1259 48.38 24.51 37.23
C ALA B 1259 47.21 23.78 37.84
N ALA B 1260 47.24 22.45 37.82
CA ALA B 1260 46.19 21.68 38.49
C ALA B 1260 46.08 22.10 39.94
N LEU B 1261 47.23 22.26 40.60
CA LEU B 1261 47.19 22.53 42.01
C LEU B 1261 46.65 23.93 42.28
N GLU B 1262 47.05 24.94 41.50
CA GLU B 1262 46.47 26.26 41.75
C GLU B 1262 44.97 26.27 41.47
N THR B 1263 44.53 25.63 40.39
CA THR B 1263 43.10 25.71 40.10
C THR B 1263 42.29 25.09 41.22
N VAL B 1264 42.70 23.92 41.73
CA VAL B 1264 41.97 23.37 42.86
C VAL B 1264 42.13 24.26 44.08
N ASP B 1265 43.31 24.86 44.24
CA ASP B 1265 43.60 25.70 45.40
C ASP B 1265 42.57 26.83 45.51
N ARG B 1266 42.49 27.63 44.48
CA ARG B 1266 41.58 28.76 44.48
C ARG B 1266 40.12 28.35 44.36
N LEU B 1267 39.80 27.18 43.78
CA LEU B 1267 38.41 26.88 43.48
C LEU B 1267 37.56 26.74 44.71
N THR B 1268 38.19 26.30 45.80
CA THR B 1268 37.57 26.18 47.10
C THR B 1268 37.06 27.53 47.61
N GLU B 1269 37.58 28.63 47.08
CA GLU B 1269 37.15 29.96 47.46
C GLU B 1269 35.73 30.26 47.02
N SER B 1270 35.11 29.41 46.20
CA SER B 1270 33.77 29.70 45.72
C SER B 1270 32.79 28.55 45.82
N LEU B 1271 33.25 27.33 46.08
CA LEU B 1271 32.36 26.17 46.08
C LEU B 1271 32.36 25.51 47.45
N ASP B 1272 31.56 24.46 47.56
CA ASP B 1272 31.46 23.63 48.77
C ASP B 1272 32.30 22.38 48.54
N PHE B 1273 33.37 22.24 49.32
CA PHE B 1273 34.30 21.12 49.20
C PHE B 1273 34.36 20.29 50.47
N THR B 1274 33.25 20.20 51.20
CA THR B 1274 33.30 19.58 52.52
C THR B 1274 33.28 18.05 52.43
N ASP B 1275 32.36 17.49 51.64
CA ASP B 1275 32.23 16.04 51.58
C ASP B 1275 33.48 15.38 51.03
N TYR B 1276 34.23 16.09 50.19
CA TYR B 1276 35.31 15.47 49.43
C TYR B 1276 36.62 15.53 50.22
N ALA B 1277 36.50 15.20 51.50
CA ALA B 1277 37.59 15.42 52.42
C ALA B 1277 38.67 14.35 52.29
N SER B 1278 38.34 13.12 52.66
CA SER B 1278 39.27 12.01 52.48
C SER B 1278 39.84 11.99 51.08
N ARG B 1279 39.05 12.39 50.09
CA ARG B 1279 39.47 12.17 48.72
C ARG B 1279 40.56 13.14 48.30
N ILE B 1280 40.75 14.24 49.05
CA ILE B 1280 41.77 15.21 48.72
C ILE B 1280 42.95 15.16 49.70
N ILE B 1281 42.71 14.74 50.94
CA ILE B 1281 43.78 14.70 51.93
C ILE B 1281 44.88 13.75 51.49
N HIS B 1282 44.50 12.53 51.10
CA HIS B 1282 45.47 11.50 50.74
C HIS B 1282 46.33 11.89 49.55
N PRO B 1283 45.76 12.33 48.42
CA PRO B 1283 46.62 12.63 47.28
C PRO B 1283 47.66 13.68 47.58
N ILE B 1284 47.31 14.69 48.37
CA ILE B 1284 48.28 15.73 48.67
C ILE B 1284 49.40 15.19 49.53
N VAL B 1285 49.08 14.40 50.55
CA VAL B 1285 50.14 13.88 51.41
C VAL B 1285 50.99 12.86 50.65
N ARG B 1286 50.43 12.21 49.64
CA ARG B 1286 51.25 11.37 48.76
C ARG B 1286 52.17 12.23 47.90
N THR B 1287 51.66 13.34 47.38
CA THR B 1287 52.42 14.18 46.47
C THR B 1287 53.51 14.98 47.18
N LEU B 1288 53.34 15.26 48.47
CA LEU B 1288 54.21 16.20 49.16
C LEU B 1288 55.62 15.67 49.32
N ASP B 1289 55.79 14.39 49.62
CA ASP B 1289 57.07 13.85 50.03
C ASP B 1289 57.93 13.36 48.87
N GLN B 1290 57.47 13.50 47.62
CA GLN B 1290 58.22 12.96 46.50
C GLN B 1290 58.62 14.05 45.50
N SER B 1291 58.31 15.31 45.81
CA SER B 1291 58.66 16.42 44.93
C SER B 1291 58.99 17.63 45.78
N PRO B 1292 60.27 17.86 46.08
CA PRO B 1292 60.65 19.08 46.81
C PRO B 1292 60.32 20.34 46.04
N GLU B 1293 60.15 20.25 44.73
CA GLU B 1293 59.75 21.38 43.91
C GLU B 1293 58.40 21.95 44.31
N LEU B 1294 57.41 21.11 44.61
CA LEU B 1294 56.03 21.55 44.78
C LEU B 1294 55.60 21.61 46.23
N ARG B 1295 56.55 21.72 47.17
CA ARG B 1295 56.17 21.73 48.58
C ARG B 1295 55.30 22.94 48.91
N SER B 1296 55.73 24.12 48.51
CA SER B 1296 55.06 25.35 48.93
C SER B 1296 53.67 25.47 48.33
N THR B 1297 53.54 25.21 47.04
CA THR B 1297 52.23 25.31 46.42
C THR B 1297 51.26 24.30 47.02
N ALA B 1298 51.75 23.09 47.29
CA ALA B 1298 50.91 22.08 47.91
C ALA B 1298 50.45 22.49 49.30
N MET B 1299 51.35 22.98 50.15
CA MET B 1299 50.92 23.40 51.48
C MET B 1299 49.93 24.55 51.38
N ASP B 1300 50.13 25.45 50.41
CA ASP B 1300 49.17 26.52 50.20
C ASP B 1300 47.78 25.98 49.89
N THR B 1301 47.70 25.06 48.93
CA THR B 1301 46.40 24.50 48.53
C THR B 1301 45.75 23.76 49.69
N LEU B 1302 46.54 22.99 50.43
CA LEU B 1302 45.96 22.24 51.53
C LEU B 1302 45.42 23.17 52.59
N SER B 1303 46.14 24.26 52.87
CA SER B 1303 45.63 25.24 53.83
C SER B 1303 44.33 25.87 53.33
N SER B 1304 44.29 26.22 52.05
CA SER B 1304 43.05 26.76 51.50
C SER B 1304 41.90 25.81 51.69
N LEU B 1305 42.11 24.52 51.40
CA LEU B 1305 41.04 23.56 51.62
C LEU B 1305 40.63 23.49 53.08
N VAL B 1306 41.59 23.32 53.99
CA VAL B 1306 41.24 23.17 55.39
C VAL B 1306 40.58 24.42 55.95
N PHE B 1307 40.65 25.54 55.24
CA PHE B 1307 39.80 26.65 55.65
C PHE B 1307 38.33 26.30 55.57
N GLN B 1308 37.85 25.78 54.44
CA GLN B 1308 36.42 25.47 54.33
C GLN B 1308 36.01 24.41 55.33
N LEU B 1309 36.82 23.38 55.50
CA LEU B 1309 36.50 22.35 56.48
C LEU B 1309 36.61 22.93 57.89
N GLY B 1310 35.67 22.56 58.75
CA GLY B 1310 35.65 23.06 60.10
C GLY B 1310 36.42 22.19 61.07
N LYS B 1311 35.89 21.99 62.27
CA LYS B 1311 36.52 21.12 63.26
C LYS B 1311 36.75 19.72 62.75
N LYS B 1312 35.94 19.25 61.80
CA LYS B 1312 35.99 17.86 61.39
C LYS B 1312 37.32 17.48 60.74
N TYR B 1313 38.26 18.42 60.64
CA TYR B 1313 39.64 18.10 60.33
C TYR B 1313 40.44 17.63 61.54
N GLN B 1314 39.93 17.82 62.76
CA GLN B 1314 40.70 17.53 63.96
C GLN B 1314 41.21 16.11 63.99
N ILE B 1315 40.47 15.17 63.40
CA ILE B 1315 40.90 13.78 63.36
C ILE B 1315 42.19 13.60 62.57
N PHE B 1316 42.40 14.43 61.55
CA PHE B 1316 43.40 14.15 60.53
C PHE B 1316 44.77 14.73 60.84
N ILE B 1317 44.94 15.38 61.98
CA ILE B 1317 46.19 16.07 62.28
C ILE B 1317 47.40 15.15 62.31
N PRO B 1318 47.37 13.97 62.97
CA PRO B 1318 48.63 13.26 63.21
C PRO B 1318 49.32 12.79 61.95
N MET B 1319 48.58 12.41 60.91
CA MET B 1319 49.24 11.94 59.69
C MET B 1319 50.03 13.07 59.08
N VAL B 1320 49.38 14.23 58.94
CA VAL B 1320 50.05 15.41 58.41
C VAL B 1320 51.22 15.78 59.30
N ASN B 1321 51.12 15.51 60.60
CA ASN B 1321 52.28 15.67 61.46
C ASN B 1321 53.44 14.80 61.01
N LYS B 1322 53.17 13.55 60.62
CA LYS B 1322 54.25 12.68 60.16
C LYS B 1322 54.91 13.24 58.92
N VAL B 1323 54.11 13.67 57.94
CA VAL B 1323 54.69 14.17 56.70
C VAL B 1323 55.44 15.47 56.95
N LEU B 1324 54.92 16.32 57.82
CA LEU B 1324 55.60 17.58 58.12
C LEU B 1324 56.92 17.33 58.83
N VAL B 1325 56.96 16.35 59.73
CA VAL B 1325 58.21 16.06 60.45
C VAL B 1325 59.19 15.25 59.63
N ARG B 1326 58.73 14.61 58.55
CA ARG B 1326 59.67 13.84 57.73
C ARG B 1326 60.66 14.75 57.02
N HIS B 1327 60.25 15.96 56.66
CA HIS B 1327 61.12 16.87 55.92
C HIS B 1327 61.38 18.19 56.62
N ARG B 1328 60.93 18.36 57.87
CA ARG B 1328 61.26 19.57 58.65
C ARG B 1328 60.85 20.85 57.93
N ILE B 1329 59.62 20.88 57.46
CA ILE B 1329 59.09 22.03 56.73
C ILE B 1329 57.89 22.57 57.51
N ASN B 1330 57.90 23.86 57.80
CA ASN B 1330 56.84 24.50 58.58
C ASN B 1330 56.22 25.62 57.78
N HIS B 1331 54.90 25.77 57.88
CA HIS B 1331 54.16 26.84 57.21
C HIS B 1331 53.40 27.68 58.21
N GLN B 1332 53.40 28.99 57.97
CA GLN B 1332 52.68 29.92 58.83
C GLN B 1332 51.17 29.72 58.74
N ARG B 1333 50.62 29.71 57.53
CA ARG B 1333 49.17 29.74 57.37
C ARG B 1333 48.55 28.46 57.95
N TYR B 1334 49.11 27.31 57.59
CA TYR B 1334 48.62 26.05 58.12
C TYR B 1334 48.75 26.00 59.62
N ASP B 1335 49.86 26.50 60.16
CA ASP B 1335 50.03 26.49 61.61
C ASP B 1335 48.97 27.33 62.29
N VAL B 1336 48.69 28.52 61.74
CA VAL B 1336 47.64 29.37 62.29
C VAL B 1336 46.31 28.63 62.29
N LEU B 1337 45.98 28.02 61.16
CA LEU B 1337 44.71 27.31 61.06
C LEU B 1337 44.62 26.19 62.08
N ILE B 1338 45.69 25.39 62.21
CA ILE B 1338 45.60 24.23 63.09
C ILE B 1338 45.57 24.63 64.57
N CYS B 1339 46.34 25.65 64.97
CA CYS B 1339 46.24 26.07 66.37
C CYS B 1339 44.86 26.65 66.66
N ARG B 1340 44.31 27.39 65.69
CA ARG B 1340 42.93 27.85 65.79
C ARG B 1340 41.95 26.69 65.94
N ILE B 1341 42.17 25.58 65.25
CA ILE B 1341 41.27 24.45 65.34
C ILE B 1341 41.40 23.77 66.70
N VAL B 1342 42.61 23.36 67.06
CA VAL B 1342 42.79 22.53 68.25
C VAL B 1342 42.49 23.33 69.51
N LYS B 1343 42.86 24.61 69.52
CA LYS B 1343 42.68 25.43 70.69
C LYS B 1343 41.69 26.55 70.39
N GLY B 1344 40.72 26.73 71.28
CA GLY B 1344 39.49 27.41 70.92
C GLY B 1344 39.68 28.89 70.65
N TYR B 1345 39.03 29.35 69.59
CA TYR B 1345 38.80 30.77 69.35
C TYR B 1345 37.45 31.19 69.91
N THR B 1346 36.38 30.51 69.48
CA THR B 1346 35.08 30.57 70.13
C THR B 1346 34.29 29.34 69.69
N LEU B 1347 33.06 29.23 70.17
CA LEU B 1347 32.21 28.10 69.81
C LEU B 1347 31.28 28.40 68.65
N ALA B 1348 31.11 29.66 68.29
CA ALA B 1348 30.21 30.00 67.19
C ALA B 1348 30.93 30.12 65.86
N ASP B 1349 32.06 30.81 65.82
CA ASP B 1349 32.78 31.02 64.58
C ASP B 1349 33.28 29.74 63.97
N GLU B 1350 33.64 28.76 64.79
CA GLU B 1350 34.13 27.48 64.29
C GLU B 1350 32.99 26.65 63.72
N GLU B 1351 33.34 25.78 62.77
CA GLU B 1351 32.41 24.83 62.16
C GLU B 1351 31.26 25.57 61.46
N GLU B 1352 31.64 26.31 60.42
CA GLU B 1352 30.74 27.19 59.69
C GLU B 1352 30.52 26.69 58.28
N ASP B 1353 29.32 26.94 57.75
CA ASP B 1353 29.04 26.69 56.34
C ASP B 1353 29.90 27.62 55.48
N PRO B 1354 30.64 27.09 54.51
CA PRO B 1354 31.50 27.97 53.69
C PRO B 1354 30.75 29.05 52.96
N LEU B 1355 29.56 28.75 52.44
CA LEU B 1355 28.84 29.77 51.65
C LEU B 1355 28.36 30.92 52.53
N ILE B 1356 28.06 30.67 53.80
CA ILE B 1356 27.71 31.77 54.69
C ILE B 1356 28.86 32.75 54.81
N TYR B 1357 30.07 32.24 55.03
CA TYR B 1357 31.25 33.10 55.13
C TYR B 1357 31.49 33.85 53.82
N GLN B 1358 31.45 33.13 52.69
CA GLN B 1358 31.66 33.79 51.41
C GLN B 1358 30.62 34.88 51.18
N HIS B 1359 29.38 34.62 51.58
CA HIS B 1359 28.31 35.60 51.39
C HIS B 1359 28.56 36.84 52.23
N ARG B 1360 28.86 36.68 53.52
CA ARG B 1360 28.99 37.85 54.38
C ARG B 1360 30.32 38.55 54.19
N MET B 1361 31.25 37.98 53.41
CA MET B 1361 32.32 38.78 52.82
C MET B 1361 31.94 39.45 51.52
N LEU B 1362 31.10 38.82 50.69
CA LEU B 1362 30.73 39.43 49.42
C LEU B 1362 29.94 40.72 49.63
N ARG B 1363 29.08 40.75 50.64
CA ARG B 1363 28.31 41.95 50.94
C ARG B 1363 29.18 42.98 51.66
N ILE B 1388 29.38 67.14 -1.99
CA ILE B 1388 30.32 68.24 -1.96
C ILE B 1388 31.23 68.22 -3.19
N ASN B 1389 31.77 67.05 -3.51
CA ASN B 1389 32.61 66.85 -4.68
C ASN B 1389 31.87 66.15 -5.80
N LEU B 1390 30.58 65.88 -5.62
CA LEU B 1390 29.83 65.02 -6.51
C LEU B 1390 29.60 65.61 -7.89
N GLN B 1391 29.18 66.88 -7.97
CA GLN B 1391 28.78 67.46 -9.24
C GLN B 1391 29.89 67.43 -10.28
N LYS B 1392 31.15 67.56 -9.85
CA LYS B 1392 32.27 67.37 -10.76
C LYS B 1392 32.32 65.96 -11.32
N ALA B 1393 32.05 64.94 -10.49
CA ALA B 1393 31.91 63.58 -10.98
C ALA B 1393 30.54 63.37 -11.63
N TRP B 1394 29.59 64.28 -11.37
CA TRP B 1394 28.26 64.18 -11.96
C TRP B 1394 28.23 64.75 -13.37
N GLY B 1395 28.52 66.04 -13.50
CA GLY B 1395 28.39 66.72 -14.77
C GLY B 1395 29.50 66.41 -15.75
N ALA B 1396 29.63 65.16 -16.15
CA ALA B 1396 30.59 64.81 -17.19
C ALA B 1396 30.09 65.19 -18.58
N ALA B 1397 28.79 65.05 -18.83
CA ALA B 1397 28.18 65.44 -20.10
C ALA B 1397 28.87 64.76 -21.28
N ARG B 1398 29.30 63.53 -21.06
CA ARG B 1398 30.06 62.81 -22.08
C ARG B 1398 29.68 61.35 -22.23
N ARG B 1399 28.65 60.87 -21.53
CA ARG B 1399 28.25 59.49 -21.66
C ARG B 1399 27.62 59.27 -23.03
N VAL B 1400 28.05 58.23 -23.73
CA VAL B 1400 27.63 58.01 -25.10
C VAL B 1400 26.87 56.68 -25.23
N SER B 1401 27.55 55.59 -24.93
CA SER B 1401 27.01 54.26 -25.19
C SER B 1401 26.53 53.62 -23.89
N LYS B 1402 26.02 52.39 -24.01
CA LYS B 1402 25.50 51.67 -22.85
C LYS B 1402 26.60 51.48 -21.80
N ASP B 1403 27.78 51.03 -22.23
CA ASP B 1403 28.88 50.84 -21.28
C ASP B 1403 29.26 52.15 -20.61
N ASP B 1404 29.28 53.24 -21.38
CA ASP B 1404 29.62 54.54 -20.81
C ASP B 1404 28.65 54.92 -19.70
N TRP B 1405 27.35 54.84 -19.98
CA TRP B 1405 26.35 55.19 -18.99
C TRP B 1405 26.43 54.28 -17.77
N LEU B 1406 26.57 52.98 -17.98
CA LEU B 1406 26.58 52.04 -16.86
C LEU B 1406 27.80 52.26 -15.98
N GLU B 1407 28.98 52.44 -16.59
CA GLU B 1407 30.18 52.68 -15.80
C GLU B 1407 30.10 54.01 -15.07
N TRP B 1408 29.52 55.03 -15.72
CA TRP B 1408 29.25 56.28 -15.02
C TRP B 1408 28.43 56.04 -13.76
N LEU B 1409 27.31 55.34 -13.90
CA LEU B 1409 26.47 55.07 -12.74
C LEU B 1409 27.23 54.32 -11.68
N ARG B 1410 28.00 53.30 -12.08
CA ARG B 1410 28.74 52.49 -11.14
C ARG B 1410 29.70 53.35 -10.32
N ARG B 1411 30.54 54.14 -10.99
CA ARG B 1411 31.51 54.95 -10.29
C ARG B 1411 30.84 56.03 -9.44
N LEU B 1412 29.77 56.63 -9.93
CA LEU B 1412 29.09 57.66 -9.17
C LEU B 1412 28.46 57.07 -7.91
N SER B 1413 27.87 55.88 -8.02
CA SER B 1413 27.32 55.22 -6.86
C SER B 1413 28.42 54.86 -5.86
N LEU B 1414 29.56 54.38 -6.35
CA LEU B 1414 30.68 54.08 -5.46
C LEU B 1414 31.12 55.32 -4.69
N GLU B 1415 31.31 56.43 -5.41
CA GLU B 1415 31.72 57.67 -4.77
C GLU B 1415 30.68 58.16 -3.77
N LEU B 1416 29.40 58.04 -4.11
CA LEU B 1416 28.35 58.41 -3.17
C LEU B 1416 28.41 57.57 -1.91
N LEU B 1417 28.61 56.26 -2.07
CA LEU B 1417 28.58 55.35 -0.93
C LEU B 1417 29.84 55.46 -0.08
N LYS B 1418 30.95 55.93 -0.63
CA LYS B 1418 32.17 56.05 0.15
C LYS B 1418 31.94 56.90 1.39
N ASP B 1419 31.30 58.05 1.23
CA ASP B 1419 31.00 58.95 2.31
C ASP B 1419 29.49 59.00 2.51
N SER B 1420 29.01 58.45 3.62
CA SER B 1420 27.58 58.45 3.89
C SER B 1420 27.25 58.74 5.34
N SER B 1421 28.25 59.00 6.19
CA SER B 1421 28.06 59.43 7.57
C SER B 1421 27.37 58.37 8.44
N SER B 1422 27.05 57.20 7.88
CA SER B 1422 26.46 56.13 8.65
C SER B 1422 27.44 54.97 8.67
N PRO B 1423 27.83 54.47 9.85
CA PRO B 1423 28.88 53.45 9.89
C PRO B 1423 28.53 52.19 9.12
N SER B 1424 27.26 51.80 9.08
CA SER B 1424 26.89 50.59 8.35
C SER B 1424 27.19 50.74 6.87
N LEU B 1425 26.71 51.82 6.26
CA LEU B 1425 26.95 52.03 4.84
C LEU B 1425 28.43 52.25 4.58
N ARG B 1426 29.11 52.94 5.49
CA ARG B 1426 30.54 53.12 5.35
C ARG B 1426 31.27 51.79 5.30
N SER B 1427 30.91 50.86 6.17
CA SER B 1427 31.53 49.54 6.12
C SER B 1427 31.19 48.82 4.82
N CYS B 1428 29.93 48.86 4.41
CA CYS B 1428 29.51 48.17 3.20
C CYS B 1428 30.17 48.73 1.94
N TRP B 1429 30.59 49.99 1.97
CA TRP B 1429 31.19 50.59 0.78
C TRP B 1429 32.43 49.84 0.33
N ALA B 1430 33.29 49.44 1.28
CA ALA B 1430 34.51 48.74 0.92
C ALA B 1430 34.22 47.45 0.16
N LEU B 1431 33.22 46.69 0.62
CA LEU B 1431 32.79 45.53 -0.13
C LEU B 1431 32.24 45.92 -1.49
N ALA B 1432 31.45 46.99 -1.56
CA ALA B 1432 30.95 47.47 -2.83
C ALA B 1432 32.07 47.73 -3.82
N GLN B 1433 33.22 48.18 -3.34
CA GLN B 1433 34.36 48.39 -4.23
C GLN B 1433 34.77 47.10 -4.92
N ALA B 1434 34.47 45.96 -4.32
CA ALA B 1434 34.80 44.68 -4.92
C ALA B 1434 33.62 44.06 -5.66
N TYR B 1435 32.39 44.27 -5.17
CA TYR B 1435 31.21 43.64 -5.75
C TYR B 1435 30.18 44.73 -6.03
N ASN B 1436 29.76 44.81 -7.29
CA ASN B 1436 28.86 45.86 -7.79
C ASN B 1436 27.37 45.58 -7.52
N PRO B 1437 26.85 44.38 -7.81
CA PRO B 1437 25.39 44.20 -7.70
C PRO B 1437 24.82 44.52 -6.34
N MET B 1438 25.54 44.26 -5.25
CA MET B 1438 25.03 44.63 -3.93
C MET B 1438 24.82 46.14 -3.85
N ALA B 1439 25.77 46.91 -4.35
CA ALA B 1439 25.58 48.36 -4.41
C ALA B 1439 24.41 48.72 -5.32
N ARG B 1440 24.25 48.00 -6.43
CA ARG B 1440 23.07 48.21 -7.27
C ARG B 1440 21.79 48.06 -6.47
N ASP B 1441 21.75 47.14 -5.52
CA ASP B 1441 20.55 46.97 -4.72
C ASP B 1441 20.38 48.10 -3.69
N LEU B 1442 21.43 48.86 -3.41
CA LEU B 1442 21.43 49.77 -2.27
C LEU B 1442 21.56 51.24 -2.67
N PHE B 1443 21.29 51.57 -3.92
CA PHE B 1443 21.42 52.96 -4.34
C PHE B 1443 20.47 53.88 -3.58
N ASN B 1444 19.23 53.42 -3.36
CA ASN B 1444 18.24 54.27 -2.71
C ASN B 1444 18.70 54.72 -1.33
N ALA B 1445 19.32 53.81 -0.58
CA ALA B 1445 19.73 54.15 0.78
C ALA B 1445 20.74 55.29 0.78
N ALA B 1446 21.81 55.15 0.01
CA ALA B 1446 22.82 56.20 -0.02
C ALA B 1446 22.24 57.49 -0.55
N PHE B 1447 21.41 57.41 -1.59
CA PHE B 1447 20.85 58.61 -2.18
C PHE B 1447 20.01 59.37 -1.16
N VAL B 1448 19.11 58.67 -0.46
CA VAL B 1448 18.26 59.37 0.50
C VAL B 1448 19.08 59.86 1.68
N SER B 1449 20.07 59.10 2.11
CA SER B 1449 20.87 59.52 3.25
C SER B 1449 21.61 60.81 2.95
N CYS B 1450 22.35 60.85 1.84
CA CYS B 1450 23.15 62.03 1.55
C CYS B 1450 22.30 63.20 1.08
N TRP B 1451 21.21 62.93 0.35
CA TRP B 1451 20.37 64.02 -0.13
C TRP B 1451 19.70 64.76 1.01
N SER B 1452 19.43 64.06 2.11
CA SER B 1452 18.80 64.69 3.26
C SER B 1452 19.69 65.75 3.89
N GLU B 1453 21.01 65.59 3.83
CA GLU B 1453 21.94 66.53 4.41
C GLU B 1453 22.47 67.55 3.43
N LEU B 1454 21.98 67.56 2.19
CA LEU B 1454 22.46 68.52 1.21
C LEU B 1454 21.62 69.79 1.27
N ASN B 1455 22.24 70.89 0.85
CA ASN B 1455 21.58 72.19 0.88
C ASN B 1455 20.92 72.48 -0.47
N GLU B 1456 20.21 73.59 -0.53
CA GLU B 1456 19.33 73.86 -1.67
C GLU B 1456 20.10 73.95 -2.97
N ASP B 1457 21.22 74.68 -2.98
CA ASP B 1457 21.93 74.94 -4.23
C ASP B 1457 22.45 73.64 -4.85
N GLN B 1458 23.20 72.86 -4.08
CA GLN B 1458 23.75 71.63 -4.64
C GLN B 1458 22.66 70.58 -4.86
N GLN B 1459 21.56 70.66 -4.10
CA GLN B 1459 20.42 69.81 -4.41
C GLN B 1459 19.81 70.15 -5.76
N ASP B 1460 19.69 71.44 -6.08
CA ASP B 1460 19.22 71.83 -7.41
C ASP B 1460 20.20 71.37 -8.48
N GLU B 1461 21.50 71.48 -8.18
CA GLU B 1461 22.52 70.95 -9.10
C GLU B 1461 22.28 69.48 -9.37
N LEU B 1462 22.07 68.69 -8.32
CA LEU B 1462 21.81 67.27 -8.48
C LEU B 1462 20.53 67.04 -9.29
N ILE B 1463 19.49 67.82 -9.03
CA ILE B 1463 18.22 67.63 -9.73
C ILE B 1463 18.40 67.90 -11.22
N ARG B 1464 19.11 68.97 -11.57
CA ARG B 1464 19.36 69.26 -12.98
C ARG B 1464 20.18 68.16 -13.62
N SER B 1465 21.22 67.69 -12.92
CA SER B 1465 22.05 66.62 -13.46
C SER B 1465 21.23 65.37 -13.71
N ILE B 1466 20.40 64.98 -12.75
CA ILE B 1466 19.64 63.74 -12.87
C ILE B 1466 18.58 63.89 -13.96
N GLU B 1467 17.98 65.06 -14.09
CA GLU B 1467 17.01 65.29 -15.16
C GLU B 1467 17.66 65.16 -16.52
N LEU B 1468 18.80 65.83 -16.72
CA LEU B 1468 19.44 65.75 -18.03
C LEU B 1468 19.90 64.33 -18.32
N ALA B 1469 20.42 63.63 -17.30
CA ALA B 1469 20.87 62.26 -17.51
C ALA B 1469 19.70 61.36 -17.90
N LEU B 1470 18.55 61.54 -17.25
CA LEU B 1470 17.37 60.75 -17.60
C LEU B 1470 16.92 61.04 -19.02
N THR B 1471 16.74 62.31 -19.35
CA THR B 1471 16.17 62.69 -20.64
C THR B 1471 17.13 62.48 -21.80
N SER B 1472 18.43 62.34 -21.55
CA SER B 1472 19.41 62.24 -22.62
C SER B 1472 19.50 60.84 -23.20
N GLN B 1473 19.60 59.82 -22.37
CA GLN B 1473 19.74 58.46 -22.84
C GLN B 1473 18.39 57.76 -22.88
N ASP B 1474 18.41 56.51 -23.32
CA ASP B 1474 17.18 55.73 -23.45
C ASP B 1474 17.31 54.28 -23.03
N ILE B 1475 18.50 53.82 -22.61
CA ILE B 1475 18.69 52.41 -22.31
C ILE B 1475 17.84 52.02 -21.09
N ALA B 1476 17.25 50.83 -21.17
CA ALA B 1476 16.23 50.43 -20.21
C ALA B 1476 16.76 50.30 -18.79
N GLU B 1477 18.00 49.83 -18.62
CA GLU B 1477 18.53 49.55 -17.29
C GLU B 1477 18.50 50.79 -16.41
N VAL B 1478 19.24 51.84 -16.81
CA VAL B 1478 19.36 53.01 -15.96
C VAL B 1478 18.03 53.73 -15.82
N THR B 1479 17.19 53.69 -16.86
CA THR B 1479 15.86 54.28 -16.72
C THR B 1479 15.04 53.57 -15.65
N GLN B 1480 15.10 52.24 -15.62
CA GLN B 1480 14.43 51.52 -14.55
C GLN B 1480 15.03 51.87 -13.20
N THR B 1481 16.36 52.01 -13.13
CA THR B 1481 16.99 52.42 -11.89
C THR B 1481 16.42 53.74 -11.39
N LEU B 1482 16.36 54.73 -12.28
CA LEU B 1482 15.87 56.05 -11.89
C LEU B 1482 14.40 56.02 -11.54
N LEU B 1483 13.59 55.26 -12.27
CA LEU B 1483 12.18 55.16 -11.94
C LEU B 1483 11.98 54.54 -10.57
N ASN B 1484 12.74 53.49 -10.25
CA ASN B 1484 12.65 52.88 -8.93
C ASN B 1484 13.08 53.87 -7.86
N LEU B 1485 14.15 54.63 -8.13
CA LEU B 1485 14.57 55.64 -7.18
C LEU B 1485 13.46 56.64 -6.90
N ALA B 1486 12.81 57.13 -7.95
CA ALA B 1486 11.72 58.09 -7.76
C ALA B 1486 10.56 57.46 -7.01
N GLU B 1487 10.23 56.21 -7.34
CA GLU B 1487 9.13 55.53 -6.69
C GLU B 1487 9.38 55.39 -5.19
N PHE B 1488 10.60 55.04 -4.82
CA PHE B 1488 10.91 54.94 -3.40
C PHE B 1488 10.94 56.31 -2.73
N MET B 1489 11.42 57.32 -3.45
CA MET B 1489 11.50 58.66 -2.89
C MET B 1489 10.12 59.22 -2.56
N GLU B 1490 9.18 59.08 -3.49
CA GLU B 1490 7.84 59.59 -3.26
C GLU B 1490 7.10 58.85 -2.15
N HIS B 1491 7.57 57.67 -1.79
CA HIS B 1491 6.88 56.86 -0.79
C HIS B 1491 7.30 57.21 0.63
N SER B 1492 8.35 58.00 0.80
CA SER B 1492 8.85 58.32 2.13
C SER B 1492 8.03 59.44 2.75
N ASP B 1493 8.53 60.02 3.84
CA ASP B 1493 7.78 61.03 4.57
C ASP B 1493 8.11 62.45 4.15
N LYS B 1494 9.37 62.74 3.82
CA LYS B 1494 9.75 64.10 3.49
C LYS B 1494 9.37 64.52 2.08
N GLY B 1495 8.50 63.76 1.41
CA GLY B 1495 7.94 64.20 0.16
C GLY B 1495 8.74 63.76 -1.04
N PRO B 1496 8.11 63.75 -2.21
CA PRO B 1496 8.81 63.36 -3.43
C PRO B 1496 9.85 64.40 -3.82
N LEU B 1497 10.82 63.95 -4.58
CA LEU B 1497 11.85 64.86 -5.06
C LEU B 1497 11.22 65.85 -6.05
N PRO B 1498 11.34 67.16 -5.82
CA PRO B 1498 10.78 68.13 -6.76
C PRO B 1498 11.62 68.19 -8.02
N LEU B 1499 10.98 68.01 -9.16
CA LEU B 1499 11.65 68.14 -10.45
C LEU B 1499 11.49 69.58 -10.92
N ARG B 1500 11.79 69.83 -12.20
CA ARG B 1500 11.66 71.19 -12.74
C ARG B 1500 10.24 71.70 -12.62
N ASP B 1501 9.25 70.82 -12.79
CA ASP B 1501 7.86 71.25 -12.83
C ASP B 1501 6.96 70.08 -12.47
N ASP B 1502 6.07 70.30 -11.50
CA ASP B 1502 5.08 69.32 -11.08
C ASP B 1502 5.72 67.95 -10.81
N ASN B 1503 6.92 68.00 -10.23
CA ASN B 1503 7.69 66.79 -9.92
C ASN B 1503 7.99 65.97 -11.17
N GLY B 1504 8.03 66.63 -12.32
CA GLY B 1504 8.41 65.97 -13.56
C GLY B 1504 7.48 64.87 -13.99
N ILE B 1505 6.26 64.85 -13.44
CA ILE B 1505 5.34 63.78 -13.74
C ILE B 1505 5.00 63.71 -15.22
N VAL B 1506 5.02 64.84 -15.93
CA VAL B 1506 4.85 64.79 -17.37
C VAL B 1506 5.98 64.01 -18.01
N LEU B 1507 7.23 64.37 -17.67
CA LEU B 1507 8.37 63.63 -18.19
C LEU B 1507 8.38 62.19 -17.73
N LEU B 1508 8.27 61.99 -16.41
CA LEU B 1508 8.38 60.65 -15.84
C LEU B 1508 7.42 59.70 -16.55
N GLY B 1509 6.14 60.08 -16.66
CA GLY B 1509 5.19 59.20 -17.30
C GLY B 1509 5.59 58.82 -18.69
N GLU B 1510 6.01 59.80 -19.51
CA GLU B 1510 6.35 59.45 -20.88
C GLU B 1510 7.61 58.63 -20.96
N ARG B 1511 8.45 58.65 -19.92
CA ARG B 1511 9.60 57.76 -19.90
C ARG B 1511 9.23 56.34 -19.55
N ALA B 1512 8.13 56.14 -18.82
CA ALA B 1512 7.69 54.79 -18.48
C ALA B 1512 7.10 54.05 -19.66
N ALA B 1513 6.51 54.78 -20.62
CA ALA B 1513 5.91 54.12 -21.78
C ALA B 1513 6.95 53.38 -22.60
N LYS B 1514 8.12 53.98 -22.79
CA LYS B 1514 9.12 53.38 -23.65
C LYS B 1514 9.93 52.29 -22.96
N CYS B 1515 9.80 52.13 -21.65
CA CYS B 1515 10.37 50.97 -20.99
C CYS B 1515 9.33 49.90 -20.68
N ARG B 1516 8.07 50.13 -21.07
CA ARG B 1516 7.02 49.13 -21.02
C ARG B 1516 6.66 48.72 -19.59
N ALA B 1517 7.05 49.54 -18.61
CA ALA B 1517 6.66 49.34 -17.23
C ALA B 1517 5.32 50.05 -17.06
N TYR B 1518 4.24 49.36 -17.43
CA TYR B 1518 2.98 50.03 -17.67
C TYR B 1518 2.21 50.40 -16.41
N ALA B 1519 2.43 49.69 -15.29
CA ALA B 1519 1.75 50.09 -14.06
C ALA B 1519 2.17 51.50 -13.65
N LYS B 1520 3.48 51.77 -13.70
CA LYS B 1520 3.97 53.11 -13.37
C LYS B 1520 3.38 54.13 -14.33
N ALA B 1521 3.28 53.77 -15.62
CA ALA B 1521 2.71 54.68 -16.59
C ALA B 1521 1.26 55.01 -16.24
N LEU B 1522 0.48 54.00 -15.88
CA LEU B 1522 -0.91 54.26 -15.52
C LEU B 1522 -1.00 55.15 -14.29
N HIS B 1523 -0.17 54.88 -13.28
CA HIS B 1523 -0.25 55.69 -12.07
C HIS B 1523 0.13 57.13 -12.34
N TYR B 1524 1.18 57.35 -13.14
CA TYR B 1524 1.56 58.70 -13.52
C TYR B 1524 0.45 59.40 -14.29
N LYS B 1525 -0.14 58.72 -15.27
CA LYS B 1525 -1.21 59.33 -16.04
C LYS B 1525 -2.40 59.66 -15.16
N GLU B 1526 -2.70 58.79 -14.20
CA GLU B 1526 -3.77 59.05 -13.26
C GLU B 1526 -3.50 60.29 -12.43
N LEU B 1527 -2.26 60.42 -11.95
CA LEU B 1527 -1.87 61.57 -11.18
C LEU B 1527 -1.99 62.84 -11.99
N GLU B 1528 -1.62 62.76 -13.28
CA GLU B 1528 -1.89 63.86 -14.18
C GLU B 1528 -3.37 64.16 -14.27
N PHE B 1529 -4.20 63.12 -14.34
CA PHE B 1529 -5.61 63.33 -14.57
C PHE B 1529 -6.28 64.10 -13.45
N GLN B 1530 -5.98 63.77 -12.18
CA GLN B 1530 -6.89 64.22 -11.12
C GLN B 1530 -7.13 65.72 -11.16
N LYS B 1531 -6.16 66.50 -11.64
CA LYS B 1531 -6.32 67.95 -11.67
C LYS B 1531 -7.43 68.36 -12.63
N GLY B 1532 -7.24 68.11 -13.93
CA GLY B 1532 -8.17 68.58 -14.93
C GLY B 1532 -8.19 67.70 -16.17
N PRO B 1533 -9.39 67.38 -16.65
CA PRO B 1533 -9.51 66.48 -17.80
C PRO B 1533 -9.31 67.21 -19.11
N THR B 1534 -8.44 66.66 -19.96
CA THR B 1534 -8.27 67.10 -21.33
C THR B 1534 -8.33 65.89 -22.24
N PRO B 1535 -8.82 66.05 -23.46
CA PRO B 1535 -9.02 64.89 -24.33
C PRO B 1535 -7.77 64.07 -24.60
N ALA B 1536 -6.62 64.73 -24.80
CA ALA B 1536 -5.40 63.98 -25.10
C ALA B 1536 -5.05 63.03 -23.97
N ILE B 1537 -5.21 63.49 -22.73
CA ILE B 1537 -4.95 62.63 -21.58
C ILE B 1537 -5.88 61.43 -21.59
N LEU B 1538 -7.17 61.66 -21.85
CA LEU B 1538 -8.12 60.55 -21.87
C LEU B 1538 -7.73 59.53 -22.93
N GLU B 1539 -7.32 60.00 -24.11
CA GLU B 1539 -6.90 59.07 -25.14
C GLU B 1539 -5.67 58.28 -24.72
N SER B 1540 -4.73 58.93 -24.03
CA SER B 1540 -3.57 58.21 -23.53
C SER B 1540 -3.95 57.14 -22.50
N LEU B 1541 -4.89 57.44 -21.60
CA LEU B 1541 -5.39 56.40 -20.72
C LEU B 1541 -6.04 55.26 -21.50
N ILE B 1542 -6.78 55.60 -22.55
CA ILE B 1542 -7.33 54.55 -23.41
C ILE B 1542 -6.23 53.65 -23.92
N SER B 1543 -5.17 54.24 -24.45
CA SER B 1543 -4.08 53.46 -25.00
C SER B 1543 -3.42 52.59 -23.95
N ILE B 1544 -3.18 53.15 -22.76
CA ILE B 1544 -2.48 52.41 -21.72
C ILE B 1544 -3.34 51.25 -21.19
N ASN B 1545 -4.61 51.52 -20.89
CA ASN B 1545 -5.50 50.45 -20.46
C ASN B 1545 -5.63 49.37 -21.51
N ASN B 1546 -5.59 49.74 -22.80
CA ASN B 1546 -5.67 48.74 -23.84
C ASN B 1546 -4.54 47.73 -23.71
N LYS B 1547 -3.30 48.18 -23.82
CA LYS B 1547 -2.18 47.27 -23.73
C LYS B 1547 -1.98 46.71 -22.34
N LEU B 1548 -2.85 47.03 -21.40
CA LEU B 1548 -2.83 46.42 -20.09
C LEU B 1548 -3.94 45.39 -19.92
N GLN B 1549 -4.65 45.07 -21.01
CA GLN B 1549 -5.59 43.95 -21.06
C GLN B 1549 -6.87 44.21 -20.27
N GLN B 1550 -7.28 45.47 -20.18
CA GLN B 1550 -8.49 45.83 -19.46
C GLN B 1550 -9.39 46.67 -20.36
N PRO B 1551 -10.25 46.04 -21.13
CA PRO B 1551 -11.20 46.80 -21.95
C PRO B 1551 -12.20 47.60 -21.13
N GLU B 1552 -12.50 47.13 -19.92
CA GLU B 1552 -13.54 47.78 -19.12
C GLU B 1552 -13.11 49.19 -18.72
N ALA B 1553 -11.82 49.38 -18.45
CA ALA B 1553 -11.33 50.73 -18.22
C ALA B 1553 -11.56 51.61 -19.45
N ALA B 1554 -11.35 51.05 -20.64
CA ALA B 1554 -11.63 51.81 -21.85
C ALA B 1554 -13.09 52.20 -21.93
N ALA B 1555 -14.00 51.26 -21.63
CA ALA B 1555 -15.42 51.57 -21.69
C ALA B 1555 -15.78 52.66 -20.70
N GLY B 1556 -15.23 52.58 -19.49
CA GLY B 1556 -15.50 53.62 -18.51
C GLY B 1556 -14.98 54.97 -18.93
N VAL B 1557 -13.77 55.02 -19.48
CA VAL B 1557 -13.24 56.29 -19.97
C VAL B 1557 -14.14 56.85 -21.05
N LEU B 1558 -14.61 55.99 -21.95
CA LEU B 1558 -15.51 56.46 -23.00
C LEU B 1558 -16.79 57.03 -22.41
N GLU B 1559 -17.37 56.34 -21.44
CA GLU B 1559 -18.61 56.82 -20.84
C GLU B 1559 -18.41 58.17 -20.16
N TYR B 1560 -17.31 58.30 -19.42
CA TYR B 1560 -17.01 59.59 -18.80
C TYR B 1560 -16.84 60.68 -19.84
N ALA B 1561 -16.19 60.34 -20.97
CA ALA B 1561 -16.01 61.33 -22.02
C ALA B 1561 -17.33 61.80 -22.59
N MET B 1562 -18.26 60.88 -22.88
CA MET B 1562 -19.56 61.36 -23.36
C MET B 1562 -20.29 62.18 -22.31
N LYS B 1563 -20.28 61.73 -21.06
CA LYS B 1563 -21.12 62.36 -20.05
C LYS B 1563 -20.53 63.63 -19.45
N HIS B 1564 -19.20 63.72 -19.31
CA HIS B 1564 -18.60 64.84 -18.60
C HIS B 1564 -17.91 65.84 -19.50
N PHE B 1565 -17.63 65.50 -20.76
CA PHE B 1565 -17.29 66.51 -21.75
C PHE B 1565 -18.48 66.83 -22.64
N GLY B 1566 -19.04 65.82 -23.31
CA GLY B 1566 -20.27 66.00 -24.06
C GLY B 1566 -20.26 67.06 -25.13
N GLU B 1567 -19.16 67.16 -25.89
CA GLU B 1567 -19.12 68.06 -27.04
C GLU B 1567 -18.97 67.30 -28.34
N LEU B 1568 -18.97 65.96 -28.30
CA LEU B 1568 -18.82 65.12 -29.49
C LEU B 1568 -17.49 65.42 -30.20
N GLU B 1569 -16.46 65.68 -29.40
CA GLU B 1569 -15.10 65.75 -29.91
C GLU B 1569 -14.49 64.36 -30.07
N ILE B 1570 -15.24 63.32 -29.71
CA ILE B 1570 -14.76 61.94 -29.76
C ILE B 1570 -14.21 61.66 -31.16
N GLN B 1571 -12.94 61.27 -31.22
CA GLN B 1571 -12.34 60.90 -32.49
C GLN B 1571 -12.69 59.47 -32.84
N ALA B 1572 -12.93 59.24 -34.13
CA ALA B 1572 -13.22 57.89 -34.57
C ALA B 1572 -12.10 56.93 -34.23
N THR B 1573 -10.86 57.41 -34.18
CA THR B 1573 -9.75 56.57 -33.76
C THR B 1573 -9.97 56.03 -32.35
N TRP B 1574 -10.75 56.74 -31.53
CA TRP B 1574 -11.08 56.21 -30.21
C TRP B 1574 -11.88 54.93 -30.32
N TYR B 1575 -12.98 54.96 -31.09
CA TYR B 1575 -13.71 53.71 -31.31
C TYR B 1575 -12.85 52.67 -31.97
N GLU B 1576 -11.95 53.09 -32.87
CA GLU B 1576 -10.98 52.16 -33.45
C GLU B 1576 -10.23 51.40 -32.36
N LYS B 1577 -9.66 52.13 -31.40
CA LYS B 1577 -8.91 51.48 -30.34
C LYS B 1577 -9.82 50.66 -29.45
N LEU B 1578 -11.03 51.14 -29.16
CA LEU B 1578 -11.97 50.40 -28.34
C LEU B 1578 -12.62 49.25 -29.08
N HIS B 1579 -12.36 49.10 -30.37
CA HIS B 1579 -12.94 48.03 -31.17
C HIS B 1579 -14.46 48.11 -31.22
N GLU B 1580 -15.00 49.33 -31.26
CA GLU B 1580 -16.43 49.54 -31.49
C GLU B 1580 -16.61 49.95 -32.95
N TRP B 1581 -16.61 48.94 -33.81
CA TRP B 1581 -16.50 49.16 -35.25
C TRP B 1581 -17.73 49.86 -35.82
N GLU B 1582 -18.94 49.50 -35.36
CA GLU B 1582 -20.15 50.11 -35.89
C GLU B 1582 -20.15 51.61 -35.61
N ASP B 1583 -19.74 52.00 -34.41
CA ASP B 1583 -19.68 53.41 -34.08
C ASP B 1583 -18.67 54.13 -34.97
N ALA B 1584 -17.53 53.50 -35.24
CA ALA B 1584 -16.56 54.11 -36.14
C ALA B 1584 -17.13 54.28 -37.54
N LEU B 1585 -17.85 53.27 -38.03
CA LEU B 1585 -18.47 53.35 -39.34
C LEU B 1585 -19.43 54.53 -39.41
N VAL B 1586 -20.34 54.63 -38.45
CA VAL B 1586 -21.29 55.73 -38.49
C VAL B 1586 -20.60 57.07 -38.24
N ALA B 1587 -19.50 57.07 -37.47
CA ALA B 1587 -18.76 58.31 -37.25
C ALA B 1587 -18.16 58.83 -38.54
N TYR B 1588 -17.54 57.95 -39.31
CA TYR B 1588 -17.05 58.37 -40.62
C TYR B 1588 -18.19 58.70 -41.57
N ASP B 1589 -19.34 58.04 -41.43
CA ASP B 1589 -20.49 58.42 -42.24
C ASP B 1589 -20.91 59.86 -41.94
N LYS B 1590 -20.90 60.25 -40.67
CA LYS B 1590 -21.24 61.61 -40.30
C LYS B 1590 -20.09 62.58 -40.49
N LYS B 1591 -18.90 62.09 -40.80
CA LYS B 1591 -17.79 63.00 -41.04
C LYS B 1591 -17.58 63.26 -42.53
N MET B 1592 -17.79 62.26 -43.38
CA MET B 1592 -17.66 62.43 -44.82
C MET B 1592 -18.80 63.21 -45.44
N ASP B 1593 -20.03 63.03 -44.93
CA ASP B 1593 -21.19 63.70 -45.51
C ASP B 1593 -21.03 65.21 -45.53
N THR B 1594 -20.20 65.75 -44.64
CA THR B 1594 -19.80 67.14 -44.78
C THR B 1594 -19.16 67.39 -46.14
N ASN B 1595 -18.18 66.58 -46.52
CA ASN B 1595 -17.45 66.75 -47.76
C ASN B 1595 -16.47 65.59 -47.92
N LYS B 1596 -16.12 65.30 -49.18
CA LYS B 1596 -15.01 64.40 -49.46
C LYS B 1596 -13.71 65.15 -49.26
N ASP B 1597 -12.81 64.60 -48.45
CA ASP B 1597 -11.63 65.32 -47.99
C ASP B 1597 -10.37 64.51 -48.25
N ASP B 1598 -9.28 64.99 -47.65
CA ASP B 1598 -7.95 64.48 -47.86
C ASP B 1598 -7.83 63.06 -47.29
N PRO B 1599 -6.69 62.40 -47.51
CA PRO B 1599 -6.46 61.09 -46.88
C PRO B 1599 -6.48 61.19 -45.36
N GLU B 1600 -6.29 60.02 -44.72
CA GLU B 1600 -6.47 59.78 -43.30
C GLU B 1600 -7.93 59.74 -42.92
N LEU B 1601 -8.84 59.90 -43.87
CA LEU B 1601 -10.26 59.83 -43.59
C LEU B 1601 -10.90 58.57 -44.12
N MET B 1602 -10.75 58.27 -45.41
CA MET B 1602 -11.30 57.04 -45.97
C MET B 1602 -10.51 55.81 -45.56
N LEU B 1603 -9.28 56.00 -45.09
CA LEU B 1603 -8.49 54.85 -44.63
C LEU B 1603 -9.19 54.16 -43.47
N GLY B 1604 -9.69 54.94 -42.52
CA GLY B 1604 -10.35 54.33 -41.37
C GLY B 1604 -11.63 53.63 -41.76
N ARG B 1605 -12.38 54.17 -42.73
CA ARG B 1605 -13.61 53.50 -43.13
C ARG B 1605 -13.31 52.22 -43.90
N MET B 1606 -12.22 52.22 -44.69
CA MET B 1606 -11.78 50.97 -45.28
C MET B 1606 -11.41 49.96 -44.20
N ARG B 1607 -10.74 50.40 -43.15
CA ARG B 1607 -10.37 49.50 -42.07
C ARG B 1607 -11.59 48.97 -41.33
N CYS B 1608 -12.62 49.79 -41.15
CA CYS B 1608 -13.80 49.29 -40.43
C CYS B 1608 -14.59 48.33 -41.30
N LEU B 1609 -14.62 48.56 -42.61
CA LEU B 1609 -15.18 47.55 -43.49
C LEU B 1609 -14.39 46.26 -43.44
N GLU B 1610 -13.06 46.37 -43.37
CA GLU B 1610 -12.22 45.19 -43.16
C GLU B 1610 -12.63 44.43 -41.91
N ALA B 1611 -12.62 45.10 -40.76
CA ALA B 1611 -12.93 44.45 -39.50
C ALA B 1611 -14.33 43.86 -39.49
N LEU B 1612 -15.32 44.60 -39.99
CA LEU B 1612 -16.66 44.06 -40.10
C LEU B 1612 -16.71 42.86 -41.03
N GLY B 1613 -15.83 42.81 -42.00
CA GLY B 1613 -15.78 41.72 -42.95
C GLY B 1613 -16.63 41.88 -44.20
N GLU B 1614 -17.24 43.05 -44.41
CA GLU B 1614 -18.02 43.30 -45.61
C GLU B 1614 -17.02 43.58 -46.73
N TRP B 1615 -17.02 42.71 -47.75
CA TRP B 1615 -16.08 42.88 -48.84
C TRP B 1615 -16.68 43.65 -50.02
N GLY B 1616 -18.00 43.53 -50.23
CA GLY B 1616 -18.64 44.12 -51.38
C GLY B 1616 -18.45 45.62 -51.48
N GLN B 1617 -19.04 46.36 -50.54
CA GLN B 1617 -18.87 47.81 -50.52
C GLN B 1617 -17.40 48.19 -50.39
N LEU B 1618 -16.62 47.35 -49.71
CA LEU B 1618 -15.19 47.60 -49.57
C LEU B 1618 -14.53 47.75 -50.94
N HIS B 1619 -14.62 46.71 -51.77
CA HIS B 1619 -14.04 46.78 -53.10
C HIS B 1619 -14.74 47.83 -53.96
N GLN B 1620 -16.05 47.99 -53.81
CA GLN B 1620 -16.77 48.99 -54.60
C GLN B 1620 -16.18 50.37 -54.37
N GLN B 1621 -15.89 50.71 -53.11
CA GLN B 1621 -15.22 51.97 -52.82
C GLN B 1621 -13.78 51.99 -53.33
N CYS B 1622 -13.03 50.91 -53.09
CA CYS B 1622 -11.60 50.95 -53.39
C CYS B 1622 -11.33 51.07 -54.88
N CYS B 1623 -11.98 50.25 -55.70
CA CYS B 1623 -11.69 50.22 -57.13
C CYS B 1623 -11.97 51.56 -57.78
N GLU B 1624 -13.13 52.14 -57.49
CA GLU B 1624 -13.52 53.42 -58.07
C GLU B 1624 -12.60 54.56 -57.66
N LYS B 1625 -11.82 54.39 -56.59
CA LYS B 1625 -10.99 55.47 -56.09
C LYS B 1625 -9.50 55.14 -56.13
N TRP B 1626 -9.14 53.89 -56.40
CA TRP B 1626 -7.73 53.51 -56.33
C TRP B 1626 -6.88 54.31 -57.29
N THR B 1627 -7.37 54.49 -58.52
CA THR B 1627 -6.65 55.28 -59.51
C THR B 1627 -6.57 56.76 -59.10
N LEU B 1628 -7.67 57.31 -58.60
CA LEU B 1628 -7.80 58.74 -58.40
C LEU B 1628 -7.23 59.15 -57.04
N VAL B 1629 -5.97 58.77 -56.80
CA VAL B 1629 -5.28 59.12 -55.56
C VAL B 1629 -3.79 58.85 -55.75
N ASN B 1630 -2.97 59.49 -54.91
CA ASN B 1630 -1.52 59.40 -55.02
C ASN B 1630 -1.06 57.99 -54.65
N ASP B 1631 0.23 57.73 -54.88
CA ASP B 1631 0.82 56.42 -54.63
C ASP B 1631 1.07 56.14 -53.16
N GLU B 1632 1.41 57.16 -52.38
CA GLU B 1632 1.73 56.96 -50.96
C GLU B 1632 0.53 56.47 -50.16
N THR B 1633 -0.68 56.66 -50.69
CA THR B 1633 -1.89 56.07 -50.12
C THR B 1633 -2.22 54.73 -50.74
N GLN B 1634 -1.94 54.56 -52.03
CA GLN B 1634 -2.15 53.28 -52.67
C GLN B 1634 -1.32 52.19 -52.00
N ALA B 1635 -0.11 52.54 -51.58
CA ALA B 1635 0.74 51.58 -50.88
C ALA B 1635 0.04 51.04 -49.64
N LYS B 1636 -0.63 51.89 -48.89
CA LYS B 1636 -1.29 51.45 -47.66
C LYS B 1636 -2.67 50.84 -47.89
N MET B 1637 -3.36 51.18 -48.98
CA MET B 1637 -4.58 50.46 -49.27
C MET B 1637 -4.35 49.17 -50.03
N ALA B 1638 -3.09 48.88 -50.39
CA ALA B 1638 -2.81 47.65 -51.13
C ALA B 1638 -3.24 46.41 -50.37
N ARG B 1639 -2.94 46.34 -49.08
CA ARG B 1639 -3.31 45.18 -48.30
C ARG B 1639 -4.82 45.01 -48.22
N MET B 1640 -5.53 46.11 -48.01
CA MET B 1640 -6.99 46.08 -48.02
C MET B 1640 -7.52 45.61 -49.36
N ALA B 1641 -6.91 46.09 -50.45
CA ALA B 1641 -7.36 45.67 -51.78
C ALA B 1641 -7.16 44.18 -51.96
N ALA B 1642 -6.02 43.67 -51.51
CA ALA B 1642 -5.77 42.24 -51.62
C ALA B 1642 -6.79 41.44 -50.82
N ALA B 1643 -7.08 41.89 -49.59
CA ALA B 1643 -8.05 41.16 -48.76
C ALA B 1643 -9.43 41.15 -49.41
N ALA B 1644 -9.86 42.31 -49.92
CA ALA B 1644 -11.17 42.37 -50.56
C ALA B 1644 -11.21 41.48 -51.80
N ALA B 1645 -10.15 41.52 -52.62
CA ALA B 1645 -10.16 40.72 -53.83
C ALA B 1645 -10.19 39.23 -53.51
N TRP B 1646 -9.43 38.80 -52.52
CA TRP B 1646 -9.53 37.41 -52.08
C TRP B 1646 -10.94 37.09 -51.62
N GLY B 1647 -11.56 38.00 -50.88
CA GLY B 1647 -12.94 37.80 -50.47
C GLY B 1647 -13.89 37.62 -51.65
N LEU B 1648 -13.66 38.38 -52.72
CA LEU B 1648 -14.51 38.30 -53.90
C LEU B 1648 -14.08 37.22 -54.88
N GLY B 1649 -12.96 36.56 -54.64
CA GLY B 1649 -12.46 35.60 -55.59
C GLY B 1649 -12.09 36.16 -56.93
N GLN B 1650 -11.67 37.44 -56.99
CA GLN B 1650 -11.27 38.07 -58.25
C GLN B 1650 -9.75 38.12 -58.30
N TRP B 1651 -9.15 36.97 -58.58
CA TRP B 1651 -7.69 36.88 -58.67
C TRP B 1651 -7.14 37.79 -59.76
N ASP B 1652 -7.93 38.06 -60.80
CA ASP B 1652 -7.50 39.01 -61.82
C ASP B 1652 -7.18 40.36 -61.20
N SER B 1653 -8.02 40.82 -60.27
CA SER B 1653 -7.70 42.02 -59.52
C SER B 1653 -6.67 41.77 -58.43
N MET B 1654 -6.55 40.52 -57.94
CA MET B 1654 -5.48 40.22 -57.00
C MET B 1654 -4.10 40.48 -57.58
N GLU B 1655 -3.88 40.02 -58.82
CA GLU B 1655 -2.57 40.25 -59.43
C GLU B 1655 -2.32 41.74 -59.59
N GLU B 1656 -3.35 42.48 -59.97
CA GLU B 1656 -3.24 43.94 -60.05
C GLU B 1656 -2.84 44.54 -58.71
N TYR B 1657 -3.54 44.18 -57.64
CA TYR B 1657 -3.31 44.81 -56.34
C TYR B 1657 -1.97 44.40 -55.73
N THR B 1658 -1.57 43.15 -55.89
CA THR B 1658 -0.38 42.67 -55.20
C THR B 1658 0.90 43.27 -55.78
N CYS B 1659 0.79 43.97 -56.91
CA CYS B 1659 1.98 44.55 -57.52
C CYS B 1659 2.60 45.64 -56.66
N MET B 1660 1.85 46.19 -55.71
CA MET B 1660 2.27 47.39 -54.99
C MET B 1660 2.84 47.10 -53.61
N ILE B 1661 2.48 45.99 -52.98
CA ILE B 1661 2.88 45.78 -51.59
C ILE B 1661 4.40 45.68 -51.52
N PRO B 1662 5.05 46.35 -50.57
CA PRO B 1662 6.51 46.25 -50.49
C PRO B 1662 6.96 44.83 -50.24
N ARG B 1663 8.12 44.49 -50.79
CA ARG B 1663 8.60 43.11 -50.75
C ARG B 1663 9.36 42.80 -49.46
N ASP B 1664 9.66 43.82 -48.66
CA ASP B 1664 10.39 43.66 -47.41
C ASP B 1664 9.49 43.34 -46.23
N THR B 1665 8.18 43.45 -46.38
CA THR B 1665 7.27 43.32 -45.25
C THR B 1665 6.64 41.94 -45.20
N HIS B 1666 6.13 41.61 -44.01
CA HIS B 1666 5.59 40.29 -43.74
C HIS B 1666 4.37 40.00 -44.62
N ASP B 1667 3.31 40.78 -44.47
CA ASP B 1667 2.08 40.50 -45.18
C ASP B 1667 2.27 40.50 -46.70
N GLY B 1668 3.22 41.29 -47.20
CA GLY B 1668 3.52 41.24 -48.61
C GLY B 1668 4.01 39.87 -49.05
N ALA B 1669 4.95 39.30 -48.30
CA ALA B 1669 5.42 37.96 -48.62
C ALA B 1669 4.28 36.96 -48.52
N PHE B 1670 3.44 37.08 -47.49
CA PHE B 1670 2.34 36.14 -47.32
C PHE B 1670 1.38 36.20 -48.51
N TYR B 1671 1.01 37.40 -48.92
CA TYR B 1671 0.06 37.52 -50.02
C TYR B 1671 0.68 37.08 -51.34
N ARG B 1672 1.97 37.33 -51.54
CA ARG B 1672 2.62 36.79 -52.73
C ARG B 1672 2.60 35.27 -52.71
N ALA B 1673 2.83 34.67 -51.54
CA ALA B 1673 2.80 33.22 -51.44
C ALA B 1673 1.41 32.69 -51.77
N VAL B 1674 0.36 33.33 -51.26
CA VAL B 1674 -0.97 32.79 -51.54
C VAL B 1674 -1.31 32.98 -53.01
N LEU B 1675 -0.90 34.10 -53.61
CA LEU B 1675 -1.17 34.28 -55.04
C LEU B 1675 -0.46 33.21 -55.87
N ALA B 1676 0.81 32.96 -55.58
CA ALA B 1676 1.53 31.93 -56.33
C ALA B 1676 0.91 30.56 -56.13
N LEU B 1677 0.52 30.24 -54.89
CA LEU B 1677 -0.07 28.94 -54.61
C LEU B 1677 -1.39 28.76 -55.35
N HIS B 1678 -2.17 29.83 -55.50
CA HIS B 1678 -3.45 29.67 -56.19
C HIS B 1678 -3.25 29.23 -57.63
N GLN B 1679 -2.24 29.78 -58.31
CA GLN B 1679 -1.98 29.48 -59.71
C GLN B 1679 -0.97 28.35 -59.89
N ASP B 1680 -0.70 27.60 -58.81
CA ASP B 1680 -0.04 26.30 -58.89
C ASP B 1680 1.38 26.41 -59.46
N LEU B 1681 2.24 27.10 -58.71
CA LEU B 1681 3.68 27.11 -58.97
C LEU B 1681 4.35 26.71 -57.66
N PHE B 1682 4.48 25.41 -57.44
CA PHE B 1682 4.80 24.89 -56.12
C PHE B 1682 6.28 24.96 -55.77
N SER B 1683 7.09 25.64 -56.58
CA SER B 1683 8.49 25.82 -56.24
C SER B 1683 8.76 27.17 -55.58
N LEU B 1684 8.11 28.24 -56.05
CA LEU B 1684 8.30 29.54 -55.45
C LEU B 1684 7.68 29.62 -54.06
N ALA B 1685 6.61 28.87 -53.85
CA ALA B 1685 5.81 29.02 -52.64
C ALA B 1685 6.62 28.72 -51.40
N GLN B 1686 7.44 27.66 -51.44
CA GLN B 1686 8.22 27.30 -50.26
C GLN B 1686 9.22 28.39 -49.90
N GLN B 1687 9.87 29.00 -50.88
CA GLN B 1687 10.79 30.10 -50.58
C GLN B 1687 10.04 31.30 -50.03
N CYS B 1688 8.87 31.59 -50.59
CA CYS B 1688 8.06 32.67 -50.06
C CYS B 1688 7.73 32.44 -48.59
N ILE B 1689 7.27 31.24 -48.25
CA ILE B 1689 6.93 30.93 -46.86
C ILE B 1689 8.17 30.99 -45.99
N ASP B 1690 9.32 30.54 -46.51
CA ASP B 1690 10.54 30.61 -45.74
C ASP B 1690 10.90 32.05 -45.36
N LYS B 1691 10.77 32.98 -46.30
CA LYS B 1691 11.02 34.38 -45.96
C LYS B 1691 9.99 34.89 -44.96
N ALA B 1692 8.72 34.53 -45.16
CA ALA B 1692 7.70 34.94 -44.22
C ALA B 1692 8.01 34.46 -42.80
N ARG B 1693 8.66 33.30 -42.69
CA ARG B 1693 8.97 32.76 -41.38
C ARG B 1693 9.82 33.72 -40.55
N ASP B 1694 10.95 34.16 -41.08
CA ASP B 1694 11.79 35.04 -40.26
C ASP B 1694 11.23 36.46 -40.20
N LEU B 1695 10.52 36.90 -41.24
CA LEU B 1695 9.91 38.22 -41.16
C LEU B 1695 8.80 38.26 -40.12
N LEU B 1696 8.28 37.11 -39.70
CA LEU B 1696 7.46 37.07 -38.49
C LEU B 1696 8.31 36.87 -37.24
N ASP B 1697 9.40 36.09 -37.37
CA ASP B 1697 10.29 35.79 -36.25
C ASP B 1697 10.74 37.06 -35.56
N ALA B 1698 11.10 38.09 -36.33
CA ALA B 1698 11.61 39.33 -35.74
C ALA B 1698 10.64 39.87 -34.69
N GLU B 1699 9.43 40.18 -35.10
CA GLU B 1699 8.43 40.73 -34.18
C GLU B 1699 7.96 39.71 -33.17
N LEU B 1700 8.06 38.42 -33.47
CA LEU B 1700 7.70 37.42 -32.47
C LEU B 1700 8.66 37.47 -31.29
N THR B 1701 9.96 37.49 -31.57
CA THR B 1701 10.94 37.66 -30.50
C THR B 1701 10.78 39.00 -29.80
N ALA B 1702 10.58 40.08 -30.54
CA ALA B 1702 10.41 41.38 -29.90
C ALA B 1702 9.16 41.42 -29.04
N MET B 1703 8.17 40.60 -29.36
CA MET B 1703 6.89 40.60 -28.66
C MET B 1703 6.82 39.59 -27.53
N ALA B 1704 7.68 38.57 -27.54
CA ALA B 1704 7.57 37.48 -26.58
C ALA B 1704 8.12 37.83 -25.21
N GLY B 1705 9.06 38.78 -25.12
CA GLY B 1705 9.74 39.03 -23.87
C GLY B 1705 8.84 39.42 -22.72
N GLU B 1706 7.69 40.01 -23.02
CA GLU B 1706 6.83 40.52 -21.95
C GLU B 1706 5.92 39.43 -21.39
N SER B 1707 5.03 38.87 -22.21
CA SER B 1707 4.05 37.91 -21.70
C SER B 1707 3.43 37.16 -22.86
N TYR B 1708 2.78 36.04 -22.52
CA TYR B 1708 2.23 35.16 -23.55
C TYR B 1708 1.09 35.80 -24.33
N SER B 1709 0.11 36.36 -23.63
CA SER B 1709 -1.02 36.97 -24.31
C SER B 1709 -0.58 38.02 -25.31
N ARG B 1710 0.49 38.72 -25.01
CA ARG B 1710 1.01 39.71 -25.94
C ARG B 1710 1.55 39.07 -27.20
N ALA B 1711 2.13 37.88 -27.09
CA ALA B 1711 2.62 37.15 -28.24
C ALA B 1711 1.54 36.35 -28.95
N TYR B 1712 0.34 36.26 -28.37
CA TYR B 1712 -0.75 35.55 -29.03
C TYR B 1712 -1.09 36.16 -30.38
N GLY B 1713 -1.08 37.48 -30.48
CA GLY B 1713 -1.42 38.15 -31.73
C GLY B 1713 -0.47 37.84 -32.86
N ALA B 1714 0.77 37.50 -32.55
CA ALA B 1714 1.69 37.02 -33.57
C ALA B 1714 1.62 35.52 -33.76
N MET B 1715 1.31 34.79 -32.68
CA MET B 1715 1.22 33.33 -32.80
C MET B 1715 0.07 32.92 -33.69
N VAL B 1716 -1.02 33.69 -33.68
CA VAL B 1716 -2.12 33.37 -34.58
C VAL B 1716 -1.65 33.46 -36.03
N SER B 1717 -0.88 34.50 -36.37
CA SER B 1717 -0.34 34.60 -37.72
C SER B 1717 0.68 33.52 -38.01
N CYS B 1718 1.45 33.08 -37.02
CA CYS B 1718 2.38 31.99 -37.26
C CYS B 1718 1.64 30.70 -37.59
N HIS B 1719 0.63 30.35 -36.80
CA HIS B 1719 -0.15 29.16 -37.08
C HIS B 1719 -0.93 29.31 -38.39
N MET B 1720 -1.28 30.55 -38.73
CA MET B 1720 -1.75 30.85 -40.08
C MET B 1720 -0.72 30.40 -41.11
N LEU B 1721 0.53 30.84 -40.93
CA LEU B 1721 1.55 30.67 -41.95
C LEU B 1721 1.90 29.21 -42.16
N SER B 1722 2.07 28.46 -41.09
CA SER B 1722 2.55 27.09 -41.25
C SER B 1722 1.48 26.13 -41.76
N GLU B 1723 0.21 26.50 -41.73
CA GLU B 1723 -0.83 25.63 -42.24
C GLU B 1723 -0.79 25.49 -43.76
N LEU B 1724 -0.17 26.45 -44.46
CA LEU B 1724 -0.15 26.42 -45.92
C LEU B 1724 0.56 25.19 -46.47
N GLU B 1725 1.57 24.70 -45.75
CA GLU B 1725 2.21 23.45 -46.16
C GLU B 1725 1.19 22.33 -46.23
N GLU B 1726 0.26 22.29 -45.29
CA GLU B 1726 -0.81 21.31 -45.35
C GLU B 1726 -1.70 21.53 -46.56
N VAL B 1727 -1.88 22.79 -46.99
CA VAL B 1727 -2.62 23.04 -48.22
C VAL B 1727 -1.89 22.43 -49.41
N ILE B 1728 -0.56 22.59 -49.45
CA ILE B 1728 0.24 21.97 -50.50
C ILE B 1728 0.01 20.46 -50.51
N GLN B 1729 0.12 19.83 -49.34
CA GLN B 1729 -0.08 18.40 -49.27
C GLN B 1729 -1.48 18.00 -49.70
N TYR B 1730 -2.48 18.78 -49.35
CA TYR B 1730 -3.85 18.48 -49.76
C TYR B 1730 -3.99 18.55 -51.27
N LYS B 1731 -3.36 19.54 -51.88
CA LYS B 1731 -3.45 19.68 -53.33
C LYS B 1731 -2.66 18.61 -54.07
N LEU B 1732 -1.62 18.04 -53.47
CA LEU B 1732 -0.70 17.18 -54.19
C LEU B 1732 -1.16 15.72 -54.21
N VAL B 1733 -1.25 15.08 -53.05
CA VAL B 1733 -1.57 13.66 -52.96
C VAL B 1733 -3.00 13.51 -52.44
N PRO B 1734 -3.93 13.00 -53.24
CA PRO B 1734 -5.33 12.94 -52.78
C PRO B 1734 -5.62 11.83 -51.79
N GLU B 1735 -4.61 11.21 -51.20
CA GLU B 1735 -4.84 10.09 -50.29
C GLU B 1735 -4.86 10.52 -48.84
N ARG B 1736 -4.13 11.58 -48.48
CA ARG B 1736 -4.10 12.08 -47.12
C ARG B 1736 -5.31 12.94 -46.77
N ARG B 1737 -6.24 13.09 -47.71
CA ARG B 1737 -7.20 14.18 -47.64
C ARG B 1737 -8.05 14.12 -46.38
N GLU B 1738 -8.56 12.94 -46.02
CA GLU B 1738 -9.42 12.84 -44.87
C GLU B 1738 -8.66 13.11 -43.58
N ILE B 1739 -7.42 12.63 -43.48
CA ILE B 1739 -6.67 12.76 -42.25
C ILE B 1739 -6.36 14.22 -41.97
N ILE B 1740 -5.86 14.93 -42.97
CA ILE B 1740 -5.56 16.35 -42.80
C ILE B 1740 -6.85 17.15 -42.58
N ARG B 1741 -7.95 16.74 -43.22
CA ARG B 1741 -9.22 17.40 -42.97
C ARG B 1741 -9.65 17.26 -41.51
N GLN B 1742 -9.48 16.09 -40.92
CA GLN B 1742 -9.81 15.89 -39.51
C GLN B 1742 -8.88 16.68 -38.61
N ILE B 1743 -7.58 16.65 -38.88
CA ILE B 1743 -6.64 17.31 -37.99
C ILE B 1743 -6.75 18.83 -38.09
N TRP B 1744 -7.23 19.36 -39.22
CA TRP B 1744 -7.54 20.78 -39.26
C TRP B 1744 -8.58 21.13 -38.20
N TRP B 1745 -9.66 20.37 -38.16
CA TRP B 1745 -10.70 20.60 -37.18
C TRP B 1745 -10.13 20.51 -35.76
N GLU B 1746 -9.39 19.45 -35.48
CA GLU B 1746 -8.88 19.31 -34.12
C GLU B 1746 -7.91 20.42 -33.75
N ARG B 1747 -7.02 20.83 -34.66
CA ARG B 1747 -6.15 21.96 -34.37
C ARG B 1747 -6.92 23.24 -34.15
N LEU B 1748 -8.02 23.44 -34.85
CA LEU B 1748 -8.73 24.71 -34.76
C LEU B 1748 -9.69 24.74 -33.57
N GLN B 1749 -10.02 23.60 -33.00
CA GLN B 1749 -10.92 23.58 -31.84
C GLN B 1749 -10.33 24.24 -30.59
N GLY B 1750 -9.05 24.61 -30.59
CA GLY B 1750 -8.43 25.06 -29.37
C GLY B 1750 -8.08 26.53 -29.30
N CYS B 1751 -8.27 27.27 -30.39
CA CYS B 1751 -7.87 28.65 -30.40
C CYS B 1751 -8.93 29.53 -29.75
N GLN B 1752 -8.54 30.78 -29.46
CA GLN B 1752 -9.43 31.72 -28.80
C GLN B 1752 -10.68 31.95 -29.63
N ARG B 1753 -11.83 31.95 -28.96
CA ARG B 1753 -13.12 32.03 -29.63
C ARG B 1753 -13.50 33.50 -29.81
N ILE B 1754 -12.89 34.12 -30.82
CA ILE B 1754 -13.27 35.45 -31.26
C ILE B 1754 -13.48 35.39 -32.76
N VAL B 1755 -14.56 36.03 -33.22
CA VAL B 1755 -15.01 35.86 -34.60
C VAL B 1755 -13.94 36.28 -35.59
N GLU B 1756 -13.20 37.34 -35.29
CA GLU B 1756 -12.33 37.96 -36.27
C GLU B 1756 -11.26 37.00 -36.76
N ASP B 1757 -10.62 36.25 -35.85
CA ASP B 1757 -9.54 35.36 -36.26
C ASP B 1757 -10.05 34.08 -36.90
N TRP B 1758 -11.15 33.53 -36.39
CA TRP B 1758 -11.82 32.44 -37.08
C TRP B 1758 -12.12 32.80 -38.52
N GLN B 1759 -12.48 34.06 -38.77
CA GLN B 1759 -12.74 34.51 -40.14
C GLN B 1759 -11.59 34.15 -41.05
N LYS B 1760 -10.40 34.68 -40.77
CA LYS B 1760 -9.29 34.47 -41.69
C LYS B 1760 -8.80 33.03 -41.67
N ILE B 1761 -8.84 32.35 -40.53
CA ILE B 1761 -8.35 30.97 -40.52
C ILE B 1761 -9.24 30.10 -41.40
N LEU B 1762 -10.55 30.26 -41.29
CA LEU B 1762 -11.43 29.50 -42.16
C LEU B 1762 -11.31 29.94 -43.61
N MET B 1763 -11.07 31.23 -43.83
CA MET B 1763 -11.02 31.75 -45.19
C MET B 1763 -9.79 31.21 -45.93
N VAL B 1764 -8.65 31.13 -45.26
CA VAL B 1764 -7.52 30.47 -45.88
C VAL B 1764 -7.75 28.96 -45.98
N ARG B 1765 -8.36 28.34 -44.98
CA ARG B 1765 -8.69 26.94 -45.10
C ARG B 1765 -9.70 26.69 -46.20
N SER B 1766 -10.57 27.65 -46.47
CA SER B 1766 -11.54 27.53 -47.55
C SER B 1766 -10.91 27.57 -48.93
N LEU B 1767 -9.63 27.92 -49.01
CA LEU B 1767 -8.96 28.01 -50.31
C LEU B 1767 -9.09 26.73 -51.10
N VAL B 1768 -9.12 25.59 -50.42
CA VAL B 1768 -9.15 24.30 -51.10
C VAL B 1768 -10.39 23.49 -50.80
N VAL B 1769 -11.25 23.91 -49.88
CA VAL B 1769 -12.44 23.16 -49.53
C VAL B 1769 -13.66 24.04 -49.78
N SER B 1770 -14.64 23.50 -50.48
CA SER B 1770 -15.91 24.21 -50.62
C SER B 1770 -16.65 24.20 -49.30
N PRO B 1771 -17.45 25.24 -49.03
CA PRO B 1771 -18.25 25.24 -47.81
C PRO B 1771 -19.17 24.05 -47.67
N HIS B 1772 -19.69 23.51 -48.77
CA HIS B 1772 -20.57 22.37 -48.69
C HIS B 1772 -19.83 21.06 -48.48
N GLU B 1773 -18.50 21.06 -48.50
CA GLU B 1773 -17.75 19.86 -48.14
C GLU B 1773 -17.62 19.69 -46.63
N ASP B 1774 -17.56 20.80 -45.89
CA ASP B 1774 -17.39 20.75 -44.43
C ASP B 1774 -18.44 21.66 -43.80
N MET B 1775 -19.57 21.06 -43.46
CA MET B 1775 -20.66 21.77 -42.79
C MET B 1775 -20.41 22.00 -41.30
N ARG B 1776 -19.63 21.15 -40.63
CA ARG B 1776 -19.58 21.21 -39.19
C ARG B 1776 -18.85 22.46 -38.69
N THR B 1777 -17.68 22.78 -39.26
CA THR B 1777 -16.98 23.99 -38.83
C THR B 1777 -17.80 25.24 -39.05
N TRP B 1778 -18.43 25.38 -40.21
CA TRP B 1778 -19.20 26.58 -40.48
C TRP B 1778 -20.37 26.76 -39.54
N LEU B 1779 -21.01 25.67 -39.12
CA LEU B 1779 -22.09 25.80 -38.15
C LEU B 1779 -21.59 26.41 -36.84
N LYS B 1780 -20.46 25.94 -36.35
CA LYS B 1780 -19.92 26.49 -35.11
C LYS B 1780 -19.50 27.94 -35.31
N TYR B 1781 -18.95 28.28 -36.47
CA TYR B 1781 -18.62 29.66 -36.77
C TYR B 1781 -19.87 30.53 -36.71
N ALA B 1782 -20.95 30.07 -37.32
CA ALA B 1782 -22.20 30.81 -37.31
C ALA B 1782 -22.74 30.95 -35.89
N SER B 1783 -22.64 29.90 -35.09
CA SER B 1783 -23.12 29.96 -33.72
C SER B 1783 -22.34 30.97 -32.91
N LEU B 1784 -21.01 30.91 -32.98
CA LEU B 1784 -20.20 31.85 -32.21
C LEU B 1784 -20.40 33.28 -32.69
N CYS B 1785 -20.65 33.46 -33.99
CA CYS B 1785 -21.02 34.78 -34.47
C CYS B 1785 -22.34 35.23 -33.86
N GLY B 1786 -23.30 34.31 -33.77
CA GLY B 1786 -24.59 34.64 -33.17
C GLY B 1786 -24.45 35.05 -31.72
N LYS B 1787 -23.57 34.36 -30.98
CA LYS B 1787 -23.33 34.76 -29.60
C LYS B 1787 -22.74 36.17 -29.51
N SER B 1788 -21.82 36.51 -30.41
CA SER B 1788 -21.25 37.85 -30.45
C SER B 1788 -22.23 38.88 -30.96
N GLY B 1789 -23.39 38.45 -31.45
CA GLY B 1789 -24.47 39.35 -31.82
C GLY B 1789 -24.43 39.89 -33.23
N ARG B 1790 -23.35 39.66 -33.97
CA ARG B 1790 -23.27 40.16 -35.34
C ARG B 1790 -24.12 39.27 -36.22
N LEU B 1791 -25.42 39.27 -35.92
CA LEU B 1791 -26.33 38.28 -36.49
C LEU B 1791 -26.45 38.38 -38.00
N ALA B 1792 -26.14 39.54 -38.57
CA ALA B 1792 -26.19 39.66 -40.02
C ALA B 1792 -25.24 38.69 -40.70
N LEU B 1793 -24.01 38.58 -40.19
CA LEU B 1793 -23.07 37.64 -40.76
C LEU B 1793 -23.55 36.20 -40.61
N ALA B 1794 -24.15 35.88 -39.46
CA ALA B 1794 -24.69 34.54 -39.28
C ALA B 1794 -25.77 34.26 -40.31
N HIS B 1795 -26.68 35.20 -40.52
CA HIS B 1795 -27.75 34.99 -41.47
C HIS B 1795 -27.20 34.82 -42.89
N LYS B 1796 -26.21 35.62 -43.25
CA LYS B 1796 -25.60 35.49 -44.57
C LYS B 1796 -24.93 34.13 -44.74
N THR B 1797 -24.21 33.68 -43.72
CA THR B 1797 -23.53 32.39 -43.82
C THR B 1797 -24.54 31.25 -43.93
N LEU B 1798 -25.64 31.33 -43.17
CA LEU B 1798 -26.69 30.33 -43.30
C LEU B 1798 -27.30 30.31 -44.69
N VAL B 1799 -27.61 31.48 -45.26
CA VAL B 1799 -28.21 31.44 -46.59
C VAL B 1799 -27.19 30.96 -47.61
N LEU B 1800 -25.90 31.26 -47.42
CA LEU B 1800 -24.89 30.75 -48.33
C LEU B 1800 -24.80 29.24 -48.28
N LEU B 1801 -24.69 28.65 -47.09
CA LEU B 1801 -24.60 27.20 -47.00
C LEU B 1801 -25.88 26.54 -47.49
N LEU B 1802 -27.02 27.01 -47.02
CA LEU B 1802 -28.29 26.38 -47.37
C LEU B 1802 -28.57 26.53 -48.86
N GLY B 1803 -28.37 27.73 -49.40
CA GLY B 1803 -28.49 27.98 -50.83
C GLY B 1803 -29.65 28.89 -51.21
N VAL B 1804 -30.80 28.78 -50.54
CA VAL B 1804 -31.97 29.58 -50.89
C VAL B 1804 -32.45 30.27 -49.63
N ASP B 1805 -33.17 31.38 -49.78
CA ASP B 1805 -33.56 32.19 -48.64
C ASP B 1805 -35.07 32.16 -48.43
N PRO B 1806 -35.58 31.36 -47.49
CA PRO B 1806 -37.01 31.41 -47.16
C PRO B 1806 -37.50 32.76 -46.65
N SER B 1807 -36.61 33.60 -46.13
CA SER B 1807 -37.01 34.88 -45.56
C SER B 1807 -37.71 35.77 -46.57
N ARG B 1808 -37.49 35.56 -47.86
CA ARG B 1808 -38.22 36.28 -48.90
C ARG B 1808 -39.44 35.53 -49.39
N GLN B 1809 -39.44 34.21 -49.31
CA GLN B 1809 -40.58 33.37 -49.66
C GLN B 1809 -41.16 32.81 -48.36
N LEU B 1810 -42.05 33.59 -47.73
CA LEU B 1810 -42.51 33.31 -46.38
C LEU B 1810 -43.24 31.99 -46.24
N ASP B 1811 -43.81 31.45 -47.31
CA ASP B 1811 -44.71 30.31 -47.20
C ASP B 1811 -44.00 28.96 -47.30
N HIS B 1812 -42.99 28.85 -48.16
CA HIS B 1812 -42.51 27.55 -48.55
C HIS B 1812 -41.82 26.84 -47.40
N PRO B 1813 -41.90 25.51 -47.34
CA PRO B 1813 -41.28 24.76 -46.26
C PRO B 1813 -39.77 24.81 -46.35
N LEU B 1814 -39.14 24.32 -45.30
CA LEU B 1814 -37.70 24.36 -45.21
C LEU B 1814 -37.07 23.19 -45.97
N PRO B 1815 -35.88 23.38 -46.53
CA PRO B 1815 -35.21 22.28 -47.24
C PRO B 1815 -34.85 21.16 -46.28
N THR B 1816 -35.45 19.99 -46.51
CA THR B 1816 -35.28 18.89 -45.57
C THR B 1816 -33.90 18.27 -45.65
N VAL B 1817 -33.13 18.57 -46.70
CA VAL B 1817 -31.78 18.05 -46.80
C VAL B 1817 -30.91 18.68 -45.72
N HIS B 1818 -29.95 17.90 -45.22
CA HIS B 1818 -28.97 18.38 -44.26
C HIS B 1818 -29.67 18.92 -43.01
N PRO B 1819 -30.24 18.04 -42.18
CA PRO B 1819 -31.13 18.52 -41.11
C PRO B 1819 -30.47 19.46 -40.13
N GLN B 1820 -29.14 19.40 -39.99
CA GLN B 1820 -28.49 20.15 -38.93
C GLN B 1820 -28.42 21.64 -39.26
N VAL B 1821 -28.10 21.98 -40.51
CA VAL B 1821 -27.99 23.39 -40.86
C VAL B 1821 -29.34 24.07 -40.76
N THR B 1822 -30.39 23.42 -41.23
CA THR B 1822 -31.72 23.99 -41.09
C THR B 1822 -32.17 24.05 -39.64
N TYR B 1823 -31.78 23.07 -38.82
CA TYR B 1823 -32.02 23.18 -37.39
C TYR B 1823 -31.38 24.44 -36.83
N ALA B 1824 -30.12 24.70 -37.22
CA ALA B 1824 -29.46 25.91 -36.76
C ALA B 1824 -30.18 27.16 -37.23
N TYR B 1825 -30.61 27.18 -38.49
CA TYR B 1825 -31.35 28.33 -39.00
C TYR B 1825 -32.64 28.54 -38.23
N MET B 1826 -33.25 27.47 -37.77
CA MET B 1826 -34.51 27.61 -37.03
C MET B 1826 -34.26 28.16 -35.63
N LYS B 1827 -33.23 27.66 -34.96
CA LYS B 1827 -32.85 28.28 -33.69
C LYS B 1827 -32.54 29.75 -33.89
N ASN B 1828 -31.90 30.09 -35.02
CA ASN B 1828 -31.56 31.48 -35.28
C ASN B 1828 -32.79 32.33 -35.50
N MET B 1829 -33.79 31.83 -36.23
CA MET B 1829 -34.99 32.62 -36.43
C MET B 1829 -35.72 32.81 -35.10
N TRP B 1830 -35.71 31.77 -34.25
CA TRP B 1830 -36.27 31.94 -32.91
C TRP B 1830 -35.59 33.07 -32.16
N LYS B 1831 -34.26 33.03 -32.10
CA LYS B 1831 -33.57 34.02 -31.26
C LYS B 1831 -33.71 35.43 -31.83
N SER B 1832 -33.46 35.59 -33.13
CA SER B 1832 -33.31 36.93 -33.70
C SER B 1832 -34.58 37.77 -33.63
N ALA B 1833 -35.59 37.40 -34.42
CA ALA B 1833 -36.79 38.23 -34.54
C ALA B 1833 -38.07 37.48 -34.20
N ARG B 1834 -38.33 36.35 -34.86
CA ARG B 1834 -39.67 35.79 -34.91
C ARG B 1834 -39.80 34.65 -33.91
N LYS B 1835 -40.73 34.81 -32.98
CA LYS B 1835 -40.99 33.80 -31.96
C LYS B 1835 -42.28 33.03 -32.18
N ILE B 1836 -42.91 33.17 -33.34
CA ILE B 1836 -44.21 32.57 -33.59
C ILE B 1836 -44.16 31.55 -34.72
N ASP B 1837 -43.86 32.01 -35.94
CA ASP B 1837 -43.88 31.10 -37.08
C ASP B 1837 -42.78 30.05 -36.99
N ALA B 1838 -41.70 30.37 -36.26
CA ALA B 1838 -40.68 29.37 -36.01
C ALA B 1838 -41.28 28.14 -35.33
N PHE B 1839 -42.27 28.34 -34.46
CA PHE B 1839 -42.94 27.21 -33.84
C PHE B 1839 -43.63 26.33 -34.88
N GLN B 1840 -44.34 26.94 -35.83
CA GLN B 1840 -45.01 26.18 -36.87
C GLN B 1840 -44.01 25.44 -37.74
N HIS B 1841 -42.90 26.10 -38.05
CA HIS B 1841 -41.86 25.45 -38.84
C HIS B 1841 -41.26 24.27 -38.09
N MET B 1842 -41.09 24.41 -36.77
CA MET B 1842 -40.64 23.27 -35.96
C MET B 1842 -41.65 22.13 -36.01
N GLN B 1843 -42.93 22.46 -35.96
CA GLN B 1843 -43.97 21.44 -36.09
C GLN B 1843 -43.81 20.68 -37.40
N HIS B 1844 -43.74 21.41 -38.51
CA HIS B 1844 -43.58 20.77 -39.80
C HIS B 1844 -42.29 19.97 -39.89
N PHE B 1845 -41.25 20.47 -39.21
CA PHE B 1845 -39.93 19.86 -39.24
C PHE B 1845 -39.93 18.51 -38.55
N VAL B 1846 -40.50 18.44 -37.36
CA VAL B 1846 -40.62 17.15 -36.70
C VAL B 1846 -41.56 16.24 -37.47
N GLN B 1847 -42.61 16.80 -38.06
CA GLN B 1847 -43.48 16.02 -38.94
C GLN B 1847 -42.66 15.34 -40.02
N THR B 1848 -41.78 16.10 -40.66
CA THR B 1848 -41.07 15.59 -41.83
C THR B 1848 -40.02 14.54 -41.47
N MET B 1849 -39.17 14.79 -40.46
CA MET B 1849 -38.17 13.77 -40.20
C MET B 1849 -38.67 12.61 -39.34
N GLN B 1850 -39.71 12.80 -38.55
CA GLN B 1850 -40.22 11.68 -37.78
C GLN B 1850 -40.67 10.55 -38.69
N GLN B 1851 -41.30 10.91 -39.81
CA GLN B 1851 -41.86 9.95 -40.75
C GLN B 1851 -40.83 9.37 -41.73
N GLN B 1852 -39.66 9.99 -41.86
CA GLN B 1852 -38.75 9.62 -42.94
C GLN B 1852 -38.11 8.26 -42.75
N ALA B 1853 -37.46 8.02 -41.60
CA ALA B 1853 -36.93 6.70 -41.33
C ALA B 1853 -38.03 5.66 -41.20
N GLN B 1854 -39.26 6.08 -40.92
CA GLN B 1854 -40.39 5.16 -40.99
C GLN B 1854 -40.68 4.78 -42.43
N HIS B 1855 -40.76 5.77 -43.32
CA HIS B 1855 -40.97 5.52 -44.74
C HIS B 1855 -39.72 4.96 -45.42
N ALA B 1856 -38.55 5.19 -44.84
CA ALA B 1856 -37.31 4.58 -45.30
C ALA B 1856 -36.81 3.73 -44.14
N ILE B 1857 -37.33 2.51 -44.04
CA ILE B 1857 -36.94 1.56 -43.01
C ILE B 1857 -35.80 0.73 -43.61
N ALA B 1858 -34.59 1.24 -43.47
CA ALA B 1858 -33.42 0.60 -44.04
C ALA B 1858 -32.94 -0.50 -43.11
N THR B 1859 -32.68 -1.67 -43.66
CA THR B 1859 -32.14 -2.80 -42.89
C THR B 1859 -30.63 -2.73 -42.72
N GLU B 1860 -29.97 -1.78 -43.38
CA GLU B 1860 -28.51 -1.69 -43.36
C GLU B 1860 -28.00 -0.37 -42.80
N ASP B 1861 -28.76 0.71 -42.95
CA ASP B 1861 -28.25 2.03 -42.60
C ASP B 1861 -28.07 2.18 -41.09
N GLN B 1862 -26.86 1.92 -40.61
CA GLN B 1862 -26.54 2.08 -39.19
C GLN B 1862 -25.88 3.43 -38.88
N GLN B 1863 -25.59 4.23 -39.90
CA GLN B 1863 -25.06 5.57 -39.71
C GLN B 1863 -26.14 6.63 -39.68
N HIS B 1864 -27.40 6.23 -39.71
CA HIS B 1864 -28.52 7.14 -39.93
C HIS B 1864 -29.57 7.10 -38.85
N LYS B 1865 -29.70 5.98 -38.14
CA LYS B 1865 -30.78 5.83 -37.16
C LYS B 1865 -30.54 6.67 -35.92
N GLN B 1866 -29.42 6.42 -35.24
CA GLN B 1866 -29.14 7.09 -33.97
C GLN B 1866 -28.93 8.59 -34.14
N GLU B 1867 -28.37 9.04 -35.27
CA GLU B 1867 -28.22 10.46 -35.51
C GLU B 1867 -29.59 11.14 -35.58
N LEU B 1868 -30.50 10.55 -36.35
CA LEU B 1868 -31.87 11.06 -36.37
C LEU B 1868 -32.49 11.04 -34.99
N HIS B 1869 -32.28 9.96 -34.22
CA HIS B 1869 -32.89 9.87 -32.90
C HIS B 1869 -32.41 10.98 -31.98
N LYS B 1870 -31.10 11.21 -31.93
CA LYS B 1870 -30.59 12.25 -31.03
C LYS B 1870 -31.02 13.64 -31.50
N LEU B 1871 -30.99 13.88 -32.81
CA LEU B 1871 -31.41 15.17 -33.32
C LEU B 1871 -32.88 15.43 -33.03
N MET B 1872 -33.73 14.40 -33.15
CA MET B 1872 -35.15 14.62 -32.92
C MET B 1872 -35.44 14.71 -31.43
N ALA B 1873 -34.62 14.09 -30.59
CA ALA B 1873 -34.72 14.36 -29.17
C ALA B 1873 -34.45 15.84 -28.88
N ARG B 1874 -33.37 16.37 -29.46
CA ARG B 1874 -33.10 17.80 -29.35
C ARG B 1874 -34.32 18.63 -29.76
N CYS B 1875 -34.87 18.31 -30.93
CA CYS B 1875 -35.97 19.12 -31.45
C CYS B 1875 -37.21 19.00 -30.57
N PHE B 1876 -37.52 17.81 -30.06
CA PHE B 1876 -38.67 17.66 -29.19
C PHE B 1876 -38.51 18.50 -27.92
N LEU B 1877 -37.33 18.43 -27.30
CA LEU B 1877 -37.13 19.19 -26.07
C LEU B 1877 -37.26 20.69 -26.33
N LYS B 1878 -36.65 21.17 -27.41
CA LYS B 1878 -36.74 22.59 -27.74
C LYS B 1878 -38.18 22.98 -28.05
N LEU B 1879 -38.90 22.11 -28.75
CA LEU B 1879 -40.33 22.31 -29.01
C LEU B 1879 -41.10 22.53 -27.72
N GLY B 1880 -40.92 21.64 -26.75
CA GLY B 1880 -41.63 21.80 -25.49
C GLY B 1880 -41.26 23.09 -24.80
N GLU B 1881 -39.97 23.42 -24.79
CA GLU B 1881 -39.53 24.67 -24.18
C GLU B 1881 -40.25 25.87 -24.79
N TRP B 1882 -40.29 25.92 -26.13
CA TRP B 1882 -40.90 27.08 -26.77
C TRP B 1882 -42.40 27.11 -26.55
N GLN B 1883 -43.05 25.94 -26.51
CA GLN B 1883 -44.48 25.95 -26.25
C GLN B 1883 -44.79 26.49 -24.86
N LEU B 1884 -43.97 26.11 -23.86
CA LEU B 1884 -44.13 26.70 -22.53
C LEU B 1884 -43.93 28.21 -22.58
N ASN B 1885 -42.87 28.65 -23.26
CA ASN B 1885 -42.62 30.08 -23.32
C ASN B 1885 -43.74 30.80 -24.07
N LEU B 1886 -44.51 30.07 -24.88
CA LEU B 1886 -45.59 30.65 -25.66
C LEU B 1886 -46.88 30.79 -24.87
N GLN B 1887 -47.46 29.68 -24.42
CA GLN B 1887 -48.81 29.73 -23.86
C GLN B 1887 -48.88 29.63 -22.35
N GLY B 1888 -47.76 29.44 -21.66
CA GLY B 1888 -47.90 29.29 -20.23
C GLY B 1888 -48.56 27.97 -19.84
N ILE B 1889 -49.41 28.05 -18.82
CA ILE B 1889 -49.98 26.85 -18.18
C ILE B 1889 -51.50 26.97 -18.18
N ASN B 1890 -52.15 25.97 -18.79
CA ASN B 1890 -53.56 25.66 -18.57
C ASN B 1890 -53.68 24.16 -18.46
N GLU B 1891 -54.90 23.67 -18.30
CA GLU B 1891 -55.10 22.22 -18.37
C GLU B 1891 -54.78 21.67 -19.74
N SER B 1892 -54.76 22.52 -20.77
CA SER B 1892 -54.59 22.10 -22.15
C SER B 1892 -53.16 21.83 -22.54
N THR B 1893 -52.23 22.68 -22.13
CA THR B 1893 -50.83 22.54 -22.53
C THR B 1893 -50.12 21.41 -21.81
N ILE B 1894 -50.46 21.13 -20.55
CA ILE B 1894 -49.71 20.16 -19.77
C ILE B 1894 -49.63 18.79 -20.43
N PRO B 1895 -50.72 18.21 -20.93
CA PRO B 1895 -50.58 16.90 -21.60
C PRO B 1895 -49.72 16.95 -22.84
N LYS B 1896 -49.83 18.01 -23.66
CA LYS B 1896 -49.00 18.10 -24.86
C LYS B 1896 -47.53 18.21 -24.49
N VAL B 1897 -47.22 19.02 -23.48
CA VAL B 1897 -45.84 19.14 -23.01
C VAL B 1897 -45.35 17.81 -22.46
N LEU B 1898 -46.19 17.14 -21.68
CA LEU B 1898 -45.81 15.86 -21.10
C LEU B 1898 -45.45 14.86 -22.18
N GLN B 1899 -46.29 14.75 -23.20
CA GLN B 1899 -46.00 13.81 -24.28
C GLN B 1899 -44.80 14.25 -25.11
N TYR B 1900 -44.61 15.55 -25.33
CA TYR B 1900 -43.41 16.02 -26.02
C TYR B 1900 -42.15 15.58 -25.28
N TYR B 1901 -42.07 15.91 -23.99
CA TYR B 1901 -40.87 15.59 -23.24
C TYR B 1901 -40.71 14.08 -23.08
N SER B 1902 -41.81 13.35 -22.95
CA SER B 1902 -41.72 11.90 -22.93
C SER B 1902 -41.14 11.38 -24.23
N ALA B 1903 -41.58 11.94 -25.36
CA ALA B 1903 -41.03 11.55 -26.64
C ALA B 1903 -39.53 11.77 -26.67
N ALA B 1904 -39.09 12.93 -26.19
CA ALA B 1904 -37.64 13.18 -26.10
C ALA B 1904 -36.96 12.11 -25.26
N THR B 1905 -37.59 11.71 -24.16
CA THR B 1905 -37.00 10.70 -23.30
C THR B 1905 -36.82 9.39 -24.03
N GLU B 1906 -37.87 8.87 -24.68
CA GLU B 1906 -37.68 7.58 -25.35
C GLU B 1906 -36.84 7.73 -26.59
N HIS B 1907 -36.59 8.97 -27.03
CA HIS B 1907 -35.75 9.11 -28.20
C HIS B 1907 -34.27 9.27 -27.85
N ASP B 1908 -33.95 9.59 -26.60
CA ASP B 1908 -32.54 9.54 -26.19
C ASP B 1908 -32.25 8.51 -25.09
N ARG B 1909 -32.91 8.61 -23.95
CA ARG B 1909 -32.75 7.75 -22.77
C ARG B 1909 -31.38 7.87 -22.13
N SER B 1910 -30.48 8.68 -22.67
CA SER B 1910 -29.14 8.81 -22.10
C SER B 1910 -28.70 10.27 -21.99
N TRP B 1911 -29.65 11.19 -21.86
CA TRP B 1911 -29.38 12.61 -21.97
C TRP B 1911 -29.97 13.31 -20.75
N TYR B 1912 -29.09 13.66 -19.81
CA TYR B 1912 -29.49 14.25 -18.54
C TYR B 1912 -30.55 15.32 -18.69
N LYS B 1913 -30.38 16.22 -19.67
CA LYS B 1913 -31.23 17.39 -19.75
C LYS B 1913 -32.69 17.02 -19.94
N ALA B 1914 -32.95 15.96 -20.70
CA ALA B 1914 -34.34 15.58 -20.98
C ALA B 1914 -35.03 15.10 -19.71
N TRP B 1915 -34.40 14.18 -18.98
CA TRP B 1915 -34.97 13.75 -17.71
C TRP B 1915 -35.18 14.94 -16.79
N HIS B 1916 -34.19 15.84 -16.75
CA HIS B 1916 -34.29 17.02 -15.91
C HIS B 1916 -35.55 17.82 -16.23
N ALA B 1917 -35.74 18.13 -17.51
CA ALA B 1917 -36.90 18.93 -17.91
C ALA B 1917 -38.20 18.21 -17.59
N TRP B 1918 -38.26 16.91 -17.86
CA TRP B 1918 -39.50 16.18 -17.63
C TRP B 1918 -39.87 16.18 -16.15
N ALA B 1919 -38.90 15.90 -15.29
CA ALA B 1919 -39.17 15.89 -13.86
C ALA B 1919 -39.56 17.28 -13.36
N VAL B 1920 -38.87 18.31 -13.86
CA VAL B 1920 -39.18 19.67 -13.44
C VAL B 1920 -40.61 20.01 -13.82
N MET B 1921 -41.02 19.65 -15.03
CA MET B 1921 -42.38 19.96 -15.46
C MET B 1921 -43.41 19.21 -14.62
N ASN B 1922 -43.14 17.94 -14.32
CA ASN B 1922 -44.05 17.20 -13.45
C ASN B 1922 -44.22 17.90 -12.11
N PHE B 1923 -43.10 18.26 -11.48
CA PHE B 1923 -43.17 18.95 -10.20
C PHE B 1923 -43.91 20.28 -10.30
N GLU B 1924 -43.66 21.04 -11.36
CA GLU B 1924 -44.33 22.32 -11.48
C GLU B 1924 -45.82 22.15 -11.66
N ALA B 1925 -46.23 21.12 -12.41
CA ALA B 1925 -47.65 20.84 -12.55
C ALA B 1925 -48.27 20.49 -11.21
N VAL B 1926 -47.58 19.69 -10.40
CA VAL B 1926 -48.07 19.38 -9.06
C VAL B 1926 -48.24 20.67 -8.26
N LEU B 1927 -47.26 21.56 -8.34
CA LEU B 1927 -47.37 22.84 -7.65
C LEU B 1927 -48.61 23.59 -8.11
N HIS B 1928 -48.81 23.69 -9.42
CA HIS B 1928 -49.95 24.44 -9.94
C HIS B 1928 -51.26 23.86 -9.44
N TYR B 1929 -51.38 22.53 -9.46
CA TYR B 1929 -52.62 21.94 -8.97
C TYR B 1929 -52.81 22.17 -7.49
N LYS B 1930 -51.72 22.28 -6.72
CA LYS B 1930 -51.87 22.68 -5.32
C LYS B 1930 -52.30 24.14 -5.19
N HIS B 1931 -51.75 25.01 -6.05
CA HIS B 1931 -52.07 26.43 -5.96
C HIS B 1931 -53.47 26.74 -6.47
N GLN B 1932 -54.05 25.85 -7.27
CA GLN B 1932 -55.40 26.11 -7.77
C GLN B 1932 -56.46 25.69 -6.77
N ASN B 1933 -56.35 24.48 -6.24
CA ASN B 1933 -57.38 23.95 -5.35
C ASN B 1933 -57.33 24.56 -3.96
N GLN B 1934 -56.54 25.60 -3.74
CA GLN B 1934 -56.39 26.22 -2.43
C GLN B 1934 -57.29 27.44 -2.25
N ALA B 1935 -58.18 27.70 -3.19
CA ALA B 1935 -59.09 28.84 -3.08
C ALA B 1935 -60.20 28.56 -2.08
N LEU B 1998 -60.01 14.66 -4.12
CA LEU B 1998 -59.40 13.86 -5.18
C LEU B 1998 -57.89 14.13 -5.30
N SER B 1999 -57.17 13.71 -4.27
CA SER B 1999 -55.71 13.79 -4.25
C SER B 1999 -55.06 12.80 -5.20
N LYS B 2000 -55.84 12.03 -5.94
CA LYS B 2000 -55.32 10.99 -6.82
C LYS B 2000 -54.69 11.57 -8.09
N THR B 2001 -55.31 12.61 -8.67
CA THR B 2001 -54.65 13.31 -9.77
C THR B 2001 -53.33 13.89 -9.30
N LEU B 2002 -53.33 14.49 -8.11
CA LEU B 2002 -52.09 14.96 -7.51
C LEU B 2002 -51.06 13.85 -7.44
N LEU B 2003 -51.45 12.70 -6.90
CA LEU B 2003 -50.51 11.60 -6.71
C LEU B 2003 -49.96 11.09 -8.04
N MET B 2004 -50.83 10.94 -9.04
CA MET B 2004 -50.39 10.42 -10.33
C MET B 2004 -49.50 11.42 -11.05
N TYR B 2005 -49.62 12.71 -10.71
CA TYR B 2005 -48.64 13.67 -11.19
C TYR B 2005 -47.34 13.63 -10.41
N THR B 2006 -47.39 13.39 -9.10
CA THR B 2006 -46.19 13.40 -8.28
C THR B 2006 -45.28 12.21 -8.54
N VAL B 2007 -45.81 10.99 -8.62
CA VAL B 2007 -44.96 9.81 -8.71
C VAL B 2007 -44.00 9.89 -9.89
N PRO B 2008 -44.45 10.21 -11.11
CA PRO B 2008 -43.50 10.37 -12.21
C PRO B 2008 -42.47 11.43 -11.96
N ALA B 2009 -42.83 12.50 -11.24
CA ALA B 2009 -41.83 13.51 -10.90
C ALA B 2009 -40.70 12.90 -10.09
N VAL B 2010 -41.06 12.12 -9.07
CA VAL B 2010 -40.05 11.51 -8.21
C VAL B 2010 -39.18 10.56 -9.01
N GLN B 2011 -39.81 9.74 -9.85
CA GLN B 2011 -39.05 8.85 -10.72
C GLN B 2011 -38.07 9.65 -11.57
N GLY B 2012 -38.52 10.80 -12.06
CA GLY B 2012 -37.64 11.65 -12.85
C GLY B 2012 -36.46 12.19 -12.07
N PHE B 2013 -36.69 12.63 -10.83
CA PHE B 2013 -35.58 13.14 -10.05
C PHE B 2013 -34.55 12.06 -9.79
N PHE B 2014 -35.01 10.86 -9.41
CA PHE B 2014 -34.10 9.74 -9.23
C PHE B 2014 -33.36 9.39 -10.51
N ARG B 2015 -34.05 9.44 -11.65
CA ARG B 2015 -33.36 9.18 -12.91
C ARG B 2015 -32.32 10.24 -13.18
N SER B 2016 -32.65 11.50 -12.87
CA SER B 2016 -31.75 12.61 -13.12
C SER B 2016 -30.46 12.51 -12.33
N ILE B 2017 -30.56 12.32 -11.02
CA ILE B 2017 -29.34 12.20 -10.22
C ILE B 2017 -28.50 11.04 -10.75
N SER B 2018 -29.17 10.01 -11.27
CA SER B 2018 -28.48 8.86 -11.82
C SER B 2018 -27.57 9.22 -12.99
N LEU B 2019 -27.81 10.35 -13.65
CA LEU B 2019 -26.99 10.70 -14.81
C LEU B 2019 -25.99 11.80 -14.50
N SER B 2020 -26.36 12.80 -13.70
CA SER B 2020 -25.49 13.95 -13.48
C SER B 2020 -24.19 13.54 -12.80
N ARG B 2021 -24.29 13.07 -11.57
CA ARG B 2021 -23.21 12.44 -10.81
C ARG B 2021 -22.09 13.38 -10.42
N GLY B 2022 -22.11 14.65 -10.84
CA GLY B 2022 -21.05 15.52 -10.39
C GLY B 2022 -21.45 16.73 -9.57
N ASN B 2023 -22.58 17.36 -9.90
CA ASN B 2023 -23.00 18.60 -9.25
C ASN B 2023 -24.52 18.64 -9.29
N ASN B 2024 -25.15 18.15 -8.23
CA ASN B 2024 -26.57 17.83 -8.29
C ASN B 2024 -27.28 18.22 -7.00
N LEU B 2025 -26.99 19.40 -6.47
CA LEU B 2025 -27.62 19.78 -5.21
C LEU B 2025 -29.11 20.02 -5.39
N GLN B 2026 -29.50 20.64 -6.50
CA GLN B 2026 -30.87 21.14 -6.64
C GLN B 2026 -31.89 20.01 -6.61
N ASP B 2027 -31.70 19.00 -7.46
CA ASP B 2027 -32.69 17.93 -7.53
C ASP B 2027 -32.74 17.13 -6.24
N THR B 2028 -31.60 16.97 -5.56
CA THR B 2028 -31.61 16.35 -4.25
C THR B 2028 -32.48 17.14 -3.29
N LEU B 2029 -32.34 18.47 -3.29
CA LEU B 2029 -33.18 19.27 -2.44
C LEU B 2029 -34.65 19.06 -2.77
N ARG B 2030 -34.97 19.02 -4.06
CA ARG B 2030 -36.37 18.87 -4.48
C ARG B 2030 -36.95 17.54 -4.03
N VAL B 2031 -36.18 16.46 -4.19
CA VAL B 2031 -36.70 15.16 -3.77
C VAL B 2031 -36.84 15.11 -2.25
N LEU B 2032 -35.93 15.76 -1.52
CA LEU B 2032 -36.14 15.87 -0.08
C LEU B 2032 -37.45 16.61 0.24
N THR B 2033 -37.75 17.66 -0.52
CA THR B 2033 -39.00 18.38 -0.29
C THR B 2033 -40.20 17.48 -0.51
N LEU B 2034 -40.18 16.68 -1.59
CA LEU B 2034 -41.32 15.79 -1.83
C LEU B 2034 -41.40 14.71 -0.77
N TRP B 2035 -40.25 14.16 -0.38
CA TRP B 2035 -40.19 13.22 0.73
C TRP B 2035 -40.87 13.79 1.96
N PHE B 2036 -40.60 15.07 2.26
CA PHE B 2036 -41.15 15.67 3.45
C PHE B 2036 -42.64 15.98 3.32
N ASP B 2037 -43.09 16.41 2.14
CA ASP B 2037 -44.47 16.91 2.08
C ASP B 2037 -45.48 15.81 1.80
N TYR B 2038 -45.14 14.81 0.97
CA TYR B 2038 -46.08 13.72 0.72
C TYR B 2038 -45.45 12.35 0.89
N GLY B 2039 -44.43 12.23 1.74
CA GLY B 2039 -43.81 10.94 1.97
C GLY B 2039 -44.69 9.91 2.64
N HIS B 2040 -45.83 10.33 3.20
CA HIS B 2040 -46.74 9.40 3.84
C HIS B 2040 -47.50 8.53 2.84
N TRP B 2041 -47.65 8.98 1.61
CA TRP B 2041 -48.47 8.24 0.64
C TRP B 2041 -47.77 6.95 0.25
N PRO B 2042 -48.40 5.80 0.45
CA PRO B 2042 -47.70 4.52 0.24
C PRO B 2042 -47.09 4.40 -1.14
N ASP B 2043 -47.73 4.95 -2.16
CA ASP B 2043 -47.13 5.07 -3.47
C ASP B 2043 -45.88 5.93 -3.44
N VAL B 2044 -45.90 7.02 -2.67
CA VAL B 2044 -44.68 7.80 -2.51
C VAL B 2044 -43.63 7.01 -1.73
N ASN B 2045 -44.05 6.34 -0.65
CA ASN B 2045 -43.07 5.57 0.12
C ASN B 2045 -42.39 4.51 -0.72
N GLU B 2046 -43.13 3.77 -1.54
CA GLU B 2046 -42.49 2.75 -2.34
C GLU B 2046 -41.46 3.38 -3.29
N ALA B 2047 -41.85 4.44 -3.99
CA ALA B 2047 -40.93 5.04 -4.94
C ALA B 2047 -39.66 5.50 -4.24
N LEU B 2048 -39.83 6.14 -3.09
CA LEU B 2048 -38.66 6.59 -2.33
C LEU B 2048 -37.81 5.41 -1.89
N VAL B 2049 -38.43 4.31 -1.49
CA VAL B 2049 -37.60 3.21 -0.98
C VAL B 2049 -36.79 2.57 -2.10
N GLU B 2050 -37.32 2.47 -3.33
CA GLU B 2050 -36.35 2.02 -4.34
C GLU B 2050 -35.32 3.10 -4.63
N GLY B 2051 -35.74 4.36 -4.70
CA GLY B 2051 -34.81 5.38 -5.16
C GLY B 2051 -33.64 5.62 -4.23
N VAL B 2052 -33.89 5.55 -2.91
CA VAL B 2052 -32.82 5.84 -1.95
C VAL B 2052 -31.71 4.79 -2.04
N LYS B 2053 -32.09 3.52 -2.07
CA LYS B 2053 -31.10 2.47 -2.17
C LYS B 2053 -30.53 2.34 -3.58
N ALA B 2054 -31.24 2.85 -4.58
CA ALA B 2054 -30.74 2.76 -5.96
C ALA B 2054 -29.49 3.62 -6.13
N ILE B 2055 -29.54 4.87 -5.66
CA ILE B 2055 -28.48 5.84 -5.91
C ILE B 2055 -27.25 5.49 -5.10
N GLN B 2056 -26.14 6.16 -5.41
CA GLN B 2056 -24.92 6.01 -4.62
C GLN B 2056 -25.12 6.64 -3.25
N ILE B 2057 -24.07 6.62 -2.43
CA ILE B 2057 -24.21 7.03 -1.03
C ILE B 2057 -23.56 8.36 -0.71
N ASP B 2058 -22.52 8.76 -1.43
CA ASP B 2058 -21.82 9.99 -1.09
C ASP B 2058 -22.66 11.22 -1.39
N THR B 2059 -23.71 11.06 -2.20
CA THR B 2059 -24.54 12.19 -2.59
C THR B 2059 -25.19 12.88 -1.41
N TRP B 2060 -25.37 12.19 -0.30
CA TRP B 2060 -26.09 12.76 0.82
C TRP B 2060 -25.25 13.70 1.66
N LEU B 2061 -23.93 13.73 1.45
CA LEU B 2061 -23.08 14.68 2.18
C LEU B 2061 -23.53 16.12 1.99
N GLN B 2062 -24.14 16.44 0.87
CA GLN B 2062 -24.51 17.80 0.55
C GLN B 2062 -25.79 18.24 1.25
N VAL B 2063 -26.49 17.35 1.94
CA VAL B 2063 -27.77 17.72 2.53
C VAL B 2063 -27.86 17.25 3.97
N ILE B 2064 -26.73 16.83 4.54
CA ILE B 2064 -26.74 16.29 5.90
C ILE B 2064 -27.37 17.24 6.90
N PRO B 2065 -26.97 18.51 6.98
CA PRO B 2065 -27.65 19.41 7.92
C PRO B 2065 -29.14 19.53 7.67
N GLN B 2066 -29.54 19.55 6.40
CA GLN B 2066 -30.95 19.65 6.07
C GLN B 2066 -31.74 18.46 6.58
N LEU B 2067 -31.20 17.25 6.43
CA LEU B 2067 -31.85 16.08 6.99
C LEU B 2067 -31.91 16.14 8.51
N ILE B 2068 -30.77 16.39 9.16
CA ILE B 2068 -30.74 16.38 10.61
C ILE B 2068 -31.71 17.41 11.17
N ALA B 2069 -31.97 18.49 10.44
CA ALA B 2069 -32.94 19.47 10.89
C ALA B 2069 -34.35 18.90 10.99
N ARG B 2070 -34.68 17.87 10.22
CA ARG B 2070 -36.05 17.37 10.17
C ARG B 2070 -36.18 15.99 10.80
N ILE B 2071 -35.24 15.62 11.67
CA ILE B 2071 -35.32 14.32 12.31
C ILE B 2071 -36.57 14.18 13.17
N ASP B 2072 -37.10 15.28 13.69
CA ASP B 2072 -38.27 15.25 14.57
C ASP B 2072 -39.56 15.33 13.78
N THR B 2073 -39.72 14.45 12.83
CA THR B 2073 -40.94 14.45 12.04
C THR B 2073 -42.10 13.88 12.85
N PRO B 2074 -43.33 14.29 12.58
CA PRO B 2074 -44.49 13.67 13.21
C PRO B 2074 -45.05 12.46 12.47
N ARG B 2075 -44.35 11.91 11.49
CA ARG B 2075 -44.89 10.73 10.80
C ARG B 2075 -43.93 9.56 10.91
N PRO B 2076 -44.41 8.40 11.39
CA PRO B 2076 -43.50 7.26 11.60
C PRO B 2076 -42.80 6.79 10.34
N LEU B 2077 -43.46 6.86 9.19
CA LEU B 2077 -42.88 6.33 7.97
C LEU B 2077 -41.64 7.13 7.56
N VAL B 2078 -41.83 8.43 7.32
CA VAL B 2078 -40.74 9.28 6.89
C VAL B 2078 -39.60 9.25 7.91
N GLY B 2079 -39.93 9.28 9.21
CA GLY B 2079 -38.90 9.21 10.21
C GLY B 2079 -38.12 7.91 10.16
N ARG B 2080 -38.82 6.80 9.96
CA ARG B 2080 -38.13 5.52 9.88
C ARG B 2080 -37.15 5.52 8.72
N LEU B 2081 -37.59 6.01 7.56
CA LEU B 2081 -36.68 6.11 6.43
C LEU B 2081 -35.49 7.00 6.77
N ILE B 2082 -35.74 8.08 7.51
CA ILE B 2082 -34.66 8.96 7.93
C ILE B 2082 -33.64 8.21 8.77
N HIS B 2083 -34.12 7.43 9.74
CA HIS B 2083 -33.19 6.67 10.57
C HIS B 2083 -32.36 5.70 9.75
N GLN B 2084 -33.00 4.94 8.84
CA GLN B 2084 -32.18 4.03 8.04
C GLN B 2084 -31.13 4.80 7.24
N LEU B 2085 -31.53 5.89 6.58
CA LEU B 2085 -30.57 6.59 5.73
C LEU B 2085 -29.43 7.14 6.57
N LEU B 2086 -29.75 7.81 7.68
CA LEU B 2086 -28.70 8.40 8.50
C LEU B 2086 -27.79 7.33 9.10
N THR B 2087 -28.37 6.22 9.57
CA THR B 2087 -27.55 5.17 10.15
C THR B 2087 -26.58 4.62 9.12
N ASP B 2088 -27.07 4.41 7.90
CA ASP B 2088 -26.18 3.91 6.85
C ASP B 2088 -25.07 4.90 6.56
N ILE B 2089 -25.42 6.19 6.46
CA ILE B 2089 -24.41 7.21 6.23
C ILE B 2089 -23.35 7.15 7.30
N GLY B 2090 -23.78 7.10 8.56
CA GLY B 2090 -22.83 7.09 9.66
C GLY B 2090 -21.94 5.87 9.65
N ARG B 2091 -22.50 4.69 9.44
CA ARG B 2091 -21.69 3.49 9.54
C ARG B 2091 -20.75 3.38 8.35
N TYR B 2092 -21.09 4.01 7.23
CA TYR B 2092 -20.06 4.28 6.23
C TYR B 2092 -19.14 5.42 6.70
N HIS B 2093 -19.72 6.61 6.85
CA HIS B 2093 -18.97 7.83 7.14
C HIS B 2093 -19.36 8.33 8.53
N PRO B 2094 -18.60 8.02 9.56
CA PRO B 2094 -18.92 8.53 10.90
C PRO B 2094 -18.59 9.99 11.08
N GLN B 2095 -17.42 10.42 10.60
CA GLN B 2095 -16.92 11.75 10.91
C GLN B 2095 -17.84 12.86 10.45
N ALA B 2096 -18.31 12.81 9.21
CA ALA B 2096 -19.14 13.89 8.67
C ALA B 2096 -20.50 13.97 9.33
N LEU B 2097 -20.77 13.18 10.36
CA LEU B 2097 -22.08 13.15 10.97
C LEU B 2097 -22.07 13.41 12.46
N ILE B 2098 -20.93 13.23 13.14
CA ILE B 2098 -20.92 13.21 14.59
C ILE B 2098 -21.34 14.56 15.17
N TYR B 2099 -20.86 15.66 14.58
CA TYR B 2099 -21.03 16.96 15.23
C TYR B 2099 -22.50 17.35 15.36
N PRO B 2100 -23.29 17.46 14.29
CA PRO B 2100 -24.70 17.85 14.49
C PRO B 2100 -25.48 16.81 15.26
N LEU B 2101 -25.05 15.54 15.26
CA LEU B 2101 -25.73 14.55 16.08
C LEU B 2101 -25.56 14.86 17.56
N THR B 2102 -24.33 15.12 18.00
CA THR B 2102 -24.16 15.50 19.39
C THR B 2102 -24.80 16.84 19.68
N VAL B 2103 -24.96 17.69 18.66
CA VAL B 2103 -25.72 18.91 18.85
C VAL B 2103 -27.17 18.61 19.18
N ALA B 2104 -27.80 17.77 18.38
CA ALA B 2104 -29.20 17.41 18.63
C ALA B 2104 -29.36 16.62 19.91
N SER B 2105 -28.30 15.94 20.36
CA SER B 2105 -28.38 15.18 21.60
C SER B 2105 -28.72 16.08 22.77
N LYS B 2106 -28.04 17.22 22.88
CA LYS B 2106 -28.29 18.16 23.98
C LYS B 2106 -29.34 19.20 23.59
N SER B 2107 -30.48 18.73 23.12
CA SER B 2107 -31.61 19.59 22.79
C SER B 2107 -32.47 19.78 24.03
N THR B 2108 -33.54 20.55 23.86
CA THR B 2108 -34.50 20.76 24.94
C THR B 2108 -35.83 20.05 24.72
N THR B 2109 -36.27 19.91 23.47
CA THR B 2109 -37.51 19.20 23.19
C THR B 2109 -37.31 17.70 23.36
N THR B 2110 -38.38 17.01 23.76
CA THR B 2110 -38.25 15.62 24.15
C THR B 2110 -38.01 14.72 22.94
N ALA B 2111 -38.89 14.80 21.93
CA ALA B 2111 -38.79 13.90 20.79
C ALA B 2111 -37.45 14.06 20.08
N ARG B 2112 -37.03 15.30 19.87
CA ARG B 2112 -35.74 15.57 19.25
C ARG B 2112 -34.64 14.79 19.96
N HIS B 2113 -34.44 15.06 21.25
CA HIS B 2113 -33.29 14.51 21.93
C HIS B 2113 -33.39 13.01 22.09
N ASN B 2114 -34.59 12.47 22.33
CA ASN B 2114 -34.68 11.03 22.49
C ASN B 2114 -34.44 10.28 21.19
N ALA B 2115 -34.95 10.80 20.06
CA ALA B 2115 -34.60 10.20 18.79
C ALA B 2115 -33.11 10.30 18.53
N ALA B 2116 -32.50 11.43 18.89
CA ALA B 2116 -31.06 11.59 18.74
C ALA B 2116 -30.31 10.56 19.57
N ASN B 2117 -30.75 10.33 20.80
CA ASN B 2117 -30.13 9.31 21.64
C ASN B 2117 -30.29 7.93 21.04
N LYS B 2118 -31.46 7.63 20.48
CA LYS B 2118 -31.64 6.34 19.82
C LYS B 2118 -30.65 6.17 18.68
N ILE B 2119 -30.49 7.20 17.85
CA ILE B 2119 -29.56 7.10 16.73
C ILE B 2119 -28.14 6.93 17.24
N LEU B 2120 -27.73 7.72 18.23
CA LEU B 2120 -26.36 7.65 18.72
C LEU B 2120 -26.06 6.30 19.36
N LYS B 2121 -27.01 5.78 20.14
CA LYS B 2121 -26.83 4.49 20.78
C LYS B 2121 -26.86 3.37 19.76
N ASN B 2122 -27.56 3.58 18.64
CA ASN B 2122 -27.47 2.66 17.52
C ASN B 2122 -26.11 2.70 16.85
N MET B 2123 -25.52 3.89 16.72
CA MET B 2123 -24.26 4.05 16.00
C MET B 2123 -23.07 3.52 16.79
N CYS B 2124 -23.01 3.79 18.08
CA CYS B 2124 -21.78 3.63 18.85
C CYS B 2124 -21.23 2.21 18.84
N GLU B 2125 -21.96 1.23 18.30
CA GLU B 2125 -21.57 -0.16 18.46
C GLU B 2125 -20.28 -0.47 17.71
N HIS B 2126 -20.22 -0.11 16.43
CA HIS B 2126 -19.02 -0.35 15.64
C HIS B 2126 -17.90 0.62 15.98
N SER B 2127 -18.25 1.83 16.45
CA SER B 2127 -17.25 2.82 16.85
C SER B 2127 -17.86 3.59 18.01
N ASN B 2128 -17.37 3.33 19.22
CA ASN B 2128 -17.89 3.97 20.42
C ASN B 2128 -16.95 5.01 20.99
N THR B 2129 -15.65 4.67 21.08
CA THR B 2129 -14.68 5.58 21.67
C THR B 2129 -14.69 6.95 21.00
N LEU B 2130 -14.91 7.00 19.69
CA LEU B 2130 -15.03 8.28 19.02
C LEU B 2130 -16.23 9.05 19.54
N VAL B 2131 -17.36 8.37 19.74
CA VAL B 2131 -18.55 9.04 20.25
C VAL B 2131 -18.30 9.58 21.65
N GLN B 2132 -17.64 8.79 22.50
CA GLN B 2132 -17.34 9.25 23.84
C GLN B 2132 -16.44 10.48 23.81
N GLN B 2133 -15.39 10.45 23.00
CA GLN B 2133 -14.47 11.59 22.94
C GLN B 2133 -15.18 12.83 22.43
N ALA B 2134 -16.01 12.67 21.40
CA ALA B 2134 -16.73 13.81 20.85
C ALA B 2134 -17.72 14.37 21.86
N MET B 2135 -18.45 13.50 22.55
CA MET B 2135 -19.40 13.97 23.56
C MET B 2135 -18.68 14.72 24.66
N MET B 2136 -17.54 14.19 25.11
CA MET B 2136 -16.74 14.89 26.12
C MET B 2136 -16.34 16.27 25.64
N VAL B 2137 -15.77 16.36 24.45
CA VAL B 2137 -15.27 17.65 23.95
C VAL B 2137 -16.41 18.64 23.80
N SER B 2138 -17.51 18.23 23.18
CA SER B 2138 -18.62 19.13 22.96
C SER B 2138 -19.22 19.59 24.27
N GLU B 2139 -19.50 18.66 25.18
CA GLU B 2139 -20.08 19.03 26.47
C GLU B 2139 -19.11 19.85 27.31
N GLU B 2140 -17.81 19.77 27.03
CA GLU B 2140 -16.88 20.50 27.87
C GLU B 2140 -16.61 21.91 27.37
N LEU B 2141 -16.13 22.07 26.13
CA LEU B 2141 -15.77 23.40 25.69
C LEU B 2141 -16.98 24.30 25.47
N ILE B 2142 -18.19 23.73 25.48
CA ILE B 2142 -19.38 24.58 25.55
C ILE B 2142 -19.42 25.35 26.85
N ARG B 2143 -18.88 24.80 27.93
CA ARG B 2143 -18.83 25.51 29.20
C ARG B 2143 -17.86 26.67 29.15
N VAL B 2144 -16.73 26.51 28.47
CA VAL B 2144 -15.80 27.61 28.30
C VAL B 2144 -16.44 28.78 27.57
N ALA B 2145 -17.43 28.50 26.71
CA ALA B 2145 -18.04 29.56 25.93
C ALA B 2145 -18.71 30.59 26.82
N ILE B 2146 -19.77 30.18 27.51
CA ILE B 2146 -20.54 31.07 28.37
C ILE B 2146 -20.31 30.62 29.80
N LEU B 2147 -19.52 31.40 30.54
CA LEU B 2147 -19.14 31.00 31.88
C LEU B 2147 -20.33 31.21 32.82
N TRP B 2148 -20.24 30.64 34.02
CA TRP B 2148 -21.37 30.64 34.94
C TRP B 2148 -21.90 32.03 35.20
N HIS B 2149 -21.05 32.95 35.60
CA HIS B 2149 -21.56 34.26 35.97
C HIS B 2149 -22.05 35.02 34.76
N GLU B 2150 -21.49 34.75 33.58
CA GLU B 2150 -22.01 35.38 32.37
C GLU B 2150 -23.41 34.90 32.02
N MET B 2151 -23.64 33.59 32.07
CA MET B 2151 -24.99 33.11 31.77
C MET B 2151 -25.96 33.65 32.81
N TRP B 2152 -25.52 33.75 34.06
CA TRP B 2152 -26.39 34.30 35.09
C TRP B 2152 -26.71 35.76 34.80
N HIS B 2153 -25.69 36.53 34.38
CA HIS B 2153 -25.88 37.92 34.00
C HIS B 2153 -26.90 38.04 32.88
N GLU B 2154 -26.76 37.22 31.84
CA GLU B 2154 -27.69 37.27 30.74
C GLU B 2154 -29.11 36.94 31.20
N GLY B 2155 -29.24 35.90 32.02
CA GLY B 2155 -30.55 35.52 32.51
C GLY B 2155 -31.23 36.64 33.26
N LEU B 2156 -30.52 37.29 34.18
CA LEU B 2156 -31.15 38.33 34.97
C LEU B 2156 -31.37 39.59 34.14
N GLU B 2157 -30.46 39.90 33.21
CA GLU B 2157 -30.68 41.01 32.32
C GLU B 2157 -31.98 40.84 31.56
N GLU B 2158 -32.28 39.62 31.14
CA GLU B 2158 -33.56 39.36 30.48
C GLU B 2158 -34.72 39.42 31.47
N ALA B 2159 -34.53 38.81 32.64
CA ALA B 2159 -35.62 38.68 33.60
C ALA B 2159 -36.11 40.02 34.11
N SER B 2160 -35.19 40.93 34.40
CA SER B 2160 -35.59 42.24 34.92
C SER B 2160 -36.50 42.95 33.94
N ARG B 2161 -36.06 43.07 32.69
CA ARG B 2161 -36.83 43.80 31.70
C ARG B 2161 -38.16 43.09 31.42
N LEU B 2162 -38.15 41.76 31.38
CA LEU B 2162 -39.40 41.07 31.08
C LEU B 2162 -40.39 41.23 32.23
N TYR B 2163 -39.92 41.19 33.47
CA TYR B 2163 -40.83 41.36 34.59
C TYR B 2163 -41.38 42.78 34.63
N PHE B 2164 -40.52 43.77 34.42
CA PHE B 2164 -40.94 45.16 34.53
C PHE B 2164 -41.71 45.65 33.30
N GLY B 2165 -41.69 44.91 32.20
CA GLY B 2165 -42.44 45.34 31.05
C GLY B 2165 -43.67 44.49 30.78
N GLU B 2166 -43.71 43.28 31.34
CA GLU B 2166 -44.80 42.35 31.09
C GLU B 2166 -45.46 41.78 32.33
N ARG B 2167 -44.91 42.00 33.53
CA ARG B 2167 -45.60 41.69 34.79
C ARG B 2167 -45.96 40.21 34.90
N ASN B 2168 -45.25 39.37 34.16
CA ASN B 2168 -45.55 37.94 34.10
C ASN B 2168 -44.58 37.21 35.03
N VAL B 2169 -45.09 36.74 36.16
CA VAL B 2169 -44.30 35.86 37.01
C VAL B 2169 -43.95 34.59 36.26
N LYS B 2170 -44.90 34.07 35.48
CA LYS B 2170 -44.72 32.83 34.75
C LYS B 2170 -43.88 33.00 33.48
N GLY B 2171 -43.24 34.14 33.30
CA GLY B 2171 -42.14 34.21 32.36
C GLY B 2171 -40.81 34.08 33.06
N MET B 2172 -40.59 34.93 34.06
CA MET B 2172 -39.30 34.98 34.72
C MET B 2172 -39.04 33.70 35.52
N PHE B 2173 -40.11 33.02 35.95
CA PHE B 2173 -39.92 31.72 36.59
C PHE B 2173 -39.19 30.73 35.69
N GLU B 2174 -39.69 30.52 34.47
CA GLU B 2174 -38.95 29.57 33.64
C GLU B 2174 -37.69 30.20 33.07
N VAL B 2175 -37.59 31.52 33.06
CA VAL B 2175 -36.33 32.14 32.65
C VAL B 2175 -35.22 31.75 33.60
N LEU B 2176 -35.46 31.83 34.90
CA LEU B 2176 -34.40 31.61 35.87
C LEU B 2176 -34.46 30.26 36.56
N GLU B 2177 -35.40 29.41 36.21
CA GLU B 2177 -35.43 28.11 36.87
C GLU B 2177 -34.32 27.17 36.40
N PRO B 2178 -34.02 27.08 35.09
CA PRO B 2178 -32.93 26.20 34.66
C PRO B 2178 -31.61 26.49 35.33
N LEU B 2179 -31.33 27.76 35.64
CA LEU B 2179 -30.05 28.08 36.28
C LEU B 2179 -29.97 27.47 37.68
N HIS B 2180 -31.03 27.63 38.47
CA HIS B 2180 -31.09 26.95 39.76
C HIS B 2180 -30.98 25.45 39.60
N ALA B 2181 -31.64 24.89 38.58
CA ALA B 2181 -31.55 23.45 38.35
C ALA B 2181 -30.11 23.05 38.09
N MET B 2182 -29.40 23.83 37.29
CA MET B 2182 -28.05 23.50 36.88
C MET B 2182 -27.04 23.67 38.01
N MET B 2183 -27.18 24.68 38.85
CA MET B 2183 -26.22 24.86 39.92
C MET B 2183 -26.32 23.79 41.00
N GLU B 2184 -27.50 23.22 41.21
CA GLU B 2184 -27.70 22.29 42.31
C GLU B 2184 -27.09 20.93 42.06
N ARG B 2185 -26.61 20.65 40.85
CA ARG B 2185 -25.91 19.40 40.61
C ARG B 2185 -24.47 19.46 41.10
N GLY B 2186 -24.02 20.63 41.53
CA GLY B 2186 -22.71 20.78 42.13
C GLY B 2186 -21.68 21.33 41.17
N PRO B 2187 -20.87 22.26 41.67
CA PRO B 2187 -19.74 22.74 40.86
C PRO B 2187 -18.78 21.60 40.56
N GLN B 2188 -18.13 21.70 39.40
CA GLN B 2188 -17.26 20.64 38.95
C GLN B 2188 -15.81 21.08 38.77
N THR B 2189 -15.55 22.38 38.73
CA THR B 2189 -14.20 22.89 38.60
C THR B 2189 -13.99 24.07 39.53
N LEU B 2190 -12.74 24.54 39.57
CA LEU B 2190 -12.37 25.58 40.52
C LEU B 2190 -13.10 26.88 40.27
N LYS B 2191 -13.24 27.31 39.01
CA LYS B 2191 -13.91 28.58 38.75
C LYS B 2191 -15.36 28.55 39.19
N GLU B 2192 -16.11 27.52 38.79
CA GLU B 2192 -17.49 27.40 39.23
C GLU B 2192 -17.56 27.25 40.73
N THR B 2193 -16.60 26.54 41.33
CA THR B 2193 -16.60 26.37 42.78
C THR B 2193 -16.43 27.72 43.47
N SER B 2194 -15.54 28.57 42.96
CA SER B 2194 -15.34 29.88 43.54
C SER B 2194 -16.58 30.74 43.38
N PHE B 2195 -17.22 30.68 42.20
CA PHE B 2195 -18.47 31.42 42.02
C PHE B 2195 -19.50 30.99 43.05
N ASN B 2196 -19.68 29.68 43.22
CA ASN B 2196 -20.58 29.20 44.25
C ASN B 2196 -20.18 29.75 45.60
N GLN B 2197 -18.91 29.62 45.95
CA GLN B 2197 -18.41 30.07 47.23
C GLN B 2197 -18.77 31.52 47.49
N ALA B 2198 -18.78 32.33 46.44
CA ALA B 2198 -19.08 33.75 46.62
C ALA B 2198 -20.58 34.01 46.73
N TYR B 2199 -21.38 33.37 45.88
CA TYR B 2199 -22.73 33.85 45.63
C TYR B 2199 -23.85 32.89 46.01
N GLY B 2200 -23.55 31.62 46.31
CA GLY B 2200 -24.57 30.61 46.39
C GLY B 2200 -25.61 30.84 47.44
N ARG B 2201 -25.22 31.37 48.61
CA ARG B 2201 -26.19 31.62 49.65
C ARG B 2201 -27.29 32.55 49.14
N ASP B 2202 -26.88 33.69 48.58
CA ASP B 2202 -27.84 34.63 48.02
C ASP B 2202 -28.67 33.97 46.94
N LEU B 2203 -28.00 33.25 46.04
CA LEU B 2203 -28.73 32.70 44.90
C LEU B 2203 -29.75 31.67 45.31
N MET B 2204 -29.53 30.98 46.42
CA MET B 2204 -30.47 29.97 46.89
C MET B 2204 -31.58 30.59 47.74
N GLU B 2205 -31.26 31.58 48.56
CA GLU B 2205 -32.31 32.18 49.39
C GLU B 2205 -33.23 33.06 48.57
N ALA B 2206 -32.74 33.65 47.47
CA ALA B 2206 -33.66 34.32 46.55
C ALA B 2206 -34.66 33.32 45.98
N GLN B 2207 -34.20 32.12 45.64
CA GLN B 2207 -35.09 31.07 45.18
C GLN B 2207 -36.10 30.71 46.25
N GLU B 2208 -35.64 30.64 47.49
CA GLU B 2208 -36.57 30.41 48.60
C GLU B 2208 -37.67 31.45 48.61
N TRP B 2209 -37.31 32.72 48.45
CA TRP B 2209 -38.32 33.77 48.48
C TRP B 2209 -39.28 33.65 47.31
N CYS B 2210 -38.77 33.32 46.12
CA CYS B 2210 -39.68 33.25 44.98
C CYS B 2210 -40.63 32.07 45.11
N ARG B 2211 -40.15 30.94 45.63
CA ARG B 2211 -41.08 29.83 45.88
C ARG B 2211 -42.10 30.21 46.94
N LYS B 2212 -41.66 30.94 47.97
CA LYS B 2212 -42.60 31.43 48.97
C LYS B 2212 -43.68 32.29 48.34
N TYR B 2213 -43.30 33.18 47.43
CA TYR B 2213 -44.28 33.96 46.69
C TYR B 2213 -45.25 33.09 45.93
N MET B 2214 -44.75 32.19 45.08
CA MET B 2214 -45.66 31.43 44.24
C MET B 2214 -46.56 30.54 45.08
N LYS B 2215 -46.15 30.25 46.32
CA LYS B 2215 -47.05 29.59 47.25
C LYS B 2215 -48.24 30.48 47.60
N SER B 2216 -47.96 31.69 48.09
CA SER B 2216 -48.99 32.63 48.51
C SER B 2216 -48.81 33.94 47.74
N GLY B 2217 -49.69 34.21 46.79
CA GLY B 2217 -49.57 35.41 46.00
C GLY B 2217 -49.63 36.67 46.84
N ASN B 2218 -48.47 37.30 47.03
CA ASN B 2218 -48.39 38.56 47.77
C ASN B 2218 -47.05 39.19 47.44
N VAL B 2219 -47.08 40.35 46.78
CA VAL B 2219 -45.86 40.95 46.24
C VAL B 2219 -44.82 41.18 47.31
N LYS B 2220 -45.24 41.24 48.58
CA LYS B 2220 -44.34 41.38 49.70
C LYS B 2220 -43.20 40.36 49.65
N ASP B 2221 -43.50 39.12 49.28
CA ASP B 2221 -42.46 38.12 49.12
C ASP B 2221 -41.49 38.44 47.99
N LEU B 2222 -41.99 38.67 46.77
CA LEU B 2222 -41.07 38.78 45.65
C LEU B 2222 -40.26 40.06 45.68
N THR B 2223 -40.71 41.06 46.45
CA THR B 2223 -39.86 42.24 46.61
C THR B 2223 -38.48 41.86 47.11
N GLN B 2224 -38.42 41.01 48.13
CA GLN B 2224 -37.13 40.59 48.67
C GLN B 2224 -36.31 39.88 47.61
N ALA B 2225 -36.91 38.91 46.92
CA ALA B 2225 -36.17 38.14 45.94
C ALA B 2225 -35.60 39.04 44.85
N TRP B 2226 -36.40 40.00 44.38
CA TRP B 2226 -35.92 40.90 43.35
C TRP B 2226 -34.80 41.79 43.87
N ASP B 2227 -34.91 42.29 45.09
CA ASP B 2227 -33.81 43.07 45.66
C ASP B 2227 -32.54 42.25 45.70
N LEU B 2228 -32.67 40.99 46.11
CA LEU B 2228 -31.52 40.09 46.17
C LEU B 2228 -30.89 39.93 44.80
N TYR B 2229 -31.72 39.62 43.80
CA TYR B 2229 -31.22 39.38 42.46
C TYR B 2229 -30.53 40.62 41.93
N TYR B 2230 -31.11 41.79 42.19
CA TYR B 2230 -30.54 43.03 41.67
C TYR B 2230 -29.24 43.38 42.37
N HIS B 2231 -29.13 43.12 43.67
CA HIS B 2231 -27.85 43.26 44.34
C HIS B 2231 -26.80 42.37 43.71
N VAL B 2232 -27.17 41.13 43.42
CA VAL B 2232 -26.25 40.23 42.74
C VAL B 2232 -25.83 40.82 41.41
N PHE B 2233 -26.78 41.42 40.69
CA PHE B 2233 -26.46 42.00 39.39
C PHE B 2233 -25.47 43.15 39.53
N ARG B 2234 -25.67 44.03 40.51
CA ARG B 2234 -24.72 45.12 40.67
C ARG B 2234 -23.34 44.59 41.04
N ARG B 2235 -23.27 43.60 41.93
CA ARG B 2235 -21.97 43.03 42.25
C ARG B 2235 -21.29 42.46 41.03
N ILE B 2236 -21.99 41.63 40.26
CA ILE B 2236 -21.36 40.97 39.12
C ILE B 2236 -20.93 41.98 38.07
N SER B 2237 -21.79 42.97 37.80
CA SER B 2237 -21.54 43.85 36.66
C SER B 2237 -20.29 44.70 36.82
N LYS B 2238 -19.77 44.80 38.04
CA LYS B 2238 -18.64 45.67 38.29
C LYS B 2238 -17.32 45.10 37.80
N GLN B 2239 -17.27 43.81 37.47
CA GLN B 2239 -16.01 43.15 37.16
C GLN B 2239 -15.95 42.61 35.73
N LEU B 2240 -17.07 42.54 35.03
CA LEU B 2240 -17.10 42.00 33.68
C LEU B 2240 -16.03 42.61 32.78
N PRO B 2241 -15.85 43.94 32.76
CA PRO B 2241 -14.83 44.50 31.87
C PRO B 2241 -13.42 44.01 32.14
N GLN B 2242 -13.08 43.68 33.39
CA GLN B 2242 -11.72 43.26 33.69
C GLN B 2242 -11.40 41.89 33.11
N LEU B 2243 -12.40 41.09 32.78
CA LEU B 2243 -12.19 39.73 32.30
C LEU B 2243 -11.40 39.80 31.00
N THR B 2244 -10.16 39.34 31.02
CA THR B 2244 -9.27 39.53 29.89
C THR B 2244 -8.59 38.27 29.38
N SER B 2245 -8.42 37.25 30.21
CA SER B 2245 -7.73 36.04 29.77
C SER B 2245 -8.17 34.88 30.65
N LEU B 2246 -7.98 33.67 30.13
CA LEU B 2246 -8.35 32.48 30.87
C LEU B 2246 -7.23 31.45 30.80
N GLU B 2247 -6.91 30.86 31.94
CA GLU B 2247 -6.00 29.74 32.04
C GLU B 2247 -6.81 28.46 32.12
N LEU B 2248 -6.61 27.58 31.15
CA LEU B 2248 -7.42 26.37 31.04
C LEU B 2248 -7.41 25.55 32.31
N GLN B 2249 -6.26 25.43 32.98
CA GLN B 2249 -6.18 24.57 34.15
C GLN B 2249 -7.08 25.07 35.26
N TYR B 2250 -7.42 26.36 35.24
CA TYR B 2250 -8.39 26.90 36.19
C TYR B 2250 -9.82 26.81 35.69
N VAL B 2251 -10.04 26.90 34.38
CA VAL B 2251 -11.40 27.05 33.86
C VAL B 2251 -12.10 25.70 33.71
N SER B 2252 -11.45 24.73 33.07
CA SER B 2252 -12.02 23.39 32.93
C SER B 2252 -10.88 22.40 32.75
N PRO B 2253 -10.71 21.48 33.70
CA PRO B 2253 -9.49 20.67 33.74
C PRO B 2253 -9.43 19.53 32.72
N LYS B 2254 -10.56 19.09 32.19
CA LYS B 2254 -10.54 17.92 31.33
C LYS B 2254 -9.85 18.17 30.00
N LEU B 2255 -9.89 19.39 29.49
CA LEU B 2255 -9.45 19.63 28.11
C LEU B 2255 -7.95 19.45 27.94
N LEU B 2256 -7.14 20.07 28.79
CA LEU B 2256 -5.69 20.06 28.58
C LEU B 2256 -5.07 18.70 28.83
N MET B 2257 -5.83 17.74 29.34
CA MET B 2257 -5.34 16.38 29.54
C MET B 2257 -5.67 15.46 28.37
N CYS B 2258 -5.89 16.02 27.18
CA CYS B 2258 -6.13 15.16 26.03
C CYS B 2258 -4.82 14.66 25.41
N ARG B 2259 -4.03 15.59 24.89
CA ARG B 2259 -2.70 15.32 24.33
C ARG B 2259 -2.76 14.42 23.10
N ASP B 2260 -3.94 13.88 22.82
CA ASP B 2260 -4.28 13.21 21.58
C ASP B 2260 -5.73 12.78 21.68
N LEU B 2261 -6.36 12.51 20.54
CA LEU B 2261 -7.75 12.13 20.54
C LEU B 2261 -8.00 11.36 19.24
N GLU B 2262 -9.26 11.19 18.88
CA GLU B 2262 -9.60 10.60 17.59
C GLU B 2262 -10.28 11.59 16.64
N LEU B 2263 -10.80 12.70 17.14
CA LEU B 2263 -11.56 13.61 16.30
C LEU B 2263 -10.68 14.33 15.29
N ALA B 2264 -11.23 14.55 14.11
CA ALA B 2264 -10.64 15.48 13.17
C ALA B 2264 -10.90 16.91 13.63
N VAL B 2265 -10.08 17.83 13.17
CA VAL B 2265 -10.30 19.24 13.50
C VAL B 2265 -11.70 19.64 13.03
N PRO B 2266 -12.54 20.16 13.90
CA PRO B 2266 -13.93 20.39 13.51
C PRO B 2266 -14.04 21.33 12.33
N GLY B 2267 -14.96 21.00 11.42
CA GLY B 2267 -15.25 21.84 10.29
C GLY B 2267 -14.40 21.59 9.06
N THR B 2268 -13.26 20.92 9.19
CA THR B 2268 -12.40 20.62 8.05
C THR B 2268 -12.36 19.09 7.88
N TYR B 2269 -13.19 18.61 6.96
CA TYR B 2269 -13.31 17.18 6.72
C TYR B 2269 -14.00 16.98 5.38
N ASP B 2270 -13.34 16.27 4.47
CA ASP B 2270 -13.90 15.98 3.16
C ASP B 2270 -13.91 14.47 2.92
N PRO B 2271 -14.78 13.97 2.05
CA PRO B 2271 -14.85 12.52 1.82
C PRO B 2271 -13.60 11.95 1.16
N ASN B 2272 -12.76 12.76 0.53
CA ASN B 2272 -11.73 12.23 -0.36
C ASN B 2272 -10.31 12.58 0.08
N GLN B 2273 -10.10 12.94 1.33
CA GLN B 2273 -8.76 13.23 1.81
C GLN B 2273 -8.59 12.63 3.19
N PRO B 2274 -7.41 12.08 3.50
CA PRO B 2274 -7.17 11.55 4.85
C PRO B 2274 -7.35 12.63 5.91
N ILE B 2275 -7.91 12.21 7.04
CA ILE B 2275 -8.30 13.16 8.07
C ILE B 2275 -7.07 13.67 8.80
N ILE B 2276 -7.22 14.83 9.43
CA ILE B 2276 -6.19 15.40 10.29
C ILE B 2276 -6.75 15.43 11.71
N ARG B 2277 -6.17 14.64 12.58
CA ARG B 2277 -6.66 14.49 13.95
C ARG B 2277 -6.18 15.66 14.80
N ILE B 2278 -6.99 16.02 15.78
CA ILE B 2278 -6.63 17.07 16.73
C ILE B 2278 -5.57 16.49 17.66
N GLN B 2279 -4.48 17.22 17.86
CA GLN B 2279 -3.38 16.69 18.66
C GLN B 2279 -3.38 17.30 20.05
N SER B 2280 -3.47 18.62 20.15
CA SER B 2280 -3.36 19.28 21.44
C SER B 2280 -4.13 20.59 21.48
N ILE B 2281 -4.38 21.05 22.69
CA ILE B 2281 -5.04 22.32 22.95
C ILE B 2281 -4.12 23.17 23.82
N ALA B 2282 -3.88 24.40 23.40
CA ALA B 2282 -2.99 25.28 24.17
C ALA B 2282 -3.66 25.65 25.49
N PRO B 2283 -2.88 25.99 26.52
CA PRO B 2283 -3.48 26.23 27.84
C PRO B 2283 -3.87 27.68 28.06
N SER B 2284 -3.88 28.49 27.00
CA SER B 2284 -4.15 29.90 27.12
C SER B 2284 -5.36 30.27 26.27
N LEU B 2285 -6.27 31.07 26.82
CA LEU B 2285 -7.36 31.62 26.05
C LEU B 2285 -7.37 33.14 26.17
N GLN B 2286 -7.40 33.81 25.02
CA GLN B 2286 -7.41 35.26 24.95
C GLN B 2286 -8.81 35.72 24.63
N VAL B 2287 -9.31 36.70 25.36
CA VAL B 2287 -10.66 37.20 25.19
C VAL B 2287 -10.62 38.54 24.49
N ILE B 2288 -11.27 38.63 23.34
CA ILE B 2288 -11.37 39.88 22.61
C ILE B 2288 -12.51 40.70 23.20
N THR B 2289 -12.21 41.94 23.58
CA THR B 2289 -13.19 42.78 24.27
C THR B 2289 -14.23 43.26 23.28
N SER B 2290 -15.50 43.10 23.65
CA SER B 2290 -16.63 43.54 22.87
C SER B 2290 -17.88 43.42 23.73
N LYS B 2291 -19.04 43.61 23.11
CA LYS B 2291 -20.28 43.36 23.82
C LYS B 2291 -20.65 41.89 23.82
N GLN B 2292 -20.01 41.08 22.97
CA GLN B 2292 -20.31 39.66 22.90
C GLN B 2292 -19.18 38.79 23.43
N ARG B 2293 -18.00 39.35 23.65
CA ARG B 2293 -16.85 38.67 24.22
C ARG B 2293 -16.62 37.30 23.62
N PRO B 2294 -16.18 37.22 22.38
CA PRO B 2294 -15.81 35.92 21.81
C PRO B 2294 -14.42 35.51 22.28
N ARG B 2295 -14.21 34.20 22.39
CA ARG B 2295 -12.90 33.70 22.72
C ARG B 2295 -12.20 33.17 21.47
N LYS B 2296 -10.87 33.19 21.50
CA LYS B 2296 -10.05 32.71 20.39
C LYS B 2296 -9.37 31.41 20.80
N LEU B 2297 -10.08 30.30 20.63
CA LEU B 2297 -9.51 28.99 20.91
C LEU B 2297 -8.48 28.65 19.85
N THR B 2298 -7.48 27.85 20.22
CA THR B 2298 -6.42 27.47 19.30
C THR B 2298 -6.16 25.97 19.42
N LEU B 2299 -6.11 25.28 18.28
CA LEU B 2299 -5.86 23.86 18.23
C LEU B 2299 -4.55 23.57 17.51
N MET B 2300 -3.94 22.45 17.86
CA MET B 2300 -2.79 21.93 17.11
C MET B 2300 -3.16 20.55 16.62
N GLY B 2301 -3.14 20.36 15.30
CA GLY B 2301 -3.55 19.11 14.70
C GLY B 2301 -2.41 18.13 14.54
N SER B 2302 -2.72 17.03 13.85
CA SER B 2302 -1.75 15.95 13.69
C SER B 2302 -0.50 16.36 12.93
N ASN B 2303 -0.64 17.03 11.80
CA ASN B 2303 0.49 17.35 10.95
C ASN B 2303 1.22 18.62 11.37
N GLY B 2304 1.02 19.07 12.61
CA GLY B 2304 1.74 20.22 13.11
C GLY B 2304 1.31 21.54 12.53
N HIS B 2305 0.03 21.71 12.24
CA HIS B 2305 -0.49 22.95 11.68
C HIS B 2305 -1.56 23.53 12.61
N GLU B 2306 -1.38 24.79 12.98
CA GLU B 2306 -2.27 25.45 13.90
C GLU B 2306 -3.65 25.60 13.29
N PHE B 2307 -4.65 25.73 14.13
CA PHE B 2307 -5.99 26.09 13.72
C PHE B 2307 -6.54 27.08 14.73
N VAL B 2308 -6.55 28.35 14.36
CA VAL B 2308 -7.07 29.40 15.21
C VAL B 2308 -8.55 29.52 14.94
N PHE B 2309 -9.34 29.65 16.00
CA PHE B 2309 -10.78 29.76 15.87
C PHE B 2309 -11.25 30.98 16.65
N LEU B 2310 -12.52 31.30 16.46
CA LEU B 2310 -13.18 32.36 17.21
C LEU B 2310 -14.39 31.70 17.85
N LEU B 2311 -14.39 31.62 19.17
CA LEU B 2311 -15.43 30.91 19.89
C LEU B 2311 -16.51 31.91 20.28
N LYS B 2312 -17.70 31.75 19.72
CA LYS B 2312 -18.77 32.73 19.88
C LYS B 2312 -19.86 32.14 20.76
N GLY B 2313 -20.43 32.97 21.63
CA GLY B 2313 -21.61 32.62 22.39
C GLY B 2313 -22.71 33.65 22.18
N HIS B 2314 -23.87 33.37 22.80
CA HIS B 2314 -25.02 34.28 22.80
C HIS B 2314 -25.64 34.44 21.41
N GLU B 2315 -25.37 33.54 20.49
CA GLU B 2315 -25.84 33.73 19.12
C GLU B 2315 -26.19 32.40 18.49
N ASP B 2316 -27.03 32.44 17.46
CA ASP B 2316 -27.20 31.32 16.55
C ASP B 2316 -26.19 31.44 15.44
N LEU B 2317 -25.70 30.31 14.95
CA LEU B 2317 -24.86 30.26 13.76
C LEU B 2317 -25.44 29.35 12.69
N ARG B 2318 -26.58 28.75 12.96
CA ARG B 2318 -27.22 27.87 11.99
C ARG B 2318 -27.56 28.56 10.69
N GLN B 2319 -28.19 29.74 10.76
CA GLN B 2319 -28.48 30.51 9.57
C GLN B 2319 -27.21 30.79 8.77
N ASP B 2320 -26.10 30.97 9.48
CA ASP B 2320 -24.83 31.17 8.82
C ASP B 2320 -24.43 29.96 8.00
N GLU B 2321 -24.65 28.75 8.51
CA GLU B 2321 -24.33 27.55 7.74
C GLU B 2321 -25.11 27.53 6.43
N ARG B 2322 -26.40 27.81 6.48
CA ARG B 2322 -27.22 27.74 5.28
C ARG B 2322 -26.81 28.78 4.26
N VAL B 2323 -26.57 30.01 4.72
CA VAL B 2323 -26.15 31.02 3.76
C VAL B 2323 -24.77 30.71 3.21
N MET B 2324 -23.91 30.07 4.01
CA MET B 2324 -22.58 29.75 3.50
C MET B 2324 -22.66 28.67 2.44
N GLN B 2325 -23.55 27.71 2.63
CA GLN B 2325 -23.82 26.72 1.59
C GLN B 2325 -24.35 27.39 0.34
N LEU B 2326 -25.28 28.33 0.49
CA LEU B 2326 -25.79 29.04 -0.68
C LEU B 2326 -24.67 29.75 -1.43
N PHE B 2327 -23.78 30.40 -0.70
CA PHE B 2327 -22.66 31.07 -1.35
C PHE B 2327 -21.75 30.08 -2.06
N GLY B 2328 -21.52 28.90 -1.47
CA GLY B 2328 -20.79 27.87 -2.19
C GLY B 2328 -21.49 27.50 -3.49
N LEU B 2329 -22.81 27.38 -3.44
CA LEU B 2329 -23.58 27.08 -4.65
C LEU B 2329 -23.36 28.15 -5.71
N VAL B 2330 -23.45 29.41 -5.31
CA VAL B 2330 -23.25 30.49 -6.28
C VAL B 2330 -21.84 30.45 -6.83
N ASN B 2331 -20.87 30.09 -6.00
CA ASN B 2331 -19.50 29.93 -6.50
C ASN B 2331 -19.45 28.83 -7.55
N THR B 2332 -20.19 27.75 -7.33
CA THR B 2332 -20.24 26.68 -8.34
C THR B 2332 -20.84 27.19 -9.64
N LEU B 2333 -21.97 27.88 -9.58
CA LEU B 2333 -22.56 28.43 -10.80
C LEU B 2333 -21.58 29.34 -11.52
N LEU B 2334 -20.91 30.22 -10.78
CA LEU B 2334 -19.97 31.12 -11.38
C LEU B 2334 -18.74 30.40 -11.91
N ALA B 2335 -18.48 29.19 -11.42
CA ALA B 2335 -17.26 28.49 -11.80
C ALA B 2335 -17.26 28.01 -13.25
N ASN B 2336 -18.39 27.48 -13.73
CA ASN B 2336 -18.40 26.76 -15.00
C ASN B 2336 -18.89 27.63 -16.16
N ASP B 2337 -18.54 28.91 -16.16
CA ASP B 2337 -18.90 29.78 -17.27
C ASP B 2337 -17.65 30.35 -17.92
N PRO B 2338 -17.55 30.31 -19.26
CA PRO B 2338 -16.29 30.71 -19.90
C PRO B 2338 -15.94 32.17 -19.70
N THR B 2339 -16.88 33.07 -19.97
CA THR B 2339 -16.62 34.50 -19.79
C THR B 2339 -16.43 34.88 -18.33
N SER B 2340 -17.08 34.17 -17.41
CA SER B 2340 -16.95 34.46 -16.00
C SER B 2340 -15.62 33.99 -15.43
N LEU B 2341 -15.15 32.80 -15.84
CA LEU B 2341 -14.00 32.20 -15.19
C LEU B 2341 -12.68 32.87 -15.55
N ARG B 2342 -12.57 33.42 -16.76
CA ARG B 2342 -11.33 34.09 -17.14
C ARG B 2342 -11.05 35.30 -16.27
N LYS B 2343 -12.06 35.81 -15.58
CA LYS B 2343 -11.91 36.94 -14.69
C LYS B 2343 -11.91 36.52 -13.22
N ASN B 2344 -11.77 35.23 -12.95
CA ASN B 2344 -11.59 34.63 -11.62
C ASN B 2344 -12.49 35.26 -10.57
N LEU B 2345 -13.75 35.48 -10.93
CA LEU B 2345 -14.74 35.92 -9.95
C LEU B 2345 -14.94 34.81 -8.94
N SER B 2346 -14.98 35.17 -7.66
CA SER B 2346 -15.20 34.20 -6.60
C SER B 2346 -15.50 34.94 -5.32
N ILE B 2347 -16.18 34.26 -4.42
CA ILE B 2347 -16.44 34.78 -3.08
C ILE B 2347 -15.71 33.90 -2.07
N GLN B 2348 -14.94 34.55 -1.20
CA GLN B 2348 -14.15 33.83 -0.21
C GLN B 2348 -15.06 33.43 0.94
N ARG B 2349 -14.79 32.26 1.52
CA ARG B 2349 -15.60 31.71 2.57
C ARG B 2349 -14.72 31.35 3.77
N TYR B 2350 -15.38 30.98 4.87
CA TYR B 2350 -14.67 30.52 6.05
C TYR B 2350 -15.48 29.45 6.75
N ALA B 2351 -14.80 28.71 7.62
CA ALA B 2351 -15.44 27.58 8.29
C ALA B 2351 -16.39 28.06 9.38
N VAL B 2352 -17.52 27.37 9.49
CA VAL B 2352 -18.55 27.68 10.49
C VAL B 2352 -18.99 26.35 11.10
N ILE B 2353 -18.98 26.26 12.43
CA ILE B 2353 -19.39 25.05 13.13
C ILE B 2353 -20.34 25.44 14.25
N PRO B 2354 -21.62 25.14 14.11
CA PRO B 2354 -22.54 25.36 15.23
C PRO B 2354 -22.42 24.26 16.26
N LEU B 2355 -22.20 24.67 17.51
CA LEU B 2355 -22.10 23.73 18.62
C LEU B 2355 -23.38 23.55 19.39
N SER B 2356 -24.07 24.64 19.71
CA SER B 2356 -25.38 24.54 20.37
C SER B 2356 -26.18 25.77 19.97
N THR B 2357 -27.42 25.83 20.45
CA THR B 2357 -28.35 26.87 20.04
C THR B 2357 -27.86 28.28 20.36
N ASN B 2358 -26.77 28.42 21.12
CA ASN B 2358 -26.34 29.75 21.50
C ASN B 2358 -24.83 29.91 21.43
N SER B 2359 -24.13 28.98 20.77
CA SER B 2359 -22.69 29.15 20.64
C SER B 2359 -22.15 28.28 19.52
N GLY B 2360 -20.94 28.62 19.08
CA GLY B 2360 -20.28 27.87 18.03
C GLY B 2360 -18.88 28.37 17.79
N LEU B 2361 -18.33 27.96 16.65
CA LEU B 2361 -16.96 28.30 16.28
C LEU B 2361 -16.97 28.88 14.87
N ILE B 2362 -16.22 29.96 14.67
CA ILE B 2362 -16.04 30.57 13.37
C ILE B 2362 -14.55 30.58 13.04
N GLY B 2363 -14.21 30.17 11.82
CA GLY B 2363 -12.81 30.15 11.43
C GLY B 2363 -12.20 31.54 11.49
N TRP B 2364 -10.90 31.59 11.74
CA TRP B 2364 -10.16 32.84 11.77
C TRP B 2364 -9.46 33.03 10.43
N VAL B 2365 -9.84 34.08 9.72
CA VAL B 2365 -9.22 34.42 8.44
C VAL B 2365 -7.90 35.13 8.74
N PRO B 2366 -6.79 34.67 8.18
CA PRO B 2366 -5.50 35.29 8.49
C PRO B 2366 -5.25 36.53 7.66
N HIS B 2367 -4.34 37.35 8.15
CA HIS B 2367 -3.89 38.59 7.51
C HIS B 2367 -5.02 39.59 7.32
N CYS B 2368 -6.22 39.25 7.77
CA CYS B 2368 -7.44 39.96 7.42
C CYS B 2368 -7.70 41.10 8.40
N ASP B 2369 -8.29 42.18 7.89
CA ASP B 2369 -8.35 43.41 8.66
C ASP B 2369 -9.68 44.12 8.45
N THR B 2370 -10.24 44.63 9.54
CA THR B 2370 -11.48 45.38 9.47
C THR B 2370 -11.25 46.76 8.86
N LEU B 2371 -12.19 47.20 8.04
CA LEU B 2371 -12.09 48.52 7.42
C LEU B 2371 -12.00 49.61 8.47
N HIS B 2372 -12.70 49.46 9.59
CA HIS B 2372 -12.74 50.51 10.60
C HIS B 2372 -11.34 50.86 11.10
N ALA B 2373 -10.55 49.85 11.43
CA ALA B 2373 -9.20 50.09 11.91
C ALA B 2373 -8.32 50.74 10.86
N LEU B 2374 -8.51 50.40 9.59
CA LEU B 2374 -7.73 50.98 8.51
C LEU B 2374 -7.89 52.49 8.43
N ILE B 2375 -9.12 52.96 8.33
CA ILE B 2375 -9.34 54.40 8.29
C ILE B 2375 -8.93 55.03 9.60
N ARG B 2376 -9.19 54.34 10.71
CA ARG B 2376 -8.75 54.86 12.01
C ARG B 2376 -7.24 55.06 12.03
N ASP B 2377 -6.50 54.02 11.63
CA ASP B 2377 -5.04 54.10 11.68
C ASP B 2377 -4.51 55.19 10.76
N TYR B 2378 -5.01 55.24 9.52
CA TYR B 2378 -4.50 56.26 8.60
C TYR B 2378 -4.79 57.66 9.11
N ARG B 2379 -6.01 57.90 9.59
CA ARG B 2379 -6.32 59.23 10.08
C ARG B 2379 -5.50 59.59 11.31
N GLU B 2380 -5.28 58.64 12.22
CA GLU B 2380 -4.49 58.95 13.40
C GLU B 2380 -3.03 59.15 13.07
N LYS B 2381 -2.55 58.59 11.97
CA LYS B 2381 -1.21 58.93 11.51
C LYS B 2381 -1.14 60.35 10.97
N LYS B 2382 -2.20 60.80 10.29
CA LYS B 2382 -2.25 62.12 9.71
C LYS B 2382 -2.75 63.17 10.69
N LYS B 2383 -2.89 62.82 11.97
CA LYS B 2383 -3.19 63.78 13.03
C LYS B 2383 -4.54 64.45 12.83
N ILE B 2384 -5.50 63.74 12.26
CA ILE B 2384 -6.86 64.24 12.07
C ILE B 2384 -7.77 63.46 13.00
N LEU B 2385 -8.68 64.17 13.67
CA LEU B 2385 -9.57 63.51 14.61
C LEU B 2385 -10.55 62.62 13.86
N LEU B 2386 -11.05 61.60 14.57
CA LEU B 2386 -11.77 60.51 13.91
C LEU B 2386 -13.06 60.97 13.25
N ASN B 2387 -13.94 61.64 14.01
CA ASN B 2387 -15.31 61.85 13.59
C ASN B 2387 -15.55 63.28 13.11
N ILE B 2388 -14.59 63.80 12.33
CA ILE B 2388 -14.64 65.20 11.91
C ILE B 2388 -15.97 65.51 11.23
N GLU B 2389 -16.47 64.60 10.39
CA GLU B 2389 -17.73 64.86 9.72
C GLU B 2389 -18.86 65.05 10.72
N HIS B 2390 -18.99 64.13 11.68
CA HIS B 2390 -20.07 64.21 12.64
C HIS B 2390 -19.97 65.46 13.49
N ARG B 2391 -18.75 65.84 13.87
CA ARG B 2391 -18.56 67.08 14.60
C ARG B 2391 -19.06 68.27 13.80
N ILE B 2392 -18.74 68.30 12.50
CA ILE B 2392 -19.21 69.40 11.67
C ILE B 2392 -20.73 69.42 11.61
N MET B 2393 -21.34 68.25 11.42
CA MET B 2393 -22.80 68.18 11.34
C MET B 2393 -23.43 68.70 12.62
N LEU B 2394 -22.91 68.29 13.78
CA LEU B 2394 -23.48 68.75 15.03
C LEU B 2394 -23.23 70.23 15.26
N ARG B 2395 -22.08 70.76 14.84
CA ARG B 2395 -21.84 72.18 14.97
C ARG B 2395 -22.82 73.00 14.16
N MET B 2396 -23.10 72.57 12.93
CA MET B 2396 -24.11 73.29 12.16
C MET B 2396 -25.51 73.08 12.72
N ALA B 2397 -25.75 71.95 13.36
CA ALA B 2397 -27.08 71.72 13.92
C ALA B 2397 -27.00 70.78 15.12
N PRO B 2398 -27.28 71.29 16.32
CA PRO B 2398 -27.24 70.40 17.49
C PRO B 2398 -28.29 69.31 17.44
N ASP B 2399 -29.57 69.67 17.35
CA ASP B 2399 -30.64 68.68 17.30
C ASP B 2399 -30.76 68.13 15.89
N TYR B 2400 -29.63 67.56 15.44
CA TYR B 2400 -29.52 67.12 14.06
C TYR B 2400 -30.52 66.01 13.75
N ASP B 2401 -30.72 65.10 14.69
CA ASP B 2401 -31.46 63.87 14.46
C ASP B 2401 -32.97 64.07 14.37
N HIS B 2402 -33.46 65.30 14.24
CA HIS B 2402 -34.90 65.55 14.22
C HIS B 2402 -35.35 66.41 13.05
N LEU B 2403 -34.42 66.86 12.21
CA LEU B 2403 -34.78 67.74 11.11
C LEU B 2403 -35.65 66.99 10.10
N THR B 2404 -36.15 67.73 9.12
CA THR B 2404 -36.89 67.12 8.03
C THR B 2404 -35.89 66.65 6.98
N LEU B 2405 -36.33 65.74 6.11
CA LEU B 2405 -35.39 65.00 5.27
C LEU B 2405 -34.60 65.94 4.37
N MET B 2406 -35.24 66.96 3.81
CA MET B 2406 -34.50 67.87 2.94
C MET B 2406 -33.49 68.69 3.73
N GLN B 2407 -33.80 69.01 4.98
CA GLN B 2407 -32.83 69.73 5.81
C GLN B 2407 -31.65 68.83 6.15
N LYS B 2408 -31.93 67.59 6.55
CA LYS B 2408 -30.87 66.60 6.71
C LYS B 2408 -30.02 66.51 5.46
N VAL B 2409 -30.66 66.52 4.29
CA VAL B 2409 -29.91 66.52 3.04
C VAL B 2409 -28.97 67.72 3.00
N GLU B 2410 -29.55 68.93 3.01
CA GLU B 2410 -28.74 70.12 2.83
C GLU B 2410 -27.52 70.11 3.73
N VAL B 2411 -27.71 69.81 5.01
CA VAL B 2411 -26.55 69.73 5.89
C VAL B 2411 -25.66 68.57 5.51
N PHE B 2412 -26.23 67.50 4.95
CA PHE B 2412 -25.44 66.32 4.66
C PHE B 2412 -24.44 66.60 3.54
N GLU B 2413 -24.92 67.17 2.42
CA GLU B 2413 -23.96 67.57 1.40
C GLU B 2413 -23.04 68.67 1.91
N HIS B 2414 -23.56 69.62 2.69
CA HIS B 2414 -22.67 70.65 3.20
C HIS B 2414 -21.51 70.05 3.97
N ALA B 2415 -21.76 69.00 4.74
CA ALA B 2415 -20.68 68.35 5.44
C ALA B 2415 -19.76 67.61 4.47
N VAL B 2416 -20.34 66.78 3.60
CA VAL B 2416 -19.51 65.92 2.76
C VAL B 2416 -18.61 66.70 1.84
N ASN B 2417 -19.13 67.70 1.14
CA ASN B 2417 -18.30 68.47 0.21
C ASN B 2417 -17.29 69.32 0.95
N ASN B 2418 -17.42 69.45 2.27
CA ASN B 2418 -16.46 70.18 3.08
C ASN B 2418 -15.28 69.33 3.49
N THR B 2419 -15.24 68.07 3.06
CA THR B 2419 -14.16 67.18 3.43
C THR B 2419 -13.83 66.28 2.24
N ALA B 2420 -12.59 66.36 1.76
CA ALA B 2420 -12.18 65.61 0.58
C ALA B 2420 -11.92 64.17 0.98
N GLY B 2421 -12.81 63.27 0.55
CA GLY B 2421 -12.67 61.86 0.87
C GLY B 2421 -11.84 61.10 -0.13
N ASP B 2422 -10.57 60.87 0.20
CA ASP B 2422 -9.65 60.13 -0.65
C ASP B 2422 -8.76 59.22 0.19
N ASP B 2423 -9.21 58.89 1.39
CA ASP B 2423 -8.34 58.21 2.34
C ASP B 2423 -7.91 56.84 1.85
N LEU B 2424 -8.84 56.06 1.30
CA LEU B 2424 -8.56 54.65 1.06
C LEU B 2424 -7.52 54.46 -0.05
N ALA B 2425 -7.61 55.26 -1.12
CA ALA B 2425 -6.67 55.10 -2.22
C ALA B 2425 -5.26 55.44 -1.79
N LYS B 2426 -5.09 56.58 -1.10
CA LYS B 2426 -3.79 56.92 -0.56
C LYS B 2426 -3.33 55.89 0.44
N LEU B 2427 -4.27 55.31 1.19
CA LEU B 2427 -3.93 54.26 2.14
C LEU B 2427 -3.32 53.07 1.43
N LEU B 2428 -3.99 52.57 0.40
CA LEU B 2428 -3.47 51.41 -0.33
C LEU B 2428 -2.15 51.72 -1.01
N TRP B 2429 -2.07 52.85 -1.72
CA TRP B 2429 -0.82 53.16 -2.41
C TRP B 2429 0.31 53.41 -1.42
N LEU B 2430 -0.02 53.83 -0.20
CA LEU B 2430 1.00 53.92 0.83
C LEU B 2430 1.24 52.57 1.48
N LYS B 2431 0.32 51.62 1.32
CA LYS B 2431 0.54 50.25 1.74
C LYS B 2431 0.79 49.31 0.58
N SER B 2432 1.53 49.74 -0.41
CA SER B 2432 1.76 48.81 -1.50
C SER B 2432 3.25 48.65 -1.78
N PRO B 2433 3.72 47.42 -1.97
CA PRO B 2433 5.14 47.24 -2.24
C PRO B 2433 5.55 47.72 -3.62
N SER B 2434 4.78 47.42 -4.64
CA SER B 2434 5.10 47.80 -6.01
C SER B 2434 3.82 48.29 -6.69
N SER B 2435 3.99 48.93 -7.84
CA SER B 2435 2.85 49.48 -8.54
C SER B 2435 1.98 48.41 -9.19
N GLU B 2436 2.59 47.40 -9.80
CA GLU B 2436 1.83 46.39 -10.50
C GLU B 2436 0.94 45.58 -9.56
N VAL B 2437 1.47 45.18 -8.40
CA VAL B 2437 0.65 44.48 -7.43
C VAL B 2437 -0.43 45.40 -6.90
N TRP B 2438 -0.12 46.69 -6.77
CA TRP B 2438 -1.13 47.67 -6.39
C TRP B 2438 -2.29 47.64 -7.37
N PHE B 2439 -1.97 47.65 -8.67
CA PHE B 2439 -3.03 47.63 -9.68
C PHE B 2439 -3.84 46.35 -9.62
N ASP B 2440 -3.16 45.21 -9.47
CA ASP B 2440 -3.87 43.95 -9.41
C ASP B 2440 -4.80 43.90 -8.19
N ARG B 2441 -4.31 44.37 -7.05
CA ARG B 2441 -5.13 44.40 -5.86
C ARG B 2441 -6.32 45.31 -6.04
N ARG B 2442 -6.12 46.48 -6.67
CA ARG B 2442 -7.25 47.36 -6.92
C ARG B 2442 -8.28 46.68 -7.80
N THR B 2443 -7.80 45.99 -8.85
CA THR B 2443 -8.70 45.25 -9.72
C THR B 2443 -9.52 44.25 -8.92
N ASN B 2444 -8.84 43.45 -8.11
CA ASN B 2444 -9.52 42.42 -7.35
C ASN B 2444 -10.54 43.03 -6.41
N TYR B 2445 -10.16 44.12 -5.74
CA TYR B 2445 -11.08 44.79 -4.84
C TYR B 2445 -12.33 45.21 -5.57
N THR B 2446 -12.15 45.83 -6.73
CA THR B 2446 -13.30 46.25 -7.53
C THR B 2446 -14.22 45.07 -7.82
N ARG B 2447 -13.68 44.05 -8.48
CA ARG B 2447 -14.52 42.96 -8.92
C ARG B 2447 -15.16 42.22 -7.77
N SER B 2448 -14.42 41.92 -6.71
CA SER B 2448 -14.98 41.28 -5.55
C SER B 2448 -16.08 42.11 -4.89
N LEU B 2449 -15.89 43.43 -4.77
CA LEU B 2449 -16.94 44.25 -4.20
C LEU B 2449 -18.21 44.16 -5.02
N ALA B 2450 -18.07 44.20 -6.34
CA ALA B 2450 -19.26 44.20 -7.19
C ALA B 2450 -20.09 42.94 -6.96
N VAL B 2451 -19.46 41.78 -7.04
CA VAL B 2451 -20.20 40.53 -6.98
C VAL B 2451 -20.86 40.37 -5.61
N MET B 2452 -20.15 40.71 -4.55
CA MET B 2452 -20.75 40.60 -3.24
C MET B 2452 -21.92 41.54 -3.06
N SER B 2453 -21.78 42.80 -3.46
CA SER B 2453 -22.89 43.73 -3.39
C SER B 2453 -24.11 43.14 -4.09
N MET B 2454 -23.89 42.60 -5.29
CA MET B 2454 -25.02 42.12 -6.05
C MET B 2454 -25.67 40.91 -5.40
N VAL B 2455 -24.88 39.90 -5.03
CA VAL B 2455 -25.47 38.69 -4.48
C VAL B 2455 -26.17 39.02 -3.17
N GLY B 2456 -25.62 39.97 -2.39
CA GLY B 2456 -26.33 40.43 -1.21
C GLY B 2456 -27.66 41.06 -1.53
N TYR B 2457 -27.71 41.87 -2.59
CA TYR B 2457 -29.00 42.43 -2.99
C TYR B 2457 -29.97 41.31 -3.32
N ILE B 2458 -29.49 40.25 -3.96
CA ILE B 2458 -30.35 39.11 -4.21
C ILE B 2458 -30.87 38.52 -2.91
N LEU B 2459 -29.98 38.32 -1.94
CA LEU B 2459 -30.37 37.71 -0.68
C LEU B 2459 -31.25 38.64 0.14
N GLY B 2460 -30.83 39.88 0.33
CA GLY B 2460 -31.50 40.77 1.25
C GLY B 2460 -30.65 41.06 2.48
N LEU B 2461 -29.34 41.11 2.28
CA LEU B 2461 -28.42 41.39 3.37
C LEU B 2461 -28.57 42.83 3.85
N GLY B 2462 -28.23 43.07 5.12
CA GLY B 2462 -28.25 44.40 5.68
C GLY B 2462 -27.06 44.63 6.60
N ASP B 2463 -27.12 45.76 7.31
CA ASP B 2463 -26.13 46.13 8.31
C ASP B 2463 -24.70 45.99 7.78
N ARG B 2464 -24.40 46.75 6.74
CA ARG B 2464 -23.06 46.75 6.17
C ARG B 2464 -22.26 47.95 6.70
N HIS B 2465 -22.18 48.04 8.03
CA HIS B 2465 -21.42 49.11 8.63
C HIS B 2465 -19.93 48.78 8.56
N PRO B 2466 -19.07 49.80 8.57
CA PRO B 2466 -17.64 49.56 8.32
C PRO B 2466 -16.94 48.69 9.34
N SER B 2467 -17.65 48.12 10.31
CA SER B 2467 -17.04 47.15 11.20
C SER B 2467 -17.31 45.71 10.76
N ASN B 2468 -18.25 45.48 9.85
CA ASN B 2468 -18.58 44.14 9.39
C ASN B 2468 -17.85 43.74 8.12
N LEU B 2469 -17.11 44.66 7.51
CA LEU B 2469 -16.42 44.37 6.26
C LEU B 2469 -14.93 44.25 6.55
N MET B 2470 -14.26 43.37 5.82
CA MET B 2470 -12.84 43.20 6.01
C MET B 2470 -12.11 43.02 4.68
N LEU B 2471 -10.80 43.21 4.73
CA LEU B 2471 -9.94 43.12 3.55
C LEU B 2471 -8.76 42.22 3.83
N ASP B 2472 -8.28 41.55 2.78
CA ASP B 2472 -6.99 40.89 2.82
C ASP B 2472 -5.93 41.89 2.38
N ARG B 2473 -4.93 42.11 3.23
CA ARG B 2473 -3.85 43.00 2.85
C ARG B 2473 -2.94 42.40 1.78
N LEU B 2474 -3.18 41.14 1.40
CA LEU B 2474 -2.42 40.52 0.32
C LEU B 2474 -3.13 40.56 -1.02
N SER B 2475 -4.31 39.97 -1.12
CA SER B 2475 -5.05 39.96 -2.37
C SER B 2475 -5.96 41.17 -2.53
N GLY B 2476 -6.16 41.96 -1.49
CA GLY B 2476 -7.07 43.08 -1.58
C GLY B 2476 -8.53 42.69 -1.72
N LYS B 2477 -8.86 41.41 -1.60
CA LYS B 2477 -10.23 40.98 -1.76
C LYS B 2477 -11.07 41.48 -0.59
N ILE B 2478 -12.38 41.50 -0.79
CA ILE B 2478 -13.33 41.98 0.22
C ILE B 2478 -13.94 40.76 0.88
N LEU B 2479 -14.35 40.90 2.14
CA LEU B 2479 -14.86 39.79 2.92
C LEU B 2479 -16.00 40.28 3.81
N HIS B 2480 -17.05 39.46 3.89
CA HIS B 2480 -18.26 39.79 4.64
C HIS B 2480 -18.44 38.85 5.83
N ILE B 2481 -18.98 39.40 6.92
CA ILE B 2481 -19.37 38.64 8.10
C ILE B 2481 -20.73 39.15 8.55
N ASP B 2482 -21.20 38.61 9.69
CA ASP B 2482 -22.43 39.06 10.33
C ASP B 2482 -23.65 38.82 9.42
N PHE B 2483 -23.81 37.56 9.03
CA PHE B 2483 -24.94 37.18 8.18
C PHE B 2483 -26.15 36.86 9.05
N GLY B 2484 -26.53 37.81 9.89
CA GLY B 2484 -27.62 37.58 10.81
C GLY B 2484 -28.92 38.21 10.37
N ASP B 2485 -28.83 39.30 9.62
CA ASP B 2485 -29.99 40.04 9.16
C ASP B 2485 -30.22 39.81 7.67
N CYS B 2486 -30.95 38.75 7.36
CA CYS B 2486 -31.26 38.41 5.99
C CYS B 2486 -32.71 38.78 5.67
N PHE B 2487 -33.00 38.83 4.37
CA PHE B 2487 -34.37 38.87 3.87
C PHE B 2487 -35.08 40.18 4.20
N GLU B 2488 -34.37 41.30 3.98
CA GLU B 2488 -34.97 42.63 4.01
C GLU B 2488 -35.67 42.92 5.33
N VAL B 2489 -35.22 42.27 6.40
CA VAL B 2489 -35.79 42.55 7.71
C VAL B 2489 -35.50 43.99 8.12
N ALA B 2490 -34.27 44.44 7.90
CA ALA B 2490 -33.91 45.82 8.24
C ALA B 2490 -34.67 46.83 7.41
N MET B 2491 -35.19 46.44 6.25
CA MET B 2491 -35.95 47.36 5.42
C MET B 2491 -37.39 47.53 5.89
N THR B 2492 -37.85 46.68 6.81
CA THR B 2492 -39.23 46.74 7.27
C THR B 2492 -39.34 47.00 8.76
N ARG B 2493 -38.22 47.18 9.46
CA ARG B 2493 -38.29 47.46 10.89
C ARG B 2493 -38.75 48.90 11.09
N GLU B 2494 -38.93 49.29 12.35
CA GLU B 2494 -39.45 50.63 12.62
C GLU B 2494 -38.34 51.65 12.85
N LYS B 2495 -37.26 51.25 13.51
CA LYS B 2495 -36.26 52.20 13.97
C LYS B 2495 -35.16 52.33 12.93
N PHE B 2496 -35.03 53.52 12.34
CA PHE B 2496 -34.09 53.74 11.26
C PHE B 2496 -34.23 52.69 10.17
N PRO B 2497 -35.37 52.60 9.48
CA PRO B 2497 -35.50 51.63 8.41
C PRO B 2497 -34.70 52.05 7.18
N GLU B 2498 -33.60 51.33 6.94
CA GLU B 2498 -32.69 51.69 5.87
C GLU B 2498 -33.38 51.53 4.51
N LYS B 2499 -32.99 52.38 3.57
CA LYS B 2499 -33.54 52.39 2.22
C LYS B 2499 -32.45 52.22 1.18
N ILE B 2500 -31.56 51.27 1.39
CA ILE B 2500 -30.45 51.08 0.46
C ILE B 2500 -30.28 49.59 0.16
N PRO B 2501 -29.97 49.22 -1.09
CA PRO B 2501 -29.66 47.82 -1.36
C PRO B 2501 -28.35 47.36 -0.75
N PHE B 2502 -27.27 48.11 -0.96
CA PHE B 2502 -25.96 47.70 -0.49
C PHE B 2502 -25.08 48.92 -0.33
N ARG B 2503 -23.97 48.76 0.39
CA ARG B 2503 -23.10 49.88 0.73
C ARG B 2503 -22.26 50.26 -0.48
N LEU B 2504 -22.41 51.50 -0.93
CA LEU B 2504 -21.57 52.08 -1.96
C LEU B 2504 -21.52 53.58 -1.67
N THR B 2505 -20.51 54.00 -0.93
CA THR B 2505 -20.35 55.41 -0.59
C THR B 2505 -19.11 55.95 -1.27
N ARG B 2506 -18.91 57.26 -1.15
CA ARG B 2506 -17.82 57.91 -1.87
C ARG B 2506 -16.47 57.32 -1.53
N MET B 2507 -16.31 56.82 -0.31
CA MET B 2507 -15.03 56.24 0.05
C MET B 2507 -14.74 55.01 -0.78
N LEU B 2508 -15.70 54.09 -0.85
CA LEU B 2508 -15.59 52.98 -1.78
C LEU B 2508 -15.63 53.44 -3.22
N THR B 2509 -16.49 54.41 -3.52
CA THR B 2509 -16.62 54.89 -4.90
C THR B 2509 -15.29 55.42 -5.43
N ASN B 2510 -14.65 56.31 -4.71
CA ASN B 2510 -13.46 56.96 -5.25
C ASN B 2510 -12.24 56.05 -5.23
N ALA B 2511 -12.12 55.16 -4.26
CA ALA B 2511 -10.91 54.38 -4.07
C ALA B 2511 -10.72 53.32 -5.13
N MET B 2512 -11.72 53.08 -5.98
CA MET B 2512 -11.71 51.92 -6.85
C MET B 2512 -11.09 52.18 -8.22
N GLU B 2513 -11.26 53.35 -8.79
CA GLU B 2513 -10.79 53.67 -10.13
C GLU B 2513 -10.98 55.16 -10.33
N VAL B 2514 -10.48 55.68 -11.44
CA VAL B 2514 -10.59 57.09 -11.74
C VAL B 2514 -11.98 57.49 -12.22
N THR B 2515 -12.55 56.81 -13.19
CA THR B 2515 -13.78 57.25 -13.81
C THR B 2515 -14.94 57.29 -12.83
N GLY B 2516 -14.89 56.44 -11.83
CA GLY B 2516 -16.00 56.26 -10.93
C GLY B 2516 -16.42 54.80 -10.95
N LEU B 2517 -17.73 54.60 -10.88
CA LEU B 2517 -18.29 53.25 -10.81
C LEU B 2517 -18.76 52.75 -12.16
N ASP B 2518 -18.47 53.47 -13.24
CA ASP B 2518 -18.89 53.04 -14.57
C ASP B 2518 -17.79 52.34 -15.35
N GLY B 2519 -16.73 51.92 -14.68
CA GLY B 2519 -15.70 51.14 -15.35
C GLY B 2519 -15.91 49.66 -15.19
N ASN B 2520 -15.05 49.01 -14.40
CA ASN B 2520 -15.16 47.57 -14.18
C ASN B 2520 -16.48 47.21 -13.52
N TYR B 2521 -16.93 48.04 -12.59
CA TYR B 2521 -18.04 47.69 -11.72
C TYR B 2521 -19.29 47.35 -12.52
N ARG B 2522 -19.68 48.24 -13.43
CA ARG B 2522 -20.92 48.07 -14.16
C ARG B 2522 -20.87 46.85 -15.07
N ILE B 2523 -19.73 46.62 -15.73
CA ILE B 2523 -19.64 45.49 -16.64
C ILE B 2523 -19.73 44.17 -15.89
N THR B 2524 -18.97 44.06 -14.78
CA THR B 2524 -19.07 42.84 -13.98
C THR B 2524 -20.47 42.67 -13.43
N CYS B 2525 -21.14 43.76 -13.08
CA CYS B 2525 -22.51 43.69 -12.62
C CYS B 2525 -23.42 43.12 -13.69
N HIS B 2526 -23.28 43.59 -14.93
CA HIS B 2526 -24.03 42.99 -16.04
C HIS B 2526 -23.81 41.50 -16.11
N THR B 2527 -22.54 41.08 -16.11
CA THR B 2527 -22.24 39.67 -16.26
C THR B 2527 -22.91 38.85 -15.17
N VAL B 2528 -22.81 39.31 -13.93
CA VAL B 2528 -23.29 38.49 -12.84
C VAL B 2528 -24.82 38.48 -12.78
N MET B 2529 -25.49 39.60 -13.08
CA MET B 2529 -26.93 39.51 -13.27
C MET B 2529 -27.31 38.47 -14.29
N GLU B 2530 -26.67 38.50 -15.45
CA GLU B 2530 -27.11 37.59 -16.49
C GLU B 2530 -26.91 36.15 -16.06
N VAL B 2531 -25.75 35.84 -15.49
CA VAL B 2531 -25.48 34.48 -15.06
C VAL B 2531 -26.50 34.04 -14.01
N LEU B 2532 -26.80 34.90 -13.04
CA LEU B 2532 -27.80 34.54 -12.05
C LEU B 2532 -29.15 34.28 -12.68
N ARG B 2533 -29.60 35.17 -13.57
CA ARG B 2533 -30.93 35.01 -14.14
C ARG B 2533 -31.01 33.79 -15.05
N GLU B 2534 -29.88 33.28 -15.52
CA GLU B 2534 -29.93 32.06 -16.32
C GLU B 2534 -30.36 30.87 -15.49
N HIS B 2535 -29.96 30.80 -14.22
CA HIS B 2535 -30.19 29.60 -13.42
C HIS B 2535 -31.13 29.86 -12.25
N LYS B 2536 -32.23 30.57 -12.49
CA LYS B 2536 -33.13 30.92 -11.39
C LYS B 2536 -33.61 29.72 -10.61
N ASP B 2537 -33.73 28.56 -11.27
CA ASP B 2537 -34.26 27.39 -10.59
C ASP B 2537 -33.40 26.97 -9.41
N SER B 2538 -32.09 26.98 -9.58
CA SER B 2538 -31.22 26.45 -8.53
C SER B 2538 -31.26 27.31 -7.28
N VAL B 2539 -30.93 28.60 -7.41
CA VAL B 2539 -30.92 29.46 -6.24
C VAL B 2539 -32.33 29.59 -5.66
N MET B 2540 -33.34 29.62 -6.52
CA MET B 2540 -34.72 29.68 -6.02
C MET B 2540 -35.03 28.46 -5.16
N ALA B 2541 -34.60 27.27 -5.61
CA ALA B 2541 -34.83 26.06 -4.83
C ALA B 2541 -34.09 26.10 -3.51
N VAL B 2542 -32.83 26.54 -3.54
CA VAL B 2542 -32.05 26.58 -2.31
C VAL B 2542 -32.71 27.50 -1.29
N LEU B 2543 -33.13 28.68 -1.73
CA LEU B 2543 -33.72 29.64 -0.79
C LEU B 2543 -35.10 29.20 -0.34
N GLU B 2544 -35.88 28.57 -1.20
CA GLU B 2544 -37.20 28.11 -0.76
C GLU B 2544 -37.06 26.98 0.25
N ALA B 2545 -36.06 26.11 0.08
CA ALA B 2545 -35.76 25.14 1.12
C ALA B 2545 -35.32 25.83 2.40
N PHE B 2546 -34.51 26.89 2.27
CA PHE B 2546 -34.07 27.69 3.40
C PHE B 2546 -35.26 28.20 4.22
N VAL B 2547 -36.23 28.82 3.56
CA VAL B 2547 -37.25 29.56 4.29
C VAL B 2547 -38.19 28.62 5.03
N TYR B 2548 -38.53 27.48 4.44
CA TYR B 2548 -39.66 26.70 4.94
C TYR B 2548 -39.36 25.96 6.24
N ASP B 2549 -38.15 26.03 6.75
CA ASP B 2549 -37.82 25.35 8.00
C ASP B 2549 -38.65 25.95 9.14
N PRO B 2550 -39.36 25.13 9.93
CA PRO B 2550 -40.12 25.69 11.05
C PRO B 2550 -39.24 26.22 12.17
N LEU B 2551 -37.97 25.82 12.24
CA LEU B 2551 -37.11 26.18 13.36
C LEU B 2551 -36.34 27.46 13.14
N LEU B 2552 -36.40 28.06 11.95
CA LEU B 2552 -35.59 29.23 11.66
C LEU B 2552 -36.36 30.53 11.48
N ASN B 2553 -37.66 30.55 11.72
CA ASN B 2553 -38.46 31.74 11.49
C ASN B 2553 -39.00 32.37 12.78
N TRP B 2554 -38.49 31.95 13.94
CA TRP B 2554 -38.94 32.57 15.18
C TRP B 2554 -38.61 34.05 15.21
N ARG B 2555 -37.42 34.41 14.75
CA ARG B 2555 -37.07 35.81 14.56
C ARG B 2555 -37.72 36.40 13.32
N LEU B 2556 -38.00 35.58 12.32
CA LEU B 2556 -38.42 36.05 11.01
C LEU B 2556 -39.92 36.27 10.90
N MET B 2557 -40.68 35.91 11.93
CA MET B 2557 -42.13 35.99 11.88
C MET B 2557 -42.70 36.58 13.17
N ASP B 2558 -41.94 37.47 13.81
CA ASP B 2558 -42.29 38.02 15.11
C ASP B 2558 -42.59 36.92 16.13
N ALA B 2617 -51.80 31.12 6.14
CA ALA B 2617 -51.59 32.36 6.87
C ALA B 2617 -50.21 32.38 7.51
N LEU B 2618 -49.91 31.33 8.30
CA LEU B 2618 -48.59 31.20 8.88
C LEU B 2618 -47.51 31.06 7.81
N ASN B 2619 -47.88 30.58 6.63
CA ASN B 2619 -47.00 30.55 5.48
C ASN B 2619 -47.06 31.83 4.66
N LYS B 2620 -48.06 32.68 4.89
CA LYS B 2620 -48.33 33.80 4.00
C LYS B 2620 -47.22 34.84 4.01
N LYS B 2621 -46.64 35.14 5.17
CA LYS B 2621 -45.48 36.04 5.17
C LYS B 2621 -44.33 35.42 4.38
N ALA B 2622 -44.09 34.13 4.58
CA ALA B 2622 -43.08 33.44 3.79
C ALA B 2622 -43.42 33.50 2.31
N ILE B 2623 -44.70 33.39 1.98
CA ILE B 2623 -45.12 33.44 0.58
C ILE B 2623 -44.82 34.82 0.00
N GLN B 2624 -45.15 35.87 0.74
CA GLN B 2624 -44.83 37.22 0.30
C GLN B 2624 -43.34 37.43 0.13
N ILE B 2625 -42.54 36.84 1.01
CA ILE B 2625 -41.08 36.92 0.85
C ILE B 2625 -40.65 36.24 -0.44
N ILE B 2626 -41.14 35.02 -0.67
CA ILE B 2626 -40.68 34.25 -1.82
C ILE B 2626 -41.14 34.90 -3.11
N ASN B 2627 -42.28 35.61 -3.08
CA ASN B 2627 -42.71 36.34 -4.26
C ASN B 2627 -41.72 37.43 -4.62
N ARG B 2628 -41.26 38.20 -3.63
CA ARG B 2628 -40.24 39.21 -3.90
C ARG B 2628 -38.95 38.57 -4.37
N VAL B 2629 -38.57 37.45 -3.77
CA VAL B 2629 -37.36 36.76 -4.20
C VAL B 2629 -37.45 36.38 -5.67
N ARG B 2630 -38.60 35.84 -6.08
CA ARG B 2630 -38.79 35.54 -7.49
C ARG B 2630 -38.72 36.81 -8.34
N ASP B 2631 -39.37 37.89 -7.90
CA ASP B 2631 -39.42 39.11 -8.68
C ASP B 2631 -38.03 39.67 -8.91
N LYS B 2632 -37.14 39.52 -7.93
CA LYS B 2632 -35.79 40.05 -8.09
C LYS B 2632 -35.04 39.40 -9.24
N LEU B 2633 -35.46 38.20 -9.65
CA LEU B 2633 -34.79 37.49 -10.72
C LEU B 2633 -35.52 37.59 -12.05
N THR B 2634 -36.69 38.20 -12.07
CA THR B 2634 -37.43 38.39 -13.31
C THR B 2634 -37.62 39.86 -13.67
N GLY B 2635 -36.99 40.77 -12.94
CA GLY B 2635 -37.01 42.17 -13.33
C GLY B 2635 -38.34 42.86 -13.17
N ARG B 2636 -39.23 42.33 -12.32
CA ARG B 2636 -40.53 42.91 -12.10
C ARG B 2636 -40.67 43.49 -10.71
N ASP B 2637 -39.55 43.89 -10.11
CA ASP B 2637 -39.56 44.45 -8.76
C ASP B 2637 -40.36 45.73 -8.66
N PHE B 2638 -40.09 46.71 -9.52
CA PHE B 2638 -40.73 48.01 -9.39
C PHE B 2638 -42.21 47.95 -9.74
N SER B 2639 -42.59 47.04 -10.63
CA SER B 2639 -43.98 46.78 -10.92
C SER B 2639 -44.06 45.42 -11.61
N HIS B 2640 -45.17 44.72 -11.40
CA HIS B 2640 -45.37 43.42 -12.00
C HIS B 2640 -45.73 43.49 -13.47
N ASP B 2641 -45.93 44.69 -14.00
CA ASP B 2641 -46.46 44.86 -15.35
C ASP B 2641 -45.40 44.90 -16.44
N ASP B 2642 -44.12 44.96 -16.08
CA ASP B 2642 -43.07 45.14 -17.08
C ASP B 2642 -41.83 44.38 -16.63
N THR B 2643 -40.90 44.20 -17.57
CA THR B 2643 -39.67 43.46 -17.35
C THR B 2643 -38.52 44.18 -18.05
N LEU B 2644 -37.67 44.83 -17.26
CA LEU B 2644 -36.51 45.50 -17.81
C LEU B 2644 -35.45 44.49 -18.20
N ASP B 2645 -34.40 44.98 -18.86
CA ASP B 2645 -33.25 44.14 -19.18
C ASP B 2645 -32.27 44.22 -18.01
N VAL B 2646 -31.14 43.55 -18.16
CA VAL B 2646 -30.09 43.62 -17.14
C VAL B 2646 -29.62 45.06 -16.96
N PRO B 2647 -29.24 45.78 -18.02
CA PRO B 2647 -28.73 47.15 -17.80
C PRO B 2647 -29.71 48.09 -17.11
N THR B 2648 -31.00 47.99 -17.41
CA THR B 2648 -31.95 48.93 -16.82
C THR B 2648 -32.11 48.68 -15.32
N GLN B 2649 -32.31 47.42 -14.93
CA GLN B 2649 -32.40 47.11 -13.51
C GLN B 2649 -31.10 47.45 -12.79
N VAL B 2650 -29.97 47.16 -13.43
CA VAL B 2650 -28.69 47.50 -12.83
C VAL B 2650 -28.59 48.99 -12.59
N GLU B 2651 -28.97 49.80 -13.58
CA GLU B 2651 -28.86 51.24 -13.43
C GLU B 2651 -29.81 51.78 -12.37
N LEU B 2652 -31.03 51.23 -12.31
CA LEU B 2652 -31.96 51.68 -11.29
C LEU B 2652 -31.44 51.33 -9.90
N LEU B 2653 -30.87 50.13 -9.73
CA LEU B 2653 -30.24 49.78 -8.47
C LEU B 2653 -29.12 50.75 -8.12
N ILE B 2654 -28.26 51.06 -9.09
CA ILE B 2654 -27.16 51.98 -8.84
C ILE B 2654 -27.67 53.34 -8.40
N LYS B 2655 -28.63 53.90 -9.14
CA LYS B 2655 -29.15 55.21 -8.78
C LYS B 2655 -29.79 55.20 -7.41
N GLN B 2656 -30.59 54.17 -7.11
CA GLN B 2656 -31.22 54.09 -5.80
C GLN B 2656 -30.18 54.00 -4.69
N ALA B 2657 -29.08 53.32 -4.95
CA ALA B 2657 -28.09 53.10 -3.90
C ALA B 2657 -27.31 54.36 -3.55
N THR B 2658 -27.04 55.22 -4.53
CA THR B 2658 -26.18 56.37 -4.31
C THR B 2658 -26.97 57.67 -4.19
N SER B 2659 -28.29 57.58 -4.02
CA SER B 2659 -29.13 58.74 -3.87
C SER B 2659 -28.89 59.42 -2.53
N HIS B 2660 -28.62 60.73 -2.56
CA HIS B 2660 -28.44 61.47 -1.33
C HIS B 2660 -29.71 61.46 -0.48
N GLU B 2661 -30.87 61.60 -1.11
CA GLU B 2661 -32.13 61.64 -0.38
C GLU B 2661 -32.33 60.43 0.50
N ASN B 2662 -31.78 59.28 0.12
CA ASN B 2662 -31.89 58.09 0.94
C ASN B 2662 -30.73 57.94 1.90
N LEU B 2663 -29.54 58.42 1.53
CA LEU B 2663 -28.37 58.25 2.37
C LEU B 2663 -28.51 58.98 3.72
N CYS B 2664 -29.37 59.99 3.80
CA CYS B 2664 -29.48 60.75 5.02
C CYS B 2664 -30.26 60.03 6.10
N GLN B 2665 -31.16 59.12 5.74
CA GLN B 2665 -32.10 58.55 6.69
C GLN B 2665 -31.53 57.41 7.52
N CYS B 2666 -30.28 57.01 7.27
CA CYS B 2666 -29.75 55.84 7.95
C CYS B 2666 -29.43 56.16 9.41
N TYR B 2667 -29.23 55.09 10.18
CA TYR B 2667 -28.72 55.24 11.54
C TYR B 2667 -27.34 55.88 11.51
N ILE B 2668 -27.08 56.74 12.48
CA ILE B 2668 -25.85 57.53 12.46
C ILE B 2668 -24.61 56.64 12.53
N GLY B 2669 -24.65 55.54 13.28
CA GLY B 2669 -23.49 54.67 13.36
C GLY B 2669 -23.17 53.95 12.08
N TRP B 2670 -24.08 53.99 11.10
CA TRP B 2670 -23.82 53.36 9.82
C TRP B 2670 -22.71 54.07 9.05
N CYS B 2671 -22.37 55.28 9.46
CA CYS B 2671 -21.34 56.11 8.85
C CYS B 2671 -21.60 56.37 7.38
N PRO B 2672 -22.69 57.07 7.03
CA PRO B 2672 -22.86 57.50 5.63
C PRO B 2672 -21.80 58.49 5.18
N PHE B 2673 -21.16 59.19 6.12
CA PHE B 2673 -20.14 60.17 5.78
C PHE B 2673 -18.86 59.55 5.25
N TRP B 2674 -18.71 58.24 5.34
CA TRP B 2674 -17.48 57.57 4.94
C TRP B 2674 -17.56 57.08 3.51
N VAL C 29 -31.55 -100.21 -18.66
CA VAL C 29 -32.61 -100.96 -17.99
C VAL C 29 -32.40 -100.95 -16.49
N GLY C 30 -33.20 -100.18 -15.78
CA GLY C 30 -33.09 -100.07 -14.34
C GLY C 30 -34.16 -100.84 -13.61
N SER C 31 -34.77 -101.81 -14.30
CA SER C 31 -35.87 -102.59 -13.75
C SER C 31 -35.30 -103.53 -12.68
N ASP C 32 -35.31 -103.04 -11.44
CA ASP C 32 -34.72 -103.78 -10.34
C ASP C 32 -35.28 -103.26 -9.03
N PRO C 33 -35.40 -104.10 -8.00
CA PRO C 33 -35.95 -103.59 -6.72
C PRO C 33 -35.18 -102.44 -6.12
N VAL C 34 -33.85 -102.39 -6.28
CA VAL C 34 -33.02 -101.37 -5.66
C VAL C 34 -32.36 -100.53 -6.76
N ILE C 35 -32.36 -99.21 -6.55
CA ILE C 35 -31.86 -98.27 -7.54
C ILE C 35 -30.88 -97.30 -6.88
N LEU C 36 -29.94 -96.80 -7.68
CA LEU C 36 -29.01 -95.78 -7.23
C LEU C 36 -28.73 -94.81 -8.36
N ALA C 37 -28.96 -93.53 -8.11
CA ALA C 37 -28.72 -92.49 -9.10
C ALA C 37 -28.04 -91.31 -8.43
N THR C 38 -27.00 -90.79 -9.08
CA THR C 38 -26.23 -89.69 -8.53
C THR C 38 -25.97 -88.62 -9.59
N ALA C 39 -25.73 -87.40 -9.12
CA ALA C 39 -25.56 -86.25 -10.00
C ALA C 39 -24.52 -85.31 -9.41
N GLY C 40 -23.97 -84.46 -10.28
CA GLY C 40 -22.91 -83.53 -9.91
C GLY C 40 -22.66 -82.49 -10.98
N TYR C 41 -21.43 -82.01 -11.10
CA TYR C 41 -21.09 -80.97 -12.06
C TYR C 41 -20.79 -81.49 -13.46
N ASP C 42 -20.68 -82.81 -13.62
CA ASP C 42 -20.22 -83.36 -14.89
C ASP C 42 -21.30 -83.37 -15.97
N HIS C 43 -22.44 -82.73 -15.72
CA HIS C 43 -23.51 -82.58 -16.71
C HIS C 43 -24.16 -83.92 -17.08
N THR C 44 -23.96 -84.95 -16.27
CA THR C 44 -24.56 -86.24 -16.52
C THR C 44 -25.04 -86.83 -15.19
N VAL C 45 -25.92 -87.82 -15.30
CA VAL C 45 -26.44 -88.55 -14.14
C VAL C 45 -26.04 -90.01 -14.28
N ARG C 46 -25.52 -90.58 -13.20
CA ARG C 46 -25.02 -91.94 -13.20
C ARG C 46 -25.98 -92.86 -12.46
N PHE C 47 -26.19 -94.06 -13.00
CA PHE C 47 -27.04 -95.06 -12.36
C PHE C 47 -26.21 -96.30 -12.04
N TRP C 48 -26.59 -96.99 -10.97
CA TRP C 48 -26.11 -98.34 -10.71
C TRP C 48 -26.92 -98.97 -9.58
N GLN C 49 -26.45 -100.13 -9.14
CA GLN C 49 -27.02 -100.89 -8.04
C GLN C 49 -25.91 -101.28 -7.09
N ALA C 50 -26.25 -101.44 -5.82
CA ALA C 50 -25.27 -101.81 -4.80
C ALA C 50 -24.95 -103.30 -4.86
N HIS C 51 -24.51 -103.75 -6.04
CA HIS C 51 -24.14 -105.14 -6.25
C HIS C 51 -22.64 -105.33 -6.35
N SER C 52 -21.99 -104.61 -7.27
CA SER C 52 -20.54 -104.65 -7.40
C SER C 52 -19.92 -103.27 -7.48
N GLY C 53 -20.68 -102.21 -7.20
CA GLY C 53 -20.18 -100.87 -7.39
C GLY C 53 -19.88 -100.52 -8.82
N ILE C 54 -20.69 -101.00 -9.76
CA ILE C 54 -20.47 -100.77 -11.18
C ILE C 54 -21.71 -100.14 -11.80
N CYS C 55 -21.50 -99.09 -12.58
CA CYS C 55 -22.61 -98.36 -13.18
C CYS C 55 -23.11 -99.05 -14.43
N THR C 56 -24.37 -98.77 -14.76
CA THR C 56 -24.97 -99.26 -16.00
C THR C 56 -25.17 -98.16 -17.02
N ARG C 57 -25.81 -97.06 -16.63
CA ARG C 57 -26.21 -96.03 -17.59
C ARG C 57 -25.86 -94.65 -17.07
N THR C 58 -25.31 -93.82 -17.95
CA THR C 58 -25.14 -92.39 -17.71
C THR C 58 -26.02 -91.64 -18.72
N VAL C 59 -26.78 -90.69 -18.22
CA VAL C 59 -27.71 -89.95 -19.08
C VAL C 59 -27.36 -88.47 -19.04
N GLN C 60 -27.46 -87.82 -20.19
CA GLN C 60 -26.95 -86.47 -20.40
C GLN C 60 -27.88 -85.46 -19.75
N HIS C 61 -27.32 -84.58 -18.93
CA HIS C 61 -28.04 -83.44 -18.35
C HIS C 61 -27.11 -82.24 -18.39
N GLN C 62 -27.12 -81.51 -19.50
CA GLN C 62 -26.11 -80.51 -19.81
C GLN C 62 -26.45 -79.18 -19.17
N ASP C 63 -25.57 -78.21 -19.45
CA ASP C 63 -25.74 -76.76 -19.38
C ASP C 63 -26.39 -76.25 -18.09
N SER C 64 -26.34 -77.00 -17.00
CA SER C 64 -26.93 -76.54 -15.76
C SER C 64 -26.40 -77.39 -14.61
N GLN C 65 -27.03 -77.24 -13.46
CA GLN C 65 -26.82 -78.10 -12.32
C GLN C 65 -28.15 -78.38 -11.61
N VAL C 66 -28.23 -79.57 -11.02
CA VAL C 66 -29.48 -80.06 -10.44
C VAL C 66 -29.43 -79.86 -8.93
N ASN C 67 -30.60 -79.62 -8.34
CA ASN C 67 -30.70 -79.44 -6.89
C ASN C 67 -31.22 -80.69 -6.20
N ALA C 68 -32.37 -81.21 -6.64
CA ALA C 68 -32.97 -82.34 -5.94
C ALA C 68 -33.49 -83.35 -6.95
N LEU C 69 -33.27 -84.62 -6.67
CA LEU C 69 -33.65 -85.70 -7.57
C LEU C 69 -34.44 -86.75 -6.80
N GLU C 70 -35.50 -87.26 -7.43
CA GLU C 70 -36.41 -88.16 -6.73
C GLU C 70 -37.22 -88.98 -7.73
N VAL C 71 -37.40 -90.26 -7.44
CA VAL C 71 -38.13 -91.18 -8.30
C VAL C 71 -39.58 -91.25 -7.85
N THR C 72 -40.47 -91.49 -8.81
CA THR C 72 -41.88 -91.62 -8.51
C THR C 72 -42.16 -92.96 -7.81
N PRO C 73 -43.24 -93.04 -7.02
CA PRO C 73 -43.58 -94.33 -6.39
C PRO C 73 -43.79 -95.46 -7.38
N ASP C 74 -44.38 -95.17 -8.54
CA ASP C 74 -44.65 -96.19 -9.55
C ASP C 74 -43.39 -96.70 -10.22
N ARG C 75 -42.24 -96.09 -9.96
CA ARG C 75 -40.99 -96.39 -10.65
C ARG C 75 -41.15 -96.29 -12.17
N SER C 76 -42.03 -95.38 -12.61
CA SER C 76 -42.15 -95.08 -14.02
C SER C 76 -41.32 -93.87 -14.44
N MET C 77 -41.12 -92.91 -13.54
CA MET C 77 -40.51 -91.65 -13.94
C MET C 77 -39.52 -91.30 -12.83
N ILE C 78 -38.55 -90.45 -13.16
CA ILE C 78 -37.72 -89.82 -12.14
C ILE C 78 -37.57 -88.34 -12.51
N ALA C 79 -37.54 -87.49 -11.49
CA ALA C 79 -37.49 -86.05 -11.68
C ALA C 79 -36.18 -85.52 -11.12
N ALA C 80 -35.45 -84.77 -11.95
CA ALA C 80 -34.30 -83.99 -11.50
C ALA C 80 -34.69 -82.53 -11.56
N ALA C 81 -34.34 -81.78 -10.53
CA ALA C 81 -34.78 -80.41 -10.37
C ALA C 81 -33.59 -79.51 -10.12
N GLY C 82 -33.45 -78.47 -10.95
CA GLY C 82 -32.46 -77.43 -10.76
C GLY C 82 -32.47 -76.41 -11.88
N TYR C 83 -32.38 -75.13 -11.51
CA TYR C 83 -32.13 -74.02 -12.44
C TYR C 83 -33.18 -73.95 -13.55
N GLN C 84 -34.41 -73.67 -13.11
CA GLN C 84 -35.54 -73.28 -13.95
C GLN C 84 -36.09 -74.39 -14.83
N HIS C 85 -35.59 -75.61 -14.71
CA HIS C 85 -36.14 -76.72 -15.47
C HIS C 85 -36.19 -77.94 -14.58
N ILE C 86 -37.29 -78.67 -14.68
CA ILE C 86 -37.41 -79.99 -14.07
C ILE C 86 -37.39 -80.99 -15.21
N ARG C 87 -36.38 -81.86 -15.22
CA ARG C 87 -36.10 -82.74 -16.33
C ARG C 87 -36.39 -84.17 -15.92
N MET C 88 -37.13 -84.88 -16.75
CA MET C 88 -37.73 -86.15 -16.39
C MET C 88 -37.05 -87.27 -17.16
N TYR C 89 -36.60 -88.29 -16.43
CA TYR C 89 -35.84 -89.41 -16.99
C TYR C 89 -36.54 -90.72 -16.67
N ASP C 90 -36.52 -91.65 -17.62
CA ASP C 90 -37.20 -92.92 -17.42
C ASP C 90 -36.29 -93.93 -16.70
N LEU C 91 -36.91 -94.94 -16.10
CA LEU C 91 -36.20 -95.95 -15.32
C LEU C 91 -35.95 -97.24 -16.09
N ASN C 92 -36.98 -97.89 -16.62
CA ASN C 92 -36.80 -99.23 -17.17
C ASN C 92 -36.32 -99.18 -18.61
N SER C 93 -36.88 -98.28 -19.42
CA SER C 93 -36.47 -98.18 -20.81
C SER C 93 -35.11 -97.49 -20.90
N ASN C 94 -34.58 -97.36 -22.10
CA ASN C 94 -33.25 -96.78 -22.32
C ASN C 94 -33.39 -95.66 -23.34
N ASN C 95 -33.48 -94.42 -22.85
CA ASN C 95 -33.57 -93.24 -23.70
C ASN C 95 -32.61 -92.19 -23.14
N PRO C 96 -31.68 -91.67 -23.94
CA PRO C 96 -30.72 -90.68 -23.45
C PRO C 96 -31.20 -89.23 -23.49
N ASN C 97 -32.51 -88.97 -23.63
CA ASN C 97 -32.93 -87.58 -23.77
C ASN C 97 -33.95 -87.20 -22.71
N PRO C 98 -34.02 -85.91 -22.36
CA PRO C 98 -35.02 -85.46 -21.38
C PRO C 98 -36.42 -85.45 -21.99
N ILE C 99 -37.09 -86.60 -21.93
CA ILE C 99 -38.34 -86.79 -22.66
C ILE C 99 -39.40 -85.77 -22.22
N ILE C 100 -39.51 -85.51 -20.92
CA ILE C 100 -40.46 -84.55 -20.39
C ILE C 100 -39.71 -83.52 -19.57
N SER C 101 -40.13 -82.26 -19.69
CA SER C 101 -39.60 -81.17 -18.88
C SER C 101 -40.73 -80.26 -18.44
N TYR C 102 -40.54 -79.62 -17.29
CA TYR C 102 -41.42 -78.55 -16.82
C TYR C 102 -40.59 -77.29 -16.61
N ASP C 103 -41.10 -76.15 -17.10
CA ASP C 103 -40.39 -74.89 -17.03
C ASP C 103 -41.35 -73.80 -16.56
N GLY C 104 -40.79 -72.64 -16.27
CA GLY C 104 -41.59 -71.49 -15.91
C GLY C 104 -41.04 -70.63 -14.79
N VAL C 105 -40.23 -71.20 -13.91
CA VAL C 105 -39.70 -70.44 -12.78
C VAL C 105 -38.47 -69.66 -13.21
N ASN C 106 -38.25 -68.52 -12.55
CA ASN C 106 -37.21 -67.58 -12.94
C ASN C 106 -35.82 -67.95 -12.50
N LYS C 107 -35.66 -68.88 -11.57
CA LYS C 107 -34.36 -69.15 -10.99
C LYS C 107 -34.22 -70.62 -10.60
N ASN C 108 -33.20 -70.91 -9.78
CA ASN C 108 -33.01 -72.25 -9.26
C ASN C 108 -34.24 -72.71 -8.49
N ILE C 109 -34.33 -74.01 -8.27
CA ILE C 109 -35.44 -74.60 -7.54
C ILE C 109 -34.91 -75.17 -6.23
N ALA C 110 -35.60 -74.88 -5.14
CA ALA C 110 -35.12 -75.30 -3.83
C ALA C 110 -35.32 -76.80 -3.63
N SER C 111 -36.57 -77.25 -3.71
CA SER C 111 -36.86 -78.66 -3.45
C SER C 111 -38.14 -79.06 -4.19
N VAL C 112 -38.26 -80.36 -4.43
CA VAL C 112 -39.42 -80.94 -5.09
C VAL C 112 -39.81 -82.22 -4.36
N GLY C 113 -41.00 -82.70 -4.67
CA GLY C 113 -41.46 -83.97 -4.15
C GLY C 113 -42.78 -84.35 -4.78
N PHE C 114 -43.16 -85.60 -4.58
CA PHE C 114 -44.34 -86.15 -5.22
C PHE C 114 -45.45 -86.41 -4.21
N HIS C 115 -46.68 -86.54 -4.71
CA HIS C 115 -47.73 -87.17 -3.95
C HIS C 115 -47.46 -88.67 -3.85
N GLU C 116 -47.71 -89.22 -2.66
CA GLU C 116 -47.36 -90.61 -2.43
C GLU C 116 -48.14 -91.55 -3.33
N ASP C 117 -49.40 -91.23 -3.64
CA ASP C 117 -50.19 -91.99 -4.59
C ASP C 117 -50.03 -91.47 -6.01
N GLY C 118 -49.08 -90.56 -6.24
CA GLY C 118 -48.79 -90.08 -7.57
C GLY C 118 -49.90 -89.30 -8.22
N ARG C 119 -50.53 -88.40 -7.47
CA ARG C 119 -51.53 -87.50 -8.02
C ARG C 119 -50.97 -86.14 -8.42
N TRP C 120 -49.94 -85.68 -7.72
CA TRP C 120 -49.42 -84.33 -7.90
C TRP C 120 -48.01 -84.26 -7.35
N MET C 121 -47.31 -83.17 -7.66
CA MET C 121 -46.00 -82.91 -7.11
C MET C 121 -45.99 -81.52 -6.49
N TYR C 122 -45.34 -81.38 -5.35
CA TYR C 122 -45.10 -80.09 -4.72
C TYR C 122 -43.68 -79.67 -5.05
N THR C 123 -43.45 -78.36 -5.12
CA THR C 123 -42.13 -77.82 -5.41
C THR C 123 -42.03 -76.42 -4.85
N GLY C 124 -40.97 -76.16 -4.10
CA GLY C 124 -40.76 -74.87 -3.48
C GLY C 124 -39.79 -74.04 -4.28
N GLY C 125 -40.31 -73.02 -4.99
CA GLY C 125 -39.46 -72.12 -5.72
C GLY C 125 -38.61 -71.29 -4.78
N GLU C 126 -37.33 -71.18 -5.12
CA GLU C 126 -36.35 -70.61 -4.20
C GLU C 126 -36.78 -69.23 -3.71
N ASP C 127 -37.25 -68.38 -4.60
CA ASP C 127 -37.41 -66.97 -4.27
C ASP C 127 -38.41 -66.68 -3.15
N CYS C 128 -39.70 -66.89 -3.38
CA CYS C 128 -40.68 -66.50 -2.37
C CYS C 128 -41.87 -67.42 -2.22
N THR C 129 -42.02 -68.47 -3.03
CA THR C 129 -43.29 -69.18 -3.13
C THR C 129 -43.09 -70.68 -3.24
N ALA C 130 -44.17 -71.41 -2.98
CA ALA C 130 -44.21 -72.86 -3.17
C ALA C 130 -45.46 -73.19 -3.97
N ARG C 131 -45.31 -74.04 -4.98
CA ARG C 131 -46.38 -74.35 -5.92
C ARG C 131 -46.54 -75.86 -6.09
N ILE C 132 -47.58 -76.23 -6.83
CA ILE C 132 -47.94 -77.62 -7.08
C ILE C 132 -48.20 -77.80 -8.56
N TRP C 133 -47.68 -78.90 -9.11
CA TRP C 133 -47.94 -79.27 -10.49
C TRP C 133 -48.63 -80.64 -10.53
N ASP C 134 -49.71 -80.72 -11.28
CA ASP C 134 -50.51 -81.92 -11.37
C ASP C 134 -49.98 -82.82 -12.48
N LEU C 135 -49.89 -84.12 -12.21
CA LEU C 135 -49.45 -85.10 -13.18
C LEU C 135 -50.53 -85.44 -14.21
N ARG C 136 -51.80 -85.18 -13.90
CA ARG C 136 -52.90 -85.50 -14.79
C ARG C 136 -53.07 -84.41 -15.82
N SER C 137 -53.05 -84.80 -17.09
CA SER C 137 -53.11 -83.85 -18.21
C SER C 137 -54.55 -83.37 -18.41
N ARG C 138 -55.06 -82.68 -17.40
CA ARG C 138 -56.40 -82.13 -17.45
C ARG C 138 -56.41 -80.76 -16.77
N ASN C 139 -57.39 -79.95 -17.16
CA ASN C 139 -57.55 -78.62 -16.61
C ASN C 139 -58.49 -78.66 -15.40
N LEU C 140 -58.16 -79.56 -14.48
CA LEU C 140 -58.92 -79.65 -13.24
C LEU C 140 -58.61 -78.48 -12.32
N GLN C 141 -57.46 -77.82 -12.54
CA GLN C 141 -57.10 -76.58 -11.88
C GLN C 141 -57.07 -76.74 -10.35
N CYS C 142 -56.30 -77.74 -9.90
CA CYS C 142 -56.08 -77.98 -8.49
C CYS C 142 -54.71 -77.49 -8.03
N GLN C 143 -54.02 -76.72 -8.86
CA GLN C 143 -52.70 -76.20 -8.53
C GLN C 143 -52.86 -74.90 -7.74
N ARG C 144 -52.05 -74.74 -6.69
CA ARG C 144 -51.99 -73.49 -5.96
C ARG C 144 -50.55 -73.08 -5.75
N ILE C 145 -50.38 -71.85 -5.27
CA ILE C 145 -49.11 -71.34 -4.80
C ILE C 145 -49.33 -70.72 -3.44
N PHE C 146 -48.26 -70.63 -2.65
CA PHE C 146 -48.27 -69.89 -1.41
C PHE C 146 -47.08 -68.94 -1.39
N GLN C 147 -47.31 -67.74 -0.89
CA GLN C 147 -46.38 -66.62 -0.95
C GLN C 147 -45.76 -66.41 0.44
N VAL C 148 -44.44 -66.31 0.48
CA VAL C 148 -43.73 -66.00 1.72
C VAL C 148 -42.71 -64.92 1.40
N ASN C 149 -42.26 -64.21 2.43
CA ASN C 149 -41.42 -63.03 2.28
C ASN C 149 -39.93 -63.36 2.27
N ALA C 150 -39.55 -64.63 2.38
CA ALA C 150 -38.14 -64.97 2.49
C ALA C 150 -37.77 -66.03 1.48
N PRO C 151 -36.52 -66.04 1.02
CA PRO C 151 -36.03 -67.15 0.20
C PRO C 151 -36.10 -68.45 0.99
N ILE C 152 -36.50 -69.53 0.30
CA ILE C 152 -36.72 -70.80 0.97
C ILE C 152 -35.65 -71.80 0.57
N ASN C 153 -35.33 -72.72 1.48
CA ASN C 153 -34.29 -73.71 1.23
C ASN C 153 -34.74 -75.15 1.47
N CYS C 154 -35.58 -75.41 2.47
CA CYS C 154 -35.98 -76.79 2.73
C CYS C 154 -37.48 -76.89 2.79
N VAL C 155 -38.01 -78.01 2.29
CA VAL C 155 -39.44 -78.27 2.27
C VAL C 155 -39.67 -79.73 2.65
N CYS C 156 -40.67 -79.96 3.50
CA CYS C 156 -40.99 -81.31 3.94
C CYS C 156 -42.49 -81.48 4.06
N LEU C 157 -43.05 -82.38 3.25
CA LEU C 157 -44.47 -82.69 3.35
C LEU C 157 -44.72 -83.64 4.50
N HIS C 158 -45.88 -83.49 5.15
CA HIS C 158 -46.29 -84.48 6.13
C HIS C 158 -46.65 -85.79 5.43
N PRO C 159 -46.37 -86.93 6.07
CA PRO C 159 -46.58 -88.22 5.39
C PRO C 159 -48.02 -88.50 4.97
N ASN C 160 -49.00 -87.82 5.56
CA ASN C 160 -50.40 -88.03 5.17
C ASN C 160 -50.85 -87.08 4.08
N GLN C 161 -49.92 -86.32 3.48
CA GLN C 161 -50.24 -85.38 2.40
C GLN C 161 -51.27 -84.35 2.82
N ALA C 162 -51.19 -83.88 4.06
CA ALA C 162 -52.10 -82.84 4.53
C ALA C 162 -51.39 -81.57 4.93
N GLU C 163 -50.22 -81.66 5.55
CA GLU C 163 -49.49 -80.48 6.01
C GLU C 163 -48.10 -80.44 5.40
N LEU C 164 -47.55 -79.23 5.31
CA LEU C 164 -46.31 -79.00 4.59
C LEU C 164 -45.44 -78.07 5.42
N ILE C 165 -44.13 -78.21 5.27
CA ILE C 165 -43.14 -77.57 6.13
C ILE C 165 -42.19 -76.78 5.24
N VAL C 166 -41.99 -75.51 5.56
CA VAL C 166 -41.17 -74.61 4.76
C VAL C 166 -40.14 -73.93 5.67
N GLY C 167 -38.86 -74.14 5.34
CA GLY C 167 -37.76 -73.57 6.09
C GLY C 167 -36.86 -72.70 5.22
N ASP C 168 -36.53 -71.53 5.73
CA ASP C 168 -35.94 -70.44 4.97
C ASP C 168 -34.55 -70.08 5.50
N GLN C 169 -34.03 -68.97 4.98
CA GLN C 169 -32.76 -68.38 5.41
C GLN C 169 -32.89 -67.58 6.70
N SER C 170 -34.12 -67.28 7.14
CA SER C 170 -34.34 -66.33 8.24
C SER C 170 -34.84 -67.00 9.50
N GLY C 171 -34.72 -68.33 9.60
CA GLY C 171 -35.14 -69.02 10.80
C GLY C 171 -36.63 -69.07 11.03
N ALA C 172 -37.43 -68.80 10.00
CA ALA C 172 -38.88 -68.87 10.10
C ALA C 172 -39.37 -70.17 9.47
N ILE C 173 -40.13 -70.94 10.25
CA ILE C 173 -40.66 -72.21 9.81
C ILE C 173 -42.14 -72.01 9.54
N HIS C 174 -42.63 -72.54 8.44
CA HIS C 174 -44.02 -72.35 8.04
C HIS C 174 -44.69 -73.71 7.88
N ILE C 175 -45.81 -73.88 8.57
CA ILE C 175 -46.65 -75.07 8.45
C ILE C 175 -47.88 -74.67 7.67
N TRP C 176 -48.10 -75.31 6.53
CA TRP C 176 -49.15 -74.92 5.59
C TRP C 176 -50.02 -76.13 5.27
N ASP C 177 -51.33 -75.94 5.36
CA ASP C 177 -52.26 -77.01 5.01
C ASP C 177 -52.85 -76.74 3.63
N LEU C 178 -53.34 -77.79 2.99
CA LEU C 178 -54.11 -77.62 1.76
C LEU C 178 -55.59 -77.36 2.03
N LYS C 179 -56.06 -77.60 3.24
CA LYS C 179 -57.44 -77.29 3.59
C LYS C 179 -57.70 -75.80 3.42
N THR C 180 -56.85 -74.98 4.03
CA THR C 180 -56.82 -73.56 3.77
C THR C 180 -55.69 -73.28 2.79
N ASP C 181 -55.44 -72.00 2.55
CA ASP C 181 -54.33 -71.59 1.68
C ASP C 181 -53.40 -70.62 2.41
N HIS C 182 -53.34 -70.70 3.73
CA HIS C 182 -52.46 -69.87 4.55
C HIS C 182 -51.66 -70.75 5.50
N ASN C 183 -50.49 -70.25 5.90
CA ASN C 183 -49.56 -71.03 6.71
C ASN C 183 -49.28 -70.33 8.03
N GLU C 184 -49.21 -71.13 9.09
CA GLU C 184 -48.74 -70.64 10.38
C GLU C 184 -47.22 -70.56 10.39
N GLN C 185 -46.69 -69.45 10.91
CA GLN C 185 -45.25 -69.22 10.93
C GLN C 185 -44.77 -69.16 12.37
N LEU C 186 -43.69 -69.88 12.64
CA LEU C 186 -43.04 -69.91 13.95
C LEU C 186 -41.58 -69.52 13.78
N ILE C 187 -41.07 -68.71 14.69
CA ILE C 187 -39.68 -68.29 14.66
C ILE C 187 -39.02 -68.70 15.97
N PRO C 188 -38.33 -69.82 16.00
CA PRO C 188 -37.68 -70.26 17.25
C PRO C 188 -36.54 -69.32 17.63
N GLU C 189 -35.70 -68.99 16.66
CA GLU C 189 -34.66 -68.00 16.86
C GLU C 189 -34.49 -67.25 15.54
N PRO C 190 -34.35 -65.92 15.59
CA PRO C 190 -34.21 -65.15 14.36
C PRO C 190 -32.76 -65.12 13.87
N GLU C 191 -32.58 -64.35 12.79
CA GLU C 191 -31.32 -64.08 12.07
C GLU C 191 -30.60 -65.34 11.61
N VAL C 192 -31.18 -66.51 11.80
CA VAL C 192 -30.47 -67.76 11.57
C VAL C 192 -31.01 -68.41 10.30
N SER C 193 -30.16 -69.14 9.60
CA SER C 193 -30.56 -69.84 8.39
C SER C 193 -30.70 -71.32 8.68
N ILE C 194 -31.94 -71.81 8.71
CA ILE C 194 -32.21 -73.22 8.85
C ILE C 194 -32.15 -73.88 7.48
N THR C 195 -31.60 -75.09 7.44
CA THR C 195 -31.22 -75.70 6.18
C THR C 195 -32.02 -76.94 5.81
N SER C 196 -32.49 -77.72 6.78
CA SER C 196 -33.10 -78.99 6.47
C SER C 196 -34.39 -79.15 7.25
N ALA C 197 -35.30 -79.95 6.69
CA ALA C 197 -36.55 -80.30 7.33
C ALA C 197 -36.97 -81.66 6.82
N HIS C 198 -37.33 -82.54 7.75
CA HIS C 198 -37.66 -83.92 7.39
C HIS C 198 -38.64 -84.45 8.43
N ILE C 199 -39.49 -85.38 7.99
CA ILE C 199 -40.45 -86.05 8.85
C ILE C 199 -40.47 -87.52 8.49
N ASP C 200 -40.39 -88.38 9.50
CA ASP C 200 -40.54 -89.81 9.27
C ASP C 200 -41.99 -90.11 8.89
N PRO C 201 -42.20 -91.10 8.01
CA PRO C 201 -43.58 -91.48 7.66
C PRO C 201 -44.39 -91.96 8.86
N ASP C 202 -43.74 -92.42 9.91
CA ASP C 202 -44.43 -92.76 11.14
C ASP C 202 -44.93 -91.52 11.88
N ALA C 203 -44.51 -90.33 11.45
CA ALA C 203 -45.00 -89.07 12.01
C ALA C 203 -44.86 -89.04 13.53
N SER C 204 -43.62 -89.14 13.98
CA SER C 204 -43.31 -89.21 15.40
C SER C 204 -42.95 -87.86 16.02
N TYR C 205 -42.17 -87.04 15.32
CA TYR C 205 -41.63 -85.81 15.91
C TYR C 205 -41.47 -84.78 14.80
N MET C 206 -40.65 -83.76 15.10
CA MET C 206 -40.25 -82.79 14.07
C MET C 206 -38.82 -82.34 14.34
N ALA C 207 -37.94 -82.56 13.38
CA ALA C 207 -36.54 -82.17 13.52
C ALA C 207 -36.17 -81.14 12.47
N ALA C 208 -35.41 -80.14 12.91
CA ALA C 208 -34.88 -79.13 12.01
C ALA C 208 -33.48 -78.73 12.49
N VAL C 209 -32.66 -78.25 11.54
CA VAL C 209 -31.28 -77.88 11.85
C VAL C 209 -30.99 -76.52 11.22
N ASN C 210 -30.09 -75.77 11.86
CA ASN C 210 -29.69 -74.48 11.33
C ASN C 210 -28.24 -74.55 10.85
N SER C 211 -27.76 -73.47 10.25
CA SER C 211 -26.45 -73.46 9.61
C SER C 211 -25.30 -73.34 10.59
N THR C 212 -25.56 -73.37 11.89
CA THR C 212 -24.50 -73.29 12.88
C THR C 212 -24.46 -74.48 13.82
N GLY C 213 -25.34 -75.47 13.65
CA GLY C 213 -25.30 -76.68 14.43
C GLY C 213 -26.45 -76.86 15.40
N ASN C 214 -27.27 -75.84 15.61
CA ASN C 214 -28.43 -75.98 16.49
C ASN C 214 -29.47 -76.87 15.84
N CYS C 215 -30.00 -77.81 16.63
CA CYS C 215 -30.94 -78.81 16.14
C CYS C 215 -32.13 -78.86 17.09
N TYR C 216 -33.32 -78.67 16.53
CA TYR C 216 -34.57 -78.61 17.27
C TYR C 216 -35.41 -79.85 16.99
N VAL C 217 -35.95 -80.43 18.06
CA VAL C 217 -36.81 -81.61 17.97
C VAL C 217 -38.08 -81.32 18.76
N TRP C 218 -39.23 -81.49 18.12
CA TRP C 218 -40.53 -81.13 18.66
C TRP C 218 -41.45 -82.35 18.72
N ASN C 219 -42.35 -82.33 19.70
CA ASN C 219 -43.32 -83.40 19.89
C ASN C 219 -44.44 -83.26 18.87
N LEU C 220 -44.98 -84.41 18.44
CA LEU C 220 -45.81 -84.49 17.24
C LEU C 220 -47.19 -83.87 17.43
N THR C 221 -47.93 -83.81 16.34
CA THR C 221 -49.35 -83.46 16.37
C THR C 221 -50.22 -84.69 16.56
N GLY C 222 -51.31 -84.52 17.29
CA GLY C 222 -52.35 -85.54 17.36
C GLY C 222 -53.66 -85.08 16.78
N GLY C 223 -53.74 -83.80 16.40
CA GLY C 223 -54.98 -83.18 16.00
C GLY C 223 -55.40 -83.40 14.57
N ILE C 224 -55.90 -84.60 14.25
CA ILE C 224 -56.46 -84.87 12.93
C ILE C 224 -57.77 -84.13 12.73
N GLY C 225 -58.42 -83.71 13.80
CA GLY C 225 -59.74 -83.11 13.74
C GLY C 225 -59.87 -81.91 12.84
N ASP C 226 -59.14 -80.83 13.13
CA ASP C 226 -59.25 -79.60 12.36
C ASP C 226 -57.87 -79.05 11.99
N GLU C 227 -56.89 -79.94 11.80
CA GLU C 227 -55.52 -79.58 11.42
C GLU C 227 -54.98 -78.45 12.30
N VAL C 228 -55.11 -78.63 13.61
CA VAL C 228 -54.54 -77.67 14.55
C VAL C 228 -53.01 -77.70 14.50
N THR C 229 -52.43 -78.89 14.39
CA THR C 229 -50.99 -79.08 14.21
C THR C 229 -50.20 -78.41 15.36
N GLN C 230 -50.36 -78.97 16.55
CA GLN C 230 -49.63 -78.48 17.71
C GLN C 230 -48.27 -79.18 17.80
N LEU C 231 -47.26 -78.42 18.21
CA LEU C 231 -45.90 -78.92 18.35
C LEU C 231 -45.25 -78.19 19.50
N ILE C 232 -44.48 -78.91 20.31
CA ILE C 232 -43.78 -78.28 21.42
C ILE C 232 -42.28 -78.52 21.28
N PRO C 233 -41.45 -77.49 21.42
CA PRO C 233 -40.00 -77.70 21.29
C PRO C 233 -39.46 -78.48 22.46
N LYS C 234 -39.15 -79.75 22.25
CA LYS C 234 -38.68 -80.59 23.35
C LYS C 234 -37.16 -80.50 23.47
N THR C 235 -36.46 -80.90 22.43
CA THR C 235 -35.02 -81.14 22.56
C THR C 235 -34.24 -80.15 21.71
N LYS C 236 -33.33 -79.45 22.40
CA LYS C 236 -32.27 -78.69 21.78
C LYS C 236 -30.98 -79.50 21.86
N ILE C 237 -30.55 -80.05 20.74
CA ILE C 237 -29.30 -80.82 20.77
C ILE C 237 -28.23 -80.00 20.06
N PRO C 238 -27.24 -79.48 20.79
CA PRO C 238 -26.11 -78.79 20.17
C PRO C 238 -25.07 -79.78 19.68
N ALA C 239 -24.72 -79.68 18.41
CA ALA C 239 -23.68 -80.48 17.79
C ALA C 239 -23.29 -79.81 16.48
N HIS C 240 -22.34 -80.39 15.76
CA HIS C 240 -21.98 -79.95 14.42
C HIS C 240 -21.53 -78.48 14.44
N THR C 241 -20.36 -78.28 15.05
CA THR C 241 -19.78 -76.94 15.16
C THR C 241 -19.70 -76.23 13.82
N ARG C 242 -19.44 -76.97 12.75
CA ARG C 242 -19.36 -76.40 11.42
C ARG C 242 -20.77 -76.13 10.91
N TYR C 243 -20.92 -75.82 9.62
CA TYR C 243 -22.26 -75.75 9.06
C TYR C 243 -22.90 -77.12 9.03
N ALA C 244 -24.21 -77.16 9.25
CA ALA C 244 -24.99 -78.38 9.16
C ALA C 244 -25.52 -78.51 7.75
N LEU C 245 -25.30 -79.66 7.14
CA LEU C 245 -25.64 -79.85 5.73
C LEU C 245 -26.99 -80.52 5.53
N GLN C 246 -27.26 -81.62 6.25
CA GLN C 246 -28.51 -82.34 6.02
C GLN C 246 -28.82 -83.21 7.24
N CYS C 247 -30.10 -83.44 7.48
CA CYS C 247 -30.57 -84.28 8.56
C CYS C 247 -31.60 -85.26 8.02
N ARG C 248 -31.53 -86.51 8.46
CA ARG C 248 -32.40 -87.57 7.97
C ARG C 248 -33.04 -88.28 9.15
N PHE C 249 -34.33 -88.62 9.02
CA PHE C 249 -34.93 -89.64 9.87
C PHE C 249 -34.71 -91.03 9.27
N SER C 250 -35.30 -92.04 9.89
CA SER C 250 -35.29 -93.40 9.40
C SER C 250 -36.67 -93.83 8.94
N PRO C 251 -36.78 -94.69 7.94
CA PRO C 251 -38.10 -95.13 7.48
C PRO C 251 -38.91 -95.82 8.57
N ASP C 252 -38.26 -96.48 9.53
CA ASP C 252 -38.96 -97.00 10.70
C ASP C 252 -39.02 -95.99 11.83
N SER C 253 -38.49 -94.78 11.64
CA SER C 253 -38.59 -93.68 12.59
C SER C 253 -37.95 -94.03 13.93
N THR C 254 -36.79 -94.68 13.87
CA THR C 254 -36.03 -95.02 15.07
C THR C 254 -34.69 -94.32 15.13
N LEU C 255 -34.24 -93.78 13.99
CA LEU C 255 -32.86 -93.38 13.77
C LEU C 255 -32.81 -92.10 12.94
N LEU C 256 -31.75 -91.31 13.17
CA LEU C 256 -31.63 -89.95 12.61
C LEU C 256 -30.18 -89.66 12.24
N ALA C 257 -29.93 -89.40 10.96
CA ALA C 257 -28.57 -89.11 10.47
C ALA C 257 -28.42 -87.65 10.10
N THR C 258 -27.27 -87.06 10.47
CA THR C 258 -26.98 -85.67 10.17
C THR C 258 -25.63 -85.55 9.48
N CYS C 259 -25.56 -84.68 8.47
CA CYS C 259 -24.31 -84.37 7.79
C CYS C 259 -23.80 -83.02 8.25
N SER C 260 -22.50 -82.86 8.35
CA SER C 260 -21.92 -81.58 8.79
C SER C 260 -20.82 -81.15 7.83
N ALA C 261 -20.64 -79.85 7.72
CA ALA C 261 -19.69 -79.28 6.78
C ALA C 261 -18.24 -79.55 7.16
N ASP C 262 -17.97 -80.04 8.37
CA ASP C 262 -16.62 -80.41 8.75
C ASP C 262 -16.28 -81.84 8.35
N GLN C 263 -16.93 -82.35 7.30
CA GLN C 263 -16.64 -83.67 6.73
C GLN C 263 -16.93 -84.79 7.72
N THR C 264 -18.14 -84.83 8.27
CA THR C 264 -18.57 -85.92 9.11
C THR C 264 -20.07 -86.12 9.01
N CYS C 265 -20.52 -87.31 9.42
CA CYS C 265 -21.93 -87.61 9.56
C CYS C 265 -22.14 -88.33 10.89
N LYS C 266 -23.07 -87.83 11.68
CA LYS C 266 -23.29 -88.34 13.03
C LYS C 266 -24.72 -88.87 13.17
N ILE C 267 -24.86 -89.96 13.92
CA ILE C 267 -25.96 -90.89 13.79
C ILE C 267 -26.56 -91.11 15.16
N TRP C 268 -27.87 -90.86 15.29
CA TRP C 268 -28.58 -90.75 16.56
C TRP C 268 -29.78 -91.69 16.59
N ARG C 269 -30.20 -92.04 17.80
CA ARG C 269 -31.49 -92.70 18.00
C ARG C 269 -32.59 -91.66 18.23
N THR C 270 -33.81 -92.05 17.91
CA THR C 270 -34.97 -91.21 18.19
C THR C 270 -35.51 -91.41 19.59
N SER C 271 -35.09 -92.44 20.30
CA SER C 271 -35.62 -92.74 21.62
C SER C 271 -35.17 -91.69 22.63
N ASN C 272 -33.87 -91.60 22.84
CA ASN C 272 -33.30 -90.64 23.79
C ASN C 272 -32.23 -89.76 23.15
N PHE C 273 -32.17 -89.71 21.83
CA PHE C 273 -31.24 -88.83 21.11
C PHE C 273 -29.80 -89.16 21.49
N SER C 274 -29.48 -90.44 21.45
CA SER C 274 -28.22 -90.94 21.95
C SER C 274 -27.15 -90.89 20.87
N LEU C 275 -25.90 -91.01 21.31
CA LEU C 275 -24.75 -91.05 20.40
C LEU C 275 -24.59 -92.50 19.94
N MET C 276 -24.98 -92.79 18.70
CA MET C 276 -24.89 -94.15 18.22
C MET C 276 -23.69 -94.33 17.29
N THR C 277 -23.59 -93.52 16.25
CA THR C 277 -22.53 -93.73 15.27
C THR C 277 -21.95 -92.40 14.82
N GLU C 278 -20.69 -92.42 14.41
CA GLU C 278 -20.00 -91.26 13.88
C GLU C 278 -19.06 -91.71 12.78
N LEU C 279 -19.22 -91.15 11.58
CA LEU C 279 -18.35 -91.45 10.46
C LEU C 279 -17.65 -90.18 10.00
N SER C 280 -16.34 -90.32 9.76
CA SER C 280 -15.50 -89.18 9.42
C SER C 280 -14.62 -89.54 8.24
N ILE C 281 -14.32 -88.53 7.42
CA ILE C 281 -13.39 -88.69 6.31
C ILE C 281 -12.19 -87.77 6.44
N LYS C 282 -12.00 -87.15 7.60
CA LYS C 282 -10.73 -86.46 7.84
C LYS C 282 -9.61 -87.48 7.86
N SER C 283 -8.77 -87.44 6.84
CA SER C 283 -7.73 -88.44 6.68
C SER C 283 -6.66 -88.39 7.75
N GLY C 284 -6.64 -87.34 8.56
CA GLY C 284 -5.60 -87.17 9.57
C GLY C 284 -4.35 -86.51 9.05
N ASN C 285 -4.28 -86.17 7.78
CA ASN C 285 -3.16 -85.46 7.20
C ASN C 285 -3.61 -84.14 6.61
N PRO C 286 -2.84 -83.06 6.80
CA PRO C 286 -3.24 -81.74 6.28
C PRO C 286 -3.08 -81.59 4.78
N GLY C 287 -2.82 -82.68 4.04
CA GLY C 287 -2.67 -82.59 2.61
C GLY C 287 -3.94 -82.49 1.81
N GLU C 288 -5.10 -82.63 2.46
CA GLU C 288 -6.38 -82.51 1.77
C GLU C 288 -6.96 -81.11 1.83
N SER C 289 -6.94 -80.48 3.01
CA SER C 289 -7.52 -79.15 3.21
C SER C 289 -8.99 -79.14 2.82
N SER C 290 -9.70 -80.17 3.26
CA SER C 290 -11.15 -80.30 3.10
C SER C 290 -11.56 -80.24 1.62
N ARG C 291 -11.10 -81.26 0.90
CA ARG C 291 -11.40 -81.35 -0.53
C ARG C 291 -12.85 -81.70 -0.80
N GLY C 292 -13.63 -82.02 0.23
CA GLY C 292 -15.02 -82.40 0.02
C GLY C 292 -15.87 -82.36 1.27
N TRP C 293 -17.18 -82.15 1.06
CA TRP C 293 -18.16 -82.21 2.14
C TRP C 293 -19.06 -83.42 1.96
N MET C 294 -19.39 -84.07 3.08
CA MET C 294 -20.43 -85.10 3.11
C MET C 294 -21.76 -84.36 2.99
N TRP C 295 -22.23 -84.18 1.75
CA TRP C 295 -23.40 -83.36 1.51
C TRP C 295 -24.69 -84.08 1.88
N GLY C 296 -24.84 -85.33 1.45
CA GLY C 296 -26.09 -86.03 1.65
C GLY C 296 -25.86 -87.50 1.98
N CYS C 297 -26.88 -88.08 2.62
CA CYS C 297 -26.86 -89.48 2.98
C CYS C 297 -28.27 -90.05 2.86
N ALA C 298 -28.35 -91.36 2.67
CA ALA C 298 -29.63 -92.02 2.53
C ALA C 298 -29.60 -93.35 3.27
N PHE C 299 -30.67 -93.62 4.00
CA PHE C 299 -30.85 -94.89 4.67
C PHE C 299 -31.30 -95.95 3.67
N SER C 300 -31.55 -97.14 4.20
CA SER C 300 -32.13 -98.24 3.44
C SER C 300 -33.51 -98.58 4.03
N GLY C 301 -34.29 -99.35 3.27
CA GLY C 301 -35.61 -99.73 3.72
C GLY C 301 -35.61 -100.44 5.06
N ASP C 302 -34.54 -101.16 5.37
CA ASP C 302 -34.39 -101.80 6.66
C ASP C 302 -33.85 -100.85 7.74
N SER C 303 -33.47 -99.63 7.36
CA SER C 303 -33.02 -98.61 8.30
C SER C 303 -31.70 -98.99 8.97
N GLN C 304 -30.83 -99.71 8.26
CA GLN C 304 -29.61 -100.15 8.93
C GLN C 304 -28.36 -99.96 8.08
N TYR C 305 -28.48 -99.80 6.76
CA TYR C 305 -27.39 -99.43 5.88
C TYR C 305 -27.62 -98.06 5.27
N ILE C 306 -26.53 -97.33 5.04
CA ILE C 306 -26.56 -95.96 4.54
C ILE C 306 -25.64 -95.82 3.34
N VAL C 307 -25.87 -94.78 2.56
CA VAL C 307 -24.97 -94.38 1.49
C VAL C 307 -24.64 -92.91 1.66
N THR C 308 -23.35 -92.60 1.78
CA THR C 308 -22.87 -91.25 1.99
C THR C 308 -22.42 -90.67 0.65
N ALA C 309 -22.87 -89.44 0.37
CA ALA C 309 -22.50 -88.72 -0.83
C ALA C 309 -21.63 -87.56 -0.45
N SER C 310 -20.43 -87.51 -1.01
CA SER C 310 -19.48 -86.43 -0.75
C SER C 310 -19.17 -85.67 -2.03
N SER C 311 -18.66 -84.45 -1.86
CA SER C 311 -18.25 -83.62 -2.98
C SER C 311 -16.83 -83.94 -3.43
N ASP C 312 -16.25 -85.03 -2.93
CA ASP C 312 -14.91 -85.44 -3.30
C ASP C 312 -14.91 -86.36 -4.51
N ASN C 313 -15.89 -86.21 -5.39
CA ASN C 313 -15.94 -86.86 -6.69
C ASN C 313 -16.32 -88.34 -6.57
N LEU C 314 -16.70 -88.78 -5.38
CA LEU C 314 -16.97 -90.20 -5.17
C LEU C 314 -17.91 -90.35 -3.97
N ALA C 315 -18.58 -91.50 -3.92
CA ALA C 315 -19.58 -91.80 -2.91
C ALA C 315 -19.27 -93.14 -2.25
N ARG C 316 -19.78 -93.31 -1.03
CA ARG C 316 -19.42 -94.43 -0.18
C ARG C 316 -20.67 -95.09 0.36
N LEU C 317 -20.55 -96.36 0.76
CA LEU C 317 -21.68 -97.14 1.26
C LEU C 317 -21.28 -97.79 2.57
N TRP C 318 -22.01 -97.46 3.63
CA TRP C 318 -21.70 -97.81 5.01
C TRP C 318 -22.86 -98.57 5.63
N CYS C 319 -22.60 -99.10 6.83
CA CYS C 319 -23.61 -99.71 7.69
C CYS C 319 -23.58 -99.01 9.04
N VAL C 320 -24.76 -98.81 9.62
CA VAL C 320 -24.92 -97.91 10.76
C VAL C 320 -24.08 -98.33 11.96
N GLU C 321 -23.61 -99.58 12.02
CA GLU C 321 -22.94 -100.06 13.21
C GLU C 321 -21.45 -100.23 13.03
N THR C 322 -21.01 -100.99 12.03
CA THR C 322 -19.60 -101.35 11.92
C THR C 322 -18.68 -100.15 11.77
N GLY C 323 -19.17 -99.05 11.22
CA GLY C 323 -18.35 -97.85 11.12
C GLY C 323 -17.31 -97.92 10.02
N GLU C 324 -17.09 -99.11 9.47
CA GLU C 324 -16.12 -99.25 8.39
C GLU C 324 -16.84 -99.33 7.05
N ILE C 325 -16.19 -98.80 6.02
CA ILE C 325 -16.82 -98.69 4.71
C ILE C 325 -17.05 -100.08 4.11
N LYS C 326 -18.13 -100.21 3.35
CA LYS C 326 -18.40 -101.44 2.62
C LYS C 326 -18.31 -101.27 1.12
N ARG C 327 -18.83 -100.20 0.55
CA ARG C 327 -18.84 -100.11 -0.91
C ARG C 327 -18.45 -98.70 -1.35
N GLU C 328 -18.15 -98.58 -2.64
CA GLU C 328 -17.55 -97.36 -3.16
C GLU C 328 -17.88 -97.17 -4.63
N TYR C 329 -18.31 -95.96 -4.97
CA TYR C 329 -18.36 -95.45 -6.34
C TYR C 329 -17.37 -94.30 -6.48
N GLY C 330 -16.67 -94.25 -7.61
CA GLY C 330 -15.78 -93.14 -7.90
C GLY C 330 -15.77 -92.71 -9.35
N GLY C 331 -16.85 -92.97 -10.07
CA GLY C 331 -16.85 -92.82 -11.52
C GLY C 331 -17.07 -91.42 -12.05
N HIS C 332 -17.35 -90.44 -11.20
CA HIS C 332 -17.58 -89.08 -11.69
C HIS C 332 -16.28 -88.37 -11.99
N GLN C 333 -16.41 -87.25 -12.70
CA GLN C 333 -15.29 -86.38 -13.06
C GLN C 333 -15.24 -85.13 -12.19
N LYS C 334 -16.37 -84.65 -11.69
CA LYS C 334 -16.43 -83.50 -10.81
C LYS C 334 -17.12 -83.89 -9.51
N ALA C 335 -17.43 -82.90 -8.68
CA ALA C 335 -18.00 -83.18 -7.37
C ALA C 335 -19.38 -83.82 -7.50
N VAL C 336 -19.81 -84.48 -6.43
CA VAL C 336 -21.08 -85.17 -6.37
C VAL C 336 -21.96 -84.44 -5.37
N VAL C 337 -23.17 -84.06 -5.80
CA VAL C 337 -24.00 -83.15 -5.02
C VAL C 337 -25.22 -83.82 -4.40
N CYS C 338 -25.96 -84.63 -5.15
CA CYS C 338 -27.24 -85.13 -4.67
C CYS C 338 -27.52 -86.49 -5.29
N LEU C 339 -28.22 -87.33 -4.53
CA LEU C 339 -28.41 -88.73 -4.91
C LEU C 339 -29.86 -89.12 -4.66
N ALA C 340 -30.30 -90.15 -5.37
CA ALA C 340 -31.61 -90.74 -5.17
C ALA C 340 -31.46 -92.25 -5.02
N PHE C 341 -32.14 -92.81 -4.03
CA PHE C 341 -32.06 -94.25 -3.75
C PHE C 341 -33.43 -94.72 -3.25
N ASN C 342 -33.97 -95.74 -3.92
CA ASN C 342 -35.15 -96.45 -3.44
C ASN C 342 -34.90 -97.95 -3.55
N ASP C 343 -35.54 -98.70 -2.66
CA ASP C 343 -35.43 -100.15 -2.66
C ASP C 343 -36.82 -100.75 -2.68
N SER C 344 -36.89 -102.08 -2.71
CA SER C 344 -38.18 -102.76 -2.68
C SER C 344 -38.87 -102.53 -1.34
N VAL C 345 -40.20 -102.62 -1.37
CA VAL C 345 -40.97 -102.50 -0.12
C VAL C 345 -40.58 -103.62 0.84
N LEU C 346 -40.08 -104.73 0.32
CA LEU C 346 -39.57 -105.80 1.17
C LEU C 346 -38.42 -105.29 2.02
N GLY C 347 -38.46 -105.62 3.30
CA GLY C 347 -37.46 -105.15 4.24
C GLY C 347 -37.58 -103.66 4.52
N VAL D 29 -43.78 94.33 23.18
CA VAL D 29 -45.01 94.92 22.66
C VAL D 29 -44.98 94.96 21.14
N GLY D 30 -45.75 94.07 20.51
CA GLY D 30 -45.78 94.00 19.07
C GLY D 30 -47.05 94.60 18.50
N SER D 31 -47.70 95.46 19.28
CA SER D 31 -48.95 96.08 18.86
C SER D 31 -48.66 97.09 17.76
N ASP D 32 -48.75 96.62 16.52
CA ASP D 32 -48.39 97.44 15.38
C ASP D 32 -49.03 96.84 14.13
N PRO D 33 -49.39 97.66 13.13
CA PRO D 33 -50.02 97.09 11.92
C PRO D 33 -49.17 96.06 11.20
N VAL D 34 -47.84 96.21 11.21
CA VAL D 34 -46.94 95.32 10.47
C VAL D 34 -46.05 94.58 11.46
N ILE D 35 -45.87 93.27 11.23
CA ILE D 35 -45.13 92.41 12.14
C ILE D 35 -44.11 91.60 11.35
N LEU D 36 -43.02 91.23 12.03
CA LEU D 36 -42.01 90.37 11.44
C LEU D 36 -41.47 89.44 12.52
N ALA D 37 -41.54 88.14 12.26
CA ALA D 37 -41.02 87.14 13.19
C ALA D 37 -40.27 86.08 12.42
N THR D 38 -39.10 85.71 12.93
CA THR D 38 -38.25 84.73 12.27
C THR D 38 -37.72 83.72 13.27
N ALA D 39 -37.37 82.54 12.75
CA ALA D 39 -36.93 81.44 13.58
C ALA D 39 -35.85 80.64 12.85
N GLY D 40 -35.07 79.89 13.63
CA GLY D 40 -33.95 79.13 13.13
C GLY D 40 -33.42 78.13 14.13
N TYR D 41 -32.12 77.84 14.09
CA TYR D 41 -31.53 76.84 14.98
C TYR D 41 -31.15 77.40 16.34
N ASP D 42 -31.21 78.71 16.53
CA ASP D 42 -30.67 79.32 17.74
C ASP D 42 -31.61 79.17 18.94
N HIS D 43 -32.67 78.37 18.82
CA HIS D 43 -33.58 78.06 19.92
C HIS D 43 -34.36 79.29 20.40
N THR D 44 -34.42 80.34 19.59
CA THR D 44 -35.17 81.54 19.92
C THR D 44 -35.87 82.06 18.69
N VAL D 45 -36.87 82.91 18.92
CA VAL D 45 -37.62 83.55 17.85
C VAL D 45 -37.41 85.05 17.97
N ARG D 46 -37.13 85.71 16.84
CA ARG D 46 -36.83 87.13 16.82
C ARG D 46 -37.99 87.89 16.22
N PHE D 47 -38.32 89.05 16.80
CA PHE D 47 -39.35 89.92 16.29
C PHE D 47 -38.76 91.27 15.90
N TRP D 48 -39.37 91.90 14.90
CA TRP D 48 -39.12 93.31 14.61
C TRP D 48 -40.14 93.82 13.60
N GLN D 49 -39.89 95.04 13.13
CA GLN D 49 -40.70 95.71 12.12
C GLN D 49 -39.77 96.26 11.06
N ALA D 50 -40.29 96.38 9.83
CA ALA D 50 -39.49 96.89 8.71
C ALA D 50 -39.38 98.41 8.77
N HIS D 51 -38.89 98.91 9.90
CA HIS D 51 -38.69 100.34 10.10
C HIS D 51 -37.23 100.75 10.03
N SER D 52 -36.38 100.13 10.85
CA SER D 52 -34.95 100.38 10.80
C SER D 52 -34.13 99.10 10.78
N GLY D 53 -34.76 97.94 10.57
CA GLY D 53 -34.06 96.69 10.67
C GLY D 53 -33.53 96.37 12.05
N ILE D 54 -34.29 96.74 13.09
CA ILE D 54 -33.86 96.52 14.47
C ILE D 54 -34.93 95.72 15.21
N CYS D 55 -34.47 94.72 15.94
CA CYS D 55 -35.38 93.82 16.65
C CYS D 55 -35.82 94.42 17.97
N THR D 56 -36.99 93.97 18.45
CA THR D 56 -37.50 94.37 19.74
C THR D 56 -37.42 93.24 20.76
N ARG D 57 -37.93 92.05 20.43
CA ARG D 57 -38.07 90.98 21.40
C ARG D 57 -37.59 89.66 20.82
N THR D 58 -36.82 88.92 21.61
CA THR D 58 -36.48 87.53 21.32
C THR D 58 -37.10 86.66 22.40
N VAL D 59 -37.79 85.61 21.99
CA VAL D 59 -38.49 84.74 22.92
C VAL D 59 -37.93 83.33 22.81
N GLN D 60 -37.79 82.67 23.96
CA GLN D 60 -37.08 81.40 24.08
C GLN D 60 -37.93 80.27 23.52
N HIS D 61 -37.35 79.48 22.61
CA HIS D 61 -37.96 78.25 22.10
C HIS D 61 -36.87 77.20 22.01
N GLN D 62 -36.64 76.48 23.10
CA GLN D 62 -35.47 75.64 23.26
C GLN D 62 -35.69 74.26 22.64
N ASP D 63 -34.64 73.43 22.78
CA ASP D 63 -34.62 71.97 22.71
C ASP D 63 -35.33 71.37 21.50
N SER D 64 -35.52 72.14 20.43
CA SER D 64 -36.18 71.60 19.24
C SER D 64 -35.91 72.53 18.07
N GLN D 65 -36.66 72.28 16.99
CA GLN D 65 -36.71 73.17 15.85
C GLN D 65 -38.13 73.26 15.32
N VAL D 66 -38.47 74.43 14.76
CA VAL D 66 -39.83 74.73 14.34
C VAL D 66 -39.94 74.55 12.84
N ASN D 67 -41.12 74.14 12.38
CA ASN D 67 -41.36 73.95 10.95
C ASN D 67 -42.14 75.12 10.36
N ALA D 68 -43.29 75.47 10.93
CA ALA D 68 -44.12 76.51 10.33
C ALA D 68 -44.66 77.42 11.42
N LEU D 69 -44.65 78.71 11.14
CA LEU D 69 -45.08 79.72 12.10
C LEU D 69 -46.11 80.65 11.46
N GLU D 70 -47.14 80.99 12.22
CA GLU D 70 -48.25 81.76 11.65
C GLU D 70 -49.04 82.43 12.76
N VAL D 71 -49.43 83.68 12.51
CA VAL D 71 -50.18 84.48 13.47
C VAL D 71 -51.67 84.35 13.20
N THR D 72 -52.46 84.45 14.26
CA THR D 72 -53.91 84.37 14.13
C THR D 72 -54.45 85.66 13.50
N PRO D 73 -55.62 85.60 12.85
CA PRO D 73 -56.22 86.81 12.29
C PRO D 73 -56.48 87.90 13.31
N ASP D 74 -56.88 87.53 14.53
CA ASP D 74 -57.16 88.49 15.60
C ASP D 74 -55.92 89.18 16.12
N ARG D 75 -54.73 88.73 15.72
CA ARG D 75 -53.46 89.21 16.26
C ARG D 75 -53.43 89.09 17.78
N SER D 76 -54.10 88.06 18.30
CA SER D 76 -54.00 87.73 19.71
C SER D 76 -52.98 86.66 20.00
N MET D 77 -52.76 85.73 19.07
CA MET D 77 -51.91 84.58 19.36
C MET D 77 -51.03 84.38 18.15
N ILE D 78 -49.91 83.69 18.32
CA ILE D 78 -49.12 83.17 17.20
C ILE D 78 -48.73 81.74 17.52
N ALA D 79 -48.70 80.91 16.49
CA ALA D 79 -48.41 79.49 16.65
C ALA D 79 -47.12 79.15 15.92
N ALA D 80 -46.19 78.51 16.64
CA ALA D 80 -45.00 77.92 16.05
C ALA D 80 -45.17 76.41 16.12
N ALA D 81 -44.84 75.72 15.03
CA ALA D 81 -45.11 74.31 14.90
C ALA D 81 -43.83 73.58 14.49
N GLY D 82 -43.44 72.59 15.28
CA GLY D 82 -42.35 71.70 14.95
C GLY D 82 -42.07 70.67 16.04
N TYR D 83 -41.84 69.42 15.64
CA TYR D 83 -41.33 68.36 16.50
C TYR D 83 -42.22 68.13 17.73
N GLN D 84 -43.44 67.68 17.44
CA GLN D 84 -44.39 67.12 18.39
C GLN D 84 -44.97 68.13 19.37
N HIS D 85 -44.69 69.42 19.20
CA HIS D 85 -45.29 70.43 20.06
C HIS D 85 -45.62 71.63 19.21
N ILE D 86 -46.80 72.21 19.45
CA ILE D 86 -47.18 73.50 18.87
C ILE D 86 -47.16 74.48 20.03
N ARG D 87 -46.29 75.48 19.93
CA ARG D 87 -46.02 76.39 21.03
C ARG D 87 -46.55 77.77 20.68
N MET D 88 -47.29 78.36 21.60
CA MET D 88 -48.11 79.53 21.35
C MET D 88 -47.50 80.73 22.05
N TYR D 89 -47.29 81.82 21.30
CA TYR D 89 -46.65 83.02 21.80
C TYR D 89 -47.55 84.22 21.59
N ASP D 90 -47.56 85.14 22.55
CA ASP D 90 -48.43 86.30 22.46
C ASP D 90 -47.77 87.44 21.66
N LEU D 91 -48.60 88.35 21.16
CA LEU D 91 -48.13 89.46 20.33
C LEU D 91 -47.98 90.77 21.08
N ASN D 92 -49.03 91.25 21.74
CA ASN D 92 -48.97 92.60 22.29
C ASN D 92 -48.33 92.62 23.68
N SER D 93 -48.65 91.65 24.53
CA SER D 93 -48.07 91.60 25.85
C SER D 93 -46.62 91.11 25.76
N ASN D 94 -45.94 91.05 26.89
CA ASN D 94 -44.53 90.68 26.94
C ASN D 94 -44.37 89.54 27.96
N ASN D 95 -44.35 88.30 27.45
CA ASN D 95 -44.15 87.12 28.27
C ASN D 95 -43.13 86.23 27.59
N PRO D 96 -42.05 85.84 28.26
CA PRO D 96 -41.03 85.00 27.63
C PRO D 96 -41.28 83.50 27.70
N ASN D 97 -42.51 83.05 27.99
CA ASN D 97 -42.70 81.61 28.15
C ASN D 97 -43.78 81.09 27.20
N PRO D 98 -43.72 79.81 26.83
CA PRO D 98 -44.75 79.22 25.98
C PRO D 98 -46.04 79.00 26.74
N ILE D 99 -46.87 80.04 26.79
CA ILE D 99 -48.05 80.04 27.66
C ILE D 99 -48.98 78.89 27.33
N ILE D 100 -49.21 78.62 26.05
CA ILE D 100 -50.08 77.53 25.61
C ILE D 100 -49.29 76.62 24.68
N SER D 101 -49.51 75.31 24.82
CA SER D 101 -48.92 74.32 23.94
C SER D 101 -49.96 73.26 23.61
N TYR D 102 -49.82 72.65 22.44
CA TYR D 102 -50.58 71.47 22.04
C TYR D 102 -49.61 70.34 21.71
N ASP D 103 -49.89 69.16 22.24
CA ASP D 103 -49.02 68.01 22.05
C ASP D 103 -49.86 66.79 21.69
N GLY D 104 -49.17 65.72 21.29
CA GLY D 104 -49.85 64.47 21.01
C GLY D 104 -49.32 63.70 19.82
N VAL D 105 -48.71 64.38 18.86
CA VAL D 105 -48.22 63.71 17.66
C VAL D 105 -46.83 63.12 17.92
N ASN D 106 -46.53 62.03 17.21
CA ASN D 106 -45.33 61.25 17.47
C ASN D 106 -44.06 61.82 16.87
N LYS D 107 -44.17 62.77 15.95
CA LYS D 107 -42.99 63.23 15.22
C LYS D 107 -43.10 64.70 14.85
N ASN D 108 -42.26 65.14 13.93
CA ASN D 108 -42.32 66.50 13.42
C ASN D 108 -43.69 66.77 12.81
N ILE D 109 -43.98 68.05 12.62
CA ILE D 109 -45.25 68.47 12.05
C ILE D 109 -44.96 69.12 10.70
N ALA D 110 -45.73 68.73 9.68
CA ALA D 110 -45.46 69.23 8.34
C ALA D 110 -45.91 70.68 8.19
N SER D 111 -47.19 70.95 8.43
CA SER D 111 -47.72 72.30 8.24
C SER D 111 -48.94 72.50 9.13
N VAL D 112 -49.22 73.78 9.42
CA VAL D 112 -50.36 74.18 10.22
C VAL D 112 -51.02 75.39 9.57
N GLY D 113 -52.21 75.70 10.03
CA GLY D 113 -52.92 76.89 9.58
C GLY D 113 -54.18 77.07 10.38
N PHE D 114 -54.77 78.25 10.25
CA PHE D 114 -55.93 78.61 11.04
C PHE D 114 -57.18 78.72 10.17
N HIS D 115 -58.34 78.66 10.83
CA HIS D 115 -59.56 79.14 10.20
C HIS D 115 -59.52 80.66 10.09
N GLU D 116 -59.98 81.17 8.96
CA GLU D 116 -59.87 82.61 8.72
C GLU D 116 -60.66 83.42 9.73
N ASP D 117 -61.82 82.92 10.17
CA ASP D 117 -62.59 83.55 11.23
C ASP D 117 -62.19 83.05 12.62
N GLY D 118 -61.10 82.30 12.70
CA GLY D 118 -60.58 81.85 13.98
C GLY D 118 -61.48 80.91 14.75
N ARG D 119 -62.06 79.94 14.05
CA ARG D 119 -62.85 78.89 14.69
C ARG D 119 -62.06 77.64 15.00
N TRP D 120 -61.06 77.33 14.17
CA TRP D 120 -60.33 76.07 14.25
C TRP D 120 -59.01 76.21 13.54
N MET D 121 -58.13 75.22 13.74
CA MET D 121 -56.87 75.16 13.04
C MET D 121 -56.73 73.78 12.39
N TYR D 122 -56.21 73.76 11.17
CA TYR D 122 -55.86 72.52 10.50
C TYR D 122 -54.37 72.30 10.65
N THR D 123 -53.96 71.04 10.67
CA THR D 123 -52.54 70.70 10.78
C THR D 123 -52.30 69.32 10.19
N GLY D 124 -51.32 69.23 9.30
CA GLY D 124 -51.00 67.98 8.65
C GLY D 124 -49.82 67.30 9.31
N GLY D 125 -50.11 66.22 10.05
CA GLY D 125 -49.06 65.45 10.65
C GLY D 125 -48.22 64.74 9.61
N GLU D 126 -46.90 64.83 9.79
CA GLU D 126 -45.97 64.41 8.75
C GLU D 126 -46.25 62.99 8.28
N ASP D 127 -46.49 62.07 9.20
CA ASP D 127 -46.48 60.65 8.87
C ASP D 127 -47.55 60.22 7.87
N CYS D 128 -48.82 60.24 8.25
CA CYS D 128 -49.84 59.72 7.35
C CYS D 128 -51.17 60.46 7.37
N THR D 129 -51.37 61.47 8.21
CA THR D 129 -52.71 61.99 8.47
C THR D 129 -52.71 63.50 8.58
N ALA D 130 -53.91 64.07 8.47
CA ALA D 130 -54.13 65.49 8.71
C ALA D 130 -55.32 65.64 9.65
N ARG D 131 -55.17 66.50 10.66
CA ARG D 131 -56.16 66.64 11.72
C ARG D 131 -56.51 68.10 11.93
N ILE D 132 -57.49 68.32 12.81
CA ILE D 132 -58.02 69.65 13.12
C ILE D 132 -58.12 69.79 14.63
N TRP D 133 -57.71 70.95 15.13
CA TRP D 133 -57.85 71.27 16.55
C TRP D 133 -58.71 72.52 16.69
N ASP D 134 -59.70 72.43 17.57
CA ASP D 134 -60.65 73.52 17.77
C ASP D 134 -60.12 74.47 18.84
N LEU D 135 -60.26 75.77 18.59
CA LEU D 135 -59.85 76.80 19.52
C LEU D 135 -60.84 76.97 20.67
N ARG D 136 -62.08 76.54 20.51
CA ARG D 136 -63.10 76.70 21.52
C ARG D 136 -63.00 75.57 22.56
N SER D 137 -62.87 75.97 23.82
CA SER D 137 -62.67 75.01 24.92
C SER D 137 -63.98 74.33 25.27
N ARG D 138 -64.51 73.58 24.31
CA ARG D 138 -65.74 72.84 24.51
C ARG D 138 -65.64 71.49 23.81
N ASN D 139 -66.43 70.54 24.30
CA ASN D 139 -66.46 69.19 23.73
C ASN D 139 -67.54 69.10 22.65
N LEU D 140 -67.46 70.05 21.71
CA LEU D 140 -68.37 70.03 20.57
C LEU D 140 -68.00 68.92 19.60
N GLN D 141 -66.75 68.44 19.67
CA GLN D 141 -66.29 67.26 18.93
C GLN D 141 -66.47 67.44 17.43
N CYS D 142 -65.92 68.54 16.92
CA CYS D 142 -65.90 68.82 15.49
C CYS D 142 -64.53 68.53 14.86
N GLN D 143 -63.64 67.86 15.59
CA GLN D 143 -62.32 67.53 15.09
C GLN D 143 -62.37 66.24 14.30
N ARG D 144 -61.68 66.20 13.17
CA ARG D 144 -61.54 64.98 12.39
C ARG D 144 -60.08 64.79 12.00
N ILE D 145 -59.80 63.59 11.49
CA ILE D 145 -58.53 63.27 10.87
C ILE D 145 -58.82 62.64 9.52
N PHE D 146 -57.84 62.70 8.62
CA PHE D 146 -57.90 61.97 7.37
C PHE D 146 -56.61 61.21 7.20
N GLN D 147 -56.71 59.99 6.69
CA GLN D 147 -55.63 59.01 6.61
C GLN D 147 -55.16 58.91 5.16
N VAL D 148 -53.85 59.00 4.96
CA VAL D 148 -53.26 58.80 3.64
C VAL D 148 -52.05 57.88 3.82
N ASN D 149 -51.65 57.25 2.72
CA ASN D 149 -50.63 56.21 2.75
C ASN D 149 -49.21 56.75 2.59
N ALA D 150 -49.04 58.06 2.46
CA ALA D 150 -47.72 58.60 2.19
C ALA D 150 -47.38 59.71 3.18
N PRO D 151 -46.10 59.89 3.49
CA PRO D 151 -45.68 61.06 4.27
C PRO D 151 -46.03 62.34 3.53
N ILE D 152 -46.49 63.34 4.27
CA ILE D 152 -46.98 64.57 3.66
C ILE D 152 -46.02 65.71 3.95
N ASN D 153 -45.94 66.67 3.03
CA ASN D 153 -45.04 67.80 3.18
C ASN D 153 -45.72 69.16 3.03
N CYS D 154 -46.70 69.30 2.15
CA CYS D 154 -47.31 70.61 1.96
C CYS D 154 -48.82 70.49 2.08
N VAL D 155 -49.44 71.52 2.66
CA VAL D 155 -50.87 71.58 2.85
C VAL D 155 -51.36 72.98 2.54
N CYS D 156 -52.47 73.07 1.82
CA CYS D 156 -53.04 74.36 1.44
C CYS D 156 -54.55 74.32 1.51
N LEU D 157 -55.13 75.12 2.40
CA LEU D 157 -56.58 75.21 2.47
C LEU D 157 -57.10 76.13 1.37
N HIS D 158 -58.29 75.81 0.87
CA HIS D 158 -58.96 76.72 -0.03
C HIS D 158 -59.42 77.97 0.72
N PRO D 159 -59.38 79.15 0.09
CA PRO D 159 -59.69 80.39 0.81
C PRO D 159 -61.09 80.45 1.39
N ASN D 160 -62.04 79.64 0.93
CA ASN D 160 -63.39 79.64 1.48
C ASN D 160 -63.56 78.64 2.60
N GLN D 161 -62.47 78.02 3.06
CA GLN D 161 -62.52 77.04 4.15
C GLN D 161 -63.43 75.86 3.83
N ALA D 162 -63.44 75.41 2.58
CA ALA D 162 -64.24 74.26 2.20
C ALA D 162 -63.41 73.09 1.68
N GLU D 163 -62.34 73.37 0.94
CA GLU D 163 -61.51 72.32 0.37
C GLU D 163 -60.06 72.47 0.82
N LEU D 164 -59.35 71.36 0.82
CA LEU D 164 -58.01 71.30 1.37
C LEU D 164 -57.12 70.51 0.43
N ILE D 165 -55.83 70.84 0.43
CA ILE D 165 -54.88 70.35 -0.56
C ILE D 165 -53.72 69.71 0.19
N VAL D 166 -53.38 68.47 -0.17
CA VAL D 166 -52.35 67.69 0.50
C VAL D 166 -51.35 67.20 -0.52
N GLY D 167 -50.08 67.58 -0.35
CA GLY D 167 -49.01 67.17 -1.23
C GLY D 167 -47.89 66.45 -0.50
N ASP D 168 -47.46 65.34 -1.07
CA ASP D 168 -46.63 64.35 -0.40
C ASP D 168 -45.29 64.19 -1.10
N GLN D 169 -44.54 63.17 -0.68
CA GLN D 169 -43.27 62.77 -1.27
C GLN D 169 -43.43 61.95 -2.54
N SER D 170 -44.65 61.50 -2.85
CA SER D 170 -44.86 60.53 -3.93
C SER D 170 -45.60 61.12 -5.10
N GLY D 171 -45.68 62.45 -5.19
CA GLY D 171 -46.34 63.08 -6.32
C GLY D 171 -47.84 62.91 -6.36
N ALA D 172 -48.47 62.52 -5.26
CA ALA D 172 -49.91 62.39 -5.20
C ALA D 172 -50.51 63.59 -4.48
N ILE D 173 -51.45 64.25 -5.15
CA ILE D 173 -52.10 65.44 -4.63
C ILE D 173 -53.50 65.01 -4.19
N HIS D 174 -53.93 65.47 -3.02
CA HIS D 174 -55.21 65.07 -2.46
C HIS D 174 -56.04 66.32 -2.21
N ILE D 175 -57.26 66.33 -2.75
CA ILE D 175 -58.23 67.38 -2.51
C ILE D 175 -59.30 66.80 -1.59
N TRP D 176 -59.47 67.40 -0.41
CA TRP D 176 -60.33 66.86 0.63
C TRP D 176 -61.32 67.92 1.07
N ASP D 177 -62.60 67.55 1.13
CA ASP D 177 -63.63 68.46 1.61
C ASP D 177 -64.00 68.11 3.05
N LEU D 178 -64.56 69.08 3.77
CA LEU D 178 -65.14 68.79 5.07
C LEU D 178 -66.57 68.32 4.97
N LYS D 179 -67.22 68.50 3.82
CA LYS D 179 -68.58 67.99 3.64
C LYS D 179 -68.59 66.48 3.80
N THR D 180 -67.72 65.79 3.08
CA THR D 180 -67.45 64.39 3.30
C THR D 180 -66.19 64.26 4.14
N ASP D 181 -65.72 63.04 4.33
CA ASP D 181 -64.48 62.78 5.04
C ASP D 181 -63.50 61.97 4.19
N HIS D 182 -63.62 62.07 2.87
CA HIS D 182 -62.73 61.37 1.94
C HIS D 182 -62.19 62.36 0.92
N ASN D 183 -61.01 62.05 0.37
CA ASN D 183 -60.31 62.95 -0.51
C ASN D 183 -60.09 62.31 -1.88
N GLU D 184 -60.25 63.11 -2.93
CA GLU D 184 -59.88 62.69 -4.27
C GLU D 184 -58.38 62.84 -4.46
N GLN D 185 -57.76 61.82 -5.06
CA GLN D 185 -56.32 61.81 -5.25
C GLN D 185 -56.01 61.83 -6.75
N LEU D 186 -55.08 62.70 -7.12
CA LEU D 186 -54.61 62.82 -8.50
C LEU D 186 -53.10 62.65 -8.50
N ILE D 187 -52.59 61.92 -9.49
CA ILE D 187 -51.16 61.71 -9.63
C ILE D 187 -50.73 62.21 -11.01
N PRO D 188 -50.20 63.43 -11.09
CA PRO D 188 -49.78 63.96 -12.39
C PRO D 188 -48.58 63.20 -12.93
N GLU D 189 -47.59 62.99 -12.07
CA GLU D 189 -46.44 62.17 -12.41
C GLU D 189 -46.01 61.44 -11.14
N PRO D 190 -45.70 60.15 -11.23
CA PRO D 190 -45.29 59.39 -10.04
C PRO D 190 -43.81 59.58 -9.72
N GLU D 191 -43.39 58.84 -8.70
CA GLU D 191 -42.02 58.74 -8.15
C GLU D 191 -41.45 60.10 -7.74
N VAL D 192 -42.21 61.18 -7.83
CA VAL D 192 -41.66 62.51 -7.66
C VAL D 192 -42.14 63.08 -6.33
N SER D 193 -41.32 63.91 -5.70
CA SER D 193 -41.67 64.54 -4.45
C SER D 193 -42.07 66.00 -4.68
N ILE D 194 -43.36 66.29 -4.56
CA ILE D 194 -43.84 67.66 -4.64
C ILE D 194 -43.71 68.31 -3.27
N THR D 195 -43.33 69.58 -3.28
CA THR D 195 -42.89 70.24 -2.05
C THR D 195 -43.82 71.34 -1.56
N SER D 196 -44.50 72.04 -2.45
CA SER D 196 -45.26 73.22 -2.05
C SER D 196 -46.64 73.19 -2.67
N ALA D 197 -47.58 73.85 -1.97
CA ALA D 197 -48.93 74.01 -2.46
C ALA D 197 -49.49 75.31 -1.88
N HIS D 198 -50.07 76.12 -2.74
CA HIS D 198 -50.56 77.43 -2.32
C HIS D 198 -51.72 77.83 -3.22
N ILE D 199 -52.63 78.62 -2.66
CA ILE D 199 -53.77 79.14 -3.40
C ILE D 199 -53.95 80.60 -2.99
N ASP D 200 -54.12 81.46 -3.99
CA ASP D 200 -54.45 82.85 -3.71
C ASP D 200 -55.88 82.95 -3.16
N PRO D 201 -56.13 83.89 -2.23
CA PRO D 201 -57.49 84.06 -1.73
C PRO D 201 -58.49 84.41 -2.80
N ASP D 202 -58.04 84.98 -3.92
CA ASP D 202 -58.91 85.21 -5.06
C ASP D 202 -59.33 83.93 -5.75
N ALA D 203 -58.69 82.80 -5.41
CA ALA D 203 -59.04 81.48 -5.93
C ALA D 203 -59.09 81.48 -7.45
N SER D 204 -57.94 81.77 -8.05
CA SER D 204 -57.82 81.88 -9.50
C SER D 204 -57.35 80.61 -10.18
N TYR D 205 -56.39 79.90 -9.59
CA TYR D 205 -55.75 78.78 -10.26
C TYR D 205 -55.30 77.76 -9.21
N MET D 206 -54.39 76.88 -9.62
CA MET D 206 -53.74 75.97 -8.68
C MET D 206 -52.30 75.74 -9.11
N ALA D 207 -51.35 76.08 -8.26
CA ALA D 207 -49.94 75.89 -8.57
C ALA D 207 -49.28 74.93 -7.59
N ALA D 208 -48.46 74.05 -8.14
CA ALA D 208 -47.68 73.12 -7.33
C ALA D 208 -46.31 72.94 -7.98
N VAL D 209 -45.32 72.58 -7.15
CA VAL D 209 -43.95 72.41 -7.61
C VAL D 209 -43.39 71.11 -7.05
N ASN D 210 -42.49 70.50 -7.82
CA ASN D 210 -41.83 69.27 -7.37
C ASN D 210 -40.36 69.56 -7.05
N SER D 211 -39.67 68.55 -6.54
CA SER D 211 -38.30 68.74 -6.06
C SER D 211 -37.27 68.78 -7.17
N THR D 212 -37.69 68.78 -8.43
CA THR D 212 -36.74 68.86 -9.54
C THR D 212 -36.98 70.05 -10.45
N GLY D 213 -37.98 70.89 -10.16
CA GLY D 213 -38.22 72.10 -10.91
C GLY D 213 -39.48 72.12 -11.73
N ASN D 214 -40.17 70.99 -11.88
CA ASN D 214 -41.42 70.97 -12.61
C ASN D 214 -42.51 71.69 -11.82
N CYS D 215 -43.25 72.55 -12.52
CA CYS D 215 -44.27 73.40 -11.91
C CYS D 215 -45.56 73.28 -12.71
N TYR D 216 -46.63 72.91 -12.01
CA TYR D 216 -47.94 72.67 -12.60
C TYR D 216 -48.90 73.78 -12.20
N VAL D 217 -49.65 74.29 -13.19
CA VAL D 217 -50.65 75.32 -12.97
C VAL D 217 -51.95 74.85 -13.61
N TRP D 218 -53.02 74.86 -12.83
CA TRP D 218 -54.31 74.31 -13.23
C TRP D 218 -55.40 75.38 -13.16
N ASN D 219 -56.40 75.24 -14.03
CA ASN D 219 -57.53 76.16 -14.07
C ASN D 219 -58.49 75.85 -12.93
N LEU D 220 -59.13 76.91 -12.40
CA LEU D 220 -59.82 76.85 -11.12
C LEU D 220 -61.11 76.04 -11.17
N THR D 221 -61.70 75.86 -9.99
CA THR D 221 -63.04 75.32 -9.85
C THR D 221 -64.09 76.41 -9.93
N GLY D 222 -65.23 76.10 -10.53
CA GLY D 222 -66.40 76.95 -10.45
C GLY D 222 -67.56 76.30 -9.73
N GLY D 223 -67.40 75.02 -9.37
CA GLY D 223 -68.48 74.22 -8.85
C GLY D 223 -68.76 74.37 -7.36
N ILE D 224 -69.39 75.48 -6.98
CA ILE D 224 -69.81 75.66 -5.60
C ILE D 224 -70.98 74.75 -5.25
N GLY D 225 -71.69 74.24 -6.25
CA GLY D 225 -72.89 73.46 -6.04
C GLY D 225 -72.73 72.24 -5.16
N ASP D 226 -71.90 71.29 -5.56
CA ASP D 226 -71.73 70.05 -4.80
C ASP D 226 -70.25 69.70 -4.62
N GLU D 227 -69.40 70.73 -4.52
CA GLU D 227 -67.96 70.57 -4.32
C GLU D 227 -67.36 69.53 -5.27
N VAL D 228 -67.68 69.70 -6.55
CA VAL D 228 -67.09 68.83 -7.57
C VAL D 228 -65.59 69.08 -7.71
N THR D 229 -65.17 70.35 -7.65
CA THR D 229 -63.76 70.73 -7.62
C THR D 229 -63.03 70.20 -8.87
N GLN D 230 -63.42 70.74 -10.02
CA GLN D 230 -62.76 70.36 -11.27
C GLN D 230 -61.54 71.24 -11.50
N LEU D 231 -60.49 70.64 -12.05
CA LEU D 231 -59.24 71.34 -12.32
C LEU D 231 -58.63 70.71 -13.57
N ILE D 232 -58.07 71.54 -14.45
CA ILE D 232 -57.43 71.02 -15.65
C ILE D 232 -55.97 71.48 -15.68
N PRO D 233 -55.03 70.59 -15.94
CA PRO D 233 -53.61 71.00 -15.96
C PRO D 233 -53.33 71.86 -17.20
N LYS D 234 -53.19 73.16 -16.98
CA LYS D 234 -52.98 74.06 -18.11
C LYS D 234 -51.50 74.20 -18.41
N THR D 235 -50.73 74.68 -17.45
CA THR D 235 -49.38 75.14 -17.73
C THR D 235 -48.36 74.27 -17.02
N LYS D 236 -47.45 73.72 -17.82
CA LYS D 236 -46.21 73.12 -17.35
C LYS D 236 -45.08 74.10 -17.56
N ILE D 237 -44.60 74.71 -16.49
CA ILE D 237 -43.49 75.64 -16.65
C ILE D 237 -42.23 74.99 -16.09
N PRO D 238 -41.28 74.62 -16.94
CA PRO D 238 -40.00 74.10 -16.46
C PRO D 238 -39.06 75.22 -16.08
N ALA D 239 -38.55 75.17 -14.86
CA ALA D 239 -37.56 76.12 -14.35
C ALA D 239 -36.93 75.50 -13.12
N HIS D 240 -35.99 76.21 -12.50
CA HIS D 240 -35.41 75.82 -11.22
C HIS D 240 -34.76 74.44 -11.33
N THR D 241 -33.65 74.41 -12.07
CA THR D 241 -32.92 73.17 -12.29
C THR D 241 -32.58 72.48 -10.98
N ARG D 242 -32.29 73.24 -9.93
CA ARG D 242 -31.97 72.68 -8.62
C ARG D 242 -33.26 72.20 -7.96
N TYR D 243 -33.21 71.88 -6.68
CA TYR D 243 -34.44 71.60 -5.96
C TYR D 243 -35.27 72.86 -5.83
N ALA D 244 -36.59 72.70 -5.89
CA ALA D 244 -37.52 73.81 -5.69
C ALA D 244 -37.89 73.85 -4.21
N LEU D 245 -37.76 75.03 -3.60
CA LEU D 245 -37.96 75.15 -2.17
C LEU D 245 -39.36 75.62 -1.80
N GLN D 246 -39.87 76.66 -2.45
CA GLN D 246 -41.17 77.21 -2.07
C GLN D 246 -41.74 78.02 -3.23
N CYS D 247 -43.07 78.06 -3.30
CA CYS D 247 -43.78 78.83 -4.30
C CYS D 247 -44.87 79.65 -3.62
N ARG D 248 -45.03 80.91 -4.04
CA ARG D 248 -45.99 81.82 -3.43
C ARG D 248 -46.85 82.43 -4.51
N PHE D 249 -48.15 82.59 -4.22
CA PHE D 249 -48.99 83.51 -4.97
C PHE D 249 -48.90 84.91 -4.37
N SER D 250 -49.70 85.82 -4.89
CA SER D 250 -49.82 87.18 -4.39
C SER D 250 -51.19 87.38 -3.76
N PRO D 251 -51.30 88.23 -2.73
CA PRO D 251 -52.61 88.47 -2.11
C PRO D 251 -53.63 89.04 -3.08
N ASP D 252 -53.20 89.79 -4.10
CA ASP D 252 -54.10 90.20 -5.16
C ASP D 252 -54.16 89.20 -6.31
N SER D 253 -53.44 88.08 -6.20
CA SER D 253 -53.50 86.99 -7.16
C SER D 253 -53.07 87.43 -8.55
N THR D 254 -52.02 88.23 -8.62
CA THR D 254 -51.47 88.70 -9.89
C THR D 254 -50.06 88.20 -10.11
N LEU D 255 -49.40 87.72 -9.06
CA LEU D 255 -47.96 87.52 -9.01
C LEU D 255 -47.62 86.25 -8.22
N LEU D 256 -46.50 85.63 -8.58
CA LEU D 256 -46.12 84.31 -8.07
C LEU D 256 -44.60 84.23 -7.88
N ALA D 257 -44.16 83.99 -6.65
CA ALA D 257 -42.74 83.91 -6.33
C ALA D 257 -42.33 82.48 -6.01
N THR D 258 -41.16 82.08 -6.53
CA THR D 258 -40.65 80.74 -6.29
C THR D 258 -39.22 80.81 -5.78
N CYS D 259 -38.90 79.96 -4.80
CA CYS D 259 -37.55 79.83 -4.26
C CYS D 259 -36.92 78.55 -4.82
N SER D 260 -35.61 78.60 -5.08
CA SER D 260 -34.93 77.43 -5.61
C SER D 260 -33.67 77.15 -4.79
N ALA D 261 -33.28 75.88 -4.74
CA ALA D 261 -32.16 75.46 -3.93
C ALA D 261 -30.82 75.94 -4.46
N ASP D 262 -30.76 76.47 -5.68
CA ASP D 262 -29.54 77.04 -6.21
C ASP D 262 -29.37 78.49 -5.82
N GLN D 263 -29.95 78.90 -4.69
CA GLN D 263 -29.79 80.25 -4.14
C GLN D 263 -30.35 81.32 -5.07
N THR D 264 -31.61 81.18 -5.46
CA THR D 264 -32.29 82.21 -6.22
C THR D 264 -33.78 82.18 -5.94
N CYS D 265 -34.44 83.29 -6.27
CA CYS D 265 -35.89 83.38 -6.24
C CYS D 265 -36.35 84.07 -7.52
N LYS D 266 -37.30 83.45 -8.20
CA LYS D 266 -37.75 83.92 -9.51
C LYS D 266 -39.24 84.24 -9.47
N ILE D 267 -39.62 85.30 -10.17
CA ILE D 267 -40.83 86.06 -9.89
C ILE D 267 -41.61 86.20 -11.19
N TRP D 268 -42.87 85.77 -11.16
CA TRP D 268 -43.71 85.55 -12.33
C TRP D 268 -45.03 86.31 -12.21
N ARG D 269 -45.64 86.60 -13.35
CA ARG D 269 -47.02 87.07 -13.39
C ARG D 269 -47.97 85.89 -13.52
N THR D 270 -49.20 86.08 -13.04
CA THR D 270 -50.25 85.09 -13.19
C THR D 270 -50.98 85.21 -14.52
N SER D 271 -50.79 86.31 -15.25
CA SER D 271 -51.52 86.52 -16.49
C SER D 271 -51.05 85.56 -17.57
N ASN D 272 -49.78 85.65 -17.94
CA ASN D 272 -49.19 84.79 -18.96
C ASN D 272 -47.94 84.08 -18.48
N PHE D 273 -47.71 84.02 -17.16
CA PHE D 273 -46.59 83.30 -16.58
C PHE D 273 -45.27 83.82 -17.13
N SER D 274 -45.13 85.15 -17.09
CA SER D 274 -44.02 85.83 -17.74
C SER D 274 -42.83 85.92 -16.79
N LEU D 275 -41.67 86.23 -17.36
CA LEU D 275 -40.45 86.44 -16.60
C LEU D 275 -40.44 87.88 -16.13
N MET D 276 -40.72 88.10 -14.85
CA MET D 276 -40.78 89.47 -14.34
C MET D 276 -39.51 89.81 -13.56
N THR D 277 -39.18 89.02 -12.55
CA THR D 277 -38.04 89.38 -11.70
C THR D 277 -37.23 88.14 -11.35
N GLU D 278 -35.94 88.35 -11.09
CA GLU D 278 -35.04 87.30 -10.68
C GLU D 278 -34.04 87.88 -9.67
N LEU D 279 -33.98 87.28 -8.48
CA LEU D 279 -33.03 87.71 -7.47
C LEU D 279 -32.10 86.56 -7.12
N SER D 280 -30.82 86.88 -7.03
CA SER D 280 -29.78 85.87 -6.82
C SER D 280 -28.82 86.35 -5.75
N ILE D 281 -28.29 85.40 -4.98
CA ILE D 281 -27.27 85.68 -3.98
C ILE D 281 -25.97 84.95 -4.28
N LYS D 282 -25.83 84.36 -5.46
CA LYS D 282 -24.52 83.87 -5.88
C LYS D 282 -23.57 85.05 -6.00
N SER D 283 -22.60 85.12 -5.08
CA SER D 283 -21.71 86.26 -5.02
C SER D 283 -20.78 86.37 -6.22
N GLY D 284 -20.71 85.34 -7.06
CA GLY D 284 -19.78 85.32 -8.17
C GLY D 284 -18.39 84.84 -7.83
N ASN D 285 -18.13 84.52 -6.57
CA ASN D 285 -16.86 83.98 -6.14
C ASN D 285 -17.04 82.60 -5.54
N PRO D 286 -16.16 81.65 -5.84
CA PRO D 286 -16.30 80.29 -5.30
C PRO D 286 -15.94 80.15 -3.84
N GLY D 287 -15.76 81.26 -3.11
CA GLY D 287 -15.41 81.19 -1.71
C GLY D 287 -16.56 80.90 -0.78
N GLU D 288 -17.79 80.88 -1.27
CA GLU D 288 -18.95 80.57 -0.43
C GLU D 288 -19.32 79.09 -0.46
N SER D 289 -19.35 78.48 -1.65
CA SER D 289 -19.75 77.09 -1.81
C SER D 289 -21.16 76.85 -1.25
N SER D 290 -22.06 77.77 -1.58
CA SER D 290 -23.48 77.68 -1.25
C SER D 290 -23.69 77.56 0.27
N ARG D 291 -23.30 78.64 0.95
CA ARG D 291 -23.44 78.68 2.41
C ARG D 291 -24.88 78.82 2.85
N GLY D 292 -25.82 79.02 1.92
CA GLY D 292 -27.20 79.20 2.30
C GLY D 292 -28.20 79.04 1.17
N TRP D 293 -29.42 78.63 1.52
CA TRP D 293 -30.51 78.57 0.57
C TRP D 293 -31.56 79.63 0.88
N MET D 294 -32.11 80.23 -0.18
CA MET D 294 -33.28 81.08 -0.05
C MET D 294 -34.47 80.16 0.20
N TRP D 295 -34.75 79.92 1.47
CA TRP D 295 -35.77 78.94 1.84
C TRP D 295 -37.18 79.46 1.64
N GLY D 296 -37.46 80.67 2.11
CA GLY D 296 -38.80 81.19 2.07
C GLY D 296 -38.83 82.67 1.75
N CYS D 297 -39.99 83.10 1.24
CA CYS D 297 -40.21 84.50 0.91
C CYS D 297 -41.67 84.84 1.21
N ALA D 298 -41.91 86.14 1.44
CA ALA D 298 -43.26 86.60 1.74
C ALA D 298 -43.49 87.92 1.04
N PHE D 299 -44.67 88.04 0.43
CA PHE D 299 -45.11 89.27 -0.18
C PHE D 299 -45.59 90.25 0.89
N SER D 300 -46.07 91.39 0.42
CA SER D 300 -46.71 92.40 1.26
C SER D 300 -48.18 92.53 0.85
N GLY D 301 -48.96 93.18 1.71
CA GLY D 301 -50.38 93.36 1.43
C GLY D 301 -50.63 94.07 0.12
N ASP D 302 -49.73 94.94 -0.30
CA ASP D 302 -49.82 95.61 -1.59
C ASP D 302 -49.29 94.74 -2.74
N SER D 303 -48.69 93.60 -2.44
CA SER D 303 -48.21 92.65 -3.45
C SER D 303 -47.05 93.22 -4.26
N GLN D 304 -46.22 94.05 -3.63
CA GLN D 304 -45.17 94.68 -4.43
C GLN D 304 -43.80 94.66 -3.75
N TYR D 305 -43.75 94.49 -2.43
CA TYR D 305 -42.50 94.27 -1.68
C TYR D 305 -42.47 92.88 -1.09
N ILE D 306 -41.26 92.31 -0.99
CA ILE D 306 -41.05 90.95 -0.54
C ILE D 306 -39.97 90.95 0.55
N VAL D 307 -39.95 89.87 1.33
CA VAL D 307 -38.88 89.61 2.28
C VAL D 307 -38.38 88.19 2.04
N THR D 308 -37.08 88.09 1.76
CA THR D 308 -36.43 86.82 1.47
C THR D 308 -35.75 86.30 2.72
N ALA D 309 -35.97 85.03 3.03
CA ALA D 309 -35.37 84.36 4.17
C ALA D 309 -34.39 83.33 3.66
N SER D 310 -33.13 83.45 4.07
CA SER D 310 -32.09 82.53 3.68
C SER D 310 -31.52 81.81 4.90
N SER D 311 -30.86 80.69 4.65
CA SER D 311 -30.20 79.92 5.70
C SER D 311 -28.80 80.43 5.99
N ASP D 312 -28.45 81.60 5.43
CA ASP D 312 -27.14 82.20 5.65
C ASP D 312 -27.13 83.11 6.87
N ASN D 313 -27.97 82.81 7.87
CA ASN D 313 -27.95 83.45 9.17
C ASN D 313 -28.55 84.86 9.14
N LEU D 314 -29.13 85.24 8.00
CA LEU D 314 -29.63 86.60 7.86
C LEU D 314 -30.72 86.63 6.79
N ALA D 315 -31.54 87.67 6.84
CA ALA D 315 -32.69 87.82 5.95
C ALA D 315 -32.66 89.20 5.29
N ARG D 316 -33.33 89.29 4.15
CA ARG D 316 -33.23 90.46 3.29
C ARG D 316 -34.64 90.94 2.91
N LEU D 317 -34.74 92.21 2.52
CA LEU D 317 -36.02 92.81 2.18
C LEU D 317 -35.88 93.52 0.85
N TRP D 318 -36.67 93.09 -0.13
CA TRP D 318 -36.58 93.49 -1.53
C TRP D 318 -37.91 94.08 -2.00
N CYS D 319 -37.88 94.65 -3.19
CA CYS D 319 -39.05 95.10 -3.92
C CYS D 319 -39.09 94.42 -5.29
N VAL D 320 -40.29 94.06 -5.72
CA VAL D 320 -40.45 93.15 -6.86
C VAL D 320 -39.82 93.70 -8.13
N GLU D 321 -39.56 95.00 -8.21
CA GLU D 321 -39.12 95.57 -9.47
C GLU D 321 -37.64 95.96 -9.48
N THR D 322 -37.20 96.77 -8.51
CA THR D 322 -35.85 97.33 -8.56
C THR D 322 -34.77 96.27 -8.54
N GLY D 323 -35.02 95.11 -7.96
CA GLY D 323 -34.04 94.05 -7.98
C GLY D 323 -32.89 94.26 -7.02
N GLU D 324 -32.77 95.46 -6.47
CA GLU D 324 -31.72 95.74 -5.51
C GLU D 324 -32.28 95.71 -4.09
N ILE D 325 -31.44 95.27 -3.15
CA ILE D 325 -31.88 95.07 -1.78
C ILE D 325 -32.24 96.40 -1.14
N LYS D 326 -33.22 96.38 -0.25
CA LYS D 326 -33.58 97.55 0.54
C LYS D 326 -33.28 97.40 2.02
N ARG D 327 -33.59 96.25 2.62
CA ARG D 327 -33.40 96.16 4.07
C ARG D 327 -32.77 94.82 4.42
N GLU D 328 -32.29 94.73 5.66
CA GLU D 328 -31.47 93.62 6.09
C GLU D 328 -31.59 93.37 7.58
N TYR D 329 -31.80 92.10 7.94
CA TYR D 329 -31.61 91.58 9.29
C TYR D 329 -30.45 90.60 9.29
N GLY D 330 -29.62 90.64 10.33
CA GLY D 330 -28.56 89.68 10.49
C GLY D 330 -28.31 89.25 11.92
N GLY D 331 -29.33 89.34 12.77
CA GLY D 331 -29.13 89.18 14.21
C GLY D 331 -29.08 87.77 14.73
N HIS D 332 -29.32 86.76 13.90
CA HIS D 332 -29.29 85.39 14.38
C HIS D 332 -27.87 84.87 14.51
N GLN D 333 -27.75 83.74 15.21
CA GLN D 333 -26.49 83.04 15.41
C GLN D 333 -26.36 81.80 14.53
N LYS D 334 -27.47 81.18 14.14
CA LYS D 334 -27.46 80.02 13.26
C LYS D 334 -28.35 80.33 12.06
N ALA D 335 -28.61 79.30 11.25
CA ALA D 335 -29.37 79.51 10.02
C ALA D 335 -30.80 79.93 10.32
N VAL D 336 -31.44 80.53 9.33
CA VAL D 336 -32.80 81.03 9.42
C VAL D 336 -33.68 80.17 8.52
N VAL D 337 -34.76 79.63 9.07
CA VAL D 337 -35.54 78.61 8.39
C VAL D 337 -36.91 79.09 7.93
N CYS D 338 -37.66 79.78 8.78
CA CYS D 338 -39.05 80.10 8.46
C CYS D 338 -39.44 81.40 9.14
N LEU D 339 -40.35 82.14 8.49
CA LEU D 339 -40.68 83.48 8.92
C LEU D 339 -42.20 83.67 8.85
N ALA D 340 -42.70 84.62 9.63
CA ALA D 340 -44.10 85.02 9.60
C ALA D 340 -44.18 86.53 9.46
N PHE D 341 -45.05 86.99 8.56
CA PHE D 341 -45.21 88.43 8.31
C PHE D 341 -46.67 88.70 7.99
N ASN D 342 -47.28 89.62 8.74
CA ASN D 342 -48.59 90.15 8.41
C ASN D 342 -48.55 91.67 8.52
N ASP D 343 -49.39 92.34 7.73
CA ASP D 343 -49.49 93.78 7.75
C ASP D 343 -50.95 94.18 7.96
N SER D 344 -51.21 95.48 8.01
CA SER D 344 -52.57 95.96 8.16
C SER D 344 -53.37 95.64 6.90
N VAL D 345 -54.69 95.52 7.08
CA VAL D 345 -55.57 95.31 5.94
C VAL D 345 -55.47 96.47 4.95
N LEU D 346 -55.08 97.65 5.44
CA LEU D 346 -54.84 98.78 4.56
C LEU D 346 -53.73 98.45 3.57
N GLY D 347 -53.97 98.77 2.31
CA GLY D 347 -53.03 98.46 1.25
C GLY D 347 -52.98 96.98 0.95
N ASN E 37 -37.24 -75.86 -83.70
CA ASN E 37 -36.46 -76.57 -84.70
C ASN E 37 -37.33 -77.03 -85.87
N VAL E 38 -37.90 -76.08 -86.59
CA VAL E 38 -38.75 -76.36 -87.74
C VAL E 38 -38.68 -75.20 -88.72
N PRO E 39 -37.69 -75.17 -89.60
CA PRO E 39 -37.57 -74.04 -90.54
C PRO E 39 -38.40 -74.22 -91.79
N LEU E 40 -39.39 -73.34 -91.95
CA LEU E 40 -40.21 -73.29 -93.17
C LEU E 40 -40.00 -72.00 -93.94
N ASP E 41 -40.25 -70.85 -93.31
CA ASP E 41 -39.94 -69.52 -93.83
C ASP E 41 -40.69 -69.19 -95.11
N LEU E 42 -41.48 -70.12 -95.64
CA LEU E 42 -42.30 -69.88 -96.82
C LEU E 42 -43.70 -70.41 -96.51
N THR E 43 -44.50 -69.58 -95.85
CA THR E 43 -45.86 -69.94 -95.46
C THR E 43 -46.52 -68.69 -94.91
N ARG E 44 -47.73 -68.87 -94.39
CA ARG E 44 -48.44 -67.77 -93.75
C ARG E 44 -47.79 -67.46 -92.41
N GLU E 45 -47.18 -66.28 -92.30
CA GLU E 45 -46.47 -65.84 -91.10
C GLU E 45 -47.39 -65.94 -89.89
N PRO E 46 -48.66 -65.54 -90.02
CA PRO E 46 -49.58 -65.65 -88.87
C PRO E 46 -49.68 -67.06 -88.34
N SER E 47 -50.03 -68.02 -89.22
CA SER E 47 -50.15 -69.41 -88.78
C SER E 47 -48.80 -69.94 -88.31
N ASP E 48 -47.72 -69.59 -89.01
CA ASP E 48 -46.39 -70.04 -88.64
C ASP E 48 -46.08 -69.69 -87.20
N ASN E 49 -46.07 -68.39 -86.89
CA ASN E 49 -45.75 -67.96 -85.55
C ASN E 49 -46.79 -68.42 -84.53
N LEU E 50 -48.06 -68.54 -84.94
CA LEU E 50 -49.09 -69.00 -84.01
C LEU E 50 -48.82 -70.41 -83.53
N ARG E 51 -48.60 -71.34 -84.46
CA ARG E 51 -48.29 -72.70 -84.03
C ARG E 51 -46.95 -72.76 -83.31
N GLU E 52 -45.98 -71.96 -83.75
CA GLU E 52 -44.69 -71.93 -83.06
C GLU E 52 -44.85 -71.54 -81.60
N ILE E 53 -45.53 -70.42 -81.34
CA ILE E 53 -45.69 -69.95 -79.97
C ILE E 53 -46.60 -70.84 -79.15
N LEU E 54 -47.64 -71.43 -79.76
CA LEU E 54 -48.48 -72.37 -79.03
C LEU E 54 -47.69 -73.59 -78.59
N GLN E 55 -46.94 -74.21 -79.50
CA GLN E 55 -46.11 -75.33 -79.09
C GLN E 55 -45.03 -74.90 -78.12
N ASN E 56 -44.64 -73.62 -78.17
CA ASN E 56 -43.64 -73.10 -77.24
C ASN E 56 -44.18 -73.01 -75.82
N VAL E 57 -45.40 -72.51 -75.66
CA VAL E 57 -45.99 -72.50 -74.32
C VAL E 57 -46.33 -73.91 -73.88
N ALA E 58 -46.83 -74.73 -74.80
CA ALA E 58 -46.90 -76.17 -74.61
C ALA E 58 -47.68 -76.56 -73.36
N ARG E 59 -48.65 -75.74 -72.97
CA ARG E 59 -49.35 -75.81 -71.68
C ARG E 59 -48.36 -75.94 -70.53
N LEU E 60 -47.11 -75.54 -70.76
CA LEU E 60 -46.01 -75.71 -69.82
C LEU E 60 -45.72 -77.19 -69.53
N GLN E 61 -46.06 -78.06 -70.49
CA GLN E 61 -45.95 -79.49 -70.25
C GLN E 61 -45.63 -80.21 -71.55
N GLY E 62 -45.06 -81.42 -71.43
CA GLY E 62 -44.93 -82.32 -72.55
C GLY E 62 -43.99 -81.89 -73.65
N VAL E 63 -43.14 -80.90 -73.41
CA VAL E 63 -42.16 -80.44 -74.39
C VAL E 63 -40.84 -80.22 -73.68
N SER E 64 -39.76 -80.71 -74.30
CA SER E 64 -38.42 -80.60 -73.73
C SER E 64 -37.94 -79.15 -73.76
N ASN E 65 -36.92 -78.87 -72.95
CA ASN E 65 -36.40 -77.51 -72.85
C ASN E 65 -35.44 -77.17 -73.98
N MET E 66 -34.64 -78.13 -74.45
CA MET E 66 -33.73 -77.86 -75.56
C MET E 66 -34.51 -77.58 -76.84
N ARG E 67 -35.61 -78.29 -77.05
CA ARG E 67 -36.44 -77.96 -78.20
C ARG E 67 -37.19 -76.64 -77.99
N LYS E 68 -37.38 -76.22 -76.74
CA LYS E 68 -37.82 -74.85 -76.51
C LYS E 68 -36.75 -73.85 -76.93
N LEU E 69 -35.49 -74.16 -76.63
CA LEU E 69 -34.39 -73.33 -77.14
C LEU E 69 -34.45 -73.26 -78.66
N GLY E 70 -34.68 -74.41 -79.31
CA GLY E 70 -34.93 -74.40 -80.74
C GLY E 70 -36.01 -73.41 -81.13
N HIS E 71 -37.24 -73.66 -80.66
CA HIS E 71 -38.37 -72.80 -80.99
C HIS E 71 -38.05 -71.32 -80.80
N LEU E 72 -37.37 -70.96 -79.71
CA LEU E 72 -37.00 -69.57 -79.51
C LEU E 72 -36.03 -69.09 -80.59
N ASN E 73 -35.05 -69.92 -80.96
CA ASN E 73 -34.11 -69.50 -81.98
C ASN E 73 -34.80 -69.33 -83.33
N ASN E 74 -35.69 -70.25 -83.67
CA ASN E 74 -36.49 -70.09 -84.89
C ASN E 74 -37.36 -68.84 -84.83
N PHE E 75 -37.96 -68.55 -83.67
CA PHE E 75 -38.70 -67.31 -83.49
C PHE E 75 -37.85 -66.09 -83.79
N THR E 76 -36.64 -66.07 -83.22
CA THR E 76 -35.74 -64.94 -83.46
C THR E 76 -35.39 -64.83 -84.94
N LYS E 77 -35.15 -65.96 -85.60
CA LYS E 77 -34.90 -65.94 -87.03
C LYS E 77 -36.07 -65.34 -87.80
N LEU E 78 -37.30 -65.72 -87.42
CA LEU E 78 -38.47 -65.24 -88.13
C LEU E 78 -38.67 -63.74 -87.97
N LEU E 79 -38.44 -63.20 -86.76
CA LEU E 79 -38.45 -61.74 -86.67
C LEU E 79 -37.28 -61.10 -87.38
N CYS E 80 -36.13 -61.77 -87.45
CA CYS E 80 -34.99 -61.21 -88.15
C CYS E 80 -35.27 -61.05 -89.63
N ASP E 81 -35.88 -62.07 -90.25
CA ASP E 81 -36.01 -62.06 -91.70
C ASP E 81 -37.35 -61.50 -92.18
N ILE E 82 -38.36 -61.44 -91.33
CA ILE E 82 -39.70 -61.02 -91.72
C ILE E 82 -39.95 -59.62 -91.20
N GLY E 83 -40.40 -58.74 -92.09
CA GLY E 83 -40.81 -57.42 -91.66
C GLY E 83 -41.94 -57.49 -90.64
N HIS E 84 -41.78 -56.76 -89.55
CA HIS E 84 -42.71 -56.81 -88.43
C HIS E 84 -43.72 -55.68 -88.53
N SER E 85 -44.97 -56.04 -88.84
CA SER E 85 -46.09 -55.12 -88.79
C SER E 85 -47.36 -55.94 -88.66
N GLU E 86 -48.25 -55.51 -87.76
CA GLU E 86 -49.40 -56.31 -87.34
C GLU E 86 -50.22 -56.85 -88.51
N GLU E 87 -50.42 -56.05 -89.56
CA GLU E 87 -51.29 -56.45 -90.66
C GLU E 87 -50.79 -57.72 -91.36
N LYS E 88 -49.53 -57.74 -91.77
CA LYS E 88 -48.94 -58.95 -92.32
C LYS E 88 -48.35 -59.85 -91.25
N LEU E 89 -48.20 -59.35 -90.02
CA LEU E 89 -47.90 -60.23 -88.90
C LEU E 89 -49.13 -61.00 -88.46
N GLY E 90 -50.32 -60.46 -88.72
CA GLY E 90 -51.56 -61.15 -88.44
C GLY E 90 -51.95 -61.19 -86.99
N PHE E 91 -51.22 -60.50 -86.12
CA PHE E 91 -51.48 -60.55 -84.69
C PHE E 91 -51.25 -59.18 -84.09
N HIS E 92 -51.83 -58.98 -82.92
CA HIS E 92 -51.47 -57.85 -82.09
C HIS E 92 -50.09 -58.08 -81.49
N TYR E 93 -49.57 -57.07 -80.78
CA TYR E 93 -48.31 -57.27 -80.09
C TYR E 93 -48.53 -57.79 -78.68
N GLU E 94 -49.74 -57.62 -78.15
CA GLU E 94 -50.03 -57.98 -76.77
C GLU E 94 -49.94 -59.49 -76.57
N ASP E 95 -50.57 -60.25 -77.46
CA ASP E 95 -50.48 -61.70 -77.36
C ASP E 95 -49.05 -62.18 -77.54
N ILE E 96 -48.32 -61.54 -78.45
CA ILE E 96 -46.91 -61.90 -78.67
C ILE E 96 -46.11 -61.73 -77.39
N ILE E 97 -46.22 -60.56 -76.75
CA ILE E 97 -45.42 -60.30 -75.56
C ILE E 97 -45.86 -61.19 -74.40
N ILE E 98 -47.17 -61.44 -74.28
CA ILE E 98 -47.64 -62.33 -73.23
C ILE E 98 -47.09 -63.73 -73.42
N CYS E 99 -47.08 -64.22 -74.66
CA CYS E 99 -46.49 -65.51 -74.95
C CYS E 99 -44.99 -65.55 -74.65
N LEU E 100 -44.26 -64.49 -75.01
CA LEU E 100 -42.84 -64.44 -74.71
C LEU E 100 -42.53 -64.45 -73.21
N ARG E 101 -43.30 -63.71 -72.41
CA ARG E 101 -42.94 -63.58 -71.01
C ARG E 101 -43.08 -64.87 -70.22
N LEU E 102 -43.95 -65.78 -70.67
CA LEU E 102 -44.07 -67.07 -69.98
C LEU E 102 -42.80 -67.90 -70.07
N ALA E 103 -41.94 -67.61 -71.05
CA ALA E 103 -40.65 -68.30 -71.14
C ALA E 103 -39.74 -67.92 -69.99
N LEU E 104 -40.06 -66.86 -69.26
CA LEU E 104 -39.20 -66.41 -68.17
C LEU E 104 -39.47 -67.14 -66.86
N LEU E 105 -40.49 -67.99 -66.82
CA LEU E 105 -40.83 -68.70 -65.60
C LEU E 105 -40.16 -70.07 -65.51
N ASN E 106 -39.83 -70.70 -66.63
CA ASN E 106 -39.26 -72.03 -66.58
C ASN E 106 -37.87 -72.01 -65.95
N GLU E 107 -37.36 -73.20 -65.62
CA GLU E 107 -36.09 -73.30 -64.93
C GLU E 107 -34.91 -72.98 -65.84
N ALA E 108 -35.07 -73.12 -67.16
CA ALA E 108 -33.94 -73.02 -68.07
C ALA E 108 -33.52 -71.57 -68.24
N LYS E 109 -32.26 -71.29 -67.86
CA LYS E 109 -31.73 -69.95 -67.97
C LYS E 109 -31.57 -69.52 -69.41
N GLU E 110 -31.08 -70.42 -70.27
CA GLU E 110 -30.88 -70.08 -71.67
C GLU E 110 -32.21 -69.76 -72.35
N VAL E 111 -33.31 -70.33 -71.85
CA VAL E 111 -34.62 -69.90 -72.35
C VAL E 111 -34.85 -68.43 -72.04
N ARG E 112 -34.51 -67.98 -70.84
CA ARG E 112 -34.61 -66.57 -70.53
C ARG E 112 -33.69 -65.73 -71.41
N ALA E 113 -32.49 -66.25 -71.68
CA ALA E 113 -31.57 -65.53 -72.56
C ALA E 113 -32.16 -65.37 -73.96
N ALA E 114 -32.74 -66.44 -74.51
CA ALA E 114 -33.35 -66.35 -75.83
C ALA E 114 -34.57 -65.46 -75.80
N GLY E 115 -35.33 -65.48 -74.70
CA GLY E 115 -36.44 -64.55 -74.57
C GLY E 115 -35.97 -63.12 -74.62
N LEU E 116 -34.86 -62.82 -73.97
CA LEU E 116 -34.27 -61.48 -74.08
C LEU E 116 -33.89 -61.19 -75.52
N ARG E 117 -33.26 -62.16 -76.20
CA ARG E 117 -32.89 -61.98 -77.59
C ARG E 117 -34.09 -61.57 -78.42
N ALA E 118 -35.22 -62.22 -78.19
CA ALA E 118 -36.45 -61.86 -78.90
C ALA E 118 -36.93 -60.47 -78.50
N LEU E 119 -37.06 -60.22 -77.19
CA LEU E 119 -37.63 -58.96 -76.71
C LEU E 119 -36.87 -57.75 -77.23
N ARG E 120 -35.55 -57.80 -77.29
CA ARG E 120 -34.85 -56.62 -77.81
C ARG E 120 -35.26 -56.33 -79.24
N TYR E 121 -35.57 -57.38 -80.01
CA TYR E 121 -35.97 -57.21 -81.40
C TYR E 121 -37.40 -56.71 -81.53
N LEU E 122 -38.21 -56.83 -80.47
CA LEU E 122 -39.56 -56.29 -80.49
C LEU E 122 -39.61 -54.78 -80.34
N ILE E 123 -38.75 -54.21 -79.50
CA ILE E 123 -38.80 -52.79 -79.18
C ILE E 123 -38.37 -52.02 -80.43
N GLN E 124 -39.32 -51.37 -81.08
CA GLN E 124 -39.03 -50.65 -82.33
C GLN E 124 -39.54 -49.22 -82.34
N ASP E 125 -40.63 -48.92 -81.65
CA ASP E 125 -41.14 -47.56 -81.51
C ASP E 125 -41.61 -47.36 -80.08
N SER E 126 -41.64 -46.09 -79.65
CA SER E 126 -42.01 -45.77 -78.27
C SER E 126 -43.37 -46.33 -77.90
N SER E 127 -44.30 -46.36 -78.85
CA SER E 127 -45.60 -46.97 -78.60
C SER E 127 -45.44 -48.42 -78.18
N ILE E 128 -44.58 -49.16 -78.90
CA ILE E 128 -44.38 -50.57 -78.58
C ILE E 128 -43.87 -50.73 -77.16
N LEU E 129 -42.86 -49.95 -76.79
CA LEU E 129 -42.27 -50.12 -75.47
C LEU E 129 -43.25 -49.71 -74.38
N GLN E 130 -44.09 -48.70 -74.62
CA GLN E 130 -45.00 -48.30 -73.55
C GLN E 130 -46.13 -49.32 -73.39
N LYS E 131 -46.57 -49.95 -74.49
CA LYS E 131 -47.49 -51.06 -74.33
C LYS E 131 -46.82 -52.23 -73.63
N VAL E 132 -45.52 -52.44 -73.88
CA VAL E 132 -44.82 -53.53 -73.20
C VAL E 132 -44.70 -53.25 -71.70
N LEU E 133 -44.36 -52.02 -71.33
CA LEU E 133 -44.10 -51.70 -69.93
C LEU E 133 -45.38 -51.53 -69.11
N LYS E 134 -46.50 -51.13 -69.73
CA LYS E 134 -47.74 -51.16 -68.96
C LYS E 134 -48.05 -52.58 -68.52
N LEU E 135 -47.69 -53.57 -69.33
CA LEU E 135 -47.59 -54.93 -68.86
C LEU E 135 -46.38 -55.06 -67.95
N LYS E 136 -46.55 -55.78 -66.84
CA LYS E 136 -45.56 -55.76 -65.75
C LYS E 136 -44.40 -56.71 -66.06
N VAL E 137 -43.80 -56.51 -67.24
CA VAL E 137 -42.59 -57.24 -67.61
C VAL E 137 -41.36 -56.66 -66.93
N ASP E 138 -41.44 -55.42 -66.46
CA ASP E 138 -40.33 -54.80 -65.75
C ASP E 138 -39.89 -55.63 -64.56
N TYR E 139 -40.83 -56.13 -63.78
CA TYR E 139 -40.49 -56.96 -62.62
C TYR E 139 -39.79 -58.23 -63.05
N LEU E 140 -40.16 -58.77 -64.22
CA LEU E 140 -39.53 -59.97 -64.73
C LEU E 140 -38.08 -59.70 -65.11
N ILE E 141 -37.84 -58.62 -65.87
CA ILE E 141 -36.47 -58.25 -66.18
C ILE E 141 -35.71 -57.99 -64.90
N ALA E 142 -36.40 -57.44 -63.89
CA ALA E 142 -35.77 -57.20 -62.60
C ALA E 142 -35.30 -58.48 -61.96
N ARG E 143 -36.13 -59.54 -61.94
CA ARG E 143 -35.64 -60.78 -61.35
C ARG E 143 -34.42 -61.24 -62.12
N CYS E 144 -34.49 -61.14 -63.45
CA CYS E 144 -33.41 -61.65 -64.29
C CYS E 144 -32.10 -60.92 -64.03
N ILE E 145 -32.14 -59.64 -63.68
CA ILE E 145 -30.91 -58.90 -63.47
C ILE E 145 -30.14 -59.45 -62.28
N ASP E 146 -30.83 -59.62 -61.16
CA ASP E 146 -30.19 -59.98 -59.89
C ASP E 146 -30.39 -61.46 -59.53
N ILE E 147 -29.59 -62.31 -60.17
CA ILE E 147 -29.51 -63.72 -59.79
C ILE E 147 -28.09 -64.15 -59.45
N GLN E 148 -27.14 -63.85 -60.34
CA GLN E 148 -25.72 -64.07 -60.11
C GLN E 148 -25.45 -65.54 -59.73
N GLN E 149 -26.18 -66.44 -60.37
CA GLN E 149 -25.91 -67.87 -60.21
C GLN E 149 -25.12 -68.41 -61.40
N SER E 150 -23.88 -67.94 -61.53
CA SER E 150 -22.94 -68.46 -62.52
C SER E 150 -23.51 -68.45 -63.93
N ASN E 151 -24.37 -67.47 -64.21
CA ASN E 151 -25.02 -67.34 -65.51
C ASN E 151 -24.69 -65.97 -66.12
N GLU E 152 -23.53 -65.88 -66.77
CA GLU E 152 -23.02 -64.61 -67.24
C GLU E 152 -23.32 -64.33 -68.71
N VAL E 153 -24.16 -65.15 -69.35
CA VAL E 153 -24.54 -64.89 -70.74
C VAL E 153 -25.95 -64.35 -70.85
N GLU E 154 -26.67 -64.18 -69.74
CA GLU E 154 -28.06 -63.76 -69.80
C GLU E 154 -28.23 -62.29 -69.45
N ARG E 155 -27.78 -61.89 -68.27
CA ARG E 155 -27.89 -60.52 -67.81
C ARG E 155 -27.22 -59.55 -68.76
N THR E 156 -26.15 -59.97 -69.44
CA THR E 156 -25.59 -59.16 -70.52
C THR E 156 -26.64 -58.82 -71.56
N GLN E 157 -27.42 -59.82 -71.97
CA GLN E 157 -28.52 -59.57 -72.87
C GLN E 157 -29.53 -58.63 -72.24
N ALA E 158 -29.83 -58.82 -70.95
CA ALA E 158 -30.75 -57.92 -70.26
C ALA E 158 -30.22 -56.50 -70.26
N LEU E 159 -28.93 -56.33 -69.95
CA LEU E 159 -28.36 -54.98 -69.91
C LEU E 159 -28.39 -54.31 -71.27
N ARG E 160 -28.08 -55.06 -72.34
CA ARG E 160 -28.09 -54.42 -73.65
C ARG E 160 -29.52 -54.15 -74.11
N LEU E 161 -30.47 -54.97 -73.64
CA LEU E 161 -31.88 -54.63 -73.85
C LEU E 161 -32.24 -53.33 -73.14
N VAL E 162 -31.73 -53.14 -71.93
CA VAL E 162 -31.97 -51.90 -71.20
C VAL E 162 -31.35 -50.72 -71.95
N ARG E 163 -30.16 -50.90 -72.51
CA ARG E 163 -29.58 -49.82 -73.28
C ARG E 163 -30.41 -49.51 -74.53
N LYS E 164 -30.95 -50.55 -75.17
CA LYS E 164 -31.82 -50.32 -76.30
C LYS E 164 -33.06 -49.51 -75.88
N MET E 165 -33.67 -49.88 -74.76
CA MET E 165 -34.88 -49.19 -74.36
C MET E 165 -34.61 -47.75 -73.93
N ILE E 166 -33.46 -47.51 -73.28
CA ILE E 166 -33.15 -46.14 -72.90
C ILE E 166 -32.82 -45.30 -74.12
N THR E 167 -32.16 -45.90 -75.12
CA THR E 167 -31.91 -45.16 -76.36
C THR E 167 -33.21 -44.79 -77.04
N VAL E 168 -34.12 -45.74 -77.19
CA VAL E 168 -35.38 -45.43 -77.86
C VAL E 168 -36.25 -44.51 -77.01
N ASN E 169 -36.39 -44.82 -75.72
CA ASN E 169 -37.13 -43.93 -74.83
C ASN E 169 -36.70 -44.18 -73.39
N ALA E 170 -35.89 -43.29 -72.86
CA ALA E 170 -35.61 -43.28 -71.43
C ALA E 170 -36.61 -42.45 -70.65
N SER E 171 -37.34 -41.55 -71.30
CA SER E 171 -38.33 -40.72 -70.63
C SER E 171 -39.46 -41.53 -70.03
N LEU E 172 -39.62 -42.79 -70.44
CA LEU E 172 -40.61 -43.68 -69.87
C LEU E 172 -39.95 -44.84 -69.15
N PHE E 173 -38.75 -44.64 -68.62
CA PHE E 173 -38.02 -45.72 -67.96
C PHE E 173 -38.78 -46.16 -66.71
N PRO E 174 -38.80 -47.45 -66.41
CA PRO E 174 -39.47 -47.92 -65.19
C PRO E 174 -38.61 -47.71 -63.97
N SER E 175 -39.26 -47.78 -62.81
CA SER E 175 -38.56 -47.59 -61.54
C SER E 175 -37.96 -48.87 -61.00
N SER E 176 -38.58 -50.03 -61.23
CA SER E 176 -38.09 -51.28 -60.66
C SER E 176 -36.69 -51.61 -61.17
N VAL E 177 -36.49 -51.48 -62.49
CA VAL E 177 -35.16 -51.70 -63.04
C VAL E 177 -34.17 -50.71 -62.45
N THR E 178 -34.60 -49.47 -62.26
CA THR E 178 -33.72 -48.46 -61.65
C THR E 178 -33.28 -48.93 -60.28
N ASN E 179 -34.23 -49.39 -59.47
CA ASN E 179 -33.90 -49.84 -58.12
C ASN E 179 -32.98 -51.05 -58.14
N SER E 180 -33.21 -51.98 -59.06
CA SER E 180 -32.32 -53.15 -59.16
C SER E 180 -30.89 -52.72 -59.50
N LEU E 181 -30.75 -51.86 -60.50
CA LEU E 181 -29.41 -51.42 -60.89
C LEU E 181 -28.73 -50.64 -59.77
N ILE E 182 -29.46 -49.76 -59.09
CA ILE E 182 -28.83 -49.04 -57.98
C ILE E 182 -28.43 -50.01 -56.88
N ALA E 183 -29.25 -51.04 -56.64
CA ALA E 183 -28.91 -52.01 -55.62
C ALA E 183 -27.63 -52.74 -55.94
N VAL E 184 -27.48 -53.18 -57.18
CA VAL E 184 -26.25 -53.89 -57.55
C VAL E 184 -25.06 -52.94 -57.55
N GLY E 185 -25.28 -51.68 -57.94
CA GLY E 185 -24.20 -50.72 -57.98
C GLY E 185 -23.79 -50.18 -56.63
N ASN E 186 -24.61 -50.35 -55.60
CA ASN E 186 -24.27 -49.86 -54.27
C ASN E 186 -23.35 -50.80 -53.52
N ASP E 187 -23.72 -52.07 -53.41
CA ASP E 187 -22.95 -53.04 -52.64
C ASP E 187 -22.64 -54.25 -53.48
N GLY E 188 -22.18 -54.04 -54.71
CA GLY E 188 -21.77 -55.15 -55.53
C GLY E 188 -20.28 -55.38 -55.45
N LEU E 189 -19.55 -54.38 -54.97
CA LEU E 189 -18.10 -54.47 -54.94
C LEU E 189 -17.59 -55.40 -53.84
N GLN E 190 -18.33 -55.51 -52.73
CA GLN E 190 -17.91 -56.38 -51.64
C GLN E 190 -18.12 -57.86 -51.97
N GLU E 191 -19.13 -58.18 -52.77
CA GLU E 191 -19.44 -59.55 -53.16
C GLU E 191 -18.78 -59.95 -54.47
N ARG E 192 -17.87 -59.12 -54.98
CA ARG E 192 -17.01 -59.46 -56.11
C ARG E 192 -17.80 -59.78 -57.37
N ASP E 193 -18.98 -59.18 -57.53
CA ASP E 193 -19.70 -59.30 -58.79
C ASP E 193 -18.97 -58.52 -59.86
N ARG E 194 -18.90 -59.10 -61.06
CA ARG E 194 -18.11 -58.55 -62.14
C ARG E 194 -18.93 -57.72 -63.12
N MET E 195 -20.06 -57.17 -62.69
CA MET E 195 -20.90 -56.36 -63.56
C MET E 195 -21.19 -54.99 -62.96
N VAL E 196 -20.50 -54.64 -61.87
CA VAL E 196 -20.76 -53.37 -61.21
C VAL E 196 -20.32 -52.21 -62.10
N ARG E 197 -19.16 -52.32 -62.74
CA ARG E 197 -18.70 -51.24 -63.61
C ARG E 197 -19.63 -51.06 -64.80
N ALA E 198 -20.07 -52.15 -65.41
CA ALA E 198 -21.07 -52.03 -66.46
C ALA E 198 -22.33 -51.37 -65.94
N CYS E 199 -22.75 -51.70 -64.72
CA CYS E 199 -23.92 -51.10 -64.08
C CYS E 199 -23.80 -49.60 -63.92
N ILE E 200 -22.68 -49.11 -63.38
CA ILE E 200 -22.52 -47.69 -63.23
C ILE E 200 -22.44 -47.02 -64.60
N ALA E 201 -21.91 -47.71 -65.59
CA ALA E 201 -21.98 -47.18 -66.96
C ALA E 201 -23.44 -46.96 -67.35
N ILE E 202 -24.30 -47.92 -67.07
CA ILE E 202 -25.71 -47.80 -67.44
C ILE E 202 -26.35 -46.62 -66.72
N ILE E 203 -26.11 -46.51 -65.41
CA ILE E 203 -26.80 -45.45 -64.67
C ILE E 203 -26.32 -44.08 -65.10
N CYS E 204 -25.02 -43.94 -65.37
CA CYS E 204 -24.55 -42.67 -65.91
C CYS E 204 -25.15 -42.37 -67.27
N GLU E 205 -25.25 -43.37 -68.15
CA GLU E 205 -25.86 -43.13 -69.46
C GLU E 205 -27.30 -42.68 -69.31
N LEU E 206 -28.05 -43.29 -68.39
CA LEU E 206 -29.44 -42.93 -68.22
C LEU E 206 -29.60 -41.58 -67.51
N ALA E 207 -28.62 -41.20 -66.69
CA ALA E 207 -28.72 -39.97 -65.91
C ALA E 207 -28.92 -38.75 -66.78
N LEU E 208 -28.52 -38.83 -68.05
CA LEU E 208 -28.59 -37.65 -68.90
C LEU E 208 -30.02 -37.30 -69.26
N GLN E 209 -30.91 -38.29 -69.34
CA GLN E 209 -32.25 -38.11 -69.86
C GLN E 209 -33.31 -37.93 -68.78
N ASN E 210 -33.16 -38.53 -67.61
CA ASN E 210 -34.18 -38.49 -66.57
C ASN E 210 -33.54 -38.49 -65.19
N PRO E 211 -33.01 -37.34 -64.76
CA PRO E 211 -32.46 -37.26 -63.40
C PRO E 211 -33.51 -37.31 -62.31
N GLU E 212 -34.79 -37.09 -62.63
CA GLU E 212 -35.83 -37.17 -61.60
C GLU E 212 -35.84 -38.51 -60.89
N VAL E 213 -35.93 -39.61 -61.65
CA VAL E 213 -36.01 -40.91 -61.02
C VAL E 213 -34.72 -41.25 -60.29
N VAL E 214 -33.57 -40.93 -60.89
CA VAL E 214 -32.29 -41.23 -60.28
C VAL E 214 -32.16 -40.52 -58.93
N ALA E 215 -32.53 -39.24 -58.87
CA ALA E 215 -32.49 -38.53 -57.61
C ALA E 215 -33.50 -39.08 -56.62
N LEU E 216 -34.72 -39.35 -57.04
CA LEU E 216 -35.74 -39.82 -56.11
C LEU E 216 -35.32 -41.14 -55.46
N ARG E 217 -34.76 -42.05 -56.25
CA ARG E 217 -34.23 -43.28 -55.69
C ARG E 217 -32.82 -43.10 -55.15
N GLY E 218 -32.28 -41.90 -55.21
CA GLY E 218 -31.01 -41.60 -54.59
C GLY E 218 -29.83 -42.29 -55.23
N GLY E 219 -29.55 -41.95 -56.48
CA GLY E 219 -28.46 -42.58 -57.19
C GLY E 219 -27.19 -41.76 -57.22
N LEU E 220 -27.33 -40.44 -57.28
CA LEU E 220 -26.16 -39.59 -57.45
C LEU E 220 -25.17 -39.78 -56.30
N ASN E 221 -25.65 -39.93 -55.06
CA ASN E 221 -24.73 -40.25 -53.97
C ASN E 221 -24.06 -41.60 -54.20
N THR E 222 -24.81 -42.58 -54.71
CA THR E 222 -24.19 -43.87 -54.99
C THR E 222 -23.05 -43.71 -55.98
N ILE E 223 -23.30 -42.99 -57.07
CA ILE E 223 -22.26 -42.71 -58.05
C ILE E 223 -21.08 -42.03 -57.37
N LEU E 224 -21.37 -41.01 -56.57
CA LEU E 224 -20.30 -40.24 -55.96
C LEU E 224 -19.43 -41.10 -55.08
N LYS E 225 -20.03 -41.90 -54.19
CA LYS E 225 -19.25 -42.84 -53.42
C LYS E 225 -18.47 -43.79 -54.31
N ASN E 226 -19.00 -44.09 -55.50
CA ASN E 226 -18.31 -44.97 -56.41
C ASN E 226 -17.12 -44.31 -57.11
N VAL E 227 -16.91 -43.00 -56.95
CA VAL E 227 -15.71 -42.42 -57.55
C VAL E 227 -14.50 -42.58 -56.64
N ILE E 228 -14.72 -42.92 -55.36
CA ILE E 228 -13.60 -43.08 -54.45
C ILE E 228 -13.03 -44.49 -54.49
N ASP E 229 -13.77 -45.45 -55.01
CA ASP E 229 -13.34 -46.84 -54.96
C ASP E 229 -12.95 -47.37 -56.35
N CYS E 230 -12.35 -46.53 -57.17
CA CYS E 230 -11.92 -46.93 -58.51
C CYS E 230 -10.59 -46.25 -58.79
N GLN E 231 -9.51 -47.03 -58.77
CA GLN E 231 -8.18 -46.45 -58.90
C GLN E 231 -7.78 -46.18 -60.35
N LEU E 232 -8.55 -46.67 -61.32
CA LEU E 232 -8.18 -46.50 -62.71
C LEU E 232 -8.50 -45.09 -63.18
N SER E 233 -7.59 -44.51 -63.97
CA SER E 233 -7.67 -43.10 -64.30
C SER E 233 -8.91 -42.77 -65.11
N ARG E 234 -9.01 -43.39 -66.30
CA ARG E 234 -9.96 -42.94 -67.30
C ARG E 234 -11.39 -43.12 -66.82
N ILE E 235 -11.68 -44.25 -66.17
CA ILE E 235 -13.02 -44.48 -65.66
C ILE E 235 -13.36 -43.45 -64.59
N ASN E 236 -12.41 -43.13 -63.72
CA ASN E 236 -12.67 -42.15 -62.68
C ASN E 236 -13.03 -40.80 -63.26
N GLU E 237 -12.20 -40.30 -64.18
CA GLU E 237 -12.49 -38.98 -64.74
C GLU E 237 -13.80 -38.99 -65.51
N ALA E 238 -14.05 -40.05 -66.28
CA ALA E 238 -15.31 -40.13 -67.01
C ALA E 238 -16.50 -40.10 -66.07
N LEU E 239 -16.42 -40.83 -64.96
CA LEU E 239 -17.51 -40.81 -64.00
C LEU E 239 -17.73 -39.41 -63.45
N ILE E 240 -16.66 -38.75 -62.98
CA ILE E 240 -16.85 -37.46 -62.35
C ILE E 240 -17.40 -36.43 -63.34
N THR E 241 -17.06 -36.56 -64.63
CA THR E 241 -17.61 -35.64 -65.63
C THR E 241 -19.13 -35.65 -65.64
N THR E 242 -19.76 -36.77 -65.27
CA THR E 242 -21.22 -36.80 -65.25
C THR E 242 -21.78 -35.73 -64.33
N ILE E 243 -21.44 -35.80 -63.04
CA ILE E 243 -21.99 -34.81 -62.11
C ILE E 243 -21.48 -33.43 -62.45
N LEU E 244 -20.24 -33.30 -62.92
CA LEU E 244 -19.80 -31.97 -63.32
C LEU E 244 -20.67 -31.39 -64.42
N HIS E 245 -21.06 -32.18 -65.41
CA HIS E 245 -22.04 -31.72 -66.38
C HIS E 245 -23.36 -31.38 -65.73
N LEU E 246 -23.77 -32.14 -64.71
CA LEU E 246 -25.08 -31.92 -64.11
C LEU E 246 -25.16 -30.58 -63.39
N LEU E 247 -24.04 -29.89 -63.19
CA LEU E 247 -24.09 -28.60 -62.52
C LEU E 247 -24.29 -27.43 -63.47
N ASN E 248 -24.56 -27.69 -64.76
CA ASN E 248 -24.64 -26.57 -65.70
C ASN E 248 -26.08 -26.07 -65.88
N HIS E 249 -26.94 -26.91 -66.39
CA HIS E 249 -28.28 -26.47 -66.82
C HIS E 249 -29.15 -26.16 -65.60
N PRO E 250 -29.89 -25.06 -65.63
CA PRO E 250 -30.73 -24.72 -64.46
C PRO E 250 -31.65 -25.85 -64.06
N LYS E 251 -32.26 -26.50 -65.05
CA LYS E 251 -33.01 -27.71 -64.77
C LYS E 251 -32.16 -28.73 -64.04
N THR E 252 -30.95 -29.01 -64.54
CA THR E 252 -30.05 -29.91 -63.86
C THR E 252 -29.67 -29.40 -62.49
N ARG E 253 -29.36 -28.11 -62.36
CA ARG E 253 -28.95 -27.56 -61.07
C ARG E 253 -30.04 -27.72 -60.02
N GLN E 254 -31.31 -27.74 -60.42
CA GLN E 254 -32.36 -27.90 -59.42
C GLN E 254 -32.34 -29.28 -58.77
N TYR E 255 -31.69 -30.26 -59.37
CA TYR E 255 -31.78 -31.65 -58.92
C TYR E 255 -30.79 -31.97 -57.81
N VAL E 256 -29.84 -31.10 -57.54
CA VAL E 256 -28.70 -31.44 -56.69
C VAL E 256 -28.64 -30.48 -55.52
N ARG E 257 -28.22 -30.99 -54.36
CA ARG E 257 -28.22 -30.22 -53.13
C ARG E 257 -27.05 -29.23 -53.13
N ALA E 258 -26.97 -28.45 -52.05
CA ALA E 258 -26.02 -27.34 -52.04
C ALA E 258 -24.61 -27.78 -51.67
N ASP E 259 -24.42 -28.28 -50.44
CA ASP E 259 -23.09 -28.46 -49.89
C ASP E 259 -22.88 -29.84 -49.26
N VAL E 260 -23.34 -30.90 -49.91
CA VAL E 260 -23.14 -32.26 -49.41
C VAL E 260 -22.63 -33.20 -50.48
N GLU E 261 -22.77 -32.87 -51.76
CA GLU E 261 -22.57 -33.83 -52.82
C GLU E 261 -21.16 -33.77 -53.40
N LEU E 262 -20.80 -32.64 -54.02
CA LEU E 262 -19.56 -32.60 -54.79
C LEU E 262 -18.34 -32.51 -53.90
N GLU E 263 -18.36 -31.62 -52.92
CA GLU E 263 -17.28 -31.50 -51.98
C GLU E 263 -17.12 -32.72 -51.10
N ARG E 264 -17.93 -33.76 -51.29
CA ARG E 264 -17.68 -35.02 -50.62
C ARG E 264 -16.34 -35.61 -51.01
N ILE E 265 -15.97 -35.51 -52.28
CA ILE E 265 -14.82 -36.24 -52.79
C ILE E 265 -13.54 -35.88 -52.04
N LEU E 266 -13.45 -34.67 -51.52
CA LEU E 266 -12.27 -34.25 -50.76
C LEU E 266 -12.35 -34.66 -49.30
N ALA E 267 -13.18 -35.65 -48.98
CA ALA E 267 -13.35 -36.15 -47.62
C ALA E 267 -12.06 -36.64 -46.97
N PRO E 268 -11.30 -37.54 -47.60
CA PRO E 268 -10.23 -38.21 -46.85
C PRO E 268 -9.11 -37.27 -46.46
N TYR E 269 -9.09 -36.06 -46.97
CA TYR E 269 -8.11 -35.08 -46.51
C TYR E 269 -8.68 -34.17 -45.44
N THR E 270 -9.93 -33.74 -45.58
CA THR E 270 -10.52 -32.88 -44.58
C THR E 270 -10.81 -33.62 -43.28
N ASP E 271 -10.84 -34.95 -43.31
CA ASP E 271 -11.04 -35.76 -42.12
C ASP E 271 -9.69 -36.34 -41.71
N PHE E 272 -9.46 -36.42 -40.41
CA PHE E 272 -8.26 -37.09 -39.92
C PHE E 272 -8.49 -38.60 -39.84
N HIS E 273 -9.71 -39.02 -39.55
CA HIS E 273 -10.07 -40.44 -39.50
C HIS E 273 -11.28 -40.65 -40.39
N TYR E 274 -11.03 -40.95 -41.66
CA TYR E 274 -12.10 -41.24 -42.60
C TYR E 274 -12.30 -42.76 -42.69
N ARG E 275 -13.54 -43.20 -42.52
CA ARG E 275 -13.90 -44.60 -42.62
C ARG E 275 -14.91 -44.77 -43.73
N HIS E 276 -14.44 -45.17 -44.90
CA HIS E 276 -15.31 -45.24 -46.08
C HIS E 276 -16.27 -46.42 -45.99
N SER E 277 -15.79 -47.55 -45.47
CA SER E 277 -16.79 -48.61 -45.54
C SER E 277 -17.03 -49.21 -44.17
N PRO E 278 -18.27 -49.61 -43.88
CA PRO E 278 -18.55 -50.19 -42.57
C PRO E 278 -17.88 -51.54 -42.36
N ASP E 279 -18.05 -52.48 -43.28
CA ASP E 279 -17.57 -53.84 -43.12
C ASP E 279 -16.29 -54.00 -43.94
N THR E 280 -15.15 -53.86 -43.27
CA THR E 280 -13.86 -54.01 -43.93
C THR E 280 -13.01 -55.03 -43.17
N ALA E 281 -12.08 -55.63 -43.90
CA ALA E 281 -11.19 -56.61 -43.31
C ALA E 281 -10.13 -55.92 -42.46
N GLU E 282 -9.86 -56.47 -41.28
CA GLU E 282 -8.89 -55.85 -40.38
C GLU E 282 -7.49 -56.08 -40.92
N GLY E 283 -7.29 -57.20 -41.62
CA GLY E 283 -5.96 -57.58 -42.06
C GLY E 283 -5.23 -56.50 -42.82
N GLN E 284 -5.96 -55.68 -43.56
CA GLN E 284 -5.37 -54.52 -44.21
C GLN E 284 -6.18 -53.28 -43.84
N LEU E 285 -5.50 -52.27 -43.29
CA LEU E 285 -6.09 -50.96 -43.08
C LEU E 285 -5.36 -49.84 -43.80
N LYS E 286 -4.05 -49.74 -43.66
CA LYS E 286 -3.34 -48.60 -44.24
C LYS E 286 -3.44 -48.61 -45.76
N GLU E 287 -3.23 -49.77 -46.38
CA GLU E 287 -3.34 -49.88 -47.83
C GLU E 287 -4.70 -49.36 -48.31
N ASP E 288 -5.74 -49.56 -47.52
CA ASP E 288 -6.99 -48.87 -47.78
C ASP E 288 -6.78 -47.38 -47.86
N ARG E 289 -5.98 -46.82 -46.93
CA ARG E 289 -5.79 -45.38 -46.91
C ARG E 289 -5.02 -44.91 -48.13
N GLU E 290 -3.97 -45.63 -48.55
CA GLU E 290 -3.29 -45.21 -49.77
C GLU E 290 -4.20 -45.31 -50.98
N ALA E 291 -4.99 -46.37 -51.10
CA ALA E 291 -5.91 -46.46 -52.22
C ALA E 291 -6.90 -45.30 -52.21
N ARG E 292 -7.46 -45.00 -51.05
CA ARG E 292 -8.41 -43.91 -50.91
C ARG E 292 -7.76 -42.58 -51.28
N PHE E 293 -6.52 -42.37 -50.84
CA PHE E 293 -5.85 -41.11 -51.13
C PHE E 293 -5.56 -40.96 -52.61
N LEU E 294 -5.13 -42.04 -53.26
CA LEU E 294 -4.90 -41.97 -54.70
C LEU E 294 -6.18 -41.64 -55.44
N ALA E 295 -7.28 -42.32 -55.09
CA ALA E 295 -8.54 -42.05 -55.76
C ALA E 295 -8.98 -40.61 -55.54
N SER E 296 -8.92 -40.13 -54.30
CA SER E 296 -9.38 -38.79 -54.02
C SER E 296 -8.50 -37.75 -54.69
N LYS E 297 -7.18 -37.96 -54.72
CA LYS E 297 -6.29 -37.03 -55.40
C LYS E 297 -6.64 -36.94 -56.88
N MET E 298 -6.85 -38.08 -57.53
CA MET E 298 -7.14 -38.03 -58.95
C MET E 298 -8.49 -37.39 -59.21
N GLY E 299 -9.47 -37.66 -58.34
CA GLY E 299 -10.75 -36.97 -58.48
C GLY E 299 -10.61 -35.47 -58.33
N ILE E 300 -9.80 -35.03 -57.37
CA ILE E 300 -9.61 -33.60 -57.15
C ILE E 300 -8.98 -32.95 -58.37
N ILE E 301 -7.89 -33.51 -58.88
CA ILE E 301 -7.28 -32.93 -60.07
C ILE E 301 -8.20 -33.04 -61.27
N ALA E 302 -9.15 -33.98 -61.25
CA ALA E 302 -10.16 -34.04 -62.29
C ALA E 302 -11.17 -32.90 -62.20
N THR E 303 -11.66 -32.58 -61.01
CA THR E 303 -12.72 -31.59 -60.90
C THR E 303 -12.24 -30.16 -61.13
N PHE E 304 -10.96 -29.88 -60.89
CA PHE E 304 -10.47 -28.53 -61.11
C PHE E 304 -10.21 -28.21 -62.57
N ARG E 305 -10.47 -29.16 -63.47
CA ARG E 305 -10.34 -28.90 -64.90
C ARG E 305 -11.59 -28.27 -65.51
N SER E 306 -12.77 -28.67 -65.09
CA SER E 306 -14.00 -28.19 -65.68
C SER E 306 -14.41 -26.86 -65.06
N TRP E 307 -15.10 -26.04 -65.84
CA TRP E 307 -15.59 -24.77 -65.32
C TRP E 307 -16.59 -24.96 -64.20
N ALA E 308 -17.47 -25.95 -64.33
CA ALA E 308 -18.44 -26.21 -63.28
C ALA E 308 -17.77 -26.49 -61.95
N GLY E 309 -16.69 -27.26 -61.94
CA GLY E 309 -15.98 -27.52 -60.72
C GLY E 309 -15.39 -26.26 -60.15
N ILE E 310 -14.73 -25.47 -61.00
CA ILE E 310 -14.02 -24.29 -60.50
C ILE E 310 -14.99 -23.30 -59.90
N ILE E 311 -16.07 -22.99 -60.61
CA ILE E 311 -17.01 -21.99 -60.12
C ILE E 311 -17.69 -22.48 -58.85
N ASN E 312 -18.14 -23.73 -58.84
CA ASN E 312 -18.84 -24.26 -57.68
C ASN E 312 -17.95 -24.36 -56.46
N LEU E 313 -16.69 -24.75 -56.63
CA LEU E 313 -15.82 -25.03 -55.51
C LEU E 313 -15.23 -23.78 -54.89
N CYS E 314 -15.49 -22.60 -55.44
CA CYS E 314 -14.95 -21.36 -54.92
C CYS E 314 -16.06 -20.32 -54.71
N LYS E 315 -17.21 -20.76 -54.21
CA LYS E 315 -18.28 -19.82 -53.96
C LYS E 315 -17.88 -18.85 -52.84
N PRO E 316 -18.49 -17.66 -52.80
CA PRO E 316 -18.14 -16.70 -51.75
C PRO E 316 -18.42 -17.21 -50.35
N GLY E 317 -19.29 -18.20 -50.19
CA GLY E 317 -19.54 -18.81 -48.90
C GLY E 317 -18.37 -19.63 -48.42
N ASN E 318 -18.63 -20.46 -47.40
CA ASN E 318 -17.59 -21.29 -46.81
C ASN E 318 -17.41 -22.55 -47.66
N SER E 319 -16.97 -22.32 -48.90
CA SER E 319 -16.78 -23.42 -49.84
C SER E 319 -15.61 -24.28 -49.39
N GLY E 320 -15.58 -25.50 -49.92
CA GLY E 320 -14.57 -26.47 -49.56
C GLY E 320 -13.15 -26.05 -49.84
N ILE E 321 -12.91 -25.26 -50.88
CA ILE E 321 -11.54 -24.88 -51.19
C ILE E 321 -10.92 -24.09 -50.05
N GLN E 322 -11.72 -23.27 -49.34
CA GLN E 322 -11.24 -22.65 -48.12
C GLN E 322 -10.92 -23.71 -47.08
N SER E 323 -11.75 -24.75 -46.97
CA SER E 323 -11.50 -25.82 -46.02
C SER E 323 -10.18 -26.54 -46.32
N LEU E 324 -9.90 -26.83 -47.59
CA LEU E 324 -8.62 -27.45 -47.93
C LEU E 324 -7.45 -26.63 -47.44
N ILE E 325 -7.42 -25.34 -47.75
CA ILE E 325 -6.32 -24.49 -47.33
C ILE E 325 -6.25 -24.42 -45.81
N GLY E 326 -7.40 -24.35 -45.14
CA GLY E 326 -7.39 -24.30 -43.69
C GLY E 326 -6.80 -25.54 -43.05
N VAL E 327 -7.06 -26.72 -43.64
CA VAL E 327 -6.43 -27.94 -43.17
C VAL E 327 -4.92 -27.89 -43.28
N LEU E 328 -4.40 -27.23 -44.31
CA LEU E 328 -2.97 -27.25 -44.61
C LEU E 328 -2.11 -26.78 -43.45
N CYS E 329 -2.66 -25.97 -42.55
CA CYS E 329 -1.89 -25.42 -41.45
C CYS E 329 -2.14 -26.14 -40.12
N ILE E 330 -2.39 -27.44 -40.15
CA ILE E 330 -2.45 -28.27 -38.96
C ILE E 330 -1.24 -29.19 -38.98
N PRO E 331 -0.52 -29.33 -37.89
CA PRO E 331 0.64 -30.24 -37.90
C PRO E 331 0.26 -31.70 -37.89
N ASN E 332 -0.05 -32.26 -39.05
CA ASN E 332 -0.25 -33.70 -39.20
C ASN E 332 0.71 -34.15 -40.29
N MET E 333 1.60 -35.08 -39.95
CA MET E 333 2.83 -35.32 -40.68
C MET E 333 2.61 -35.84 -42.09
N GLU E 334 1.52 -36.55 -42.34
CA GLU E 334 1.31 -37.13 -43.67
C GLU E 334 0.33 -36.32 -44.50
N ILE E 335 -0.62 -35.67 -43.84
CA ILE E 335 -1.57 -34.83 -44.57
C ILE E 335 -0.84 -33.71 -45.29
N ARG E 336 0.08 -33.03 -44.60
CA ARG E 336 0.84 -31.99 -45.27
C ARG E 336 1.75 -32.57 -46.34
N ARG E 337 2.06 -33.87 -46.29
CA ARG E 337 2.67 -34.48 -47.45
C ARG E 337 1.67 -35.26 -48.30
N GLY E 338 0.38 -35.01 -48.11
CA GLY E 338 -0.61 -35.48 -49.04
C GLY E 338 -1.02 -34.37 -49.98
N LEU E 339 -1.11 -33.15 -49.45
CA LEU E 339 -1.63 -32.04 -50.25
C LEU E 339 -0.63 -31.56 -51.29
N LEU E 340 0.66 -31.66 -51.00
CA LEU E 340 1.64 -31.07 -51.91
C LEU E 340 1.64 -31.77 -53.26
N GLU E 341 1.40 -33.07 -53.28
CA GLU E 341 1.30 -33.75 -54.56
C GLU E 341 0.16 -33.17 -55.38
N VAL E 342 -1.01 -33.02 -54.75
CA VAL E 342 -2.15 -32.44 -55.44
C VAL E 342 -1.78 -31.08 -56.00
N LEU E 343 -1.12 -30.26 -55.20
CA LEU E 343 -0.73 -28.95 -55.70
C LEU E 343 0.19 -29.04 -56.90
N TYR E 344 1.20 -29.92 -56.85
CA TYR E 344 2.12 -30.01 -57.99
C TYR E 344 1.40 -30.43 -59.26
N ASP E 345 0.66 -31.53 -59.21
CA ASP E 345 0.08 -31.95 -60.49
C ASP E 345 -1.17 -31.18 -60.87
N ILE E 346 -1.71 -30.35 -59.99
CA ILE E 346 -2.63 -29.34 -60.46
C ILE E 346 -1.91 -28.36 -61.37
N PHE E 347 -0.79 -27.80 -60.90
CA PHE E 347 0.01 -26.87 -61.69
C PHE E 347 0.93 -27.58 -62.65
N ARG E 348 0.88 -28.90 -62.71
CA ARG E 348 1.54 -29.67 -63.75
C ARG E 348 3.05 -29.44 -63.72
N LEU E 349 3.57 -29.32 -62.56
CA LEU E 349 4.95 -29.15 -62.17
C LEU E 349 5.66 -30.49 -62.06
N PRO E 350 6.99 -30.50 -62.17
CA PRO E 350 7.74 -31.74 -61.95
C PRO E 350 8.06 -31.94 -60.48
N LEU E 351 7.69 -33.10 -59.97
CA LEU E 351 7.91 -33.39 -58.56
C LEU E 351 9.40 -33.52 -58.27
N PRO E 352 9.83 -33.11 -57.08
CA PRO E 352 11.21 -33.37 -56.67
C PRO E 352 11.31 -34.69 -55.91
N VAL E 353 12.51 -35.25 -55.92
CA VAL E 353 12.77 -36.45 -55.15
C VAL E 353 12.81 -36.08 -53.68
N VAL E 354 12.21 -36.93 -52.85
CA VAL E 354 12.16 -36.68 -51.41
C VAL E 354 13.60 -36.70 -50.90
N THR E 355 13.98 -35.66 -50.15
CA THR E 355 15.35 -35.50 -49.69
C THR E 355 15.38 -34.49 -48.56
N GLU E 356 16.32 -34.69 -47.62
CA GLU E 356 16.48 -33.79 -46.49
C GLU E 356 17.34 -32.57 -46.79
N GLU E 357 17.92 -32.49 -47.98
CA GLU E 357 18.82 -31.39 -48.32
C GLU E 357 18.30 -30.66 -49.54
N PHE E 358 18.36 -29.33 -49.49
CA PHE E 358 17.72 -28.51 -50.52
C PHE E 358 18.40 -28.64 -51.88
N ILE E 359 19.72 -28.47 -51.94
CA ILE E 359 20.38 -28.27 -53.23
C ILE E 359 20.25 -29.48 -54.14
N GLU E 360 20.18 -30.69 -53.59
CA GLU E 360 19.93 -31.87 -54.41
C GLU E 360 18.54 -31.83 -55.03
N ALA E 361 17.52 -31.57 -54.22
CA ALA E 361 16.17 -31.42 -54.75
C ALA E 361 16.10 -30.34 -55.81
N LEU E 362 16.91 -29.28 -55.67
CA LEU E 362 16.92 -28.25 -56.70
C LEU E 362 17.32 -28.82 -58.05
N LEU E 363 18.45 -29.51 -58.12
CA LEU E 363 18.89 -30.09 -59.37
C LEU E 363 17.91 -31.14 -59.89
N SER E 364 17.25 -31.84 -58.97
CA SER E 364 16.35 -32.90 -59.37
C SER E 364 15.22 -32.43 -60.26
N VAL E 365 14.89 -31.14 -60.24
CA VAL E 365 13.80 -30.61 -61.05
C VAL E 365 14.27 -29.50 -61.99
N ASP E 366 15.55 -29.44 -62.28
CA ASP E 366 16.05 -28.50 -63.27
C ASP E 366 15.45 -28.85 -64.62
N PRO E 367 14.94 -27.87 -65.38
CA PRO E 367 14.40 -28.20 -66.70
C PRO E 367 15.43 -28.74 -67.66
N GLY E 368 16.71 -28.48 -67.42
CA GLY E 368 17.76 -28.98 -68.31
C GLY E 368 18.20 -30.37 -67.94
N ARG E 369 17.44 -31.04 -67.10
CA ARG E 369 17.73 -32.40 -66.71
C ARG E 369 17.67 -33.33 -67.91
N PHE E 370 18.57 -34.33 -67.92
CA PHE E 370 18.64 -35.28 -69.01
C PHE E 370 17.36 -36.08 -69.13
N GLN E 371 17.02 -36.47 -70.35
CA GLN E 371 15.86 -37.30 -70.62
C GLN E 371 16.28 -38.54 -71.37
N ASP E 372 15.69 -39.68 -70.97
CA ASP E 372 16.02 -40.96 -71.56
C ASP E 372 15.82 -40.99 -73.07
N SER E 373 14.80 -40.30 -73.58
CA SER E 373 14.52 -40.32 -75.00
C SER E 373 15.57 -39.59 -75.82
N TRP E 374 16.48 -38.87 -75.18
CA TRP E 374 17.47 -38.08 -75.88
C TRP E 374 18.71 -38.87 -76.25
N ARG E 375 18.76 -40.15 -75.92
CA ARG E 375 19.88 -40.98 -76.35
C ARG E 375 19.90 -41.10 -77.87
N LEU E 376 21.00 -41.64 -78.38
CA LEU E 376 21.16 -41.79 -79.82
C LEU E 376 20.01 -42.58 -80.44
N SER E 377 19.71 -43.74 -79.88
CA SER E 377 18.79 -44.65 -80.55
C SER E 377 17.38 -44.08 -80.60
N ASP E 378 17.01 -43.22 -79.65
CA ASP E 378 15.60 -42.91 -79.44
C ASP E 378 15.15 -41.67 -80.19
N GLY E 379 15.67 -40.51 -79.81
CA GLY E 379 15.16 -39.24 -80.28
C GLY E 379 16.27 -38.25 -80.60
N PHE E 380 17.37 -38.75 -81.16
CA PHE E 380 18.71 -38.23 -80.94
C PHE E 380 18.80 -36.73 -80.71
N VAL E 381 18.18 -35.92 -81.57
CA VAL E 381 18.33 -34.48 -81.43
C VAL E 381 16.98 -33.76 -81.37
N ALA E 382 16.10 -34.06 -82.31
CA ALA E 382 14.92 -33.23 -82.52
C ALA E 382 14.07 -33.13 -81.26
N ALA E 383 13.85 -34.25 -80.58
CA ALA E 383 13.06 -34.22 -79.34
C ALA E 383 13.71 -33.34 -78.29
N GLU E 384 15.02 -33.50 -78.09
CA GLU E 384 15.72 -32.69 -77.09
C GLU E 384 15.71 -31.22 -77.48
N ALA E 385 15.93 -30.93 -78.76
CA ALA E 385 15.85 -29.55 -79.23
C ALA E 385 14.45 -28.98 -79.06
N LYS E 386 13.43 -29.83 -79.02
CA LYS E 386 12.10 -29.34 -78.71
C LYS E 386 12.04 -28.74 -77.31
N THR E 387 12.70 -29.38 -76.35
CA THR E 387 12.60 -28.93 -74.97
C THR E 387 13.54 -27.76 -74.68
N ILE E 388 14.79 -27.85 -75.11
CA ILE E 388 15.77 -26.89 -74.60
C ILE E 388 15.64 -25.53 -75.28
N LEU E 389 15.63 -25.49 -76.61
CA LEU E 389 15.56 -24.15 -77.18
C LEU E 389 14.12 -23.62 -77.14
N PRO E 390 13.94 -22.31 -76.96
CA PRO E 390 12.61 -21.76 -76.77
C PRO E 390 11.80 -21.68 -78.05
N HIS E 391 10.48 -21.57 -77.87
CA HIS E 391 9.56 -21.49 -78.98
C HIS E 391 9.76 -20.21 -79.79
N ARG E 392 9.34 -20.24 -81.05
CA ARG E 392 9.52 -19.14 -81.97
C ARG E 392 8.37 -18.13 -82.00
N ALA E 393 7.27 -18.42 -81.33
CA ALA E 393 6.11 -17.54 -81.34
C ALA E 393 6.41 -16.29 -80.52
N ARG E 394 6.01 -15.13 -81.05
CA ARG E 394 6.16 -13.87 -80.36
C ARG E 394 4.85 -13.25 -79.92
N SER E 395 3.73 -13.61 -80.55
CA SER E 395 2.47 -12.96 -80.25
C SER E 395 1.28 -13.92 -80.21
N ARG E 396 1.51 -15.21 -80.34
CA ARG E 396 0.39 -16.15 -80.27
C ARG E 396 -0.07 -16.31 -78.82
N PRO E 397 -1.36 -16.59 -78.61
CA PRO E 397 -1.92 -16.43 -77.26
C PRO E 397 -1.45 -17.45 -76.22
N ASP E 398 -1.46 -18.74 -76.55
CA ASP E 398 -1.13 -19.82 -75.59
C ASP E 398 -2.08 -19.79 -74.39
N LEU E 399 -3.34 -20.13 -74.68
CA LEU E 399 -4.40 -20.21 -73.68
C LEU E 399 -4.01 -20.97 -72.41
N MET E 400 -3.06 -21.90 -72.51
CA MET E 400 -2.72 -22.71 -71.35
C MET E 400 -2.26 -21.83 -70.21
N ASP E 401 -1.40 -20.85 -70.51
CA ASP E 401 -0.99 -19.88 -69.51
C ASP E 401 -2.18 -19.07 -69.01
N ASN E 402 -3.17 -18.82 -69.87
CA ASN E 402 -4.36 -18.11 -69.41
C ASN E 402 -5.08 -18.90 -68.32
N TYR E 403 -5.28 -20.19 -68.56
CA TYR E 403 -5.92 -21.04 -67.55
C TYR E 403 -5.11 -21.08 -66.27
N LEU E 404 -3.80 -21.23 -66.39
CA LEU E 404 -2.97 -21.27 -65.20
C LEU E 404 -3.02 -19.95 -64.44
N ALA E 405 -3.07 -18.83 -65.14
CA ALA E 405 -3.21 -17.54 -64.47
C ALA E 405 -4.51 -17.47 -63.71
N LEU E 406 -5.60 -17.96 -64.32
CA LEU E 406 -6.88 -17.94 -63.62
C LEU E 406 -6.81 -18.76 -62.34
N ILE E 407 -6.28 -19.99 -62.43
CA ILE E 407 -6.22 -20.83 -61.23
C ILE E 407 -5.32 -20.21 -60.18
N LEU E 408 -4.19 -19.67 -60.61
CA LEU E 408 -3.27 -19.03 -59.68
C LEU E 408 -3.95 -17.89 -58.94
N SER E 409 -4.68 -17.04 -59.66
CA SER E 409 -5.37 -15.95 -58.99
C SER E 409 -6.41 -16.49 -58.03
N ALA E 410 -7.09 -17.57 -58.42
CA ALA E 410 -8.07 -18.17 -57.52
C ALA E 410 -7.44 -18.60 -56.22
N PHE E 411 -6.27 -19.23 -56.27
CA PHE E 411 -5.59 -19.60 -55.03
C PHE E 411 -5.07 -18.39 -54.28
N ILE E 412 -4.57 -17.38 -54.99
CA ILE E 412 -4.04 -16.19 -54.32
C ILE E 412 -5.13 -15.53 -53.51
N ARG E 413 -6.36 -15.53 -54.01
CA ARG E 413 -7.44 -14.85 -53.29
C ARG E 413 -7.63 -15.43 -51.90
N ASN E 414 -7.55 -16.74 -51.75
CA ASN E 414 -7.85 -17.39 -50.48
C ASN E 414 -6.62 -17.60 -49.61
N GLY E 415 -5.61 -16.74 -49.73
CA GLY E 415 -4.50 -16.74 -48.80
C GLY E 415 -3.70 -18.02 -48.78
N LEU E 416 -3.42 -18.57 -49.96
CA LEU E 416 -2.63 -19.78 -50.04
C LEU E 416 -1.20 -19.57 -49.53
N LEU E 417 -0.60 -18.43 -49.86
CA LEU E 417 0.78 -18.18 -49.46
C LEU E 417 0.93 -18.21 -47.95
N GLU E 418 -0.10 -17.79 -47.22
CA GLU E 418 0.00 -17.83 -45.76
C GLU E 418 0.22 -19.24 -45.28
N GLY E 419 -0.60 -20.18 -45.74
CA GLY E 419 -0.41 -21.57 -45.36
C GLY E 419 0.91 -22.13 -45.85
N LEU E 420 1.33 -21.74 -47.05
CA LEU E 420 2.63 -22.19 -47.53
C LEU E 420 3.75 -21.77 -46.59
N VAL E 421 3.74 -20.51 -46.17
CA VAL E 421 4.78 -20.04 -45.26
C VAL E 421 4.67 -20.77 -43.93
N GLU E 422 3.45 -21.01 -43.46
CA GLU E 422 3.26 -21.75 -42.24
C GLU E 422 3.90 -23.13 -42.31
N VAL E 423 3.70 -23.83 -43.42
CA VAL E 423 4.29 -25.16 -43.57
C VAL E 423 5.80 -25.08 -43.68
N ILE E 424 6.31 -24.09 -44.43
CA ILE E 424 7.76 -23.95 -44.57
C ILE E 424 8.39 -23.74 -43.21
N THR E 425 7.75 -22.95 -42.34
CA THR E 425 8.32 -22.66 -41.04
C THR E 425 8.21 -23.84 -40.09
N ASN E 426 6.98 -24.23 -39.74
CA ASN E 426 6.77 -25.18 -38.65
C ASN E 426 6.42 -26.55 -39.21
N SER E 427 7.47 -27.32 -39.53
CA SER E 427 7.29 -28.69 -40.00
C SER E 427 8.66 -29.37 -40.04
N ASP E 428 8.65 -30.58 -40.60
CA ASP E 428 9.87 -31.35 -40.81
C ASP E 428 10.58 -30.87 -42.07
N ASP E 429 11.85 -31.27 -42.20
CA ASP E 429 12.66 -30.85 -43.33
C ASP E 429 12.22 -31.51 -44.63
N HIS E 430 11.92 -32.81 -44.57
CA HIS E 430 11.40 -33.54 -45.73
C HIS E 430 10.25 -32.79 -46.38
N ILE E 431 9.50 -32.02 -45.60
CA ILE E 431 8.35 -31.32 -46.13
C ILE E 431 8.69 -29.86 -46.40
N SER E 432 9.61 -29.30 -45.62
CA SER E 432 10.02 -27.92 -45.83
C SER E 432 10.63 -27.73 -47.21
N VAL E 433 11.47 -28.68 -47.64
CA VAL E 433 12.06 -28.55 -48.97
C VAL E 433 10.98 -28.56 -50.04
N ARG E 434 9.99 -29.44 -49.91
CA ARG E 434 8.94 -29.51 -50.91
C ARG E 434 8.15 -28.21 -50.97
N ALA E 435 7.77 -27.70 -49.81
CA ALA E 435 7.00 -26.46 -49.79
C ALA E 435 7.81 -25.28 -50.33
N THR E 436 9.09 -25.21 -49.98
CA THR E 436 9.93 -24.14 -50.49
C THR E 436 10.03 -24.18 -52.00
N ILE E 437 10.23 -25.37 -52.56
CA ILE E 437 10.31 -25.48 -54.01
C ILE E 437 9.00 -25.05 -54.65
N LEU E 438 7.87 -25.46 -54.08
CA LEU E 438 6.60 -25.03 -54.66
C LEU E 438 6.49 -23.52 -54.64
N LEU E 439 6.85 -22.89 -53.51
CA LEU E 439 6.73 -21.45 -53.40
C LEU E 439 7.59 -20.74 -54.43
N GLY E 440 8.83 -21.19 -54.59
CA GLY E 440 9.70 -20.59 -55.58
C GLY E 440 9.13 -20.72 -56.98
N GLU E 441 8.66 -21.91 -57.33
CA GLU E 441 8.12 -22.09 -58.67
C GLU E 441 6.91 -21.21 -58.91
N LEU E 442 6.02 -21.11 -57.93
CA LEU E 442 4.84 -20.27 -58.10
C LEU E 442 5.24 -18.82 -58.28
N LEU E 443 6.19 -18.34 -57.50
CA LEU E 443 6.63 -16.96 -57.65
C LEU E 443 7.23 -16.73 -59.03
N HIS E 444 8.02 -17.68 -59.53
CA HIS E 444 8.58 -17.52 -60.87
C HIS E 444 7.49 -17.48 -61.92
N MET E 445 6.44 -18.28 -61.76
CA MET E 445 5.29 -18.13 -62.65
C MET E 445 4.64 -16.77 -62.52
N ALA E 446 4.67 -16.18 -61.31
CA ALA E 446 3.94 -14.95 -61.07
C ALA E 446 4.40 -13.83 -62.01
N ASN E 447 5.65 -13.40 -61.88
CA ASN E 447 6.12 -12.31 -62.72
C ASN E 447 6.27 -12.70 -64.17
N THR E 448 5.80 -13.89 -64.56
CA THR E 448 5.91 -14.31 -65.95
C THR E 448 4.56 -14.29 -66.65
N ILE E 449 3.50 -14.75 -65.99
CA ILE E 449 2.17 -14.70 -66.59
C ILE E 449 1.18 -13.91 -65.73
N LEU E 450 1.66 -13.08 -64.84
CA LEU E 450 0.55 -12.49 -64.11
C LEU E 450 0.50 -10.99 -64.35
N PRO E 451 -0.69 -10.42 -64.54
CA PRO E 451 -0.79 -8.97 -64.76
C PRO E 451 -0.26 -8.20 -63.57
N HIS E 452 0.24 -6.99 -63.86
CA HIS E 452 1.05 -6.26 -62.88
C HIS E 452 0.30 -6.01 -61.59
N SER E 453 -0.94 -5.50 -61.68
CA SER E 453 -1.66 -5.10 -60.47
C SER E 453 -1.81 -6.25 -59.49
N HIS E 454 -2.06 -7.46 -59.99
CA HIS E 454 -2.15 -8.61 -59.10
C HIS E 454 -0.80 -9.24 -58.81
N SER E 455 0.28 -8.67 -59.35
CA SER E 455 1.62 -9.21 -59.15
C SER E 455 2.58 -8.19 -58.59
N HIS E 456 2.12 -6.97 -58.31
CA HIS E 456 3.01 -5.93 -57.84
C HIS E 456 3.21 -5.94 -56.33
N HIS E 457 2.39 -6.67 -55.58
CA HIS E 457 2.49 -6.70 -54.12
C HIS E 457 2.72 -8.10 -53.57
N LEU E 458 2.43 -9.14 -54.36
CA LEU E 458 2.69 -10.49 -53.88
C LEU E 458 4.16 -10.73 -53.61
N HIS E 459 5.03 -10.30 -54.50
CA HIS E 459 6.44 -10.63 -54.38
C HIS E 459 7.11 -9.96 -53.21
N CYS E 460 6.41 -9.08 -52.49
CA CYS E 460 7.01 -8.45 -51.32
C CYS E 460 7.21 -9.45 -50.19
N LEU E 461 6.38 -10.50 -50.13
CA LEU E 461 6.45 -11.55 -49.12
C LEU E 461 6.34 -10.95 -47.72
N PRO E 462 5.17 -10.47 -47.35
CA PRO E 462 5.06 -9.81 -46.04
C PRO E 462 5.29 -10.73 -44.86
N THR E 463 4.51 -11.80 -44.73
CA THR E 463 4.49 -12.57 -43.49
C THR E 463 5.82 -13.23 -43.19
N LEU E 464 6.40 -13.92 -44.16
CA LEU E 464 7.71 -14.51 -43.98
C LEU E 464 8.75 -13.49 -43.57
N MET E 465 8.82 -12.37 -44.29
CA MET E 465 9.82 -11.37 -43.99
C MET E 465 9.64 -10.79 -42.61
N ASN E 466 8.39 -10.56 -42.20
CA ASN E 466 8.09 -10.05 -40.88
C ASN E 466 8.57 -10.99 -39.78
N MET E 467 8.30 -12.29 -39.92
CA MET E 467 8.79 -13.25 -38.94
C MET E 467 10.31 -13.34 -38.98
N ALA E 468 10.91 -13.07 -40.13
CA ALA E 468 12.35 -13.20 -40.29
C ALA E 468 13.15 -12.24 -39.43
N ALA E 469 12.56 -11.12 -39.02
CA ALA E 469 13.28 -10.10 -38.27
C ALA E 469 12.76 -9.89 -36.86
N SER E 470 11.89 -10.75 -36.36
CA SER E 470 11.39 -10.66 -35.01
C SER E 470 12.44 -11.18 -34.06
N PHE E 471 12.80 -10.39 -33.05
CA PHE E 471 13.88 -10.71 -32.13
C PHE E 471 13.38 -11.25 -30.81
N ASP E 472 12.09 -11.54 -30.72
CA ASP E 472 11.49 -12.08 -29.50
C ASP E 472 10.99 -13.51 -29.66
N ILE E 473 10.79 -13.95 -30.89
CA ILE E 473 10.33 -15.31 -31.19
C ILE E 473 11.47 -16.29 -30.95
N PRO E 474 11.19 -17.58 -30.77
CA PRO E 474 12.27 -18.57 -30.68
C PRO E 474 13.13 -18.58 -31.93
N LYS E 475 14.42 -18.77 -31.73
CA LYS E 475 15.39 -18.51 -32.79
C LYS E 475 15.30 -19.51 -33.94
N GLU E 476 14.79 -20.71 -33.69
CA GLU E 476 14.69 -21.71 -34.74
C GLU E 476 13.92 -21.18 -35.95
N LYS E 477 12.73 -20.62 -35.71
CA LYS E 477 11.94 -20.07 -36.81
C LYS E 477 12.74 -19.01 -37.54
N ARG E 478 13.41 -18.13 -36.81
CA ARG E 478 14.15 -17.06 -37.45
C ARG E 478 15.21 -17.61 -38.40
N LEU E 479 16.04 -18.52 -37.92
CA LEU E 479 17.14 -18.97 -38.77
C LEU E 479 16.61 -19.80 -39.94
N ARG E 480 15.59 -20.63 -39.71
CA ARG E 480 15.11 -21.42 -40.82
C ARG E 480 14.43 -20.53 -41.88
N ALA E 481 13.76 -19.46 -41.46
CA ALA E 481 13.21 -18.53 -42.44
C ALA E 481 14.32 -17.85 -43.22
N SER E 482 15.41 -17.47 -42.55
CA SER E 482 16.53 -16.90 -43.26
C SER E 482 17.07 -17.86 -44.31
N ALA E 483 17.27 -19.12 -43.94
CA ALA E 483 17.75 -20.10 -44.90
C ALA E 483 16.77 -20.29 -46.04
N ALA E 484 15.47 -20.24 -45.73
CA ALA E 484 14.46 -20.36 -46.78
C ALA E 484 14.59 -19.23 -47.78
N LEU E 485 14.80 -18.01 -47.29
CA LEU E 485 14.98 -16.89 -48.21
C LEU E 485 16.22 -17.08 -49.07
N ASN E 486 17.31 -17.58 -48.48
CA ASN E 486 18.51 -17.83 -49.26
C ASN E 486 18.22 -18.82 -50.38
N CYS E 487 17.52 -19.90 -50.04
CA CYS E 487 17.16 -20.89 -51.05
C CYS E 487 16.30 -20.28 -52.15
N LEU E 488 15.35 -19.42 -51.78
CA LEU E 488 14.52 -18.78 -52.78
C LEU E 488 15.35 -17.94 -53.73
N LYS E 489 16.30 -17.18 -53.21
CA LYS E 489 17.15 -16.38 -54.09
C LYS E 489 17.92 -17.27 -55.05
N ARG E 490 18.55 -18.32 -54.54
CA ARG E 490 19.33 -19.18 -55.42
C ARG E 490 18.45 -19.86 -56.45
N PHE E 491 17.24 -20.23 -56.06
CA PHE E 491 16.27 -20.76 -57.02
C PHE E 491 16.02 -19.77 -58.15
N HIS E 492 15.75 -18.52 -57.81
CA HIS E 492 15.46 -17.54 -58.85
C HIS E 492 16.68 -17.32 -59.74
N GLU E 493 17.87 -17.33 -59.14
CA GLU E 493 19.07 -17.16 -59.94
C GLU E 493 19.22 -18.30 -60.92
N MET E 494 18.91 -19.52 -60.49
CA MET E 494 18.98 -20.65 -61.40
C MET E 494 17.94 -20.50 -62.50
N LYS E 495 16.79 -19.93 -62.17
CA LYS E 495 15.81 -19.63 -63.21
C LYS E 495 16.39 -18.69 -64.25
N LYS E 496 17.07 -17.63 -63.82
CA LYS E 496 17.65 -16.74 -64.83
C LYS E 496 18.87 -17.35 -65.53
N ARG E 497 19.42 -18.43 -64.97
CA ARG E 497 20.52 -19.13 -65.64
C ARG E 497 20.11 -19.60 -67.03
N GLY E 498 18.97 -20.27 -67.12
CA GLY E 498 18.47 -20.76 -68.39
C GLY E 498 18.94 -22.16 -68.69
N PRO E 499 18.16 -22.91 -69.47
CA PRO E 499 18.56 -24.29 -69.82
C PRO E 499 19.77 -24.30 -70.73
N LYS E 500 20.64 -25.28 -70.53
CA LYS E 500 21.84 -25.39 -71.34
C LYS E 500 22.04 -26.82 -71.84
N PRO E 501 22.58 -26.97 -73.05
CA PRO E 501 22.61 -28.30 -73.69
C PRO E 501 23.51 -29.29 -72.96
N TYR E 502 23.12 -30.56 -73.00
CA TYR E 502 23.98 -31.61 -72.49
C TYR E 502 24.71 -32.34 -73.60
N SER E 503 24.02 -32.60 -74.72
CA SER E 503 24.66 -33.19 -75.87
C SER E 503 25.62 -32.20 -76.53
N LEU E 504 26.62 -32.74 -77.21
CA LEU E 504 27.63 -31.90 -77.84
C LEU E 504 27.15 -31.24 -79.11
N HIS E 505 26.31 -31.92 -79.90
CA HIS E 505 25.93 -31.40 -81.21
C HIS E 505 25.18 -30.09 -81.09
N LEU E 506 24.16 -30.04 -80.24
CA LEU E 506 23.37 -28.81 -80.14
C LEU E 506 24.22 -27.65 -79.65
N ASP E 507 25.11 -27.92 -78.69
CA ASP E 507 25.98 -26.86 -78.20
C ASP E 507 26.87 -26.34 -79.31
N HIS E 508 27.42 -27.24 -80.12
CA HIS E 508 28.25 -26.81 -81.24
C HIS E 508 27.44 -26.01 -82.25
N ILE E 509 26.20 -26.45 -82.52
CA ILE E 509 25.37 -25.76 -83.51
C ILE E 509 25.06 -24.35 -83.06
N ILE E 510 24.63 -24.19 -81.81
CA ILE E 510 24.34 -22.86 -81.31
C ILE E 510 25.62 -22.04 -81.23
N GLN E 511 26.76 -22.69 -81.00
CA GLN E 511 28.02 -21.97 -81.01
C GLN E 511 28.29 -21.36 -82.37
N LYS E 512 28.17 -22.15 -83.43
CA LYS E 512 28.34 -21.60 -84.77
C LYS E 512 27.31 -20.52 -85.08
N ALA E 513 26.07 -20.73 -84.66
CA ALA E 513 25.02 -19.75 -84.95
C ALA E 513 25.35 -18.41 -84.32
N ILE E 514 25.64 -18.40 -83.02
CA ILE E 514 25.96 -17.15 -82.36
C ILE E 514 27.24 -16.55 -82.95
N ALA E 515 28.19 -17.41 -83.36
CA ALA E 515 29.41 -16.90 -83.95
C ALA E 515 29.14 -16.15 -85.26
N THR E 516 28.36 -16.75 -86.14
CA THR E 516 28.10 -16.11 -87.43
C THR E 516 27.24 -14.86 -87.26
N HIS E 517 26.29 -14.88 -86.31
CA HIS E 517 25.48 -13.68 -86.12
C HIS E 517 26.28 -12.57 -85.46
N GLN E 518 27.25 -12.91 -84.61
CA GLN E 518 28.17 -11.91 -84.09
C GLN E 518 29.05 -11.36 -85.20
N LYS E 519 29.57 -12.22 -86.06
CA LYS E 519 30.39 -11.78 -87.18
C LYS E 519 29.60 -10.92 -88.16
N ARG E 520 28.28 -11.07 -88.19
CA ARG E 520 27.45 -10.21 -89.01
C ARG E 520 27.61 -8.75 -88.62
N ASP E 521 27.49 -8.44 -87.33
CA ASP E 521 27.45 -7.06 -86.83
C ASP E 521 28.71 -6.79 -86.02
N GLN E 522 29.45 -5.75 -86.42
CA GLN E 522 30.69 -5.39 -85.74
C GLN E 522 30.55 -4.06 -85.02
N ILE E 532 44.73 -12.60 -74.80
CA ILE E 532 45.47 -11.84 -75.80
C ILE E 532 46.92 -11.63 -75.35
N LEU E 533 47.59 -12.73 -75.03
CA LEU E 533 48.98 -12.71 -74.61
C LEU E 533 49.84 -13.44 -75.64
N LYS E 534 51.01 -12.88 -75.91
CA LYS E 534 51.85 -13.37 -76.99
C LYS E 534 52.42 -14.75 -76.67
N ASP E 535 53.23 -14.85 -75.61
CA ASP E 535 53.75 -16.14 -75.15
C ASP E 535 54.55 -16.84 -76.25
N THR E 536 55.71 -16.28 -76.59
CA THR E 536 56.47 -16.80 -77.73
C THR E 536 57.10 -18.15 -77.41
N GLU E 537 58.02 -18.20 -76.45
CA GLU E 537 58.81 -19.41 -76.24
C GLU E 537 58.96 -19.85 -74.79
N GLU E 538 59.09 -18.92 -73.84
CA GLU E 538 59.54 -19.26 -72.50
C GLU E 538 58.49 -20.07 -71.73
N ALA E 539 57.31 -19.48 -71.50
CA ALA E 539 56.26 -20.23 -70.83
C ALA E 539 55.78 -21.40 -71.68
N LEU E 540 55.93 -21.29 -73.00
CA LEU E 540 55.69 -22.43 -73.87
C LEU E 540 56.53 -23.62 -73.45
N LEU E 541 57.85 -23.41 -73.34
CA LEU E 541 58.74 -24.48 -72.90
C LEU E 541 58.39 -24.93 -71.49
N ILE E 542 58.12 -23.98 -70.60
CA ILE E 542 57.73 -24.32 -69.23
C ILE E 542 56.60 -25.33 -69.23
N ASN E 543 55.49 -24.98 -69.86
CA ASN E 543 54.31 -25.84 -69.81
C ASN E 543 54.54 -27.16 -70.54
N LEU E 544 55.08 -27.11 -71.76
CA LEU E 544 55.23 -28.37 -72.50
C LEU E 544 56.19 -29.31 -71.79
N ARG E 545 57.22 -28.79 -71.14
CA ARG E 545 58.02 -29.60 -70.23
C ARG E 545 57.17 -30.16 -69.11
N ASP E 546 56.34 -29.32 -68.50
CA ASP E 546 55.46 -29.76 -67.44
C ASP E 546 54.31 -30.62 -67.95
N SER E 547 54.13 -30.73 -69.26
CA SER E 547 52.98 -31.41 -69.82
C SER E 547 52.99 -32.92 -69.58
N GLN E 548 54.10 -33.49 -69.10
CA GLN E 548 54.19 -34.89 -68.72
C GLN E 548 53.94 -35.85 -69.87
N VAL E 549 53.80 -35.35 -71.09
CA VAL E 549 53.49 -36.23 -72.22
C VAL E 549 54.76 -36.84 -72.80
N LEU E 550 55.85 -36.09 -72.81
CA LEU E 550 57.07 -36.55 -73.47
C LEU E 550 57.74 -37.71 -72.74
N GLN E 551 57.40 -37.92 -71.47
CA GLN E 551 58.00 -39.01 -70.71
C GLN E 551 57.62 -40.35 -71.33
N HIS E 552 56.38 -40.51 -71.74
CA HIS E 552 55.90 -41.81 -72.19
C HIS E 552 54.59 -41.65 -72.96
N LYS E 553 54.29 -42.63 -73.81
CA LYS E 553 53.11 -42.59 -74.65
C LYS E 553 51.87 -43.22 -74.01
N GLU E 554 52.00 -43.79 -72.82
CA GLU E 554 50.85 -44.37 -72.14
C GLU E 554 49.82 -43.29 -71.84
N ASN E 555 48.57 -43.53 -72.22
CA ASN E 555 47.48 -42.61 -71.96
C ASN E 555 47.19 -42.56 -70.46
N LEU E 556 46.20 -41.74 -70.11
CA LEU E 556 45.65 -41.67 -68.75
C LEU E 556 46.66 -41.19 -67.73
N GLU E 557 47.80 -40.65 -68.15
CA GLU E 557 48.76 -40.04 -67.23
C GLU E 557 49.11 -38.62 -67.63
N TRP E 558 48.22 -37.93 -68.35
CA TRP E 558 48.56 -36.64 -68.92
C TRP E 558 47.70 -35.54 -68.29
N ASN E 559 48.25 -34.33 -68.26
CA ASN E 559 47.57 -33.16 -67.70
C ASN E 559 46.76 -32.51 -68.82
N TRP E 560 45.65 -33.15 -69.17
CA TRP E 560 44.86 -32.75 -70.33
C TRP E 560 44.43 -31.29 -70.29
N ASN E 561 44.17 -30.75 -69.10
CA ASN E 561 43.84 -29.34 -69.01
C ASN E 561 45.01 -28.48 -69.49
N LEU E 562 46.23 -28.80 -69.03
CA LEU E 562 47.39 -28.06 -69.51
C LEU E 562 47.57 -28.27 -71.00
N ILE E 563 47.24 -29.47 -71.49
CA ILE E 563 47.29 -29.73 -72.91
C ILE E 563 46.39 -28.77 -73.66
N GLY E 564 45.14 -28.63 -73.21
CA GLY E 564 44.24 -27.69 -73.85
C GLY E 564 44.73 -26.26 -73.77
N THR E 565 45.34 -25.89 -72.64
CA THR E 565 45.91 -24.55 -72.54
C THR E 565 46.97 -24.31 -73.59
N ILE E 566 47.85 -25.29 -73.82
CA ILE E 566 48.83 -25.15 -74.89
C ILE E 566 48.15 -25.07 -76.24
N LEU E 567 47.15 -25.92 -76.48
CA LEU E 567 46.54 -26.01 -77.80
C LEU E 567 45.73 -24.78 -78.17
N LYS E 568 45.07 -24.14 -77.23
CA LYS E 568 44.26 -22.96 -77.51
C LYS E 568 44.98 -21.64 -77.27
N TRP E 569 46.24 -21.65 -76.85
CA TRP E 569 46.89 -20.38 -76.58
C TRP E 569 47.01 -19.56 -77.86
N PRO E 570 46.74 -18.25 -77.80
CA PRO E 570 46.57 -17.46 -79.03
C PRO E 570 47.73 -17.52 -80.02
N ASN E 571 48.93 -17.15 -79.60
CA ASN E 571 49.98 -16.84 -80.56
C ASN E 571 50.90 -18.02 -80.85
N VAL E 572 50.58 -19.21 -80.36
CA VAL E 572 51.29 -20.41 -80.76
C VAL E 572 50.59 -20.94 -82.01
N ASN E 573 51.30 -20.90 -83.14
CA ASN E 573 50.67 -21.18 -84.42
C ASN E 573 51.51 -22.08 -85.32
N LEU E 574 52.67 -22.51 -84.85
CA LEU E 574 53.58 -23.39 -85.57
C LEU E 574 54.02 -22.81 -86.92
N ARG E 575 53.68 -21.55 -87.21
CA ARG E 575 54.04 -20.96 -88.49
C ARG E 575 55.30 -20.12 -88.42
N ASN E 576 55.49 -19.39 -87.32
CA ASN E 576 56.78 -18.80 -87.00
C ASN E 576 57.60 -19.72 -86.10
N TYR E 577 56.94 -20.69 -85.45
CA TYR E 577 57.52 -21.43 -84.33
C TYR E 577 57.71 -22.89 -84.73
N LYS E 578 58.94 -23.23 -85.12
CA LYS E 578 59.28 -24.61 -85.48
C LYS E 578 60.10 -25.20 -84.34
N ASP E 579 59.42 -25.88 -83.43
CA ASP E 579 60.06 -26.45 -82.25
C ASP E 579 60.02 -27.97 -82.31
N GLU E 580 61.19 -28.58 -82.07
CA GLU E 580 61.29 -30.04 -82.13
C GLU E 580 60.42 -30.72 -81.09
N GLN E 581 60.38 -30.19 -79.86
CA GLN E 581 59.53 -30.76 -78.84
C GLN E 581 58.07 -30.61 -79.20
N LEU E 582 57.71 -29.48 -79.82
CA LEU E 582 56.36 -29.32 -80.35
C LEU E 582 56.06 -30.36 -81.42
N HIS E 583 57.04 -30.65 -82.28
CA HIS E 583 56.85 -31.67 -83.31
C HIS E 583 56.59 -33.04 -82.67
N ARG E 584 57.37 -33.40 -81.65
CA ARG E 584 57.13 -34.67 -80.98
C ARG E 584 55.77 -34.68 -80.30
N PHE E 585 55.39 -33.58 -79.67
CA PHE E 585 54.08 -33.49 -79.04
C PHE E 585 52.95 -33.69 -80.05
N VAL E 586 53.00 -32.95 -81.14
CA VAL E 586 51.92 -33.01 -82.13
C VAL E 586 51.90 -34.39 -82.79
N ARG E 587 53.06 -35.01 -82.95
CA ARG E 587 53.08 -36.36 -83.51
C ARG E 587 52.48 -37.36 -82.53
N ARG E 588 52.75 -37.19 -81.24
CA ARG E 588 52.13 -38.07 -80.25
C ARG E 588 50.61 -37.93 -80.26
N LEU E 589 50.11 -36.69 -80.33
CA LEU E 589 48.67 -36.51 -80.43
C LEU E 589 48.11 -37.09 -81.71
N LEU E 590 48.78 -36.84 -82.84
CA LEU E 590 48.35 -37.39 -84.12
C LEU E 590 48.21 -38.90 -84.03
N TYR E 591 49.22 -39.56 -83.46
CA TYR E 591 49.12 -41.00 -83.30
C TYR E 591 47.97 -41.39 -82.39
N PHE E 592 47.88 -40.78 -81.21
CA PHE E 592 46.87 -41.21 -80.24
C PHE E 592 45.47 -41.09 -80.82
N TYR E 593 45.20 -40.02 -81.55
CA TYR E 593 43.87 -39.77 -82.08
C TYR E 593 43.53 -40.66 -83.27
N LYS E 594 44.51 -41.35 -83.85
CA LYS E 594 44.27 -42.16 -85.02
C LYS E 594 43.29 -43.29 -84.72
N PRO E 595 42.30 -43.51 -85.58
CA PRO E 595 41.49 -44.73 -85.45
C PRO E 595 42.32 -45.99 -85.60
N SER E 596 43.43 -45.94 -86.33
CA SER E 596 44.31 -47.09 -86.44
C SER E 596 45.11 -47.30 -85.16
N SER E 597 45.27 -46.26 -84.35
CA SER E 597 45.95 -46.43 -83.07
C SER E 597 45.20 -47.38 -82.15
N LYS E 598 43.88 -47.49 -82.32
CA LYS E 598 43.06 -48.39 -81.51
C LYS E 598 43.20 -48.10 -80.02
N LEU E 599 43.42 -46.82 -79.72
CA LEU E 599 43.34 -46.33 -78.34
C LEU E 599 42.24 -45.31 -78.18
N TYR E 600 42.27 -44.25 -79.01
CA TYR E 600 41.21 -43.26 -78.99
C TYR E 600 39.84 -43.87 -79.26
N ALA E 601 39.74 -44.72 -80.26
CA ALA E 601 38.46 -45.35 -80.57
C ALA E 601 38.13 -46.52 -79.66
N ASN E 602 39.08 -46.98 -78.85
CA ASN E 602 38.83 -48.11 -77.97
C ASN E 602 38.69 -47.74 -76.50
N LEU E 603 38.59 -46.46 -76.17
CA LEU E 603 37.95 -46.09 -74.92
C LEU E 603 36.45 -46.04 -75.12
N ASP E 604 35.71 -46.81 -74.32
CA ASP E 604 34.28 -46.91 -74.48
C ASP E 604 33.58 -45.70 -73.88
N LEU E 605 32.26 -45.64 -74.11
CA LEU E 605 31.47 -44.56 -73.55
C LEU E 605 31.42 -44.68 -72.02
N ASP E 606 30.78 -43.70 -71.40
CA ASP E 606 30.55 -43.69 -69.96
C ASP E 606 31.85 -43.74 -69.16
N PHE E 607 32.95 -43.28 -69.77
CA PHE E 607 34.18 -43.14 -69.03
C PHE E 607 34.14 -41.88 -68.18
N ALA E 608 34.88 -41.91 -67.07
CA ALA E 608 34.85 -40.81 -66.12
C ALA E 608 35.33 -39.51 -66.77
N LYS E 609 36.43 -39.57 -67.50
CA LYS E 609 36.97 -38.39 -68.17
C LYS E 609 36.97 -38.70 -69.67
N ALA E 610 35.85 -38.39 -70.32
CA ALA E 610 35.66 -38.66 -71.73
C ALA E 610 35.25 -37.43 -72.51
N LYS E 611 34.25 -36.70 -72.03
CA LYS E 611 33.82 -35.50 -72.73
C LYS E 611 34.94 -34.47 -72.78
N GLN E 612 35.71 -34.33 -71.71
CA GLN E 612 36.92 -33.54 -71.75
C GLN E 612 37.84 -34.02 -72.87
N LEU E 613 38.00 -35.33 -73.01
CA LEU E 613 38.85 -35.85 -74.07
C LEU E 613 38.33 -35.46 -75.44
N THR E 614 37.01 -35.53 -75.63
CA THR E 614 36.42 -35.20 -76.92
C THR E 614 36.62 -33.73 -77.27
N VAL E 615 36.37 -32.84 -76.30
CA VAL E 615 36.58 -31.43 -76.58
C VAL E 615 38.05 -31.14 -76.84
N VAL E 616 38.94 -31.85 -76.15
CA VAL E 616 40.37 -31.70 -76.41
C VAL E 616 40.70 -32.13 -77.83
N GLY E 617 40.05 -33.20 -78.31
CA GLY E 617 40.29 -33.64 -79.68
C GLY E 617 39.84 -32.61 -80.69
N CYS E 618 38.64 -32.06 -80.50
CA CYS E 618 38.18 -30.99 -81.39
C CYS E 618 39.13 -29.80 -81.33
N GLN E 619 39.65 -29.51 -80.14
CA GLN E 619 40.68 -28.50 -79.94
C GLN E 619 41.92 -28.78 -80.79
N PHE E 620 42.39 -30.01 -80.77
CA PHE E 620 43.59 -30.36 -81.53
C PHE E 620 43.35 -30.23 -83.02
N THR E 621 42.18 -30.67 -83.48
CA THR E 621 41.83 -30.50 -84.89
C THR E 621 41.75 -29.04 -85.30
N GLU E 622 41.16 -28.19 -84.46
CA GLU E 622 41.16 -26.76 -84.74
C GLU E 622 42.57 -26.20 -84.78
N PHE E 623 43.43 -26.63 -83.87
CA PHE E 623 44.83 -26.19 -83.90
C PHE E 623 45.47 -26.53 -85.23
N LEU E 624 45.26 -27.75 -85.72
CA LEU E 624 45.80 -28.10 -87.03
C LEU E 624 45.24 -27.20 -88.11
N LEU E 625 43.94 -26.93 -88.06
CA LEU E 625 43.33 -26.01 -89.04
C LEU E 625 43.97 -24.64 -88.98
N GLU E 626 44.42 -24.21 -87.81
CA GLU E 626 45.11 -22.94 -87.72
C GLU E 626 46.47 -22.97 -88.41
N SER E 627 47.25 -24.04 -88.21
CA SER E 627 48.59 -24.15 -88.76
C SER E 627 48.53 -24.95 -90.05
N GLU E 628 48.30 -24.25 -91.17
CA GLU E 628 48.11 -24.91 -92.46
C GLU E 628 49.38 -25.10 -93.28
N GLU E 629 50.07 -24.01 -93.66
CA GLU E 629 51.01 -24.08 -94.76
C GLU E 629 52.18 -25.02 -94.54
N ASP E 630 52.43 -25.43 -93.31
CA ASP E 630 53.41 -26.48 -93.04
C ASP E 630 52.81 -27.74 -92.46
N GLY E 631 51.56 -27.70 -92.00
CA GLY E 631 50.95 -28.86 -91.39
C GLY E 631 49.95 -29.57 -92.29
N GLN E 632 50.20 -29.56 -93.59
CA GLN E 632 49.28 -30.18 -94.54
C GLN E 632 49.12 -31.68 -94.28
N GLY E 633 50.23 -32.40 -94.21
CA GLY E 633 50.20 -33.84 -94.09
C GLY E 633 49.50 -34.34 -92.83
N TYR E 634 49.84 -33.76 -91.68
CA TYR E 634 49.31 -34.17 -90.38
C TYR E 634 47.81 -34.39 -90.39
N LEU E 635 47.05 -33.52 -91.06
CA LEU E 635 45.61 -33.75 -91.17
C LEU E 635 45.28 -34.78 -92.24
N GLU E 636 46.03 -34.82 -93.34
CA GLU E 636 45.64 -35.65 -94.48
C GLU E 636 45.63 -37.12 -94.12
N ASP E 637 46.74 -37.62 -93.55
CA ASP E 637 46.80 -39.01 -93.15
C ASP E 637 45.71 -39.34 -92.14
N LEU E 638 45.50 -38.47 -91.16
CA LEU E 638 44.50 -38.75 -90.13
C LEU E 638 43.09 -38.81 -90.74
N VAL E 639 42.77 -37.88 -91.63
CA VAL E 639 41.43 -37.83 -92.17
C VAL E 639 41.19 -39.01 -93.10
N LYS E 640 42.19 -39.40 -93.90
CA LYS E 640 41.95 -40.55 -94.76
C LYS E 640 41.96 -41.84 -93.96
N ASP E 641 42.62 -41.85 -92.80
CA ASP E 641 42.49 -42.98 -91.90
C ASP E 641 41.08 -43.05 -91.32
N ILE E 642 40.52 -41.88 -91.00
CA ILE E 642 39.13 -41.84 -90.53
C ILE E 642 38.20 -42.38 -91.61
N VAL E 643 38.40 -41.96 -92.86
CA VAL E 643 37.51 -42.43 -93.92
C VAL E 643 37.75 -43.91 -94.19
N GLN E 644 38.98 -44.40 -93.96
CA GLN E 644 39.25 -45.83 -94.08
C GLN E 644 38.44 -46.61 -93.05
N TRP E 645 38.51 -46.19 -91.79
CA TRP E 645 37.71 -46.83 -90.75
C TRP E 645 36.23 -46.73 -91.07
N LEU E 646 35.82 -45.58 -91.61
CA LEU E 646 34.44 -45.36 -92.01
C LEU E 646 33.97 -46.37 -93.03
N ASN E 647 34.73 -46.53 -94.12
CA ASN E 647 34.37 -47.51 -95.13
C ASN E 647 34.42 -48.92 -94.57
N ALA E 648 35.39 -49.21 -93.70
CA ALA E 648 35.50 -50.54 -93.12
C ALA E 648 34.25 -50.89 -92.31
N SER E 649 33.78 -49.95 -91.49
CA SER E 649 32.58 -50.19 -90.71
C SER E 649 31.32 -50.17 -91.55
N SER E 650 31.30 -49.39 -92.64
CA SER E 650 30.11 -49.34 -93.48
C SER E 650 29.91 -50.63 -94.26
N GLY E 651 30.98 -51.32 -94.59
CA GLY E 651 30.87 -52.52 -95.39
C GLY E 651 31.64 -52.47 -96.70
N MET E 652 32.76 -51.76 -96.72
CA MET E 652 33.63 -51.72 -97.89
C MET E 652 34.42 -53.02 -98.06
N LYS E 653 34.16 -54.02 -97.23
CA LYS E 653 34.82 -55.32 -97.32
C LYS E 653 33.76 -56.40 -97.26
N PRO E 654 34.01 -57.54 -97.91
CA PRO E 654 33.02 -58.64 -97.92
C PRO E 654 33.18 -59.67 -96.81
N GLU E 655 33.97 -59.39 -95.77
CA GLU E 655 34.23 -60.39 -94.74
C GLU E 655 33.01 -60.57 -93.84
N ARG E 656 32.68 -59.55 -93.06
CA ARG E 656 31.51 -59.61 -92.19
C ARG E 656 30.55 -58.46 -92.40
N SER E 657 31.05 -57.25 -92.65
CA SER E 657 30.25 -56.07 -92.95
C SER E 657 29.26 -55.73 -91.83
N LEU E 658 29.50 -56.22 -90.62
CA LEU E 658 28.62 -55.93 -89.49
C LEU E 658 29.50 -55.63 -88.27
N GLN E 659 29.66 -54.34 -87.97
CA GLN E 659 30.43 -53.88 -86.82
C GLN E 659 29.57 -52.99 -85.95
N ASN E 660 28.27 -53.32 -85.86
CA ASN E 660 27.33 -52.46 -85.13
C ASN E 660 27.68 -52.34 -83.66
N ASN E 661 28.44 -53.29 -83.11
CA ASN E 661 28.92 -53.12 -81.74
C ASN E 661 30.21 -52.34 -81.65
N GLY E 662 30.62 -51.68 -82.74
CA GLY E 662 31.83 -50.89 -82.73
C GLY E 662 31.60 -49.44 -82.38
N LEU E 663 30.55 -48.84 -82.95
CA LEU E 663 30.32 -47.41 -82.76
C LEU E 663 29.34 -47.13 -81.63
N LEU E 664 28.36 -48.01 -81.42
CA LEU E 664 27.32 -47.75 -80.43
C LEU E 664 27.86 -47.73 -79.01
N THR E 665 29.09 -48.19 -78.80
CA THR E 665 29.68 -48.21 -77.47
C THR E 665 31.06 -47.58 -77.40
N THR E 666 31.54 -46.97 -78.48
CA THR E 666 32.85 -46.33 -78.50
C THR E 666 32.72 -44.90 -78.98
N LEU E 667 33.69 -44.08 -78.59
CA LEU E 667 33.71 -42.68 -78.96
C LEU E 667 34.16 -42.45 -80.40
N SER E 668 34.35 -43.52 -81.18
CA SER E 668 34.65 -43.32 -82.59
C SER E 668 33.52 -42.65 -83.33
N GLN E 669 32.30 -42.73 -82.80
CA GLN E 669 31.19 -41.94 -83.29
C GLN E 669 31.48 -40.44 -83.26
N HIS E 670 32.26 -39.99 -82.29
CA HIS E 670 32.55 -38.57 -82.12
C HIS E 670 33.57 -38.05 -83.11
N TYR E 671 34.24 -38.93 -83.86
CA TYR E 671 35.10 -38.48 -84.95
C TYR E 671 34.39 -37.50 -85.86
N PHE E 672 33.07 -37.63 -86.00
CA PHE E 672 32.30 -36.75 -86.86
C PHE E 672 32.50 -35.29 -86.48
N LEU E 673 32.59 -35.01 -85.18
CA LEU E 673 32.71 -33.63 -84.72
C LEU E 673 33.88 -32.92 -85.39
N PHE E 674 34.96 -33.65 -85.63
CA PHE E 674 36.12 -33.06 -86.28
C PHE E 674 35.76 -32.58 -87.69
N ILE E 675 35.12 -33.45 -88.47
CA ILE E 675 34.59 -33.01 -89.75
C ILE E 675 33.67 -31.82 -89.55
N GLY E 676 32.90 -31.84 -88.46
CA GLY E 676 32.12 -30.68 -88.09
C GLY E 676 32.96 -29.43 -88.01
N THR E 677 34.00 -29.45 -87.18
CA THR E 677 34.86 -28.27 -87.13
C THR E 677 35.70 -28.14 -88.39
N LEU E 678 35.77 -29.18 -89.21
CA LEU E 678 36.32 -29.06 -90.55
C LEU E 678 35.33 -28.44 -91.53
N SER E 679 34.03 -28.67 -91.33
CA SER E 679 33.01 -28.20 -92.26
C SER E 679 32.64 -26.75 -92.04
N CYS E 680 33.28 -26.07 -91.10
CA CYS E 680 32.92 -24.69 -90.81
C CYS E 680 33.78 -23.70 -91.60
N HIS E 681 35.09 -23.73 -91.41
CA HIS E 681 35.94 -22.71 -91.96
C HIS E 681 36.17 -22.91 -93.46
N PRO E 682 36.30 -21.82 -94.22
CA PRO E 682 36.41 -21.96 -95.68
C PRO E 682 37.61 -22.78 -96.13
N HIS E 683 38.73 -22.69 -95.42
CA HIS E 683 39.85 -23.57 -95.73
C HIS E 683 39.52 -25.02 -95.38
N GLY E 684 38.70 -25.23 -94.36
CA GLY E 684 38.29 -26.56 -93.95
C GLY E 684 37.54 -27.30 -95.03
N VAL E 685 36.68 -26.61 -95.78
CA VAL E 685 35.92 -27.31 -96.81
C VAL E 685 36.83 -27.75 -97.96
N LYS E 686 37.83 -26.93 -98.31
CA LYS E 686 38.75 -27.34 -99.36
C LYS E 686 39.59 -28.52 -98.89
N MET E 687 39.93 -28.54 -97.59
CA MET E 687 40.56 -29.73 -97.03
C MET E 687 39.65 -30.93 -97.13
N LEU E 688 38.37 -30.76 -96.80
CA LEU E 688 37.44 -31.88 -96.83
C LEU E 688 37.30 -32.45 -98.22
N GLU E 689 37.25 -31.58 -99.24
CA GLU E 689 37.16 -32.06 -100.61
C GLU E 689 38.50 -32.51 -101.17
N LYS E 690 39.61 -32.22 -100.49
CA LYS E 690 40.89 -32.75 -100.92
C LYS E 690 40.86 -34.28 -100.95
N CYS E 691 40.30 -34.90 -99.92
CA CYS E 691 40.18 -36.35 -99.86
C CYS E 691 38.77 -36.78 -100.19
N SER E 692 38.60 -38.11 -100.29
CA SER E 692 37.29 -38.70 -100.63
C SER E 692 36.39 -38.66 -99.41
N VAL E 693 35.72 -37.52 -99.24
CA VAL E 693 34.79 -37.34 -98.13
C VAL E 693 33.37 -37.09 -98.61
N PHE E 694 33.13 -35.97 -99.31
CA PHE E 694 31.78 -35.69 -99.79
C PHE E 694 31.28 -36.82 -100.68
N GLN E 695 32.10 -37.25 -101.62
CA GLN E 695 31.74 -38.40 -102.45
C GLN E 695 31.60 -39.65 -101.60
N CYS E 696 32.48 -39.85 -100.63
CA CYS E 696 32.34 -41.01 -99.75
C CYS E 696 31.04 -40.96 -98.98
N LEU E 697 30.65 -39.78 -98.49
CA LEU E 697 29.38 -39.65 -97.80
C LEU E 697 28.20 -39.93 -98.73
N LEU E 698 28.26 -39.45 -99.97
CA LEU E 698 27.18 -39.74 -100.91
C LEU E 698 27.13 -41.22 -101.22
N ASN E 699 28.27 -41.90 -101.21
CA ASN E 699 28.24 -43.36 -101.31
C ASN E 699 27.61 -43.99 -100.08
N LEU E 700 27.85 -43.40 -98.90
CA LEU E 700 27.22 -43.91 -97.69
C LEU E 700 25.71 -43.84 -97.77
N CYS E 701 25.16 -42.74 -98.28
CA CYS E 701 23.72 -42.57 -98.26
C CYS E 701 23.00 -43.59 -99.13
N SER E 702 23.70 -44.21 -100.07
CA SER E 702 23.10 -45.25 -100.89
C SER E 702 22.80 -46.52 -100.10
N LEU E 703 23.31 -46.62 -98.88
CA LEU E 703 23.12 -47.81 -98.06
C LEU E 703 21.74 -47.79 -97.39
N LYS E 704 21.12 -48.96 -97.30
CA LYS E 704 19.79 -49.11 -96.73
C LYS E 704 19.71 -50.10 -95.58
N ASN E 705 20.83 -50.50 -94.98
CA ASN E 705 20.77 -51.44 -93.86
C ASN E 705 21.23 -50.83 -92.54
N GLN E 706 22.37 -50.15 -92.54
CA GLN E 706 22.82 -49.40 -91.37
C GLN E 706 22.07 -48.07 -91.36
N ASP E 707 21.38 -47.80 -90.26
CA ASP E 707 20.57 -46.60 -90.16
C ASP E 707 21.22 -45.50 -89.33
N HIS E 708 21.68 -45.81 -88.11
CA HIS E 708 22.13 -44.77 -87.20
C HIS E 708 23.30 -43.97 -87.78
N LEU E 709 24.03 -44.54 -88.74
CA LEU E 709 25.04 -43.75 -89.44
C LEU E 709 24.45 -42.47 -89.98
N LEU E 710 23.28 -42.56 -90.61
CA LEU E 710 22.59 -41.37 -91.09
C LEU E 710 22.26 -40.44 -89.93
N LYS E 711 21.78 -41.00 -88.82
CA LYS E 711 21.44 -40.20 -87.65
C LYS E 711 22.61 -39.34 -87.21
N LEU E 712 23.78 -39.93 -87.01
CA LEU E 712 24.91 -39.14 -86.55
C LEU E 712 25.41 -38.20 -87.64
N THR E 713 25.51 -38.67 -88.88
CA THR E 713 26.09 -37.85 -89.92
C THR E 713 25.25 -36.63 -90.26
N VAL E 714 23.92 -36.76 -90.27
CA VAL E 714 23.06 -35.63 -90.64
C VAL E 714 23.16 -34.48 -89.64
N SER E 715 23.60 -34.75 -88.42
CA SER E 715 23.63 -33.74 -87.37
C SER E 715 24.97 -33.05 -87.24
N SER E 716 25.92 -33.34 -88.12
CA SER E 716 27.27 -32.81 -87.97
C SER E 716 27.66 -31.84 -89.07
N LEU E 717 26.99 -31.88 -90.21
CA LEU E 717 27.38 -31.06 -91.34
C LEU E 717 26.97 -29.62 -91.12
N ASP E 718 27.74 -28.71 -91.69
CA ASP E 718 27.41 -27.28 -91.70
C ASP E 718 26.53 -27.01 -92.91
N TYR E 719 25.70 -25.98 -92.80
CA TYR E 719 24.82 -25.59 -93.89
C TYR E 719 24.77 -24.07 -94.03
N SER E 720 25.73 -23.40 -93.40
CA SER E 720 25.80 -21.94 -93.46
C SER E 720 26.03 -21.45 -94.88
N ARG E 721 26.92 -22.10 -95.62
CA ARG E 721 27.28 -21.70 -96.97
C ARG E 721 26.75 -22.71 -97.97
N ASP E 722 26.52 -22.25 -99.20
CA ASP E 722 26.10 -23.17 -100.24
C ASP E 722 27.29 -24.05 -100.59
N GLY E 723 27.00 -25.30 -100.93
CA GLY E 723 28.08 -26.20 -101.30
C GLY E 723 27.58 -27.61 -101.51
N LEU E 724 28.53 -28.54 -101.55
CA LEU E 724 28.24 -29.94 -101.81
C LEU E 724 27.50 -30.61 -100.67
N ALA E 725 27.57 -30.05 -99.46
CA ALA E 725 26.84 -30.62 -98.34
C ALA E 725 25.33 -30.54 -98.53
N ARG E 726 24.84 -29.44 -99.10
CA ARG E 726 23.40 -29.22 -99.23
C ARG E 726 22.74 -30.24 -100.13
N VAL E 727 23.36 -30.57 -101.26
CA VAL E 727 22.78 -31.58 -102.14
C VAL E 727 22.72 -32.93 -101.44
N ILE E 728 23.68 -33.19 -100.56
CA ILE E 728 23.66 -34.45 -99.80
C ILE E 728 22.41 -34.52 -98.95
N LEU E 729 22.13 -33.47 -98.19
CA LEU E 729 20.94 -33.47 -97.34
C LEU E 729 19.68 -33.52 -98.18
N SER E 730 19.70 -32.87 -99.36
CA SER E 730 18.56 -32.97 -100.25
C SER E 730 18.30 -34.40 -100.67
N LYS E 731 19.35 -35.13 -101.05
CA LYS E 731 19.16 -36.53 -101.37
C LYS E 731 18.68 -37.32 -100.16
N ILE E 732 19.22 -37.01 -98.99
CA ILE E 732 18.82 -37.72 -97.78
C ILE E 732 17.32 -37.59 -97.57
N LEU E 733 16.81 -36.37 -97.64
CA LEU E 733 15.37 -36.16 -97.50
C LEU E 733 14.59 -36.67 -98.70
N THR E 734 15.25 -36.95 -99.83
CA THR E 734 14.55 -37.52 -100.98
C THR E 734 14.88 -38.99 -101.25
N ALA E 735 16.05 -39.46 -100.85
CA ALA E 735 16.46 -40.85 -101.12
C ALA E 735 17.08 -41.44 -99.85
N ALA E 736 16.29 -42.26 -99.15
CA ALA E 736 16.60 -42.77 -97.83
C ALA E 736 15.48 -43.72 -97.41
N THR E 737 15.61 -44.30 -96.22
CA THR E 737 14.56 -45.14 -95.66
C THR E 737 13.48 -44.31 -94.99
N ASP E 738 12.37 -44.96 -94.63
CA ASP E 738 11.26 -44.25 -93.98
C ASP E 738 11.71 -43.62 -92.67
N ALA E 739 12.49 -44.37 -91.88
CA ALA E 739 13.08 -43.78 -90.70
C ALA E 739 13.98 -42.62 -91.07
N CYS E 740 14.87 -42.82 -92.05
CA CYS E 740 15.75 -41.74 -92.46
C CYS E 740 14.96 -40.55 -93.02
N ARG E 741 13.91 -40.83 -93.81
CA ARG E 741 12.93 -39.79 -94.11
C ARG E 741 12.65 -38.95 -92.87
N LEU E 742 12.10 -39.60 -91.85
CA LEU E 742 11.54 -38.84 -90.74
C LEU E 742 12.62 -38.15 -89.92
N TYR E 743 13.73 -38.85 -89.64
CA TYR E 743 14.79 -38.22 -88.86
C TYR E 743 15.36 -37.01 -89.58
N ALA E 744 15.67 -37.13 -90.87
CA ALA E 744 16.19 -35.98 -91.58
C ALA E 744 15.17 -34.84 -91.59
N THR E 745 13.89 -35.16 -91.86
CA THR E 745 12.93 -34.08 -92.03
C THR E 745 12.61 -33.35 -90.73
N LYS E 746 12.42 -34.07 -89.62
CA LYS E 746 12.19 -33.35 -88.37
C LYS E 746 13.48 -32.78 -87.81
N HIS E 747 14.62 -33.12 -88.39
CA HIS E 747 15.89 -32.50 -88.01
C HIS E 747 15.98 -31.04 -88.47
N LEU E 748 14.90 -30.45 -88.95
CA LEU E 748 14.92 -29.07 -89.40
C LEU E 748 14.45 -28.09 -88.34
N ARG E 749 13.87 -28.57 -87.24
CA ARG E 749 13.50 -27.66 -86.16
C ARG E 749 14.71 -26.97 -85.58
N VAL E 750 15.81 -27.70 -85.40
CA VAL E 750 17.04 -27.06 -84.98
C VAL E 750 17.48 -26.02 -86.00
N LEU E 751 17.29 -26.30 -87.29
CA LEU E 751 17.64 -25.33 -88.31
C LEU E 751 16.76 -24.10 -88.27
N LEU E 752 15.55 -24.22 -87.73
CA LEU E 752 14.66 -23.09 -87.57
C LEU E 752 14.85 -22.41 -86.21
N ARG E 753 14.72 -23.18 -85.14
CA ARG E 753 14.68 -22.61 -83.80
C ARG E 753 16.03 -22.05 -83.37
N ALA E 754 17.12 -22.43 -84.03
CA ALA E 754 18.42 -21.88 -83.67
C ALA E 754 18.78 -20.62 -84.45
N ASN E 755 17.88 -20.14 -85.32
CA ASN E 755 18.10 -18.89 -86.06
C ASN E 755 19.36 -18.96 -86.91
N VAL E 756 19.33 -19.83 -87.93
CA VAL E 756 20.46 -19.97 -88.83
C VAL E 756 20.43 -18.88 -89.90
N GLU E 757 21.60 -18.65 -90.50
CA GLU E 757 21.74 -17.61 -91.51
C GLU E 757 20.95 -17.94 -92.77
N PHE E 758 20.03 -17.05 -93.14
CA PHE E 758 19.29 -17.12 -94.40
C PHE E 758 18.62 -18.48 -94.59
N PHE E 759 17.84 -18.89 -93.60
CA PHE E 759 17.07 -20.12 -93.74
C PHE E 759 16.06 -20.01 -94.88
N ASN E 760 15.48 -18.83 -95.08
CA ASN E 760 14.48 -18.65 -96.11
C ASN E 760 15.00 -18.98 -97.50
N ASN E 761 16.31 -18.92 -97.71
CA ASN E 761 16.87 -19.11 -99.04
C ASN E 761 16.67 -20.54 -99.54
N TRP E 762 16.82 -21.52 -98.65
CA TRP E 762 16.85 -22.93 -99.03
C TRP E 762 15.99 -23.83 -98.17
N GLY E 763 15.82 -23.53 -96.89
CA GLY E 763 15.01 -24.38 -96.05
C GLY E 763 13.60 -24.49 -96.55
N ILE E 764 13.03 -23.38 -97.02
CA ILE E 764 11.63 -23.39 -97.42
C ILE E 764 11.44 -24.19 -98.71
N GLU E 765 12.39 -24.06 -99.66
CA GLU E 765 12.29 -24.85 -100.87
C GLU E 765 12.43 -26.33 -100.56
N LEU E 766 13.35 -26.70 -99.65
CA LEU E 766 13.45 -28.10 -99.25
C LEU E 766 12.16 -28.59 -98.60
N LEU E 767 11.57 -27.75 -97.74
CA LEU E 767 10.30 -28.11 -97.12
C LEU E 767 9.22 -28.37 -98.15
N VAL E 768 9.09 -27.47 -99.12
CA VAL E 768 8.03 -27.62 -100.11
C VAL E 768 8.28 -28.86 -100.96
N THR E 769 9.54 -29.16 -101.27
CA THR E 769 9.83 -30.41 -101.96
C THR E 769 9.41 -31.61 -101.14
N GLN E 770 9.68 -31.60 -99.84
CA GLN E 770 9.28 -32.71 -98.99
C GLN E 770 7.78 -32.76 -98.75
N LEU E 771 7.07 -31.67 -99.05
CA LEU E 771 5.62 -31.67 -98.91
C LEU E 771 4.96 -32.74 -99.79
N HIS E 772 5.64 -33.20 -100.84
CA HIS E 772 5.07 -34.10 -101.83
C HIS E 772 5.33 -35.57 -101.53
N ASP E 773 6.05 -35.88 -100.45
CA ASP E 773 6.55 -37.23 -100.29
C ASP E 773 5.43 -38.21 -99.99
N LYS E 774 5.80 -39.49 -99.89
CA LYS E 774 4.82 -40.57 -99.83
C LYS E 774 4.11 -40.63 -98.47
N ASN E 775 4.84 -40.37 -97.38
CA ASN E 775 4.28 -40.63 -96.06
C ASN E 775 3.41 -39.47 -95.59
N LYS E 776 2.17 -39.78 -95.24
CA LYS E 776 1.24 -38.82 -94.70
C LYS E 776 1.72 -38.23 -93.38
N THR E 777 2.28 -39.06 -92.51
CA THR E 777 2.80 -38.56 -91.25
C THR E 777 3.92 -37.54 -91.47
N ILE E 778 4.82 -37.83 -92.41
CA ILE E 778 5.93 -36.93 -92.66
C ILE E 778 5.42 -35.64 -93.31
N SER E 779 4.43 -35.75 -94.19
CA SER E 779 3.82 -34.56 -94.73
C SER E 779 3.19 -33.71 -93.63
N SER E 780 2.52 -34.35 -92.68
CA SER E 780 1.88 -33.62 -91.59
C SER E 780 2.92 -32.90 -90.73
N GLU E 781 4.00 -33.59 -90.38
CA GLU E 781 5.01 -32.94 -89.54
C GLU E 781 5.69 -31.81 -90.31
N ALA E 782 5.87 -31.97 -91.63
CA ALA E 782 6.43 -30.89 -92.42
C ALA E 782 5.51 -29.68 -92.43
N LEU E 783 4.20 -29.92 -92.55
CA LEU E 783 3.24 -28.85 -92.42
C LEU E 783 3.39 -28.16 -91.08
N ASP E 784 3.54 -28.95 -90.02
CA ASP E 784 3.67 -28.39 -88.67
C ASP E 784 4.90 -27.50 -88.56
N ILE E 785 6.05 -27.98 -89.04
CA ILE E 785 7.27 -27.20 -88.89
C ILE E 785 7.20 -25.94 -89.74
N LEU E 786 6.63 -26.05 -90.95
CA LEU E 786 6.50 -24.86 -91.78
C LEU E 786 5.59 -23.83 -91.11
N ASP E 787 4.52 -24.28 -90.47
CA ASP E 787 3.65 -23.35 -89.76
C ASP E 787 4.38 -22.71 -88.58
N GLU E 788 5.18 -23.50 -87.86
CA GLU E 788 6.01 -22.94 -86.80
C GLU E 788 6.95 -21.88 -87.33
N ALA E 789 7.50 -22.10 -88.52
CA ALA E 789 8.43 -21.15 -89.10
C ALA E 789 7.75 -19.88 -89.57
N CYS E 790 6.53 -19.98 -90.09
CA CYS E 790 5.90 -18.83 -90.73
C CYS E 790 5.41 -17.77 -89.75
N GLU E 791 5.84 -17.79 -88.50
CA GLU E 791 5.55 -16.65 -87.64
C GLU E 791 6.61 -15.56 -87.73
N ASP E 792 7.41 -15.57 -88.78
CA ASP E 792 8.36 -14.49 -89.06
C ASP E 792 8.02 -13.88 -90.40
N LYS E 793 7.84 -12.56 -90.42
CA LYS E 793 7.29 -11.90 -91.60
C LYS E 793 8.20 -12.06 -92.82
N ALA E 794 9.51 -11.91 -92.64
CA ALA E 794 10.42 -12.12 -93.76
C ALA E 794 10.30 -13.53 -94.31
N ASN E 795 10.17 -14.51 -93.43
CA ASN E 795 9.89 -15.88 -93.84
C ASN E 795 8.61 -15.98 -94.67
N LEU E 796 7.53 -15.34 -94.24
CA LEU E 796 6.29 -15.44 -95.01
C LEU E 796 6.44 -14.79 -96.38
N HIS E 797 7.15 -13.67 -96.46
CA HIS E 797 7.36 -13.04 -97.75
C HIS E 797 8.17 -13.95 -98.68
N ALA E 798 9.28 -14.50 -98.18
CA ALA E 798 10.07 -15.44 -98.96
C ALA E 798 9.29 -16.71 -99.25
N LEU E 799 8.21 -16.96 -98.50
CA LEU E 799 7.29 -18.01 -98.91
C LEU E 799 6.48 -17.56 -100.12
N ILE E 800 6.01 -16.32 -100.08
CA ILE E 800 5.10 -15.85 -101.13
C ILE E 800 5.87 -15.52 -102.41
N GLN E 801 7.20 -15.69 -102.41
CA GLN E 801 7.87 -15.65 -103.71
C GLN E 801 7.47 -16.82 -104.60
N MET E 802 7.17 -17.99 -104.02
CA MET E 802 6.74 -19.16 -104.78
C MET E 802 5.45 -19.68 -104.15
N LYS E 803 4.41 -19.81 -104.96
CA LYS E 803 3.09 -20.17 -104.44
C LYS E 803 2.71 -21.58 -104.85
N PRO E 804 2.76 -22.56 -103.96
CA PRO E 804 2.35 -23.92 -104.33
C PRO E 804 0.86 -24.17 -104.08
N ALA E 805 0.41 -25.39 -104.38
CA ALA E 805 -0.98 -25.79 -104.23
C ALA E 805 -1.08 -26.66 -102.98
N LEU E 806 -1.78 -26.16 -101.96
CA LEU E 806 -1.98 -26.88 -100.72
C LEU E 806 -3.35 -27.53 -100.63
N SER E 807 -4.22 -27.30 -101.60
CA SER E 807 -5.60 -27.76 -101.54
C SER E 807 -5.72 -29.27 -101.61
N HIS E 808 -4.65 -29.99 -101.95
CA HIS E 808 -4.70 -31.44 -101.96
C HIS E 808 -4.47 -32.04 -100.59
N LEU E 809 -4.23 -31.22 -99.57
CA LEU E 809 -4.02 -31.69 -98.21
C LEU E 809 -5.25 -31.35 -97.36
N GLY E 810 -5.19 -31.66 -96.07
CA GLY E 810 -6.33 -31.52 -95.18
C GLY E 810 -6.54 -30.10 -94.71
N ASP E 811 -7.44 -29.94 -93.74
CA ASP E 811 -7.76 -28.64 -93.19
C ASP E 811 -6.55 -27.95 -92.57
N LYS E 812 -5.54 -28.72 -92.17
CA LYS E 812 -4.30 -28.13 -91.70
C LYS E 812 -3.68 -27.25 -92.78
N GLY E 813 -3.50 -27.81 -93.97
CA GLY E 813 -3.03 -27.01 -95.09
C GLY E 813 -3.99 -25.89 -95.43
N LEU E 814 -5.29 -26.12 -95.20
CA LEU E 814 -6.27 -25.08 -95.45
C LEU E 814 -5.98 -23.85 -94.60
N LEU E 815 -5.87 -24.02 -93.29
CA LEU E 815 -5.58 -22.87 -92.44
C LEU E 815 -4.20 -22.31 -92.73
N LEU E 816 -3.24 -23.17 -93.07
CA LEU E 816 -1.91 -22.67 -93.43
C LEU E 816 -1.99 -21.71 -94.60
N LEU E 817 -2.76 -22.06 -95.63
CA LEU E 817 -2.92 -21.16 -96.77
C LEU E 817 -3.73 -19.92 -96.39
N LEU E 818 -4.69 -20.08 -95.48
CA LEU E 818 -5.44 -18.92 -95.00
C LEU E 818 -4.57 -17.91 -94.27
N ARG E 819 -3.41 -18.31 -93.74
CA ARG E 819 -2.53 -17.30 -93.15
C ARG E 819 -1.94 -16.36 -94.19
N PHE E 820 -2.10 -16.65 -95.49
CA PHE E 820 -1.59 -15.73 -96.52
C PHE E 820 -2.26 -14.37 -96.45
N LEU E 821 -3.51 -14.31 -95.97
CA LEU E 821 -4.32 -13.10 -96.08
C LEU E 821 -3.79 -11.95 -95.24
N SER E 822 -2.67 -12.12 -94.54
CA SER E 822 -2.17 -11.09 -93.65
C SER E 822 -1.71 -9.84 -94.37
N ILE E 823 -1.30 -9.95 -95.63
CA ILE E 823 -0.68 -8.83 -96.32
C ILE E 823 -1.35 -8.62 -97.69
N PRO E 824 -1.61 -7.39 -98.10
CA PRO E 824 -2.17 -7.18 -99.45
C PRO E 824 -1.25 -7.71 -100.54
N LYS E 825 0.05 -7.67 -100.32
CA LYS E 825 1.02 -8.23 -101.27
C LYS E 825 0.87 -9.74 -101.21
N GLY E 826 -0.06 -10.26 -102.00
CA GLY E 826 -0.42 -11.66 -101.94
C GLY E 826 -1.91 -11.79 -101.82
N PHE E 827 -2.54 -10.90 -101.06
CA PHE E 827 -3.99 -10.80 -101.08
C PHE E 827 -4.49 -10.44 -102.47
N SER E 828 -3.78 -9.54 -103.14
CA SER E 828 -4.11 -9.22 -104.53
C SER E 828 -3.96 -10.43 -105.44
N TYR E 829 -2.88 -11.20 -105.28
CA TYR E 829 -2.72 -12.42 -106.05
C TYR E 829 -3.86 -13.39 -105.79
N LEU E 830 -4.24 -13.56 -104.53
CA LEU E 830 -5.27 -14.51 -104.17
C LEU E 830 -6.64 -14.06 -104.62
N ASN E 831 -6.86 -12.76 -104.76
CA ASN E 831 -8.16 -12.28 -105.16
C ASN E 831 -8.53 -12.69 -106.58
N GLU E 832 -7.55 -12.95 -107.45
CA GLU E 832 -7.82 -12.96 -108.89
C GLU E 832 -8.89 -13.96 -109.29
N ARG E 833 -8.92 -15.14 -108.66
CA ARG E 833 -9.93 -16.13 -108.95
C ARG E 833 -11.09 -16.15 -107.93
N GLY E 834 -11.35 -15.05 -107.24
CA GLY E 834 -12.48 -14.98 -106.33
C GLY E 834 -12.34 -15.91 -105.16
N TYR E 835 -11.10 -16.20 -104.78
CA TYR E 835 -10.82 -17.10 -103.68
C TYR E 835 -11.42 -16.61 -102.37
N VAL E 836 -11.66 -15.30 -102.26
CA VAL E 836 -12.22 -14.76 -101.03
C VAL E 836 -13.69 -15.16 -100.87
N ALA E 837 -14.58 -14.71 -101.76
CA ALA E 837 -16.01 -15.00 -101.59
C ALA E 837 -16.31 -16.48 -101.66
N LYS E 838 -15.46 -17.27 -102.30
CA LYS E 838 -15.66 -18.70 -102.33
C LYS E 838 -15.31 -19.35 -100.99
N GLN E 839 -14.44 -18.71 -100.20
CA GLN E 839 -14.16 -19.17 -98.84
C GLN E 839 -15.08 -18.58 -97.78
N LEU E 840 -15.28 -17.26 -97.82
CA LEU E 840 -15.87 -16.53 -96.70
C LEU E 840 -17.29 -17.00 -96.42
N GLU E 841 -18.06 -17.23 -97.47
CA GLU E 841 -19.41 -17.74 -97.30
C GLU E 841 -19.39 -19.11 -96.62
N LYS E 842 -18.46 -19.97 -97.02
CA LYS E 842 -18.40 -21.31 -96.47
C LYS E 842 -17.92 -21.29 -95.02
N TRP E 843 -17.08 -20.32 -94.66
CA TRP E 843 -16.80 -20.06 -93.26
C TRP E 843 -18.06 -19.64 -92.51
N HIS E 844 -18.78 -18.63 -93.02
CA HIS E 844 -19.95 -18.13 -92.33
C HIS E 844 -20.99 -19.22 -92.14
N ARG E 845 -21.10 -20.14 -93.09
CA ARG E 845 -22.15 -21.14 -93.00
C ARG E 845 -21.73 -22.39 -92.24
N GLU E 846 -20.49 -22.88 -92.44
CA GLU E 846 -20.18 -24.19 -91.89
C GLU E 846 -18.93 -24.24 -91.03
N TYR E 847 -17.83 -23.60 -91.45
CA TYR E 847 -16.57 -23.80 -90.73
C TYR E 847 -16.44 -23.00 -89.44
N ASN E 848 -17.17 -21.90 -89.28
CA ASN E 848 -17.09 -21.18 -88.02
C ASN E 848 -17.47 -22.08 -86.86
N SER E 849 -18.49 -22.92 -87.04
CA SER E 849 -18.84 -23.92 -86.06
C SER E 849 -17.74 -24.97 -85.87
N LYS E 850 -16.98 -25.26 -86.91
CA LYS E 850 -15.90 -26.23 -86.80
C LYS E 850 -14.72 -25.69 -86.00
N TYR E 851 -14.54 -24.37 -85.99
CA TYR E 851 -13.43 -23.81 -85.24
C TYR E 851 -13.53 -24.11 -83.76
N VAL E 852 -14.72 -23.93 -83.17
CA VAL E 852 -14.88 -24.20 -81.75
C VAL E 852 -14.69 -25.69 -81.46
N ASP E 853 -15.20 -26.55 -82.34
CA ASP E 853 -15.02 -27.99 -82.14
C ASP E 853 -13.56 -28.35 -82.12
N LEU E 854 -12.79 -27.87 -83.10
CA LEU E 854 -11.39 -28.25 -83.18
C LEU E 854 -10.58 -27.66 -82.03
N ILE E 855 -10.93 -26.44 -81.61
CA ILE E 855 -10.16 -25.85 -80.51
C ILE E 855 -10.46 -26.58 -79.20
N GLU E 856 -11.72 -26.93 -78.94
CA GLU E 856 -12.00 -27.68 -77.73
C GLU E 856 -11.43 -29.08 -77.82
N GLU E 857 -11.32 -29.63 -79.03
CA GLU E 857 -10.61 -30.88 -79.22
C GLU E 857 -9.16 -30.76 -78.77
N GLN E 858 -8.47 -29.71 -79.23
CA GLN E 858 -7.09 -29.53 -78.83
C GLN E 858 -6.97 -29.36 -77.33
N LEU E 859 -7.86 -28.58 -76.73
CA LEU E 859 -7.79 -28.37 -75.28
C LEU E 859 -8.04 -29.67 -74.51
N ASN E 860 -9.04 -30.44 -74.93
CA ASN E 860 -9.34 -31.69 -74.23
C ASN E 860 -8.17 -32.66 -74.34
N GLU E 861 -7.59 -32.78 -75.54
CA GLU E 861 -6.39 -33.59 -75.65
C GLU E 861 -5.26 -33.06 -74.77
N ALA E 862 -5.22 -31.74 -74.57
CA ALA E 862 -4.14 -31.17 -73.80
C ALA E 862 -4.27 -31.49 -72.31
N LEU E 863 -5.48 -31.37 -71.76
CA LEU E 863 -5.59 -31.29 -70.31
C LEU E 863 -6.74 -32.14 -69.77
N THR E 864 -7.32 -33.02 -70.59
CA THR E 864 -8.39 -33.86 -70.07
C THR E 864 -8.15 -35.35 -70.26
N THR E 865 -7.06 -35.77 -70.90
CA THR E 865 -6.79 -37.17 -71.19
C THR E 865 -7.94 -37.81 -71.94
N TYR E 866 -8.15 -37.33 -73.16
CA TYR E 866 -9.25 -37.80 -74.00
C TYR E 866 -8.78 -38.72 -75.12
N ARG E 867 -7.78 -38.29 -75.89
CA ARG E 867 -7.26 -39.06 -77.02
C ARG E 867 -8.38 -39.49 -77.98
N LYS E 868 -8.97 -38.48 -78.60
CA LYS E 868 -9.90 -38.74 -79.68
C LYS E 868 -9.22 -39.59 -80.75
N PRO E 869 -9.77 -40.76 -81.09
CA PRO E 869 -9.16 -41.64 -82.09
C PRO E 869 -9.44 -41.18 -83.52
N GLN E 884 4.46 -32.43 -67.06
CA GLN E 884 4.67 -32.17 -68.47
C GLN E 884 3.51 -31.34 -69.04
N ARG E 885 3.84 -30.17 -69.57
CA ARG E 885 2.83 -29.23 -70.04
C ARG E 885 2.87 -29.11 -71.56
N PRO E 886 1.73 -29.16 -72.24
CA PRO E 886 1.70 -28.99 -73.69
C PRO E 886 1.75 -27.50 -74.04
N HIS E 887 1.52 -27.23 -75.32
CA HIS E 887 1.47 -25.87 -75.83
C HIS E 887 0.27 -25.75 -76.78
N VAL E 888 -0.73 -25.00 -76.35
CA VAL E 888 -1.96 -24.86 -77.14
C VAL E 888 -1.92 -23.46 -77.75
N TYR E 889 -2.05 -23.41 -79.07
CA TYR E 889 -2.09 -22.14 -79.78
C TYR E 889 -3.42 -22.00 -80.52
N LEU E 890 -3.84 -20.76 -80.74
CA LEU E 890 -5.06 -20.54 -81.49
C LEU E 890 -4.84 -20.81 -82.97
N PRO E 891 -5.66 -21.66 -83.59
CA PRO E 891 -5.58 -21.84 -85.03
C PRO E 891 -5.92 -20.55 -85.75
N ILE E 892 -5.34 -20.41 -86.94
CA ILE E 892 -5.51 -19.20 -87.74
C ILE E 892 -6.91 -19.20 -88.34
N HIS E 893 -7.65 -18.14 -88.08
CA HIS E 893 -9.02 -18.02 -88.55
C HIS E 893 -9.12 -16.88 -89.57
N LEU E 894 -9.97 -17.08 -90.58
CA LEU E 894 -10.05 -16.12 -91.68
C LEU E 894 -10.44 -14.74 -91.18
N TYR E 895 -11.53 -14.64 -90.42
CA TYR E 895 -12.06 -13.34 -90.05
C TYR E 895 -11.00 -12.50 -89.34
N GLY E 896 -10.11 -13.14 -88.60
CA GLY E 896 -8.99 -12.42 -88.01
C GLY E 896 -8.00 -11.92 -89.03
N GLN E 897 -7.74 -12.71 -90.08
CA GLN E 897 -6.74 -12.33 -91.06
C GLN E 897 -7.22 -11.25 -92.02
N LEU E 898 -8.51 -11.24 -92.35
CA LEU E 898 -9.02 -10.20 -93.24
C LEU E 898 -8.85 -8.81 -92.65
N VAL E 899 -9.11 -8.68 -91.35
CA VAL E 899 -9.11 -7.38 -90.68
C VAL E 899 -7.71 -6.79 -90.63
N HIS E 900 -6.70 -7.56 -91.02
CA HIS E 900 -5.31 -7.14 -90.85
C HIS E 900 -4.96 -5.94 -91.72
N HIS E 901 -5.41 -5.91 -92.99
CA HIS E 901 -4.87 -4.95 -93.94
C HIS E 901 -5.83 -3.81 -94.27
N LYS E 902 -6.81 -3.55 -93.42
CA LYS E 902 -7.59 -2.32 -93.45
C LYS E 902 -8.56 -2.23 -94.64
N THR E 903 -8.53 -3.21 -95.54
CA THR E 903 -9.46 -3.23 -96.67
C THR E 903 -10.38 -4.46 -96.63
N GLY E 904 -9.90 -5.54 -96.03
CA GLY E 904 -10.80 -6.61 -95.65
C GLY E 904 -11.96 -6.13 -94.82
N CYS E 905 -11.84 -4.94 -94.23
CA CYS E 905 -12.98 -4.32 -93.55
C CYS E 905 -14.15 -4.16 -94.51
N HIS E 906 -13.93 -3.51 -95.65
CA HIS E 906 -14.97 -3.44 -96.68
C HIS E 906 -15.35 -4.83 -97.16
N LEU E 907 -14.35 -5.67 -97.46
CA LEU E 907 -14.65 -6.98 -98.03
C LEU E 907 -15.53 -7.80 -97.11
N LEU E 908 -15.50 -7.51 -95.81
CA LEU E 908 -16.35 -8.21 -94.86
C LEU E 908 -17.70 -7.52 -94.71
N GLU E 909 -17.70 -6.19 -94.54
CA GLU E 909 -18.97 -5.52 -94.28
C GLU E 909 -19.92 -5.60 -95.45
N VAL E 910 -19.44 -6.01 -96.63
CA VAL E 910 -20.35 -6.22 -97.76
C VAL E 910 -21.51 -7.16 -97.43
N GLN E 911 -21.32 -8.09 -96.50
CA GLN E 911 -22.39 -8.99 -96.11
C GLN E 911 -23.12 -8.53 -94.85
N ASN E 912 -22.55 -7.57 -94.11
CA ASN E 912 -23.06 -7.16 -92.81
C ASN E 912 -23.16 -8.36 -91.86
N ILE E 913 -22.04 -9.06 -91.74
CA ILE E 913 -21.92 -10.17 -90.81
C ILE E 913 -22.07 -9.72 -89.37
N ILE E 914 -21.70 -8.48 -89.04
CA ILE E 914 -21.72 -8.00 -87.66
C ILE E 914 -23.10 -8.11 -87.05
N THR E 915 -24.14 -7.75 -87.80
CA THR E 915 -25.46 -7.55 -87.21
C THR E 915 -26.04 -8.87 -86.67
N GLU E 916 -25.87 -9.96 -87.41
CA GLU E 916 -26.45 -11.23 -86.97
C GLU E 916 -25.82 -11.72 -85.67
N LEU E 917 -24.50 -11.72 -85.59
CA LEU E 917 -23.84 -12.14 -84.35
C LEU E 917 -24.16 -11.21 -83.21
N CYS E 918 -24.24 -9.90 -83.45
CA CYS E 918 -24.48 -9.00 -82.33
C CYS E 918 -25.90 -9.13 -81.79
N ARG E 919 -26.92 -9.16 -82.67
CA ARG E 919 -28.24 -9.36 -82.07
C ARG E 919 -28.39 -10.77 -81.56
N ASN E 920 -27.51 -11.70 -81.97
CA ASN E 920 -27.46 -12.99 -81.30
C ASN E 920 -27.00 -12.83 -79.85
N VAL E 921 -25.92 -12.06 -79.64
CA VAL E 921 -25.36 -11.95 -78.30
C VAL E 921 -26.27 -11.13 -77.38
N ARG E 922 -27.00 -10.15 -77.91
CA ARG E 922 -27.93 -9.44 -77.03
C ARG E 922 -29.05 -10.34 -76.52
N THR E 923 -29.58 -11.21 -77.38
CA THR E 923 -30.74 -12.02 -77.03
C THR E 923 -30.39 -13.49 -77.29
N PRO E 924 -29.70 -14.12 -76.35
CA PRO E 924 -29.45 -15.55 -76.43
C PRO E 924 -30.57 -16.36 -75.79
N ASP E 925 -30.66 -17.62 -76.22
CA ASP E 925 -31.74 -18.52 -75.80
C ASP E 925 -31.35 -19.31 -74.56
N LEU E 926 -30.16 -19.91 -74.56
CA LEU E 926 -29.60 -20.65 -73.42
C LEU E 926 -30.54 -21.76 -72.94
N ASP E 927 -31.10 -22.54 -73.85
CA ASP E 927 -31.94 -23.66 -73.44
C ASP E 927 -31.30 -25.00 -73.73
N LYS E 928 -30.96 -25.27 -74.98
CA LYS E 928 -30.32 -26.52 -75.38
C LYS E 928 -29.04 -26.25 -76.17
N TRP E 929 -28.46 -27.30 -76.73
CA TRP E 929 -27.04 -27.32 -77.06
C TRP E 929 -26.65 -26.58 -78.34
N GLU E 930 -27.50 -26.52 -79.35
CA GLU E 930 -27.08 -25.83 -80.57
C GLU E 930 -27.09 -24.31 -80.43
N GLU E 931 -28.02 -23.76 -79.65
CA GLU E 931 -27.89 -22.36 -79.27
C GLU E 931 -26.56 -22.10 -78.56
N ILE E 932 -26.22 -22.94 -77.58
CA ILE E 932 -24.94 -22.81 -76.90
C ILE E 932 -23.80 -22.90 -77.90
N LYS E 933 -23.89 -23.85 -78.83
CA LYS E 933 -22.81 -24.10 -79.77
C LYS E 933 -22.56 -22.89 -80.67
N LYS E 934 -23.60 -22.42 -81.36
CA LYS E 934 -23.40 -21.30 -82.27
C LYS E 934 -23.13 -20.02 -81.50
N LEU E 935 -23.59 -19.94 -80.25
CA LEU E 935 -23.27 -18.78 -79.44
C LEU E 935 -21.78 -18.74 -79.13
N LYS E 936 -21.21 -19.89 -78.78
CA LYS E 936 -19.76 -19.97 -78.58
C LYS E 936 -19.03 -19.62 -79.86
N ALA E 937 -19.50 -20.13 -80.99
CA ALA E 937 -18.85 -19.85 -82.26
C ALA E 937 -18.87 -18.35 -82.54
N SER E 938 -20.01 -17.69 -82.30
CA SER E 938 -20.09 -16.26 -82.47
C SER E 938 -19.13 -15.53 -81.54
N LEU E 939 -19.05 -15.97 -80.28
CA LEU E 939 -18.14 -15.34 -79.33
C LEU E 939 -16.71 -15.41 -79.82
N TRP E 940 -16.30 -16.58 -80.29
CA TRP E 940 -14.93 -16.74 -80.75
C TRP E 940 -14.67 -15.89 -81.98
N ALA E 941 -15.65 -15.81 -82.88
CA ALA E 941 -15.51 -14.95 -84.05
C ALA E 941 -15.32 -13.50 -83.64
N LEU E 942 -16.11 -13.03 -82.68
CA LEU E 942 -15.97 -11.66 -82.20
C LEU E 942 -14.58 -11.44 -81.60
N GLY E 943 -14.12 -12.37 -80.77
CA GLY E 943 -12.80 -12.24 -80.20
C GLY E 943 -11.72 -12.17 -81.24
N ASN E 944 -11.80 -13.01 -82.27
CA ASN E 944 -10.86 -12.93 -83.37
C ASN E 944 -10.90 -11.60 -84.09
N ILE E 945 -12.09 -11.11 -84.42
CA ILE E 945 -12.16 -9.91 -85.26
C ILE E 945 -11.77 -8.68 -84.48
N GLY E 946 -11.78 -8.76 -83.15
CA GLY E 946 -11.38 -7.60 -82.38
C GLY E 946 -9.89 -7.42 -82.21
N SER E 947 -9.09 -8.10 -83.03
CA SER E 947 -7.68 -8.29 -82.77
C SER E 947 -6.77 -7.34 -83.55
N SER E 948 -7.29 -6.26 -84.11
CA SER E 948 -6.44 -5.27 -84.77
C SER E 948 -6.81 -3.89 -84.29
N ASN E 949 -5.93 -2.92 -84.55
CA ASN E 949 -6.29 -1.54 -84.32
C ASN E 949 -7.47 -1.12 -85.17
N TRP E 950 -7.48 -1.51 -86.45
CA TRP E 950 -8.58 -1.18 -87.34
C TRP E 950 -9.88 -1.89 -87.00
N GLY E 951 -9.82 -3.17 -86.67
CA GLY E 951 -11.02 -3.92 -86.36
C GLY E 951 -11.75 -3.33 -85.18
N LEU E 952 -10.97 -2.83 -84.21
CA LEU E 952 -11.55 -2.15 -83.07
C LEU E 952 -12.51 -1.06 -83.49
N ASN E 953 -12.18 -0.34 -84.56
CA ASN E 953 -13.07 0.71 -85.05
C ASN E 953 -14.37 0.12 -85.56
N LEU E 954 -14.28 -0.98 -86.31
CA LEU E 954 -15.49 -1.59 -86.87
C LEU E 954 -16.27 -2.39 -85.85
N LEU E 955 -15.75 -2.58 -84.64
CA LEU E 955 -16.52 -3.26 -83.61
C LEU E 955 -17.00 -2.32 -82.51
N GLN E 956 -16.36 -1.17 -82.32
CA GLN E 956 -16.73 -0.27 -81.25
C GLN E 956 -18.06 0.44 -81.47
N GLU E 957 -18.55 0.48 -82.71
CA GLU E 957 -19.78 1.23 -82.99
C GLU E 957 -20.99 0.58 -82.32
N GLU E 958 -21.06 -0.75 -82.30
CA GLU E 958 -22.17 -1.45 -81.67
C GLU E 958 -22.09 -1.45 -80.15
N ASN E 959 -20.92 -1.14 -79.59
CA ASN E 959 -20.71 -1.09 -78.14
C ASN E 959 -21.11 -2.41 -77.49
N VAL E 960 -20.57 -3.49 -78.05
CA VAL E 960 -20.87 -4.84 -77.60
C VAL E 960 -19.94 -5.30 -76.49
N ILE E 961 -18.81 -4.63 -76.27
CA ILE E 961 -17.91 -4.96 -75.17
C ILE E 961 -18.67 -4.93 -73.86
N PRO E 962 -19.52 -3.93 -73.59
CA PRO E 962 -20.38 -4.03 -72.41
C PRO E 962 -21.26 -5.25 -72.41
N ASP E 963 -21.74 -5.71 -73.57
CA ASP E 963 -22.55 -6.93 -73.60
C ASP E 963 -21.73 -8.13 -73.15
N ILE E 964 -20.50 -8.24 -73.63
CA ILE E 964 -19.65 -9.36 -73.25
C ILE E 964 -19.32 -9.29 -71.77
N LEU E 965 -19.09 -8.08 -71.26
CA LEU E 965 -18.86 -7.91 -69.84
C LEU E 965 -20.07 -8.34 -69.02
N LYS E 966 -21.26 -7.96 -69.46
CA LYS E 966 -22.49 -8.41 -68.82
C LYS E 966 -22.59 -9.92 -68.78
N LEU E 967 -22.32 -10.57 -69.92
CA LEU E 967 -22.34 -12.02 -69.97
C LEU E 967 -21.31 -12.65 -69.05
N ALA E 968 -20.11 -12.09 -68.98
CA ALA E 968 -19.02 -12.69 -68.22
C ALA E 968 -19.26 -12.67 -66.71
N LYS E 969 -20.26 -11.92 -66.23
CA LYS E 969 -20.46 -11.83 -64.80
C LYS E 969 -21.92 -11.93 -64.37
N GLN E 970 -22.87 -12.15 -65.29
CA GLN E 970 -24.26 -12.33 -64.90
C GLN E 970 -24.97 -13.44 -65.67
N CYS E 971 -24.25 -14.24 -66.43
CA CYS E 971 -24.88 -15.27 -67.24
C CYS E 971 -25.11 -16.55 -66.45
N GLU E 972 -25.66 -17.53 -67.15
CA GLU E 972 -26.00 -18.83 -66.60
C GLU E 972 -24.90 -19.86 -66.81
N VAL E 973 -24.62 -20.21 -68.06
CA VAL E 973 -23.86 -21.42 -68.38
C VAL E 973 -22.39 -21.20 -68.10
N LEU E 974 -21.82 -22.06 -67.26
CA LEU E 974 -20.44 -21.94 -66.81
C LEU E 974 -19.43 -22.16 -67.94
N SER E 975 -19.74 -23.01 -68.91
CA SER E 975 -18.88 -23.11 -70.08
C SER E 975 -18.84 -21.77 -70.82
N ILE E 976 -20.00 -21.13 -70.98
CA ILE E 976 -20.00 -19.78 -71.53
C ILE E 976 -19.24 -18.83 -70.63
N ARG E 977 -19.30 -19.03 -69.32
CA ARG E 977 -18.46 -18.24 -68.43
C ARG E 977 -16.98 -18.34 -68.80
N GLY E 978 -16.46 -19.55 -68.96
CA GLY E 978 -15.08 -19.69 -69.34
C GLY E 978 -14.76 -19.07 -70.68
N THR E 979 -15.65 -19.30 -71.64
CA THR E 979 -15.45 -18.75 -72.97
C THR E 979 -15.42 -17.23 -72.94
N CYS E 980 -16.21 -16.62 -72.05
CA CYS E 980 -16.18 -15.17 -71.92
C CYS E 980 -14.81 -14.68 -71.50
N VAL E 981 -14.21 -15.32 -70.49
CA VAL E 981 -12.86 -14.95 -70.08
C VAL E 981 -11.90 -15.13 -71.22
N TYR E 982 -12.03 -16.22 -71.97
CA TYR E 982 -11.13 -16.45 -73.09
C TYR E 982 -11.22 -15.34 -74.13
N VAL E 983 -12.43 -15.06 -74.62
CA VAL E 983 -12.54 -14.07 -75.68
C VAL E 983 -12.15 -12.70 -75.17
N LEU E 984 -12.46 -12.38 -73.91
CA LEU E 984 -12.11 -11.06 -73.40
C LEU E 984 -10.61 -10.91 -73.24
N GLY E 985 -9.92 -11.99 -72.85
CA GLY E 985 -8.47 -11.96 -72.89
C GLY E 985 -7.96 -11.80 -74.31
N LEU E 986 -8.68 -12.36 -75.28
CA LEU E 986 -8.30 -12.21 -76.67
C LEU E 986 -8.34 -10.75 -77.11
N ILE E 987 -9.43 -10.04 -76.81
CA ILE E 987 -9.55 -8.67 -77.29
C ILE E 987 -8.59 -7.75 -76.58
N ALA E 988 -7.78 -8.28 -75.67
CA ALA E 988 -6.81 -7.49 -74.91
C ALA E 988 -5.42 -7.54 -75.53
N LYS E 989 -5.30 -7.93 -76.79
CA LYS E 989 -3.99 -8.07 -77.42
C LYS E 989 -3.39 -6.72 -77.83
N THR E 990 -4.20 -5.67 -77.96
CA THR E 990 -3.73 -4.38 -78.45
C THR E 990 -3.85 -3.34 -77.36
N LYS E 991 -3.02 -2.29 -77.48
CA LYS E 991 -2.98 -1.26 -76.45
C LYS E 991 -4.31 -0.54 -76.33
N GLN E 992 -4.94 -0.22 -77.45
CA GLN E 992 -6.22 0.49 -77.42
C GLN E 992 -7.29 -0.36 -76.75
N GLY E 993 -7.31 -1.65 -77.05
CA GLY E 993 -8.24 -2.54 -76.38
C GLY E 993 -8.00 -2.60 -74.88
N CYS E 994 -6.72 -2.62 -74.48
CA CYS E 994 -6.40 -2.62 -73.06
C CYS E 994 -6.89 -1.34 -72.39
N ASP E 995 -6.76 -0.21 -73.09
CA ASP E 995 -7.33 1.03 -72.58
C ASP E 995 -8.84 0.93 -72.44
N ILE E 996 -9.50 0.31 -73.40
CA ILE E 996 -10.95 0.11 -73.31
C ILE E 996 -11.28 -0.69 -72.06
N LEU E 997 -10.60 -1.82 -71.87
CA LEU E 997 -10.89 -2.71 -70.75
C LEU E 997 -10.61 -2.08 -69.40
N LYS E 998 -9.51 -1.35 -69.27
CA LYS E 998 -9.15 -0.80 -67.97
C LYS E 998 -10.24 0.10 -67.42
N CYS E 999 -11.07 0.67 -68.29
CA CYS E 999 -12.20 1.46 -67.83
C CYS E 999 -13.19 0.63 -67.03
N HIS E 1000 -13.22 -0.69 -67.26
CA HIS E 1000 -14.20 -1.55 -66.61
C HIS E 1000 -13.56 -2.48 -65.59
N ASN E 1001 -12.44 -2.08 -64.98
CA ASN E 1001 -11.84 -2.81 -63.88
C ASN E 1001 -11.43 -4.22 -64.29
N TRP E 1002 -10.63 -4.32 -65.36
CA TRP E 1002 -10.06 -5.58 -65.79
C TRP E 1002 -8.59 -5.36 -66.10
N ASP E 1003 -7.72 -6.06 -65.38
CA ASP E 1003 -6.30 -5.93 -65.61
C ASP E 1003 -5.87 -6.82 -66.77
N ALA E 1004 -4.67 -6.54 -67.28
CA ALA E 1004 -4.09 -7.29 -68.39
C ALA E 1004 -2.58 -7.12 -68.36
N VAL E 1005 -1.89 -7.97 -69.11
CA VAL E 1005 -0.45 -7.87 -69.24
C VAL E 1005 -0.11 -6.87 -70.34
N ARG E 1006 0.85 -6.00 -70.07
CA ARG E 1006 1.20 -4.94 -71.01
C ARG E 1006 2.57 -5.14 -71.66
N HIS E 1007 3.14 -6.33 -71.59
CA HIS E 1007 4.42 -6.59 -72.23
C HIS E 1007 4.32 -7.81 -73.14
N SER E 1008 5.28 -7.90 -74.05
CA SER E 1008 5.38 -9.02 -74.97
C SER E 1008 6.32 -10.08 -74.42
N ARG E 1009 6.47 -11.17 -75.16
CA ARG E 1009 7.24 -12.32 -74.72
C ARG E 1009 8.68 -12.29 -75.20
N LYS E 1010 9.10 -11.22 -75.88
CA LYS E 1010 10.43 -11.20 -76.48
C LYS E 1010 11.52 -11.31 -75.42
N HIS E 1011 11.37 -10.60 -74.32
CA HIS E 1011 12.29 -10.71 -73.20
C HIS E 1011 11.52 -11.05 -71.94
N LEU E 1012 12.02 -12.05 -71.20
CA LEU E 1012 11.27 -12.56 -70.08
C LEU E 1012 11.46 -11.74 -68.82
N TRP E 1013 12.07 -10.55 -68.95
CA TRP E 1013 12.19 -9.62 -67.83
C TRP E 1013 11.86 -8.22 -68.33
N PRO E 1014 10.58 -7.92 -68.52
CA PRO E 1014 10.18 -6.63 -69.09
C PRO E 1014 9.98 -5.58 -68.02
N VAL E 1015 10.51 -4.38 -68.30
CA VAL E 1015 10.26 -3.25 -67.42
C VAL E 1015 9.10 -2.44 -67.97
N VAL E 1016 8.16 -2.10 -67.09
CA VAL E 1016 7.06 -1.21 -67.48
C VAL E 1016 7.52 0.24 -67.34
N PRO E 1017 7.39 1.07 -68.38
CA PRO E 1017 7.85 2.46 -68.29
C PRO E 1017 6.93 3.32 -67.43
N ASP E 1435 0.08 -7.04 -80.38
CA ASP E 1435 1.49 -6.80 -80.14
C ASP E 1435 1.89 -7.42 -78.81
N TYR E 1436 0.91 -7.54 -77.91
CA TYR E 1436 1.13 -8.27 -76.66
C TYR E 1436 0.46 -9.64 -76.75
N ILE E 1437 0.42 -10.33 -75.63
CA ILE E 1437 -0.24 -11.62 -75.55
C ILE E 1437 -1.62 -11.45 -74.94
N GLY E 1438 -2.63 -12.04 -75.58
CA GLY E 1438 -4.00 -11.88 -75.16
C GLY E 1438 -4.29 -12.37 -73.75
N LEU E 1439 -4.81 -11.50 -72.90
CA LEU E 1439 -4.90 -11.79 -71.48
C LEU E 1439 -5.78 -10.75 -70.80
N ALA E 1440 -6.76 -11.19 -70.01
CA ALA E 1440 -7.61 -10.27 -69.25
C ALA E 1440 -8.10 -10.96 -67.99
N LEU E 1441 -8.09 -10.23 -66.88
CA LEU E 1441 -8.54 -10.75 -65.60
C LEU E 1441 -9.42 -9.71 -64.92
N PRO E 1442 -10.44 -10.14 -64.18
CA PRO E 1442 -11.16 -9.20 -63.32
C PRO E 1442 -10.29 -8.78 -62.15
N VAL E 1443 -10.47 -7.53 -61.72
CA VAL E 1443 -9.58 -6.99 -60.70
C VAL E 1443 -9.72 -7.73 -59.39
N ASP E 1444 -10.94 -8.04 -58.98
CA ASP E 1444 -11.18 -8.88 -57.81
C ASP E 1444 -11.78 -10.18 -58.31
N ILE E 1445 -10.99 -11.26 -58.24
CA ILE E 1445 -11.32 -12.46 -58.98
C ILE E 1445 -12.67 -13.05 -58.59
N ASN E 1446 -13.10 -12.90 -57.35
CA ASN E 1446 -14.37 -13.50 -56.96
C ASN E 1446 -15.56 -12.81 -57.61
N ASP E 1447 -15.37 -11.67 -58.28
CA ASP E 1447 -16.49 -10.98 -58.89
C ASP E 1447 -17.24 -11.88 -59.86
N ILE E 1448 -16.51 -12.62 -60.70
CA ILE E 1448 -17.16 -13.52 -61.66
C ILE E 1448 -17.70 -14.77 -61.00
N PHE E 1449 -17.52 -14.94 -59.68
CA PHE E 1449 -17.89 -16.16 -59.00
C PHE E 1449 -19.28 -16.10 -58.39
N GLN E 1450 -20.05 -15.06 -58.71
CA GLN E 1450 -21.42 -14.97 -58.22
C GLN E 1450 -22.27 -15.98 -58.98
N VAL E 1451 -23.04 -16.77 -58.23
CA VAL E 1451 -23.99 -17.72 -58.78
C VAL E 1451 -25.28 -17.58 -58.00
N LYS E 1452 -26.39 -17.50 -58.71
CA LYS E 1452 -27.69 -17.51 -58.05
C LYS E 1452 -28.06 -18.94 -57.68
N ASP E 1453 -28.36 -19.17 -56.42
CA ASP E 1453 -28.78 -20.48 -55.98
C ASP E 1453 -30.22 -20.75 -56.40
N ILE E 1454 -30.58 -22.02 -56.47
CA ILE E 1454 -31.93 -22.46 -56.79
C ILE E 1454 -32.42 -23.32 -55.64
N PRO E 1455 -33.68 -23.22 -55.23
CA PRO E 1455 -34.19 -24.12 -54.20
C PRO E 1455 -34.19 -25.55 -54.69
N TYR E 1456 -34.00 -26.47 -53.75
CA TYR E 1456 -33.97 -27.88 -54.09
C TYR E 1456 -35.36 -28.35 -54.51
N PHE E 1457 -35.39 -29.41 -55.32
CA PHE E 1457 -36.65 -29.86 -55.89
C PHE E 1457 -37.44 -30.77 -54.96
N GLN E 1458 -36.94 -31.07 -53.77
CA GLN E 1458 -37.73 -31.84 -52.82
C GLN E 1458 -38.75 -30.98 -52.09
N THR E 1459 -39.05 -29.79 -52.59
CA THR E 1459 -40.07 -28.93 -51.99
C THR E 1459 -41.43 -29.60 -51.91
N LYS E 1460 -41.81 -30.40 -52.91
CA LYS E 1460 -43.10 -31.05 -52.93
C LYS E 1460 -43.26 -32.03 -51.79
N SER E 1491 -51.89 -50.45 -38.19
CA SER E 1491 -53.14 -51.19 -38.26
C SER E 1491 -52.93 -52.65 -37.85
N PHE E 1492 -52.02 -53.32 -38.55
CA PHE E 1492 -51.78 -54.74 -38.29
C PHE E 1492 -50.62 -54.96 -37.33
N HIS E 1493 -49.56 -54.15 -37.43
CA HIS E 1493 -48.39 -54.39 -36.59
C HIS E 1493 -48.65 -54.08 -35.12
N LEU E 1494 -49.66 -53.24 -34.82
CA LEU E 1494 -50.06 -53.05 -33.43
C LEU E 1494 -50.61 -54.33 -32.83
N LEU E 1495 -51.15 -55.21 -33.66
CA LEU E 1495 -51.61 -56.52 -33.24
C LEU E 1495 -50.47 -57.42 -32.75
N ARG E 1496 -49.23 -57.02 -33.00
CA ARG E 1496 -48.09 -57.88 -32.72
C ARG E 1496 -47.87 -58.11 -31.22
N GLN E 1497 -48.43 -57.26 -30.36
CA GLN E 1497 -48.17 -57.37 -28.92
C GLN E 1497 -48.63 -58.70 -28.35
N GLN E 1498 -49.94 -58.94 -28.38
CA GLN E 1498 -50.51 -60.13 -27.75
C GLN E 1498 -50.80 -61.26 -28.71
N MET E 1499 -50.85 -60.99 -30.00
CA MET E 1499 -51.37 -61.94 -30.98
C MET E 1499 -50.19 -62.56 -31.72
N SER E 1500 -49.83 -63.79 -31.35
CA SER E 1500 -48.63 -64.39 -31.91
C SER E 1500 -49.00 -65.46 -32.93
N LEU E 1501 -47.96 -66.02 -33.58
CA LEU E 1501 -48.14 -66.99 -34.65
C LEU E 1501 -48.86 -68.26 -34.19
N THR E 1502 -48.47 -68.79 -33.02
CA THR E 1502 -48.95 -70.11 -32.62
C THR E 1502 -50.46 -70.12 -32.43
N GLU E 1503 -51.00 -69.08 -31.79
CA GLU E 1503 -52.41 -69.10 -31.42
C GLU E 1503 -53.32 -68.44 -32.45
N ILE E 1504 -52.78 -67.58 -33.32
CA ILE E 1504 -53.60 -66.99 -34.37
C ILE E 1504 -53.78 -67.90 -35.57
N MET E 1505 -52.91 -68.89 -35.76
CA MET E 1505 -53.03 -69.74 -36.95
C MET E 1505 -54.22 -70.68 -36.86
N ASN E 1506 -54.60 -71.10 -35.65
CA ASN E 1506 -55.79 -71.91 -35.45
C ASN E 1506 -56.52 -71.50 -34.18
N THR E 1522 -60.59 -58.46 -49.67
CA THR E 1522 -59.43 -58.96 -50.40
C THR E 1522 -58.49 -59.67 -49.43
N GLY E 1523 -57.65 -60.55 -49.96
CA GLY E 1523 -56.68 -61.26 -49.15
C GLY E 1523 -55.46 -60.43 -48.81
N LEU E 1524 -55.48 -59.14 -49.14
CA LEU E 1524 -54.37 -58.25 -48.85
C LEU E 1524 -54.88 -56.85 -48.53
N GLN E 1525 -54.11 -56.11 -47.73
CA GLN E 1525 -54.38 -54.70 -47.49
C GLN E 1525 -54.16 -53.89 -48.76
N GLU E 1526 -52.91 -53.87 -49.24
CA GLU E 1526 -52.52 -52.98 -50.34
C GLU E 1526 -52.57 -53.75 -51.68
N HIS E 1527 -53.75 -54.26 -51.99
CA HIS E 1527 -54.00 -54.88 -53.29
C HIS E 1527 -55.23 -54.23 -53.91
N THR E 1528 -55.12 -53.82 -55.17
CA THR E 1528 -56.22 -53.20 -55.90
C THR E 1528 -56.44 -53.93 -57.22
N ASP E 1529 -57.40 -53.44 -58.00
CA ASP E 1529 -57.66 -54.01 -59.31
C ASP E 1529 -56.49 -53.77 -60.25
N ASP E 1530 -55.76 -52.68 -60.04
CA ASP E 1530 -54.50 -52.46 -60.72
C ASP E 1530 -53.39 -53.25 -60.03
N ASN E 1531 -52.15 -52.90 -60.37
CA ASN E 1531 -50.92 -53.30 -59.69
C ASN E 1531 -50.86 -54.78 -59.32
N CYS E 1532 -51.59 -55.63 -60.05
CA CYS E 1532 -51.47 -57.07 -59.91
C CYS E 1532 -51.07 -57.67 -61.25
N LEU E 1533 -50.13 -58.61 -61.21
CA LEU E 1533 -49.60 -59.16 -62.45
C LEU E 1533 -50.66 -59.89 -63.26
N TYR E 1534 -51.75 -60.31 -62.61
CA TYR E 1534 -52.86 -60.94 -63.29
C TYR E 1534 -54.05 -60.02 -63.50
N CYS E 1535 -54.37 -59.17 -62.52
CA CYS E 1535 -55.52 -58.29 -62.63
C CYS E 1535 -55.34 -57.24 -63.73
N VAL E 1536 -54.10 -56.92 -64.10
CA VAL E 1536 -53.90 -55.93 -65.15
C VAL E 1536 -54.32 -56.49 -66.51
N CYS E 1537 -54.01 -57.76 -66.78
CA CYS E 1537 -54.32 -58.38 -68.05
C CYS E 1537 -55.80 -58.63 -68.25
N ILE E 1538 -56.59 -58.56 -67.18
CA ILE E 1538 -57.99 -59.00 -67.22
C ILE E 1538 -58.80 -58.14 -68.19
N GLU E 1539 -58.53 -56.84 -68.25
CA GLU E 1539 -59.24 -55.99 -69.19
C GLU E 1539 -58.74 -56.19 -70.61
N ILE E 1540 -57.44 -56.04 -70.82
CA ILE E 1540 -56.88 -55.97 -72.16
C ILE E 1540 -57.05 -57.29 -72.91
N LEU E 1541 -56.91 -58.41 -72.19
CA LEU E 1541 -57.01 -59.73 -72.81
C LEU E 1541 -58.22 -60.53 -72.34
N GLY E 1542 -59.13 -59.93 -71.60
CA GLY E 1542 -60.32 -60.64 -71.18
C GLY E 1542 -60.04 -61.88 -70.37
N PHE E 1543 -59.09 -61.80 -69.45
CA PHE E 1543 -58.71 -62.96 -68.65
C PHE E 1543 -59.82 -63.32 -67.67
N GLN E 1544 -59.79 -64.56 -67.20
CA GLN E 1544 -60.75 -65.00 -66.21
C GLN E 1544 -60.55 -64.22 -64.91
N PRO E 1545 -61.63 -63.92 -64.20
CA PRO E 1545 -61.47 -63.32 -62.86
C PRO E 1545 -60.71 -64.25 -61.92
N SER E 1546 -59.96 -63.64 -61.01
CA SER E 1546 -59.14 -64.39 -60.08
C SER E 1546 -59.99 -65.33 -59.24
N ASN E 1547 -59.47 -66.53 -58.98
CA ASN E 1547 -60.21 -67.53 -58.24
C ASN E 1547 -59.99 -67.36 -56.74
N GLN E 1548 -61.00 -67.77 -55.97
CA GLN E 1548 -60.94 -67.71 -54.52
C GLN E 1548 -60.78 -69.12 -53.96
N LEU E 1549 -59.58 -69.44 -53.49
CA LEU E 1549 -59.35 -70.72 -52.83
C LEU E 1549 -59.34 -70.54 -51.31
N SER E 1550 -58.97 -71.61 -50.61
CA SER E 1550 -58.92 -71.60 -49.16
C SER E 1550 -57.93 -70.56 -48.65
N MET E 1619 -58.73 -67.86 -46.63
CA MET E 1619 -59.32 -67.74 -45.31
C MET E 1619 -58.31 -68.02 -44.20
N CYS E 1620 -57.71 -69.21 -44.22
CA CYS E 1620 -56.61 -69.48 -43.29
C CYS E 1620 -55.32 -68.83 -43.77
N ARG E 1621 -55.27 -68.42 -45.04
CA ARG E 1621 -54.05 -67.93 -45.66
C ARG E 1621 -53.87 -66.43 -45.54
N ILE E 1622 -54.96 -65.66 -45.54
CA ILE E 1622 -54.87 -64.21 -45.63
C ILE E 1622 -54.09 -63.65 -44.45
N LEU E 1623 -54.37 -64.13 -43.24
CA LEU E 1623 -53.60 -63.70 -42.08
C LEU E 1623 -52.12 -64.02 -42.27
N LEU E 1624 -51.82 -65.18 -42.83
CA LEU E 1624 -50.43 -65.50 -43.15
C LEU E 1624 -49.87 -64.54 -44.18
N ARG E 1625 -50.67 -64.18 -45.18
CA ARG E 1625 -50.23 -63.23 -46.19
C ARG E 1625 -49.79 -61.91 -45.56
N LYS E 1626 -50.65 -61.35 -44.70
CA LYS E 1626 -50.30 -60.10 -44.06
C LYS E 1626 -49.16 -60.26 -43.06
N GLU E 1627 -49.06 -61.42 -42.40
CA GLU E 1627 -47.91 -61.67 -41.54
C GLU E 1627 -46.61 -61.62 -42.31
N VAL E 1628 -46.54 -62.33 -43.44
CA VAL E 1628 -45.28 -62.37 -44.18
C VAL E 1628 -44.96 -61.01 -44.78
N LEU E 1629 -45.98 -60.28 -45.25
CA LEU E 1629 -45.70 -58.95 -45.79
C LEU E 1629 -45.25 -58.00 -44.70
N ARG E 1630 -45.85 -58.07 -43.51
CA ARG E 1630 -45.35 -57.25 -42.42
C ARG E 1630 -43.92 -57.62 -42.07
N LEU E 1631 -43.61 -58.91 -42.10
CA LEU E 1631 -42.25 -59.32 -41.76
C LEU E 1631 -41.26 -58.75 -42.76
N VAL E 1632 -41.56 -58.85 -44.06
CA VAL E 1632 -40.62 -58.36 -45.04
C VAL E 1632 -40.51 -56.83 -44.98
N ILE E 1633 -41.62 -56.14 -44.70
CA ILE E 1633 -41.53 -54.70 -44.49
C ILE E 1633 -40.62 -54.39 -43.32
N ASN E 1634 -40.71 -55.17 -42.24
CA ASN E 1634 -39.76 -55.03 -41.15
C ASN E 1634 -38.34 -55.31 -41.62
N LEU E 1635 -38.17 -56.28 -42.51
CA LEU E 1635 -36.88 -56.57 -43.10
C LEU E 1635 -36.33 -55.41 -43.91
N SER E 1636 -37.18 -54.48 -44.34
CA SER E 1636 -36.71 -53.30 -45.04
C SER E 1636 -35.76 -52.47 -44.18
N SER E 1637 -35.99 -52.42 -42.88
CA SER E 1637 -35.07 -51.70 -42.00
C SER E 1637 -33.69 -52.32 -41.98
N SER E 1638 -33.59 -53.63 -42.19
CA SER E 1638 -32.33 -54.36 -42.19
C SER E 1638 -31.54 -54.11 -40.91
N VAL E 1639 -32.22 -53.77 -39.82
CA VAL E 1639 -31.53 -53.58 -38.55
C VAL E 1639 -31.05 -54.91 -38.01
N SER E 1640 -31.89 -55.94 -38.10
CA SER E 1640 -31.51 -57.32 -37.79
C SER E 1640 -32.10 -58.18 -38.90
N THR E 1641 -31.35 -58.30 -40.00
CA THR E 1641 -31.87 -59.00 -41.17
C THR E 1641 -31.99 -60.50 -40.93
N LYS E 1642 -31.07 -61.09 -40.19
CA LYS E 1642 -30.99 -62.55 -40.10
C LYS E 1642 -32.19 -63.13 -39.36
N CYS E 1643 -32.67 -62.45 -38.32
CA CYS E 1643 -33.80 -62.98 -37.56
C CYS E 1643 -35.08 -63.00 -38.39
N HIS E 1644 -35.38 -61.89 -39.06
CA HIS E 1644 -36.56 -61.86 -39.92
C HIS E 1644 -36.41 -62.84 -41.08
N GLU E 1645 -35.18 -62.99 -41.58
CA GLU E 1645 -34.91 -64.01 -42.59
C GLU E 1645 -35.32 -65.38 -42.09
N THR E 1646 -34.90 -65.73 -40.87
CA THR E 1646 -35.29 -67.02 -40.31
C THR E 1646 -36.80 -67.13 -40.14
N GLY E 1647 -37.45 -66.02 -39.77
CA GLY E 1647 -38.89 -66.08 -39.61
C GLY E 1647 -39.63 -66.39 -40.90
N LEU E 1648 -39.27 -65.68 -41.98
CA LEU E 1648 -39.86 -66.02 -43.28
C LEU E 1648 -39.48 -67.42 -43.71
N LEU E 1649 -38.27 -67.87 -43.40
CA LEU E 1649 -37.90 -69.22 -43.78
C LEU E 1649 -38.78 -70.25 -43.09
N THR E 1650 -39.06 -70.04 -41.80
CA THR E 1650 -39.95 -70.93 -41.07
C THR E 1650 -41.35 -70.95 -41.67
N ILE E 1651 -41.90 -69.76 -41.91
CA ILE E 1651 -43.21 -69.69 -42.55
C ILE E 1651 -43.16 -70.38 -43.91
N LYS E 1652 -42.02 -70.31 -44.58
CA LYS E 1652 -41.87 -70.96 -45.88
C LYS E 1652 -42.01 -72.46 -45.77
N GLU E 1653 -41.09 -73.12 -45.05
CA GLU E 1653 -41.10 -74.58 -45.17
C GLU E 1653 -42.27 -75.18 -44.42
N LYS E 1654 -42.86 -74.44 -43.47
CA LYS E 1654 -44.06 -74.98 -42.84
C LYS E 1654 -45.19 -75.11 -43.85
N TYR E 1655 -45.37 -74.10 -44.70
CA TYR E 1655 -46.46 -74.05 -45.69
C TYR E 1655 -45.85 -73.79 -47.05
N PRO E 1656 -45.08 -74.75 -47.59
CA PRO E 1656 -44.34 -74.49 -48.84
C PRO E 1656 -45.19 -74.13 -50.03
N GLN E 1657 -46.43 -74.60 -50.11
CA GLN E 1657 -47.26 -74.40 -51.28
C GLN E 1657 -48.03 -73.07 -51.26
N THR E 1658 -47.99 -72.35 -50.15
CA THR E 1658 -48.73 -71.10 -50.00
C THR E 1658 -48.23 -70.01 -50.95
N PHE E 1659 -47.03 -70.17 -51.51
CA PHE E 1659 -46.35 -69.10 -52.23
C PHE E 1659 -46.72 -69.06 -53.71
N ASP E 1660 -47.93 -69.52 -54.04
CA ASP E 1660 -48.40 -69.52 -55.42
C ASP E 1660 -49.30 -68.34 -55.77
N ASP E 1661 -49.77 -67.60 -54.77
CA ASP E 1661 -50.66 -66.47 -55.02
C ASP E 1661 -49.94 -65.40 -55.84
N ILE E 1662 -50.64 -64.87 -56.84
CA ILE E 1662 -50.08 -63.83 -57.69
C ILE E 1662 -50.23 -62.44 -57.07
N CYS E 1663 -51.30 -62.20 -56.32
CA CYS E 1663 -51.53 -60.89 -55.75
C CYS E 1663 -50.40 -60.47 -54.82
N LEU E 1664 -49.93 -61.38 -53.98
CA LEU E 1664 -48.76 -61.14 -53.15
C LEU E 1664 -47.51 -60.90 -53.98
N TYR E 1665 -47.35 -61.67 -55.06
CA TYR E 1665 -46.15 -61.58 -55.87
C TYR E 1665 -46.03 -60.21 -56.52
N SER E 1666 -47.13 -59.72 -57.08
CA SER E 1666 -47.09 -58.40 -57.72
C SER E 1666 -46.74 -57.33 -56.69
N GLU E 1667 -47.24 -57.46 -55.47
CA GLU E 1667 -47.01 -56.42 -54.48
C GLU E 1667 -45.58 -56.46 -53.95
N VAL E 1668 -45.01 -57.65 -53.79
CA VAL E 1668 -43.61 -57.69 -53.36
C VAL E 1668 -42.72 -57.15 -54.47
N SER E 1669 -43.07 -57.44 -55.73
CA SER E 1669 -42.36 -56.81 -56.83
C SER E 1669 -42.48 -55.29 -56.76
N HIS E 1670 -43.68 -54.79 -56.47
CA HIS E 1670 -43.87 -53.35 -56.33
C HIS E 1670 -43.00 -52.77 -55.23
N LEU E 1671 -42.94 -53.44 -54.09
CA LEU E 1671 -42.13 -52.95 -52.99
C LEU E 1671 -40.65 -52.95 -53.35
N LEU E 1672 -40.17 -54.01 -54.00
CA LEU E 1672 -38.81 -54.01 -54.50
C LEU E 1672 -38.57 -52.87 -55.48
N SER E 1673 -39.63 -52.44 -56.17
CA SER E 1673 -39.55 -51.24 -56.98
C SER E 1673 -39.70 -49.96 -56.15
N HIS E 1674 -39.98 -50.08 -54.86
CA HIS E 1674 -40.21 -48.87 -54.07
C HIS E 1674 -39.61 -48.94 -52.67
N CYS E 1675 -38.65 -49.83 -52.43
CA CYS E 1675 -37.94 -49.88 -51.16
C CYS E 1675 -36.44 -49.81 -51.45
N THR E 1676 -35.66 -49.67 -50.38
CA THR E 1676 -34.20 -49.64 -50.48
C THR E 1676 -33.67 -50.87 -49.76
N PHE E 1677 -33.14 -51.82 -50.53
CA PHE E 1677 -32.68 -53.10 -50.00
C PHE E 1677 -31.20 -53.31 -50.26
N ARG E 1678 -30.50 -53.76 -49.23
CA ARG E 1678 -29.17 -54.33 -49.42
C ARG E 1678 -29.26 -55.52 -50.38
N LEU E 1679 -28.16 -55.80 -51.06
CA LEU E 1679 -28.19 -56.83 -52.11
C LEU E 1679 -28.55 -58.21 -51.57
N PRO E 1680 -27.94 -58.70 -50.47
CA PRO E 1680 -28.27 -60.07 -50.04
C PRO E 1680 -29.75 -60.28 -49.80
N CYS E 1681 -30.40 -59.41 -49.03
CA CYS E 1681 -31.82 -59.59 -48.79
C CYS E 1681 -32.60 -59.46 -50.09
N ARG E 1682 -32.15 -58.59 -51.00
CA ARG E 1682 -32.89 -58.41 -52.24
C ARG E 1682 -32.91 -59.68 -53.08
N ARG E 1683 -31.74 -60.28 -53.35
CA ARG E 1683 -31.82 -61.47 -54.19
C ARG E 1683 -32.36 -62.65 -53.40
N PHE E 1684 -32.25 -62.59 -52.07
CA PHE E 1684 -32.94 -63.58 -51.25
C PHE E 1684 -34.44 -63.55 -51.47
N ILE E 1685 -35.05 -62.38 -51.33
CA ILE E 1685 -36.49 -62.27 -51.47
C ILE E 1685 -36.91 -62.56 -52.89
N GLN E 1686 -36.05 -62.24 -53.86
CA GLN E 1686 -36.37 -62.63 -55.23
C GLN E 1686 -36.37 -64.13 -55.41
N GLU E 1687 -35.31 -64.83 -54.97
CA GLU E 1687 -35.21 -66.26 -55.16
C GLU E 1687 -36.19 -67.04 -54.30
N LEU E 1688 -36.75 -66.41 -53.26
CA LEU E 1688 -37.73 -67.12 -52.44
C LEU E 1688 -38.99 -67.42 -53.24
N PHE E 1689 -39.15 -66.76 -54.38
CA PHE E 1689 -40.16 -67.11 -55.37
C PHE E 1689 -39.55 -67.67 -56.65
N GLN E 1690 -38.53 -68.51 -56.54
CA GLN E 1690 -37.84 -69.01 -57.73
C GLN E 1690 -38.67 -70.08 -58.43
N ASP E 1691 -38.92 -71.19 -57.74
CA ASP E 1691 -39.61 -72.33 -58.34
C ASP E 1691 -41.10 -72.29 -57.99
N VAL E 1692 -41.86 -71.61 -58.85
CA VAL E 1692 -43.30 -71.53 -58.75
C VAL E 1692 -43.90 -71.83 -60.11
N GLN E 1693 -45.20 -72.11 -60.13
CA GLN E 1693 -45.84 -72.69 -61.30
C GLN E 1693 -46.81 -71.74 -61.99
N PHE E 1694 -47.81 -71.24 -61.27
CA PHE E 1694 -48.82 -70.32 -61.82
C PHE E 1694 -49.56 -70.94 -63.00
N LEU E 1695 -50.36 -71.96 -62.69
CA LEU E 1695 -51.21 -72.58 -63.70
C LEU E 1695 -52.25 -71.61 -64.25
N GLN E 1696 -52.80 -70.76 -63.39
CA GLN E 1696 -53.99 -70.01 -63.78
C GLN E 1696 -53.69 -69.06 -64.94
N MET E 1697 -52.68 -68.20 -64.80
CA MET E 1697 -52.35 -67.30 -65.91
C MET E 1697 -52.05 -68.09 -67.17
N HIS E 1698 -51.20 -69.10 -67.06
CA HIS E 1698 -50.60 -69.70 -68.25
C HIS E 1698 -51.66 -70.45 -69.05
N GLU E 1699 -52.47 -71.25 -68.38
CA GLU E 1699 -53.54 -71.94 -69.07
C GLU E 1699 -54.60 -70.97 -69.58
N GLU E 1700 -54.96 -69.94 -68.82
CA GLU E 1700 -55.90 -68.96 -69.34
C GLU E 1700 -55.34 -68.24 -70.56
N ALA E 1701 -54.05 -67.95 -70.56
CA ALA E 1701 -53.44 -67.22 -71.67
C ALA E 1701 -53.34 -68.07 -72.92
N GLU E 1702 -52.94 -69.34 -72.78
CA GLU E 1702 -52.92 -70.21 -73.94
C GLU E 1702 -54.33 -70.47 -74.45
N ALA E 1703 -55.34 -70.39 -73.56
CA ALA E 1703 -56.71 -70.45 -74.02
C ALA E 1703 -57.08 -69.22 -74.84
N VAL E 1704 -56.80 -68.02 -74.31
CA VAL E 1704 -57.24 -66.79 -74.97
C VAL E 1704 -56.39 -66.48 -76.19
N LEU E 1705 -55.24 -67.15 -76.33
CA LEU E 1705 -54.38 -66.90 -77.48
C LEU E 1705 -55.09 -67.26 -78.78
N ALA E 1706 -55.66 -68.45 -78.84
CA ALA E 1706 -56.36 -68.92 -80.03
C ALA E 1706 -57.33 -70.03 -79.69
N ASN F 37 -38.63 70.42 87.71
CA ASN F 37 -37.85 71.26 88.63
C ASN F 37 -38.66 71.61 89.88
N VAL F 38 -39.00 70.58 90.66
CA VAL F 38 -39.77 70.76 91.89
C VAL F 38 -39.42 69.63 92.86
N PRO F 39 -38.34 69.75 93.64
CA PRO F 39 -37.95 68.66 94.54
C PRO F 39 -38.66 68.75 95.89
N LEU F 40 -39.48 67.73 96.15
CA LEU F 40 -40.14 67.57 97.44
C LEU F 40 -39.67 66.34 98.18
N ASP F 41 -39.81 65.16 97.58
CA ASP F 41 -39.26 63.89 98.06
C ASP F 41 -39.81 63.47 99.42
N LEU F 42 -40.67 64.29 100.03
CA LEU F 42 -41.31 63.95 101.30
C LEU F 42 -42.79 64.26 101.14
N THR F 43 -43.53 63.32 100.56
CA THR F 43 -44.96 63.46 100.32
C THR F 43 -45.50 62.12 99.85
N ARG F 44 -46.76 62.11 99.46
CA ARG F 44 -47.36 60.90 98.90
C ARG F 44 -46.82 60.67 97.49
N GLU F 45 -46.06 59.60 97.32
CA GLU F 45 -45.43 59.26 96.05
C GLU F 45 -46.47 59.20 94.94
N PRO F 46 -47.65 58.62 95.20
CA PRO F 46 -48.69 58.57 94.17
C PRO F 46 -49.05 59.96 93.66
N SER F 47 -49.45 60.85 94.56
CA SER F 47 -49.81 62.20 94.16
C SER F 47 -48.63 62.92 93.53
N ASP F 48 -47.44 62.75 94.12
CA ASP F 48 -46.24 63.39 93.61
C ASP F 48 -46.03 63.06 92.14
N ASN F 49 -45.85 61.78 91.83
CA ASN F 49 -45.63 61.38 90.45
C ASN F 49 -46.83 61.67 89.56
N LEU F 50 -48.05 61.61 90.10
CA LEU F 50 -49.23 61.88 89.29
C LEU F 50 -49.22 63.32 88.78
N ARG F 51 -49.04 64.28 89.68
CA ARG F 51 -48.99 65.66 89.23
C ARG F 51 -47.76 65.91 88.37
N GLU F 52 -46.63 65.28 88.70
CA GLU F 52 -45.43 65.42 87.88
C GLU F 52 -45.69 65.00 86.45
N ILE F 53 -46.22 63.79 86.25
CA ILE F 53 -46.45 63.27 84.91
C ILE F 53 -47.58 64.02 84.19
N LEU F 54 -48.62 64.45 84.92
CA LEU F 54 -49.67 65.24 84.27
C LEU F 54 -49.12 66.56 83.76
N GLN F 55 -48.38 67.29 84.59
CA GLN F 55 -47.76 68.53 84.09
C GLN F 55 -46.74 68.24 83.02
N ASN F 56 -46.16 67.03 83.01
CA ASN F 56 -45.20 66.66 81.98
C ASN F 56 -45.86 66.47 80.62
N VAL F 57 -47.01 65.79 80.59
CA VAL F 57 -47.73 65.67 79.32
C VAL F 57 -48.34 67.01 78.93
N ALA F 58 -48.85 67.76 79.90
CA ALA F 58 -49.15 69.18 79.72
C ALA F 58 -50.10 69.43 78.56
N ARG F 59 -50.98 68.47 78.28
CA ARG F 59 -51.82 68.42 77.08
C ARG F 59 -50.99 68.67 75.82
N LEU F 60 -49.67 68.46 75.92
CA LEU F 60 -48.72 68.79 74.86
C LEU F 60 -48.68 70.28 74.55
N GLN F 61 -49.04 71.11 75.53
CA GLN F 61 -49.17 72.54 75.29
C GLN F 61 -48.82 73.32 76.56
N GLY F 62 -48.45 74.59 76.37
CA GLY F 62 -48.34 75.52 77.48
C GLY F 62 -47.24 75.25 78.48
N VAL F 63 -46.27 74.39 78.13
CA VAL F 63 -45.15 74.09 79.00
C VAL F 63 -43.88 74.06 78.15
N SER F 64 -42.82 74.71 78.65
CA SER F 64 -41.56 74.79 77.94
C SER F 64 -40.87 73.44 77.92
N ASN F 65 -39.91 73.30 77.00
CA ASN F 65 -39.21 72.02 76.84
C ASN F 65 -38.09 71.85 77.86
N MET F 66 -37.40 72.92 78.23
CA MET F 66 -36.35 72.80 79.25
C MET F 66 -36.93 72.43 80.60
N ARG F 67 -38.11 72.97 80.93
CA ARG F 67 -38.75 72.54 82.16
C ARG F 67 -39.30 71.13 82.04
N LYS F 68 -39.57 70.66 80.82
CA LYS F 68 -39.82 69.24 80.63
C LYS F 68 -38.58 68.41 80.93
N LEU F 69 -37.40 68.89 80.50
CA LEU F 69 -36.16 68.25 80.89
C LEU F 69 -36.04 68.19 82.41
N GLY F 70 -36.37 69.30 83.06
CA GLY F 70 -36.46 69.28 84.51
C GLY F 70 -37.33 68.15 85.02
N HIS F 71 -38.63 68.20 84.68
CA HIS F 71 -39.58 67.18 85.14
C HIS F 71 -39.06 65.78 84.91
N LEU F 72 -38.47 65.50 83.75
CA LEU F 72 -37.90 64.18 83.51
C LEU F 72 -36.77 63.86 84.48
N ASN F 73 -35.89 64.83 84.74
CA ASN F 73 -34.79 64.57 85.66
C ASN F 73 -35.29 64.32 87.07
N ASN F 74 -36.28 65.10 87.51
CA ASN F 74 -36.91 64.84 88.81
C ASN F 74 -37.58 63.47 88.84
N PHE F 75 -38.24 63.09 87.75
CA PHE F 75 -38.82 61.76 87.65
C PHE F 75 -37.77 60.68 87.85
N THR F 76 -36.64 60.82 87.16
CA THR F 76 -35.57 59.85 87.30
C THR F 76 -35.04 59.80 88.72
N LYS F 77 -34.91 60.97 89.35
CA LYS F 77 -34.50 61.00 90.76
C LYS F 77 -35.49 60.25 91.64
N LEU F 78 -36.78 60.44 91.40
CA LEU F 78 -37.79 59.80 92.24
C LEU F 78 -37.77 58.28 92.08
N LEU F 79 -37.59 57.78 90.86
CA LEU F 79 -37.41 56.33 90.76
C LEU F 79 -36.09 55.87 91.35
N CYS F 80 -35.05 56.71 91.30
CA CYS F 80 -33.77 56.33 91.87
C CYS F 80 -33.87 56.15 93.38
N ASP F 81 -34.55 57.08 94.06
CA ASP F 81 -34.52 57.08 95.51
C ASP F 81 -35.70 56.31 96.13
N ILE F 82 -36.78 56.11 95.39
CA ILE F 82 -37.99 55.50 95.93
C ILE F 82 -38.08 54.07 95.43
N GLY F 83 -38.30 53.15 96.36
CA GLY F 83 -38.55 51.77 95.97
C GLY F 83 -39.78 51.67 95.10
N HIS F 84 -39.62 50.94 93.98
CA HIS F 84 -40.66 50.84 92.97
C HIS F 84 -41.49 49.57 93.18
N SER F 85 -42.73 49.75 93.62
CA SER F 85 -43.70 48.68 93.69
C SER F 85 -45.10 49.29 93.70
N GLU F 86 -45.99 48.73 92.90
CA GLU F 86 -47.29 49.34 92.61
C GLU F 86 -48.05 49.76 93.86
N GLU F 87 -48.02 48.96 94.93
CA GLU F 87 -48.81 49.24 96.12
C GLU F 87 -48.44 50.58 96.75
N LYS F 88 -47.15 50.80 97.03
CA LYS F 88 -46.69 52.09 97.51
C LYS F 88 -46.36 53.05 96.39
N LEU F 89 -46.27 52.57 95.16
CA LEU F 89 -46.23 53.46 94.01
C LEU F 89 -47.61 54.03 93.70
N GLY F 90 -48.67 53.33 94.10
CA GLY F 90 -50.02 53.82 93.95
C GLY F 90 -50.56 53.79 92.55
N PHE F 91 -49.83 53.20 91.60
CA PHE F 91 -50.25 53.19 90.21
C PHE F 91 -49.89 51.86 89.59
N HIS F 92 -50.56 51.55 88.48
CA HIS F 92 -50.11 50.48 87.61
C HIS F 92 -48.86 50.92 86.87
N TYR F 93 -48.27 49.98 86.11
CA TYR F 93 -47.14 50.35 85.28
C TYR F 93 -47.58 50.82 83.91
N GLU F 94 -48.80 50.45 83.52
CA GLU F 94 -49.28 50.75 82.17
C GLU F 94 -49.44 52.25 81.96
N ASP F 95 -50.08 52.93 82.91
CA ASP F 95 -50.23 54.37 82.81
C ASP F 95 -48.87 55.06 82.84
N ILE F 96 -47.94 54.54 83.66
CA ILE F 96 -46.61 55.12 83.73
C ILE F 96 -45.93 55.04 82.36
N ILE F 97 -45.93 53.86 81.74
CA ILE F 97 -45.23 53.71 80.47
C ILE F 97 -45.92 54.51 79.37
N ILE F 98 -47.26 54.56 79.39
CA ILE F 98 -47.97 55.36 78.39
C ILE F 98 -47.62 56.83 78.53
N CYS F 99 -47.54 57.33 79.77
CA CYS F 99 -47.12 58.70 80.00
C CYS F 99 -45.69 58.94 79.54
N LEU F 100 -44.77 58.01 79.81
CA LEU F 100 -43.39 58.17 79.35
C LEU F 100 -43.27 58.20 77.84
N ARG F 101 -43.99 57.35 77.12
CA ARG F 101 -43.77 57.25 75.69
C ARG F 101 -44.18 58.50 74.92
N LEU F 102 -45.13 59.28 75.46
CA LEU F 102 -45.51 60.53 74.79
C LEU F 102 -44.37 61.54 74.75
N ALA F 103 -43.38 61.39 75.64
CA ALA F 103 -42.21 62.26 75.58
C ALA F 103 -41.37 62.01 74.34
N LEU F 104 -41.60 60.90 73.65
CA LEU F 104 -40.81 60.57 72.47
C LEU F 104 -41.33 61.23 71.20
N LEU F 105 -42.46 61.92 71.27
CA LEU F 105 -43.03 62.55 70.09
C LEU F 105 -42.58 64.00 69.93
N ASN F 106 -42.23 64.69 71.01
CA ASN F 106 -41.87 66.10 70.90
C ASN F 106 -40.57 66.26 70.13
N GLU F 107 -40.29 67.52 69.75
CA GLU F 107 -39.12 67.80 68.93
C GLU F 107 -37.82 67.67 69.71
N ALA F 108 -37.87 67.80 71.03
CA ALA F 108 -36.64 67.89 71.82
C ALA F 108 -35.98 66.52 71.93
N LYS F 109 -34.76 66.41 71.42
CA LYS F 109 -34.02 65.16 71.47
C LYS F 109 -33.64 64.79 72.89
N GLU F 110 -33.20 65.75 73.68
CA GLU F 110 -32.81 65.48 75.05
C GLU F 110 -33.99 64.98 75.87
N VAL F 111 -35.22 65.36 75.49
CA VAL F 111 -36.38 64.76 76.14
C VAL F 111 -36.43 63.27 75.85
N ARG F 112 -36.15 62.85 74.62
CA ARG F 112 -36.08 61.43 74.32
C ARG F 112 -34.95 60.76 75.09
N ALA F 113 -33.82 61.45 75.24
CA ALA F 113 -32.71 60.89 76.02
C ALA F 113 -33.12 60.66 77.46
N ALA F 114 -33.78 61.64 78.07
CA ALA F 114 -34.24 61.49 79.45
C ALA F 114 -35.30 60.41 79.56
N GLY F 115 -36.16 60.30 78.55
CA GLY F 115 -37.14 59.23 78.53
C GLY F 115 -36.47 57.88 78.53
N LEU F 116 -35.39 57.73 77.75
CA LEU F 116 -34.61 56.51 77.80
C LEU F 116 -34.03 56.29 79.20
N ARG F 117 -33.48 57.36 79.79
CA ARG F 117 -32.94 57.26 81.15
C ARG F 117 -33.98 56.68 82.10
N ALA F 118 -35.22 57.17 82.00
CA ALA F 118 -36.27 56.63 82.83
C ALA F 118 -36.60 55.17 82.48
N LEU F 119 -36.83 54.89 81.19
CA LEU F 119 -37.24 53.56 80.77
C LEU F 119 -36.27 52.47 81.20
N ARG F 120 -34.96 52.72 81.13
CA ARG F 120 -34.05 51.66 81.55
C ARG F 120 -34.26 51.35 83.03
N TYR F 121 -34.63 52.35 83.83
CA TYR F 121 -34.86 52.14 85.25
C TYR F 121 -36.18 51.43 85.53
N LEU F 122 -37.10 51.42 84.57
CA LEU F 122 -38.34 50.68 84.74
C LEU F 122 -38.18 49.18 84.59
N ILE F 123 -37.34 48.73 83.65
CA ILE F 123 -37.21 47.31 83.35
C ILE F 123 -36.55 46.64 84.54
N GLN F 124 -37.32 45.85 85.30
CA GLN F 124 -36.79 45.21 86.49
C GLN F 124 -37.09 43.72 86.57
N ASP F 125 -38.19 43.24 86.00
CA ASP F 125 -38.49 41.82 85.91
C ASP F 125 -39.08 41.54 84.53
N SER F 126 -38.97 40.28 84.10
CA SER F 126 -39.42 39.88 82.78
C SER F 126 -40.90 40.23 82.55
N SER F 127 -41.71 40.13 83.60
CA SER F 127 -43.10 40.55 83.49
C SER F 127 -43.20 42.00 83.06
N ILE F 128 -42.40 42.86 83.69
CA ILE F 128 -42.43 44.28 83.35
C ILE F 128 -42.12 44.50 81.88
N LEU F 129 -41.04 43.87 81.40
CA LEU F 129 -40.63 44.10 80.02
C LEU F 129 -41.66 43.54 79.05
N GLN F 130 -42.30 42.42 79.37
CA GLN F 130 -43.26 41.88 78.41
C GLN F 130 -44.53 42.72 78.38
N LYS F 131 -44.93 43.30 79.52
CA LYS F 131 -46.03 44.26 79.46
C LYS F 131 -45.61 45.50 78.70
N VAL F 132 -44.35 45.90 78.80
CA VAL F 132 -43.89 47.07 78.05
C VAL F 132 -43.89 46.79 76.54
N LEU F 133 -43.41 45.62 76.13
CA LEU F 133 -43.26 45.32 74.72
C LEU F 133 -44.57 44.96 74.05
N LYS F 134 -45.55 44.39 74.77
CA LYS F 134 -46.86 44.24 74.15
C LYS F 134 -47.42 45.59 73.74
N LEU F 135 -47.12 46.63 74.52
CA LEU F 135 -47.28 47.99 74.04
C LEU F 135 -46.21 48.28 73.00
N LYS F 136 -46.60 48.96 71.92
CA LYS F 136 -45.75 49.07 70.74
C LYS F 136 -44.71 50.18 70.91
N VAL F 137 -43.97 50.09 72.01
CA VAL F 137 -42.85 51.00 72.26
C VAL F 137 -41.62 50.59 71.46
N ASP F 138 -41.57 49.34 70.99
CA ASP F 138 -40.46 48.88 70.16
C ASP F 138 -40.27 49.75 68.94
N TYR F 139 -41.36 50.10 68.25
CA TYR F 139 -41.27 50.95 67.07
C TYR F 139 -40.72 52.33 67.43
N LEU F 140 -41.05 52.81 68.63
CA LEU F 140 -40.55 54.10 69.07
C LEU F 140 -39.04 54.05 69.30
N ILE F 141 -38.57 53.03 70.02
CA ILE F 141 -37.14 52.87 70.19
C ILE F 141 -36.48 52.72 68.82
N ALA F 142 -37.18 52.05 67.90
CA ALA F 142 -36.67 51.89 66.54
C ALA F 142 -36.47 53.23 65.86
N ARG F 143 -37.45 54.14 65.93
CA ARG F 143 -37.21 55.43 65.29
C ARG F 143 -35.99 56.07 65.93
N CYS F 144 -35.90 55.99 67.26
CA CYS F 144 -34.83 56.66 67.97
C CYS F 144 -33.46 56.14 67.59
N ILE F 145 -33.35 54.86 67.23
CA ILE F 145 -32.05 54.30 66.89
C ILE F 145 -31.51 54.94 65.63
N ASP F 146 -32.32 54.99 64.58
CA ASP F 146 -31.89 55.42 63.25
C ASP F 146 -32.34 56.85 62.93
N ILE F 147 -31.62 57.83 63.46
CA ILE F 147 -31.79 59.22 63.09
C ILE F 147 -30.49 59.85 62.60
N GLN F 148 -29.42 59.72 63.38
CA GLN F 148 -28.08 60.14 62.99
C GLN F 148 -28.07 61.62 62.58
N GLN F 149 -28.85 62.42 63.31
CA GLN F 149 -28.82 63.86 63.12
C GLN F 149 -27.99 64.52 64.22
N SER F 150 -26.69 64.25 64.22
CA SER F 150 -25.74 64.93 65.11
C SER F 150 -26.15 64.84 66.57
N ASN F 151 -26.81 63.75 66.94
CA ASN F 151 -27.29 63.54 68.30
C ASN F 151 -26.70 62.25 68.87
N GLU F 152 -25.49 62.34 69.39
CA GLU F 152 -24.74 61.16 69.79
C GLU F 152 -24.84 60.87 71.28
N VAL F 153 -25.71 61.56 72.02
CA VAL F 153 -25.90 61.28 73.42
C VAL F 153 -27.20 60.53 73.70
N GLU F 154 -27.99 60.24 72.68
CA GLU F 154 -29.30 59.62 72.88
C GLU F 154 -29.27 58.13 72.55
N ARG F 155 -28.90 57.80 71.32
CA ARG F 155 -28.86 56.42 70.88
C ARG F 155 -27.95 55.56 71.75
N THR F 156 -26.90 56.14 72.31
CA THR F 156 -26.10 55.45 73.32
C THR F 156 -26.98 54.97 74.46
N GLN F 157 -27.84 55.85 74.96
CA GLN F 157 -28.79 55.45 75.98
C GLN F 157 -29.72 54.36 75.46
N ALA F 158 -30.17 54.48 74.21
CA ALA F 158 -31.02 53.46 73.62
C ALA F 158 -30.29 52.12 73.56
N LEU F 159 -29.03 52.14 73.12
CA LEU F 159 -28.27 50.89 73.01
C LEU F 159 -28.06 50.25 74.37
N ARG F 160 -27.75 51.04 75.39
CA ARG F 160 -27.52 50.43 76.69
C ARG F 160 -28.84 49.97 77.31
N LEU F 161 -29.94 50.62 76.95
CA LEU F 161 -31.26 50.09 77.30
C LEU F 161 -31.50 48.73 76.63
N VAL F 162 -31.09 48.61 75.37
CA VAL F 162 -31.22 47.33 74.68
C VAL F 162 -30.37 46.27 75.36
N ARG F 163 -29.17 46.63 75.78
CA ARG F 163 -28.34 45.65 76.49
C ARG F 163 -28.98 45.26 77.81
N LYS F 164 -29.60 46.21 78.50
CA LYS F 164 -30.31 45.86 79.72
C LYS F 164 -31.43 44.87 79.44
N MET F 165 -32.22 45.13 78.39
CA MET F 165 -33.36 44.26 78.12
C MET F 165 -32.91 42.88 77.67
N ILE F 166 -31.82 42.80 76.90
CA ILE F 166 -31.35 41.48 76.47
C ILE F 166 -30.78 40.72 77.66
N THR F 167 -30.11 41.42 78.58
CA THR F 167 -29.62 40.76 79.79
C THR F 167 -30.77 40.19 80.60
N VAL F 168 -31.80 41.01 80.85
CA VAL F 168 -32.90 40.53 81.66
C VAL F 168 -33.71 39.47 80.90
N ASN F 169 -34.04 39.73 79.63
CA ASN F 169 -34.73 38.74 78.82
C ASN F 169 -34.50 39.03 77.35
N ALA F 170 -33.62 38.25 76.72
CA ALA F 170 -33.50 38.28 75.27
C ALA F 170 -34.45 37.28 74.60
N SER F 171 -34.95 36.30 75.34
CA SER F 171 -35.88 35.32 74.77
C SER F 171 -37.18 35.96 74.30
N LEU F 172 -37.47 37.17 74.72
CA LEU F 172 -38.64 37.91 74.26
C LEU F 172 -38.24 39.15 73.48
N PHE F 173 -37.09 39.10 72.82
CA PHE F 173 -36.62 40.28 72.10
C PHE F 173 -37.55 40.59 70.93
N PRO F 174 -37.80 41.86 70.65
CA PRO F 174 -38.65 42.20 69.51
C PRO F 174 -37.90 42.10 68.19
N SER F 175 -38.68 42.06 67.11
CA SER F 175 -38.11 41.96 65.77
C SER F 175 -37.75 43.31 65.17
N SER F 176 -38.52 44.36 65.48
CA SER F 176 -38.28 45.66 64.86
C SER F 176 -36.90 46.21 65.22
N VAL F 177 -36.53 46.12 66.49
CA VAL F 177 -35.21 46.55 66.90
C VAL F 177 -34.15 45.71 66.21
N THR F 178 -34.40 44.41 66.07
CA THR F 178 -33.47 43.54 65.37
C THR F 178 -33.24 44.04 63.94
N ASN F 179 -34.33 44.35 63.25
CA ASN F 179 -34.22 44.82 61.88
C ASN F 179 -33.49 46.16 61.79
N SER F 180 -33.76 47.06 62.74
CA SER F 180 -33.05 48.34 62.74
C SER F 180 -31.55 48.14 62.93
N LEU F 181 -31.17 47.31 63.90
CA LEU F 181 -29.75 47.08 64.15
C LEU F 181 -29.08 46.40 62.97
N ILE F 182 -29.74 45.41 62.36
CA ILE F 182 -29.12 44.78 61.19
C ILE F 182 -29.00 45.78 60.05
N ALA F 183 -29.98 46.67 59.91
CA ALA F 183 -29.91 47.67 58.85
C ALA F 183 -28.71 48.59 59.04
N VAL F 184 -28.49 49.07 60.25
CA VAL F 184 -27.36 49.96 60.49
C VAL F 184 -26.04 49.19 60.36
N GLY F 185 -26.05 47.92 60.77
CA GLY F 185 -24.83 47.13 60.68
C GLY F 185 -24.48 46.63 59.30
N ASN F 186 -25.43 46.66 58.37
CA ASN F 186 -25.17 46.22 57.01
C ASN F 186 -24.48 47.27 56.17
N ASP F 187 -25.04 48.47 56.10
CA ASP F 187 -24.51 49.53 55.25
C ASP F 187 -24.29 50.79 56.06
N GLY F 188 -23.70 50.66 57.23
CA GLY F 188 -23.36 51.83 58.00
C GLY F 188 -21.94 52.28 57.76
N LEU F 189 -21.12 51.39 57.20
CA LEU F 189 -19.71 51.69 57.01
C LEU F 189 -19.47 52.68 55.87
N GLN F 190 -20.33 52.66 54.85
CA GLN F 190 -20.16 53.58 53.72
C GLN F 190 -20.56 55.00 54.07
N GLU F 191 -21.52 55.17 54.98
CA GLU F 191 -21.97 56.49 55.40
C GLU F 191 -21.24 57.01 56.63
N ARG F 192 -20.17 56.32 57.04
CA ARG F 192 -19.26 56.81 58.07
C ARG F 192 -19.96 57.03 59.41
N ASP F 193 -21.00 56.26 59.69
CA ASP F 193 -21.59 56.28 61.02
C ASP F 193 -20.64 55.64 62.02
N ARG F 194 -20.54 56.24 63.20
CA ARG F 194 -19.55 55.83 64.18
C ARG F 194 -20.14 54.90 65.25
N MET F 195 -21.21 54.18 64.94
CA MET F 195 -21.83 53.27 65.89
C MET F 195 -21.97 51.86 65.32
N VAL F 196 -21.35 51.61 64.17
CA VAL F 196 -21.49 50.30 63.54
C VAL F 196 -20.79 49.22 64.37
N ARG F 197 -19.60 49.52 64.88
CA ARG F 197 -18.90 48.52 65.69
C ARG F 197 -19.65 48.23 66.97
N ALA F 198 -20.18 49.26 67.64
CA ALA F 198 -21.03 49.00 68.78
C ALA F 198 -22.24 48.15 68.40
N CYS F 199 -22.83 48.40 67.24
CA CYS F 199 -23.96 47.63 66.73
C CYS F 199 -23.64 46.16 66.55
N ILE F 200 -22.51 45.84 65.89
CA ILE F 200 -22.17 44.44 65.72
C ILE F 200 -21.85 43.82 67.06
N ALA F 201 -21.31 44.60 68.01
CA ALA F 201 -21.17 44.09 69.36
C ALA F 201 -22.51 43.65 69.92
N ILE F 202 -23.54 44.47 69.73
CA ILE F 202 -24.86 44.14 70.25
C ILE F 202 -25.39 42.87 69.61
N ILE F 203 -25.29 42.78 68.28
CA ILE F 203 -25.89 41.63 67.61
C ILE F 203 -25.16 40.35 67.99
N CYS F 204 -23.83 40.40 68.11
CA CYS F 204 -23.12 39.23 68.59
C CYS F 204 -23.53 38.87 70.01
N GLU F 205 -23.68 39.86 70.90
CA GLU F 205 -24.10 39.54 72.26
C GLU F 205 -25.47 38.87 72.27
N LEU F 206 -26.39 39.36 71.44
CA LEU F 206 -27.72 38.79 71.42
C LEU F 206 -27.76 37.44 70.73
N ALA F 207 -26.83 37.19 69.80
CA ALA F 207 -26.82 35.94 69.04
C ALA F 207 -26.75 34.72 69.93
N LEU F 208 -26.23 34.87 71.14
CA LEU F 208 -26.04 33.71 72.00
C LEU F 208 -27.35 33.14 72.51
N GLN F 209 -28.36 34.01 72.68
CA GLN F 209 -29.59 33.64 73.34
C GLN F 209 -30.72 33.28 72.39
N ASN F 210 -30.79 33.89 71.21
CA ASN F 210 -31.91 33.68 70.28
C ASN F 210 -31.42 33.76 68.84
N PRO F 211 -30.78 32.69 68.36
CA PRO F 211 -30.38 32.67 66.95
C PRO F 211 -31.53 32.55 65.97
N GLU F 212 -32.72 32.15 66.43
CA GLU F 212 -33.86 32.06 65.53
C GLU F 212 -34.14 33.36 64.82
N VAL F 213 -34.32 34.45 65.58
CA VAL F 213 -34.66 35.72 64.96
C VAL F 213 -33.52 36.23 64.11
N VAL F 214 -32.28 36.11 64.59
CA VAL F 214 -31.13 36.57 63.82
C VAL F 214 -31.04 35.89 62.48
N ALA F 215 -31.22 34.56 62.46
CA ALA F 215 -31.21 33.83 61.20
C ALA F 215 -32.39 34.22 60.31
N LEU F 216 -33.59 34.31 60.88
CA LEU F 216 -34.75 34.61 60.05
C LEU F 216 -34.61 35.97 59.37
N ARG F 217 -34.11 36.96 60.09
CA ARG F 217 -33.83 38.26 59.49
C ARG F 217 -32.48 38.28 58.80
N GLY F 218 -31.76 37.17 58.79
CA GLY F 218 -30.54 37.05 58.03
C GLY F 218 -29.42 37.91 58.55
N GLY F 219 -28.95 37.64 59.76
CA GLY F 219 -27.89 38.43 60.35
C GLY F 219 -26.51 37.82 60.25
N LEU F 220 -26.45 36.49 60.32
CA LEU F 220 -25.16 35.82 60.35
C LEU F 220 -24.34 36.14 59.11
N ASN F 221 -24.96 36.20 57.92
CA ASN F 221 -24.23 36.64 56.74
C ASN F 221 -23.74 38.08 56.90
N THR F 222 -24.57 38.95 57.48
CA THR F 222 -24.13 40.31 57.70
C THR F 222 -22.87 40.34 58.56
N ILE F 223 -22.89 39.60 59.67
CA ILE F 223 -21.73 39.49 60.53
C ILE F 223 -20.54 38.99 59.72
N LEU F 224 -20.75 37.93 58.95
CA LEU F 224 -19.65 37.31 58.24
C LEU F 224 -19.02 38.28 57.26
N LYS F 225 -19.82 38.96 56.45
CA LYS F 225 -19.27 40.00 55.61
C LYS F 225 -18.55 41.06 56.41
N ASN F 226 -18.99 41.30 57.64
CA ASN F 226 -18.35 42.29 58.48
C ASN F 226 -17.02 41.82 59.05
N VAL F 227 -16.63 40.56 58.87
CA VAL F 227 -15.29 40.17 59.33
C VAL F 227 -14.24 40.50 58.29
N ILE F 228 -14.63 40.78 57.05
CA ILE F 228 -13.65 41.09 56.02
C ILE F 228 -13.29 42.56 56.01
N ASP F 229 -14.11 43.42 56.61
CA ASP F 229 -13.89 44.86 56.51
C ASP F 229 -13.45 45.45 57.84
N CYS F 230 -12.64 44.72 58.60
CA CYS F 230 -12.13 45.20 59.89
C CYS F 230 -10.69 44.72 60.02
N GLN F 231 -9.76 45.66 59.89
CA GLN F 231 -8.34 45.28 59.87
C GLN F 231 -7.76 45.09 61.26
N LEU F 232 -8.48 45.48 62.30
CA LEU F 232 -7.94 45.39 63.66
C LEU F 232 -8.01 43.95 64.15
N SER F 233 -6.94 43.53 64.83
CA SER F 233 -6.77 42.13 65.17
C SER F 233 -7.85 41.63 66.12
N ARG F 234 -7.91 42.24 67.30
CA ARG F 234 -8.68 41.67 68.40
C ARG F 234 -10.17 41.63 68.07
N ILE F 235 -10.68 42.70 67.47
CA ILE F 235 -12.09 42.72 67.10
C ILE F 235 -12.39 41.63 66.08
N ASN F 236 -11.50 41.44 65.11
CA ASN F 236 -11.71 40.43 64.09
C ASN F 236 -11.80 39.04 64.71
N GLU F 237 -10.83 38.68 65.54
CA GLU F 237 -10.85 37.35 66.11
C GLU F 237 -12.05 37.17 67.03
N ALA F 238 -12.37 38.19 67.83
CA ALA F 238 -13.54 38.10 68.69
C ALA F 238 -14.81 37.87 67.88
N LEU F 239 -14.97 38.60 66.77
CA LEU F 239 -16.13 38.40 65.92
C LEU F 239 -16.20 36.98 65.40
N ILE F 240 -15.10 36.48 64.83
CA ILE F 240 -15.17 35.16 64.22
C ILE F 240 -15.45 34.08 65.25
N THR F 241 -15.00 34.28 66.51
CA THR F 241 -15.29 33.31 67.55
C THR F 241 -16.78 33.09 67.74
N THR F 242 -17.61 34.09 67.42
CA THR F 242 -19.05 33.91 67.57
C THR F 242 -19.55 32.75 66.71
N ILE F 243 -19.37 32.85 65.40
CA ILE F 243 -19.85 31.79 64.53
C ILE F 243 -19.11 30.49 64.81
N LEU F 244 -17.81 30.56 65.14
CA LEU F 244 -17.14 29.30 65.49
C LEU F 244 -17.80 28.62 66.67
N HIS F 245 -18.19 29.36 67.70
CA HIS F 245 -18.99 28.78 68.77
C HIS F 245 -20.30 28.24 68.26
N LEU F 246 -20.93 28.91 67.30
CA LEU F 246 -22.23 28.49 66.84
C LEU F 246 -22.20 27.14 66.12
N LEU F 247 -21.02 26.63 65.80
CA LEU F 247 -20.96 25.33 65.15
C LEU F 247 -20.86 24.16 66.12
N ASN F 248 -21.03 24.38 67.42
CA ASN F 248 -20.85 23.29 68.37
C ASN F 248 -22.16 22.58 68.70
N HIS F 249 -23.09 23.30 69.31
CA HIS F 249 -24.28 22.67 69.87
C HIS F 249 -25.22 22.22 68.75
N PRO F 250 -25.80 21.02 68.86
CA PRO F 250 -26.69 20.54 67.79
C PRO F 250 -27.80 21.52 67.49
N LYS F 251 -28.40 22.09 68.54
CA LYS F 251 -29.35 23.16 68.34
C LYS F 251 -28.73 24.28 67.53
N THR F 252 -27.55 24.75 67.91
CA THR F 252 -26.87 25.77 67.12
C THR F 252 -26.55 25.30 65.72
N ARG F 253 -26.07 24.06 65.56
CA ARG F 253 -25.74 23.57 64.23
C ARG F 253 -26.93 23.54 63.30
N GLN F 254 -28.14 23.38 63.83
CA GLN F 254 -29.31 23.38 62.96
C GLN F 254 -29.56 24.74 62.31
N TYR F 255 -28.99 25.81 62.85
CA TYR F 255 -29.34 27.16 62.41
C TYR F 255 -28.55 27.61 61.20
N VAL F 256 -27.50 26.88 60.82
CA VAL F 256 -26.52 27.38 59.86
C VAL F 256 -26.45 26.42 58.68
N ARG F 257 -26.24 26.98 57.49
CA ARG F 257 -26.26 26.18 56.27
C ARG F 257 -24.96 25.39 56.14
N ALA F 258 -24.88 24.61 55.05
CA ALA F 258 -23.79 23.65 54.93
C ALA F 258 -22.50 24.29 54.42
N ASP F 259 -22.52 24.79 53.18
CA ASP F 259 -21.29 25.17 52.49
C ASP F 259 -21.37 26.55 51.84
N VAL F 260 -21.91 27.54 52.54
CA VAL F 260 -21.96 28.91 52.02
C VAL F 260 -21.48 29.93 53.03
N GLU F 261 -21.44 29.59 54.31
CA GLU F 261 -21.27 30.60 55.36
C GLU F 261 -19.81 30.76 55.78
N LEU F 262 -19.22 29.70 56.35
CA LEU F 262 -17.92 29.86 56.98
C LEU F 262 -16.80 29.93 55.96
N GLU F 263 -16.79 29.03 55.00
CA GLU F 263 -15.81 29.05 53.94
C GLU F 263 -15.93 30.28 53.04
N ARG F 264 -16.86 31.18 53.33
CA ARG F 264 -16.87 32.46 52.64
C ARG F 264 -15.60 33.26 52.88
N ILE F 265 -15.09 33.22 54.11
CA ILE F 265 -14.00 34.13 54.49
C ILE F 265 -12.78 33.95 53.61
N LEU F 266 -12.56 32.75 53.08
CA LEU F 266 -11.42 32.50 52.20
C LEU F 266 -11.72 32.87 50.75
N ALA F 267 -12.72 33.72 50.53
CA ALA F 267 -13.10 34.18 49.19
C ALA F 267 -11.98 34.84 48.41
N PRO F 268 -11.30 35.85 48.95
CA PRO F 268 -10.43 36.66 48.09
C PRO F 268 -9.22 35.90 47.58
N TYR F 269 -8.98 34.70 48.09
CA TYR F 269 -7.91 33.88 47.52
C TYR F 269 -8.44 32.88 46.51
N THR F 270 -9.61 32.28 46.78
CA THR F 270 -10.17 31.32 45.86
C THR F 270 -10.69 31.99 44.59
N ASP F 271 -10.92 33.30 44.63
CA ASP F 271 -11.36 34.05 43.48
C ASP F 271 -10.16 34.83 42.92
N PHE F 272 -10.09 34.91 41.60
CA PHE F 272 -9.08 35.75 40.99
C PHE F 272 -9.52 37.20 40.93
N HIS F 273 -10.82 37.44 40.78
CA HIS F 273 -11.38 38.79 40.78
C HIS F 273 -12.52 38.83 41.79
N TYR F 274 -12.18 39.18 43.02
CA TYR F 274 -13.17 39.33 44.08
C TYR F 274 -13.59 40.79 44.18
N ARG F 275 -14.88 41.04 44.16
CA ARG F 275 -15.43 42.39 44.29
C ARG F 275 -16.34 42.42 45.51
N HIS F 276 -15.81 42.90 46.63
CA HIS F 276 -16.55 42.85 47.89
C HIS F 276 -17.67 43.88 47.91
N SER F 277 -17.44 45.06 47.34
CA SER F 277 -18.56 45.95 47.52
C SER F 277 -19.03 46.50 46.18
N PRO F 278 -20.34 46.71 46.03
CA PRO F 278 -20.85 47.23 44.75
C PRO F 278 -20.42 48.66 44.47
N ASP F 279 -20.62 49.57 45.41
CA ASP F 279 -20.36 50.99 45.20
C ASP F 279 -19.04 51.33 45.88
N THR F 280 -17.97 51.37 45.10
CA THR F 280 -16.66 51.71 45.61
C THR F 280 -16.05 52.83 44.77
N ALA F 281 -15.15 53.58 45.39
CA ALA F 281 -14.48 54.67 44.72
C ALA F 281 -13.42 54.12 43.75
N GLU F 282 -13.36 54.69 42.55
CA GLU F 282 -12.43 54.21 41.55
C GLU F 282 -11.02 54.65 41.94
N GLY F 283 -10.92 55.81 42.61
CA GLY F 283 -9.61 56.39 42.90
C GLY F 283 -8.66 55.43 43.58
N GLN F 284 -9.18 54.52 44.40
CA GLN F 284 -8.35 53.48 44.98
C GLN F 284 -9.00 52.12 44.69
N LEU F 285 -8.25 51.23 44.06
CA LEU F 285 -8.66 49.83 43.92
C LEU F 285 -7.70 48.84 44.56
N LYS F 286 -6.41 48.93 44.28
CA LYS F 286 -5.48 47.92 44.78
C LYS F 286 -5.41 47.94 46.30
N GLU F 287 -5.31 49.12 46.89
CA GLU F 287 -5.29 49.24 48.35
C GLU F 287 -6.48 48.53 48.97
N ASP F 288 -7.63 48.56 48.29
CA ASP F 288 -8.73 47.70 48.69
C ASP F 288 -8.29 46.25 48.74
N ARG F 289 -7.53 45.81 47.73
CA ARG F 289 -7.12 44.42 47.69
C ARG F 289 -6.16 44.07 48.82
N GLU F 290 -5.20 44.94 49.11
CA GLU F 290 -4.34 44.66 50.26
C GLU F 290 -5.12 44.63 51.57
N ALA F 291 -6.04 45.57 51.77
CA ALA F 291 -6.84 45.54 52.99
C ALA F 291 -7.64 44.25 53.08
N ARG F 292 -8.26 43.86 51.97
CA ARG F 292 -9.04 42.63 51.95
C ARG F 292 -8.17 41.42 52.24
N PHE F 293 -6.98 41.38 51.67
CA PHE F 293 -6.10 40.25 51.88
C PHE F 293 -5.63 40.16 53.32
N LEU F 294 -5.29 41.30 53.93
CA LEU F 294 -4.91 41.29 55.33
C LEU F 294 -6.04 40.77 56.20
N ALA F 295 -7.25 41.28 55.97
CA ALA F 295 -8.38 40.84 56.78
C ALA F 295 -8.62 39.35 56.61
N SER F 296 -8.63 38.87 55.36
CA SER F 296 -8.90 37.46 55.13
C SER F 296 -7.82 36.58 55.71
N LYS F 297 -6.55 36.98 55.59
CA LYS F 297 -5.47 36.20 56.17
C LYS F 297 -5.64 36.08 57.67
N MET F 298 -5.95 37.19 58.34
CA MET F 298 -6.07 37.12 59.78
C MET F 298 -7.27 36.29 60.19
N GLY F 299 -8.36 36.40 59.44
CA GLY F 299 -9.51 35.53 59.70
C GLY F 299 -9.17 34.06 59.54
N ILE F 300 -8.40 33.73 58.50
CA ILE F 300 -8.03 32.35 58.26
C ILE F 300 -7.19 31.81 59.41
N ILE F 301 -6.14 32.54 59.79
CA ILE F 301 -5.34 32.06 60.91
C ILE F 301 -6.13 32.05 62.20
N ALA F 302 -7.20 32.85 62.29
CA ALA F 302 -8.09 32.77 63.42
C ALA F 302 -8.92 31.49 63.45
N THR F 303 -9.47 31.09 62.31
CA THR F 303 -10.38 29.94 62.33
C THR F 303 -9.68 28.62 62.48
N PHE F 304 -8.41 28.51 62.12
CA PHE F 304 -7.70 27.25 62.28
C PHE F 304 -7.24 27.01 63.70
N ARG F 305 -7.54 27.92 64.64
CA ARG F 305 -7.23 27.70 66.03
C ARG F 305 -8.29 26.89 66.77
N SER F 306 -9.56 27.12 66.48
CA SER F 306 -10.63 26.46 67.20
C SER F 306 -10.90 25.08 66.61
N TRP F 307 -11.38 24.17 67.47
CA TRP F 307 -11.72 22.83 67.02
C TRP F 307 -12.85 22.87 66.01
N ALA F 308 -13.86 23.71 66.23
CA ALA F 308 -14.96 23.82 65.29
C ALA F 308 -14.48 24.18 63.90
N GLY F 309 -13.53 25.10 63.78
CA GLY F 309 -13.01 25.44 62.48
C GLY F 309 -12.30 24.27 61.84
N ILE F 310 -11.45 23.60 62.62
CA ILE F 310 -10.63 22.54 62.03
C ILE F 310 -11.50 21.40 61.55
N ILE F 311 -12.44 20.95 62.38
CA ILE F 311 -13.27 19.81 61.99
C ILE F 311 -14.14 20.17 60.80
N ASN F 312 -14.77 21.34 60.84
CA ASN F 312 -15.66 21.75 59.76
C ASN F 312 -14.93 21.96 58.45
N LEU F 313 -13.73 22.55 58.49
CA LEU F 313 -13.04 22.93 57.28
C LEU F 313 -12.34 21.77 56.59
N CYS F 314 -12.36 20.58 57.17
CA CYS F 314 -11.71 19.41 56.59
C CYS F 314 -12.66 18.23 56.50
N LYS F 315 -13.90 18.48 56.13
CA LYS F 315 -14.85 17.38 55.99
C LYS F 315 -14.44 16.47 54.84
N PRO F 316 -14.86 15.20 54.86
CA PRO F 316 -14.49 14.29 53.78
C PRO F 316 -14.98 14.74 52.41
N GLY F 317 -16.00 15.59 52.35
CA GLY F 317 -16.48 16.13 51.09
C GLY F 317 -15.51 17.11 50.49
N ASN F 318 -15.99 17.87 49.52
CA ASN F 318 -15.16 18.85 48.81
C ASN F 318 -15.07 20.13 49.65
N SER F 319 -14.48 19.99 50.82
CA SER F 319 -14.34 21.11 51.74
C SER F 319 -13.38 22.13 51.18
N GLY F 320 -13.47 23.35 51.70
CA GLY F 320 -12.66 24.45 51.23
C GLY F 320 -11.17 24.25 51.36
N ILE F 321 -10.71 23.52 52.37
CA ILE F 321 -9.27 23.34 52.53
C ILE F 321 -8.68 22.65 51.31
N GLN F 322 -9.41 21.71 50.71
CA GLN F 322 -8.97 21.15 49.44
C GLN F 322 -8.93 22.23 48.36
N SER F 323 -9.91 23.12 48.35
CA SER F 323 -9.91 24.21 47.38
C SER F 323 -8.71 25.13 47.53
N LEU F 324 -8.33 25.47 48.77
CA LEU F 324 -7.13 26.27 48.97
C LEU F 324 -5.91 25.63 48.35
N ILE F 325 -5.66 24.36 48.66
CA ILE F 325 -4.49 23.69 48.12
C ILE F 325 -4.57 23.60 46.61
N GLY F 326 -5.77 23.35 46.06
CA GLY F 326 -5.91 23.28 44.62
C GLY F 326 -5.57 24.59 43.92
N VAL F 327 -5.95 25.71 44.54
CA VAL F 327 -5.56 27.02 44.00
C VAL F 327 -4.05 27.19 43.95
N LEU F 328 -3.33 26.64 44.91
CA LEU F 328 -1.91 26.87 45.06
C LEU F 328 -1.12 26.51 43.82
N CYS F 329 -1.63 25.61 42.97
CA CYS F 329 -0.91 25.18 41.79
C CYS F 329 -1.40 25.83 40.50
N ILE F 330 -1.84 27.08 40.56
CA ILE F 330 -2.15 27.87 39.38
C ILE F 330 -1.10 28.96 39.28
N PRO F 331 -0.53 29.20 38.12
CA PRO F 331 0.49 30.26 38.00
C PRO F 331 -0.10 31.66 38.03
N ASN F 332 -0.38 32.18 39.23
CA ASN F 332 -0.76 33.57 39.40
C ASN F 332 0.24 34.17 40.38
N MET F 333 0.92 35.22 39.95
CA MET F 333 2.19 35.64 40.55
C MET F 333 2.05 36.16 41.97
N GLU F 334 0.89 36.70 42.34
CA GLU F 334 0.74 37.25 43.68
C GLU F 334 -0.01 36.32 44.61
N ILE F 335 -0.93 35.53 44.06
CA ILE F 335 -1.66 34.58 44.88
C ILE F 335 -0.70 33.58 45.52
N ARG F 336 0.23 33.03 44.73
CA ARG F 336 1.21 32.13 45.32
C ARG F 336 2.14 32.86 46.28
N ARG F 337 2.24 34.18 46.20
CA ARG F 337 2.87 34.89 47.30
C ARG F 337 1.87 35.53 48.24
N GLY F 338 0.61 35.08 48.19
CA GLY F 338 -0.33 35.42 49.23
C GLY F 338 -0.46 34.28 50.20
N LEU F 339 -0.44 33.05 49.69
CA LEU F 339 -0.69 31.88 50.53
C LEU F 339 0.46 31.58 51.46
N LEU F 340 1.70 31.86 51.03
CA LEU F 340 2.85 31.44 51.83
C LEU F 340 2.89 32.14 53.17
N GLU F 341 2.45 33.40 53.22
CA GLU F 341 2.39 34.07 54.50
C GLU F 341 1.45 33.34 55.44
N VAL F 342 0.26 33.01 54.94
CA VAL F 342 -0.71 32.28 55.74
C VAL F 342 -0.09 31.00 56.26
N LEU F 343 0.61 30.26 55.40
CA LEU F 343 1.24 29.03 55.85
C LEU F 343 2.26 29.28 56.94
N TYR F 344 3.11 30.30 56.79
CA TYR F 344 4.12 30.53 57.81
C TYR F 344 3.49 30.87 59.16
N ASP F 345 2.59 31.84 59.19
CA ASP F 345 2.11 32.20 60.53
C ASP F 345 1.03 31.25 61.04
N ILE F 346 0.53 30.34 60.22
CA ILE F 346 -0.18 29.20 60.78
C ILE F 346 0.77 28.36 61.61
N PHE F 347 1.90 27.96 61.03
CA PHE F 347 2.91 27.18 61.72
C PHE F 347 3.82 28.03 62.58
N ARG F 348 3.57 29.33 62.64
CA ARG F 348 4.22 30.19 63.61
C ARG F 348 5.74 30.20 63.42
N LEU F 349 6.14 30.14 62.20
CA LEU F 349 7.48 30.17 61.66
C LEU F 349 7.97 31.59 61.49
N PRO F 350 9.29 31.81 61.45
CA PRO F 350 9.81 33.14 61.16
C PRO F 350 9.94 33.36 59.66
N LEU F 351 9.35 34.46 59.19
CA LEU F 351 9.37 34.74 57.76
C LEU F 351 10.79 35.09 57.31
N PRO F 352 11.15 34.74 56.09
CA PRO F 352 12.42 35.18 55.53
C PRO F 352 12.24 36.49 54.78
N VAL F 353 13.33 37.22 54.65
CA VAL F 353 13.33 38.45 53.86
C VAL F 353 13.27 38.07 52.39
N VAL F 354 12.47 38.80 51.63
CA VAL F 354 12.30 38.53 50.21
C VAL F 354 13.66 38.75 49.54
N THR F 355 14.10 37.78 48.76
CA THR F 355 15.43 37.81 48.15
C THR F 355 15.48 36.81 47.01
N GLU F 356 16.28 37.12 45.99
CA GLU F 356 16.45 36.25 44.85
C GLU F 356 17.51 35.17 45.05
N GLU F 357 18.22 35.18 46.16
CA GLU F 357 19.30 34.24 46.40
C GLU F 357 19.03 33.45 47.67
N PHE F 358 19.28 32.15 47.62
CA PHE F 358 18.89 31.26 48.69
C PHE F 358 19.68 31.51 49.98
N ILE F 359 21.01 31.54 49.90
CA ILE F 359 21.82 31.46 51.12
C ILE F 359 21.61 32.64 52.04
N GLU F 360 21.30 33.83 51.50
CA GLU F 360 20.97 34.96 52.35
C GLU F 360 19.67 34.73 53.11
N ALA F 361 18.62 34.30 52.41
CA ALA F 361 17.39 33.98 53.09
C ALA F 361 17.59 32.90 54.14
N LEU F 362 18.52 31.97 53.92
CA LEU F 362 18.79 30.96 54.94
C LEU F 362 19.25 31.61 56.24
N LEU F 363 20.27 32.46 56.18
CA LEU F 363 20.74 33.12 57.38
C LEU F 363 19.69 34.01 57.99
N SER F 364 18.83 34.60 57.17
CA SER F 364 17.83 35.53 57.66
C SER F 364 16.89 34.90 58.67
N VAL F 365 16.75 33.57 58.68
CA VAL F 365 15.84 32.90 59.59
C VAL F 365 16.57 31.90 60.49
N ASP F 366 17.88 32.03 60.63
CA ASP F 366 18.61 31.18 61.56
C ASP F 366 18.11 31.46 62.97
N PRO F 367 17.83 30.43 63.77
CA PRO F 367 17.40 30.68 65.15
C PRO F 367 18.44 31.39 66.00
N GLY F 368 19.72 31.32 65.62
CA GLY F 368 20.76 31.97 66.38
C GLY F 368 20.95 33.42 65.98
N ARG F 369 20.00 33.95 65.22
CA ARG F 369 20.05 35.34 64.80
C ARG F 369 19.99 36.27 66.01
N PHE F 370 20.72 37.38 65.91
CA PHE F 370 20.76 38.35 67.00
C PHE F 370 19.40 38.96 67.26
N GLN F 371 19.14 39.31 68.51
CA GLN F 371 17.90 39.96 68.90
C GLN F 371 18.20 41.26 69.62
N ASP F 372 17.42 42.29 69.27
CA ASP F 372 17.62 43.62 69.83
C ASP F 372 17.58 43.63 71.35
N SER F 373 16.73 42.82 71.96
CA SER F 373 16.60 42.81 73.41
C SER F 373 17.83 42.26 74.11
N TRP F 374 18.77 41.67 73.37
CA TRP F 374 19.93 41.04 73.96
C TRP F 374 21.08 42.01 74.19
N ARG F 375 20.89 43.28 73.87
CA ARG F 375 21.92 44.27 74.17
C ARG F 375 22.09 44.41 75.68
N LEU F 376 23.14 45.13 76.08
CA LEU F 376 23.43 45.31 77.50
C LEU F 376 22.25 45.93 78.23
N SER F 377 21.72 47.02 77.71
CA SER F 377 20.75 47.79 78.47
C SER F 377 19.45 47.03 78.68
N ASP F 378 19.12 46.11 77.77
CA ASP F 378 17.76 45.60 77.71
C ASP F 378 17.57 44.31 78.51
N GLY F 379 18.23 43.23 78.06
CA GLY F 379 17.97 41.90 78.58
C GLY F 379 19.22 41.10 78.79
N PHE F 380 20.29 41.77 79.22
CA PHE F 380 21.67 41.45 78.86
C PHE F 380 21.95 39.96 78.62
N VAL F 381 21.55 39.09 79.54
CA VAL F 381 21.90 37.69 79.38
C VAL F 381 20.68 36.77 79.46
N ALA F 382 19.87 36.96 80.50
CA ALA F 382 18.85 35.96 80.83
C ALA F 382 17.90 35.72 79.67
N ALA F 383 17.44 36.78 79.01
CA ALA F 383 16.54 36.62 77.88
C ALA F 383 17.20 35.84 76.75
N GLU F 384 18.44 36.18 76.41
CA GLU F 384 19.14 35.47 75.35
C GLU F 384 19.39 34.02 75.72
N ALA F 385 19.78 33.78 76.98
CA ALA F 385 19.96 32.42 77.46
C ALA F 385 18.66 31.64 77.43
N LYS F 386 17.52 32.34 77.50
CA LYS F 386 16.25 31.64 77.34
C LYS F 386 16.13 31.03 75.95
N THR F 387 16.59 31.74 74.92
CA THR F 387 16.41 31.26 73.57
C THR F 387 17.47 30.24 73.18
N ILE F 388 18.74 30.53 73.47
CA ILE F 388 19.78 29.70 72.85
C ILE F 388 19.93 28.35 73.55
N LEU F 389 20.06 28.33 74.86
CA LEU F 389 20.26 27.00 75.43
C LEU F 389 18.93 26.26 75.55
N PRO F 390 18.93 24.94 75.40
CA PRO F 390 17.67 24.19 75.34
C PRO F 390 17.02 24.02 76.70
N HIS F 391 15.73 23.71 76.67
CA HIS F 391 14.96 23.51 77.87
C HIS F 391 15.42 22.28 78.64
N ARG F 392 15.13 22.28 79.95
CA ARG F 392 15.58 21.22 80.84
C ARG F 392 14.60 20.07 80.98
N ALA F 393 13.40 20.17 80.44
CA ALA F 393 12.40 19.13 80.57
C ALA F 393 12.79 17.92 79.73
N ARG F 394 12.63 16.73 80.30
CA ARG F 394 12.89 15.48 79.59
C ARG F 394 11.64 14.68 79.30
N SER F 395 10.56 14.88 80.04
CA SER F 395 9.38 14.05 79.87
C SER F 395 8.07 14.81 79.96
N ARG F 396 8.11 16.13 80.07
CA ARG F 396 6.87 16.89 80.13
C ARG F 396 6.24 16.96 78.74
N PRO F 397 4.91 17.04 78.66
CA PRO F 397 4.23 16.79 77.38
C PRO F 397 4.43 17.86 76.31
N ASP F 398 4.27 19.14 76.63
CA ASP F 398 4.32 20.23 75.65
C ASP F 398 3.27 20.04 74.56
N LEU F 399 2.01 20.20 74.98
CA LEU F 399 0.85 20.09 74.09
C LEU F 399 0.98 20.89 72.81
N MET F 400 1.79 21.95 72.80
CA MET F 400 1.89 22.79 71.61
C MET F 400 2.35 21.97 70.42
N ASP F 401 3.36 21.13 70.63
CA ASP F 401 3.80 20.22 69.59
C ASP F 401 2.70 19.24 69.21
N ASN F 402 1.86 18.85 70.17
CA ASN F 402 0.74 17.97 69.85
C ASN F 402 -0.19 18.63 68.85
N TYR F 403 -0.56 19.88 69.11
CA TYR F 403 -1.42 20.61 68.18
C TYR F 403 -0.78 20.76 66.81
N LEU F 404 0.51 21.09 66.79
CA LEU F 404 1.19 21.24 65.51
C LEU F 404 1.25 19.92 64.76
N ALA F 405 1.45 18.82 65.47
CA ALA F 405 1.44 17.51 64.82
C ALA F 405 0.08 17.24 64.20
N LEU F 406 -0.99 17.57 64.93
CA LEU F 406 -2.32 17.35 64.36
C LEU F 406 -2.51 18.15 63.08
N ILE F 407 -2.18 19.44 63.12
CA ILE F 407 -2.38 20.27 61.93
C ILE F 407 -1.50 19.77 60.78
N LEU F 408 -0.26 19.41 61.09
CA LEU F 408 0.64 18.90 60.06
C LEU F 408 0.06 17.67 59.40
N SER F 409 -0.45 16.73 60.19
CA SER F 409 -1.05 15.55 59.60
C SER F 409 -2.25 15.92 58.75
N ALA F 410 -3.03 16.88 59.22
CA ALA F 410 -4.19 17.32 58.43
C ALA F 410 -3.77 17.81 57.06
N PHE F 411 -2.71 18.61 57.00
CA PHE F 411 -2.23 19.07 55.68
C PHE F 411 -1.61 17.93 54.88
N ILE F 412 -0.90 17.02 55.53
CA ILE F 412 -0.27 15.92 54.81
C ILE F 412 -1.32 15.08 54.11
N ARG F 413 -2.49 14.90 54.75
CA ARG F 413 -3.52 14.07 54.15
C ARG F 413 -3.95 14.59 52.79
N ASN F 414 -4.08 15.90 52.64
CA ASN F 414 -4.60 16.47 51.40
C ASN F 414 -3.51 16.86 50.41
N GLY F 415 -2.39 16.16 50.41
CA GLY F 415 -1.40 16.31 49.37
C GLY F 415 -0.79 17.69 49.27
N LEU F 416 -0.49 18.30 50.41
CA LEU F 416 0.13 19.62 50.41
C LEU F 416 1.50 19.60 49.75
N LEU F 417 2.30 18.56 50.01
CA LEU F 417 3.65 18.52 49.46
C LEU F 417 3.64 18.55 47.94
N GLU F 418 2.60 17.98 47.32
CA GLU F 418 2.54 18.00 45.87
C GLU F 418 2.49 19.44 45.36
N GLY F 419 1.60 20.25 45.91
CA GLY F 419 1.54 21.64 45.52
C GLY F 419 2.81 22.40 45.87
N LEU F 420 3.41 22.09 47.01
CA LEU F 420 4.67 22.72 47.35
C LEU F 420 5.72 22.47 46.29
N VAL F 421 5.86 21.22 45.87
CA VAL F 421 6.86 20.89 44.86
C VAL F 421 6.50 21.57 43.55
N GLU F 422 5.21 21.62 43.22
CA GLU F 422 4.78 22.32 42.02
C GLU F 422 5.23 23.78 42.03
N VAL F 423 5.04 24.45 43.15
CA VAL F 423 5.43 25.86 43.24
C VAL F 423 6.94 26.00 43.18
N ILE F 424 7.67 25.12 43.87
CA ILE F 424 9.13 25.19 43.85
C ILE F 424 9.64 25.05 42.43
N THR F 425 9.02 24.17 41.65
CA THR F 425 9.50 23.94 40.29
C THR F 425 9.11 25.08 39.35
N ASN F 426 7.82 25.28 39.14
CA ASN F 426 7.35 26.17 38.08
C ASN F 426 6.86 27.49 38.68
N SER F 427 7.80 28.41 38.89
CA SER F 427 7.48 29.75 39.37
C SER F 427 8.73 30.62 39.27
N ASP F 428 8.61 31.82 39.83
CA ASP F 428 9.71 32.77 39.90
C ASP F 428 10.61 32.43 41.08
N ASP F 429 11.81 33.00 41.07
CA ASP F 429 12.80 32.72 42.11
C ASP F 429 12.39 33.33 43.45
N HIS F 430 11.91 34.57 43.43
CA HIS F 430 11.40 35.22 44.63
C HIS F 430 10.46 34.32 45.41
N ILE F 431 9.76 33.44 44.71
CA ILE F 431 8.79 32.59 45.36
C ILE F 431 9.37 31.20 45.59
N SER F 432 10.28 30.76 44.71
CA SER F 432 10.90 29.47 44.88
C SER F 432 11.67 29.40 46.18
N VAL F 433 12.40 30.46 46.52
CA VAL F 433 13.15 30.43 47.77
C VAL F 433 12.20 30.30 48.96
N ARG F 434 11.09 31.03 48.93
CA ARG F 434 10.14 30.96 50.05
C ARG F 434 9.58 29.55 50.19
N ALA F 435 9.14 28.97 49.07
CA ALA F 435 8.58 27.63 49.13
C ALA F 435 9.60 26.60 49.58
N THR F 436 10.83 26.70 49.10
CA THR F 436 11.88 25.77 49.51
C THR F 436 12.13 25.85 51.00
N ILE F 437 12.21 27.08 51.53
CA ILE F 437 12.43 27.22 52.97
C ILE F 437 11.27 26.61 53.75
N LEU F 438 10.03 26.83 53.30
CA LEU F 438 8.91 26.23 54.00
C LEU F 438 9.02 24.71 53.99
N LEU F 439 9.36 24.14 52.84
CA LEU F 439 9.44 22.68 52.75
C LEU F 439 10.50 22.13 53.68
N GLY F 440 11.67 22.76 53.69
CA GLY F 440 12.71 22.31 54.59
C GLY F 440 12.29 22.37 56.05
N GLU F 441 11.68 23.49 56.44
CA GLU F 441 11.28 23.61 57.84
C GLU F 441 10.24 22.56 58.20
N LEU F 442 9.28 22.32 57.32
CA LEU F 442 8.25 21.32 57.61
C LEU F 442 8.88 19.93 57.75
N LEU F 443 9.81 19.60 56.86
CA LEU F 443 10.46 18.30 56.97
C LEU F 443 11.23 18.18 58.27
N HIS F 444 11.92 19.25 58.69
CA HIS F 444 12.64 19.18 59.95
C HIS F 444 11.69 18.99 61.13
N MET F 445 10.51 19.63 61.08
CA MET F 445 9.50 19.33 62.08
C MET F 445 9.05 17.88 62.02
N ALA F 446 9.03 17.29 60.82
CA ALA F 446 8.48 15.96 60.66
C ALA F 446 9.20 14.94 61.54
N ASN F 447 10.48 14.69 61.27
CA ASN F 447 11.19 13.69 62.05
C ASN F 447 11.44 14.12 63.48
N THR F 448 10.85 15.23 63.92
CA THR F 448 11.04 15.69 65.29
C THR F 448 9.79 15.48 66.14
N ILE F 449 8.60 15.76 65.60
CA ILE F 449 7.36 15.53 66.33
C ILE F 449 6.42 14.59 65.58
N LEU F 450 6.93 13.84 64.65
CA LEU F 450 5.84 13.08 64.04
C LEU F 450 6.04 11.58 64.28
N PRO F 451 4.98 10.85 64.60
CA PRO F 451 5.12 9.40 64.82
C PRO F 451 5.62 8.69 63.58
N HIS F 452 6.32 7.58 63.81
CA HIS F 452 7.11 6.96 62.75
C HIS F 452 6.28 6.59 61.54
N SER F 453 5.15 5.90 61.77
CA SER F 453 4.37 5.38 60.64
C SER F 453 3.95 6.49 59.69
N HIS F 454 3.58 7.65 60.20
CA HIS F 454 3.22 8.75 59.34
C HIS F 454 4.43 9.57 58.91
N SER F 455 5.63 9.18 59.33
CA SER F 455 6.83 9.92 58.99
C SER F 455 7.89 9.04 58.32
N HIS F 456 7.58 7.77 58.09
CA HIS F 456 8.56 6.85 57.52
C HIS F 456 8.60 6.87 56.00
N HIS F 457 7.59 7.46 55.35
CA HIS F 457 7.54 7.49 53.89
C HIS F 457 7.49 8.89 53.32
N LEU F 458 7.14 9.89 54.13
CA LEU F 458 7.14 11.27 53.64
C LEU F 458 8.52 11.72 53.20
N HIS F 459 9.54 11.43 54.01
CA HIS F 459 10.86 11.96 53.73
C HIS F 459 11.50 11.38 52.49
N CYS F 460 10.86 10.39 51.85
CA CYS F 460 11.43 9.85 50.62
C CYS F 460 11.35 10.85 49.47
N LEU F 461 10.37 11.76 49.51
CA LEU F 461 10.19 12.80 48.50
C LEU F 461 10.01 12.17 47.12
N PRO F 462 8.88 11.52 46.86
CA PRO F 462 8.74 10.83 45.58
C PRO F 462 8.70 11.76 44.39
N THR F 463 7.76 12.70 44.34
CA THR F 463 7.49 13.44 43.11
C THR F 463 8.67 14.29 42.67
N LEU F 464 9.25 15.06 43.58
CA LEU F 464 10.43 15.84 43.26
C LEU F 464 11.55 14.98 42.73
N MET F 465 11.86 13.90 43.44
CA MET F 465 12.97 13.04 43.03
C MET F 465 12.72 12.42 41.67
N ASN F 466 11.49 12.01 41.41
CA ASN F 466 11.14 11.44 40.11
C ASN F 466 11.34 12.43 38.98
N MET F 467 10.90 13.67 39.15
CA MET F 467 11.14 14.68 38.13
C MET F 467 12.62 14.99 38.00
N ALA F 468 13.37 14.84 39.09
CA ALA F 468 14.78 15.18 39.09
C ALA F 468 15.61 14.33 38.15
N ALA F 469 15.16 13.14 37.80
CA ALA F 469 15.95 12.23 36.97
C ALA F 469 15.31 11.92 35.63
N SER F 470 14.27 12.64 35.24
CA SER F 470 13.65 12.44 33.93
C SER F 470 14.51 13.12 32.87
N PHE F 471 14.87 12.37 31.84
CA PHE F 471 15.79 12.83 30.81
C PHE F 471 15.08 13.27 29.55
N ASP F 472 13.75 13.36 29.59
CA ASP F 472 12.95 13.79 28.46
C ASP F 472 12.28 15.14 28.67
N ILE F 473 12.13 15.57 29.91
CA ILE F 473 11.51 16.84 30.26
C ILE F 473 12.46 17.97 29.91
N PRO F 474 11.97 19.21 29.76
CA PRO F 474 12.88 20.33 29.54
C PRO F 474 13.85 20.49 30.70
N LYS F 475 15.07 20.87 30.37
CA LYS F 475 16.19 20.78 31.31
C LYS F 475 16.08 21.77 32.46
N GLU F 476 15.35 22.87 32.27
CA GLU F 476 15.23 23.86 33.34
C GLU F 476 14.68 23.25 34.61
N LYS F 477 13.57 22.51 34.50
CA LYS F 477 12.99 21.86 35.67
C LYS F 477 14.01 20.94 36.32
N ARG F 478 14.73 20.17 35.52
CA ARG F 478 15.68 19.22 36.07
C ARG F 478 16.73 19.93 36.91
N LEU F 479 17.38 20.94 36.34
CA LEU F 479 18.47 21.58 37.07
C LEU F 479 17.96 22.33 38.29
N ARG F 480 16.81 23.00 38.17
CA ARG F 480 16.32 23.72 39.35
C ARG F 480 15.91 22.77 40.45
N ALA F 481 15.37 21.60 40.11
CA ALA F 481 15.07 20.61 41.15
C ALA F 481 16.35 20.11 41.80
N SER F 482 17.39 19.89 41.01
CA SER F 482 18.67 19.49 41.59
C SER F 482 19.15 20.54 42.59
N ALA F 483 19.13 21.82 42.19
CA ALA F 483 19.57 22.87 43.10
C ALA F 483 18.69 22.92 44.34
N ALA F 484 17.39 22.68 44.17
CA ALA F 484 16.49 22.67 45.32
C ALA F 484 16.89 21.58 46.30
N LEU F 485 17.23 20.39 45.79
CA LEU F 485 17.67 19.32 46.67
C LEU F 485 18.95 19.71 47.40
N ASN F 486 19.88 20.35 46.69
CA ASN F 486 21.10 20.80 47.35
C ASN F 486 20.80 21.75 48.50
N CYS F 487 19.91 22.71 48.24
CA CYS F 487 19.52 23.65 49.29
C CYS F 487 18.88 22.93 50.46
N LEU F 488 18.04 21.93 50.19
CA LEU F 488 17.42 21.19 51.28
C LEU F 488 18.47 20.50 52.14
N LYS F 489 19.46 19.88 51.50
CA LYS F 489 20.50 19.23 52.29
C LYS F 489 21.25 20.23 53.17
N ARG F 490 21.64 21.37 52.59
CA ARG F 490 22.38 22.35 53.38
C ARG F 490 21.52 22.90 54.51
N PHE F 491 20.23 23.08 54.25
CA PHE F 491 19.30 23.47 55.30
C PHE F 491 19.32 22.47 56.45
N HIS F 492 19.20 21.19 56.14
CA HIS F 492 19.19 20.19 57.21
C HIS F 492 20.51 20.18 57.96
N GLU F 493 21.61 20.35 57.23
CA GLU F 493 22.91 20.37 57.90
C GLU F 493 22.99 21.54 58.87
N MET F 494 22.45 22.69 58.47
CA MET F 494 22.46 23.83 59.38
C MET F 494 21.57 23.54 60.58
N LYS F 495 20.48 22.81 60.37
CA LYS F 495 19.68 22.37 61.51
C LYS F 495 20.50 21.53 62.49
N LYS F 496 21.29 20.60 61.98
CA LYS F 496 22.10 19.81 62.91
C LYS F 496 23.28 20.61 63.47
N ARG F 497 23.61 21.74 62.87
CA ARG F 497 24.65 22.60 63.42
C ARG F 497 24.32 23.04 64.84
N GLY F 498 23.11 23.54 65.06
CA GLY F 498 22.68 23.96 66.37
C GLY F 498 22.98 25.43 66.62
N PRO F 499 22.17 26.06 67.49
CA PRO F 499 22.40 27.47 67.79
C PRO F 499 23.69 27.68 68.56
N LYS F 500 24.37 28.78 68.28
CA LYS F 500 25.63 29.07 68.95
C LYS F 500 25.66 30.52 69.43
N PRO F 501 26.30 30.78 70.58
CA PRO F 501 26.20 32.09 71.21
C PRO F 501 26.86 33.20 70.39
N TYR F 502 26.29 34.41 70.48
CA TYR F 502 26.93 35.56 69.87
C TYR F 502 27.65 36.40 70.91
N SER F 503 27.06 36.57 72.09
CA SER F 503 27.72 37.28 73.17
C SER F 503 28.88 36.45 73.71
N LEU F 504 29.87 37.13 74.28
CA LEU F 504 31.05 36.46 74.79
C LEU F 504 30.80 35.75 76.12
N HIS F 505 29.97 36.31 76.99
CA HIS F 505 29.82 35.76 78.33
C HIS F 505 29.25 34.36 78.30
N LEU F 506 28.16 34.13 77.56
CA LEU F 506 27.56 32.81 77.54
C LEU F 506 28.52 31.78 76.96
N ASP F 507 29.25 32.16 75.91
CA ASP F 507 30.21 31.24 75.32
C ASP F 507 31.29 30.88 76.34
N HIS F 508 31.77 31.86 77.09
CA HIS F 508 32.77 31.57 78.10
C HIS F 508 32.20 30.67 79.20
N ILE F 509 30.96 30.92 79.60
CA ILE F 509 30.34 30.14 80.67
C ILE F 509 30.20 28.68 80.25
N ILE F 510 29.67 28.45 79.05
CA ILE F 510 29.53 27.08 78.59
C ILE F 510 30.89 26.46 78.37
N GLN F 511 31.90 27.27 78.02
CA GLN F 511 33.24 26.74 77.88
C GLN F 511 33.75 26.20 79.21
N LYS F 512 33.62 26.98 80.28
CA LYS F 512 34.02 26.48 81.59
C LYS F 512 33.19 25.27 82.01
N ALA F 513 31.90 25.29 81.73
CA ALA F 513 31.05 24.17 82.14
C ALA F 513 31.50 22.88 81.47
N ILE F 514 31.65 22.90 80.14
CA ILE F 514 32.08 21.69 79.45
C ILE F 514 33.48 21.30 79.89
N ALA F 515 34.34 22.29 80.19
CA ALA F 515 35.68 21.98 80.65
C ALA F 515 35.66 21.22 81.98
N THR F 516 34.90 21.71 82.95
CA THR F 516 34.88 21.05 84.25
C THR F 516 34.20 19.69 84.18
N HIS F 517 33.16 19.54 83.34
CA HIS F 517 32.52 18.24 83.23
C HIS F 517 33.41 17.25 82.48
N GLN F 518 34.21 17.73 81.53
CA GLN F 518 35.21 16.86 80.92
C GLN F 518 36.28 16.46 81.92
N LYS F 519 36.75 17.41 82.72
CA LYS F 519 37.75 17.10 83.75
C LYS F 519 37.21 16.16 84.80
N ARG F 520 35.89 16.11 84.98
CA ARG F 520 35.29 15.15 85.89
C ARG F 520 35.62 13.71 85.48
N ASP F 521 35.41 13.37 84.20
CA ASP F 521 35.52 12.00 83.71
C ASP F 521 36.72 11.90 82.77
N GLN F 522 37.64 10.99 83.09
CA GLN F 522 38.83 10.82 82.28
C GLN F 522 38.81 9.46 81.57
N ILE F 532 50.40 19.86 69.89
CA ILE F 532 51.35 19.23 70.81
C ILE F 532 52.76 19.24 70.20
N LEU F 533 53.22 20.42 69.81
CA LEU F 533 54.54 20.60 69.25
C LEU F 533 55.38 21.45 70.18
N LYS F 534 56.65 21.07 70.32
CA LYS F 534 57.52 21.71 71.31
C LYS F 534 57.84 23.14 70.92
N ASP F 535 58.51 23.35 69.78
CA ASP F 535 58.78 24.70 69.28
C ASP F 535 59.57 25.53 70.28
N THR F 536 60.84 25.16 70.50
CA THR F 536 61.62 25.79 71.54
C THR F 536 62.01 27.22 71.17
N GLU F 537 62.81 27.38 70.11
CA GLU F 537 63.38 28.69 69.82
C GLU F 537 63.31 29.14 68.36
N GLU F 538 63.48 28.22 67.41
CA GLU F 538 63.72 28.61 66.02
C GLU F 538 62.48 29.24 65.37
N ALA F 539 61.39 28.48 65.27
CA ALA F 539 60.17 29.06 64.71
C ALA F 539 59.63 30.15 65.62
N LEU F 540 59.93 30.09 66.92
CA LEU F 540 59.61 31.20 67.81
C LEU F 540 60.22 32.49 67.30
N LEU F 541 61.53 32.48 67.05
CA LEU F 541 62.21 33.65 66.52
C LEU F 541 61.65 34.03 65.15
N ILE F 542 61.42 33.04 64.30
CA ILE F 542 60.84 33.29 62.98
C ILE F 542 59.58 34.13 63.11
N ASN F 543 58.61 33.63 63.85
CA ASN F 543 57.31 34.30 63.93
C ASN F 543 57.42 35.64 64.63
N LEU F 544 58.09 35.70 65.79
CA LEU F 544 58.13 36.97 66.50
C LEU F 544 58.85 38.04 65.70
N ARG F 545 59.88 37.67 64.94
CA ARG F 545 60.45 38.57 63.95
C ARG F 545 59.41 38.99 62.93
N ASP F 546 58.66 38.02 62.42
CA ASP F 546 57.61 38.32 61.45
C ASP F 546 56.41 39.00 62.09
N SER F 547 56.36 39.11 63.41
CA SER F 547 55.18 39.62 64.09
C SER F 547 54.94 41.10 63.86
N GLN F 548 55.90 41.82 63.25
CA GLN F 548 55.74 43.22 62.87
C GLN F 548 55.48 44.14 64.04
N VAL F 549 55.55 43.65 65.28
CA VAL F 549 55.22 44.48 66.43
C VAL F 549 56.44 45.29 66.87
N LEU F 550 57.64 44.71 66.77
CA LEU F 550 58.83 45.35 67.30
C LEU F 550 59.24 46.58 66.49
N GLN F 551 58.75 46.72 65.27
CA GLN F 551 59.09 47.89 64.46
C GLN F 551 58.58 49.17 65.10
N HIS F 552 57.37 49.15 65.66
CA HIS F 552 56.76 50.36 66.16
C HIS F 552 55.58 50.02 67.06
N LYS F 553 55.23 50.95 67.94
CA LYS F 553 54.17 50.75 68.90
C LYS F 553 52.79 51.18 68.40
N GLU F 554 52.70 51.76 67.20
CA GLU F 554 51.41 52.15 66.66
C GLU F 554 50.53 50.92 66.46
N ASN F 555 49.30 50.98 66.98
CA ASN F 555 48.34 49.91 66.84
C ASN F 555 47.90 49.80 65.38
N LEU F 556 47.02 48.83 65.13
CA LEU F 556 46.34 48.66 63.85
C LEU F 556 47.29 48.32 62.71
N GLU F 557 48.54 47.97 63.01
CA GLU F 557 49.47 47.48 61.99
C GLU F 557 50.07 46.13 62.35
N TRP F 558 49.38 45.34 63.16
CA TRP F 558 49.96 44.12 63.68
C TRP F 558 49.22 42.89 63.15
N ASN F 559 49.94 41.78 63.06
CA ASN F 559 49.37 40.51 62.58
C ASN F 559 48.79 39.77 63.77
N TRP F 560 47.65 40.25 64.25
CA TRP F 560 47.06 39.74 65.48
C TRP F 560 46.84 38.24 65.49
N ASN F 561 46.54 37.65 64.33
CA ASN F 561 46.43 36.20 64.28
C ASN F 561 47.75 35.53 64.61
N LEU F 562 48.85 36.02 64.04
CA LEU F 562 50.15 35.48 64.38
C LEU F 562 50.46 35.74 65.85
N ILE F 563 50.01 36.87 66.36
CA ILE F 563 50.16 37.16 67.78
C ILE F 563 49.51 36.07 68.62
N GLY F 564 48.26 35.75 68.30
CA GLY F 564 47.57 34.70 69.02
C GLY F 564 48.26 33.36 68.90
N THR F 565 48.80 33.06 67.71
CA THR F 565 49.55 31.83 67.54
C THR F 565 50.74 31.75 68.47
N ILE F 566 51.48 32.85 68.61
CA ILE F 566 52.57 32.88 69.57
C ILE F 566 52.06 32.72 70.99
N LEU F 567 50.98 33.41 71.33
CA LEU F 567 50.50 33.44 72.71
C LEU F 567 49.94 32.10 73.17
N LYS F 568 49.28 31.35 72.30
CA LYS F 568 48.69 30.08 72.67
C LYS F 568 49.57 28.87 72.34
N TRP F 569 50.76 29.06 71.79
CA TRP F 569 51.56 27.90 71.45
C TRP F 569 51.94 27.13 72.71
N PRO F 570 51.85 25.79 72.67
CA PRO F 570 51.94 25.00 73.91
C PRO F 570 53.17 25.26 74.77
N ASN F 571 54.36 25.05 74.23
CA ASN F 571 55.55 24.91 75.07
C ASN F 571 56.31 26.22 75.25
N VAL F 572 55.77 27.34 74.80
CA VAL F 572 56.32 28.65 75.13
C VAL F 572 55.69 29.07 76.45
N ASN F 573 56.52 29.17 77.49
CA ASN F 573 55.99 29.36 78.84
C ASN F 573 56.78 30.38 79.64
N LEU F 574 57.81 30.97 79.04
CA LEU F 574 58.65 31.99 79.68
C LEU F 574 59.31 31.50 80.96
N ARG F 575 59.20 30.21 81.29
CA ARG F 575 59.77 29.70 82.51
C ARG F 575 61.13 29.05 82.31
N ASN F 576 61.31 28.34 81.20
CA ASN F 576 62.63 27.95 80.73
C ASN F 576 63.19 28.96 79.76
N TYR F 577 62.34 29.82 79.18
CA TYR F 577 62.68 30.62 78.01
C TYR F 577 62.69 32.09 78.39
N LYS F 578 63.89 32.63 78.65
CA LYS F 578 64.06 34.05 78.97
C LYS F 578 64.67 34.73 77.74
N ASP F 579 63.79 35.29 76.91
CA ASP F 579 64.22 35.94 75.67
C ASP F 579 63.95 37.43 75.74
N GLU F 580 64.98 38.20 75.38
CA GLU F 580 64.88 39.66 75.43
C GLU F 580 63.81 40.18 74.49
N GLN F 581 63.72 39.64 73.28
CA GLN F 581 62.69 40.07 72.34
C GLN F 581 61.31 39.71 72.87
N LEU F 582 61.19 38.55 73.52
CA LEU F 582 59.95 38.19 74.20
C LEU F 582 59.62 39.19 75.29
N HIS F 583 60.63 39.63 76.04
CA HIS F 583 60.39 40.64 77.08
C HIS F 583 59.87 41.93 76.48
N ARG F 584 60.47 42.39 75.39
CA ARG F 584 59.98 43.60 74.74
C ARG F 584 58.56 43.41 74.23
N PHE F 585 58.28 42.26 73.63
CA PHE F 585 56.94 41.96 73.14
C PHE F 585 55.90 42.00 74.26
N VAL F 586 56.18 41.30 75.35
CA VAL F 586 55.22 41.22 76.44
C VAL F 586 55.06 42.58 77.10
N ARG F 587 56.13 43.38 77.14
CA ARG F 587 56.01 44.71 77.70
C ARG F 587 55.16 45.60 76.79
N ARG F 588 55.32 45.46 75.48
CA ARG F 588 54.47 46.22 74.56
C ARG F 588 53.00 45.86 74.74
N LEU F 589 52.70 44.57 74.86
CA LEU F 589 51.32 44.16 75.12
C LEU F 589 50.82 44.68 76.45
N LEU F 590 51.64 44.54 77.50
CA LEU F 590 51.28 45.04 78.82
C LEU F 590 50.91 46.51 78.75
N TYR F 591 51.74 47.31 78.07
CA TYR F 591 51.40 48.72 77.93
C TYR F 591 50.12 48.92 77.14
N PHE F 592 49.99 48.28 75.98
CA PHE F 592 48.83 48.54 75.14
C PHE F 592 47.54 48.23 75.86
N TYR F 593 47.51 47.14 76.61
CA TYR F 593 46.30 46.71 77.27
C TYR F 593 45.96 47.55 78.50
N LYS F 594 46.89 48.39 78.96
CA LYS F 594 46.65 49.17 80.17
C LYS F 594 45.50 50.14 79.97
N PRO F 595 44.57 50.22 80.93
CA PRO F 595 43.58 51.31 80.90
C PRO F 595 44.23 52.68 80.96
N SER F 596 45.40 52.80 81.57
CA SER F 596 46.11 54.07 81.58
C SER F 596 46.73 54.39 80.22
N SER F 597 46.96 53.36 79.40
CA SER F 597 47.46 53.61 78.05
C SER F 597 46.48 54.44 77.22
N LYS F 598 45.18 54.35 77.52
CA LYS F 598 44.16 55.10 76.82
C LYS F 598 44.17 54.81 75.33
N LEU F 599 44.55 53.58 74.99
CA LEU F 599 44.40 53.06 73.64
C LEU F 599 43.45 51.88 73.59
N TYR F 600 43.73 50.86 74.41
CA TYR F 600 42.83 49.72 74.50
C TYR F 600 41.43 50.12 74.91
N ALA F 601 41.30 50.97 75.93
CA ALA F 601 39.99 51.40 76.38
C ALA F 601 39.40 52.49 75.51
N ASN F 602 40.18 53.08 74.60
CA ASN F 602 39.67 54.14 73.75
C ASN F 602 39.42 53.74 72.31
N LEU F 603 39.48 52.46 71.99
CA LEU F 603 38.77 51.98 70.81
C LEU F 603 37.32 51.71 71.18
N ASP F 604 36.41 52.34 70.46
CA ASP F 604 35.00 52.24 70.78
C ASP F 604 34.42 50.93 70.25
N LEU F 605 33.17 50.67 70.62
CA LEU F 605 32.49 49.49 70.14
C LEU F 605 32.25 49.58 68.63
N ASP F 606 31.71 48.50 68.08
CA ASP F 606 31.33 48.45 66.67
C ASP F 606 32.51 48.67 65.75
N PHE F 607 33.72 48.39 66.23
CA PHE F 607 34.87 48.42 65.36
C PHE F 607 34.93 47.15 64.52
N ALA F 608 35.55 47.28 63.33
CA ALA F 608 35.58 46.18 62.39
C ALA F 608 36.30 44.97 62.98
N LYS F 609 37.46 45.20 63.59
CA LYS F 609 38.23 44.12 64.20
C LYS F 609 38.35 44.45 65.68
N ALA F 610 37.36 44.00 66.44
CA ALA F 610 37.28 44.25 67.87
C ALA F 610 37.14 42.99 68.70
N LYS F 611 36.22 42.10 68.32
CA LYS F 611 36.05 40.86 69.05
C LYS F 611 37.31 40.01 69.00
N GLN F 612 37.96 39.97 67.83
CA GLN F 612 39.29 39.37 67.75
C GLN F 612 40.23 39.99 68.77
N LEU F 613 40.21 41.32 68.89
CA LEU F 613 41.09 41.98 69.85
C LEU F 613 40.77 41.53 71.27
N THR F 614 39.49 41.40 71.60
CA THR F 614 39.10 41.02 72.95
C THR F 614 39.55 39.60 73.27
N VAL F 615 39.34 38.67 72.33
CA VAL F 615 39.77 37.30 72.59
C VAL F 615 41.29 37.24 72.68
N VAL F 616 41.99 38.06 71.90
CA VAL F 616 43.44 38.13 72.01
C VAL F 616 43.85 38.63 73.38
N GLY F 617 43.11 39.59 73.93
CA GLY F 617 43.43 40.08 75.27
C GLY F 617 43.25 39.01 76.33
N CYS F 618 42.14 38.28 76.26
CA CYS F 618 41.94 37.18 77.20
C CYS F 618 43.04 36.13 77.03
N GLN F 619 43.46 35.91 75.78
CA GLN F 619 44.60 35.06 75.47
C GLN F 619 45.87 35.52 76.18
N PHE F 620 46.16 36.82 76.12
CA PHE F 620 47.36 37.36 76.74
C PHE F 620 47.30 37.21 78.26
N THR F 621 46.14 37.48 78.84
CA THR F 621 45.96 37.28 80.27
C THR F 621 46.15 35.83 80.69
N GLU F 622 45.61 34.89 79.91
CA GLU F 622 45.85 33.48 80.19
C GLU F 622 47.32 33.13 80.08
N PHE F 623 48.01 33.67 79.08
CA PHE F 623 49.44 33.45 78.96
C PHE F 623 50.18 33.90 80.21
N LEU F 624 49.84 35.07 80.73
CA LEU F 624 50.46 35.52 81.97
C LEU F 624 50.15 34.57 83.11
N LEU F 625 48.91 34.10 83.20
CA LEU F 625 48.55 33.13 84.23
C LEU F 625 49.38 31.85 84.10
N GLU F 626 49.76 31.48 82.88
CA GLU F 626 50.63 30.32 82.72
C GLU F 626 52.03 30.58 83.26
N SER F 627 52.61 31.73 82.99
CA SER F 627 53.97 32.05 83.38
C SER F 627 53.93 32.85 84.68
N GLU F 628 53.94 32.15 85.82
CA GLU F 628 53.78 32.78 87.11
C GLU F 628 55.09 33.17 87.78
N GLU F 629 55.97 32.20 88.09
CA GLU F 629 57.00 32.43 89.09
C GLU F 629 57.99 33.52 88.74
N ASP F 630 58.04 33.95 87.49
CA ASP F 630 58.83 35.12 87.12
C ASP F 630 57.98 36.27 86.61
N GLY F 631 56.71 36.05 86.29
CA GLY F 631 55.87 37.10 85.76
C GLY F 631 54.88 37.66 86.76
N GLN F 632 55.26 37.71 88.03
CA GLN F 632 54.38 38.20 89.08
C GLN F 632 53.96 39.65 88.83
N GLY F 633 54.95 40.52 88.65
CA GLY F 633 54.69 41.95 88.52
C GLY F 633 53.79 42.32 87.36
N TYR F 634 54.09 41.79 86.17
CA TYR F 634 53.38 42.08 84.93
C TYR F 634 51.86 42.09 85.11
N LEU F 635 51.32 41.13 85.86
CA LEU F 635 49.88 41.13 86.13
C LEU F 635 49.51 42.12 87.22
N GLU F 636 50.36 42.28 88.23
CA GLU F 636 49.98 43.07 89.40
C GLU F 636 49.71 44.53 89.05
N ASP F 637 50.65 45.16 88.36
CA ASP F 637 50.47 46.55 87.97
C ASP F 637 49.24 46.70 87.09
N LEU F 638 49.06 45.79 86.12
CA LEU F 638 47.92 45.90 85.22
C LEU F 638 46.61 45.77 85.97
N VAL F 639 46.53 44.80 86.88
CA VAL F 639 45.27 44.57 87.57
C VAL F 639 44.96 45.71 88.52
N LYS F 640 45.97 46.26 89.21
CA LYS F 640 45.64 47.38 90.10
C LYS F 640 45.38 48.64 89.29
N ASP F 641 45.91 48.73 88.08
CA ASP F 641 45.51 49.82 87.20
C ASP F 641 44.06 49.66 86.77
N ILE F 642 43.65 48.43 86.51
CA ILE F 642 42.24 48.17 86.20
C ILE F 642 41.36 48.58 87.37
N VAL F 643 41.75 48.21 88.59
CA VAL F 643 40.92 48.57 89.74
C VAL F 643 40.96 50.07 89.99
N GLN F 644 42.07 50.73 89.63
CA GLN F 644 42.14 52.18 89.71
C GLN F 644 41.11 52.82 88.78
N TRP F 645 41.11 52.40 87.52
CA TRP F 645 40.11 52.90 86.58
C TRP F 645 38.70 52.58 87.05
N LEU F 646 38.53 51.39 87.64
CA LEU F 646 37.25 50.97 88.18
C LEU F 646 36.76 51.92 89.26
N ASN F 647 37.59 52.20 90.25
CA ASN F 647 37.20 53.13 91.29
C ASN F 647 36.98 54.54 90.74
N ALA F 648 37.80 54.95 89.77
CA ALA F 648 37.64 56.27 89.18
C ALA F 648 36.29 56.42 88.51
N SER F 649 35.87 55.41 87.74
CA SER F 649 34.57 55.46 87.10
C SER F 649 33.42 55.26 88.08
N SER F 650 33.63 54.51 89.16
CA SER F 650 32.57 54.29 90.12
C SER F 650 32.26 55.54 90.92
N GLY F 651 33.25 56.40 91.13
CA GLY F 651 33.05 57.59 91.95
C GLY F 651 33.94 57.66 93.16
N MET F 652 35.16 57.12 93.06
CA MET F 652 36.15 57.24 94.13
C MET F 652 36.75 58.64 94.21
N LYS F 653 36.26 59.58 93.41
CA LYS F 653 36.71 60.96 93.43
C LYS F 653 35.50 61.87 93.50
N PRO F 654 35.65 63.04 94.11
CA PRO F 654 34.53 63.99 94.23
C PRO F 654 34.41 65.02 93.12
N GLU F 655 35.12 64.84 92.00
CA GLU F 655 35.10 65.86 90.95
C GLU F 655 33.79 65.84 90.18
N ARG F 656 33.53 64.76 89.45
CA ARG F 656 32.28 64.64 88.70
C ARG F 656 31.53 63.36 89.01
N SER F 657 32.23 62.24 89.20
CA SER F 657 31.64 60.97 89.59
C SER F 657 30.61 60.46 88.59
N LEU F 658 30.64 60.97 87.35
CA LEU F 658 29.69 60.53 86.33
C LEU F 658 30.48 60.35 85.02
N GLN F 659 30.79 59.09 84.70
CA GLN F 659 31.50 58.75 83.47
C GLN F 659 30.69 57.72 82.69
N ASN F 660 29.35 57.84 82.75
CA ASN F 660 28.48 56.85 82.13
C ASN F 660 28.67 56.77 80.62
N ASN F 661 29.23 57.80 79.99
CA ASN F 661 29.58 57.70 78.58
C ASN F 661 30.96 57.11 78.35
N GLY F 662 31.57 56.54 79.38
CA GLY F 662 32.88 55.94 79.25
C GLY F 662 32.83 54.45 78.93
N LEU F 663 31.95 53.71 79.61
CA LEU F 663 31.92 52.27 79.43
C LEU F 663 30.87 51.82 78.41
N LEU F 664 29.76 52.55 78.31
CA LEU F 664 28.66 52.13 77.44
C LEU F 664 29.05 52.16 75.97
N THR F 665 30.17 52.79 75.63
CA THR F 665 30.60 52.89 74.25
C THR F 665 32.05 52.47 74.03
N THR F 666 32.72 51.95 75.05
CA THR F 666 34.10 51.51 74.92
C THR F 666 34.24 50.08 75.41
N LEU F 667 35.28 49.42 74.91
CA LEU F 667 35.55 48.03 75.28
C LEU F 667 36.17 47.90 76.66
N SER F 668 36.29 48.99 77.42
CA SER F 668 36.77 48.87 78.79
C SER F 668 35.82 48.03 79.65
N GLN F 669 34.55 47.93 79.25
CA GLN F 669 33.63 46.99 79.86
C GLN F 669 34.14 45.56 79.79
N HIS F 670 34.87 45.21 78.75
CA HIS F 670 35.34 43.85 78.54
C HIS F 670 36.53 43.49 79.41
N TYR F 671 37.15 44.48 80.09
CA TYR F 671 38.18 44.17 81.07
C TYR F 671 37.72 43.11 82.06
N PHE F 672 36.42 43.05 82.34
CA PHE F 672 35.88 42.08 83.27
C PHE F 672 36.26 40.65 82.87
N LEU F 673 36.25 40.38 81.57
CA LEU F 673 36.52 39.02 81.10
C LEU F 673 37.84 38.50 81.63
N PHE F 674 38.83 39.39 81.76
CA PHE F 674 40.12 38.98 82.28
C PHE F 674 40.00 38.49 83.71
N ILE F 675 39.32 39.25 84.57
CA ILE F 675 38.99 38.75 85.90
C ILE F 675 38.24 37.44 85.78
N GLY F 676 37.36 37.34 84.79
CA GLY F 676 36.73 36.06 84.50
C GLY F 676 37.75 34.94 84.34
N THR F 677 38.68 35.11 83.40
CA THR F 677 39.69 34.07 83.26
C THR F 677 40.68 34.08 84.41
N LEU F 678 40.66 35.14 85.23
CA LEU F 678 41.37 35.11 86.50
C LEU F 678 40.60 34.38 87.57
N SER F 679 39.27 34.41 87.52
CA SER F 679 38.44 33.80 88.55
C SER F 679 38.25 32.30 88.36
N CYS F 680 38.89 31.72 87.36
CA CYS F 680 38.70 30.29 87.11
C CYS F 680 39.78 29.46 87.79
N HIS F 681 41.04 29.68 87.46
CA HIS F 681 42.09 28.80 87.93
C HIS F 681 42.45 29.06 89.39
N PRO F 682 42.83 28.01 90.13
CA PRO F 682 43.06 28.18 91.57
C PRO F 682 44.17 29.17 91.89
N HIS F 683 45.21 29.24 91.07
CA HIS F 683 46.20 30.29 91.26
C HIS F 683 45.64 31.67 90.94
N GLY F 684 44.69 31.74 90.01
CA GLY F 684 44.05 32.98 89.67
C GLY F 684 43.31 33.62 90.82
N VAL F 685 42.64 32.82 91.66
CA VAL F 685 41.90 33.42 92.77
C VAL F 685 42.86 33.99 93.80
N LYS F 686 44.00 33.34 94.04
CA LYS F 686 44.96 33.90 94.98
C LYS F 686 45.56 35.19 94.42
N MET F 687 45.76 35.24 93.11
CA MET F 687 46.14 36.49 92.48
C MET F 687 45.07 37.56 92.68
N LEU F 688 43.81 37.19 92.49
CA LEU F 688 42.73 38.15 92.62
C LEU F 688 42.65 38.72 94.02
N GLU F 689 42.84 37.88 95.03
CA GLU F 689 42.83 38.36 96.41
C GLU F 689 44.14 39.00 96.82
N LYS F 690 45.20 38.86 96.02
CA LYS F 690 46.43 39.59 96.32
C LYS F 690 46.17 41.10 96.36
N CYS F 691 45.42 41.61 95.39
CA CYS F 691 45.09 43.03 95.34
C CYS F 691 43.67 43.26 95.83
N SER F 692 43.31 44.53 95.95
CA SER F 692 41.98 44.94 96.43
C SER F 692 40.96 44.74 95.32
N VAL F 693 40.45 43.52 95.21
CA VAL F 693 39.45 43.18 94.22
C VAL F 693 38.14 42.74 94.85
N PHE F 694 38.15 41.60 95.56
CA PHE F 694 36.91 41.14 96.19
C PHE F 694 36.35 42.19 97.12
N GLN F 695 37.19 42.75 97.98
CA GLN F 695 36.76 43.84 98.83
C GLN F 695 36.34 45.06 98.02
N CYS F 696 37.07 45.36 96.95
CA CYS F 696 36.67 46.47 96.10
C CYS F 696 35.31 46.22 95.46
N LEU F 697 35.06 44.98 95.02
CA LEU F 697 33.75 44.66 94.47
C LEU F 697 32.65 44.78 95.52
N LEU F 698 32.91 44.32 96.75
CA LEU F 698 31.91 44.47 97.79
C LEU F 698 31.67 45.93 98.12
N ASN F 699 32.69 46.78 97.99
CA ASN F 699 32.45 48.21 98.10
C ASN F 699 31.61 48.73 96.94
N LEU F 700 31.80 48.17 95.74
CA LEU F 700 30.99 48.56 94.61
C LEU F 700 29.52 48.27 94.85
N CYS F 701 29.20 47.11 95.42
CA CYS F 701 27.80 46.72 95.55
C CYS F 701 27.03 47.63 96.49
N SER F 702 27.73 48.36 97.35
CA SER F 702 27.07 49.32 98.24
C SER F 702 26.50 50.52 97.48
N LEU F 703 26.86 50.68 96.21
CA LEU F 703 26.41 51.81 95.42
C LEU F 703 24.99 51.57 94.90
N LYS F 704 24.20 52.65 94.89
CA LYS F 704 22.80 52.59 94.45
C LYS F 704 22.46 53.55 93.34
N ASN F 705 23.43 54.09 92.61
CA ASN F 705 23.11 54.99 91.51
C ASN F 705 23.52 54.44 90.15
N GLN F 706 24.74 53.93 90.02
CA GLN F 706 25.17 53.25 88.81
C GLN F 706 24.63 51.83 88.88
N ASP F 707 23.87 51.43 87.85
CA ASP F 707 23.23 50.12 87.83
C ASP F 707 23.95 49.12 86.95
N HIS F 708 24.23 49.49 85.69
CA HIS F 708 24.73 48.51 84.74
C HIS F 708 26.06 47.90 85.18
N LEU F 709 26.80 48.59 86.05
CA LEU F 709 27.98 47.96 86.63
C LEU F 709 27.64 46.61 87.23
N LEU F 710 26.54 46.55 87.99
CA LEU F 710 26.10 45.27 88.53
C LEU F 710 25.79 44.28 87.42
N LYS F 711 25.11 44.75 86.37
CA LYS F 711 24.78 43.90 85.24
C LYS F 711 26.01 43.20 84.68
N LEU F 712 27.05 43.97 84.36
CA LEU F 712 28.23 43.35 83.77
C LEU F 712 28.98 42.50 84.79
N THR F 713 29.14 43.01 86.01
CA THR F 713 29.95 42.28 86.99
C THR F 713 29.33 40.96 87.42
N VAL F 714 28.01 40.89 87.57
CA VAL F 714 27.37 39.66 88.03
C VAL F 714 27.54 38.52 87.03
N SER F 715 27.80 38.83 85.77
CA SER F 715 27.85 37.82 84.71
C SER F 715 29.27 37.33 84.43
N SER F 716 30.25 37.78 85.21
CA SER F 716 31.64 37.45 84.92
C SER F 716 32.28 36.56 85.96
N LEU F 717 31.74 36.52 87.17
CA LEU F 717 32.38 35.79 88.24
C LEU F 717 32.16 34.29 88.07
N ASP F 718 33.12 33.51 88.56
CA ASP F 718 33.01 32.07 88.59
C ASP F 718 32.30 31.67 89.88
N TYR F 719 31.64 30.53 89.88
CA TYR F 719 30.94 30.03 91.05
C TYR F 719 31.14 28.53 91.20
N SER F 720 32.11 28.00 90.46
CA SER F 720 32.39 26.57 90.51
C SER F 720 32.85 26.12 91.90
N ARG F 721 33.71 26.91 92.54
CA ARG F 721 34.26 26.59 93.84
C ARG F 721 33.71 27.53 94.90
N ASP F 722 33.67 27.05 96.13
CA ASP F 722 33.24 27.92 97.22
C ASP F 722 34.31 28.97 97.44
N GLY F 723 33.88 30.17 97.81
CA GLY F 723 34.85 31.23 98.06
C GLY F 723 34.16 32.54 98.33
N LEU F 724 34.96 33.60 98.27
CA LEU F 724 34.50 34.95 98.56
C LEU F 724 33.56 35.49 97.51
N ALA F 725 33.58 34.93 96.30
CA ALA F 725 32.66 35.36 95.27
C ALA F 725 31.20 35.06 95.63
N ARG F 726 30.94 33.92 96.24
CA ARG F 726 29.58 33.49 96.51
C ARG F 726 28.86 34.41 97.49
N VAL F 727 29.55 34.86 98.54
CA VAL F 727 28.92 35.77 99.49
C VAL F 727 28.60 37.08 98.79
N ILE F 728 29.41 37.48 97.82
CA ILE F 728 29.12 38.70 97.08
C ILE F 728 27.79 38.58 96.37
N LEU F 729 27.59 37.49 95.63
CA LEU F 729 26.33 37.30 94.92
C LEU F 729 25.16 37.18 95.90
N SER F 730 25.40 36.56 97.05
CA SER F 730 24.36 36.48 98.07
C SER F 730 23.94 37.88 98.51
N LYS F 731 24.90 38.76 98.77
CA LYS F 731 24.55 40.13 99.13
C LYS F 731 23.83 40.81 97.97
N ILE F 732 24.29 40.58 96.74
CA ILE F 732 23.65 41.20 95.59
C ILE F 732 22.18 40.84 95.53
N LEU F 733 21.87 39.56 95.67
CA LEU F 733 20.47 39.14 95.68
C LEU F 733 19.75 39.54 96.97
N THR F 734 20.48 39.94 98.01
CA THR F 734 19.82 40.41 99.23
C THR F 734 19.96 41.91 99.47
N ALA F 735 21.00 42.56 98.95
CA ALA F 735 21.23 43.99 99.17
C ALA F 735 21.61 44.65 97.85
N ALA F 736 20.64 45.32 97.24
CA ALA F 736 20.73 45.86 95.89
C ALA F 736 19.45 46.63 95.59
N THR F 737 19.36 47.20 94.39
CA THR F 737 18.14 47.88 93.96
C THR F 737 17.13 46.87 93.40
N ASP F 738 15.90 47.36 93.17
CA ASP F 738 14.86 46.48 92.65
C ASP F 738 15.25 45.91 91.29
N ALA F 739 15.82 46.75 90.43
CA ALA F 739 16.36 46.24 89.18
C ALA F 739 17.45 45.23 89.44
N CYS F 740 18.40 45.57 90.32
CA CYS F 740 19.47 44.64 90.65
C CYS F 740 18.92 43.36 91.28
N ARG F 741 17.94 43.49 92.18
CA ARG F 741 17.17 42.31 92.57
C ARG F 741 16.88 41.43 91.38
N LEU F 742 16.13 41.97 90.41
CA LEU F 742 15.58 41.14 89.37
C LEU F 742 16.66 40.60 88.44
N TYR F 743 17.61 41.44 88.05
CA TYR F 743 18.66 40.96 87.16
C TYR F 743 19.48 39.87 87.81
N ALA F 744 19.91 40.06 89.05
CA ALA F 744 20.66 38.99 89.71
C ALA F 744 19.82 37.73 89.82
N THR F 745 18.56 37.85 90.23
CA THR F 745 17.79 36.64 90.50
C THR F 745 17.44 35.86 89.23
N LYS F 746 17.03 36.52 88.16
CA LYS F 746 16.78 35.76 86.95
C LYS F 746 18.08 35.38 86.24
N HIS F 747 19.21 35.90 86.70
CA HIS F 747 20.50 35.46 86.19
C HIS F 747 20.87 34.05 86.62
N LEU F 748 19.93 33.30 87.21
CA LEU F 748 20.21 31.94 87.65
C LEU F 748 19.78 30.89 86.65
N ARG F 749 19.02 31.26 85.62
CA ARG F 749 18.67 30.29 84.59
C ARG F 749 19.91 29.78 83.88
N VAL F 750 20.86 30.67 83.59
CA VAL F 750 22.12 30.21 83.03
C VAL F 750 22.81 29.26 84.00
N LEU F 751 22.73 29.54 85.30
CA LEU F 751 23.32 28.63 86.27
C LEU F 751 22.63 27.29 86.33
N LEU F 752 21.37 27.22 85.92
CA LEU F 752 20.65 25.96 85.85
C LEU F 752 20.78 25.31 84.48
N ARG F 753 20.44 26.04 83.43
CA ARG F 753 20.34 25.45 82.11
C ARG F 753 21.70 25.08 81.53
N ALA F 754 22.78 25.62 82.07
CA ALA F 754 24.11 25.27 81.58
C ALA F 754 24.72 24.09 82.31
N ASN F 755 24.01 23.49 83.27
CA ASN F 755 24.48 22.31 83.97
C ASN F 755 25.81 22.57 84.69
N VAL F 756 25.76 23.44 85.71
CA VAL F 756 26.95 23.76 86.47
C VAL F 756 27.20 22.69 87.54
N GLU F 757 28.44 22.65 88.02
CA GLU F 757 28.84 21.65 89.01
C GLU F 757 28.14 21.88 90.35
N PHE F 758 27.41 20.86 90.80
CA PHE F 758 26.81 20.84 92.14
C PHE F 758 25.98 22.09 92.40
N PHE F 759 25.05 22.37 91.49
CA PHE F 759 24.11 23.47 91.73
C PHE F 759 23.27 23.23 92.97
N ASN F 760 22.89 21.98 93.21
CA ASN F 760 22.03 21.67 94.36
C ASN F 760 22.65 22.09 95.69
N ASN F 761 23.98 22.23 95.75
CA ASN F 761 24.65 22.53 97.01
C ASN F 761 24.28 23.91 97.54
N TRP F 762 24.19 24.89 96.65
CA TRP F 762 24.04 26.29 97.03
C TRP F 762 22.98 27.05 96.26
N GLY F 763 22.73 26.70 94.99
CA GLY F 763 21.72 27.42 94.25
C GLY F 763 20.35 27.32 94.90
N ILE F 764 20.00 26.15 95.42
CA ILE F 764 18.67 25.96 95.99
C ILE F 764 18.52 26.74 97.29
N GLU F 765 19.56 26.76 98.12
CA GLU F 765 19.48 27.55 99.34
C GLU F 765 19.36 29.03 99.01
N LEU F 766 20.11 29.51 98.02
CA LEU F 766 19.96 30.91 97.62
C LEU F 766 18.56 31.19 97.10
N LEU F 767 17.99 30.26 96.32
CA LEU F 767 16.64 30.43 95.83
C LEU F 767 15.64 30.53 96.97
N VAL F 768 15.75 29.64 97.95
CA VAL F 768 14.80 29.65 99.05
C VAL F 768 14.95 30.92 99.87
N THR F 769 16.17 31.40 100.04
CA THR F 769 16.36 32.70 100.70
C THR F 769 15.67 33.81 99.93
N GLN F 770 15.80 33.82 98.60
CA GLN F 770 15.15 34.84 97.81
C GLN F 770 13.64 34.67 97.74
N LEU F 771 13.14 33.49 98.11
CA LEU F 771 11.70 33.28 98.13
C LEU F 771 10.98 34.24 99.06
N HIS F 772 11.69 34.82 100.04
CA HIS F 772 11.10 35.63 101.09
C HIS F 772 11.13 37.12 100.77
N ASP F 773 11.65 37.53 99.62
CA ASP F 773 11.94 38.93 99.41
C ASP F 773 10.64 39.74 99.24
N LYS F 774 10.82 41.05 99.10
CA LYS F 774 9.69 41.97 99.14
C LYS F 774 8.85 41.91 97.86
N ASN F 775 9.47 41.75 96.71
CA ASN F 775 8.74 41.90 95.46
C ASN F 775 8.02 40.62 95.07
N LYS F 776 6.71 40.74 94.87
CA LYS F 776 5.88 39.64 94.43
C LYS F 776 6.29 39.11 93.07
N THR F 777 6.64 40.00 92.14
CA THR F 777 7.09 39.56 90.83
C THR F 777 8.35 38.73 90.92
N ILE F 778 9.30 39.16 91.76
CA ILE F 778 10.55 38.43 91.90
C ILE F 778 10.31 37.10 92.58
N SER F 779 9.42 37.07 93.57
CA SER F 779 9.04 35.80 94.18
C SER F 779 8.44 34.86 93.14
N SER F 780 7.58 35.38 92.28
CA SER F 780 6.96 34.55 91.25
C SER F 780 7.98 33.98 90.29
N GLU F 781 8.91 34.82 89.82
CA GLU F 781 9.91 34.31 88.88
C GLU F 781 10.83 33.31 89.57
N ALA F 782 11.12 33.50 90.85
CA ALA F 782 11.92 32.53 91.58
C ALA F 782 11.19 31.21 91.69
N LEU F 783 9.88 31.25 91.96
CA LEU F 783 9.09 30.04 91.92
C LEU F 783 9.18 29.36 90.56
N ASP F 784 9.10 30.15 89.50
CA ASP F 784 9.17 29.60 88.15
C ASP F 784 10.51 28.90 87.91
N ILE F 785 11.61 29.56 88.25
CA ILE F 785 12.92 28.96 87.97
C ILE F 785 13.13 27.72 88.83
N LEU F 786 12.67 27.75 90.08
CA LEU F 786 12.81 26.57 90.93
C LEU F 786 12.00 25.41 90.36
N ASP F 787 10.81 25.69 89.84
CA ASP F 787 10.02 24.63 89.22
C ASP F 787 10.71 24.09 87.98
N GLU F 788 11.30 24.97 87.17
CA GLU F 788 12.08 24.53 86.02
C GLU F 788 13.22 23.63 86.45
N ALA F 789 13.85 23.95 87.58
CA ALA F 789 14.97 23.16 88.06
C ALA F 789 14.54 21.80 88.59
N CYS F 790 13.39 21.72 89.23
CA CYS F 790 13.00 20.51 89.94
C CYS F 790 12.58 19.37 89.02
N GLU F 791 12.86 19.43 87.71
CA GLU F 791 12.65 18.25 86.90
C GLU F 791 13.86 17.33 86.87
N ASP F 792 14.77 17.47 87.82
CA ASP F 792 15.89 16.56 88.00
C ASP F 792 15.79 15.92 89.37
N LYS F 793 15.81 14.58 89.40
CA LYS F 793 15.50 13.87 90.64
C LYS F 793 16.50 14.18 91.75
N ALA F 794 17.79 14.22 91.44
CA ALA F 794 18.77 14.58 92.44
C ALA F 794 18.50 15.97 93.01
N ASN F 795 18.13 16.91 92.15
CA ASN F 795 17.70 18.21 92.60
C ASN F 795 16.52 18.14 93.56
N LEU F 796 15.50 17.35 93.24
CA LEU F 796 14.36 17.28 94.14
C LEU F 796 14.74 16.67 95.48
N HIS F 797 15.61 15.66 95.48
CA HIS F 797 16.05 15.10 96.75
C HIS F 797 16.81 16.13 97.59
N ALA F 798 17.77 16.83 96.97
CA ALA F 798 18.48 17.88 97.66
C ALA F 798 17.56 19.03 98.03
N LEU F 799 16.39 19.11 97.41
CA LEU F 799 15.37 20.02 97.92
C LEU F 799 14.77 19.48 99.20
N ILE F 800 14.48 18.17 99.23
CA ILE F 800 13.77 17.58 100.36
C ILE F 800 14.72 17.39 101.55
N GLN F 801 16.00 17.76 101.41
CA GLN F 801 16.80 17.84 102.62
C GLN F 801 16.34 18.95 103.56
N MET F 802 15.81 20.05 103.02
CA MET F 802 15.29 21.16 103.82
C MET F 802 13.88 21.47 103.33
N LYS F 803 12.92 21.45 104.25
CA LYS F 803 11.52 21.62 103.87
C LYS F 803 10.97 22.95 104.33
N PRO F 804 10.78 23.92 103.44
CA PRO F 804 10.21 25.21 103.84
C PRO F 804 8.69 25.23 103.77
N ALA F 805 8.10 26.37 104.11
CA ALA F 805 6.65 26.56 104.11
C ALA F 805 6.29 27.40 102.89
N LEU F 806 5.56 26.78 101.95
CA LEU F 806 5.13 27.44 100.73
C LEU F 806 3.68 27.88 100.79
N SER F 807 2.97 27.53 101.86
CA SER F 807 1.54 27.79 101.94
C SER F 807 1.19 29.27 102.03
N HIS F 808 2.17 30.14 102.25
CA HIS F 808 1.91 31.57 102.27
C HIS F 808 1.90 32.18 100.88
N LEU F 809 2.15 31.39 99.84
CA LEU F 809 2.13 31.86 98.47
C LEU F 809 0.89 31.33 97.76
N GLY F 810 0.76 31.64 96.47
CA GLY F 810 -0.42 31.31 95.71
C GLY F 810 -0.47 29.86 95.25
N ASP F 811 -1.45 29.56 94.38
CA ASP F 811 -1.62 28.21 93.87
C ASP F 811 -0.39 27.71 93.13
N LYS F 812 0.44 28.62 92.63
CA LYS F 812 1.70 28.20 92.02
C LYS F 812 2.55 27.45 93.02
N GLY F 813 2.78 28.04 94.19
CA GLY F 813 3.48 27.33 95.25
C GLY F 813 2.73 26.09 95.69
N LEU F 814 1.40 26.13 95.60
CA LEU F 814 0.62 24.95 95.96
C LEU F 814 1.00 23.76 95.08
N LEU F 815 0.93 23.92 93.76
CA LEU F 815 1.30 22.83 92.88
C LEU F 815 2.78 22.47 93.02
N LEU F 816 3.63 23.48 93.27
CA LEU F 816 5.04 23.19 93.47
C LEU F 816 5.23 22.24 94.64
N LEU F 817 4.54 22.49 95.76
CA LEU F 817 4.63 21.59 96.89
C LEU F 817 3.99 20.25 96.60
N LEU F 818 2.92 20.24 95.80
CA LEU F 818 2.30 18.98 95.41
C LEU F 818 3.23 18.09 94.59
N ARG F 819 4.25 18.65 93.93
CA ARG F 819 5.20 17.78 93.25
C ARG F 819 6.04 16.95 94.22
N PHE F 820 5.97 17.23 95.53
CA PHE F 820 6.72 16.42 96.49
C PHE F 820 6.25 14.97 96.49
N LEU F 821 5.00 14.72 96.15
CA LEU F 821 4.38 13.41 96.35
C LEU F 821 4.98 12.33 95.44
N SER F 822 5.98 12.66 94.63
CA SER F 822 6.53 11.69 93.69
C SER F 822 7.24 10.53 94.36
N ILE F 823 7.77 10.72 95.57
CA ILE F 823 8.62 9.71 96.19
C ILE F 823 8.14 9.44 97.61
N PRO F 824 8.10 8.18 98.05
CA PRO F 824 7.74 7.91 99.45
C PRO F 824 8.68 8.58 100.45
N LYS F 825 9.94 8.74 100.08
CA LYS F 825 10.90 9.45 100.91
C LYS F 825 10.54 10.92 100.89
N GLY F 826 9.63 11.31 101.77
CA GLY F 826 9.06 12.63 101.75
C GLY F 826 7.55 12.54 101.80
N PHE F 827 7.00 11.55 101.10
CA PHE F 827 5.58 11.24 101.28
C PHE F 827 5.29 10.84 102.71
N SER F 828 6.20 10.05 103.31
CA SER F 828 6.07 9.71 104.72
C SER F 828 6.14 10.95 105.61
N TYR F 829 7.07 11.87 105.33
CA TYR F 829 7.12 13.11 106.08
C TYR F 829 5.82 13.90 105.95
N LEU F 830 5.30 13.99 104.74
CA LEU F 830 4.11 14.78 104.49
C LEU F 830 2.86 14.14 105.09
N ASN F 831 2.87 12.81 105.25
CA ASN F 831 1.70 12.16 105.78
C ASN F 831 1.43 12.52 107.24
N GLU F 832 2.45 12.93 108.00
CA GLU F 832 2.34 12.92 109.46
C GLU F 832 1.18 13.77 109.97
N ARG F 833 0.90 14.92 109.35
CA ARG F 833 -0.21 15.75 109.75
C ARG F 833 -1.45 15.59 108.87
N GLY F 834 -1.63 14.45 108.21
CA GLY F 834 -2.81 14.20 107.43
C GLY F 834 -2.95 15.12 106.25
N TYR F 835 -1.82 15.59 105.74
CA TYR F 835 -1.80 16.50 104.61
C TYR F 835 -2.44 15.91 103.38
N VAL F 836 -2.51 14.57 103.29
CA VAL F 836 -3.10 13.94 102.13
C VAL F 836 -4.62 14.12 102.12
N ALA F 837 -5.34 13.56 103.11
CA ALA F 837 -6.80 13.63 103.10
C ALA F 837 -7.31 15.05 103.19
N LYS F 838 -6.52 15.96 103.75
CA LYS F 838 -6.93 17.36 103.79
C LYS F 838 -6.82 18.02 102.42
N GLN F 839 -5.96 17.51 101.54
CA GLN F 839 -5.89 17.99 100.17
C GLN F 839 -6.82 17.25 99.21
N LEU F 840 -6.82 15.92 99.27
CA LEU F 840 -7.42 15.10 98.21
C LEU F 840 -8.91 15.35 98.09
N GLU F 841 -9.59 15.48 99.22
CA GLU F 841 -11.01 15.79 99.19
C GLU F 841 -11.27 17.12 98.52
N LYS F 842 -10.44 18.12 98.81
CA LYS F 842 -10.65 19.45 98.26
C LYS F 842 -10.33 19.48 96.78
N TRP F 843 -9.39 18.63 96.33
CA TRP F 843 -9.23 18.39 94.90
C TRP F 843 -10.47 17.79 94.29
N HIS F 844 -10.98 16.70 94.87
CA HIS F 844 -12.13 16.01 94.31
C HIS F 844 -13.34 16.94 94.24
N ARG F 845 -13.48 17.84 95.20
CA ARG F 845 -14.67 18.67 95.23
C ARG F 845 -14.52 19.96 94.43
N GLU F 846 -13.36 20.63 94.49
CA GLU F 846 -13.31 21.97 93.92
C GLU F 846 -12.17 22.19 92.93
N TYR F 847 -10.97 21.72 93.22
CA TYR F 847 -9.83 22.10 92.38
C TYR F 847 -9.72 21.31 91.08
N ASN F 848 -10.29 20.11 91.00
CA ASN F 848 -10.24 19.38 89.73
C ASN F 848 -10.87 20.19 88.62
N SER F 849 -11.97 20.89 88.91
CA SER F 849 -12.57 21.82 87.97
C SER F 849 -11.67 23.01 87.68
N LYS F 850 -10.85 23.42 88.63
CA LYS F 850 -9.95 24.54 88.40
C LYS F 850 -8.80 24.17 87.48
N TYR F 851 -8.42 22.90 87.44
CA TYR F 851 -7.32 22.50 86.57
C TYR F 851 -7.64 22.76 85.11
N VAL F 852 -8.84 22.40 84.66
CA VAL F 852 -9.18 22.61 83.26
C VAL F 852 -9.25 24.11 82.95
N ASP F 853 -9.78 24.90 83.88
CA ASP F 853 -9.85 26.34 83.68
C ASP F 853 -8.46 26.93 83.50
N LEU F 854 -7.53 26.57 84.38
CA LEU F 854 -6.20 27.16 84.31
C LEU F 854 -5.44 26.67 83.09
N ILE F 855 -5.64 25.41 82.69
CA ILE F 855 -4.92 24.93 81.52
C ILE F 855 -5.46 25.58 80.26
N GLU F 856 -6.79 25.74 80.14
CA GLU F 856 -7.30 26.43 78.96
C GLU F 856 -6.93 27.90 79.00
N GLU F 857 -6.78 28.47 80.19
CA GLU F 857 -6.24 29.82 80.30
C GLU F 857 -4.86 29.91 79.69
N GLN F 858 -3.97 28.99 80.08
CA GLN F 858 -2.63 29.00 79.53
C GLN F 858 -2.64 28.83 78.02
N LEU F 859 -3.47 27.91 77.52
CA LEU F 859 -3.54 27.70 76.08
C LEU F 859 -4.05 28.93 75.34
N ASN F 860 -5.10 29.55 75.86
CA ASN F 860 -5.66 30.74 75.21
C ASN F 860 -4.64 31.87 75.19
N GLU F 861 -3.96 32.10 76.31
CA GLU F 861 -2.88 33.07 76.30
C GLU F 861 -1.79 32.69 75.31
N ALA F 862 -1.58 31.41 75.10
CA ALA F 862 -0.51 30.98 74.21
C ALA F 862 -0.84 31.26 72.75
N LEU F 863 -2.07 30.95 72.33
CA LEU F 863 -2.33 30.84 70.91
C LEU F 863 -3.64 31.50 70.49
N THR F 864 -4.24 32.30 71.36
CA THR F 864 -5.48 32.97 70.97
C THR F 864 -5.44 34.48 71.13
N THR F 865 -4.37 35.05 71.66
CA THR F 865 -4.28 36.48 71.91
C THR F 865 -5.44 36.96 72.79
N TYR F 866 -5.43 36.47 74.03
CA TYR F 866 -6.50 36.79 74.98
C TYR F 866 -6.05 37.78 76.04
N ARG F 867 -4.92 37.52 76.70
CA ARG F 867 -4.40 38.38 77.76
C ARG F 867 -5.47 38.64 78.83
N LYS F 868 -5.82 37.56 79.52
CA LYS F 868 -6.67 37.71 80.70
C LYS F 868 -6.01 38.64 81.69
N PRO F 869 -6.69 39.73 82.09
CA PRO F 869 -6.12 40.71 83.02
C PRO F 869 -6.17 40.24 84.47
N GLN F 884 7.03 33.41 66.59
CA GLN F 884 7.42 33.20 67.98
C GLN F 884 6.48 32.23 68.66
N ARG F 885 7.02 31.12 69.14
CA ARG F 885 6.23 30.03 69.72
C ARG F 885 6.45 29.96 71.23
N PRO F 886 5.40 29.84 72.02
CA PRO F 886 5.54 29.69 73.46
C PRO F 886 5.85 28.24 73.82
N HIS F 887 5.80 27.95 75.12
CA HIS F 887 6.01 26.60 75.62
C HIS F 887 4.96 26.32 76.68
N VAL F 888 4.02 25.43 76.38
CA VAL F 888 2.92 25.12 77.29
C VAL F 888 3.24 23.75 77.89
N TYR F 889 3.26 23.69 79.22
CA TYR F 889 3.48 22.44 79.92
C TYR F 889 2.29 22.12 80.79
N LEU F 890 2.09 20.84 81.06
CA LEU F 890 0.99 20.45 81.93
C LEU F 890 1.32 20.77 83.38
N PRO F 891 0.46 21.49 84.09
CA PRO F 891 0.66 21.70 85.51
C PRO F 891 0.60 20.39 86.27
N ILE F 892 1.32 20.36 87.39
CA ILE F 892 1.41 19.14 88.19
C ILE F 892 0.10 18.94 88.94
N HIS F 893 -0.50 17.78 88.76
CA HIS F 893 -1.78 17.46 89.38
C HIS F 893 -1.60 16.34 90.39
N LEU F 894 -2.35 16.43 91.50
CA LEU F 894 -2.18 15.48 92.60
C LEU F 894 -2.40 14.05 92.14
N TYR F 895 -3.55 13.78 91.50
CA TYR F 895 -3.90 12.41 91.19
C TYR F 895 -2.81 11.72 90.37
N GLY F 896 -2.11 12.48 89.54
CA GLY F 896 -0.97 11.93 88.83
C GLY F 896 0.19 11.59 89.74
N GLN F 897 0.43 12.43 90.75
CA GLN F 897 1.59 12.22 91.62
C GLN F 897 1.37 11.09 92.63
N LEU F 898 0.14 10.89 93.09
CA LEU F 898 -0.11 9.80 94.03
C LEU F 898 0.20 8.44 93.41
N VAL F 899 -0.17 8.26 92.14
CA VAL F 899 -0.05 6.96 91.50
C VAL F 899 1.40 6.58 91.28
N HIS F 900 2.32 7.50 91.57
CA HIS F 900 3.74 7.29 91.25
C HIS F 900 4.35 6.16 92.07
N HIS F 901 4.05 6.08 93.38
CA HIS F 901 4.83 5.23 94.26
C HIS F 901 4.09 3.97 94.70
N LYS F 902 3.06 3.55 93.95
CA LYS F 902 2.49 2.21 94.07
C LYS F 902 1.68 2.01 95.35
N THR F 903 1.66 2.99 96.25
CA THR F 903 0.86 2.90 97.48
C THR F 903 -0.23 3.97 97.53
N GLY F 904 0.01 5.11 96.89
CA GLY F 904 -1.06 6.03 96.60
C GLY F 904 -2.23 5.35 95.91
N CYS F 905 -1.99 4.19 95.30
CA CYS F 905 -3.10 3.40 94.76
C CYS F 905 -4.13 3.08 95.83
N HIS F 906 -3.68 2.49 96.94
CA HIS F 906 -4.58 2.29 98.08
C HIS F 906 -5.12 3.61 98.59
N LEU F 907 -4.23 4.59 98.79
CA LEU F 907 -4.65 5.85 99.39
C LEU F 907 -5.74 6.52 98.57
N LEU F 908 -5.80 6.22 97.28
CA LEU F 908 -6.84 6.78 96.42
C LEU F 908 -8.08 5.89 96.42
N GLU F 909 -7.91 4.57 96.26
CA GLU F 909 -9.08 3.71 96.12
C GLU F 909 -9.91 3.67 97.39
N VAL F 910 -9.37 4.17 98.52
CA VAL F 910 -10.18 4.25 99.73
C VAL F 910 -11.48 5.00 99.53
N GLN F 911 -11.54 5.94 98.59
CA GLN F 911 -12.77 6.66 98.31
C GLN F 911 -13.55 6.09 97.14
N ASN F 912 -12.93 5.21 96.34
CA ASN F 912 -13.51 4.71 95.11
C ASN F 912 -13.88 5.87 94.18
N ILE F 913 -12.89 6.73 93.94
CA ILE F 913 -13.05 7.83 93.00
C ILE F 913 -13.28 7.33 91.58
N ILE F 914 -12.76 6.16 91.22
CA ILE F 914 -12.86 5.67 89.85
C ILE F 914 -14.31 5.56 89.39
N THR F 915 -15.20 5.06 90.24
CA THR F 915 -16.52 4.66 89.79
C THR F 915 -17.35 5.86 89.32
N GLU F 916 -17.27 6.99 90.05
CA GLU F 916 -18.07 8.15 89.67
C GLU F 916 -17.66 8.71 88.32
N LEU F 917 -16.36 8.91 88.10
CA LEU F 917 -15.91 9.40 86.80
C LEU F 917 -16.23 8.41 85.69
N CYS F 918 -16.09 7.10 85.95
CA CYS F 918 -16.30 6.17 84.84
C CYS F 918 -17.77 6.09 84.47
N ARG F 919 -18.68 5.98 85.45
CA ARG F 919 -20.07 5.96 85.00
C ARG F 919 -20.49 7.34 84.50
N ASN F 920 -19.72 8.38 84.82
CA ASN F 920 -19.93 9.66 84.15
C ASN F 920 -19.61 9.55 82.66
N VAL F 921 -18.46 8.95 82.34
CA VAL F 921 -18.04 8.90 80.94
C VAL F 921 -18.90 7.95 80.12
N ARG F 922 -19.42 6.87 80.72
CA ARG F 922 -20.32 6.02 79.96
C ARG F 922 -21.61 6.74 79.56
N THR F 923 -22.18 7.53 80.47
CA THR F 923 -23.47 8.16 80.26
C THR F 923 -23.32 9.66 80.49
N PRO F 924 -22.83 10.37 79.48
CA PRO F 924 -22.79 11.84 79.52
C PRO F 924 -24.08 12.47 79.02
N ASP F 925 -24.31 13.71 79.46
CA ASP F 925 -25.55 14.41 79.16
C ASP F 925 -25.42 15.25 77.88
N LEU F 926 -24.34 16.02 77.76
CA LEU F 926 -24.02 16.81 76.57
C LEU F 926 -25.15 17.75 76.19
N ASP F 927 -25.72 18.47 77.16
CA ASP F 927 -26.76 19.43 76.85
C ASP F 927 -26.30 20.87 77.07
N LYS F 928 -25.87 21.20 78.28
CA LYS F 928 -25.40 22.54 78.59
C LYS F 928 -24.01 22.47 79.25
N TRP F 929 -23.53 23.61 79.74
CA TRP F 929 -22.11 23.84 79.92
C TRP F 929 -21.47 23.18 81.14
N GLU F 930 -22.20 23.01 82.25
CA GLU F 930 -21.54 22.41 83.41
C GLU F 930 -21.35 20.90 83.27
N GLU F 931 -22.26 20.21 82.59
CA GLU F 931 -21.96 18.84 82.20
C GLU F 931 -20.70 18.76 81.34
N ILE F 932 -20.59 19.64 80.34
CA ILE F 932 -19.38 19.68 79.53
C ILE F 932 -18.16 19.95 80.40
N LYS F 933 -18.29 20.89 81.32
CA LYS F 933 -17.16 21.31 82.15
C LYS F 933 -16.66 20.16 83.01
N LYS F 934 -17.54 19.56 83.81
CA LYS F 934 -17.07 18.49 84.69
C LYS F 934 -16.70 17.26 83.90
N LEU F 935 -17.28 17.09 82.71
CA LEU F 935 -16.87 15.98 81.86
C LEU F 935 -15.43 16.16 81.39
N LYS F 936 -15.08 17.38 80.98
CA LYS F 936 -13.70 17.66 80.62
C LYS F 936 -12.77 17.45 81.82
N ALA F 937 -13.20 17.90 83.00
CA ALA F 937 -12.39 17.73 84.19
C ALA F 937 -12.14 16.25 84.47
N SER F 938 -13.20 15.44 84.35
CA SER F 938 -13.05 14.00 84.53
C SER F 938 -12.09 13.42 83.50
N LEU F 939 -12.22 13.85 82.23
CA LEU F 939 -11.33 13.34 81.19
C LEU F 939 -9.88 13.63 81.52
N TRP F 940 -9.60 14.85 81.94
CA TRP F 940 -8.23 15.22 82.26
C TRP F 940 -7.73 14.43 83.46
N ALA F 941 -8.58 14.22 84.46
CA ALA F 941 -8.18 13.41 85.60
C ALA F 941 -7.82 12.00 85.17
N LEU F 942 -8.64 11.40 84.30
CA LEU F 942 -8.34 10.06 83.79
C LEU F 942 -7.01 10.04 83.06
N GLY F 943 -6.79 11.01 82.19
CA GLY F 943 -5.53 11.07 81.46
C GLY F 943 -4.34 11.17 82.39
N ASN F 944 -4.44 12.00 83.43
CA ASN F 944 -3.38 12.10 84.42
C ASN F 944 -3.15 10.78 85.14
N ILE F 945 -4.21 10.12 85.60
CA ILE F 945 -4.01 8.94 86.44
C ILE F 945 -3.52 7.77 85.61
N GLY F 946 -3.69 7.82 84.29
CA GLY F 946 -3.21 6.73 83.48
C GLY F 946 -1.73 6.77 83.16
N SER F 947 -0.97 7.57 83.88
CA SER F 947 0.37 7.96 83.46
C SER F 947 1.49 7.18 84.15
N SER F 948 1.20 6.03 84.75
CA SER F 948 2.25 5.19 85.32
C SER F 948 2.03 3.75 84.88
N ASN F 949 3.08 2.94 85.04
CA ASN F 949 2.90 1.50 84.85
C ASN F 949 1.89 0.94 85.82
N TRP F 950 1.96 1.35 87.09
CA TRP F 950 1.03 0.85 88.10
C TRP F 950 -0.39 1.37 87.90
N GLY F 951 -0.56 2.64 87.56
CA GLY F 951 -1.88 3.19 87.39
C GLY F 951 -2.63 2.48 86.29
N LEU F 952 -1.90 2.09 85.26
CA LEU F 952 -2.48 1.32 84.17
C LEU F 952 -3.22 0.11 84.69
N ASN F 953 -2.68 -0.54 85.72
CA ASN F 953 -3.35 -1.70 86.30
C ASN F 953 -4.65 -1.31 86.95
N LEU F 954 -4.66 -0.19 87.68
CA LEU F 954 -5.87 0.24 88.37
C LEU F 954 -6.88 0.90 87.45
N LEU F 955 -6.52 1.14 86.19
CA LEU F 955 -7.47 1.68 85.24
C LEU F 955 -7.94 0.67 84.20
N GLN F 956 -7.16 -0.37 83.94
CA GLN F 956 -7.51 -1.33 82.91
C GLN F 956 -8.69 -2.22 83.29
N GLU F 957 -9.03 -2.33 84.57
CA GLU F 957 -10.09 -3.24 84.98
C GLU F 957 -11.45 -2.79 84.45
N GLU F 958 -11.71 -1.48 84.42
CA GLU F 958 -12.97 -0.96 83.93
C GLU F 958 -13.07 -0.97 82.41
N ASN F 959 -11.94 -1.11 81.72
CA ASN F 959 -11.88 -1.15 80.27
C ASN F 959 -12.53 0.09 79.66
N VAL F 960 -12.09 1.24 80.16
CA VAL F 960 -12.63 2.52 79.74
C VAL F 960 -11.91 3.10 78.54
N ILE F 961 -10.72 2.60 78.21
CA ILE F 961 -10.00 3.05 77.02
C ILE F 961 -10.89 2.88 75.79
N PRO F 962 -11.60 1.77 75.62
CA PRO F 962 -12.59 1.72 74.53
C PRO F 962 -13.64 2.80 74.63
N ASP F 963 -14.05 3.19 75.84
CA ASP F 963 -15.02 4.28 75.96
C ASP F 963 -14.46 5.58 75.42
N ILE F 964 -13.20 5.89 75.77
CA ILE F 964 -12.58 7.12 75.30
C ILE F 964 -12.40 7.07 73.79
N LEU F 965 -12.05 5.90 73.26
CA LEU F 965 -11.95 5.76 71.81
C LEU F 965 -13.29 5.99 71.13
N LYS F 966 -14.36 5.44 71.71
CA LYS F 966 -15.70 5.68 71.20
C LYS F 966 -16.02 7.17 71.18
N LEU F 967 -15.74 7.86 72.27
CA LEU F 967 -15.97 9.30 72.33
C LEU F 967 -15.15 10.06 71.30
N ALA F 968 -13.89 9.69 71.11
CA ALA F 968 -13.00 10.44 70.22
C ALA F 968 -13.39 10.36 68.77
N LYS F 969 -14.30 9.46 68.39
CA LYS F 969 -14.65 9.32 66.99
C LYS F 969 -16.14 9.19 66.72
N GLN F 970 -17.01 9.28 67.75
CA GLN F 970 -18.44 9.24 67.50
C GLN F 970 -19.23 10.24 68.34
N CYS F 971 -18.55 11.17 69.02
CA CYS F 971 -19.24 12.09 69.90
C CYS F 971 -19.74 13.31 69.15
N GLU F 972 -20.35 14.21 69.90
CA GLU F 972 -20.93 15.44 69.39
C GLU F 972 -19.98 16.63 69.49
N VAL F 973 -19.64 17.04 70.70
CA VAL F 973 -19.03 18.35 70.93
C VAL F 973 -17.58 18.35 70.49
N LEU F 974 -17.24 19.27 69.60
CA LEU F 974 -15.91 19.34 69.01
C LEU F 974 -14.83 19.73 70.02
N SER F 975 -15.16 20.54 71.02
CA SER F 975 -14.19 20.77 72.09
C SER F 975 -13.88 19.47 72.81
N ILE F 976 -14.90 18.68 73.10
CA ILE F 976 -14.65 17.35 73.65
C ILE F 976 -13.86 16.50 72.67
N ARG F 977 -14.10 16.67 71.36
CA ARG F 977 -13.24 16.01 70.39
C ARG F 977 -11.76 16.33 70.60
N GLY F 978 -11.42 17.60 70.71
CA GLY F 978 -10.03 17.95 70.93
C GLY F 978 -9.49 17.40 72.24
N THR F 979 -10.30 17.51 73.29
CA THR F 979 -9.87 17.02 74.58
C THR F 979 -9.63 15.52 74.56
N CYS F 980 -10.40 14.79 73.75
CA CYS F 980 -10.17 13.36 73.62
C CYS F 980 -8.79 13.07 73.05
N VAL F 981 -8.41 13.77 71.98
CA VAL F 981 -7.07 13.60 71.42
C VAL F 981 -6.03 13.94 72.46
N TYR F 982 -6.25 15.01 73.22
CA TYR F 982 -5.26 15.38 74.23
C TYR F 982 -5.08 14.29 75.27
N VAL F 983 -6.18 13.84 75.89
CA VAL F 983 -6.03 12.85 76.96
C VAL F 983 -5.49 11.55 76.40
N LEU F 984 -5.89 11.17 75.19
CA LEU F 984 -5.40 9.91 74.64
C LEU F 984 -3.92 9.99 74.31
N GLY F 985 -3.44 11.14 73.85
CA GLY F 985 -2.01 11.33 73.74
C GLY F 985 -1.33 11.27 75.09
N LEU F 986 -2.02 11.74 76.14
CA LEU F 986 -1.48 11.66 77.48
C LEU F 986 -1.26 10.22 77.92
N ILE F 987 -2.26 9.36 77.73
CA ILE F 987 -2.12 7.98 78.22
C ILE F 987 -1.10 7.20 77.41
N ALA F 988 -0.48 7.84 76.42
CA ALA F 988 0.50 7.20 75.56
C ALA F 988 1.93 7.45 76.02
N LYS F 989 2.11 7.88 77.27
CA LYS F 989 3.45 8.20 77.76
C LYS F 989 4.29 6.97 78.09
N THR F 990 3.66 5.81 78.31
CA THR F 990 4.37 4.62 78.74
C THR F 990 4.29 3.55 77.66
N LYS F 991 5.27 2.65 77.69
CA LYS F 991 5.35 1.61 76.66
C LYS F 991 4.14 0.70 76.68
N GLN F 992 3.69 0.31 77.87
CA GLN F 992 2.54 -0.58 77.97
C GLN F 992 1.28 0.09 77.43
N GLY F 993 1.10 1.37 77.73
CA GLY F 993 -0.02 2.10 77.16
C GLY F 993 0.06 2.18 75.65
N CYS F 994 1.26 2.39 75.12
CA CYS F 994 1.43 2.41 73.66
C CYS F 994 1.07 1.06 73.05
N ASP F 995 1.43 -0.03 73.73
CA ASP F 995 1.01 -1.35 73.28
C ASP F 995 -0.51 -1.47 73.30
N ILE F 996 -1.14 -0.94 74.34
CA ILE F 996 -2.60 -0.96 74.40
C ILE F 996 -3.19 -0.23 73.20
N LEU F 997 -2.71 0.98 72.94
CA LEU F 997 -3.25 1.79 71.86
C LEU F 997 -3.02 1.20 70.48
N LYS F 998 -1.84 0.63 70.23
CA LYS F 998 -1.54 0.13 68.90
C LYS F 998 -2.54 -0.94 68.46
N CYS F 999 -3.18 -1.60 69.43
CA CYS F 999 -4.22 -2.57 69.08
C CYS F 999 -5.41 -1.90 68.40
N HIS F 1000 -5.61 -0.60 68.63
CA HIS F 1000 -6.76 0.11 68.09
C HIS F 1000 -6.39 1.11 67.01
N ASN F 1001 -5.30 0.87 66.29
CA ASN F 1001 -4.93 1.67 65.12
C ASN F 1001 -4.69 3.13 65.50
N TRP F 1002 -3.82 3.35 66.47
CA TRP F 1002 -3.39 4.69 66.84
C TRP F 1002 -1.87 4.70 66.99
N ASP F 1003 -1.20 5.51 66.18
CA ASP F 1003 0.24 5.60 66.25
C ASP F 1003 0.66 6.56 67.36
N ALA F 1004 1.93 6.46 67.74
CA ALA F 1004 2.50 7.30 68.78
C ALA F 1004 4.01 7.35 68.59
N VAL F 1005 4.64 8.31 69.26
CA VAL F 1005 6.10 8.43 69.24
C VAL F 1005 6.69 7.50 70.30
N ARG F 1006 7.74 6.77 69.92
CA ARG F 1006 8.34 5.80 70.81
C ARG F 1006 9.72 6.20 71.31
N HIS F 1007 10.10 7.46 71.18
CA HIS F 1007 11.38 7.92 71.68
C HIS F 1007 11.21 9.13 72.60
N SER F 1008 12.24 9.37 73.39
CA SER F 1008 12.26 10.49 74.31
C SER F 1008 12.98 11.68 73.66
N ARG F 1009 13.04 12.80 74.38
CA ARG F 1009 13.58 14.04 73.86
C ARG F 1009 15.05 14.23 74.19
N LYS F 1010 15.69 13.24 74.82
CA LYS F 1010 17.06 13.43 75.27
C LYS F 1010 18.01 13.68 74.10
N HIS F 1011 17.85 12.95 73.02
CA HIS F 1011 18.62 13.17 71.80
C HIS F 1011 17.68 13.38 70.64
N LEU F 1012 17.94 14.42 69.85
CA LEU F 1012 17.00 14.81 68.82
C LEU F 1012 17.19 14.00 67.54
N TRP F 1013 17.97 12.93 67.60
CA TRP F 1013 18.11 12.00 66.47
C TRP F 1013 18.05 10.58 67.00
N PRO F 1014 16.85 10.09 67.33
CA PRO F 1014 16.71 8.77 67.94
C PRO F 1014 16.55 7.68 66.89
N VAL F 1015 17.28 6.58 67.11
CA VAL F 1015 17.12 5.41 66.27
C VAL F 1015 16.14 4.44 66.93
N VAL F 1016 15.18 3.96 66.16
CA VAL F 1016 14.28 2.92 66.66
C VAL F 1016 14.94 1.56 66.47
N PRO F 1017 15.04 0.72 67.51
CA PRO F 1017 15.68 -0.58 67.38
C PRO F 1017 14.81 -1.58 66.62
N ASP F 1435 7.92 7.84 80.26
CA ASP F 1435 9.31 7.80 79.86
C ASP F 1435 9.48 8.46 78.49
N TYR F 1436 8.42 8.43 77.71
CA TYR F 1436 8.37 9.15 76.45
C TYR F 1436 7.53 10.41 76.61
N ILE F 1437 7.26 11.07 75.50
CA ILE F 1437 6.42 12.26 75.49
C ILE F 1437 5.02 11.88 75.04
N GLY F 1438 4.01 12.33 75.78
CA GLY F 1438 2.64 11.95 75.52
C GLY F 1438 2.14 12.37 74.15
N LEU F 1439 1.66 11.41 73.36
CA LEU F 1439 1.38 11.67 71.95
C LEU F 1439 0.59 10.50 71.37
N ALA F 1440 -0.52 10.79 70.69
CA ALA F 1440 -1.30 9.74 70.03
C ALA F 1440 -2.03 10.33 68.83
N LEU F 1441 -2.02 9.60 67.73
CA LEU F 1441 -2.68 10.02 66.50
C LEU F 1441 -3.47 8.85 65.91
N PRO F 1442 -4.61 9.12 65.29
CA PRO F 1442 -5.27 8.07 64.51
C PRO F 1442 -4.48 7.77 63.25
N VAL F 1443 -4.52 6.50 62.84
CA VAL F 1443 -3.67 6.07 61.73
C VAL F 1443 -4.05 6.79 60.45
N ASP F 1444 -5.35 6.90 60.17
CA ASP F 1444 -5.83 7.67 59.04
C ASP F 1444 -6.56 8.87 59.60
N ILE F 1445 -5.94 10.05 59.45
CA ILE F 1445 -6.38 11.21 60.22
C ILE F 1445 -7.83 11.59 59.98
N ASN F 1446 -8.37 11.36 58.79
CA ASN F 1446 -9.74 11.76 58.55
C ASN F 1446 -10.75 10.92 59.32
N ASP F 1447 -10.31 9.82 59.95
CA ASP F 1447 -11.24 8.97 60.69
C ASP F 1447 -12.01 9.78 61.74
N ILE F 1448 -11.32 10.63 62.49
CA ILE F 1448 -11.99 11.43 63.51
C ILE F 1448 -12.78 12.58 62.92
N PHE F 1449 -12.76 12.75 61.59
CA PHE F 1449 -13.38 13.91 60.96
C PHE F 1449 -14.80 13.62 60.50
N GLN F 1450 -15.38 12.49 60.89
CA GLN F 1450 -16.76 12.19 60.56
C GLN F 1450 -17.66 13.08 61.40
N VAL F 1451 -18.61 13.72 60.74
CA VAL F 1451 -19.63 14.53 61.40
C VAL F 1451 -20.97 14.20 60.76
N LYS F 1452 -21.97 13.97 61.59
CA LYS F 1452 -23.32 13.78 61.07
C LYS F 1452 -23.93 15.13 60.75
N ASP F 1453 -24.40 15.28 59.52
CA ASP F 1453 -25.06 16.52 59.14
C ASP F 1453 -26.46 16.58 59.71
N ILE F 1454 -26.99 17.78 59.83
CA ILE F 1454 -28.36 18.01 60.29
C ILE F 1454 -29.09 18.78 59.19
N PRO F 1455 -30.36 18.48 58.92
CA PRO F 1455 -31.11 19.29 57.96
C PRO F 1455 -31.27 20.72 58.45
N TYR F 1456 -31.32 21.64 57.50
CA TYR F 1456 -31.46 23.05 57.84
C TYR F 1456 -32.85 23.31 58.40
N PHE F 1457 -32.95 24.37 59.21
CA PHE F 1457 -34.19 24.64 59.92
C PHE F 1457 -35.21 25.40 59.08
N GLN F 1458 -34.89 25.75 57.84
CA GLN F 1458 -35.88 26.38 56.99
C GLN F 1458 -36.84 25.37 56.36
N THR F 1459 -36.90 24.16 56.90
CA THR F 1459 -37.83 23.15 56.40
C THR F 1459 -39.27 23.61 56.48
N LYS F 1460 -39.65 24.35 57.51
CA LYS F 1460 -41.04 24.80 57.68
C LYS F 1460 -41.46 25.74 56.56
N SER F 1491 -54.13 42.49 43.99
CA SER F 1491 -55.46 43.04 44.21
C SER F 1491 -55.52 44.50 43.78
N PHE F 1492 -54.64 45.31 44.38
CA PHE F 1492 -54.65 46.74 44.09
C PHE F 1492 -53.65 47.13 43.03
N HIS F 1493 -52.47 46.48 43.00
CA HIS F 1493 -51.44 46.87 42.04
C HIS F 1493 -51.81 46.51 40.61
N LEU F 1494 -52.71 45.53 40.42
CA LEU F 1494 -53.22 45.25 39.08
C LEU F 1494 -54.02 46.43 38.53
N LEU F 1495 -54.59 47.24 39.42
CA LEU F 1495 -55.29 48.46 39.06
C LEU F 1495 -54.36 49.51 38.46
N ARG F 1496 -53.04 49.30 38.57
CA ARG F 1496 -52.08 50.33 38.16
C ARG F 1496 -52.06 50.56 36.66
N GLN F 1497 -52.58 49.61 35.86
CA GLN F 1497 -52.48 49.75 34.41
C GLN F 1497 -53.21 50.99 33.89
N GLN F 1498 -54.53 51.04 34.06
CA GLN F 1498 -55.33 52.10 33.49
C GLN F 1498 -55.69 53.20 34.48
N MET F 1499 -55.54 52.95 35.78
CA MET F 1499 -56.10 53.82 36.80
C MET F 1499 -54.95 54.62 37.41
N SER F 1500 -54.82 55.88 37.01
CA SER F 1500 -53.67 56.67 37.42
C SER F 1500 -54.08 57.69 38.49
N LEU F 1501 -53.08 58.40 39.01
CA LEU F 1501 -53.28 59.35 40.10
C LEU F 1501 -54.22 60.49 39.73
N THR F 1502 -54.03 61.05 38.54
CA THR F 1502 -54.75 62.29 38.19
C THR F 1502 -56.26 62.07 38.16
N GLU F 1503 -56.71 60.95 37.59
CA GLU F 1503 -58.14 60.76 37.36
C GLU F 1503 -58.82 59.98 38.50
N ILE F 1504 -58.06 59.23 39.29
CA ILE F 1504 -58.68 58.53 40.43
C ILE F 1504 -58.86 59.42 41.64
N MET F 1505 -58.13 60.54 41.74
CA MET F 1505 -58.24 61.37 42.92
C MET F 1505 -59.56 62.13 42.97
N ASN F 1506 -60.13 62.46 41.82
CA ASN F 1506 -61.44 63.09 41.75
C ASN F 1506 -62.23 62.57 40.56
N THR F 1522 -62.64 49.28 56.37
CA THR F 1522 -61.50 49.96 56.97
C THR F 1522 -60.78 50.79 55.91
N GLY F 1523 -60.04 51.79 56.34
CA GLY F 1523 -59.27 52.62 55.44
C GLY F 1523 -57.99 51.98 54.97
N LEU F 1524 -57.77 50.71 55.29
CA LEU F 1524 -56.59 49.98 54.89
C LEU F 1524 -56.91 48.52 54.62
N GLN F 1525 -56.13 47.90 53.74
CA GLN F 1525 -56.21 46.45 53.53
C GLN F 1525 -55.73 45.70 54.76
N GLU F 1526 -54.46 45.87 55.11
CA GLU F 1526 -53.83 45.07 56.16
C GLU F 1526 -53.84 45.84 57.49
N HIS F 1527 -55.05 46.17 57.94
CA HIS F 1527 -55.24 46.77 59.25
C HIS F 1527 -56.29 45.95 60.00
N THR F 1528 -55.99 45.58 61.24
CA THR F 1528 -56.90 44.81 62.07
C THR F 1528 -57.08 45.52 63.42
N ASP F 1529 -57.87 44.90 64.30
CA ASP F 1529 -58.07 45.46 65.63
C ASP F 1529 -56.78 45.40 66.43
N ASP F 1530 -55.93 44.43 66.13
CA ASP F 1530 -54.58 44.40 66.68
C ASP F 1530 -53.68 45.34 65.88
N ASN F 1531 -52.37 45.18 66.09
CA ASN F 1531 -51.30 45.75 65.27
C ASN F 1531 -51.50 47.22 64.91
N CYS F 1532 -52.26 47.95 65.71
CA CYS F 1532 -52.38 49.39 65.57
C CYS F 1532 -51.93 50.07 66.86
N LEU F 1533 -51.15 51.14 66.72
CA LEU F 1533 -50.57 51.79 67.89
C LEU F 1533 -51.64 52.36 68.81
N TYR F 1534 -52.84 52.59 68.28
CA TYR F 1534 -53.96 53.08 69.08
C TYR F 1534 -54.96 51.99 69.43
N CYS F 1535 -55.26 51.09 68.48
CA CYS F 1535 -56.25 50.05 68.72
C CYS F 1535 -55.79 49.05 69.78
N VAL F 1536 -54.48 48.92 70.01
CA VAL F 1536 -54.03 47.99 71.03
C VAL F 1536 -54.38 48.50 72.44
N CYS F 1537 -54.24 49.81 72.66
CA CYS F 1537 -54.49 50.38 73.98
C CYS F 1537 -55.97 50.42 74.33
N ILE F 1538 -56.86 50.23 73.34
CA ILE F 1538 -58.28 50.46 73.54
C ILE F 1538 -58.85 49.49 74.58
N GLU F 1539 -58.39 48.25 74.62
CA GLU F 1539 -58.85 47.31 75.63
C GLU F 1539 -58.25 47.60 76.99
N ILE F 1540 -56.91 47.66 77.05
CA ILE F 1540 -56.22 47.68 78.33
C ILE F 1540 -56.50 48.98 79.08
N LEU F 1541 -56.61 50.10 78.36
CA LEU F 1541 -56.83 51.39 79.00
C LEU F 1541 -58.19 52.01 78.66
N GLY F 1542 -59.08 51.26 78.01
CA GLY F 1542 -60.41 51.78 77.73
C GLY F 1542 -60.39 53.04 76.90
N PHE F 1543 -59.54 53.08 75.87
CA PHE F 1543 -59.43 54.27 75.04
C PHE F 1543 -60.68 54.45 74.20
N GLN F 1544 -60.88 55.67 73.72
CA GLN F 1544 -62.01 55.96 72.85
C GLN F 1544 -61.83 55.20 71.54
N PRO F 1545 -62.92 54.74 70.93
CA PRO F 1545 -62.81 54.15 69.59
C PRO F 1545 -62.30 55.16 68.58
N SER F 1546 -61.58 54.65 67.59
CA SER F 1546 -60.98 55.51 66.58
C SER F 1546 -62.06 56.30 65.83
N ASN F 1547 -61.75 57.56 65.53
CA ASN F 1547 -62.69 58.43 64.87
C ASN F 1547 -62.63 58.27 63.35
N GLN F 1548 -63.75 58.51 62.70
CA GLN F 1548 -63.84 58.45 61.25
C GLN F 1548 -63.96 59.85 60.68
N LEU F 1549 -62.87 60.35 60.08
CA LEU F 1549 -62.91 61.63 59.40
C LEU F 1549 -63.02 61.43 57.90
N SER F 1550 -62.91 62.54 57.16
CA SER F 1550 -63.01 62.51 55.71
C SER F 1550 -61.93 61.63 55.08
N MET F 1619 -62.54 58.80 53.16
CA MET F 1619 -63.24 58.57 51.91
C MET F 1619 -62.40 58.99 50.70
N CYS F 1620 -61.98 60.25 50.65
CA CYS F 1620 -61.05 60.67 49.62
C CYS F 1620 -59.63 60.24 49.96
N ARG F 1621 -59.39 59.85 51.21
CA ARG F 1621 -58.05 59.56 51.70
C ARG F 1621 -57.66 58.10 51.55
N ILE F 1622 -58.62 57.18 51.67
CA ILE F 1622 -58.31 55.76 51.74
C ILE F 1622 -57.58 55.30 50.49
N LEU F 1623 -58.06 55.71 49.31
CA LEU F 1623 -57.36 55.39 48.08
C LEU F 1623 -55.94 55.92 48.11
N LEU F 1624 -55.75 57.13 48.64
CA LEU F 1624 -54.41 57.66 48.81
C LEU F 1624 -53.60 56.81 49.77
N ARG F 1625 -54.22 56.34 50.85
CA ARG F 1625 -53.53 55.48 51.81
C ARG F 1625 -52.98 54.24 51.12
N LYS F 1626 -53.83 53.54 50.36
CA LYS F 1626 -53.37 52.35 49.69
C LYS F 1626 -52.38 52.66 48.57
N GLU F 1627 -52.52 53.81 47.90
CA GLU F 1627 -51.53 54.21 46.92
C GLU F 1627 -50.15 54.37 47.55
N VAL F 1628 -50.07 55.10 48.67
CA VAL F 1628 -48.76 55.33 49.27
C VAL F 1628 -48.18 54.04 49.83
N LEU F 1629 -49.02 53.18 50.41
CA LEU F 1629 -48.49 51.92 50.90
C LEU F 1629 -48.02 51.02 49.77
N ARG F 1630 -48.75 50.99 48.66
CA ARG F 1630 -48.26 50.24 47.51
C ARG F 1630 -46.94 50.81 47.02
N LEU F 1631 -46.82 52.13 47.01
CA LEU F 1631 -45.59 52.73 46.53
C LEU F 1631 -44.42 52.33 47.41
N VAL F 1632 -44.60 52.40 48.73
CA VAL F 1632 -43.49 52.06 49.62
C VAL F 1632 -43.16 50.58 49.54
N ILE F 1633 -44.18 49.72 49.38
CA ILE F 1633 -43.90 48.31 49.15
C ILE F 1633 -43.09 48.12 47.89
N ASN F 1634 -43.41 48.86 46.83
CA ASN F 1634 -42.56 48.85 45.65
C ASN F 1634 -41.15 49.34 45.97
N LEU F 1635 -41.04 50.34 46.82
CA LEU F 1635 -39.75 50.83 47.28
C LEU F 1635 -38.95 49.77 48.02
N SER F 1636 -39.62 48.74 48.53
CA SER F 1636 -38.89 47.64 49.18
C SER F 1636 -37.93 46.96 48.23
N SER F 1637 -38.29 46.84 46.95
CA SER F 1637 -37.38 46.27 45.97
C SER F 1637 -36.11 47.08 45.82
N SER F 1638 -36.19 48.40 46.01
CA SER F 1638 -35.05 49.30 45.87
C SER F 1638 -34.37 49.16 44.52
N VAL F 1639 -35.11 48.70 43.52
CA VAL F 1639 -34.54 48.59 42.17
C VAL F 1639 -34.32 49.98 41.58
N SER F 1640 -35.29 50.87 41.77
CA SER F 1640 -35.15 52.28 41.42
C SER F 1640 -35.74 53.06 42.59
N THR F 1641 -34.91 53.31 43.60
CA THR F 1641 -35.41 53.94 44.82
C THR F 1641 -35.77 55.41 44.60
N LYS F 1642 -35.02 56.11 43.76
CA LYS F 1642 -35.17 57.56 43.67
C LYS F 1642 -36.52 57.96 43.07
N CYS F 1643 -37.01 57.20 42.09
CA CYS F 1643 -38.27 57.55 41.45
C CYS F 1643 -39.44 57.39 42.41
N HIS F 1644 -39.51 56.25 43.11
CA HIS F 1644 -40.57 56.06 44.09
C HIS F 1644 -40.43 57.06 45.23
N GLU F 1645 -39.20 57.40 45.60
CA GLU F 1645 -38.97 58.46 46.57
C GLU F 1645 -39.64 59.76 46.12
N THR F 1646 -39.40 60.15 44.86
CA THR F 1646 -40.04 61.35 44.34
C THR F 1646 -41.55 61.24 44.34
N GLY F 1647 -42.08 60.05 44.03
CA GLY F 1647 -43.53 59.88 44.04
C GLY F 1647 -44.14 60.10 45.41
N LEU F 1648 -43.57 59.46 46.44
CA LEU F 1648 -44.06 59.73 47.80
C LEU F 1648 -43.86 61.17 48.20
N LEU F 1649 -42.76 61.80 47.75
CA LEU F 1649 -42.56 63.19 48.08
C LEU F 1649 -43.66 64.07 47.50
N THR F 1650 -44.04 63.81 46.25
CA THR F 1650 -45.12 64.55 45.61
C THR F 1650 -46.43 64.36 46.37
N ILE F 1651 -46.77 63.11 46.67
CA ILE F 1651 -47.98 62.86 47.44
C ILE F 1651 -47.89 63.57 48.78
N LYS F 1652 -46.68 63.67 49.33
CA LYS F 1652 -46.50 64.35 50.60
C LYS F 1652 -46.88 65.82 50.50
N GLU F 1653 -46.15 66.60 49.71
CA GLU F 1653 -46.36 68.03 49.83
C GLU F 1653 -47.68 68.46 49.21
N LYS F 1654 -48.25 67.62 48.33
CA LYS F 1654 -49.58 67.96 47.83
C LYS F 1654 -50.60 67.94 48.95
N TYR F 1655 -50.55 66.92 49.82
CA TYR F 1655 -51.50 66.74 50.92
C TYR F 1655 -50.71 66.59 52.20
N PRO F 1656 -50.04 67.65 52.67
CA PRO F 1656 -49.13 67.53 53.82
C PRO F 1656 -49.79 67.07 55.10
N GLN F 1657 -51.08 67.34 55.31
CA GLN F 1657 -51.74 67.03 56.56
C GLN F 1657 -52.30 65.62 56.62
N THR F 1658 -52.26 64.89 55.51
CA THR F 1658 -52.82 63.55 55.46
C THR F 1658 -52.07 62.55 56.33
N PHE F 1659 -50.85 62.89 56.75
CA PHE F 1659 -49.94 61.95 57.40
C PHE F 1659 -50.16 61.88 58.91
N ASP F 1660 -51.37 62.15 59.37
CA ASP F 1660 -51.69 62.10 60.79
C ASP F 1660 -52.36 60.82 61.23
N ASP F 1661 -52.82 60.00 60.30
CA ASP F 1661 -53.49 58.75 60.64
C ASP F 1661 -52.55 57.80 61.36
N ILE F 1662 -53.04 57.19 62.45
CA ILE F 1662 -52.25 56.26 63.22
C ILE F 1662 -52.26 54.86 62.62
N CYS F 1663 -53.36 54.45 61.99
CA CYS F 1663 -53.44 53.11 61.45
C CYS F 1663 -52.38 52.85 60.39
N LEU F 1664 -52.14 53.80 59.50
CA LEU F 1664 -51.04 53.73 58.55
C LEU F 1664 -49.68 53.68 59.25
N TYR F 1665 -49.52 54.49 60.30
CA TYR F 1665 -48.24 54.58 60.98
C TYR F 1665 -47.85 53.26 61.61
N SER F 1666 -48.80 52.62 62.30
CA SER F 1666 -48.51 51.33 62.91
C SER F 1666 -48.11 50.31 61.86
N GLU F 1667 -48.75 50.35 60.69
CA GLU F 1667 -48.47 49.35 59.68
C GLU F 1667 -47.13 49.58 59.01
N VAL F 1668 -46.76 50.84 58.78
CA VAL F 1668 -45.44 51.09 58.20
C VAL F 1668 -44.37 50.70 59.22
N SER F 1669 -44.62 50.95 60.50
CA SER F 1669 -43.71 50.44 61.52
C SER F 1669 -43.61 48.93 61.46
N HIS F 1670 -44.74 48.25 61.30
CA HIS F 1670 -44.74 46.80 61.18
C HIS F 1670 -43.91 46.33 59.99
N LEU F 1671 -44.07 47.00 58.84
CA LEU F 1671 -43.31 46.60 57.66
C LEU F 1671 -41.82 46.83 57.86
N LEU F 1672 -41.44 47.96 58.47
CA LEU F 1672 -40.04 48.17 58.80
C LEU F 1672 -39.55 47.09 59.75
N SER F 1673 -40.45 46.52 60.55
CA SER F 1673 -40.10 45.36 61.35
C SER F 1673 -40.15 44.06 60.55
N HIS F 1674 -40.58 44.10 59.29
CA HIS F 1674 -40.72 42.87 58.52
C HIS F 1674 -40.28 43.01 57.07
N CYS F 1675 -39.50 44.04 56.73
CA CYS F 1675 -38.94 44.17 55.40
C CYS F 1675 -37.43 44.33 55.52
N THR F 1676 -36.75 44.29 54.37
CA THR F 1676 -35.31 44.48 54.31
C THR F 1676 -35.04 45.76 53.53
N PHE F 1677 -34.57 46.79 54.25
CA PHE F 1677 -34.37 48.11 53.67
C PHE F 1677 -32.92 48.55 53.77
N ARG F 1678 -32.41 49.09 52.67
CA ARG F 1678 -31.17 49.84 52.73
C ARG F 1678 -31.33 51.02 53.68
N LEU F 1679 -30.22 51.46 54.26
CA LEU F 1679 -30.29 52.49 55.29
C LEU F 1679 -30.90 53.80 54.80
N PRO F 1680 -30.50 54.36 53.65
CA PRO F 1680 -31.06 55.65 53.25
C PRO F 1680 -32.58 55.65 53.17
N CYS F 1681 -33.17 54.69 52.48
CA CYS F 1681 -34.63 54.64 52.40
C CYS F 1681 -35.24 54.41 53.78
N ARG F 1682 -34.56 53.64 54.63
CA ARG F 1682 -35.13 53.36 55.94
C ARG F 1682 -35.25 54.63 56.78
N ARG F 1683 -34.16 55.40 56.92
CA ARG F 1683 -34.32 56.57 57.78
C ARG F 1683 -35.11 57.64 57.03
N PHE F 1684 -35.15 57.59 55.71
CA PHE F 1684 -36.05 58.46 54.97
C PHE F 1684 -37.50 58.21 55.34
N ILE F 1685 -37.94 56.96 55.28
CA ILE F 1685 -39.32 56.64 55.55
C ILE F 1685 -39.63 56.88 57.02
N GLN F 1686 -38.64 56.71 57.90
CA GLN F 1686 -38.86 57.06 59.29
C GLN F 1686 -39.06 58.56 59.47
N GLU F 1687 -38.17 59.39 58.93
CA GLU F 1687 -38.26 60.83 59.11
C GLU F 1687 -39.44 61.43 58.35
N LEU F 1688 -40.00 60.72 57.38
CA LEU F 1688 -41.15 61.26 56.67
C LEU F 1688 -42.35 61.39 57.61
N PHE F 1689 -42.29 60.73 58.76
CA PHE F 1689 -43.23 60.94 59.85
C PHE F 1689 -42.58 61.59 61.06
N GLN F 1690 -41.70 62.58 60.84
CA GLN F 1690 -40.99 63.19 61.95
C GLN F 1690 -41.88 64.14 62.74
N ASP F 1691 -42.37 65.18 62.08
CA ASP F 1691 -43.15 66.23 62.75
C ASP F 1691 -44.65 65.96 62.57
N VAL F 1692 -45.20 65.19 63.50
CA VAL F 1692 -46.62 64.90 63.55
C VAL F 1692 -47.10 65.13 64.97
N GLN F 1693 -48.42 65.20 65.14
CA GLN F 1693 -49.00 65.70 66.37
C GLN F 1693 -49.75 64.63 67.17
N PHE F 1694 -50.73 63.97 66.55
CA PHE F 1694 -51.52 62.93 67.20
C PHE F 1694 -52.23 63.45 68.45
N LEU F 1695 -53.20 64.33 68.24
CA LEU F 1695 -54.02 64.83 69.34
C LEU F 1695 -54.83 63.72 69.99
N GLN F 1696 -55.35 62.79 69.20
CA GLN F 1696 -56.36 61.89 69.72
C GLN F 1696 -55.81 61.00 70.83
N MET F 1697 -54.68 60.29 70.57
CA MET F 1697 -54.12 59.47 71.65
C MET F 1697 -53.80 60.31 72.87
N HIS F 1698 -53.13 61.44 72.66
CA HIS F 1698 -52.50 62.13 73.79
C HIS F 1698 -53.56 62.73 74.70
N GLU F 1699 -54.56 63.39 74.12
CA GLU F 1699 -55.65 63.93 74.93
C GLU F 1699 -56.49 62.82 75.55
N GLU F 1700 -56.76 61.73 74.81
CA GLU F 1700 -57.49 60.64 75.44
C GLU F 1700 -56.70 60.02 76.59
N ALA F 1701 -55.39 59.93 76.45
CA ALA F 1701 -54.56 59.31 77.48
C ALA F 1701 -54.46 60.19 78.71
N GLU F 1702 -54.26 61.50 78.53
CA GLU F 1702 -54.25 62.37 79.69
C GLU F 1702 -55.63 62.43 80.34
N ALA F 1703 -56.69 62.19 79.57
CA ALA F 1703 -58.01 62.05 80.18
C ALA F 1703 -58.09 60.79 81.03
N VAL F 1704 -57.70 59.64 80.47
CA VAL F 1704 -57.88 58.38 81.18
C VAL F 1704 -56.87 58.21 82.30
N LEU F 1705 -55.83 59.04 82.31
CA LEU F 1705 -54.82 58.94 83.36
C LEU F 1705 -55.43 59.21 84.73
N ALA F 1706 -56.16 60.31 84.86
CA ALA F 1706 -56.78 60.67 86.12
C ALA F 1706 -57.94 61.63 85.88
N ALA G 2 -10.82 -28.73 -71.49
CA ALA G 2 -11.61 -27.99 -70.52
C ALA G 2 -12.96 -27.61 -71.09
N PHE G 3 -13.42 -28.41 -72.05
CA PHE G 3 -14.71 -28.21 -72.70
C PHE G 3 -15.34 -29.58 -72.92
N LEU G 4 -16.18 -29.99 -71.98
CA LEU G 4 -16.91 -31.24 -72.08
C LEU G 4 -18.35 -30.95 -71.70
N ASP G 5 -19.15 -30.53 -72.67
CA ASP G 5 -20.51 -30.11 -72.35
C ASP G 5 -21.57 -30.90 -73.10
N ASN G 6 -21.46 -31.01 -74.41
CA ASN G 6 -22.48 -31.72 -75.16
C ASN G 6 -22.39 -33.23 -74.92
N PRO G 7 -23.54 -33.91 -74.92
CA PRO G 7 -23.55 -35.33 -74.52
C PRO G 7 -22.72 -36.23 -75.42
N THR G 8 -22.51 -35.86 -76.68
CA THR G 8 -21.85 -36.77 -77.62
C THR G 8 -20.45 -37.13 -77.13
N ILE G 9 -19.64 -36.11 -76.83
CA ILE G 9 -18.26 -36.36 -76.46
C ILE G 9 -18.19 -37.07 -75.12
N ILE G 10 -19.10 -36.74 -74.20
CA ILE G 10 -19.12 -37.43 -72.92
C ILE G 10 -19.40 -38.90 -73.10
N LEU G 11 -20.40 -39.24 -73.93
CA LEU G 11 -20.72 -40.64 -74.15
C LEU G 11 -19.57 -41.37 -74.81
N ALA G 12 -18.95 -40.76 -75.82
CA ALA G 12 -17.82 -41.40 -76.48
C ALA G 12 -16.67 -41.63 -75.50
N HIS G 13 -16.40 -40.64 -74.66
CA HIS G 13 -15.33 -40.78 -73.67
C HIS G 13 -15.62 -41.90 -72.69
N ILE G 14 -16.87 -41.98 -72.20
CA ILE G 14 -17.24 -43.06 -71.29
C ILE G 14 -17.03 -44.40 -71.94
N ARG G 15 -17.55 -44.56 -73.16
CA ARG G 15 -17.50 -45.86 -73.81
C ARG G 15 -16.06 -46.29 -74.08
N GLN G 16 -15.25 -45.37 -74.63
CA GLN G 16 -13.86 -45.74 -74.89
C GLN G 16 -13.12 -46.06 -73.60
N SER G 17 -13.30 -45.25 -72.56
CA SER G 17 -12.58 -45.47 -71.31
C SER G 17 -12.95 -46.80 -70.70
N HIS G 18 -14.23 -47.15 -70.71
CA HIS G 18 -14.63 -48.41 -70.11
C HIS G 18 -14.21 -49.61 -70.95
N VAL G 19 -14.24 -49.50 -72.27
CA VAL G 19 -13.83 -50.68 -73.06
C VAL G 19 -12.32 -50.91 -72.96
N THR G 20 -11.52 -49.85 -73.01
CA THR G 20 -10.09 -50.08 -73.17
C THR G 20 -9.42 -50.51 -71.86
N SER G 21 -9.93 -50.04 -70.72
CA SER G 21 -9.18 -50.06 -69.47
C SER G 21 -9.74 -51.04 -68.44
N ASP G 22 -10.56 -51.99 -68.87
CA ASP G 22 -11.20 -52.93 -67.95
C ASP G 22 -10.36 -54.20 -67.88
N ASP G 23 -10.22 -54.74 -66.66
CA ASP G 23 -9.49 -56.00 -66.50
C ASP G 23 -10.26 -57.18 -67.07
N THR G 24 -11.56 -57.26 -66.80
CA THR G 24 -12.38 -58.34 -67.35
C THR G 24 -13.18 -57.84 -68.55
N GLY G 25 -13.27 -58.70 -69.57
CA GLY G 25 -13.89 -58.28 -70.82
C GLY G 25 -15.40 -58.20 -70.72
N MET G 26 -15.97 -58.73 -69.64
CA MET G 26 -17.41 -58.76 -69.46
C MET G 26 -18.06 -57.44 -69.85
N CYS G 27 -17.56 -56.34 -69.29
CA CYS G 27 -18.14 -55.04 -69.54
C CYS G 27 -18.13 -54.72 -71.03
N GLU G 28 -16.98 -54.86 -71.69
CA GLU G 28 -16.94 -54.53 -73.11
C GLU G 28 -17.72 -55.53 -73.94
N MET G 29 -17.93 -56.75 -73.43
CA MET G 29 -18.85 -57.66 -74.10
C MET G 29 -20.26 -57.09 -74.07
N VAL G 30 -20.59 -56.34 -73.02
CA VAL G 30 -21.89 -55.68 -72.94
C VAL G 30 -21.85 -54.33 -73.65
N LEU G 31 -20.66 -53.75 -73.83
CA LEU G 31 -20.52 -52.39 -74.34
C LEU G 31 -20.55 -52.31 -75.86
N ILE G 32 -21.14 -53.29 -76.54
CA ILE G 32 -21.22 -53.22 -78.00
C ILE G 32 -22.11 -52.06 -78.42
N ASP G 33 -21.85 -51.52 -79.60
CA ASP G 33 -22.46 -50.29 -80.06
C ASP G 33 -23.52 -50.50 -81.14
N HIS G 34 -24.15 -51.67 -81.15
CA HIS G 34 -25.17 -52.00 -82.13
C HIS G 34 -26.39 -51.10 -81.97
N ASP G 35 -26.60 -50.90 -80.69
CA ASP G 35 -27.77 -50.24 -80.23
C ASP G 35 -28.32 -49.27 -81.18
N VAL G 36 -27.68 -48.97 -82.29
CA VAL G 36 -28.16 -48.00 -83.35
C VAL G 36 -28.01 -46.50 -83.30
N ASP G 37 -29.14 -46.09 -82.78
CA ASP G 37 -29.55 -44.72 -82.53
C ASP G 37 -30.60 -44.06 -83.49
N LEU G 38 -30.11 -43.49 -84.60
CA LEU G 38 -30.86 -42.82 -85.65
C LEU G 38 -31.39 -43.79 -86.65
N TYR G 64 -29.25 -51.66 -91.63
CA TYR G 64 -28.28 -52.73 -91.32
C TYR G 64 -28.50 -53.58 -90.01
N VAL G 65 -29.74 -54.04 -89.73
CA VAL G 65 -29.99 -54.94 -88.57
C VAL G 65 -30.35 -56.24 -89.23
N TYR G 66 -29.50 -56.43 -90.15
CA TYR G 66 -29.54 -57.36 -91.16
C TYR G 66 -29.13 -58.56 -90.48
N ALA G 67 -29.89 -59.61 -90.58
CA ALA G 67 -29.57 -60.89 -89.99
C ALA G 67 -28.91 -60.83 -88.55
N GLN G 68 -29.37 -59.82 -87.94
CA GLN G 68 -28.83 -59.90 -86.67
C GLN G 68 -27.56 -59.23 -86.75
N SER G 69 -27.57 -58.08 -87.46
CA SER G 69 -26.45 -57.14 -87.44
C SER G 69 -25.29 -57.99 -87.34
N VAL G 70 -25.16 -58.93 -88.29
CA VAL G 70 -24.19 -60.10 -88.32
C VAL G 70 -23.68 -60.48 -86.88
N ASP G 71 -24.71 -60.62 -86.05
CA ASP G 71 -24.60 -60.50 -84.60
C ASP G 71 -24.48 -61.95 -84.32
N ILE G 72 -25.36 -62.70 -84.96
CA ILE G 72 -25.17 -64.15 -84.88
C ILE G 72 -24.48 -65.13 -83.80
N THR G 73 -25.18 -65.71 -82.85
CA THR G 73 -24.62 -66.87 -82.12
C THR G 73 -25.41 -68.16 -81.98
N SER G 74 -26.26 -68.17 -80.95
CA SER G 74 -27.35 -69.12 -80.40
C SER G 74 -27.39 -69.32 -78.93
N SER G 75 -26.51 -70.21 -78.47
CA SER G 75 -26.23 -70.75 -77.13
C SER G 75 -25.38 -71.92 -77.23
N TRP G 76 -24.99 -72.44 -76.09
CA TRP G 76 -24.04 -73.54 -75.97
C TRP G 76 -23.59 -74.09 -74.61
N ASP G 77 -24.09 -75.23 -74.28
CA ASP G 77 -23.87 -76.06 -73.05
C ASP G 77 -23.57 -77.38 -72.23
N PHE G 78 -24.69 -78.01 -71.80
CA PHE G 78 -24.78 -79.03 -70.66
C PHE G 78 -25.48 -78.76 -69.33
N GLY G 79 -26.73 -79.18 -69.04
CA GLY G 79 -27.26 -78.79 -67.74
C GLY G 79 -27.72 -79.56 -66.52
N ILE G 80 -28.92 -79.25 -65.91
CA ILE G 80 -29.84 -79.81 -64.94
C ILE G 80 -29.89 -79.14 -63.59
N ARG G 81 -30.35 -79.53 -62.37
CA ARG G 81 -30.39 -78.54 -61.22
C ARG G 81 -29.93 -78.82 -59.88
N ARG G 82 -28.94 -78.04 -59.45
CA ARG G 82 -28.04 -77.99 -58.19
C ARG G 82 -28.79 -77.21 -57.05
N ARG G 83 -28.16 -76.41 -56.23
CA ARG G 83 -28.85 -75.81 -55.23
C ARG G 83 -28.72 -74.44 -55.12
N SER G 84 -29.07 -73.95 -53.99
CA SER G 84 -29.11 -72.52 -53.63
C SER G 84 -28.94 -71.94 -52.30
N ASN G 85 -28.40 -70.94 -52.66
CA ASN G 85 -27.83 -70.42 -51.59
C ASN G 85 -28.43 -70.29 -50.47
N THR G 86 -29.20 -71.21 -50.36
CA THR G 86 -29.88 -71.10 -49.17
C THR G 86 -30.44 -72.31 -48.27
N ALA G 87 -30.65 -73.07 -49.32
CA ALA G 87 -31.35 -74.10 -49.27
C ALA G 87 -30.80 -74.97 -48.37
N GLN G 88 -29.49 -75.25 -48.59
CA GLN G 88 -28.58 -76.03 -47.74
C GLN G 88 -28.98 -75.35 -46.56
N ARG G 89 -29.14 -74.14 -46.95
CA ARG G 89 -29.57 -73.69 -45.63
C ARG G 89 -30.88 -74.36 -45.24
N LEU G 90 -31.89 -74.24 -46.11
CA LEU G 90 -33.21 -74.78 -45.79
C LEU G 90 -33.16 -76.30 -45.65
N GLU G 91 -32.42 -76.98 -46.52
CA GLU G 91 -32.32 -78.43 -46.44
C GLU G 91 -31.74 -78.87 -45.10
N ARG G 92 -30.59 -78.30 -44.73
CA ARG G 92 -29.91 -78.76 -43.51
C ARG G 92 -30.77 -78.46 -42.29
N LEU G 93 -31.39 -77.28 -42.24
CA LEU G 93 -32.24 -77.00 -41.09
C LEU G 93 -33.48 -77.89 -41.08
N ARG G 94 -34.02 -78.23 -42.26
CA ARG G 94 -35.20 -79.08 -42.28
C ARG G 94 -34.90 -80.48 -41.76
N LYS G 95 -33.80 -81.09 -42.21
CA LYS G 95 -33.44 -82.39 -41.66
C LYS G 95 -33.08 -82.33 -40.17
N GLU G 96 -32.41 -81.27 -39.71
CA GLU G 96 -32.13 -81.27 -38.27
C GLU G 96 -33.40 -81.07 -37.46
N ARG G 97 -34.34 -80.28 -37.97
CA ARG G 97 -35.57 -80.01 -37.22
C ARG G 97 -36.53 -81.20 -37.26
N GLN G 98 -36.45 -82.02 -38.31
CA GLN G 98 -37.31 -83.19 -38.38
C GLN G 98 -37.03 -84.15 -37.24
N ASN G 99 -35.75 -84.36 -36.93
CA ASN G 99 -35.37 -85.20 -35.80
C ASN G 99 -35.24 -84.42 -34.50
N GLN G 100 -35.31 -83.10 -34.55
CA GLN G 100 -35.13 -82.30 -33.34
C GLN G 100 -36.34 -82.40 -32.41
N ILE G 101 -37.54 -82.52 -32.98
CA ILE G 101 -38.77 -82.40 -32.19
C ILE G 101 -39.07 -83.70 -31.46
N LYS G 102 -38.61 -83.81 -30.21
CA LYS G 102 -38.91 -84.97 -29.39
C LYS G 102 -39.19 -84.63 -27.92
N CYS G 103 -39.25 -83.35 -27.56
CA CYS G 103 -39.34 -82.95 -26.15
C CYS G 103 -40.67 -82.25 -25.90
N LYS G 104 -41.03 -82.15 -24.63
CA LYS G 104 -42.35 -81.72 -24.20
C LYS G 104 -42.18 -80.82 -22.98
N ASN G 105 -42.72 -79.61 -23.06
CA ASN G 105 -42.55 -78.59 -22.02
C ASN G 105 -43.89 -77.97 -21.66
N ILE G 106 -44.04 -77.61 -20.38
CA ILE G 106 -45.21 -76.91 -19.87
C ILE G 106 -44.74 -75.72 -19.04
N GLN G 107 -45.33 -74.56 -19.30
CA GLN G 107 -45.05 -73.36 -18.52
C GLN G 107 -46.05 -73.26 -17.37
N TRP G 108 -46.10 -72.12 -16.70
CA TRP G 108 -46.94 -71.93 -15.53
C TRP G 108 -48.06 -70.93 -15.81
N LYS G 109 -49.29 -71.33 -15.48
CA LYS G 109 -50.44 -70.46 -15.70
C LYS G 109 -50.93 -69.96 -14.36
N GLU G 110 -51.00 -68.62 -14.21
CA GLU G 110 -51.44 -68.00 -12.98
C GLU G 110 -52.96 -67.98 -12.92
N ARG G 111 -53.52 -67.32 -11.90
CA ARG G 111 -54.95 -67.26 -11.67
C ARG G 111 -55.56 -68.66 -11.65
N ASN G 112 -55.00 -69.50 -10.76
CA ASN G 112 -55.32 -70.91 -10.72
C ASN G 112 -56.19 -71.20 -9.50
N SER G 113 -57.36 -71.79 -9.73
CA SER G 113 -58.32 -72.12 -8.67
C SER G 113 -58.69 -70.89 -7.86
N LYS G 114 -58.57 -69.72 -8.49
CA LYS G 114 -58.91 -68.45 -7.87
C LYS G 114 -60.40 -68.14 -8.00
N GLN G 115 -61.16 -69.01 -8.66
CA GLN G 115 -62.60 -68.85 -8.78
C GLN G 115 -63.39 -69.96 -8.13
N SER G 116 -62.88 -71.18 -8.05
CA SER G 116 -63.56 -72.29 -7.42
C SER G 116 -62.77 -72.71 -6.18
N ALA G 117 -63.34 -72.49 -5.00
CA ALA G 117 -62.71 -72.91 -3.75
C ALA G 117 -63.42 -74.11 -3.13
N GLN G 118 -64.72 -74.26 -3.38
CA GLN G 118 -65.47 -75.38 -2.83
C GLN G 118 -64.96 -76.72 -3.37
N GLU G 119 -64.66 -76.78 -4.66
CA GLU G 119 -64.14 -78.03 -5.23
C GLU G 119 -62.81 -78.40 -4.62
N LEU G 120 -61.87 -77.46 -4.55
CA LEU G 120 -60.55 -77.75 -3.98
C LEU G 120 -60.60 -77.90 -2.47
N LYS G 121 -61.71 -77.53 -1.83
CA LYS G 121 -61.85 -77.76 -0.40
C LYS G 121 -61.80 -79.24 -0.04
N SER G 122 -62.13 -80.12 -0.99
CA SER G 122 -62.05 -81.55 -0.74
C SER G 122 -61.39 -82.32 -1.88
N LEU G 123 -61.05 -81.65 -3.00
CA LEU G 123 -60.41 -82.35 -4.11
C LEU G 123 -59.07 -82.94 -3.70
N PHE G 124 -58.28 -82.15 -2.98
CA PHE G 124 -57.03 -82.65 -2.39
C PHE G 124 -57.16 -82.96 -0.91
N GLU G 125 -58.31 -82.70 -0.29
CA GLU G 125 -58.48 -82.92 1.14
C GLU G 125 -58.88 -84.37 1.37
N LYS G 126 -57.89 -85.25 1.21
CA LYS G 126 -58.08 -86.66 1.53
C LYS G 126 -57.67 -86.97 2.97
N LYS G 127 -56.55 -86.41 3.42
CA LYS G 127 -56.06 -86.61 4.79
C LYS G 127 -55.89 -88.09 5.12
N SER G 128 -55.35 -88.85 4.15
CA SER G 128 -55.15 -90.28 4.34
C SER G 128 -54.01 -90.49 5.32
N LEU G 129 -54.35 -90.60 6.61
CA LEU G 129 -53.37 -90.78 7.67
C LEU G 129 -53.58 -92.16 8.28
N LYS G 130 -52.82 -93.13 7.80
CA LYS G 130 -52.92 -94.50 8.27
C LYS G 130 -51.56 -95.17 8.12
N GLU G 131 -51.55 -96.50 8.16
CA GLU G 131 -50.35 -97.31 7.93
C GLU G 131 -49.29 -97.06 8.99
N LYS G 132 -49.74 -96.78 10.21
CA LYS G 132 -48.84 -96.68 11.35
C LYS G 132 -48.26 -98.05 11.66
N PRO G 133 -48.93 -99.12 11.26
CA PRO G 133 -48.45 -100.47 11.58
C PRO G 133 -47.16 -100.77 10.85
N PRO G 134 -46.07 -101.01 11.59
CA PRO G 134 -44.80 -101.38 10.95
C PRO G 134 -44.64 -102.88 10.83
N ILE G 135 -43.70 -103.28 9.97
CA ILE G 135 -43.39 -104.69 9.76
C ILE G 135 -41.88 -104.87 9.89
N SER G 136 -41.48 -106.08 10.26
CA SER G 136 -40.08 -106.41 10.42
C SER G 136 -39.44 -106.72 9.06
N GLY G 137 -38.12 -106.55 9.00
CA GLY G 137 -37.37 -106.79 7.79
C GLY G 137 -36.03 -107.43 8.07
N LYS G 138 -35.44 -108.00 7.02
CA LYS G 138 -34.18 -108.73 7.14
C LYS G 138 -33.15 -108.35 6.08
N GLN G 139 -33.23 -107.15 5.51
CA GLN G 139 -32.26 -106.65 4.53
C GLN G 139 -32.21 -107.57 3.29
N SER G 140 -33.35 -107.64 2.59
CA SER G 140 -33.47 -108.57 1.48
C SER G 140 -32.52 -108.22 0.34
N ILE G 141 -32.71 -107.06 -0.28
CA ILE G 141 -31.92 -106.71 -1.46
C ILE G 141 -30.45 -106.55 -1.09
N LEU G 142 -30.16 -106.02 0.10
CA LEU G 142 -28.77 -105.91 0.54
C LEU G 142 -28.17 -107.27 0.86
N SER G 143 -28.97 -108.19 1.40
CA SER G 143 -28.48 -109.56 1.52
C SER G 143 -28.15 -110.14 0.16
N VAL G 144 -28.93 -109.77 -0.86
CA VAL G 144 -28.52 -110.10 -2.24
C VAL G 144 -27.20 -109.41 -2.56
N ARG G 145 -27.02 -108.18 -2.07
CA ARG G 145 -25.76 -107.49 -2.27
C ARG G 145 -24.60 -108.21 -1.58
N LEU G 146 -24.84 -108.74 -0.39
CA LEU G 146 -23.81 -109.50 0.32
C LEU G 146 -24.06 -110.99 0.17
N ALA H 2 -7.20 27.64 72.32
CA ALA H 2 -7.97 26.78 71.43
C ALA H 2 -9.18 26.21 72.15
N PHE H 3 -9.66 26.94 73.16
CA PHE H 3 -10.82 26.54 73.95
C PHE H 3 -11.61 27.80 74.25
N LEU H 4 -12.61 28.07 73.42
CA LEU H 4 -13.51 29.21 73.61
C LEU H 4 -14.92 28.69 73.38
N ASP H 5 -15.53 28.15 74.43
CA ASP H 5 -16.83 27.54 74.27
C ASP H 5 -17.91 28.17 75.13
N ASN H 6 -17.68 28.30 76.43
CA ASN H 6 -18.71 28.85 77.29
C ASN H 6 -18.89 30.35 77.06
N PRO H 7 -20.11 30.85 77.18
CA PRO H 7 -20.38 32.24 76.80
C PRO H 7 -19.60 33.26 77.61
N THR H 8 -19.20 32.95 78.84
CA THR H 8 -18.58 33.96 79.71
C THR H 8 -17.31 34.52 79.07
N ILE H 9 -16.40 33.63 78.68
CA ILE H 9 -15.12 34.09 78.15
C ILE H 9 -15.31 34.80 76.82
N ILE H 10 -16.25 34.32 76.00
CA ILE H 10 -16.52 34.99 74.73
C ILE H 10 -17.00 36.40 74.97
N LEU H 11 -17.94 36.59 75.90
CA LEU H 11 -18.45 37.92 76.17
C LEU H 11 -17.35 38.83 76.70
N ALA H 12 -16.54 38.32 77.63
CA ALA H 12 -15.46 39.14 78.17
C ALA H 12 -14.48 39.54 77.08
N HIS H 13 -14.14 38.59 76.20
CA HIS H 13 -13.23 38.87 75.10
C HIS H 13 -13.79 39.94 74.17
N ILE H 14 -15.07 39.82 73.82
CA ILE H 14 -15.71 40.81 72.96
C ILE H 14 -15.64 42.19 73.61
N ARG H 15 -16.03 42.28 74.88
CA ARG H 15 -16.11 43.57 75.54
C ARG H 15 -14.74 44.21 75.65
N GLN H 16 -13.74 43.45 76.09
CA GLN H 16 -12.41 44.02 76.20
C GLN H 16 -11.86 44.43 74.83
N SER H 17 -12.03 43.59 73.81
CA SER H 17 -11.49 43.91 72.51
C SER H 17 -12.12 45.17 71.95
N HIS H 18 -13.44 45.32 72.10
CA HIS H 18 -14.09 46.50 71.56
C HIS H 18 -13.76 47.76 72.36
N VAL H 19 -13.63 47.66 73.68
CA VAL H 19 -13.32 48.88 74.42
C VAL H 19 -11.89 49.34 74.16
N THR H 20 -10.93 48.42 74.11
CA THR H 20 -9.54 48.87 74.10
C THR H 20 -9.10 49.38 72.74
N SER H 21 -9.65 48.84 71.66
CA SER H 21 -9.05 48.97 70.34
C SER H 21 -9.87 49.83 69.39
N ASP H 22 -10.77 50.65 69.91
CA ASP H 22 -11.64 51.48 69.08
C ASP H 22 -11.02 52.86 68.91
N ASP H 23 -11.11 53.41 67.70
CA ASP H 23 -10.59 54.75 67.46
C ASP H 23 -11.47 55.81 68.14
N THR H 24 -12.79 55.68 68.01
CA THR H 24 -13.69 56.63 68.65
C THR H 24 -14.28 56.03 69.93
N GLY H 25 -14.37 56.87 70.97
CA GLY H 25 -14.79 56.37 72.26
C GLY H 25 -16.26 56.07 72.34
N MET H 26 -17.03 56.49 71.33
CA MET H 26 -18.47 56.30 71.31
C MET H 26 -18.85 54.90 71.77
N CYS H 27 -18.26 53.89 71.13
CA CYS H 27 -18.61 52.52 71.45
C CYS H 27 -18.38 52.21 72.92
N GLU H 28 -17.20 52.53 73.44
CA GLU H 28 -16.95 52.22 74.84
C GLU H 28 -17.79 53.10 75.77
N MET H 29 -18.23 54.27 75.30
CA MET H 29 -19.20 55.02 76.08
C MET H 29 -20.49 54.25 76.20
N VAL H 30 -20.83 53.47 75.18
CA VAL H 30 -22.00 52.60 75.24
C VAL H 30 -21.69 51.28 75.92
N LEU H 31 -20.42 50.89 75.97
CA LEU H 31 -20.02 49.57 76.44
C LEU H 31 -19.86 49.50 77.97
N ILE H 32 -20.52 50.39 78.72
CA ILE H 32 -20.41 50.32 80.17
C ILE H 32 -21.07 49.04 80.67
N ASP H 33 -20.61 48.56 81.82
CA ASP H 33 -20.97 47.24 82.33
C ASP H 33 -21.92 47.30 83.52
N HIS H 34 -22.71 48.37 83.61
CA HIS H 34 -23.65 48.53 84.71
C HIS H 34 -24.74 47.46 84.67
N ASP H 35 -25.05 47.22 83.42
CA ASP H 35 -26.15 46.39 83.08
C ASP H 35 -26.44 45.35 84.08
N VAL H 36 -25.65 45.16 85.11
CA VAL H 36 -25.85 44.14 86.21
C VAL H 36 -25.49 42.69 86.12
N ASP H 37 -26.58 42.10 85.73
CA ASP H 37 -26.80 40.67 85.50
C ASP H 37 -27.64 39.87 86.58
N LEU H 38 -26.95 39.40 87.62
CA LEU H 38 -27.47 38.63 88.75
C LEU H 38 -28.02 39.51 89.79
N TYR H 64 -26.57 47.67 94.58
CA TYR H 64 -25.80 48.85 94.19
C TYR H 64 -26.29 49.65 92.93
N VAL H 65 -27.62 49.91 92.78
CA VAL H 65 -28.13 50.76 91.67
C VAL H 65 -28.61 51.99 92.37
N TYR H 66 -27.70 52.32 93.18
CA TYR H 66 -27.77 53.25 94.22
C TYR H 66 -27.62 54.49 93.49
N ALA H 67 -28.52 55.40 93.70
CA ALA H 67 -28.46 56.72 93.08
C ALA H 67 -27.97 56.75 91.58
N GLN H 68 -28.33 55.67 91.01
CA GLN H 68 -27.95 55.81 89.69
C GLN H 68 -26.59 55.34 89.62
N SER H 69 -26.35 54.22 90.32
CA SER H 69 -25.11 53.46 90.16
C SER H 69 -24.11 54.48 89.95
N VAL H 70 -24.03 55.43 90.90
CA VAL H 70 -23.25 56.74 90.82
C VAL H 70 -22.96 57.18 89.34
N ASP H 71 -24.08 57.16 88.63
CA ASP H 71 -24.11 57.04 87.18
C ASP H 71 -24.24 58.49 86.90
N ILE H 72 -25.16 59.11 87.63
CA ILE H 72 -25.19 60.57 87.54
C ILE H 72 -24.79 61.63 86.41
N THR H 73 -25.68 62.10 85.55
CA THR H 73 -25.37 63.32 84.77
C THR H 73 -26.36 64.47 84.74
N SER H 74 -27.32 64.35 83.79
CA SER H 74 -28.58 65.11 83.38
C SER H 74 -28.82 65.29 81.93
N SER H 75 -28.14 66.31 81.39
CA SER H 75 -28.11 66.87 80.03
C SER H 75 -27.44 68.16 80.04
N TRP H 76 -27.26 68.71 78.88
CA TRP H 76 -26.50 69.96 78.65
C TRP H 76 -26.30 70.56 77.25
N ASP H 77 -26.99 71.60 77.00
CA ASP H 77 -27.04 72.44 75.75
C ASP H 77 -27.04 73.79 74.92
N PHE H 78 -28.28 74.25 74.62
CA PHE H 78 -28.64 75.23 73.52
C PHE H 78 -29.44 74.85 72.27
N GLY H 79 -30.76 75.07 72.11
CA GLY H 79 -31.36 74.59 70.88
C GLY H 79 -32.08 75.27 69.72
N ILE H 80 -33.27 74.79 69.25
CA ILE H 80 -34.37 75.18 68.39
C ILE H 80 -34.47 74.50 67.06
N ARG H 81 -35.11 74.81 65.89
CA ARG H 81 -35.12 73.83 64.75
C ARG H 81 -34.87 74.16 63.36
N ARG H 82 -33.82 73.53 62.81
CA ARG H 82 -33.08 73.61 61.47
C ARG H 82 -33.82 72.72 60.41
N ARG H 83 -33.18 72.01 59.52
CA ARG H 83 -33.86 71.31 58.59
C ARG H 83 -33.54 69.97 58.46
N SER H 84 -33.93 69.43 57.37
CA SER H 84 -33.80 68.01 57.00
C SER H 84 -33.69 67.45 55.67
N ASN H 85 -32.96 66.55 55.95
CA ASN H 85 -32.44 66.11 54.82
C ASN H 85 -33.15 65.89 53.77
N THR H 86 -34.05 66.67 53.75
CA THR H 86 -34.83 66.45 52.63
C THR H 86 -35.66 67.56 51.83
N ALA H 87 -35.86 68.28 52.89
CA ALA H 87 -36.71 69.20 52.94
C ALA H 87 -36.40 70.13 51.98
N GLN H 88 -35.14 70.61 52.06
CA GLN H 88 -34.46 71.51 51.12
C GLN H 88 -34.89 70.77 49.99
N ARG H 89 -34.80 69.55 50.38
CA ARG H 89 -35.31 69.03 49.11
C ARG H 89 -36.74 69.49 48.88
N LEU H 90 -37.62 69.23 49.86
CA LEU H 90 -39.03 69.56 49.69
C LEU H 90 -39.22 71.06 49.55
N GLU H 91 -38.51 71.85 50.35
CA GLU H 91 -38.64 73.31 50.27
C GLU H 91 -38.29 73.81 48.87
N ARG H 92 -37.11 73.43 48.37
CA ARG H 92 -36.65 73.97 47.10
C ARG H 92 -37.58 73.54 45.97
N LEU H 93 -38.01 72.28 45.98
CA LEU H 93 -38.94 71.86 44.93
C LEU H 93 -40.29 72.55 45.06
N ARG H 94 -40.74 72.82 46.29
CA ARG H 94 -42.03 73.48 46.46
C ARG H 94 -42.00 74.90 45.92
N LYS H 95 -40.96 75.67 46.25
CA LYS H 95 -40.87 77.01 45.68
C LYS H 95 -40.67 76.99 44.17
N GLU H 96 -39.90 76.04 43.61
CA GLU H 96 -39.79 76.09 42.16
C GLU H 96 -41.10 75.69 41.49
N ARG H 97 -41.84 74.76 42.09
CA ARG H 97 -43.08 74.30 41.48
C ARG H 97 -44.20 75.33 41.63
N GLN H 98 -44.14 76.16 42.68
CA GLN H 98 -45.16 77.19 42.85
C GLN H 98 -45.14 78.17 41.69
N ASN H 99 -43.95 78.57 41.25
CA ASN H 99 -43.84 79.46 40.10
C ASN H 99 -43.73 78.70 38.77
N GLN H 100 -43.59 77.38 38.83
CA GLN H 100 -43.43 76.60 37.60
C GLN H 100 -44.73 76.52 36.81
N ILE H 101 -45.88 76.44 37.50
CA ILE H 101 -47.15 76.14 36.86
C ILE H 101 -47.73 77.38 36.17
N LYS H 102 -47.43 77.54 34.88
CA LYS H 102 -47.99 78.63 34.11
C LYS H 102 -48.37 78.25 32.69
N CYS H 103 -48.28 76.97 32.31
CA CYS H 103 -48.47 76.55 30.93
C CYS H 103 -49.69 75.66 30.81
N LYS H 104 -50.17 75.49 29.59
CA LYS H 104 -51.45 74.87 29.30
C LYS H 104 -51.28 73.99 28.06
N ASN H 105 -51.62 72.72 28.19
CA ASN H 105 -51.41 71.73 27.13
C ASN H 105 -52.68 70.90 26.91
N ILE H 106 -52.91 70.53 25.66
CA ILE H 106 -54.01 69.64 25.27
C ILE H 106 -53.45 68.54 24.39
N GLN H 107 -53.82 67.30 24.69
CA GLN H 107 -53.46 66.14 23.88
C GLN H 107 -54.55 65.90 22.84
N TRP H 108 -54.50 64.75 22.17
CA TRP H 108 -55.43 64.43 21.09
C TRP H 108 -56.34 63.28 21.49
N LYS H 109 -57.65 63.47 21.31
CA LYS H 109 -58.63 62.44 21.64
C LYS H 109 -59.18 61.85 20.35
N GLU H 110 -59.06 60.54 20.20
CA GLU H 110 -59.53 59.84 19.02
C GLU H 110 -61.03 59.59 19.14
N ARG H 111 -61.58 58.85 18.18
CA ARG H 111 -63.02 58.57 18.11
C ARG H 111 -63.83 59.86 18.17
N ASN H 112 -63.51 60.76 17.23
CA ASN H 112 -64.04 62.12 17.24
C ASN H 112 -65.07 62.25 16.12
N SER H 113 -66.28 62.67 16.49
CA SER H 113 -67.39 62.84 15.55
C SER H 113 -67.66 61.55 14.77
N LYS H 114 -67.29 60.42 15.37
CA LYS H 114 -67.51 59.11 14.78
C LYS H 114 -68.90 58.58 15.07
N GLN H 115 -69.71 59.33 15.82
CA GLN H 115 -71.09 58.96 16.10
C GLN H 115 -72.12 59.93 15.55
N SER H 116 -71.80 61.22 15.43
CA SER H 116 -72.71 62.20 14.87
C SER H 116 -72.12 62.73 13.56
N ALA H 117 -72.80 62.42 12.45
CA ALA H 117 -72.37 62.91 11.15
C ALA H 117 -73.32 63.98 10.62
N GLN H 118 -74.59 63.93 11.01
CA GLN H 118 -75.55 64.92 10.56
C GLN H 118 -75.20 66.33 11.05
N GLU H 119 -74.77 66.45 12.31
CA GLU H 119 -74.39 67.77 12.82
C GLU H 119 -73.20 68.34 12.06
N LEU H 120 -72.15 67.54 11.88
CA LEU H 120 -70.97 68.03 11.18
C LEU H 120 -71.20 68.16 9.69
N LYS H 121 -72.30 67.62 9.17
CA LYS H 121 -72.64 67.81 7.76
C LYS H 121 -72.85 69.27 7.43
N SER H 122 -73.19 70.10 8.41
CA SER H 122 -73.36 71.52 8.16
C SER H 122 -72.71 72.40 9.23
N LEU H 123 -72.14 71.80 10.29
CA LEU H 123 -71.51 72.60 11.34
C LEU H 123 -70.32 73.37 10.79
N PHE H 124 -69.51 72.71 9.97
CA PHE H 124 -68.43 73.38 9.26
C PHE H 124 -68.75 73.67 7.81
N GLU H 125 -69.91 73.23 7.32
CA GLU H 125 -70.29 73.40 5.91
C GLU H 125 -70.91 74.78 5.74
N LYS H 126 -70.06 75.81 5.80
CA LYS H 126 -70.50 77.17 5.51
C LYS H 126 -70.30 77.53 4.04
N LYS H 127 -69.17 77.14 3.45
CA LYS H 127 -68.86 77.40 2.05
C LYS H 127 -68.95 78.89 1.72
N SER H 128 -68.44 79.71 2.63
CA SER H 128 -68.48 81.16 2.43
C SER H 128 -67.49 81.54 1.34
N LEU H 129 -67.99 81.59 0.09
CA LEU H 129 -67.17 81.90 -1.07
C LEU H 129 -67.66 83.23 -1.64
N LYS H 130 -67.00 84.31 -1.24
CA LYS H 130 -67.37 85.65 -1.68
C LYS H 130 -66.12 86.52 -1.67
N GLU H 131 -66.31 87.83 -1.71
CA GLU H 131 -65.22 88.81 -1.59
C GLU H 131 -64.26 88.73 -2.78
N LYS H 132 -64.80 88.37 -3.93
CA LYS H 132 -64.03 88.40 -5.17
C LYS H 132 -63.70 89.83 -5.54
N PRO H 133 -64.48 90.80 -5.05
CA PRO H 133 -64.25 92.20 -5.40
C PRO H 133 -62.94 92.70 -4.82
N PRO H 134 -61.99 93.10 -5.68
CA PRO H 134 -60.73 93.66 -5.17
C PRO H 134 -60.78 95.17 -5.06
N ILE H 135 -59.83 95.72 -4.30
CA ILE H 135 -59.71 97.15 -4.12
C ILE H 135 -58.27 97.56 -4.41
N SER H 136 -58.10 98.81 -4.81
CA SER H 136 -56.78 99.35 -5.12
C SER H 136 -56.06 99.76 -3.84
N GLY H 137 -54.73 99.80 -3.93
CA GLY H 137 -53.90 100.16 -2.80
C GLY H 137 -52.72 101.00 -3.23
N LYS H 138 -52.10 101.64 -2.25
CA LYS H 138 -50.99 102.56 -2.49
C LYS H 138 -49.81 102.36 -1.55
N GLN H 139 -49.64 101.15 -0.99
CA GLN H 139 -48.50 100.83 -0.13
C GLN H 139 -48.45 101.74 1.09
N SER H 140 -49.51 101.65 1.93
CA SER H 140 -49.64 102.56 3.05
C SER H 140 -48.53 102.37 4.07
N ILE H 141 -48.46 101.20 4.70
CA ILE H 141 -47.51 100.97 5.78
C ILE H 141 -46.08 101.04 5.25
N LEU H 142 -45.85 100.56 4.03
CA LEU H 142 -44.52 100.65 3.45
C LEU H 142 -44.17 102.09 3.07
N SER H 143 -45.16 102.87 2.64
CA SER H 143 -44.90 104.29 2.47
C SER H 143 -44.52 104.93 3.80
N VAL H 144 -45.10 104.47 4.89
CA VAL H 144 -44.61 104.85 6.21
C VAL H 144 -43.17 104.37 6.39
N ARG H 145 -42.85 103.18 5.88
CA ARG H 145 -41.48 102.69 5.93
C ARG H 145 -40.54 103.57 5.12
N LEU H 146 -40.99 104.05 3.96
CA LEU H 146 -40.17 104.95 3.15
C LEU H 146 -40.62 106.39 3.34
#